data_2VYC
#
_entry.id   2VYC
#
_cell.length_a   197.651
_cell.length_b   197.651
_cell.length_c   450.322
_cell.angle_alpha   90.00
_cell.angle_beta   90.00
_cell.angle_gamma   120.00
#
_symmetry.space_group_name_H-M   'P 64'
#
loop_
_entity.id
_entity.type
_entity.pdbx_description
1 polymer 'BIODEGRADATIVE ARGININE DECARBOXYLASE'
2 non-polymer "PYRIDOXAL-5'-PHOSPHATE"
3 water water
#
_entity_poly.entity_id   1
_entity_poly.type   'polypeptide(L)'
_entity_poly.pdbx_seq_one_letter_code
;MKVLIVESEFLHQDTWVGNAVERLADALSQQNVTVIKSTSFDDGFAILSSNEAIDCLMFSYQMEHPDEHQNVRQLIGKLH
ERQQNVPVFLLGDREKALAAMDRDLLELVDEFAWILEDTADFIAGRAVAAMTRYRQQLLPPLFSALMKYSDIHEYSWAAP
GHQGGVGFTKTPAGRFYHDYYGENLFRTDMGIERTSLGSLLDHTGAFGESEKYAARVFGADRSWSVVVGTSGSNRTIMQA
CMTDNDVVVVDRNCHKSIEQGLMLTGAKPVYMVPSRNRYGIIGPIYPQEMQPETLQKKISESPLTKDKAGQKPSYCVVTN
CTYDGVCYNAKEAQDLLEKTSDRLHFDEAWYGYARFNPIYADHYAMRGEPGDHNGPTVFATHSTHKLLNALSQASYIHVR
EGRGAINFSRFNQAYMMHATTSPLYAICASNDVAVSMMDGNSGLSLTQEVIDEAVDFRQAMARLYKEFTADGSWFFKPWN
KEVVTDPQTGKTYDFADAPTKLLTTVQDCWVMHPGESWHGFKDIPDNWSMLDPIKVSILAPGMGEDGELEETGVPAALVT
AWLGRHGIVPTRTTDFQIMFLFSMGVTRGKWGTLVNTLCSFKRHYDANTPLAQVMPELVEQYPDTYANMGIHDLGDTMFA
WLKENNPGARLNEAYSGLPVAEVTPREAYNAIVDNNVELVSIENLPGRIAANSVIPYPPGIPMLLSGENFGDKNSPQVSY
LRSLQSWDHHFPGFEHETEGTEIIDGIYHVMCVKA
;
_entity_poly.pdbx_strand_id   A,B,C,D,E,F,G,H,I,J
#
loop_
_chem_comp.id
_chem_comp.type
_chem_comp.name
_chem_comp.formula
PLP non-polymer PYRIDOXAL-5'-PHOSPHATE 'C8 H10 N O6 P'
#
# COMPACT_ATOMS: atom_id res chain seq x y z
N MET A 1 -50.15 28.40 -39.86
CA MET A 1 -51.17 28.22 -40.94
C MET A 1 -52.40 27.49 -40.41
N LYS A 2 -53.58 28.03 -40.68
CA LYS A 2 -54.83 27.49 -40.13
C LYS A 2 -55.92 27.22 -41.17
N VAL A 3 -56.36 25.98 -41.23
CA VAL A 3 -57.48 25.59 -42.12
C VAL A 3 -58.76 25.33 -41.31
N LEU A 4 -59.85 25.91 -41.77
CA LEU A 4 -61.15 25.49 -41.29
C LEU A 4 -61.76 24.58 -42.36
N ILE A 5 -62.17 23.38 -41.96
CA ILE A 5 -62.83 22.46 -42.87
C ILE A 5 -64.25 22.28 -42.39
N VAL A 6 -65.21 22.64 -43.25
CA VAL A 6 -66.63 22.45 -42.94
C VAL A 6 -67.20 21.27 -43.74
N GLU A 7 -67.48 20.20 -43.02
CA GLU A 7 -68.16 19.07 -43.60
C GLU A 7 -69.66 19.33 -43.61
N SER A 8 -70.19 19.47 -44.82
CA SER A 8 -71.63 19.65 -45.00
C SER A 8 -72.43 18.54 -44.32
N GLU A 9 -73.40 18.95 -43.52
CA GLU A 9 -74.27 18.00 -42.85
C GLU A 9 -75.23 17.30 -43.82
N PHE A 10 -75.25 17.74 -45.09
CA PHE A 10 -76.11 17.11 -46.10
C PHE A 10 -75.43 15.88 -46.72
N LEU A 11 -74.23 15.58 -46.24
CA LEU A 11 -73.44 14.47 -46.73
C LEU A 11 -72.99 13.53 -45.64
N HIS A 12 -73.43 13.73 -44.40
CA HIS A 12 -72.96 12.88 -43.28
C HIS A 12 -73.33 11.43 -43.49
N GLN A 13 -74.44 11.18 -44.19
CA GLN A 13 -74.88 9.82 -44.52
C GLN A 13 -73.93 9.12 -45.50
N ASP A 14 -73.28 9.88 -46.38
CA ASP A 14 -72.23 9.34 -47.25
C ASP A 14 -70.89 9.29 -46.49
N THR A 15 -70.70 8.24 -45.69
CA THR A 15 -69.65 8.22 -44.68
C THR A 15 -68.24 8.22 -45.27
N TRP A 16 -68.14 7.79 -46.53
CA TRP A 16 -66.89 7.84 -47.29
C TRP A 16 -66.37 9.27 -47.55
N VAL A 17 -67.27 10.26 -47.58
CA VAL A 17 -66.86 11.64 -47.67
C VAL A 17 -66.10 12.01 -46.39
N GLY A 18 -66.67 11.64 -45.25
CA GLY A 18 -66.02 11.79 -43.96
C GLY A 18 -64.64 11.18 -43.91
N ASN A 19 -64.50 9.97 -44.44
CA ASN A 19 -63.22 9.30 -44.48
C ASN A 19 -62.24 10.07 -45.32
N ALA A 20 -62.69 10.53 -46.49
CA ALA A 20 -61.83 11.24 -47.41
C ALA A 20 -61.36 12.57 -46.85
N VAL A 21 -62.25 13.26 -46.14
CA VAL A 21 -61.89 14.53 -45.50
C VAL A 21 -60.90 14.31 -44.37
N GLU A 22 -61.04 13.22 -43.64
CA GLU A 22 -60.13 12.94 -42.56
C GLU A 22 -58.73 12.66 -43.13
N ARG A 23 -58.65 11.95 -44.26
CA ARG A 23 -57.37 11.72 -44.93
C ARG A 23 -56.72 13.04 -45.37
N LEU A 24 -57.53 13.97 -45.85
CA LEU A 24 -57.04 15.33 -46.10
C LEU A 24 -56.53 16.00 -44.83
N ALA A 25 -57.30 15.94 -43.75
CA ALA A 25 -56.92 16.62 -42.51
C ALA A 25 -55.57 16.11 -42.01
N ASP A 26 -55.39 14.77 -42.03
CA ASP A 26 -54.12 14.15 -41.68
C ASP A 26 -52.96 14.68 -42.54
N ALA A 27 -53.17 14.75 -43.85
CA ALA A 27 -52.14 15.21 -44.76
C ALA A 27 -51.76 16.65 -44.49
N LEU A 28 -52.75 17.47 -44.16
CA LEU A 28 -52.53 18.85 -43.73
C LEU A 28 -51.69 18.94 -42.44
N SER A 29 -52.02 18.13 -41.43
CA SER A 29 -51.24 18.03 -40.20
C SER A 29 -49.77 17.67 -40.41
N GLN A 30 -49.51 16.76 -41.33
CA GLN A 30 -48.16 16.38 -41.68
C GLN A 30 -47.39 17.55 -42.30
N GLN A 31 -48.10 18.46 -42.95
CA GLN A 31 -47.41 19.66 -43.44
C GLN A 31 -47.48 20.80 -42.42
N ASN A 32 -47.70 20.43 -41.16
CA ASN A 32 -47.70 21.35 -39.98
C ASN A 32 -48.83 22.41 -39.97
N VAL A 33 -49.92 22.09 -40.67
CA VAL A 33 -51.09 22.91 -40.68
C VAL A 33 -52.00 22.55 -39.52
N THR A 34 -52.44 23.58 -38.78
CA THR A 34 -53.46 23.46 -37.75
C THR A 34 -54.83 23.33 -38.42
N VAL A 35 -55.55 22.26 -38.08
CA VAL A 35 -56.82 21.97 -38.72
C VAL A 35 -57.96 22.13 -37.73
N ILE A 36 -58.91 22.99 -38.06
CA ILE A 36 -60.18 23.08 -37.32
C ILE A 36 -61.25 22.37 -38.11
N LYS A 37 -61.84 21.37 -37.48
CA LYS A 37 -62.86 20.54 -38.12
C LYS A 37 -64.27 20.88 -37.65
N SER A 38 -65.10 21.23 -38.62
CA SER A 38 -66.45 21.61 -38.32
C SER A 38 -67.44 20.67 -39.04
N THR A 39 -68.47 20.20 -38.33
CA THR A 39 -69.40 19.24 -38.90
C THR A 39 -70.80 19.78 -39.24
N SER A 40 -70.94 21.09 -39.33
CA SER A 40 -72.13 21.69 -39.90
C SER A 40 -71.84 23.10 -40.39
N PHE A 41 -72.66 23.57 -41.32
CA PHE A 41 -72.57 24.96 -41.77
C PHE A 41 -72.83 25.95 -40.65
N ASP A 42 -73.73 25.61 -39.73
CA ASP A 42 -74.08 26.48 -38.60
C ASP A 42 -72.90 26.67 -37.64
N ASP A 43 -72.21 25.58 -37.33
CA ASP A 43 -70.96 25.61 -36.56
C ASP A 43 -69.92 26.46 -37.28
N GLY A 44 -69.76 26.25 -38.58
CA GLY A 44 -68.85 27.04 -39.38
C GLY A 44 -69.22 28.50 -39.36
N PHE A 45 -70.52 28.80 -39.49
CA PHE A 45 -70.96 30.20 -39.39
C PHE A 45 -70.52 30.78 -38.05
N ALA A 46 -70.75 30.04 -36.97
CA ALA A 46 -70.40 30.53 -35.64
C ALA A 46 -68.86 30.81 -35.52
N ILE A 47 -68.04 29.81 -35.87
CA ILE A 47 -66.58 29.97 -35.90
C ILE A 47 -66.16 31.23 -36.66
N LEU A 48 -66.72 31.44 -37.85
CA LEU A 48 -66.42 32.61 -38.65
C LEU A 48 -66.98 33.89 -38.06
N SER A 49 -67.90 33.81 -37.12
CA SER A 49 -68.39 35.01 -36.44
C SER A 49 -67.53 35.36 -35.21
N SER A 50 -66.53 34.51 -34.89
CA SER A 50 -65.53 34.88 -33.89
C SER A 50 -64.33 35.57 -34.54
N ASN A 51 -63.39 36.04 -33.73
CA ASN A 51 -62.18 36.71 -34.25
C ASN A 51 -61.14 35.71 -34.75
N GLU A 52 -61.60 34.48 -35.01
CA GLU A 52 -60.69 33.40 -35.44
C GLU A 52 -60.10 33.66 -36.83
N ALA A 53 -58.77 33.77 -36.91
CA ALA A 53 -58.11 34.04 -38.17
C ALA A 53 -57.75 32.72 -38.87
N ILE A 54 -58.30 32.49 -40.05
CA ILE A 54 -57.99 31.26 -40.78
C ILE A 54 -57.32 31.58 -42.09
N ASP A 55 -56.49 30.67 -42.57
CA ASP A 55 -55.75 30.94 -43.80
C ASP A 55 -56.36 30.30 -45.02
N CYS A 56 -57.31 29.41 -44.79
CA CYS A 56 -57.95 28.66 -45.83
C CYS A 56 -59.24 28.15 -45.27
N LEU A 57 -60.29 28.21 -46.08
CA LEU A 57 -61.56 27.52 -45.81
C LEU A 57 -61.78 26.40 -46.82
N MET A 58 -62.07 25.21 -46.32
CA MET A 58 -62.50 24.13 -47.18
C MET A 58 -63.87 23.60 -46.75
N PHE A 59 -64.68 23.22 -47.70
CA PHE A 59 -65.96 22.68 -47.35
C PHE A 59 -66.41 21.65 -48.40
N SER A 60 -67.14 20.63 -47.93
CA SER A 60 -67.87 19.71 -48.81
C SER A 60 -69.29 20.23 -49.12
N TYR A 61 -69.92 19.68 -50.14
CA TYR A 61 -71.05 20.32 -50.80
C TYR A 61 -71.82 19.26 -51.58
N GLN A 62 -73.02 18.92 -51.12
CA GLN A 62 -73.82 17.92 -51.82
C GLN A 62 -74.41 18.48 -53.11
N MET A 63 -74.75 19.78 -53.10
CA MET A 63 -75.24 20.49 -54.30
C MET A 63 -76.59 20.00 -54.81
N GLU A 64 -77.48 19.56 -53.94
CA GLU A 64 -78.84 19.22 -54.41
C GLU A 64 -79.93 20.11 -53.81
N HIS A 65 -79.84 20.42 -52.53
CA HIS A 65 -80.95 21.04 -51.81
C HIS A 65 -80.76 22.54 -51.71
N PRO A 66 -81.83 23.31 -51.96
CA PRO A 66 -81.73 24.79 -51.91
C PRO A 66 -81.18 25.34 -50.58
N ASP A 67 -81.47 24.66 -49.47
CA ASP A 67 -80.98 25.07 -48.16
C ASP A 67 -79.47 25.05 -48.01
N GLU A 68 -78.83 24.02 -48.59
CA GLU A 68 -77.39 23.90 -48.58
C GLU A 68 -76.75 24.96 -49.47
N HIS A 69 -77.31 25.21 -50.65
CA HIS A 69 -76.82 26.27 -51.54
C HIS A 69 -76.77 27.58 -50.78
N GLN A 70 -77.82 27.81 -49.99
CA GLN A 70 -77.94 29.02 -49.20
C GLN A 70 -76.87 29.02 -48.09
N ASN A 71 -76.76 27.89 -47.37
CA ASN A 71 -75.70 27.74 -46.38
C ASN A 71 -74.31 28.05 -46.94
N VAL A 72 -74.03 27.58 -48.16
CA VAL A 72 -72.75 27.85 -48.81
C VAL A 72 -72.54 29.34 -49.05
N ARG A 73 -73.52 30.01 -49.65
CA ARG A 73 -73.43 31.46 -49.91
C ARG A 73 -73.25 32.21 -48.59
N GLN A 74 -74.00 31.80 -47.56
CA GLN A 74 -73.91 32.43 -46.26
C GLN A 74 -72.51 32.24 -45.62
N LEU A 75 -71.92 31.05 -45.81
CA LEU A 75 -70.64 30.72 -45.19
C LEU A 75 -69.51 31.53 -45.79
N ILE A 76 -69.48 31.55 -47.11
CA ILE A 76 -68.42 32.23 -47.82
C ILE A 76 -68.58 33.74 -47.70
N GLY A 77 -69.82 34.24 -47.78
CA GLY A 77 -70.13 35.67 -47.54
C GLY A 77 -69.60 36.12 -46.17
N LYS A 78 -69.87 35.30 -45.14
CA LYS A 78 -69.42 35.54 -43.80
C LYS A 78 -67.89 35.62 -43.68
N LEU A 79 -67.18 34.61 -44.16
CA LEU A 79 -65.70 34.66 -44.26
C LEU A 79 -65.16 35.97 -44.83
N HIS A 80 -65.75 36.39 -45.92
CA HIS A 80 -65.23 37.51 -46.66
C HIS A 80 -65.61 38.87 -46.12
N GLU A 81 -66.39 38.91 -45.04
CA GLU A 81 -66.64 40.20 -44.40
C GLU A 81 -65.33 40.77 -43.84
N ARG A 82 -64.68 40.00 -42.96
CA ARG A 82 -63.44 40.45 -42.33
C ARG A 82 -62.18 39.67 -42.75
N GLN A 83 -62.37 38.57 -43.50
CA GLN A 83 -61.24 37.77 -44.01
C GLN A 83 -61.33 37.65 -45.52
N GLN A 84 -61.54 38.80 -46.15
CA GLN A 84 -61.89 38.87 -47.57
C GLN A 84 -60.98 38.07 -48.52
N ASN A 85 -59.67 38.06 -48.31
CA ASN A 85 -58.86 37.39 -49.32
C ASN A 85 -58.49 35.93 -49.02
N VAL A 86 -59.11 35.34 -48.00
CA VAL A 86 -58.86 33.94 -47.67
C VAL A 86 -59.26 32.99 -48.84
N PRO A 87 -58.33 32.12 -49.29
CA PRO A 87 -58.69 31.17 -50.36
C PRO A 87 -59.78 30.21 -49.96
N VAL A 88 -60.73 29.95 -50.86
CA VAL A 88 -61.79 28.95 -50.60
C VAL A 88 -61.62 27.69 -51.47
N PHE A 89 -61.52 26.56 -50.80
CA PHE A 89 -61.39 25.27 -51.46
C PHE A 89 -62.72 24.53 -51.39
N LEU A 90 -63.25 24.17 -52.56
CA LEU A 90 -64.41 23.29 -52.57
C LEU A 90 -63.93 21.85 -52.62
N LEU A 91 -64.34 21.07 -51.62
CA LEU A 91 -64.03 19.64 -51.62
C LEU A 91 -65.26 18.98 -52.23
N GLY A 92 -65.30 18.92 -53.54
CA GLY A 92 -66.55 18.58 -54.18
C GLY A 92 -66.59 17.33 -55.01
N ASP A 93 -67.76 17.13 -55.60
CA ASP A 93 -68.00 16.16 -56.62
C ASP A 93 -67.65 16.80 -57.95
N ARG A 94 -66.81 16.14 -58.74
CA ARG A 94 -66.41 16.70 -60.04
C ARG A 94 -67.61 17.00 -60.93
N GLU A 95 -68.48 16.01 -61.13
CA GLU A 95 -69.56 16.13 -62.11
C GLU A 95 -70.59 17.21 -61.75
N LYS A 96 -70.98 17.26 -60.49
CA LYS A 96 -71.98 18.22 -60.05
C LYS A 96 -71.41 19.64 -60.05
N ALA A 97 -70.17 19.78 -59.57
CA ALA A 97 -69.50 21.06 -59.55
C ALA A 97 -69.31 21.64 -60.95
N LEU A 98 -68.91 20.80 -61.89
CA LEU A 98 -68.65 21.28 -63.27
C LEU A 98 -69.94 21.61 -64.03
N ALA A 99 -71.03 20.88 -63.74
CA ALA A 99 -72.35 21.20 -64.31
C ALA A 99 -72.85 22.56 -63.79
N ALA A 100 -72.45 22.93 -62.57
CA ALA A 100 -72.85 24.18 -61.94
C ALA A 100 -71.95 25.36 -62.30
N MET A 101 -70.92 25.11 -63.10
CA MET A 101 -69.90 26.10 -63.44
C MET A 101 -70.47 27.34 -64.12
N ASP A 102 -70.39 28.47 -63.40
CA ASP A 102 -70.75 29.77 -63.94
C ASP A 102 -70.00 30.81 -63.10
N ARG A 103 -70.21 32.08 -63.39
CA ARG A 103 -69.58 33.14 -62.61
C ARG A 103 -69.95 33.14 -61.13
N ASP A 104 -71.17 32.76 -60.80
CA ASP A 104 -71.61 32.75 -59.40
C ASP A 104 -70.80 31.74 -58.60
N LEU A 105 -70.59 30.56 -59.19
CA LEU A 105 -69.77 29.53 -58.56
C LEU A 105 -68.31 29.98 -58.36
N LEU A 106 -67.69 30.51 -59.41
CA LEU A 106 -66.32 31.02 -59.30
C LEU A 106 -66.14 32.22 -58.37
N GLU A 107 -67.23 32.94 -58.08
CA GLU A 107 -67.15 33.99 -57.07
C GLU A 107 -67.13 33.45 -55.65
N LEU A 108 -67.74 32.29 -55.47
CA LEU A 108 -67.71 31.60 -54.19
C LEU A 108 -66.40 30.82 -53.97
N VAL A 109 -65.97 30.09 -55.00
CA VAL A 109 -64.90 29.09 -54.90
C VAL A 109 -63.63 29.53 -55.62
N ASP A 110 -62.50 29.44 -54.93
CA ASP A 110 -61.21 29.69 -55.57
C ASP A 110 -60.55 28.43 -56.14
N GLU A 111 -60.73 27.31 -55.45
CA GLU A 111 -60.01 26.09 -55.80
C GLU A 111 -60.92 24.91 -55.71
N PHE A 112 -60.79 24.04 -56.73
CA PHE A 112 -61.57 22.83 -56.86
C PHE A 112 -60.72 21.63 -56.55
N ALA A 113 -61.19 20.81 -55.62
CA ALA A 113 -60.51 19.59 -55.25
C ALA A 113 -61.53 18.45 -55.26
N TRP A 114 -61.30 17.47 -56.12
CA TRP A 114 -62.25 16.39 -56.26
C TRP A 114 -61.99 15.37 -55.17
N ILE A 115 -62.58 15.62 -54.01
CA ILE A 115 -62.19 14.94 -52.75
C ILE A 115 -62.22 13.39 -52.77
N LEU A 116 -63.08 12.81 -53.60
CA LEU A 116 -63.14 11.35 -53.72
C LEU A 116 -62.29 10.79 -54.86
N GLU A 117 -61.53 11.65 -55.53
CA GLU A 117 -60.79 11.29 -56.75
C GLU A 117 -59.36 11.81 -56.74
N ASP A 118 -58.94 12.47 -55.67
CA ASP A 118 -57.57 12.95 -55.64
C ASP A 118 -56.79 12.35 -54.49
N THR A 119 -55.49 12.60 -54.51
CA THR A 119 -54.60 12.25 -53.42
C THR A 119 -54.60 13.37 -52.36
N ALA A 120 -54.76 12.98 -51.10
CA ALA A 120 -54.77 13.92 -49.98
C ALA A 120 -53.56 14.85 -49.93
N ASP A 121 -52.37 14.32 -50.24
CA ASP A 121 -51.15 15.10 -50.30
C ASP A 121 -51.18 16.18 -51.36
N PHE A 122 -51.74 15.86 -52.53
CA PHE A 122 -51.81 16.84 -53.62
C PHE A 122 -52.69 18.03 -53.21
N ILE A 123 -53.83 17.72 -52.58
CA ILE A 123 -54.72 18.75 -52.10
C ILE A 123 -54.05 19.55 -50.96
N ALA A 124 -53.38 18.86 -50.03
CA ALA A 124 -52.70 19.57 -48.93
C ALA A 124 -51.68 20.56 -49.51
N GLY A 125 -50.94 20.09 -50.53
CA GLY A 125 -49.91 20.86 -51.16
C GLY A 125 -50.43 22.12 -51.79
N ARG A 126 -51.56 22.02 -52.50
CA ARG A 126 -52.15 23.22 -53.13
C ARG A 126 -52.71 24.15 -52.07
N ALA A 127 -53.17 23.57 -50.94
CA ALA A 127 -53.71 24.37 -49.86
C ALA A 127 -52.58 25.15 -49.19
N VAL A 128 -51.44 24.51 -48.96
CA VAL A 128 -50.27 25.18 -48.36
C VAL A 128 -49.79 26.34 -49.26
N ALA A 129 -49.71 26.09 -50.57
CA ALA A 129 -49.32 27.12 -51.51
C ALA A 129 -50.27 28.33 -51.47
N ALA A 130 -51.57 28.08 -51.44
CA ALA A 130 -52.59 29.15 -51.38
C ALA A 130 -52.49 29.95 -50.06
N MET A 131 -52.31 29.23 -48.97
CA MET A 131 -52.19 29.83 -47.65
C MET A 131 -50.96 30.72 -47.60
N THR A 132 -49.85 30.29 -48.22
CA THR A 132 -48.61 31.09 -48.34
C THR A 132 -48.85 32.39 -49.12
N ARG A 133 -49.45 32.29 -50.29
CA ARG A 133 -49.87 33.46 -51.04
C ARG A 133 -50.75 34.46 -50.22
N TYR A 134 -51.68 33.92 -49.43
CA TYR A 134 -52.54 34.75 -48.61
C TYR A 134 -51.73 35.50 -47.54
N ARG A 135 -50.87 34.78 -46.84
CA ARG A 135 -50.04 35.37 -45.80
C ARG A 135 -49.04 36.42 -46.32
N GLN A 136 -48.59 36.26 -47.56
CA GLN A 136 -47.64 37.23 -48.11
C GLN A 136 -48.25 38.57 -48.52
N GLN A 137 -49.58 38.62 -48.63
CA GLN A 137 -50.27 39.85 -48.98
C GLN A 137 -51.05 40.41 -47.78
N LEU A 138 -50.95 39.73 -46.65
CA LEU A 138 -51.80 40.02 -45.49
C LEU A 138 -51.53 41.40 -44.84
N LEU A 139 -50.27 41.74 -44.65
CA LEU A 139 -49.93 42.91 -43.85
C LEU A 139 -49.85 44.19 -44.69
N PRO A 140 -50.25 45.33 -44.10
CA PRO A 140 -50.05 46.60 -44.81
C PRO A 140 -48.54 46.95 -44.96
N PRO A 141 -48.21 47.90 -45.86
CA PRO A 141 -46.81 48.01 -46.34
C PRO A 141 -45.75 48.32 -45.28
N LEU A 142 -46.09 49.13 -44.28
CA LEU A 142 -45.08 49.71 -43.39
C LEU A 142 -44.84 48.81 -42.22
N PHE A 143 -45.91 48.35 -41.59
CA PHE A 143 -45.77 47.35 -40.57
C PHE A 143 -44.99 46.15 -41.10
N SER A 144 -45.28 45.74 -42.32
CA SER A 144 -44.57 44.63 -42.96
C SER A 144 -43.08 44.94 -43.16
N ALA A 145 -42.77 46.12 -43.65
CA ALA A 145 -41.37 46.50 -43.86
C ALA A 145 -40.62 46.59 -42.53
N LEU A 146 -41.28 47.13 -41.50
CA LEU A 146 -40.67 47.30 -40.18
C LEU A 146 -40.33 45.96 -39.59
N MET A 147 -41.26 45.04 -39.75
CA MET A 147 -41.19 43.70 -39.23
C MET A 147 -40.04 42.94 -39.88
N LYS A 148 -40.02 42.95 -41.22
CA LYS A 148 -38.96 42.32 -42.01
C LYS A 148 -37.58 42.91 -41.69
N TYR A 149 -37.52 44.24 -41.64
CA TYR A 149 -36.27 44.96 -41.39
C TYR A 149 -35.70 44.79 -39.99
N SER A 150 -36.55 44.67 -38.98
CA SER A 150 -36.05 44.44 -37.63
C SER A 150 -35.34 43.09 -37.48
N ASP A 151 -35.75 42.10 -38.27
CA ASP A 151 -35.12 40.78 -38.25
C ASP A 151 -33.65 40.77 -38.66
N ILE A 152 -33.24 41.75 -39.48
CA ILE A 152 -31.86 41.80 -39.97
C ILE A 152 -31.07 42.98 -39.41
N HIS A 153 -31.76 43.96 -38.85
CA HIS A 153 -31.18 45.25 -38.46
C HIS A 153 -30.09 45.15 -37.36
N GLU A 154 -29.03 45.95 -37.52
CA GLU A 154 -27.99 46.12 -36.50
C GLU A 154 -28.32 47.26 -35.53
N TYR A 155 -28.69 46.87 -34.31
CA TYR A 155 -29.18 47.81 -33.29
C TYR A 155 -28.04 48.57 -32.61
N SER A 156 -26.81 48.12 -32.87
CA SER A 156 -25.61 48.81 -32.39
C SER A 156 -25.18 50.02 -33.26
N TRP A 157 -24.26 50.80 -32.67
CA TRP A 157 -23.67 51.99 -33.28
C TRP A 157 -24.75 52.99 -33.76
N ALA A 158 -25.99 52.70 -33.39
CA ALA A 158 -27.16 53.55 -33.73
C ALA A 158 -28.05 53.92 -32.54
N ALA A 159 -28.52 55.16 -32.49
CA ALA A 159 -29.64 55.53 -31.62
C ALA A 159 -30.96 54.96 -32.20
N PRO A 160 -31.94 54.62 -31.34
CA PRO A 160 -31.98 54.79 -29.87
C PRO A 160 -30.97 53.94 -29.07
N GLY A 161 -30.54 54.51 -27.94
CA GLY A 161 -29.49 53.92 -27.14
C GLY A 161 -29.76 52.56 -26.52
N HIS A 162 -31.04 52.16 -26.46
CA HIS A 162 -31.38 50.91 -25.78
C HIS A 162 -31.12 49.70 -26.66
N GLN A 163 -31.00 49.94 -27.97
CA GLN A 163 -30.69 48.91 -28.99
C GLN A 163 -31.62 47.74 -28.94
N GLY A 164 -32.83 47.92 -29.47
CA GLY A 164 -33.79 46.81 -29.54
C GLY A 164 -34.12 46.29 -28.16
N GLY A 165 -34.06 47.19 -27.16
CA GLY A 165 -34.51 46.92 -25.80
C GLY A 165 -33.47 46.38 -24.85
N VAL A 166 -32.26 46.16 -25.36
CA VAL A 166 -31.22 45.55 -24.56
C VAL A 166 -30.83 46.39 -23.33
N GLY A 167 -30.74 47.70 -23.50
CA GLY A 167 -30.36 48.57 -22.41
C GLY A 167 -31.21 48.42 -21.15
N PHE A 168 -32.53 48.28 -21.34
CA PHE A 168 -33.48 48.11 -20.22
C PHE A 168 -33.17 46.93 -19.34
N THR A 169 -32.57 45.88 -19.91
CA THR A 169 -32.41 44.61 -19.16
C THR A 169 -31.34 44.66 -18.08
N LYS A 170 -30.61 45.78 -18.00
CA LYS A 170 -29.41 45.89 -17.15
C LYS A 170 -29.64 46.29 -15.66
N THR A 171 -30.81 46.84 -15.34
CA THR A 171 -31.30 46.91 -13.96
C THR A 171 -32.58 46.08 -13.81
N PRO A 172 -32.88 45.60 -12.58
CA PRO A 172 -34.05 44.77 -12.32
C PRO A 172 -35.39 45.46 -12.66
N ALA A 173 -35.53 46.74 -12.29
CA ALA A 173 -36.69 47.54 -12.72
C ALA A 173 -36.77 47.58 -14.23
N GLY A 174 -35.64 47.86 -14.86
CA GLY A 174 -35.63 47.99 -16.33
C GLY A 174 -35.94 46.68 -17.02
N ARG A 175 -35.47 45.56 -16.45
CA ARG A 175 -35.81 44.22 -16.98
C ARG A 175 -37.31 43.90 -16.79
N PHE A 176 -37.88 44.27 -15.65
CA PHE A 176 -39.27 44.03 -15.42
C PHE A 176 -40.08 44.78 -16.47
N TYR A 177 -39.80 46.07 -16.58
CA TYR A 177 -40.35 46.89 -17.62
C TYR A 177 -40.21 46.30 -19.04
N HIS A 178 -38.99 45.89 -19.42
CA HIS A 178 -38.71 45.32 -20.75
C HIS A 178 -39.61 44.10 -21.05
N ASP A 179 -39.71 43.22 -20.04
CA ASP A 179 -40.45 41.96 -20.16
C ASP A 179 -41.95 42.16 -20.09
N TYR A 180 -42.39 43.15 -19.32
CA TYR A 180 -43.78 43.54 -19.28
C TYR A 180 -44.22 43.97 -20.69
N TYR A 181 -43.43 44.79 -21.36
CA TYR A 181 -43.78 45.23 -22.72
C TYR A 181 -43.48 44.26 -23.87
N GLY A 182 -42.44 43.43 -23.69
CA GLY A 182 -42.05 42.46 -24.71
C GLY A 182 -41.07 43.07 -25.69
N GLU A 183 -40.20 42.23 -26.24
CA GLU A 183 -39.10 42.74 -27.05
C GLU A 183 -39.46 43.43 -28.36
N ASN A 184 -40.60 43.08 -28.96
CA ASN A 184 -40.90 43.62 -30.29
C ASN A 184 -41.18 45.12 -30.34
N LEU A 185 -41.79 45.65 -29.28
CA LEU A 185 -41.95 47.11 -29.19
C LEU A 185 -40.59 47.80 -29.37
N PHE A 186 -39.59 47.27 -28.68
CA PHE A 186 -38.25 47.82 -28.69
C PHE A 186 -37.47 47.52 -29.96
N ARG A 187 -37.66 46.34 -30.54
CA ARG A 187 -36.99 46.01 -31.77
C ARG A 187 -37.49 46.83 -32.96
N THR A 188 -38.72 47.33 -32.91
CA THR A 188 -39.16 48.17 -34.02
C THR A 188 -38.92 49.67 -33.74
N ASP A 189 -38.40 49.94 -32.56
CA ASP A 189 -37.96 51.27 -32.19
C ASP A 189 -36.54 51.49 -32.73
N MET A 190 -36.49 51.77 -34.04
CA MET A 190 -35.23 52.06 -34.75
C MET A 190 -35.18 53.53 -35.08
N GLY A 191 -33.99 54.04 -35.35
CA GLY A 191 -33.82 55.45 -35.74
C GLY A 191 -33.88 55.54 -37.25
N ILE A 192 -33.57 56.70 -37.84
CA ILE A 192 -33.65 56.81 -39.31
C ILE A 192 -32.71 55.76 -39.96
N GLU A 193 -33.32 54.80 -40.68
CA GLU A 193 -32.59 53.81 -41.50
C GLU A 193 -32.93 53.97 -42.99
N ARG A 194 -32.29 54.94 -43.64
CA ARG A 194 -32.81 55.56 -44.86
C ARG A 194 -33.04 54.71 -46.10
N THR A 195 -32.08 53.86 -46.49
CA THR A 195 -32.25 53.17 -47.77
C THR A 195 -33.14 51.93 -47.60
N SER A 196 -33.29 51.50 -46.34
CA SER A 196 -34.04 50.30 -46.05
C SER A 196 -35.53 50.58 -45.93
N LEU A 197 -35.89 51.62 -45.20
CA LEU A 197 -37.28 51.90 -44.86
C LEU A 197 -37.81 53.18 -45.48
N GLY A 198 -36.92 54.16 -45.62
CA GLY A 198 -37.32 55.52 -45.90
C GLY A 198 -37.46 56.28 -44.61
N SER A 199 -38.17 57.41 -44.67
CA SER A 199 -38.30 58.35 -43.57
C SER A 199 -39.74 58.81 -43.48
N LEU A 200 -40.23 58.93 -42.25
CA LEU A 200 -41.51 59.58 -42.00
C LEU A 200 -41.49 61.06 -42.44
N LEU A 201 -40.52 61.82 -41.93
CA LEU A 201 -40.39 63.24 -42.25
C LEU A 201 -40.11 63.56 -43.72
N ASP A 202 -39.47 62.62 -44.44
CA ASP A 202 -39.28 62.77 -45.88
C ASP A 202 -40.42 62.19 -46.69
N HIS A 203 -41.22 61.35 -46.04
CA HIS A 203 -42.36 60.69 -46.68
C HIS A 203 -41.92 59.76 -47.79
N THR A 204 -40.86 58.99 -47.51
CA THR A 204 -40.24 58.11 -48.53
C THR A 204 -40.35 56.64 -48.19
N GLY A 205 -39.95 55.79 -49.13
CA GLY A 205 -39.87 54.35 -48.91
C GLY A 205 -41.16 53.79 -48.39
N ALA A 206 -41.07 52.90 -47.40
CA ALA A 206 -42.24 52.20 -46.84
C ALA A 206 -43.24 53.18 -46.21
N PHE A 207 -42.71 54.27 -45.61
CA PHE A 207 -43.51 55.36 -45.02
C PHE A 207 -44.41 56.05 -46.06
N GLY A 208 -43.82 56.41 -47.20
CA GLY A 208 -44.55 57.06 -48.29
C GLY A 208 -45.57 56.12 -48.89
N GLU A 209 -45.19 54.85 -49.04
CA GLU A 209 -46.07 53.78 -49.54
C GLU A 209 -47.31 53.62 -48.64
N SER A 210 -47.11 53.76 -47.34
CA SER A 210 -48.18 53.67 -46.35
C SER A 210 -49.16 54.84 -46.49
N GLU A 211 -48.64 56.02 -46.81
CA GLU A 211 -49.45 57.21 -46.93
C GLU A 211 -50.26 57.16 -48.22
N LYS A 212 -49.67 56.64 -49.28
CA LYS A 212 -50.39 56.48 -50.52
C LYS A 212 -51.51 55.48 -50.34
N TYR A 213 -51.24 54.42 -49.57
CA TYR A 213 -52.25 53.42 -49.21
C TYR A 213 -53.33 54.10 -48.38
N ALA A 214 -52.97 54.86 -47.36
CA ALA A 214 -53.97 55.57 -46.55
C ALA A 214 -54.84 56.52 -47.39
N ALA A 215 -54.23 57.25 -48.31
CA ALA A 215 -54.96 58.14 -49.20
C ALA A 215 -55.96 57.36 -50.10
N ARG A 216 -55.54 56.18 -50.58
CA ARG A 216 -56.39 55.35 -51.44
C ARG A 216 -57.61 54.90 -50.64
N VAL A 217 -57.35 54.34 -49.45
CA VAL A 217 -58.40 53.82 -48.59
C VAL A 217 -59.35 54.92 -48.09
N PHE A 218 -58.80 56.07 -47.73
CA PHE A 218 -59.58 57.17 -47.16
C PHE A 218 -60.16 58.17 -48.18
N GLY A 219 -59.88 57.96 -49.46
CA GLY A 219 -60.40 58.82 -50.52
C GLY A 219 -59.71 60.18 -50.64
N ALA A 220 -58.45 60.27 -50.23
CA ALA A 220 -57.70 61.55 -50.35
C ALA A 220 -56.82 61.60 -51.60
N ASP A 221 -56.46 62.81 -52.02
CA ASP A 221 -55.41 62.97 -53.02
C ASP A 221 -54.06 62.59 -52.38
N ARG A 222 -53.94 62.83 -51.07
CA ARG A 222 -52.69 62.65 -50.39
C ARG A 222 -52.96 62.59 -48.91
N SER A 223 -52.19 61.74 -48.22
CA SER A 223 -52.27 61.65 -46.74
C SER A 223 -50.92 61.88 -46.08
N TRP A 224 -50.97 62.39 -44.84
CA TRP A 224 -49.82 62.72 -44.06
C TRP A 224 -49.96 62.00 -42.75
N SER A 225 -49.11 61.02 -42.54
CA SER A 225 -49.07 60.29 -41.28
C SER A 225 -48.40 61.12 -40.22
N VAL A 226 -49.04 61.19 -39.04
CA VAL A 226 -48.61 62.09 -37.98
C VAL A 226 -48.46 61.34 -36.63
N VAL A 227 -47.44 61.68 -35.86
CA VAL A 227 -47.22 60.95 -34.61
C VAL A 227 -47.38 61.83 -33.39
N VAL A 228 -48.06 62.96 -33.58
CA VAL A 228 -48.22 63.93 -32.53
C VAL A 228 -49.71 64.25 -32.32
N GLY A 229 -50.55 63.24 -32.56
CA GLY A 229 -52.02 63.38 -32.53
C GLY A 229 -52.60 64.30 -33.60
N THR A 230 -53.91 64.49 -33.59
CA THR A 230 -54.55 65.56 -34.42
C THR A 230 -54.13 66.97 -33.90
N SER A 231 -53.81 67.07 -32.61
CA SER A 231 -53.13 68.23 -32.06
C SER A 231 -52.03 68.71 -32.97
N GLY A 232 -51.19 67.77 -33.41
CA GLY A 232 -50.07 68.10 -34.30
C GLY A 232 -50.50 68.23 -35.74
N SER A 233 -51.42 67.37 -36.17
CA SER A 233 -52.03 67.51 -37.49
C SER A 233 -52.60 68.90 -37.67
N ASN A 234 -53.42 69.36 -36.72
CA ASN A 234 -54.04 70.71 -36.76
C ASN A 234 -53.04 71.89 -36.84
N ARG A 235 -52.10 71.92 -35.89
CA ARG A 235 -50.96 72.87 -35.96
C ARG A 235 -50.28 72.90 -37.33
N THR A 236 -50.13 71.74 -37.96
CA THR A 236 -49.48 71.64 -39.26
C THR A 236 -50.29 72.35 -40.30
N ILE A 237 -51.56 71.96 -40.38
CA ILE A 237 -52.48 72.52 -41.38
C ILE A 237 -52.55 74.06 -41.26
N MET A 238 -52.72 74.56 -40.05
CA MET A 238 -52.83 76.00 -39.84
C MET A 238 -51.52 76.71 -40.17
N GLN A 239 -50.41 76.15 -39.67
CA GLN A 239 -49.08 76.66 -40.04
C GLN A 239 -48.91 76.83 -41.54
N ALA A 240 -49.54 75.94 -42.29
CA ALA A 240 -49.43 75.94 -43.73
C ALA A 240 -50.38 76.94 -44.39
N CYS A 241 -51.46 77.29 -43.71
CA CYS A 241 -52.61 77.98 -44.33
C CYS A 241 -52.75 79.50 -44.05
N MET A 242 -52.04 79.99 -43.04
CA MET A 242 -52.24 81.34 -42.53
C MET A 242 -50.97 82.00 -41.98
N THR A 243 -50.86 83.32 -42.16
CA THR A 243 -49.87 84.13 -41.44
C THR A 243 -50.62 85.15 -40.59
N ASP A 244 -49.90 86.10 -39.98
CA ASP A 244 -50.56 87.15 -39.22
C ASP A 244 -51.15 88.24 -40.13
N ASN A 245 -51.05 88.03 -41.43
CA ASN A 245 -51.70 88.88 -42.40
C ASN A 245 -53.12 88.41 -42.77
N ASP A 246 -53.47 87.19 -42.37
CA ASP A 246 -54.68 86.55 -42.85
C ASP A 246 -55.81 86.69 -41.88
N VAL A 247 -57.01 86.76 -42.46
CA VAL A 247 -58.27 86.50 -41.76
C VAL A 247 -58.59 85.02 -41.88
N VAL A 248 -59.16 84.46 -40.82
CA VAL A 248 -59.57 83.07 -40.85
C VAL A 248 -60.92 82.91 -40.13
N VAL A 249 -61.70 81.90 -40.56
CA VAL A 249 -63.04 81.67 -40.06
C VAL A 249 -63.01 80.37 -39.28
N VAL A 250 -63.47 80.44 -38.04
CA VAL A 250 -63.26 79.38 -37.09
C VAL A 250 -64.55 78.97 -36.40
N ASP A 251 -64.90 77.70 -36.55
CA ASP A 251 -65.92 77.07 -35.72
C ASP A 251 -65.63 77.41 -34.26
N ARG A 252 -66.59 78.00 -33.59
CA ARG A 252 -66.46 78.31 -32.19
C ARG A 252 -66.33 77.02 -31.38
N ASN A 253 -66.96 75.96 -31.88
CA ASN A 253 -66.66 74.58 -31.44
C ASN A 253 -65.32 74.13 -32.04
N CYS A 254 -64.23 74.45 -31.35
CA CYS A 254 -62.90 74.11 -31.84
C CYS A 254 -62.05 73.55 -30.73
N HIS A 255 -61.20 72.60 -31.12
CA HIS A 255 -60.27 72.00 -30.19
C HIS A 255 -59.17 73.01 -29.81
N LYS A 256 -58.60 72.84 -28.62
CA LYS A 256 -57.47 73.64 -28.15
C LYS A 256 -56.38 73.82 -29.19
N SER A 257 -56.14 72.76 -29.99
CA SER A 257 -55.15 72.81 -31.05
C SER A 257 -55.46 73.81 -32.16
N ILE A 258 -56.73 74.18 -32.31
CA ILE A 258 -57.11 75.23 -33.27
C ILE A 258 -56.63 76.57 -32.71
N GLU A 259 -56.97 76.84 -31.45
CA GLU A 259 -56.51 78.05 -30.79
C GLU A 259 -54.98 78.17 -30.84
N GLN A 260 -54.29 77.06 -30.52
CA GLN A 260 -52.83 76.94 -30.67
C GLN A 260 -52.37 77.38 -32.06
N GLY A 261 -53.03 76.88 -33.10
CA GLY A 261 -52.76 77.33 -34.47
C GLY A 261 -52.93 78.84 -34.61
N LEU A 262 -53.91 79.39 -33.91
CA LEU A 262 -54.16 80.83 -34.02
C LEU A 262 -53.04 81.54 -33.30
N MET A 263 -52.66 81.03 -32.13
CA MET A 263 -51.57 81.60 -31.34
C MET A 263 -50.20 81.44 -32.00
N LEU A 264 -50.02 80.39 -32.81
CA LEU A 264 -48.74 80.14 -33.46
C LEU A 264 -48.59 80.91 -34.76
N THR A 265 -49.70 81.20 -35.44
CA THR A 265 -49.66 81.85 -36.74
C THR A 265 -49.89 83.36 -36.64
N GLY A 266 -50.55 83.78 -35.56
CA GLY A 266 -50.91 85.19 -35.34
C GLY A 266 -52.08 85.70 -36.19
N ALA A 267 -52.79 84.78 -36.85
CA ALA A 267 -53.87 85.07 -37.77
C ALA A 267 -55.07 85.72 -37.07
N LYS A 268 -55.91 86.41 -37.85
CA LYS A 268 -57.05 87.14 -37.27
C LYS A 268 -58.37 86.37 -37.45
N PRO A 269 -58.94 85.90 -36.32
CA PRO A 269 -60.10 85.01 -36.30
C PRO A 269 -61.47 85.68 -36.18
N VAL A 270 -62.42 85.04 -36.84
CA VAL A 270 -63.83 85.39 -36.78
C VAL A 270 -64.51 84.02 -36.53
N TYR A 271 -65.57 83.99 -35.73
CA TYR A 271 -66.20 82.73 -35.29
C TYR A 271 -67.61 82.51 -35.82
N MET A 272 -67.91 81.24 -36.15
CA MET A 272 -69.26 80.78 -36.46
C MET A 272 -69.84 80.16 -35.20
N VAL A 273 -71.05 80.57 -34.82
CA VAL A 273 -71.67 80.17 -33.54
C VAL A 273 -72.56 78.93 -33.71
N PRO A 274 -72.26 77.83 -33.01
CA PRO A 274 -73.13 76.67 -33.17
C PRO A 274 -74.43 76.78 -32.37
N SER A 275 -75.51 76.18 -32.88
CA SER A 275 -76.75 76.10 -32.10
C SER A 275 -76.58 75.28 -30.83
N ARG A 276 -77.65 75.23 -30.02
CA ARG A 276 -77.69 74.31 -28.90
C ARG A 276 -79.12 73.95 -28.41
N ASN A 277 -79.22 73.02 -27.47
CA ASN A 277 -80.53 72.48 -27.07
C ASN A 277 -80.79 72.49 -25.54
N ARG A 278 -82.02 72.19 -25.16
CA ARG A 278 -82.47 72.23 -23.76
C ARG A 278 -81.53 71.45 -22.82
N TYR A 279 -80.89 70.41 -23.35
CA TYR A 279 -79.94 69.61 -22.57
C TYR A 279 -78.52 70.18 -22.41
N GLY A 280 -78.21 71.27 -23.08
CA GLY A 280 -76.87 71.86 -22.95
C GLY A 280 -75.91 71.32 -24.01
N ILE A 281 -76.42 70.42 -24.86
CA ILE A 281 -75.65 69.81 -25.93
C ILE A 281 -75.46 70.80 -27.08
N ILE A 282 -74.23 70.94 -27.52
CA ILE A 282 -73.86 71.80 -28.66
C ILE A 282 -74.34 71.15 -29.97
N GLY A 283 -74.94 71.97 -30.83
CA GLY A 283 -75.45 71.47 -32.10
C GLY A 283 -74.62 71.91 -33.28
N PRO A 284 -75.17 71.77 -34.49
CA PRO A 284 -74.44 72.26 -35.65
C PRO A 284 -74.53 73.77 -35.80
N ILE A 285 -73.56 74.30 -36.52
CA ILE A 285 -73.60 75.64 -37.04
C ILE A 285 -74.67 75.65 -38.13
N TYR A 286 -75.68 76.52 -37.99
CA TYR A 286 -76.71 76.61 -39.02
C TYR A 286 -76.14 77.19 -40.31
N PRO A 287 -76.73 76.84 -41.47
CA PRO A 287 -76.28 77.36 -42.77
C PRO A 287 -76.18 78.88 -42.86
N GLN A 288 -77.04 79.59 -42.14
CA GLN A 288 -77.02 81.06 -42.10
C GLN A 288 -75.69 81.61 -41.57
N GLU A 289 -75.11 80.94 -40.57
CA GLU A 289 -73.79 81.30 -40.06
C GLU A 289 -72.63 81.08 -41.04
N MET A 290 -72.85 80.32 -42.10
CA MET A 290 -71.81 80.04 -43.10
C MET A 290 -72.03 80.76 -44.44
N GLN A 291 -73.09 81.57 -44.52
CA GLN A 291 -73.42 82.36 -45.71
C GLN A 291 -72.35 83.42 -46.00
N PRO A 292 -71.98 83.58 -47.29
CA PRO A 292 -70.89 84.48 -47.62
C PRO A 292 -71.02 85.86 -46.96
N GLU A 293 -72.20 86.49 -47.12
CA GLU A 293 -72.46 87.80 -46.55
C GLU A 293 -72.49 87.83 -45.02
N THR A 294 -72.87 86.72 -44.39
CA THR A 294 -72.80 86.61 -42.93
C THR A 294 -71.36 86.71 -42.46
N LEU A 295 -70.50 85.92 -43.08
CA LEU A 295 -69.07 85.92 -42.75
C LEU A 295 -68.41 87.25 -43.13
N GLN A 296 -68.69 87.75 -44.34
CA GLN A 296 -68.18 89.06 -44.77
C GLN A 296 -68.54 90.15 -43.75
N LYS A 297 -69.73 90.04 -43.17
CA LYS A 297 -70.16 90.97 -42.12
C LYS A 297 -69.41 90.79 -40.81
N LYS A 298 -69.25 89.54 -40.37
CA LYS A 298 -68.48 89.20 -39.15
C LYS A 298 -67.09 89.86 -39.15
N ILE A 299 -66.45 89.78 -40.31
CA ILE A 299 -65.16 90.38 -40.57
C ILE A 299 -65.20 91.91 -40.47
N SER A 300 -66.18 92.51 -41.16
CA SER A 300 -66.33 93.96 -41.16
C SER A 300 -66.45 94.53 -39.75
N GLU A 301 -67.18 93.84 -38.87
CA GLU A 301 -67.53 94.36 -37.57
C GLU A 301 -66.60 93.96 -36.44
N SER A 302 -65.63 93.09 -36.71
CA SER A 302 -64.73 92.57 -35.68
C SER A 302 -63.55 93.52 -35.43
N PRO A 303 -63.23 93.76 -34.13
CA PRO A 303 -62.06 94.58 -33.74
C PRO A 303 -60.76 94.06 -34.37
N LEU A 304 -60.61 92.73 -34.34
CA LEU A 304 -59.41 92.06 -34.83
C LEU A 304 -59.31 92.02 -36.36
N THR A 305 -60.43 92.20 -37.06
CA THR A 305 -60.41 92.06 -38.52
C THR A 305 -60.87 93.30 -39.32
N LYS A 306 -61.34 94.33 -38.61
CA LYS A 306 -61.86 95.60 -39.19
C LYS A 306 -61.12 96.06 -40.44
N ASP A 307 -59.81 96.22 -40.30
CA ASP A 307 -58.95 96.84 -41.30
C ASP A 307 -58.50 95.85 -42.36
N LYS A 308 -59.17 94.71 -42.41
CA LYS A 308 -58.90 93.71 -43.44
C LYS A 308 -60.20 93.30 -44.14
N ALA A 309 -61.15 94.22 -44.16
CA ALA A 309 -62.43 94.01 -44.83
C ALA A 309 -62.21 93.74 -46.33
N GLY A 310 -62.88 92.71 -46.83
CA GLY A 310 -62.73 92.35 -48.23
C GLY A 310 -61.39 91.70 -48.54
N GLN A 311 -60.83 91.01 -47.55
CA GLN A 311 -59.71 90.10 -47.81
C GLN A 311 -60.35 88.73 -47.88
N LYS A 312 -59.91 87.91 -48.82
CA LYS A 312 -60.35 86.53 -48.80
C LYS A 312 -59.70 85.84 -47.58
N PRO A 313 -60.52 85.25 -46.69
CA PRO A 313 -59.89 84.43 -45.64
C PRO A 313 -59.14 83.24 -46.24
N SER A 314 -58.01 82.88 -45.63
CA SER A 314 -57.10 81.90 -46.22
C SER A 314 -57.36 80.48 -45.73
N TYR A 315 -58.39 80.32 -44.90
CA TYR A 315 -58.68 79.07 -44.21
C TYR A 315 -60.01 79.21 -43.54
N CYS A 316 -60.70 78.09 -43.38
CA CYS A 316 -61.92 78.01 -42.61
C CYS A 316 -62.04 76.62 -41.99
N VAL A 317 -62.42 76.52 -40.72
CA VAL A 317 -62.51 75.22 -40.05
C VAL A 317 -63.86 74.95 -39.41
N VAL A 318 -64.34 73.71 -39.53
CA VAL A 318 -65.58 73.26 -38.87
C VAL A 318 -65.31 71.89 -38.25
N THR A 319 -65.64 71.73 -36.96
CA THR A 319 -65.55 70.43 -36.27
C THR A 319 -66.73 69.51 -36.63
N ASN A 320 -66.41 68.39 -37.26
CA ASN A 320 -67.40 67.41 -37.70
C ASN A 320 -66.86 65.98 -37.63
N CYS A 321 -67.42 65.11 -36.80
CA CYS A 321 -68.65 65.32 -36.07
C CYS A 321 -68.33 66.00 -34.76
N THR A 322 -69.38 66.44 -34.05
CA THR A 322 -69.20 67.04 -32.74
C THR A 322 -68.98 65.94 -31.71
N TYR A 323 -68.59 66.33 -30.51
CA TYR A 323 -68.33 65.37 -29.45
C TYR A 323 -69.52 64.44 -29.20
N ASP A 324 -70.72 65.01 -29.22
CA ASP A 324 -71.94 64.26 -28.87
C ASP A 324 -72.53 63.48 -30.03
N GLY A 325 -71.94 63.59 -31.21
CA GLY A 325 -72.36 62.81 -32.37
C GLY A 325 -73.20 63.54 -33.41
N VAL A 326 -73.20 64.88 -33.35
CA VAL A 326 -73.85 65.69 -34.38
C VAL A 326 -72.94 65.70 -35.60
N CYS A 327 -73.43 65.17 -36.72
CA CYS A 327 -72.66 65.15 -37.98
C CYS A 327 -73.26 66.10 -39.00
N TYR A 328 -72.40 66.89 -39.65
CA TYR A 328 -72.86 67.79 -40.68
C TYR A 328 -72.97 67.08 -42.01
N ASN A 329 -73.93 67.55 -42.81
CA ASN A 329 -73.96 67.26 -44.24
C ASN A 329 -72.83 68.07 -44.88
N ALA A 330 -71.60 67.52 -44.80
CA ALA A 330 -70.37 68.17 -45.29
C ALA A 330 -70.43 68.55 -46.76
N LYS A 331 -71.18 67.77 -47.54
CA LYS A 331 -71.48 68.16 -48.91
C LYS A 331 -72.12 69.58 -49.02
N GLU A 332 -73.20 69.82 -48.28
CA GLU A 332 -73.84 71.14 -48.25
C GLU A 332 -73.05 72.25 -47.53
N ALA A 333 -72.41 71.90 -46.40
CA ALA A 333 -71.50 72.83 -45.71
C ALA A 333 -70.39 73.34 -46.64
N GLN A 334 -69.77 72.43 -47.41
CA GLN A 334 -68.68 72.80 -48.31
C GLN A 334 -69.17 73.77 -49.37
N ASP A 335 -70.32 73.46 -49.96
CA ASP A 335 -70.98 74.30 -50.96
C ASP A 335 -71.09 75.77 -50.51
N LEU A 336 -71.47 75.97 -49.25
CA LEU A 336 -71.57 77.32 -48.66
C LEU A 336 -70.21 77.90 -48.36
N LEU A 337 -69.37 77.12 -47.66
CA LEU A 337 -68.10 77.65 -47.18
C LEU A 337 -67.05 77.89 -48.26
N GLU A 338 -67.13 77.18 -49.38
CA GLU A 338 -66.21 77.40 -50.51
C GLU A 338 -66.42 78.74 -51.21
N LYS A 339 -67.53 79.41 -50.91
CA LYS A 339 -67.82 80.73 -51.47
C LYS A 339 -67.00 81.78 -50.75
N THR A 340 -66.59 81.47 -49.51
CA THR A 340 -65.79 82.38 -48.72
C THR A 340 -64.30 82.04 -48.77
N SER A 341 -63.96 80.75 -48.69
CA SER A 341 -62.58 80.32 -48.54
C SER A 341 -62.16 79.21 -49.50
N ASP A 342 -60.93 79.29 -49.99
CA ASP A 342 -60.39 78.23 -50.87
C ASP A 342 -59.86 77.01 -50.10
N ARG A 343 -59.64 77.18 -48.79
CA ARG A 343 -59.21 76.09 -47.92
C ARG A 343 -60.25 75.81 -46.88
N LEU A 344 -60.71 74.57 -46.86
CA LEU A 344 -61.69 74.12 -45.87
C LEU A 344 -61.10 73.00 -45.05
N HIS A 345 -61.04 73.20 -43.75
CA HIS A 345 -60.55 72.17 -42.87
C HIS A 345 -61.70 71.59 -42.04
N PHE A 346 -62.06 70.34 -42.33
CA PHE A 346 -62.98 69.59 -41.49
C PHE A 346 -62.23 68.80 -40.47
N ASP A 347 -62.42 69.12 -39.20
CA ASP A 347 -61.73 68.41 -38.15
C ASP A 347 -62.52 67.17 -37.76
N GLU A 348 -62.15 66.03 -38.35
CA GLU A 348 -62.87 64.78 -38.15
C GLU A 348 -62.23 63.85 -37.09
N ALA A 349 -61.54 64.45 -36.11
CA ALA A 349 -60.77 63.69 -35.14
C ALA A 349 -61.54 62.52 -34.54
N TRP A 350 -62.82 62.75 -34.22
CA TRP A 350 -63.67 61.73 -33.56
C TRP A 350 -64.49 60.87 -34.56
N TYR A 351 -64.08 60.87 -35.83
CA TYR A 351 -65.00 60.55 -36.90
C TYR A 351 -64.31 59.88 -38.09
N GLY A 352 -63.18 59.20 -37.85
CA GLY A 352 -62.37 58.65 -38.93
C GLY A 352 -62.99 57.51 -39.71
N TYR A 353 -64.00 56.86 -39.12
CA TYR A 353 -64.65 55.67 -39.69
C TYR A 353 -65.75 56.02 -40.70
N ALA A 354 -66.27 57.24 -40.69
CA ALA A 354 -67.48 57.59 -41.44
C ALA A 354 -67.59 57.15 -42.92
N ARG A 355 -66.49 57.22 -43.65
CA ARG A 355 -66.49 56.88 -45.07
C ARG A 355 -66.88 55.42 -45.34
N PHE A 356 -66.68 54.55 -44.35
CA PHE A 356 -66.83 53.11 -44.53
C PHE A 356 -68.20 52.56 -44.14
N ASN A 357 -69.13 53.43 -43.79
CA ASN A 357 -70.54 53.04 -43.68
C ASN A 357 -71.49 53.95 -44.45
N PRO A 358 -72.36 53.35 -45.27
CA PRO A 358 -73.38 54.12 -46.02
C PRO A 358 -74.25 55.03 -45.14
N ILE A 359 -74.56 54.62 -43.91
CA ILE A 359 -75.42 55.43 -43.04
C ILE A 359 -74.96 56.91 -42.86
N TYR A 360 -73.67 57.19 -43.15
CA TYR A 360 -73.06 58.51 -42.96
C TYR A 360 -72.89 59.26 -44.27
N ALA A 361 -73.30 58.62 -45.37
CA ALA A 361 -73.19 59.18 -46.70
C ALA A 361 -73.42 60.69 -46.76
N ASP A 362 -72.50 61.40 -47.41
CA ASP A 362 -72.52 62.87 -47.55
C ASP A 362 -72.20 63.66 -46.29
N HIS A 363 -72.03 62.99 -45.16
CA HIS A 363 -71.77 63.69 -43.90
C HIS A 363 -70.33 63.61 -43.40
N TYR A 364 -69.38 63.68 -44.33
CA TYR A 364 -67.93 63.62 -44.01
C TYR A 364 -67.24 64.15 -45.26
N ALA A 365 -66.02 64.66 -45.11
CA ALA A 365 -65.33 65.40 -46.17
C ALA A 365 -64.93 64.59 -47.42
N MET A 366 -64.42 63.38 -47.20
CA MET A 366 -63.77 62.63 -48.30
C MET A 366 -64.78 61.70 -48.96
N ARG A 367 -65.69 62.30 -49.73
CA ARG A 367 -66.84 61.59 -50.33
C ARG A 367 -66.51 61.00 -51.70
N GLY A 368 -66.91 59.75 -51.92
CA GLY A 368 -66.63 59.06 -53.17
C GLY A 368 -65.15 59.05 -53.51
N GLU A 369 -64.86 59.06 -54.81
CA GLU A 369 -63.48 59.02 -55.28
C GLU A 369 -62.89 60.42 -55.49
N PRO A 370 -61.62 60.62 -55.05
CA PRO A 370 -60.91 61.87 -55.31
C PRO A 370 -60.50 61.98 -56.77
N GLY A 371 -60.10 63.17 -57.22
CA GLY A 371 -59.69 63.35 -58.60
C GLY A 371 -60.06 64.71 -59.16
N ASP A 372 -61.26 65.18 -58.85
CA ASP A 372 -61.73 66.48 -59.30
C ASP A 372 -61.07 67.57 -58.48
N HIS A 373 -60.29 68.43 -59.15
CA HIS A 373 -59.61 69.55 -58.49
C HIS A 373 -60.29 70.90 -58.74
N ASN A 374 -61.47 70.84 -59.34
CA ASN A 374 -62.28 72.02 -59.56
C ASN A 374 -63.21 72.16 -58.37
N GLY A 375 -62.68 72.83 -57.34
CA GLY A 375 -63.32 72.96 -56.04
C GLY A 375 -62.35 73.57 -55.04
N PRO A 376 -62.77 73.67 -53.76
CA PRO A 376 -61.80 74.12 -52.75
C PRO A 376 -60.76 73.04 -52.40
N THR A 377 -59.67 73.46 -51.76
CA THR A 377 -58.77 72.50 -51.13
C THR A 377 -59.38 72.13 -49.78
N VAL A 378 -59.48 70.84 -49.51
CA VAL A 378 -60.12 70.36 -48.28
C VAL A 378 -59.17 69.45 -47.51
N PHE A 379 -59.11 69.68 -46.19
CA PHE A 379 -58.35 68.86 -45.26
C PHE A 379 -59.32 68.15 -44.34
N ALA A 380 -59.07 66.89 -44.04
CA ALA A 380 -59.78 66.22 -42.98
C ALA A 380 -58.76 65.64 -42.00
N THR A 381 -58.97 65.85 -40.71
CA THR A 381 -58.04 65.30 -39.73
C THR A 381 -58.65 64.12 -38.98
N HIS A 382 -57.90 63.03 -38.83
CA HIS A 382 -58.36 61.92 -38.00
C HIS A 382 -57.39 61.61 -36.90
N SER A 383 -57.89 61.55 -35.67
CA SER A 383 -57.18 60.98 -34.55
C SER A 383 -57.43 59.50 -34.61
N THR A 384 -56.54 58.78 -35.29
CA THR A 384 -56.81 57.40 -35.60
C THR A 384 -56.92 56.53 -34.34
N HIS A 385 -56.40 57.03 -33.22
CA HIS A 385 -56.54 56.35 -31.94
C HIS A 385 -57.92 56.56 -31.33
N LYS A 386 -58.65 57.57 -31.80
CA LYS A 386 -59.96 57.87 -31.18
C LYS A 386 -61.03 56.81 -31.52
N LEU A 387 -61.55 56.79 -32.75
CA LEU A 387 -62.53 55.77 -33.14
C LEU A 387 -62.14 54.88 -34.33
N LEU A 388 -60.91 55.02 -34.82
CA LEU A 388 -60.31 53.92 -35.55
C LEU A 388 -59.54 53.03 -34.56
N ASN A 389 -58.69 52.14 -35.07
CA ASN A 389 -57.89 51.27 -34.18
C ASN A 389 -56.43 51.65 -34.35
N ALA A 390 -55.86 52.29 -33.32
CA ALA A 390 -54.51 52.85 -33.41
C ALA A 390 -54.05 53.32 -32.03
N LEU A 391 -52.73 53.30 -31.81
CA LEU A 391 -52.15 53.79 -30.55
C LEU A 391 -52.32 55.29 -30.45
N SER A 392 -52.55 55.80 -29.24
CA SER A 392 -52.57 57.25 -28.99
C SER A 392 -51.42 57.97 -29.70
N GLN A 393 -51.70 59.18 -30.17
CA GLN A 393 -50.76 60.04 -30.93
C GLN A 393 -50.77 59.78 -32.44
N ALA A 394 -51.37 58.66 -32.87
CA ALA A 394 -51.45 58.37 -34.30
C ALA A 394 -52.56 59.22 -34.92
N SER A 395 -52.27 59.83 -36.08
CA SER A 395 -53.17 60.78 -36.75
C SER A 395 -52.91 60.83 -38.25
N TYR A 396 -53.89 61.31 -39.01
CA TYR A 396 -53.73 61.53 -40.45
C TYR A 396 -54.22 62.90 -40.86
N ILE A 397 -53.49 63.53 -41.77
CA ILE A 397 -54.02 64.68 -42.50
C ILE A 397 -54.36 64.16 -43.89
N HIS A 398 -55.65 64.16 -44.23
CA HIS A 398 -56.12 63.74 -45.55
C HIS A 398 -56.46 64.97 -46.34
N VAL A 399 -56.00 65.01 -47.60
CA VAL A 399 -56.15 66.21 -48.41
C VAL A 399 -56.75 65.95 -49.77
N ARG A 400 -57.73 66.78 -50.13
CA ARG A 400 -58.19 66.89 -51.52
C ARG A 400 -57.75 68.20 -52.09
N GLU A 401 -56.95 68.14 -53.14
CA GLU A 401 -56.36 69.34 -53.76
C GLU A 401 -57.34 70.08 -54.66
N GLY A 402 -57.54 71.36 -54.40
CA GLY A 402 -58.33 72.21 -55.31
C GLY A 402 -57.71 73.58 -55.41
N ARG A 403 -58.53 74.61 -55.39
CA ARG A 403 -58.04 75.97 -55.49
C ARG A 403 -57.25 76.29 -54.22
N GLY A 404 -56.12 76.98 -54.38
CA GLY A 404 -55.32 77.37 -53.24
C GLY A 404 -54.57 76.20 -52.60
N ALA A 405 -54.39 75.13 -53.36
CA ALA A 405 -53.62 73.96 -52.92
C ALA A 405 -52.17 74.33 -52.58
N ILE A 406 -51.65 73.64 -51.59
CA ILE A 406 -50.29 73.81 -51.11
C ILE A 406 -49.48 72.58 -51.53
N ASN A 407 -48.54 72.74 -52.46
CA ASN A 407 -47.75 71.60 -52.96
C ASN A 407 -46.88 70.94 -51.87
N PHE A 408 -46.23 69.83 -52.23
CA PHE A 408 -45.48 69.05 -51.27
C PHE A 408 -44.32 69.82 -50.60
N SER A 409 -43.52 70.52 -51.40
CA SER A 409 -42.36 71.29 -50.91
C SER A 409 -42.75 72.36 -49.92
N ARG A 410 -43.94 72.92 -50.13
CA ARG A 410 -44.48 73.94 -49.23
C ARG A 410 -45.07 73.29 -47.98
N PHE A 411 -45.94 72.30 -48.18
CA PHE A 411 -46.62 71.72 -47.04
C PHE A 411 -45.68 71.05 -46.04
N ASN A 412 -44.63 70.39 -46.56
CA ASN A 412 -43.71 69.63 -45.73
C ASN A 412 -42.83 70.44 -44.77
N GLN A 413 -42.61 71.71 -45.08
CA GLN A 413 -42.00 72.63 -44.14
C GLN A 413 -42.89 72.84 -42.92
N ALA A 414 -44.21 72.95 -43.14
CA ALA A 414 -45.17 72.98 -42.04
C ALA A 414 -45.23 71.65 -41.27
N TYR A 415 -45.18 70.53 -41.99
CA TYR A 415 -45.10 69.19 -41.39
C TYR A 415 -43.94 69.11 -40.38
N MET A 416 -42.74 69.45 -40.82
CA MET A 416 -41.54 69.31 -39.99
C MET A 416 -41.52 70.25 -38.81
N MET A 417 -41.98 71.47 -39.02
CA MET A 417 -42.14 72.43 -37.96
C MET A 417 -42.85 71.84 -36.74
N HIS A 418 -43.78 70.91 -36.97
CA HIS A 418 -44.54 70.36 -35.84
C HIS A 418 -44.24 68.90 -35.55
N ALA A 419 -43.23 68.36 -36.23
CA ALA A 419 -42.82 66.96 -36.09
C ALA A 419 -41.79 66.73 -34.97
N THR A 420 -41.39 65.50 -34.79
CA THR A 420 -40.17 65.20 -34.05
C THR A 420 -39.25 64.51 -35.02
N THR A 421 -37.96 64.79 -34.88
CA THR A 421 -36.93 64.12 -35.68
C THR A 421 -36.71 62.68 -35.30
N SER A 422 -37.28 62.25 -34.16
CA SER A 422 -37.17 60.85 -33.68
C SER A 422 -38.53 60.17 -33.42
N PRO A 423 -39.33 59.93 -34.48
CA PRO A 423 -40.64 59.30 -34.28
C PRO A 423 -40.57 57.83 -33.83
N LEU A 424 -41.48 57.44 -32.92
CA LEU A 424 -41.62 56.05 -32.49
C LEU A 424 -42.33 55.29 -33.62
N TYR A 425 -41.63 54.35 -34.24
CA TYR A 425 -42.17 53.61 -35.37
C TYR A 425 -43.36 52.68 -35.03
N ALA A 426 -43.43 52.27 -33.77
CA ALA A 426 -44.61 51.62 -33.20
C ALA A 426 -45.92 52.36 -33.51
N ILE A 427 -45.90 53.70 -33.35
CA ILE A 427 -47.07 54.50 -33.58
C ILE A 427 -47.40 54.43 -35.06
N CYS A 428 -46.41 54.73 -35.90
CA CYS A 428 -46.56 54.62 -37.36
C CYS A 428 -47.10 53.28 -37.79
N ALA A 429 -46.58 52.20 -37.19
CA ALA A 429 -47.00 50.86 -37.56
C ALA A 429 -48.49 50.70 -37.29
N SER A 430 -48.99 51.21 -36.15
CA SER A 430 -50.41 51.08 -35.83
C SER A 430 -51.33 51.92 -36.75
N ASN A 431 -50.79 53.03 -37.26
CA ASN A 431 -51.46 53.89 -38.20
C ASN A 431 -51.63 53.21 -39.54
N ASP A 432 -50.62 52.44 -39.95
CA ASP A 432 -50.65 51.60 -41.14
C ASP A 432 -51.68 50.46 -40.99
N VAL A 433 -51.78 49.90 -39.79
CA VAL A 433 -52.75 48.84 -39.49
C VAL A 433 -54.22 49.37 -39.38
N ALA A 434 -54.38 50.59 -38.90
CA ALA A 434 -55.69 51.20 -38.86
C ALA A 434 -56.26 51.29 -40.26
N VAL A 435 -55.41 51.68 -41.21
CA VAL A 435 -55.80 51.70 -42.63
C VAL A 435 -56.23 50.30 -43.15
N SER A 436 -55.37 49.32 -42.94
CA SER A 436 -55.64 47.95 -43.35
C SER A 436 -57.04 47.49 -42.89
N MET A 437 -57.35 47.76 -41.63
CA MET A 437 -58.59 47.29 -41.05
C MET A 437 -59.83 47.85 -41.75
N MET A 438 -59.72 49.06 -42.29
CA MET A 438 -60.84 49.73 -42.96
C MET A 438 -60.94 49.44 -44.45
N ASP A 439 -59.96 48.74 -44.99
CA ASP A 439 -59.82 48.47 -46.43
C ASP A 439 -60.72 47.29 -46.86
N GLY A 440 -61.58 47.55 -47.85
CA GLY A 440 -62.48 46.54 -48.40
C GLY A 440 -63.64 46.17 -47.48
N ASN A 441 -64.10 44.94 -47.61
CA ASN A 441 -65.23 44.42 -46.87
C ASN A 441 -65.21 44.71 -45.39
N SER A 442 -64.01 44.66 -44.79
CA SER A 442 -63.87 44.78 -43.32
C SER A 442 -64.28 46.15 -42.78
N GLY A 443 -64.03 47.22 -43.55
CA GLY A 443 -64.48 48.56 -43.18
C GLY A 443 -65.99 48.63 -42.92
N LEU A 444 -66.76 48.11 -43.85
CA LEU A 444 -68.22 48.01 -43.75
C LEU A 444 -68.57 47.16 -42.53
N SER A 445 -67.92 46.01 -42.39
CA SER A 445 -68.30 45.05 -41.38
C SER A 445 -68.03 45.55 -39.96
N LEU A 446 -66.89 46.22 -39.79
CA LEU A 446 -66.49 46.70 -38.48
C LEU A 446 -67.39 47.85 -38.01
N THR A 447 -67.62 48.82 -38.89
CA THR A 447 -68.43 50.00 -38.59
C THR A 447 -69.89 49.60 -38.41
N GLN A 448 -70.35 48.60 -39.17
CA GLN A 448 -71.73 48.11 -39.05
C GLN A 448 -71.96 47.47 -37.69
N GLU A 449 -70.96 46.76 -37.19
CA GLU A 449 -71.07 46.11 -35.89
C GLU A 449 -71.22 47.14 -34.75
N VAL A 450 -70.46 48.23 -34.81
CA VAL A 450 -70.57 49.27 -33.78
C VAL A 450 -72.01 49.83 -33.77
N ILE A 451 -72.51 50.17 -34.97
CA ILE A 451 -73.86 50.67 -35.14
C ILE A 451 -74.90 49.68 -34.61
N ASP A 452 -74.74 48.40 -34.95
CA ASP A 452 -75.64 47.36 -34.46
C ASP A 452 -75.69 47.25 -32.93
N GLU A 453 -74.53 47.36 -32.29
CA GLU A 453 -74.43 47.30 -30.83
C GLU A 453 -75.07 48.51 -30.20
N ALA A 454 -74.73 49.68 -30.73
CA ALA A 454 -75.28 50.92 -30.19
C ALA A 454 -76.81 50.96 -30.37
N VAL A 455 -77.31 50.53 -31.52
CA VAL A 455 -78.75 50.41 -31.74
C VAL A 455 -79.42 49.39 -30.81
N ASP A 456 -78.75 48.28 -30.52
CA ASP A 456 -79.33 47.33 -29.58
C ASP A 456 -79.45 47.91 -28.19
N PHE A 457 -78.46 48.71 -27.80
CA PHE A 457 -78.45 49.35 -26.49
C PHE A 457 -79.55 50.43 -26.48
N ARG A 458 -79.65 51.18 -27.58
CA ARG A 458 -80.71 52.21 -27.70
C ARG A 458 -82.14 51.63 -27.64
N GLN A 459 -82.41 50.63 -28.46
CA GLN A 459 -83.70 49.96 -28.45
C GLN A 459 -84.06 49.35 -27.13
N ALA A 460 -83.09 48.71 -26.46
CA ALA A 460 -83.35 48.14 -25.15
C ALA A 460 -83.78 49.25 -24.17
N MET A 461 -83.11 50.39 -24.23
CA MET A 461 -83.39 51.49 -23.34
C MET A 461 -84.76 52.11 -23.64
N ALA A 462 -85.08 52.29 -24.93
CA ALA A 462 -86.39 52.79 -25.36
C ALA A 462 -87.53 51.88 -24.90
N ARG A 463 -87.31 50.57 -24.96
CA ARG A 463 -88.30 49.60 -24.51
C ARG A 463 -88.51 49.70 -23.01
N LEU A 464 -87.41 49.73 -22.26
CA LEU A 464 -87.47 49.83 -20.83
C LEU A 464 -88.16 51.13 -20.41
N TYR A 465 -87.82 52.22 -21.07
CA TYR A 465 -88.43 53.49 -20.77
C TYR A 465 -89.97 53.43 -20.95
N LYS A 466 -90.40 52.92 -22.10
CA LYS A 466 -91.79 52.74 -22.42
C LYS A 466 -92.49 51.86 -21.40
N GLU A 467 -91.84 50.78 -20.99
CA GLU A 467 -92.40 49.85 -20.03
C GLU A 467 -92.57 50.48 -18.64
N PHE A 468 -91.55 51.19 -18.19
CA PHE A 468 -91.57 51.88 -16.89
C PHE A 468 -92.55 53.04 -16.88
N THR A 469 -92.60 53.79 -17.98
CA THR A 469 -93.55 54.90 -18.15
C THR A 469 -94.99 54.46 -17.99
N ALA A 470 -95.32 53.35 -18.69
CA ALA A 470 -96.65 52.74 -18.66
C ALA A 470 -97.03 52.29 -17.26
N ASP A 471 -96.06 52.29 -16.35
CA ASP A 471 -96.25 51.73 -15.02
C ASP A 471 -96.23 52.85 -14.02
N GLY A 472 -96.20 54.08 -14.54
CA GLY A 472 -96.28 55.30 -13.73
C GLY A 472 -94.99 55.54 -12.95
N SER A 473 -93.88 55.03 -13.50
CA SER A 473 -92.57 55.12 -12.88
C SER A 473 -91.62 55.74 -13.88
N TRP A 474 -90.49 56.25 -13.40
CA TRP A 474 -89.55 56.96 -14.26
C TRP A 474 -88.46 56.04 -14.82
N PHE A 475 -87.86 56.42 -15.94
CA PHE A 475 -86.64 55.76 -16.39
C PHE A 475 -85.83 56.67 -17.30
N PHE A 476 -84.60 56.23 -17.55
CA PHE A 476 -83.69 56.84 -18.50
C PHE A 476 -84.19 56.50 -19.90
N LYS A 477 -83.88 57.36 -20.86
CA LYS A 477 -84.27 57.15 -22.24
C LYS A 477 -83.14 57.58 -23.17
N PRO A 478 -82.99 56.90 -24.33
CA PRO A 478 -81.96 57.28 -25.27
C PRO A 478 -82.29 58.56 -26.01
N TRP A 479 -81.25 59.34 -26.30
CA TRP A 479 -81.38 60.54 -27.10
C TRP A 479 -81.29 60.20 -28.60
N ASN A 480 -82.43 59.85 -29.16
CA ASN A 480 -82.58 59.60 -30.60
C ASN A 480 -84.02 59.86 -31.07
N LYS A 481 -84.26 59.77 -32.38
CA LYS A 481 -85.62 59.89 -32.96
C LYS A 481 -86.66 59.06 -32.19
N GLU A 482 -87.88 59.56 -32.15
CA GLU A 482 -88.95 58.85 -31.42
C GLU A 482 -89.72 57.90 -32.31
N VAL A 483 -89.97 58.36 -33.54
CA VAL A 483 -90.82 57.66 -34.47
C VAL A 483 -90.05 57.57 -35.78
N VAL A 484 -90.08 56.39 -36.37
CA VAL A 484 -89.25 56.09 -37.52
C VAL A 484 -90.03 55.60 -38.78
N THR A 485 -89.49 55.88 -39.96
CA THR A 485 -90.15 55.47 -41.23
C THR A 485 -89.37 54.50 -42.12
N ASP A 486 -90.00 53.39 -42.48
CA ASP A 486 -89.46 52.51 -43.52
C ASP A 486 -89.73 53.12 -44.89
N PRO A 487 -88.69 53.60 -45.59
CA PRO A 487 -88.97 54.48 -46.74
C PRO A 487 -89.37 53.67 -47.97
N GLN A 488 -89.25 52.35 -47.85
CA GLN A 488 -89.55 51.43 -48.92
C GLN A 488 -91.04 51.08 -48.83
N THR A 489 -91.59 51.12 -47.62
CA THR A 489 -93.05 51.13 -47.43
C THR A 489 -93.59 52.56 -47.29
N GLY A 490 -93.51 53.08 -46.08
CA GLY A 490 -94.19 54.31 -45.69
C GLY A 490 -94.74 53.97 -44.33
N LYS A 491 -94.60 52.69 -43.97
CA LYS A 491 -94.90 52.15 -42.65
C LYS A 491 -94.11 52.84 -41.53
N THR A 492 -94.72 52.91 -40.36
CA THR A 492 -94.23 53.78 -39.27
C THR A 492 -94.08 53.01 -37.95
N TYR A 493 -93.02 53.34 -37.20
CA TYR A 493 -92.69 52.61 -35.97
C TYR A 493 -92.21 53.54 -34.85
N ASP A 494 -92.48 53.17 -33.59
CA ASP A 494 -91.72 53.71 -32.45
C ASP A 494 -90.30 53.24 -32.63
N PHE A 495 -89.33 54.07 -32.22
CA PHE A 495 -87.94 53.64 -32.19
C PHE A 495 -87.88 52.26 -31.53
N ALA A 496 -88.56 52.12 -30.40
CA ALA A 496 -88.59 50.87 -29.61
C ALA A 496 -89.07 49.66 -30.41
N ASP A 497 -90.07 49.89 -31.27
CA ASP A 497 -90.72 48.83 -32.03
C ASP A 497 -90.20 48.67 -33.45
N ALA A 498 -89.30 49.57 -33.85
CA ALA A 498 -88.82 49.59 -35.23
C ALA A 498 -87.94 48.37 -35.52
N PRO A 499 -88.08 47.79 -36.75
CA PRO A 499 -87.16 46.71 -37.13
C PRO A 499 -85.73 47.24 -37.15
N THR A 500 -84.83 46.50 -36.49
CA THR A 500 -83.44 46.95 -36.25
C THR A 500 -82.67 47.12 -37.54
N LYS A 501 -82.91 46.25 -38.51
CA LYS A 501 -82.32 46.46 -39.84
C LYS A 501 -82.66 47.85 -40.43
N LEU A 502 -83.83 48.40 -40.09
CA LEU A 502 -84.20 49.74 -40.59
C LEU A 502 -83.36 50.79 -39.88
N LEU A 503 -83.34 50.71 -38.55
CA LEU A 503 -82.60 51.62 -37.70
C LEU A 503 -81.09 51.60 -37.98
N THR A 504 -80.56 50.41 -38.30
CA THR A 504 -79.10 50.22 -38.48
C THR A 504 -78.59 50.47 -39.88
N THR A 505 -79.49 50.62 -40.85
CA THR A 505 -79.08 50.83 -42.24
C THR A 505 -79.58 52.09 -42.92
N VAL A 506 -80.69 52.63 -42.42
CA VAL A 506 -81.37 53.75 -43.10
C VAL A 506 -81.07 55.10 -42.45
N GLN A 507 -80.42 55.96 -43.22
CA GLN A 507 -79.96 57.25 -42.73
C GLN A 507 -81.06 58.18 -42.26
N ASP A 508 -82.22 58.19 -42.95
CA ASP A 508 -83.33 59.10 -42.56
C ASP A 508 -83.69 58.92 -41.10
N CYS A 509 -83.41 57.74 -40.54
CA CYS A 509 -83.70 57.53 -39.12
C CYS A 509 -82.82 58.33 -38.15
N TRP A 510 -81.73 58.90 -38.64
CA TRP A 510 -80.84 59.63 -37.76
C TRP A 510 -80.84 61.11 -38.10
N VAL A 511 -81.52 61.46 -39.19
CA VAL A 511 -81.58 62.84 -39.66
C VAL A 511 -82.39 63.71 -38.70
N MET A 512 -81.88 64.91 -38.44
CA MET A 512 -82.56 65.89 -37.59
C MET A 512 -83.45 66.77 -38.46
N HIS A 513 -84.74 66.43 -38.46
CA HIS A 513 -85.73 67.05 -39.38
C HIS A 513 -86.30 68.28 -38.66
N PRO A 514 -86.59 69.37 -39.41
CA PRO A 514 -87.25 70.55 -38.89
C PRO A 514 -88.47 70.20 -38.05
N GLY A 515 -88.61 70.86 -36.91
CA GLY A 515 -89.71 70.64 -36.00
C GLY A 515 -89.58 69.49 -35.02
N GLU A 516 -88.78 68.47 -35.37
CA GLU A 516 -88.69 67.26 -34.51
C GLU A 516 -88.17 67.68 -33.15
N SER A 517 -88.87 67.31 -32.10
CA SER A 517 -88.53 67.86 -30.81
C SER A 517 -87.49 67.00 -30.03
N TRP A 518 -87.13 65.84 -30.56
CA TRP A 518 -86.17 64.98 -29.87
C TRP A 518 -84.79 65.65 -29.86
N HIS A 519 -84.38 66.22 -30.99
CA HIS A 519 -83.04 66.77 -31.08
C HIS A 519 -82.90 68.11 -30.38
N GLY A 520 -83.95 68.93 -30.43
CA GLY A 520 -83.99 70.17 -29.67
C GLY A 520 -83.36 71.37 -30.32
N PHE A 521 -82.94 71.24 -31.58
CA PHE A 521 -82.30 72.34 -32.28
C PHE A 521 -83.34 73.08 -33.10
N LYS A 522 -83.80 74.16 -32.50
CA LYS A 522 -84.93 74.95 -32.95
C LYS A 522 -84.63 75.61 -34.29
N ASP A 523 -85.45 75.31 -35.30
CA ASP A 523 -85.37 76.00 -36.60
C ASP A 523 -84.14 75.59 -37.43
N ILE A 524 -83.58 74.43 -37.10
CA ILE A 524 -82.62 73.75 -37.94
C ILE A 524 -83.28 73.40 -39.29
N PRO A 525 -82.60 73.68 -40.41
CA PRO A 525 -83.12 73.34 -41.73
C PRO A 525 -83.04 71.84 -42.01
N ASP A 526 -83.81 71.37 -42.99
CA ASP A 526 -83.76 69.96 -43.34
C ASP A 526 -82.42 69.59 -43.99
N ASN A 527 -82.10 68.30 -43.93
CA ASN A 527 -80.97 67.71 -44.68
C ASN A 527 -79.62 68.38 -44.37
N TRP A 528 -79.49 68.80 -43.11
CA TRP A 528 -78.33 69.58 -42.65
C TRP A 528 -77.43 68.82 -41.66
N SER A 529 -78.03 68.13 -40.69
CA SER A 529 -77.25 67.33 -39.78
C SER A 529 -77.99 66.05 -39.38
N MET A 530 -77.24 65.06 -38.91
CA MET A 530 -77.82 63.85 -38.31
C MET A 530 -77.09 63.52 -37.02
N LEU A 531 -77.62 62.55 -36.29
CA LEU A 531 -76.96 61.99 -35.13
C LEU A 531 -76.24 60.68 -35.49
N ASP A 532 -74.98 60.57 -35.07
CA ASP A 532 -74.21 59.33 -35.14
C ASP A 532 -74.79 58.23 -34.24
N PRO A 533 -75.26 57.13 -34.84
CA PRO A 533 -75.81 56.05 -33.98
C PRO A 533 -74.91 55.60 -32.82
N ILE A 534 -73.58 55.71 -33.01
CA ILE A 534 -72.60 55.10 -32.07
C ILE A 534 -72.21 55.96 -30.87
N LYS A 535 -72.63 57.23 -30.88
CA LYS A 535 -72.43 58.11 -29.72
C LYS A 535 -73.72 58.13 -28.93
N VAL A 536 -73.84 57.22 -27.98
CA VAL A 536 -75.11 57.05 -27.29
C VAL A 536 -75.28 57.90 -26.04
N SER A 537 -76.08 58.96 -26.13
CA SER A 537 -76.48 59.73 -24.95
C SER A 537 -77.75 59.17 -24.38
N ILE A 538 -77.72 58.96 -23.07
CA ILE A 538 -78.85 58.60 -22.27
C ILE A 538 -79.33 59.87 -21.55
N LEU A 539 -80.64 59.98 -21.34
CA LEU A 539 -81.21 61.15 -20.71
C LEU A 539 -81.94 60.80 -19.43
N ALA A 540 -81.46 61.35 -18.32
CA ALA A 540 -82.13 61.23 -17.04
C ALA A 540 -83.31 62.21 -17.01
N PRO A 541 -84.40 61.86 -16.29
CA PRO A 541 -85.57 62.77 -16.27
C PRO A 541 -85.35 64.09 -15.51
N GLY A 542 -86.04 65.15 -15.93
CA GLY A 542 -85.96 66.44 -15.25
C GLY A 542 -86.05 67.68 -16.12
N MET A 543 -85.71 67.53 -17.39
CA MET A 543 -85.78 68.64 -18.35
C MET A 543 -86.97 68.47 -19.30
N GLY A 544 -87.93 69.40 -19.22
CA GLY A 544 -89.10 69.36 -20.07
C GLY A 544 -88.84 69.73 -21.53
N GLU A 545 -89.65 69.17 -22.42
CA GLU A 545 -89.54 69.43 -23.86
C GLU A 545 -89.69 70.91 -24.23
N ASP A 546 -90.37 71.67 -23.38
CA ASP A 546 -90.51 73.11 -23.55
C ASP A 546 -89.23 73.86 -23.14
N GLY A 547 -88.23 73.10 -22.66
CA GLY A 547 -86.94 73.67 -22.27
C GLY A 547 -86.90 74.24 -20.86
N GLU A 548 -87.83 73.80 -20.01
CA GLU A 548 -87.87 74.21 -18.60
C GLU A 548 -87.85 72.99 -17.70
N LEU A 549 -87.13 73.10 -16.59
CA LEU A 549 -87.04 72.02 -15.62
C LEU A 549 -88.44 71.60 -15.14
N GLU A 550 -88.63 70.31 -14.95
CA GLU A 550 -89.89 69.80 -14.46
C GLU A 550 -89.97 69.92 -12.93
N GLU A 551 -90.88 69.20 -12.29
CA GLU A 551 -91.09 69.35 -10.85
C GLU A 551 -90.22 68.40 -10.05
N THR A 552 -89.83 67.29 -10.67
CA THR A 552 -88.81 66.40 -10.15
C THR A 552 -87.80 66.09 -11.25
N GLY A 553 -86.78 65.32 -10.89
CA GLY A 553 -85.74 64.97 -11.82
C GLY A 553 -84.64 64.22 -11.13
N VAL A 554 -83.90 63.46 -11.92
CA VAL A 554 -82.77 62.69 -11.45
C VAL A 554 -81.51 63.33 -12.07
N PRO A 555 -80.67 63.97 -11.25
CA PRO A 555 -79.52 64.65 -11.85
C PRO A 555 -78.48 63.65 -12.31
N ALA A 556 -77.95 63.85 -13.51
CA ALA A 556 -77.05 62.85 -14.11
C ALA A 556 -75.76 62.67 -13.31
N ALA A 557 -75.32 63.75 -12.67
CA ALA A 557 -74.12 63.76 -11.86
C ALA A 557 -74.20 62.69 -10.82
N LEU A 558 -75.38 62.50 -10.25
CA LEU A 558 -75.58 61.40 -9.32
C LEU A 558 -75.38 60.03 -9.98
N VAL A 559 -75.89 59.89 -11.21
CA VAL A 559 -75.82 58.64 -11.95
C VAL A 559 -74.37 58.30 -12.34
N THR A 560 -73.66 59.31 -12.87
CA THR A 560 -72.25 59.16 -13.25
C THR A 560 -71.41 58.60 -12.09
N ALA A 561 -71.72 59.04 -10.88
CA ALA A 561 -70.99 58.65 -9.71
C ALA A 561 -71.25 57.18 -9.40
N TRP A 562 -72.49 56.74 -9.55
CA TRP A 562 -72.87 55.36 -9.26
C TRP A 562 -72.22 54.42 -10.30
N LEU A 563 -72.12 54.91 -11.52
CA LEU A 563 -71.43 54.20 -12.59
C LEU A 563 -69.93 54.04 -12.30
N GLY A 564 -69.33 55.06 -11.67
CA GLY A 564 -67.92 55.00 -11.22
C GLY A 564 -67.67 53.85 -10.27
N ARG A 565 -68.51 53.71 -9.27
CA ARG A 565 -68.39 52.62 -8.31
C ARG A 565 -68.51 51.22 -8.93
N HIS A 566 -68.83 51.17 -10.23
CA HIS A 566 -68.87 49.88 -10.93
C HIS A 566 -67.84 49.81 -12.03
N GLY A 567 -67.01 50.85 -12.07
CA GLY A 567 -66.01 51.02 -13.09
C GLY A 567 -66.72 51.10 -14.42
N ILE A 568 -67.54 52.13 -14.59
CA ILE A 568 -68.03 52.53 -15.91
C ILE A 568 -67.80 54.02 -15.99
N VAL A 569 -67.04 54.48 -16.97
CA VAL A 569 -66.80 55.92 -17.09
C VAL A 569 -67.32 56.43 -18.43
N PRO A 570 -68.48 57.12 -18.41
CA PRO A 570 -69.02 57.86 -19.54
C PRO A 570 -68.06 58.96 -19.97
N THR A 571 -67.94 59.22 -21.27
CA THR A 571 -67.00 60.25 -21.71
C THR A 571 -67.54 61.63 -21.44
N ARG A 572 -68.86 61.75 -21.33
CA ARG A 572 -69.50 63.04 -21.12
C ARG A 572 -70.69 62.92 -20.18
N THR A 573 -70.82 63.93 -19.32
CA THR A 573 -71.87 64.00 -18.33
C THR A 573 -72.27 65.45 -18.17
N THR A 574 -73.54 65.73 -18.49
CA THR A 574 -74.11 67.05 -18.22
C THR A 574 -75.17 67.00 -17.12
N ASP A 575 -76.13 67.92 -17.18
CA ASP A 575 -77.13 68.01 -16.13
C ASP A 575 -78.03 66.77 -16.12
N PHE A 576 -78.47 66.35 -17.31
CA PHE A 576 -79.38 65.21 -17.44
C PHE A 576 -78.94 64.18 -18.49
N GLN A 577 -77.84 64.47 -19.18
CA GLN A 577 -77.35 63.65 -20.30
C GLN A 577 -76.10 62.91 -19.89
N ILE A 578 -76.02 61.64 -20.29
CA ILE A 578 -74.83 60.86 -20.07
C ILE A 578 -74.49 60.22 -21.39
N MET A 579 -73.29 60.48 -21.89
CA MET A 579 -72.87 59.88 -23.13
C MET A 579 -71.94 58.67 -22.98
N PHE A 580 -72.28 57.58 -23.66
CA PHE A 580 -71.46 56.37 -23.72
C PHE A 580 -70.89 56.19 -25.12
N LEU A 581 -69.58 56.03 -25.19
CA LEU A 581 -68.89 55.88 -26.48
C LEU A 581 -68.88 54.42 -26.93
N PHE A 582 -69.30 54.18 -28.16
CA PHE A 582 -69.24 52.82 -28.70
C PHE A 582 -68.17 52.85 -29.76
N SER A 583 -67.40 51.76 -29.85
CA SER A 583 -66.34 51.68 -30.85
C SER A 583 -66.11 50.27 -31.36
N MET A 584 -65.22 50.17 -32.35
CA MET A 584 -64.75 48.90 -32.84
C MET A 584 -64.09 47.97 -31.80
N GLY A 585 -63.69 48.53 -30.65
CA GLY A 585 -63.07 47.76 -29.61
C GLY A 585 -64.03 47.08 -28.63
N VAL A 586 -65.31 47.40 -28.72
CA VAL A 586 -66.28 46.89 -27.74
C VAL A 586 -66.69 45.50 -28.20
N THR A 587 -66.92 44.62 -27.24
CA THR A 587 -67.42 43.32 -27.61
C THR A 587 -68.93 43.33 -27.52
N ARG A 588 -69.54 42.38 -28.20
CA ARG A 588 -70.99 42.30 -28.37
C ARG A 588 -71.73 41.93 -27.09
N GLY A 589 -72.83 42.64 -26.83
CA GLY A 589 -73.65 42.42 -25.64
C GLY A 589 -73.16 43.14 -24.40
N LYS A 590 -71.97 43.74 -24.49
CA LYS A 590 -71.35 44.49 -23.40
C LYS A 590 -72.23 45.62 -22.84
N TRP A 591 -73.05 46.23 -23.71
CA TRP A 591 -73.97 47.29 -23.29
C TRP A 591 -74.93 46.80 -22.20
N GLY A 592 -75.13 45.48 -22.15
CA GLY A 592 -76.02 44.89 -21.16
C GLY A 592 -75.60 45.27 -19.76
N THR A 593 -74.30 45.47 -19.56
CA THR A 593 -73.80 45.83 -18.26
C THR A 593 -74.25 47.25 -17.88
N LEU A 594 -74.38 48.12 -18.89
CA LEU A 594 -74.86 49.49 -18.71
C LEU A 594 -76.29 49.48 -18.22
N VAL A 595 -77.11 48.62 -18.82
CA VAL A 595 -78.51 48.48 -18.45
C VAL A 595 -78.61 47.96 -17.01
N ASN A 596 -77.82 46.94 -16.69
CA ASN A 596 -77.82 46.37 -15.33
C ASN A 596 -77.48 47.43 -14.27
N THR A 597 -76.50 48.27 -14.56
CA THR A 597 -76.07 49.30 -13.60
C THR A 597 -77.04 50.47 -13.49
N LEU A 598 -77.58 50.91 -14.63
CA LEU A 598 -78.63 51.92 -14.64
C LEU A 598 -79.91 51.43 -13.93
N CYS A 599 -80.25 50.15 -14.13
CA CYS A 599 -81.36 49.56 -13.37
C CYS A 599 -81.16 49.52 -11.88
N SER A 600 -79.96 49.16 -11.44
CA SER A 600 -79.68 49.05 -10.01
C SER A 600 -79.64 50.45 -9.39
N PHE A 601 -79.28 51.45 -10.20
CA PHE A 601 -79.38 52.83 -9.75
C PHE A 601 -80.85 53.18 -9.40
N LYS A 602 -81.73 52.93 -10.36
CA LYS A 602 -83.16 53.17 -10.23
C LYS A 602 -83.70 52.49 -8.98
N ARG A 603 -83.25 51.25 -8.75
CA ARG A 603 -83.68 50.47 -7.60
C ARG A 603 -83.30 51.14 -6.26
N HIS A 604 -82.08 51.66 -6.17
CA HIS A 604 -81.58 52.30 -4.95
C HIS A 604 -82.15 53.69 -4.76
N TYR A 605 -82.25 54.42 -5.87
CA TYR A 605 -82.90 55.73 -5.90
C TYR A 605 -84.33 55.68 -5.36
N ASP A 606 -85.17 54.80 -5.90
CA ASP A 606 -86.58 54.68 -5.48
C ASP A 606 -86.74 54.22 -4.02
N ALA A 607 -85.74 53.51 -3.52
CA ALA A 607 -85.74 53.00 -2.16
C ALA A 607 -85.02 53.98 -1.23
N ASN A 608 -84.43 55.01 -1.82
CA ASN A 608 -83.68 56.02 -1.08
C ASN A 608 -82.66 55.41 -0.10
N THR A 609 -81.79 54.56 -0.65
CA THR A 609 -80.77 53.86 0.13
C THR A 609 -79.81 54.86 0.76
N PRO A 610 -79.46 54.66 2.04
CA PRO A 610 -78.50 55.52 2.71
C PRO A 610 -77.18 55.61 1.93
N LEU A 611 -76.69 56.83 1.75
CA LEU A 611 -75.44 57.06 1.04
C LEU A 611 -74.30 56.27 1.68
N ALA A 612 -74.39 56.03 2.99
CA ALA A 612 -73.45 55.20 3.73
C ALA A 612 -73.28 53.80 3.11
N GLN A 613 -74.40 53.19 2.71
CA GLN A 613 -74.38 51.90 2.02
C GLN A 613 -73.82 51.97 0.60
N VAL A 614 -74.31 52.92 -0.21
CA VAL A 614 -74.04 52.89 -1.65
C VAL A 614 -73.03 53.89 -2.19
N MET A 615 -72.73 54.92 -1.41
CA MET A 615 -71.66 55.85 -1.80
C MET A 615 -70.71 56.08 -0.61
N PRO A 616 -70.07 55.01 -0.11
CA PRO A 616 -69.36 55.11 1.17
C PRO A 616 -68.15 56.05 1.09
N GLU A 617 -67.40 55.99 -0.01
CA GLU A 617 -66.23 56.86 -0.22
C GLU A 617 -66.61 58.34 -0.08
N LEU A 618 -67.81 58.66 -0.58
CA LEU A 618 -68.32 60.03 -0.54
C LEU A 618 -68.69 60.45 0.88
N VAL A 619 -69.33 59.55 1.63
CA VAL A 619 -69.69 59.81 3.02
C VAL A 619 -68.43 59.92 3.92
N GLU A 620 -67.44 59.06 3.65
CA GLU A 620 -66.16 59.08 4.34
C GLU A 620 -65.50 60.47 4.22
N GLN A 621 -65.49 61.00 3.01
CA GLN A 621 -64.71 62.21 2.70
C GLN A 621 -65.35 63.54 3.11
N TYR A 622 -66.68 63.62 3.10
CA TYR A 622 -67.38 64.84 3.52
C TYR A 622 -68.51 64.58 4.50
N PRO A 623 -68.21 63.96 5.66
CA PRO A 623 -69.23 63.45 6.57
C PRO A 623 -70.25 64.51 7.01
N ASP A 624 -69.81 65.76 7.06
CA ASP A 624 -70.68 66.85 7.48
C ASP A 624 -71.80 67.11 6.47
N THR A 625 -71.46 67.08 5.19
CA THR A 625 -72.42 67.37 4.12
C THR A 625 -73.38 66.22 3.82
N TYR A 626 -72.86 64.99 3.74
CA TYR A 626 -73.67 63.85 3.29
C TYR A 626 -74.13 62.90 4.41
N ALA A 627 -74.20 63.44 5.63
CA ALA A 627 -74.59 62.68 6.84
C ALA A 627 -76.10 62.46 6.89
N ASN A 628 -76.50 61.22 7.15
CA ASN A 628 -77.91 60.82 7.28
C ASN A 628 -78.79 61.07 6.05
N MET A 629 -78.18 61.01 4.87
CA MET A 629 -78.92 61.17 3.62
C MET A 629 -79.02 59.86 2.88
N GLY A 630 -80.11 59.71 2.15
CA GLY A 630 -80.24 58.66 1.16
C GLY A 630 -79.88 59.23 -0.22
N ILE A 631 -79.79 58.36 -1.21
CA ILE A 631 -79.43 58.79 -2.56
C ILE A 631 -80.52 59.66 -3.22
N HIS A 632 -81.77 59.35 -2.92
CA HIS A 632 -82.92 60.14 -3.41
C HIS A 632 -82.95 61.50 -2.73
N ASP A 633 -82.70 61.52 -1.42
CA ASP A 633 -82.54 62.79 -0.69
C ASP A 633 -81.59 63.74 -1.40
N LEU A 634 -80.43 63.21 -1.79
CA LEU A 634 -79.39 64.00 -2.41
C LEU A 634 -79.77 64.45 -3.83
N GLY A 635 -80.30 63.53 -4.64
CA GLY A 635 -80.87 63.91 -5.94
C GLY A 635 -81.87 65.06 -5.83
N ASP A 636 -82.80 64.95 -4.86
CA ASP A 636 -83.77 66.00 -4.60
C ASP A 636 -83.10 67.34 -4.29
N THR A 637 -82.08 67.31 -3.42
CA THR A 637 -81.29 68.48 -3.06
C THR A 637 -80.60 69.07 -4.29
N MET A 638 -79.98 68.20 -5.08
CA MET A 638 -79.33 68.62 -6.33
C MET A 638 -80.30 69.26 -7.31
N PHE A 639 -81.48 68.66 -7.46
CA PHE A 639 -82.53 69.17 -8.34
C PHE A 639 -83.07 70.52 -7.85
N ALA A 640 -83.34 70.60 -6.54
CA ALA A 640 -83.74 71.87 -5.93
C ALA A 640 -82.71 72.95 -6.30
N TRP A 641 -81.43 72.63 -6.15
CA TRP A 641 -80.37 73.56 -6.56
C TRP A 641 -80.55 73.99 -8.01
N LEU A 642 -80.78 73.04 -8.91
CA LEU A 642 -80.92 73.34 -10.34
C LEU A 642 -82.12 74.26 -10.60
N LYS A 643 -83.25 73.95 -9.96
CA LYS A 643 -84.46 74.80 -10.01
C LYS A 643 -84.18 76.24 -9.60
N GLU A 644 -83.57 76.38 -8.42
CA GLU A 644 -83.20 77.68 -7.87
C GLU A 644 -82.19 78.43 -8.71
N ASN A 645 -81.20 77.74 -9.25
CA ASN A 645 -80.13 78.44 -9.95
C ASN A 645 -80.18 78.48 -11.46
N ASN A 646 -80.99 77.60 -12.06
CA ASN A 646 -81.23 77.56 -13.49
C ASN A 646 -79.93 77.68 -14.31
N PRO A 647 -79.02 76.69 -14.18
CA PRO A 647 -77.73 76.74 -14.89
C PRO A 647 -77.86 76.73 -16.42
N GLY A 648 -78.90 76.06 -16.93
CA GLY A 648 -79.14 76.01 -18.37
C GLY A 648 -79.35 77.39 -18.98
N ALA A 649 -80.12 78.23 -18.28
CA ALA A 649 -80.32 79.60 -18.72
C ALA A 649 -79.00 80.38 -18.72
N ARG A 650 -78.19 80.20 -17.67
CA ARG A 650 -76.83 80.82 -17.59
C ARG A 650 -75.88 80.34 -18.69
N LEU A 651 -75.85 79.03 -18.94
CA LEU A 651 -75.10 78.49 -20.05
C LEU A 651 -75.50 79.22 -21.32
N ASN A 652 -76.79 79.17 -21.66
CA ASN A 652 -77.32 79.82 -22.87
C ASN A 652 -76.99 81.29 -23.02
N GLU A 653 -77.08 82.06 -21.94
CA GLU A 653 -76.70 83.49 -21.94
C GLU A 653 -75.20 83.68 -22.16
N ALA A 654 -74.39 82.81 -21.55
CA ALA A 654 -72.93 82.87 -21.69
C ALA A 654 -72.46 82.51 -23.10
N TYR A 655 -73.33 81.84 -23.86
CA TYR A 655 -73.00 81.39 -25.23
C TYR A 655 -73.77 82.10 -26.35
N SER A 656 -74.74 82.93 -25.96
CA SER A 656 -75.54 83.69 -26.91
C SER A 656 -74.73 84.69 -27.75
N GLY A 657 -74.14 85.70 -27.11
CA GLY A 657 -73.28 86.62 -27.84
C GLY A 657 -71.81 86.34 -27.55
N LEU A 658 -70.98 86.36 -28.57
CA LEU A 658 -69.54 86.20 -28.37
C LEU A 658 -68.92 87.32 -27.51
N PRO A 659 -68.00 86.94 -26.59
CA PRO A 659 -67.18 87.93 -25.89
C PRO A 659 -66.42 88.83 -26.87
N VAL A 660 -66.25 90.09 -26.48
CA VAL A 660 -65.50 91.02 -27.29
C VAL A 660 -64.02 90.61 -27.29
N ALA A 661 -63.46 90.58 -28.49
CA ALA A 661 -62.07 90.30 -28.72
C ALA A 661 -61.29 91.61 -28.64
N GLU A 662 -60.44 91.72 -27.64
CA GLU A 662 -59.63 92.92 -27.47
C GLU A 662 -58.32 92.77 -28.27
N VAL A 663 -57.65 91.63 -28.08
CA VAL A 663 -56.42 91.28 -28.82
C VAL A 663 -56.57 89.88 -29.43
N THR A 664 -55.75 89.57 -30.43
CA THR A 664 -55.73 88.22 -30.98
C THR A 664 -55.22 87.22 -29.95
N PRO A 665 -55.55 85.92 -30.13
CA PRO A 665 -55.04 84.93 -29.15
C PRO A 665 -53.50 84.90 -29.05
N ARG A 666 -52.80 85.14 -30.16
CA ARG A 666 -51.33 85.28 -30.13
C ARG A 666 -50.82 86.42 -29.26
N GLU A 667 -51.35 87.63 -29.52
CA GLU A 667 -51.07 88.81 -28.72
C GLU A 667 -51.32 88.55 -27.22
N ALA A 668 -52.40 87.85 -26.92
CA ALA A 668 -52.68 87.49 -25.54
C ALA A 668 -51.64 86.49 -25.05
N TYR A 669 -51.38 85.43 -25.83
CA TYR A 669 -50.35 84.46 -25.41
C TYR A 669 -49.02 85.18 -25.10
N ASN A 670 -48.64 86.11 -25.98
CA ASN A 670 -47.45 86.92 -25.79
C ASN A 670 -47.38 87.67 -24.45
N ALA A 671 -48.54 88.02 -23.90
CA ALA A 671 -48.56 88.69 -22.59
C ALA A 671 -48.04 87.75 -21.49
N ILE A 672 -48.30 86.46 -21.64
CA ILE A 672 -47.70 85.47 -20.74
C ILE A 672 -46.15 85.51 -20.80
N VAL A 673 -45.64 85.52 -22.03
CA VAL A 673 -44.20 85.52 -22.26
C VAL A 673 -43.53 86.76 -21.65
N ASP A 674 -44.25 87.90 -21.69
CA ASP A 674 -43.77 89.16 -21.11
C ASP A 674 -43.95 89.24 -19.62
N ASN A 675 -44.51 88.20 -19.01
CA ASN A 675 -44.77 88.20 -17.57
C ASN A 675 -45.76 89.32 -17.23
N ASN A 676 -46.67 89.55 -18.16
CA ASN A 676 -47.66 90.61 -18.06
C ASN A 676 -49.07 90.10 -17.73
N VAL A 677 -49.15 89.02 -16.95
CA VAL A 677 -50.41 88.37 -16.64
C VAL A 677 -50.54 88.15 -15.16
N GLU A 678 -51.76 87.89 -14.70
CA GLU A 678 -51.98 87.61 -13.29
C GLU A 678 -53.22 86.76 -13.04
N LEU A 679 -53.20 86.06 -11.90
CA LEU A 679 -54.34 85.26 -11.46
C LEU A 679 -55.40 86.16 -10.87
N VAL A 680 -56.50 86.30 -11.60
CA VAL A 680 -57.59 87.19 -11.18
C VAL A 680 -58.74 86.37 -10.61
N SER A 681 -59.22 86.77 -9.43
CA SER A 681 -60.35 86.13 -8.74
C SER A 681 -61.68 86.33 -9.50
N ILE A 682 -62.63 85.41 -9.28
CA ILE A 682 -63.92 85.45 -9.98
C ILE A 682 -64.63 86.82 -10.03
N GLU A 683 -64.76 87.50 -8.87
CA GLU A 683 -65.50 88.76 -8.84
C GLU A 683 -64.78 89.94 -9.49
N ASN A 684 -63.47 89.81 -9.67
CA ASN A 684 -62.68 90.82 -10.37
C ASN A 684 -62.50 90.54 -11.84
N LEU A 685 -63.14 89.48 -12.34
CA LEU A 685 -63.04 89.14 -13.77
C LEU A 685 -63.64 90.13 -14.79
N PRO A 686 -64.76 90.82 -14.46
CA PRO A 686 -65.32 91.78 -15.43
C PRO A 686 -64.33 92.88 -15.80
N GLY A 687 -64.16 93.10 -17.11
CA GLY A 687 -63.29 94.14 -17.63
C GLY A 687 -61.95 93.59 -18.09
N ARG A 688 -61.71 92.31 -17.76
CA ARG A 688 -60.39 91.72 -17.92
C ARG A 688 -60.21 90.84 -19.16
N ILE A 689 -59.07 91.01 -19.81
CA ILE A 689 -58.74 90.25 -21.01
C ILE A 689 -58.12 88.94 -20.57
N ALA A 690 -58.77 87.81 -20.92
CA ALA A 690 -58.28 86.46 -20.57
C ALA A 690 -57.00 86.12 -21.30
N ALA A 691 -56.04 85.52 -20.58
CA ALA A 691 -54.71 85.21 -21.11
C ALA A 691 -54.62 83.76 -21.64
N ASN A 692 -55.57 82.93 -21.21
CA ASN A 692 -55.75 81.60 -21.76
C ASN A 692 -57.23 81.36 -21.97
N SER A 693 -57.60 80.31 -22.68
CA SER A 693 -59.01 80.03 -22.96
C SER A 693 -59.74 79.44 -21.77
N VAL A 694 -61.04 79.67 -21.74
CA VAL A 694 -61.86 79.13 -20.67
C VAL A 694 -62.90 78.20 -21.28
N ILE A 695 -62.82 76.93 -20.89
CA ILE A 695 -63.68 75.88 -21.42
C ILE A 695 -64.39 75.15 -20.29
N PRO A 696 -65.64 75.59 -19.98
CA PRO A 696 -66.48 74.98 -18.94
C PRO A 696 -67.17 73.70 -19.43
N TYR A 697 -67.33 72.75 -18.53
CA TYR A 697 -67.96 71.48 -18.86
C TYR A 697 -69.21 71.29 -18.00
N PRO A 698 -70.41 71.46 -18.60
CA PRO A 698 -70.72 71.75 -20.02
C PRO A 698 -70.62 73.23 -20.41
N PRO A 699 -70.76 73.56 -21.71
CA PRO A 699 -70.94 72.66 -22.86
C PRO A 699 -69.67 72.04 -23.48
N GLY A 700 -68.52 72.25 -22.88
CA GLY A 700 -67.27 71.63 -23.34
C GLY A 700 -66.69 72.25 -24.58
N ILE A 701 -67.08 73.50 -24.86
CA ILE A 701 -66.49 74.28 -25.95
C ILE A 701 -66.09 75.64 -25.38
N PRO A 702 -65.09 76.31 -25.98
CA PRO A 702 -64.60 77.52 -25.34
C PRO A 702 -65.68 78.59 -25.12
N MET A 703 -65.91 78.94 -23.86
CA MET A 703 -66.72 80.11 -23.50
C MET A 703 -65.96 81.40 -23.84
N LEU A 704 -64.65 81.40 -23.61
CA LEU A 704 -63.75 82.46 -24.05
C LEU A 704 -62.46 81.90 -24.61
N LEU A 705 -61.95 82.52 -25.67
CA LEU A 705 -60.60 82.24 -26.14
C LEU A 705 -59.67 83.36 -25.66
N SER A 706 -58.36 83.09 -25.73
CA SER A 706 -57.31 84.04 -25.35
C SER A 706 -57.49 85.42 -26.04
N GLY A 707 -57.49 86.49 -25.24
CA GLY A 707 -57.59 87.86 -25.76
C GLY A 707 -58.98 88.44 -25.79
N GLU A 708 -59.93 87.72 -25.23
CA GLU A 708 -61.31 88.17 -25.20
C GLU A 708 -61.60 88.72 -23.81
N ASN A 709 -62.46 89.74 -23.75
CA ASN A 709 -62.85 90.38 -22.49
C ASN A 709 -63.96 89.60 -21.84
N PHE A 710 -63.88 89.42 -20.52
CA PHE A 710 -65.01 88.85 -19.78
C PHE A 710 -66.32 89.70 -19.86
N GLY A 711 -66.20 91.00 -20.16
CA GLY A 711 -67.34 91.90 -20.30
C GLY A 711 -67.58 92.79 -19.09
N ASP A 712 -68.73 93.46 -19.06
CA ASP A 712 -69.04 94.40 -17.99
C ASP A 712 -69.54 93.71 -16.73
N LYS A 713 -70.03 94.49 -15.77
CA LYS A 713 -70.52 93.96 -14.48
C LYS A 713 -71.60 92.89 -14.70
N ASN A 714 -72.48 93.11 -15.69
CA ASN A 714 -73.58 92.18 -16.00
C ASN A 714 -73.13 90.86 -16.67
N SER A 715 -71.87 90.81 -17.10
CA SER A 715 -71.28 89.69 -17.86
C SER A 715 -71.96 88.34 -17.63
N PRO A 716 -72.53 87.77 -18.71
CA PRO A 716 -73.10 86.41 -18.61
C PRO A 716 -72.03 85.29 -18.43
N GLN A 717 -70.85 85.49 -19.03
CA GLN A 717 -69.71 84.56 -18.87
C GLN A 717 -69.35 84.37 -17.40
N VAL A 718 -69.15 85.50 -16.71
CA VAL A 718 -68.83 85.52 -15.28
C VAL A 718 -69.93 84.88 -14.44
N SER A 719 -71.20 85.22 -14.73
CA SER A 719 -72.32 84.59 -14.03
C SER A 719 -72.34 83.07 -14.24
N TYR A 720 -71.98 82.63 -15.44
CA TYR A 720 -71.87 81.21 -15.67
C TYR A 720 -70.79 80.57 -14.78
N LEU A 721 -69.60 81.16 -14.74
CA LEU A 721 -68.56 80.68 -13.80
C LEU A 721 -69.07 80.64 -12.35
N ARG A 722 -69.81 81.69 -11.96
CA ARG A 722 -70.41 81.80 -10.63
C ARG A 722 -71.27 80.59 -10.27
N SER A 723 -72.08 80.11 -11.21
CA SER A 723 -72.98 79.03 -10.89
C SER A 723 -72.27 77.67 -10.95
N LEU A 724 -71.31 77.53 -11.86
CA LEU A 724 -70.38 76.38 -11.81
C LEU A 724 -69.73 76.29 -10.43
N GLN A 725 -69.18 77.42 -9.98
CA GLN A 725 -68.55 77.53 -8.66
C GLN A 725 -69.51 77.28 -7.52
N SER A 726 -70.76 77.74 -7.66
CA SER A 726 -71.78 77.54 -6.63
C SER A 726 -72.17 76.09 -6.49
N TRP A 727 -72.28 75.39 -7.62
CA TRP A 727 -72.62 73.98 -7.63
C TRP A 727 -71.59 73.25 -6.80
N ASP A 728 -70.33 73.48 -7.14
CA ASP A 728 -69.19 72.85 -6.48
C ASP A 728 -69.22 73.00 -4.96
N HIS A 729 -69.47 74.24 -4.49
CA HIS A 729 -69.56 74.55 -3.05
C HIS A 729 -70.69 73.78 -2.39
N HIS A 730 -71.82 73.70 -3.07
CA HIS A 730 -72.97 72.96 -2.56
C HIS A 730 -72.78 71.44 -2.60
N PHE A 731 -72.09 70.93 -3.61
CA PHE A 731 -71.97 69.47 -3.74
C PHE A 731 -70.52 68.92 -3.85
N PRO A 732 -69.74 69.05 -2.76
CA PRO A 732 -68.38 68.52 -2.75
C PRO A 732 -68.31 67.06 -3.22
N GLY A 733 -67.45 66.79 -4.20
CA GLY A 733 -67.34 65.45 -4.77
C GLY A 733 -67.99 65.37 -6.15
N PHE A 734 -68.69 66.44 -6.51
CA PHE A 734 -69.38 66.49 -7.79
C PHE A 734 -68.94 67.71 -8.57
N GLU A 735 -67.69 68.13 -8.36
CA GLU A 735 -67.17 69.37 -8.92
C GLU A 735 -67.11 69.34 -10.44
N HIS A 736 -67.39 70.47 -11.07
CA HIS A 736 -67.21 70.64 -12.51
C HIS A 736 -65.73 70.75 -12.82
N GLU A 737 -65.35 70.40 -14.05
CA GLU A 737 -64.02 70.76 -14.57
C GLU A 737 -64.19 71.95 -15.49
N THR A 738 -63.23 72.87 -15.43
CA THR A 738 -63.18 74.00 -16.36
C THR A 738 -61.73 74.23 -16.77
N GLU A 739 -61.41 73.94 -18.03
CA GLU A 739 -60.08 74.22 -18.56
C GLU A 739 -59.77 75.71 -18.51
N GLY A 740 -58.56 76.03 -18.06
CA GLY A 740 -58.11 77.39 -18.01
C GLY A 740 -58.43 78.13 -16.73
N THR A 741 -59.02 77.45 -15.77
CA THR A 741 -59.20 78.04 -14.45
C THR A 741 -58.17 77.50 -13.49
N GLU A 742 -58.05 78.18 -12.35
CA GLU A 742 -57.31 77.67 -11.20
C GLU A 742 -58.22 77.88 -10.02
N ILE A 743 -58.33 76.88 -9.17
CA ILE A 743 -59.24 76.93 -8.03
C ILE A 743 -58.44 76.99 -6.75
N ILE A 744 -58.64 78.08 -6.01
CA ILE A 744 -57.86 78.36 -4.81
C ILE A 744 -58.85 78.55 -3.66
N ASP A 745 -58.83 77.61 -2.72
CA ASP A 745 -59.77 77.62 -1.57
C ASP A 745 -61.22 77.65 -2.08
N GLY A 746 -61.45 77.05 -3.24
CA GLY A 746 -62.78 76.95 -3.79
C GLY A 746 -63.23 78.13 -4.62
N ILE A 747 -62.34 79.07 -4.92
CA ILE A 747 -62.72 80.22 -5.73
C ILE A 747 -61.99 80.19 -7.06
N TYR A 748 -62.79 80.17 -8.13
CA TYR A 748 -62.31 80.14 -9.49
C TYR A 748 -61.46 81.36 -9.78
N HIS A 749 -60.36 81.15 -10.50
CA HIS A 749 -59.51 82.22 -10.99
C HIS A 749 -59.19 81.98 -12.44
N VAL A 750 -58.91 83.04 -13.17
CA VAL A 750 -58.43 82.91 -14.54
C VAL A 750 -57.26 83.87 -14.69
N MET A 751 -56.24 83.42 -15.40
CA MET A 751 -55.09 84.25 -15.71
C MET A 751 -55.52 85.29 -16.73
N CYS A 752 -55.31 86.57 -16.41
CA CYS A 752 -55.64 87.66 -17.34
C CYS A 752 -54.47 88.55 -17.56
N VAL A 753 -54.50 89.24 -18.69
CA VAL A 753 -53.56 90.27 -19.06
C VAL A 753 -53.65 91.40 -18.01
N LYS A 754 -52.48 91.84 -17.51
CA LYS A 754 -52.40 92.98 -16.58
C LYS A 754 -53.01 94.28 -17.15
N ALA A 755 -53.62 95.06 -16.27
CA ALA A 755 -54.39 96.25 -16.63
C ALA A 755 -53.54 97.39 -17.19
N MET B 1 -62.12 30.32 -8.87
CA MET B 1 -63.36 30.77 -9.53
C MET B 1 -64.05 29.57 -10.16
N LYS B 2 -65.35 29.47 -9.97
CA LYS B 2 -66.11 28.33 -10.43
C LYS B 2 -67.34 28.77 -11.21
N VAL B 3 -67.53 28.23 -12.41
CA VAL B 3 -68.72 28.51 -13.24
C VAL B 3 -69.60 27.27 -13.36
N LEU B 4 -70.90 27.45 -13.19
CA LEU B 4 -71.84 26.41 -13.62
C LEU B 4 -72.46 26.79 -14.95
N ILE B 5 -72.23 25.93 -15.93
CA ILE B 5 -72.82 26.12 -17.24
C ILE B 5 -73.89 25.08 -17.38
N VAL B 6 -75.11 25.54 -17.66
CA VAL B 6 -76.25 24.62 -17.89
C VAL B 6 -76.65 24.67 -19.36
N GLU B 7 -76.52 23.55 -20.04
CA GLU B 7 -77.01 23.48 -21.43
C GLU B 7 -78.46 23.00 -21.46
N SER B 8 -79.37 23.90 -21.82
CA SER B 8 -80.78 23.56 -22.09
C SER B 8 -80.90 22.35 -22.99
N GLU B 9 -81.72 21.41 -22.54
CA GLU B 9 -82.03 20.18 -23.26
C GLU B 9 -82.93 20.51 -24.46
N PHE B 10 -83.55 21.69 -24.42
CA PHE B 10 -84.33 22.21 -25.53
C PHE B 10 -83.48 22.58 -26.75
N LEU B 11 -82.17 22.35 -26.65
CA LEU B 11 -81.25 22.75 -27.69
C LEU B 11 -80.23 21.68 -28.02
N HIS B 12 -80.37 20.51 -27.41
CA HIS B 12 -79.45 19.41 -27.70
C HIS B 12 -79.46 18.99 -29.19
N GLN B 13 -80.58 19.25 -29.89
CA GLN B 13 -80.72 18.91 -31.30
C GLN B 13 -79.92 19.85 -32.20
N ASP B 14 -79.63 21.05 -31.70
CA ASP B 14 -78.82 22.05 -32.37
C ASP B 14 -77.35 21.89 -31.96
N THR B 15 -76.65 20.93 -32.56
CA THR B 15 -75.35 20.52 -32.05
C THR B 15 -74.31 21.66 -32.02
N TRP B 16 -74.49 22.67 -32.87
CA TRP B 16 -73.57 23.79 -32.92
C TRP B 16 -73.60 24.63 -31.63
N VAL B 17 -74.72 24.58 -30.92
CA VAL B 17 -74.84 25.27 -29.64
C VAL B 17 -73.86 24.64 -28.65
N GLY B 18 -73.87 23.31 -28.54
CA GLY B 18 -72.93 22.57 -27.69
C GLY B 18 -71.46 22.75 -28.08
N ASN B 19 -71.18 22.78 -29.39
CA ASN B 19 -69.87 23.18 -29.91
C ASN B 19 -69.44 24.57 -29.40
N ALA B 20 -70.28 25.57 -29.54
CA ALA B 20 -69.93 26.91 -29.09
C ALA B 20 -69.72 27.00 -27.56
N VAL B 21 -70.53 26.27 -26.80
CA VAL B 21 -70.37 26.20 -25.34
C VAL B 21 -69.06 25.50 -24.95
N GLU B 22 -68.73 24.43 -25.66
CA GLU B 22 -67.44 23.76 -25.49
C GLU B 22 -66.28 24.76 -25.67
N ARG B 23 -66.35 25.64 -26.67
CA ARG B 23 -65.24 26.58 -26.90
C ARG B 23 -65.18 27.61 -25.78
N LEU B 24 -66.34 27.87 -25.18
CA LEU B 24 -66.39 28.78 -24.08
C LEU B 24 -65.83 28.12 -22.83
N ALA B 25 -66.21 26.87 -22.58
CA ALA B 25 -65.65 26.15 -21.45
C ALA B 25 -64.13 26.00 -21.58
N ASP B 26 -63.66 25.63 -22.76
CA ASP B 26 -62.23 25.61 -23.03
C ASP B 26 -61.60 26.97 -22.68
N ALA B 27 -62.19 28.06 -23.12
CA ALA B 27 -61.59 29.37 -22.93
C ALA B 27 -61.56 29.80 -21.47
N LEU B 28 -62.58 29.38 -20.73
CA LEU B 28 -62.62 29.57 -19.28
C LEU B 28 -61.52 28.76 -18.57
N SER B 29 -61.32 27.51 -18.96
CA SER B 29 -60.31 26.71 -18.31
C SER B 29 -58.89 27.26 -18.50
N GLN B 30 -58.64 27.77 -19.71
CA GLN B 30 -57.39 28.44 -20.06
C GLN B 30 -57.13 29.64 -19.14
N GLN B 31 -58.16 30.09 -18.44
CA GLN B 31 -58.04 31.21 -17.51
C GLN B 31 -58.16 30.76 -16.06
N ASN B 32 -57.82 29.49 -15.82
CA ASN B 32 -57.76 28.89 -14.47
C ASN B 32 -59.10 28.95 -13.71
N VAL B 33 -60.19 28.98 -14.48
CA VAL B 33 -61.55 28.85 -13.97
C VAL B 33 -61.99 27.38 -14.00
N THR B 34 -62.51 26.89 -12.88
CA THR B 34 -63.14 25.58 -12.80
C THR B 34 -64.55 25.68 -13.42
N VAL B 35 -64.81 24.79 -14.37
CA VAL B 35 -66.06 24.73 -15.09
C VAL B 35 -66.80 23.46 -14.72
N ILE B 36 -68.02 23.61 -14.21
CA ILE B 36 -68.97 22.47 -14.03
C ILE B 36 -69.96 22.53 -15.19
N LYS B 37 -70.05 21.44 -15.94
CA LYS B 37 -70.96 21.39 -17.08
C LYS B 37 -72.20 20.60 -16.72
N SER B 38 -73.35 21.18 -16.98
CA SER B 38 -74.61 20.50 -16.72
C SER B 38 -75.40 20.40 -18.02
N THR B 39 -75.96 19.24 -18.31
CA THR B 39 -76.60 19.04 -19.62
C THR B 39 -78.14 19.14 -19.63
N SER B 40 -78.75 19.57 -18.50
CA SER B 40 -80.20 19.75 -18.42
C SER B 40 -80.56 20.65 -17.26
N PHE B 41 -81.73 21.28 -17.33
CA PHE B 41 -82.18 22.14 -16.23
C PHE B 41 -82.33 21.37 -14.89
N ASP B 42 -82.87 20.17 -14.97
CA ASP B 42 -83.02 19.37 -13.77
C ASP B 42 -81.70 19.09 -13.05
N ASP B 43 -80.64 18.86 -13.82
CA ASP B 43 -79.33 18.61 -13.28
C ASP B 43 -78.80 19.87 -12.62
N GLY B 44 -78.89 20.98 -13.32
CA GLY B 44 -78.54 22.26 -12.78
C GLY B 44 -79.29 22.52 -11.48
N PHE B 45 -80.60 22.22 -11.45
CA PHE B 45 -81.38 22.43 -10.22
C PHE B 45 -80.78 21.63 -9.08
N ALA B 46 -80.51 20.36 -9.33
CA ALA B 46 -79.97 19.48 -8.29
C ALA B 46 -78.62 19.98 -7.77
N ILE B 47 -77.75 20.41 -8.68
CA ILE B 47 -76.45 20.97 -8.28
C ILE B 47 -76.65 22.21 -7.39
N LEU B 48 -77.54 23.10 -7.82
CA LEU B 48 -77.78 24.33 -7.09
C LEU B 48 -78.46 24.09 -5.74
N SER B 49 -79.04 22.90 -5.53
CA SER B 49 -79.61 22.50 -4.24
C SER B 49 -78.59 21.80 -3.32
N SER B 50 -77.35 21.70 -3.79
CA SER B 50 -76.25 21.22 -2.96
C SER B 50 -75.52 22.42 -2.38
N ASN B 51 -74.62 22.18 -1.42
CA ASN B 51 -73.89 23.31 -0.81
C ASN B 51 -72.79 23.82 -1.73
N GLU B 52 -73.00 23.60 -3.04
CA GLU B 52 -72.01 23.90 -4.06
C GLU B 52 -71.95 25.38 -4.32
N ALA B 53 -70.84 26.01 -3.93
CA ALA B 53 -70.66 27.44 -4.12
C ALA B 53 -70.10 27.77 -5.52
N ILE B 54 -70.81 28.62 -6.26
CA ILE B 54 -70.36 28.96 -7.61
C ILE B 54 -70.30 30.47 -7.77
N ASP B 55 -69.42 30.93 -8.66
CA ASP B 55 -69.19 32.34 -8.88
C ASP B 55 -69.94 32.94 -10.06
N CYS B 56 -70.43 32.09 -10.94
CA CYS B 56 -71.13 32.53 -12.14
C CYS B 56 -72.03 31.39 -12.60
N LEU B 57 -73.23 31.73 -13.03
CA LEU B 57 -74.12 30.78 -13.71
C LEU B 57 -74.26 31.21 -15.15
N MET B 58 -73.99 30.28 -16.05
CA MET B 58 -74.23 30.52 -17.49
C MET B 58 -75.27 29.54 -17.97
N PHE B 59 -76.20 30.00 -18.80
CA PHE B 59 -77.17 29.04 -19.35
C PHE B 59 -77.57 29.39 -20.77
N SER B 60 -77.88 28.35 -21.54
CA SER B 60 -78.41 28.51 -22.90
C SER B 60 -79.93 28.40 -22.80
N TYR B 61 -80.65 28.81 -23.84
CA TYR B 61 -82.07 29.13 -23.69
C TYR B 61 -82.68 29.29 -25.09
N GLN B 62 -83.43 28.28 -25.52
CA GLN B 62 -84.15 28.31 -26.80
C GLN B 62 -85.23 29.41 -26.87
N MET B 63 -85.93 29.59 -25.76
CA MET B 63 -86.95 30.65 -25.58
C MET B 63 -88.19 30.37 -26.41
N GLU B 64 -88.45 29.11 -26.71
CA GLU B 64 -89.65 28.75 -27.46
C GLU B 64 -90.75 28.13 -26.58
N HIS B 65 -90.39 27.18 -25.74
CA HIS B 65 -91.38 26.38 -25.01
C HIS B 65 -91.66 26.97 -23.63
N PRO B 66 -92.95 27.05 -23.22
CA PRO B 66 -93.31 27.52 -21.87
C PRO B 66 -92.64 26.70 -20.75
N ASP B 67 -92.51 25.39 -20.95
CA ASP B 67 -91.78 24.51 -20.04
C ASP B 67 -90.30 24.94 -19.80
N GLU B 68 -89.66 25.47 -20.84
CA GLU B 68 -88.30 25.99 -20.74
C GLU B 68 -88.24 27.32 -20.00
N HIS B 69 -89.16 28.24 -20.35
CA HIS B 69 -89.27 29.52 -19.67
C HIS B 69 -89.40 29.30 -18.17
N GLN B 70 -90.19 28.30 -17.80
CA GLN B 70 -90.41 27.96 -16.40
C GLN B 70 -89.14 27.38 -15.77
N ASN B 71 -88.44 26.52 -16.49
CA ASN B 71 -87.19 25.92 -16.05
C ASN B 71 -86.13 26.95 -15.69
N VAL B 72 -86.04 27.97 -16.53
CA VAL B 72 -85.14 29.09 -16.34
C VAL B 72 -85.48 29.88 -15.07
N ARG B 73 -86.74 30.27 -14.91
CA ARG B 73 -87.21 30.92 -13.69
C ARG B 73 -86.85 30.11 -12.44
N GLN B 74 -87.12 28.80 -12.47
CA GLN B 74 -86.84 27.90 -11.35
C GLN B 74 -85.34 27.77 -11.02
N LEU B 75 -84.52 27.65 -12.06
CA LEU B 75 -83.07 27.52 -11.91
C LEU B 75 -82.45 28.75 -11.23
N ILE B 76 -82.81 29.93 -11.71
CA ILE B 76 -82.19 31.14 -11.24
C ILE B 76 -82.75 31.54 -9.87
N GLY B 77 -84.02 31.20 -9.63
CA GLY B 77 -84.67 31.35 -8.35
C GLY B 77 -83.95 30.54 -7.31
N LYS B 78 -83.60 29.30 -7.67
CA LYS B 78 -82.87 28.44 -6.76
C LYS B 78 -81.48 29.02 -6.47
N LEU B 79 -80.81 29.51 -7.51
CA LEU B 79 -79.49 30.06 -7.37
C LEU B 79 -79.53 31.13 -6.32
N HIS B 80 -80.57 31.97 -6.39
CA HIS B 80 -80.60 33.20 -5.61
C HIS B 80 -81.18 33.06 -4.21
N GLU B 81 -81.55 31.83 -3.83
CA GLU B 81 -82.00 31.56 -2.46
C GLU B 81 -80.82 31.71 -1.45
N ARG B 82 -79.71 31.04 -1.73
CA ARG B 82 -78.53 31.05 -0.86
C ARG B 82 -77.29 31.66 -1.52
N GLN B 83 -77.40 32.01 -2.81
CA GLN B 83 -76.29 32.59 -3.57
C GLN B 83 -76.79 33.82 -4.33
N GLN B 84 -77.44 34.68 -3.57
CA GLN B 84 -78.18 35.83 -4.05
C GLN B 84 -77.49 36.72 -5.09
N ASN B 85 -76.20 36.99 -4.95
CA ASN B 85 -75.61 37.96 -5.87
C ASN B 85 -74.71 37.34 -6.92
N VAL B 86 -74.83 36.03 -7.15
CA VAL B 86 -74.06 35.36 -8.20
C VAL B 86 -74.52 35.88 -9.58
N PRO B 87 -73.57 36.45 -10.35
CA PRO B 87 -73.89 37.00 -11.67
C PRO B 87 -74.34 35.90 -12.66
N VAL B 88 -75.34 36.22 -13.48
CA VAL B 88 -75.98 35.27 -14.40
C VAL B 88 -75.78 35.70 -15.86
N PHE B 89 -75.29 34.74 -16.64
CA PHE B 89 -75.01 34.93 -18.04
C PHE B 89 -76.00 34.14 -18.87
N LEU B 90 -76.73 34.84 -19.71
CA LEU B 90 -77.49 34.21 -20.75
C LEU B 90 -76.56 34.03 -21.95
N LEU B 91 -76.28 32.78 -22.25
CA LEU B 91 -75.57 32.39 -23.46
C LEU B 91 -76.66 32.22 -24.53
N GLY B 92 -77.00 33.31 -25.20
CA GLY B 92 -78.25 33.35 -25.93
C GLY B 92 -78.22 33.63 -27.41
N ASP B 93 -79.41 33.56 -28.01
CA ASP B 93 -79.67 34.04 -29.36
C ASP B 93 -79.95 35.55 -29.30
N ARG B 94 -79.19 36.35 -30.03
CA ARG B 94 -79.39 37.81 -29.98
C ARG B 94 -80.85 38.23 -30.28
N GLU B 95 -81.42 37.75 -31.39
CA GLU B 95 -82.73 38.24 -31.79
C GLU B 95 -83.83 37.82 -30.84
N LYS B 96 -83.88 36.56 -30.45
CA LYS B 96 -84.90 36.13 -29.49
C LYS B 96 -84.78 36.82 -28.13
N ALA B 97 -83.56 36.95 -27.61
CA ALA B 97 -83.34 37.62 -26.31
C ALA B 97 -83.74 39.10 -26.30
N LEU B 98 -83.31 39.84 -27.33
CA LEU B 98 -83.64 41.26 -27.44
C LEU B 98 -85.14 41.52 -27.68
N ALA B 99 -85.80 40.60 -28.40
CA ALA B 99 -87.26 40.62 -28.55
C ALA B 99 -87.96 40.47 -27.19
N ALA B 100 -87.45 39.61 -26.32
CA ALA B 100 -88.03 39.34 -25.00
C ALA B 100 -87.65 40.39 -23.95
N MET B 101 -86.94 41.42 -24.38
CA MET B 101 -86.34 42.37 -23.43
C MET B 101 -87.38 43.13 -22.63
N ASP B 102 -87.34 42.92 -21.32
CA ASP B 102 -88.19 43.65 -20.39
C ASP B 102 -87.69 43.46 -18.96
N ARG B 103 -88.39 44.06 -18.01
CA ARG B 103 -87.98 44.00 -16.61
C ARG B 103 -87.85 42.59 -16.04
N ASP B 104 -88.72 41.68 -16.44
CA ASP B 104 -88.62 40.29 -15.95
C ASP B 104 -87.37 39.58 -16.42
N LEU B 105 -86.98 39.81 -17.68
CA LEU B 105 -85.81 39.19 -18.25
C LEU B 105 -84.57 39.64 -17.48
N LEU B 106 -84.55 40.94 -17.16
CA LEU B 106 -83.42 41.55 -16.47
C LEU B 106 -83.24 41.17 -15.02
N GLU B 107 -84.30 40.72 -14.34
CA GLU B 107 -84.17 40.18 -13.00
C GLU B 107 -83.52 38.82 -13.08
N LEU B 108 -83.75 38.11 -14.17
CA LEU B 108 -83.15 36.81 -14.36
C LEU B 108 -81.68 36.95 -14.76
N VAL B 109 -81.39 37.90 -15.64
CA VAL B 109 -80.13 37.94 -16.36
C VAL B 109 -79.32 39.22 -16.16
N ASP B 110 -78.11 39.05 -15.64
CA ASP B 110 -77.18 40.17 -15.46
C ASP B 110 -76.44 40.51 -16.76
N GLU B 111 -76.03 39.48 -17.51
CA GLU B 111 -75.10 39.66 -18.63
C GLU B 111 -75.53 38.85 -19.81
N PHE B 112 -75.33 39.42 -21.01
CA PHE B 112 -75.73 38.78 -22.27
C PHE B 112 -74.54 38.38 -23.11
N ALA B 113 -74.52 37.11 -23.55
CA ALA B 113 -73.48 36.61 -24.42
C ALA B 113 -74.14 35.95 -25.65
N TRP B 114 -73.91 36.54 -26.82
CA TRP B 114 -74.42 35.98 -28.05
C TRP B 114 -73.52 34.80 -28.44
N ILE B 115 -73.88 33.63 -27.92
CA ILE B 115 -72.97 32.49 -27.91
C ILE B 115 -72.46 32.06 -29.31
N LEU B 116 -73.27 32.33 -30.33
CA LEU B 116 -72.97 31.92 -31.71
C LEU B 116 -72.39 33.06 -32.58
N GLU B 117 -72.08 34.19 -31.94
CA GLU B 117 -71.69 35.41 -32.65
C GLU B 117 -70.51 36.10 -31.99
N ASP B 118 -69.99 35.50 -30.93
CA ASP B 118 -68.91 36.14 -30.20
C ASP B 118 -67.73 35.20 -30.10
N THR B 119 -66.57 35.79 -29.80
CA THR B 119 -65.33 35.07 -29.52
C THR B 119 -65.40 34.54 -28.10
N ALA B 120 -65.09 33.26 -27.90
CA ALA B 120 -65.05 32.64 -26.58
C ALA B 120 -64.24 33.44 -25.54
N ASP B 121 -63.05 33.89 -25.94
CA ASP B 121 -62.20 34.74 -25.07
C ASP B 121 -62.86 36.01 -24.55
N PHE B 122 -63.68 36.63 -25.39
CA PHE B 122 -64.34 37.84 -25.01
C PHE B 122 -65.32 37.55 -23.92
N ILE B 123 -66.09 36.48 -24.09
CA ILE B 123 -67.11 36.09 -23.10
C ILE B 123 -66.42 35.65 -21.81
N ALA B 124 -65.40 34.79 -21.94
CA ALA B 124 -64.62 34.33 -20.81
C ALA B 124 -64.07 35.47 -19.97
N GLY B 125 -63.61 36.53 -20.63
CA GLY B 125 -63.05 37.70 -19.94
C GLY B 125 -64.08 38.46 -19.14
N ARG B 126 -65.29 38.57 -19.70
CA ARG B 126 -66.41 39.21 -19.03
C ARG B 126 -66.88 38.39 -17.82
N ALA B 127 -66.82 37.08 -17.91
CA ALA B 127 -67.19 36.23 -16.77
C ALA B 127 -66.21 36.38 -15.61
N VAL B 128 -64.91 36.44 -15.94
CA VAL B 128 -63.83 36.59 -14.95
C VAL B 128 -63.99 37.91 -14.23
N ALA B 129 -64.21 38.97 -15.00
CA ALA B 129 -64.50 40.27 -14.41
C ALA B 129 -65.68 40.16 -13.42
N ALA B 130 -66.81 39.63 -13.88
CA ALA B 130 -68.00 39.52 -13.02
C ALA B 130 -67.79 38.65 -11.79
N MET B 131 -67.05 37.56 -11.96
CA MET B 131 -66.70 36.65 -10.84
C MET B 131 -65.79 37.29 -9.81
N THR B 132 -64.80 38.05 -10.27
CA THR B 132 -63.92 38.87 -9.42
C THR B 132 -64.77 39.88 -8.62
N ARG B 133 -65.65 40.62 -9.30
CA ARG B 133 -66.50 41.59 -8.62
C ARG B 133 -67.36 40.92 -7.57
N TYR B 134 -67.89 39.75 -7.91
CA TYR B 134 -68.68 38.97 -6.99
C TYR B 134 -67.91 38.64 -5.73
N ARG B 135 -66.74 38.02 -5.89
CA ARG B 135 -65.93 37.61 -4.77
C ARG B 135 -65.47 38.78 -3.88
N GLN B 136 -65.27 39.96 -4.47
CA GLN B 136 -64.89 41.14 -3.72
C GLN B 136 -65.97 41.62 -2.78
N GLN B 137 -67.23 41.33 -3.11
CA GLN B 137 -68.34 41.77 -2.27
C GLN B 137 -68.87 40.64 -1.35
N LEU B 138 -68.30 39.45 -1.47
CA LEU B 138 -68.86 38.24 -0.87
C LEU B 138 -68.90 38.22 0.66
N LEU B 139 -67.78 38.62 1.28
CA LEU B 139 -67.53 38.38 2.70
C LEU B 139 -68.00 39.55 3.59
N PRO B 140 -68.52 39.22 4.79
CA PRO B 140 -68.94 40.28 5.72
C PRO B 140 -67.70 41.07 6.20
N PRO B 141 -67.91 42.30 6.72
CA PRO B 141 -66.78 43.27 6.79
C PRO B 141 -65.66 42.99 7.79
N LEU B 142 -65.98 42.37 8.94
CA LEU B 142 -64.95 42.04 9.90
C LEU B 142 -64.13 40.83 9.48
N PHE B 143 -64.82 39.74 9.12
CA PHE B 143 -64.08 38.55 8.68
C PHE B 143 -63.17 38.92 7.51
N SER B 144 -63.72 39.61 6.52
CA SER B 144 -62.96 40.12 5.40
C SER B 144 -61.74 40.93 5.80
N ALA B 145 -61.91 41.85 6.76
CA ALA B 145 -60.82 42.69 7.23
C ALA B 145 -59.75 41.91 8.02
N LEU B 146 -60.17 40.97 8.88
CA LEU B 146 -59.20 40.12 9.55
C LEU B 146 -58.37 39.35 8.54
N MET B 147 -59.05 38.71 7.60
CA MET B 147 -58.39 37.94 6.57
C MET B 147 -57.34 38.79 5.86
N LYS B 148 -57.73 39.96 5.38
CA LYS B 148 -56.84 40.83 4.64
C LYS B 148 -55.65 41.32 5.45
N TYR B 149 -55.89 41.71 6.69
CA TYR B 149 -54.85 42.30 7.54
C TYR B 149 -53.81 41.27 7.97
N SER B 150 -54.23 40.04 8.17
CA SER B 150 -53.33 38.96 8.52
C SER B 150 -52.27 38.69 7.41
N ASP B 151 -52.65 38.89 6.15
CA ASP B 151 -51.75 38.72 5.00
C ASP B 151 -50.63 39.75 4.88
N ILE B 152 -50.73 40.84 5.62
CA ILE B 152 -49.72 41.87 5.62
C ILE B 152 -49.18 42.16 7.01
N HIS B 153 -49.64 41.41 8.02
CA HIS B 153 -49.35 41.71 9.43
C HIS B 153 -48.01 41.14 9.96
N GLU B 154 -47.28 41.95 10.73
CA GLU B 154 -46.09 41.51 11.45
C GLU B 154 -46.42 40.83 12.80
N TYR B 155 -46.27 39.50 12.85
CA TYR B 155 -46.61 38.72 14.07
C TYR B 155 -45.58 38.83 15.21
N SER B 156 -44.48 39.53 14.94
CA SER B 156 -43.46 39.78 15.95
C SER B 156 -43.71 41.03 16.82
N TRP B 157 -42.96 41.06 17.92
CA TRP B 157 -42.90 42.20 18.85
C TRP B 157 -44.30 42.60 19.28
N ALA B 158 -45.15 41.60 19.50
CA ALA B 158 -46.59 41.77 19.76
C ALA B 158 -47.20 40.53 20.43
N ALA B 159 -48.08 40.72 21.41
CA ALA B 159 -48.92 39.63 21.89
C ALA B 159 -50.04 39.40 20.86
N PRO B 160 -50.54 38.15 20.78
CA PRO B 160 -50.11 36.99 21.57
C PRO B 160 -48.72 36.42 21.21
N GLY B 161 -48.06 35.86 22.21
CA GLY B 161 -46.67 35.41 22.11
C GLY B 161 -46.45 34.29 21.10
N HIS B 162 -47.47 33.46 20.87
CA HIS B 162 -47.33 32.38 19.91
C HIS B 162 -46.99 32.88 18.49
N GLN B 163 -47.30 34.15 18.22
CA GLN B 163 -47.00 34.85 16.94
C GLN B 163 -47.46 34.11 15.70
N GLY B 164 -48.74 34.24 15.37
CA GLY B 164 -49.35 33.49 14.26
C GLY B 164 -49.15 31.98 14.30
N GLY B 165 -48.95 31.42 15.49
CA GLY B 165 -48.87 29.97 15.66
C GLY B 165 -47.47 29.41 15.69
N VAL B 166 -46.48 30.23 15.38
CA VAL B 166 -45.08 29.76 15.35
C VAL B 166 -44.63 29.13 16.67
N GLY B 167 -44.97 29.77 17.78
CA GLY B 167 -44.59 29.29 19.11
C GLY B 167 -44.92 27.82 19.34
N PHE B 168 -46.13 27.42 18.91
CA PHE B 168 -46.62 26.04 19.07
C PHE B 168 -45.73 25.00 18.40
N THR B 169 -45.15 25.38 17.26
CA THR B 169 -44.38 24.43 16.44
C THR B 169 -43.10 23.94 17.11
N LYS B 170 -42.74 24.52 18.25
CA LYS B 170 -41.44 24.29 18.86
C LYS B 170 -41.30 23.04 19.71
N THR B 171 -42.40 22.41 20.09
CA THR B 171 -42.36 21.05 20.63
C THR B 171 -43.25 20.15 19.75
N PRO B 172 -43.04 18.82 19.80
CA PRO B 172 -43.85 17.95 18.95
C PRO B 172 -45.33 17.95 19.30
N ALA B 173 -45.68 17.96 20.59
CA ALA B 173 -47.09 18.11 21.01
C ALA B 173 -47.69 19.41 20.51
N GLY B 174 -47.04 20.54 20.76
CA GLY B 174 -47.53 21.81 20.28
C GLY B 174 -47.65 21.77 18.76
N ARG B 175 -46.67 21.12 18.14
CA ARG B 175 -46.64 21.02 16.69
C ARG B 175 -47.82 20.16 16.17
N PHE B 176 -48.06 19.03 16.81
CA PHE B 176 -49.19 18.21 16.46
C PHE B 176 -50.46 19.03 16.63
N TYR B 177 -50.60 19.68 17.80
CA TYR B 177 -51.70 20.61 18.06
C TYR B 177 -51.88 21.67 16.96
N HIS B 178 -50.78 22.29 16.54
CA HIS B 178 -50.80 23.35 15.53
C HIS B 178 -51.35 22.84 14.17
N ASP B 179 -50.87 21.66 13.76
CA ASP B 179 -51.22 21.14 12.45
C ASP B 179 -52.65 20.67 12.44
N TYR B 180 -53.10 20.10 13.56
CA TYR B 180 -54.48 19.70 13.76
C TYR B 180 -55.49 20.86 13.62
N TYR B 181 -55.18 22.03 14.18
CA TYR B 181 -56.07 23.19 14.05
C TYR B 181 -55.83 24.07 12.82
N GLY B 182 -54.62 24.00 12.28
CA GLY B 182 -54.26 24.74 11.07
C GLY B 182 -53.83 26.16 11.37
N GLU B 183 -53.07 26.75 10.46
CA GLU B 183 -52.41 28.02 10.72
C GLU B 183 -53.34 29.25 10.83
N ASN B 184 -54.40 29.27 10.01
CA ASN B 184 -55.35 30.41 10.00
C ASN B 184 -56.00 30.75 11.34
N LEU B 185 -56.33 29.76 12.14
CA LEU B 185 -56.81 30.00 13.49
C LEU B 185 -55.77 30.86 14.23
N PHE B 186 -54.50 30.48 14.18
CA PHE B 186 -53.46 31.18 14.92
C PHE B 186 -53.09 32.50 14.30
N ARG B 187 -53.15 32.56 12.96
CA ARG B 187 -52.83 33.77 12.24
C ARG B 187 -53.90 34.86 12.42
N THR B 188 -55.17 34.49 12.63
CA THR B 188 -56.14 35.58 12.83
C THR B 188 -56.22 36.00 14.32
N ASP B 189 -55.57 35.21 15.19
CA ASP B 189 -55.40 35.53 16.60
C ASP B 189 -54.33 36.60 16.85
N MET B 190 -54.70 37.84 16.59
CA MET B 190 -53.84 39.00 16.81
C MET B 190 -54.31 39.85 18.00
N GLY B 191 -53.38 40.60 18.57
CA GLY B 191 -53.74 41.53 19.64
C GLY B 191 -54.25 42.82 19.00
N ILE B 192 -54.48 43.83 19.85
CA ILE B 192 -55.06 45.12 19.43
C ILE B 192 -54.19 45.87 18.40
N GLU B 193 -54.72 45.95 17.16
CA GLU B 193 -54.08 46.63 16.02
C GLU B 193 -55.00 47.75 15.48
N ARG B 194 -55.08 48.84 16.24
CA ARG B 194 -56.17 49.82 16.14
C ARG B 194 -56.32 50.61 14.83
N THR B 195 -55.19 51.00 14.25
CA THR B 195 -55.24 51.81 13.02
C THR B 195 -55.68 50.93 11.86
N SER B 196 -55.33 49.64 11.96
CA SER B 196 -55.80 48.67 11.00
C SER B 196 -57.26 48.33 11.32
N LEU B 197 -57.48 47.31 12.15
CA LEU B 197 -58.83 46.78 12.37
C LEU B 197 -59.83 47.67 13.12
N GLY B 198 -59.35 48.38 14.13
CA GLY B 198 -60.24 49.00 15.11
C GLY B 198 -60.16 48.16 16.37
N SER B 199 -61.15 48.29 17.25
CA SER B 199 -61.15 47.54 18.51
C SER B 199 -62.53 46.98 18.84
N LEU B 200 -62.59 45.75 19.34
CA LEU B 200 -63.86 45.22 19.87
C LEU B 200 -64.43 46.13 20.98
N LEU B 201 -63.67 46.37 22.03
CA LEU B 201 -64.09 47.17 23.17
C LEU B 201 -64.41 48.63 22.89
N ASP B 202 -63.80 49.18 21.86
CA ASP B 202 -64.09 50.56 21.48
C ASP B 202 -65.18 50.59 20.43
N HIS B 203 -65.52 49.41 19.88
CA HIS B 203 -66.53 49.27 18.85
C HIS B 203 -66.21 50.16 17.66
N THR B 204 -64.95 50.11 17.23
CA THR B 204 -64.41 50.96 16.15
C THR B 204 -63.97 50.14 14.93
N GLY B 205 -63.63 50.84 13.85
CA GLY B 205 -63.12 50.23 12.64
C GLY B 205 -64.06 49.17 12.12
N ALA B 206 -63.50 47.98 11.85
CA ALA B 206 -64.21 46.87 11.23
C ALA B 206 -65.08 46.15 12.23
N PHE B 207 -64.66 46.18 13.49
CA PHE B 207 -65.48 45.65 14.59
C PHE B 207 -66.79 46.49 14.72
N GLY B 208 -66.68 47.78 14.40
CA GLY B 208 -67.80 48.71 14.40
C GLY B 208 -68.71 48.54 13.20
N GLU B 209 -68.12 48.38 12.01
CA GLU B 209 -68.84 48.08 10.77
C GLU B 209 -69.65 46.81 10.86
N SER B 210 -69.08 45.81 11.52
CA SER B 210 -69.74 44.54 11.67
C SER B 210 -70.95 44.64 12.59
N GLU B 211 -70.81 45.39 13.68
CA GLU B 211 -71.90 45.68 14.61
C GLU B 211 -73.05 46.44 13.96
N LYS B 212 -72.72 47.42 13.14
CA LYS B 212 -73.72 48.15 12.37
C LYS B 212 -74.46 47.24 11.39
N TYR B 213 -73.69 46.36 10.76
CA TYR B 213 -74.22 45.39 9.82
C TYR B 213 -75.19 44.45 10.55
N ALA B 214 -74.75 43.90 11.69
CA ALA B 214 -75.61 43.11 12.54
C ALA B 214 -76.91 43.84 12.91
N ALA B 215 -76.81 45.12 13.28
CA ALA B 215 -78.00 45.89 13.64
C ALA B 215 -78.98 45.97 12.47
N ARG B 216 -78.50 46.27 11.26
CA ARG B 216 -79.32 46.30 10.06
C ARG B 216 -80.06 44.95 9.84
N VAL B 217 -79.32 43.85 9.89
CA VAL B 217 -79.86 42.52 9.58
C VAL B 217 -80.79 42.02 10.68
N PHE B 218 -80.42 42.29 11.92
CA PHE B 218 -81.24 41.86 13.03
C PHE B 218 -82.31 42.88 13.46
N GLY B 219 -82.39 44.00 12.75
CA GLY B 219 -83.45 44.99 12.96
C GLY B 219 -83.40 45.67 14.32
N ALA B 220 -82.22 46.23 14.65
CA ALA B 220 -81.97 46.87 15.96
C ALA B 220 -81.43 48.27 15.72
N ASP B 221 -81.58 49.14 16.70
CA ASP B 221 -80.90 50.44 16.67
C ASP B 221 -79.37 50.29 16.77
N ARG B 222 -78.95 49.33 17.59
CA ARG B 222 -77.55 49.05 17.90
C ARG B 222 -77.40 47.61 18.32
N SER B 223 -76.34 46.97 17.83
CA SER B 223 -75.92 45.67 18.36
C SER B 223 -74.51 45.79 18.96
N TRP B 224 -74.22 44.89 19.89
CA TRP B 224 -72.96 44.77 20.59
C TRP B 224 -72.52 43.30 20.49
N SER B 225 -71.38 43.06 19.83
CA SER B 225 -70.82 41.74 19.69
C SER B 225 -70.12 41.30 20.98
N VAL B 226 -70.28 40.04 21.36
CA VAL B 226 -69.78 39.61 22.66
C VAL B 226 -69.02 38.28 22.53
N VAL B 227 -67.93 38.11 23.31
CA VAL B 227 -67.11 36.87 23.22
C VAL B 227 -67.14 36.07 24.50
N VAL B 228 -68.11 36.43 25.34
CA VAL B 228 -68.26 35.74 26.60
C VAL B 228 -69.67 35.13 26.68
N GLY B 229 -70.19 34.75 25.51
CA GLY B 229 -71.50 34.10 25.40
C GLY B 229 -72.65 34.99 25.85
N THR B 230 -73.86 34.43 25.91
CA THR B 230 -75.00 35.22 26.42
C THR B 230 -74.90 35.48 27.95
N SER B 231 -74.14 34.63 28.64
CA SER B 231 -73.68 34.93 29.99
C SER B 231 -73.12 36.35 30.10
N GLY B 232 -72.13 36.66 29.27
CA GLY B 232 -71.51 37.97 29.30
C GLY B 232 -72.49 39.05 28.89
N SER B 233 -73.29 38.74 27.87
CA SER B 233 -74.27 39.70 27.36
C SER B 233 -75.27 40.06 28.45
N ASN B 234 -75.78 39.01 29.11
CA ASN B 234 -76.71 39.12 30.22
C ASN B 234 -76.16 39.95 31.39
N ARG B 235 -75.02 39.54 31.96
CA ARG B 235 -74.34 40.35 33.01
C ARG B 235 -74.19 41.79 32.61
N THR B 236 -73.82 41.98 31.35
CA THR B 236 -73.61 43.32 30.83
C THR B 236 -74.88 44.15 30.90
N ILE B 237 -75.99 43.66 30.36
CA ILE B 237 -77.24 44.45 30.30
C ILE B 237 -77.71 44.80 31.72
N MET B 238 -77.69 43.81 32.60
CA MET B 238 -78.13 43.99 33.96
C MET B 238 -77.25 45.03 34.65
N GLN B 239 -75.92 44.91 34.50
CA GLN B 239 -74.98 45.95 34.98
C GLN B 239 -75.34 47.36 34.54
N ALA B 240 -75.82 47.51 33.31
CA ALA B 240 -76.20 48.81 32.80
C ALA B 240 -77.56 49.30 33.37
N CYS B 241 -78.38 48.37 33.88
CA CYS B 241 -79.81 48.67 34.09
C CYS B 241 -80.27 48.79 35.54
N MET B 242 -79.48 48.31 36.48
CA MET B 242 -79.94 48.19 37.86
C MET B 242 -78.80 48.32 38.88
N THR B 243 -79.06 49.09 39.93
CA THR B 243 -78.21 49.21 41.10
C THR B 243 -78.93 48.52 42.23
N ASP B 244 -78.33 48.51 43.41
CA ASP B 244 -78.88 47.78 44.53
C ASP B 244 -80.00 48.59 45.20
N ASN B 245 -80.27 49.77 44.65
CA ASN B 245 -81.41 50.56 45.08
C ASN B 245 -82.65 50.32 44.18
N ASP B 246 -82.51 49.46 43.16
CA ASP B 246 -83.58 49.21 42.21
C ASP B 246 -84.37 48.00 42.51
N VAL B 247 -85.65 48.12 42.16
CA VAL B 247 -86.56 46.99 42.14
C VAL B 247 -86.58 46.48 40.71
N VAL B 248 -86.53 45.17 40.54
CA VAL B 248 -86.52 44.57 39.18
C VAL B 248 -87.52 43.43 39.07
N VAL B 249 -88.03 43.19 37.86
CA VAL B 249 -88.96 42.09 37.54
C VAL B 249 -88.29 40.98 36.74
N VAL B 250 -88.37 39.77 37.29
CA VAL B 250 -87.60 38.70 36.75
C VAL B 250 -88.44 37.47 36.48
N ASP B 251 -88.40 37.03 35.23
CA ASP B 251 -89.01 35.79 34.80
C ASP B 251 -88.42 34.66 35.63
N ARG B 252 -89.23 33.94 36.37
CA ARG B 252 -88.71 32.86 37.21
C ARG B 252 -88.01 31.82 36.33
N ASN B 253 -88.47 31.66 35.09
CA ASN B 253 -87.72 30.91 34.10
C ASN B 253 -86.52 31.74 33.65
N CYS B 254 -85.49 31.78 34.48
CA CYS B 254 -84.31 32.57 34.12
C CYS B 254 -83.04 31.72 34.17
N HIS B 255 -82.08 32.08 33.32
CA HIS B 255 -80.77 31.44 33.22
C HIS B 255 -79.84 31.92 34.35
N LYS B 256 -78.87 31.08 34.72
CA LYS B 256 -77.91 31.43 35.76
C LYS B 256 -77.36 32.83 35.63
N SER B 257 -77.12 33.26 34.40
CA SER B 257 -76.51 34.55 34.16
C SER B 257 -77.40 35.68 34.62
N ILE B 258 -78.72 35.43 34.64
CA ILE B 258 -79.68 36.41 35.14
C ILE B 258 -79.57 36.57 36.67
N GLU B 259 -79.56 35.45 37.39
CA GLU B 259 -79.28 35.46 38.80
C GLU B 259 -77.91 36.08 39.06
N GLN B 260 -76.95 35.79 38.17
CA GLN B 260 -75.61 36.37 38.29
C GLN B 260 -75.72 37.87 38.26
N GLY B 261 -76.58 38.40 37.40
CA GLY B 261 -76.77 39.86 37.34
C GLY B 261 -77.36 40.39 38.63
N LEU B 262 -78.26 39.62 39.24
CA LEU B 262 -78.82 39.98 40.53
C LEU B 262 -77.72 40.05 41.62
N MET B 263 -76.82 39.06 41.61
CA MET B 263 -75.73 38.97 42.60
C MET B 263 -74.67 40.03 42.41
N LEU B 264 -74.47 40.47 41.17
CA LEU B 264 -73.43 41.44 40.85
C LEU B 264 -73.88 42.89 41.02
N THR B 265 -75.20 43.12 40.87
CA THR B 265 -75.81 44.46 41.03
C THR B 265 -76.45 44.66 42.40
N GLY B 266 -76.88 43.57 43.03
CA GLY B 266 -77.59 43.61 44.30
C GLY B 266 -79.01 44.16 44.25
N ALA B 267 -79.58 44.21 43.04
CA ALA B 267 -80.93 44.71 42.84
C ALA B 267 -81.98 43.80 43.48
N LYS B 268 -83.15 44.36 43.79
CA LYS B 268 -84.21 43.64 44.49
C LYS B 268 -85.21 43.01 43.52
N PRO B 269 -85.20 41.67 43.45
CA PRO B 269 -85.97 41.01 42.42
C PRO B 269 -87.37 40.69 42.87
N VAL B 270 -88.29 40.72 41.92
CA VAL B 270 -89.57 40.06 42.09
C VAL B 270 -89.79 39.13 40.87
N TYR B 271 -90.51 38.02 41.08
CA TYR B 271 -90.63 36.99 40.05
C TYR B 271 -92.02 36.80 39.42
N MET B 272 -92.05 36.70 38.09
CA MET B 272 -93.23 36.21 37.36
C MET B 272 -93.20 34.69 37.21
N VAL B 273 -94.27 34.03 37.64
CA VAL B 273 -94.34 32.57 37.64
C VAL B 273 -94.91 32.07 36.30
N PRO B 274 -94.14 31.22 35.57
CA PRO B 274 -94.65 30.65 34.31
C PRO B 274 -95.56 29.46 34.57
N SER B 275 -96.37 29.11 33.57
CA SER B 275 -97.24 27.95 33.66
C SER B 275 -96.44 26.71 33.42
N ARG B 276 -97.11 25.56 33.58
CA ARG B 276 -96.55 24.31 33.11
C ARG B 276 -97.60 23.23 32.85
N ASN B 277 -97.20 22.12 32.26
CA ASN B 277 -98.16 21.13 31.81
C ASN B 277 -97.90 19.76 32.39
N ARG B 278 -98.78 18.83 32.06
CA ARG B 278 -98.75 17.49 32.63
C ARG B 278 -97.46 16.71 32.35
N TYR B 279 -96.65 17.19 31.42
CA TYR B 279 -95.40 16.49 31.06
C TYR B 279 -94.20 17.02 31.87
N GLY B 280 -94.46 18.04 32.69
CA GLY B 280 -93.40 18.71 33.42
C GLY B 280 -92.73 19.78 32.59
N ILE B 281 -93.24 20.03 31.39
CA ILE B 281 -92.69 21.04 30.48
C ILE B 281 -93.10 22.41 31.02
N ILE B 282 -92.19 23.39 31.00
CA ILE B 282 -92.54 24.74 31.46
C ILE B 282 -93.23 25.50 30.33
N GLY B 283 -94.23 26.30 30.68
CA GLY B 283 -94.99 27.03 29.69
C GLY B 283 -94.70 28.51 29.77
N PRO B 284 -95.53 29.34 29.11
CA PRO B 284 -95.35 30.77 29.21
C PRO B 284 -95.89 31.32 30.54
N ILE B 285 -95.44 32.53 30.87
CA ILE B 285 -96.01 33.31 31.95
C ILE B 285 -97.30 33.86 31.34
N TYR B 286 -98.45 33.62 31.99
CA TYR B 286 -99.72 34.17 31.47
C TYR B 286 -99.72 35.71 31.57
N PRO B 287 -100.49 36.40 30.69
CA PRO B 287 -100.57 37.87 30.71
C PRO B 287 -101.04 38.44 32.05
N GLN B 288 -101.71 37.58 32.84
CA GLN B 288 -102.16 37.91 34.19
C GLN B 288 -100.98 38.25 35.11
N GLU B 289 -99.88 37.48 34.99
CA GLU B 289 -98.66 37.73 35.80
C GLU B 289 -97.92 38.99 35.37
N MET B 290 -98.28 39.56 34.23
CA MET B 290 -97.55 40.70 33.68
C MET B 290 -98.30 42.03 33.86
N GLN B 291 -99.52 41.93 34.41
CA GLN B 291 -100.36 43.10 34.66
C GLN B 291 -99.64 44.07 35.60
N PRO B 292 -99.64 45.38 35.26
CA PRO B 292 -99.04 46.40 36.12
C PRO B 292 -99.46 46.23 37.59
N GLU B 293 -100.74 45.93 37.82
CA GLU B 293 -101.28 45.83 39.16
C GLU B 293 -100.90 44.50 39.83
N THR B 294 -100.69 43.46 39.04
CA THR B 294 -100.18 42.19 39.57
C THR B 294 -98.74 42.34 40.03
N LEU B 295 -97.98 43.10 39.23
CA LEU B 295 -96.58 43.37 39.48
C LEU B 295 -96.42 44.28 40.70
N GLN B 296 -97.27 45.30 40.80
CA GLN B 296 -97.27 46.22 41.96
C GLN B 296 -97.51 45.48 43.28
N LYS B 297 -98.38 44.47 43.23
CA LYS B 297 -98.70 43.66 44.40
C LYS B 297 -97.56 42.76 44.84
N LYS B 298 -96.89 42.15 43.88
CA LYS B 298 -95.70 41.34 44.15
C LYS B 298 -94.65 42.18 44.91
N ILE B 299 -94.40 43.37 44.37
CA ILE B 299 -93.46 44.33 44.91
C ILE B 299 -93.81 44.82 46.33
N SER B 300 -95.08 45.09 46.56
CA SER B 300 -95.58 45.51 47.88
C SER B 300 -95.45 44.40 48.88
N GLU B 301 -95.65 43.17 48.45
CA GLU B 301 -95.78 42.08 49.40
C GLU B 301 -94.49 41.30 49.68
N SER B 302 -93.47 41.51 48.85
CA SER B 302 -92.24 40.75 48.96
C SER B 302 -91.27 41.33 49.99
N PRO B 303 -90.73 40.46 50.87
CA PRO B 303 -89.76 40.82 51.91
C PRO B 303 -88.61 41.65 51.38
N LEU B 304 -88.18 41.39 50.14
CA LEU B 304 -87.05 42.08 49.53
C LEU B 304 -87.39 43.46 48.95
N THR B 305 -88.66 43.69 48.66
CA THR B 305 -89.10 44.91 47.96
C THR B 305 -90.12 45.77 48.75
N LYS B 306 -90.65 45.22 49.85
CA LYS B 306 -91.58 45.91 50.77
C LYS B 306 -91.40 47.42 50.79
N ASP B 307 -90.24 47.81 51.28
CA ASP B 307 -89.87 49.18 51.61
C ASP B 307 -89.66 50.02 50.36
N LYS B 308 -89.94 49.45 49.20
CA LYS B 308 -89.76 50.13 47.92
C LYS B 308 -91.03 50.20 47.10
N ALA B 309 -92.17 49.96 47.77
CA ALA B 309 -93.50 50.06 47.15
C ALA B 309 -93.67 51.38 46.41
N GLY B 310 -94.05 51.28 45.14
CA GLY B 310 -94.36 52.45 44.33
C GLY B 310 -93.17 52.95 43.54
N GLN B 311 -91.99 52.38 43.80
CA GLN B 311 -90.79 52.62 42.98
C GLN B 311 -90.96 51.90 41.63
N LYS B 312 -90.75 52.64 40.54
CA LYS B 312 -90.76 52.07 39.17
C LYS B 312 -89.56 51.14 38.94
N PRO B 313 -89.83 49.85 38.63
CA PRO B 313 -88.75 48.91 38.26
C PRO B 313 -87.86 49.43 37.14
N SER B 314 -86.55 49.24 37.25
CA SER B 314 -85.59 49.74 36.25
C SER B 314 -85.35 48.77 35.07
N TYR B 315 -85.84 47.54 35.22
CA TYR B 315 -85.59 46.47 34.27
C TYR B 315 -86.60 45.35 34.46
N CYS B 316 -86.92 44.72 33.34
CA CYS B 316 -87.77 43.55 33.31
C CYS B 316 -87.19 42.54 32.34
N VAL B 317 -87.15 41.27 32.73
CA VAL B 317 -86.68 40.24 31.81
C VAL B 317 -87.66 39.08 31.64
N VAL B 318 -87.83 38.64 30.38
CA VAL B 318 -88.58 37.42 30.04
C VAL B 318 -87.71 36.62 29.11
N THR B 319 -87.62 35.32 29.38
CA THR B 319 -86.96 34.37 28.51
C THR B 319 -87.90 33.90 27.36
N ASN B 320 -87.60 34.36 26.15
CA ASN B 320 -88.32 33.96 24.97
C ASN B 320 -87.35 33.55 23.81
N CYS B 321 -87.37 32.31 23.34
CA CYS B 321 -88.39 31.32 23.67
C CYS B 321 -87.90 30.52 24.84
N THR B 322 -88.78 29.70 25.42
CA THR B 322 -88.40 28.79 26.46
C THR B 322 -87.54 27.67 25.88
N TYR B 323 -86.98 26.86 26.74
CA TYR B 323 -86.09 25.82 26.27
C TYR B 323 -86.80 24.80 25.39
N ASP B 324 -88.05 24.47 25.71
CA ASP B 324 -88.75 23.46 24.93
C ASP B 324 -89.51 24.03 23.73
N GLY B 325 -89.32 25.31 23.45
CA GLY B 325 -89.83 25.90 22.21
C GLY B 325 -91.14 26.66 22.28
N VAL B 326 -91.58 27.00 23.50
CA VAL B 326 -92.72 27.86 23.74
C VAL B 326 -92.34 29.30 23.45
N CYS B 327 -93.02 29.95 22.51
CA CYS B 327 -92.69 31.31 22.07
C CYS B 327 -93.82 32.30 22.36
N TYR B 328 -93.52 33.34 23.13
CA TYR B 328 -94.48 34.36 23.48
C TYR B 328 -94.77 35.25 22.29
N ASN B 329 -96.01 35.72 22.24
CA ASN B 329 -96.36 36.81 21.37
C ASN B 329 -95.73 38.02 22.01
N ALA B 330 -94.53 38.40 21.53
CA ALA B 330 -93.73 39.46 22.17
C ALA B 330 -94.28 40.86 21.93
N LYS B 331 -95.04 41.02 20.86
CA LYS B 331 -95.74 42.27 20.60
C LYS B 331 -96.75 42.53 21.73
N GLU B 332 -97.46 41.48 22.15
CA GLU B 332 -98.43 41.59 23.24
C GLU B 332 -97.79 41.68 24.60
N ALA B 333 -96.78 40.83 24.86
CA ALA B 333 -96.01 40.89 26.10
C ALA B 333 -95.36 42.27 26.33
N GLN B 334 -94.81 42.88 25.28
CA GLN B 334 -94.20 44.21 25.41
C GLN B 334 -95.24 45.25 25.85
N ASP B 335 -96.44 45.17 25.28
CA ASP B 335 -97.54 46.08 25.60
C ASP B 335 -97.97 46.05 27.09
N LEU B 336 -98.00 44.85 27.68
CA LEU B 336 -98.26 44.70 29.10
C LEU B 336 -97.08 45.16 29.95
N LEU B 337 -95.87 44.72 29.57
CA LEU B 337 -94.67 44.98 30.36
C LEU B 337 -94.20 46.42 30.34
N GLU B 338 -94.47 47.13 29.26
CA GLU B 338 -94.00 48.50 29.11
C GLU B 338 -94.68 49.47 30.07
N LYS B 339 -95.72 48.98 30.74
CA LYS B 339 -96.53 49.76 31.69
C LYS B 339 -95.89 49.79 33.09
N THR B 340 -95.08 48.78 33.39
CA THR B 340 -94.32 48.71 34.63
C THR B 340 -92.88 49.20 34.47
N SER B 341 -92.22 48.83 33.37
CA SER B 341 -90.79 49.17 33.17
C SER B 341 -90.50 49.83 31.81
N ASP B 342 -89.53 50.75 31.76
CA ASP B 342 -89.08 51.35 30.49
C ASP B 342 -87.97 50.51 29.80
N ARG B 343 -87.50 49.46 30.49
CA ARG B 343 -86.45 48.57 29.95
C ARG B 343 -86.96 47.17 29.93
N LEU B 344 -87.07 46.64 28.73
CA LEU B 344 -87.48 45.26 28.57
C LEU B 344 -86.32 44.48 28.04
N HIS B 345 -86.08 43.34 28.66
CA HIS B 345 -85.06 42.44 28.17
C HIS B 345 -85.69 41.11 27.80
N PHE B 346 -85.61 40.78 26.51
CA PHE B 346 -85.97 39.44 26.06
C PHE B 346 -84.72 38.61 25.85
N ASP B 347 -84.62 37.56 26.63
CA ASP B 347 -83.46 36.71 26.55
C ASP B 347 -83.74 35.64 25.53
N GLU B 348 -83.44 36.02 24.28
CA GLU B 348 -83.70 35.20 23.10
C GLU B 348 -82.54 34.26 22.73
N ALA B 349 -81.83 33.76 23.74
CA ALA B 349 -80.55 33.06 23.52
C ALA B 349 -80.68 31.90 22.52
N TRP B 350 -81.78 31.16 22.65
CA TRP B 350 -82.03 29.93 21.90
C TRP B 350 -82.80 30.17 20.59
N TYR B 351 -82.80 31.41 20.11
CA TYR B 351 -83.90 31.92 19.32
C TYR B 351 -83.46 33.02 18.39
N GLY B 352 -82.16 33.09 18.09
CA GLY B 352 -81.68 34.21 17.26
C GLY B 352 -82.14 34.22 15.81
N TYR B 353 -82.69 33.10 15.35
CA TYR B 353 -83.14 32.97 13.95
C TYR B 353 -84.56 33.49 13.69
N ALA B 354 -85.30 33.84 14.74
CA ALA B 354 -86.77 34.02 14.64
C ALA B 354 -87.21 35.07 13.63
N ARG B 355 -86.46 36.17 13.56
CA ARG B 355 -86.77 37.29 12.66
C ARG B 355 -86.79 36.94 11.15
N PHE B 356 -86.23 35.78 10.78
CA PHE B 356 -85.97 35.50 9.36
C PHE B 356 -86.95 34.51 8.73
N ASN B 357 -87.86 33.97 9.55
CA ASN B 357 -89.04 33.24 9.07
C ASN B 357 -90.40 33.85 9.48
N PRO B 358 -91.34 33.98 8.50
CA PRO B 358 -92.65 34.58 8.82
C PRO B 358 -93.46 33.74 9.79
N ILE B 359 -93.16 32.46 9.90
CA ILE B 359 -93.92 31.62 10.79
C ILE B 359 -93.83 32.09 12.23
N TYR B 360 -92.78 32.82 12.57
CA TYR B 360 -92.54 33.36 13.92
C TYR B 360 -93.03 34.82 14.12
N ALA B 361 -93.54 35.44 13.06
CA ALA B 361 -94.16 36.79 13.15
C ALA B 361 -94.77 37.13 14.52
N ASP B 362 -94.37 38.30 15.03
CA ASP B 362 -94.82 38.89 16.32
C ASP B 362 -94.35 38.18 17.58
N HIS B 363 -93.74 37.01 17.42
CA HIS B 363 -93.29 36.24 18.57
C HIS B 363 -91.80 36.37 18.88
N TYR B 364 -91.24 37.55 18.61
CA TYR B 364 -89.86 37.89 18.97
C TYR B 364 -89.79 39.41 19.07
N ALA B 365 -88.69 39.93 19.63
CA ALA B 365 -88.53 41.34 19.98
C ALA B 365 -88.31 42.27 18.80
N MET B 366 -87.34 41.97 17.96
CA MET B 366 -86.97 42.93 16.90
C MET B 366 -87.90 42.82 15.69
N ARG B 367 -89.17 43.20 15.88
CA ARG B 367 -90.19 43.09 14.84
C ARG B 367 -90.10 44.24 13.87
N GLY B 368 -90.03 43.94 12.58
CA GLY B 368 -90.08 44.98 11.55
C GLY B 368 -88.84 45.84 11.57
N GLU B 369 -88.96 47.08 11.11
CA GLU B 369 -87.80 47.92 11.03
C GLU B 369 -87.69 48.79 12.28
N PRO B 370 -86.45 49.09 12.71
CA PRO B 370 -86.24 49.89 13.90
C PRO B 370 -86.40 51.38 13.55
N GLY B 371 -86.41 52.25 14.57
CA GLY B 371 -86.49 53.70 14.36
C GLY B 371 -87.55 54.44 15.16
N ASP B 372 -88.55 53.71 15.64
CA ASP B 372 -89.62 54.26 16.46
C ASP B 372 -89.30 54.14 17.95
N HIS B 373 -88.96 55.30 18.54
CA HIS B 373 -88.47 55.40 19.92
C HIS B 373 -89.60 55.63 20.92
N ASN B 374 -90.83 55.60 20.42
CA ASN B 374 -91.99 55.85 21.25
C ASN B 374 -92.52 54.54 21.86
N GLY B 375 -91.72 54.00 22.78
CA GLY B 375 -92.04 52.73 23.44
C GLY B 375 -90.92 52.52 24.44
N PRO B 376 -90.85 51.32 25.06
CA PRO B 376 -89.75 51.06 25.99
C PRO B 376 -88.43 50.86 25.24
N THR B 377 -87.31 50.92 25.96
CA THR B 377 -86.04 50.43 25.45
C THR B 377 -86.10 48.90 25.54
N VAL B 378 -85.82 48.24 24.43
CA VAL B 378 -85.89 46.79 24.41
C VAL B 378 -84.54 46.15 24.06
N PHE B 379 -84.16 45.17 24.88
CA PHE B 379 -82.95 44.40 24.72
C PHE B 379 -83.29 42.98 24.30
N ALA B 380 -82.57 42.47 23.30
CA ALA B 380 -82.64 41.04 22.95
C ALA B 380 -81.23 40.41 22.95
N THR B 381 -81.11 39.21 23.52
CA THR B 381 -79.84 38.54 23.55
C THR B 381 -79.87 37.26 22.74
N HIS B 382 -78.88 37.08 21.88
CA HIS B 382 -78.73 35.84 21.14
C HIS B 382 -77.39 35.19 21.44
N SER B 383 -77.40 33.92 21.85
CA SER B 383 -76.23 33.08 21.74
C SER B 383 -76.11 32.66 20.29
N THR B 384 -75.36 33.41 19.51
CA THR B 384 -75.18 33.07 18.09
C THR B 384 -74.79 31.60 17.83
N HIS B 385 -73.98 31.03 18.73
CA HIS B 385 -73.53 29.64 18.60
C HIS B 385 -74.63 28.63 18.90
N LYS B 386 -75.73 29.07 19.49
CA LYS B 386 -76.76 28.10 19.88
C LYS B 386 -77.56 27.68 18.67
N LEU B 387 -78.28 28.61 18.07
CA LEU B 387 -79.11 28.22 16.95
C LEU B 387 -78.96 29.04 15.70
N LEU B 388 -78.04 30.02 15.73
CA LEU B 388 -77.43 30.51 14.51
C LEU B 388 -76.13 29.68 14.19
N ASN B 389 -75.26 30.20 13.34
CA ASN B 389 -73.98 29.52 13.05
C ASN B 389 -72.81 30.36 13.53
N ALA B 390 -72.24 29.96 14.66
CA ALA B 390 -71.09 30.66 15.22
C ALA B 390 -70.37 29.78 16.21
N LEU B 391 -69.13 30.12 16.50
CA LEU B 391 -68.35 29.38 17.51
C LEU B 391 -68.97 29.63 18.89
N SER B 392 -68.93 28.62 19.76
CA SER B 392 -69.23 28.87 21.16
C SER B 392 -68.61 30.17 21.64
N GLN B 393 -69.42 30.93 22.41
CA GLN B 393 -69.04 32.19 23.09
C GLN B 393 -69.44 33.40 22.28
N ALA B 394 -69.79 33.16 21.03
CA ALA B 394 -70.24 34.27 20.20
C ALA B 394 -71.65 34.65 20.68
N SER B 395 -71.89 35.96 20.80
CA SER B 395 -73.15 36.48 21.32
C SER B 395 -73.43 37.87 20.78
N TYR B 396 -74.72 38.25 20.76
CA TYR B 396 -75.11 39.66 20.49
C TYR B 396 -76.08 40.24 21.51
N ILE B 397 -75.92 41.54 21.77
CA ILE B 397 -76.92 42.32 22.46
C ILE B 397 -77.49 43.23 21.41
N HIS B 398 -78.79 43.07 21.17
CA HIS B 398 -79.51 43.88 20.22
C HIS B 398 -80.43 44.80 21.02
N VAL B 399 -80.42 46.06 20.65
CA VAL B 399 -81.09 47.10 21.43
C VAL B 399 -82.00 47.95 20.55
N ARG B 400 -83.25 48.10 20.96
CA ARG B 400 -84.10 49.15 20.40
C ARG B 400 -84.28 50.20 21.47
N GLU B 401 -83.88 51.41 21.11
CA GLU B 401 -83.90 52.53 22.03
C GLU B 401 -85.28 53.15 22.14
N GLY B 402 -85.67 53.42 23.38
CA GLY B 402 -86.95 54.04 23.67
C GLY B 402 -86.80 54.91 24.89
N ARG B 403 -87.80 54.85 25.76
CA ARG B 403 -87.74 55.55 27.03
C ARG B 403 -86.68 54.88 27.90
N GLY B 404 -85.98 55.71 28.69
CA GLY B 404 -84.92 55.24 29.58
C GLY B 404 -83.73 54.63 28.87
N ALA B 405 -83.44 55.09 27.64
CA ALA B 405 -82.34 54.57 26.82
C ALA B 405 -80.98 54.87 27.47
N ILE B 406 -79.99 54.05 27.11
CA ILE B 406 -78.64 54.18 27.68
C ILE B 406 -77.67 54.45 26.56
N ASN B 407 -77.12 55.67 26.52
CA ASN B 407 -76.19 56.07 25.48
C ASN B 407 -74.88 55.25 25.50
N PHE B 408 -74.12 55.35 24.40
CA PHE B 408 -72.91 54.57 24.22
C PHE B 408 -71.90 54.78 25.36
N SER B 409 -71.54 56.04 25.66
CA SER B 409 -70.61 56.34 26.77
C SER B 409 -71.00 55.63 28.05
N ARG B 410 -72.28 55.68 28.39
CA ARG B 410 -72.77 54.98 29.56
C ARG B 410 -72.70 53.47 29.40
N PHE B 411 -73.24 52.92 28.29
CA PHE B 411 -73.43 51.47 28.17
C PHE B 411 -72.09 50.72 28.01
N ASN B 412 -71.13 51.36 27.34
CA ASN B 412 -69.84 50.71 27.13
C ASN B 412 -69.02 50.46 28.41
N GLN B 413 -69.32 51.19 29.49
CA GLN B 413 -68.68 50.93 30.76
C GLN B 413 -69.16 49.62 31.30
N ALA B 414 -70.43 49.32 31.06
CA ALA B 414 -71.01 48.04 31.45
C ALA B 414 -70.46 46.94 30.51
N TYR B 415 -70.31 47.30 29.23
CA TYR B 415 -69.69 46.38 28.27
C TYR B 415 -68.28 45.94 28.72
N MET B 416 -67.37 46.90 28.90
CA MET B 416 -65.97 46.59 29.30
C MET B 416 -65.87 45.87 30.62
N MET B 417 -66.81 46.17 31.52
CA MET B 417 -66.84 45.57 32.84
C MET B 417 -66.84 44.05 32.78
N HIS B 418 -67.51 43.48 31.77
CA HIS B 418 -67.65 42.02 31.68
C HIS B 418 -66.98 41.42 30.44
N ALA B 419 -66.12 42.22 29.80
CA ALA B 419 -65.38 41.82 28.64
C ALA B 419 -63.99 41.28 29.04
N THR B 420 -63.22 40.82 28.06
CA THR B 420 -61.79 40.62 28.22
C THR B 420 -61.11 41.62 27.30
N THR B 421 -59.97 42.14 27.75
CA THR B 421 -59.15 43.06 26.97
C THR B 421 -58.42 42.31 25.87
N SER B 422 -58.48 40.98 25.92
CA SER B 422 -57.78 40.18 24.91
C SER B 422 -58.69 39.19 24.21
N PRO B 423 -59.66 39.70 23.42
CA PRO B 423 -60.64 38.87 22.69
C PRO B 423 -60.00 37.98 21.64
N LEU B 424 -60.54 36.77 21.46
CA LEU B 424 -60.19 35.92 20.34
C LEU B 424 -60.94 36.31 19.05
N TYR B 425 -60.20 36.87 18.09
CA TYR B 425 -60.81 37.30 16.83
C TYR B 425 -61.49 36.20 16.02
N ALA B 426 -61.08 34.94 16.18
CA ALA B 426 -61.78 33.83 15.54
C ALA B 426 -63.28 33.90 15.89
N ILE B 427 -63.58 34.06 17.19
CA ILE B 427 -64.96 34.17 17.67
C ILE B 427 -65.70 35.31 17.00
N CYS B 428 -65.11 36.50 16.98
CA CYS B 428 -65.71 37.64 16.36
C CYS B 428 -65.97 37.42 14.88
N ALA B 429 -65.10 36.64 14.23
CA ALA B 429 -65.16 36.40 12.80
C ALA B 429 -66.42 35.56 12.57
N SER B 430 -66.66 34.61 13.47
CA SER B 430 -67.79 33.70 13.36
C SER B 430 -69.09 34.47 13.55
N ASN B 431 -69.04 35.49 14.39
CA ASN B 431 -70.20 36.30 14.71
C ASN B 431 -70.55 37.14 13.52
N ASP B 432 -69.52 37.59 12.82
CA ASP B 432 -69.69 38.40 11.62
C ASP B 432 -70.31 37.51 10.53
N VAL B 433 -69.81 36.28 10.38
CA VAL B 433 -70.37 35.32 9.41
C VAL B 433 -71.79 34.84 9.80
N ALA B 434 -72.03 34.59 11.08
CA ALA B 434 -73.39 34.35 11.54
C ALA B 434 -74.42 35.35 10.94
N VAL B 435 -74.11 36.66 11.02
CA VAL B 435 -74.94 37.73 10.44
C VAL B 435 -75.13 37.54 8.93
N SER B 436 -74.02 37.34 8.23
CA SER B 436 -73.94 37.17 6.79
C SER B 436 -74.96 36.17 6.28
N MET B 437 -75.02 35.03 6.95
CA MET B 437 -75.88 33.93 6.54
C MET B 437 -77.36 34.20 6.68
N MET B 438 -77.73 35.06 7.62
CA MET B 438 -79.11 35.52 7.78
C MET B 438 -79.47 36.73 6.92
N ASP B 439 -78.51 37.33 6.21
CA ASP B 439 -78.78 38.52 5.40
C ASP B 439 -79.43 38.23 4.03
N GLY B 440 -80.51 38.91 3.70
CA GLY B 440 -81.17 38.77 2.39
C GLY B 440 -81.90 37.45 2.23
N ASN B 441 -81.87 36.88 1.02
CA ASN B 441 -82.69 35.71 0.75
C ASN B 441 -82.36 34.48 1.57
N SER B 442 -81.11 34.33 2.03
CA SER B 442 -80.67 33.08 2.70
C SER B 442 -81.22 32.86 4.10
N GLY B 443 -81.53 33.92 4.81
CA GLY B 443 -82.15 33.82 6.16
C GLY B 443 -83.43 33.00 6.12
N LEU B 444 -84.30 33.39 5.18
CA LEU B 444 -85.56 32.72 4.92
C LEU B 444 -85.33 31.29 4.52
N SER B 445 -84.41 31.13 3.57
CA SER B 445 -84.09 29.80 3.03
C SER B 445 -83.60 28.80 4.09
N LEU B 446 -82.59 29.22 4.86
CA LEU B 446 -82.02 28.43 5.93
C LEU B 446 -83.03 28.04 7.03
N THR B 447 -83.76 29.04 7.56
CA THR B 447 -84.76 28.78 8.60
C THR B 447 -85.90 27.93 8.07
N GLN B 448 -86.37 28.21 6.84
CA GLN B 448 -87.38 27.33 6.22
C GLN B 448 -86.90 25.88 6.14
N GLU B 449 -85.64 25.66 5.80
CA GLU B 449 -85.14 24.29 5.74
C GLU B 449 -85.23 23.58 7.11
N VAL B 450 -84.90 24.29 8.18
CA VAL B 450 -84.95 23.64 9.52
C VAL B 450 -86.38 23.28 9.86
N ILE B 451 -87.32 24.21 9.61
CA ILE B 451 -88.77 23.97 9.82
C ILE B 451 -89.25 22.75 9.01
N ASP B 452 -88.89 22.71 7.71
CA ASP B 452 -89.22 21.57 6.83
C ASP B 452 -88.76 20.23 7.36
N GLU B 453 -87.51 20.21 7.81
CA GLU B 453 -86.92 18.98 8.33
C GLU B 453 -87.65 18.51 9.58
N ALA B 454 -87.89 19.43 10.52
CA ALA B 454 -88.59 19.09 11.78
C ALA B 454 -90.02 18.64 11.51
N VAL B 455 -90.71 19.34 10.61
CA VAL B 455 -92.06 18.91 10.27
C VAL B 455 -92.08 17.49 9.66
N ASP B 456 -91.15 17.20 8.74
CA ASP B 456 -91.05 15.86 8.18
C ASP B 456 -90.91 14.79 9.25
N PHE B 457 -90.01 15.04 10.20
CA PHE B 457 -89.82 14.13 11.33
C PHE B 457 -91.10 14.00 12.19
N ARG B 458 -91.66 15.13 12.61
CA ARG B 458 -92.93 15.14 13.36
C ARG B 458 -94.04 14.34 12.63
N GLN B 459 -94.21 14.59 11.33
CA GLN B 459 -95.24 13.87 10.54
C GLN B 459 -94.98 12.42 10.44
N ALA B 460 -93.71 12.05 10.28
CA ALA B 460 -93.34 10.64 10.25
C ALA B 460 -93.73 9.96 11.56
N MET B 461 -93.38 10.60 12.68
CA MET B 461 -93.72 10.08 14.00
C MET B 461 -95.23 9.99 14.21
N ALA B 462 -95.98 11.03 13.80
CA ALA B 462 -97.46 11.05 13.90
C ALA B 462 -98.10 9.92 13.09
N ARG B 463 -97.57 9.70 11.88
CA ARG B 463 -98.07 8.60 11.03
C ARG B 463 -97.83 7.24 11.62
N LEU B 464 -96.65 7.03 12.22
CA LEU B 464 -96.37 5.72 12.85
C LEU B 464 -97.18 5.55 14.14
N TYR B 465 -97.42 6.67 14.84
CA TYR B 465 -98.23 6.64 16.02
C TYR B 465 -99.66 6.18 15.66
N LYS B 466 -100.23 6.80 14.63
CA LYS B 466 -101.56 6.42 14.08
C LYS B 466 -101.60 4.95 13.66
N GLU B 467 -100.62 4.56 12.85
CA GLU B 467 -100.50 3.19 12.39
C GLU B 467 -100.34 2.16 13.54
N PHE B 468 -99.47 2.41 14.51
CA PHE B 468 -99.30 1.49 15.64
C PHE B 468 -100.57 1.42 16.50
N THR B 469 -101.22 2.56 16.70
CA THR B 469 -102.45 2.61 17.49
C THR B 469 -103.55 1.79 16.83
N ALA B 470 -103.72 1.95 15.51
CA ALA B 470 -104.75 1.21 14.76
C ALA B 470 -104.53 -0.30 14.86
N ASP B 471 -103.30 -0.69 15.16
CA ASP B 471 -102.93 -2.08 15.22
C ASP B 471 -102.94 -2.60 16.67
N GLY B 472 -103.39 -1.77 17.61
CA GLY B 472 -103.44 -2.18 19.01
C GLY B 472 -102.09 -2.21 19.74
N SER B 473 -101.14 -1.40 19.28
CA SER B 473 -99.80 -1.35 19.86
C SER B 473 -99.44 0.10 20.20
N TRP B 474 -98.51 0.28 21.11
CA TRP B 474 -98.10 1.63 21.53
C TRP B 474 -96.99 2.17 20.61
N PHE B 475 -96.77 3.48 20.68
CA PHE B 475 -95.63 4.08 20.08
C PHE B 475 -95.49 5.50 20.65
N PHE B 476 -94.45 6.19 20.23
CA PHE B 476 -94.22 7.58 20.59
C PHE B 476 -95.01 8.50 19.67
N LYS B 477 -95.26 9.72 20.13
CA LYS B 477 -95.99 10.71 19.35
C LYS B 477 -95.34 12.07 19.50
N PRO B 478 -95.37 12.89 18.45
CA PRO B 478 -94.77 14.21 18.63
C PRO B 478 -95.66 15.14 19.46
N TRP B 479 -95.01 16.04 20.19
CA TRP B 479 -95.71 17.09 20.91
C TRP B 479 -95.95 18.28 20.01
N ASN B 480 -97.16 18.32 19.44
CA ASN B 480 -97.62 19.43 18.60
C ASN B 480 -99.15 19.31 18.44
N LYS B 481 -99.75 20.25 17.71
CA LYS B 481 -101.20 20.25 17.45
C LYS B 481 -101.68 18.95 16.83
N GLU B 482 -102.83 18.47 17.28
CA GLU B 482 -103.40 17.23 16.75
C GLU B 482 -104.25 17.47 15.49
N VAL B 483 -105.07 18.53 15.52
CA VAL B 483 -105.98 18.86 14.44
C VAL B 483 -105.72 20.26 13.96
N VAL B 484 -105.50 20.32 12.67
CA VAL B 484 -104.94 21.48 12.02
C VAL B 484 -105.99 22.00 11.01
N THR B 485 -106.00 23.31 10.76
CA THR B 485 -107.02 23.91 9.91
C THR B 485 -106.38 24.75 8.82
N ASP B 486 -106.73 24.44 7.57
CA ASP B 486 -106.26 25.25 6.43
C ASP B 486 -106.97 26.59 6.40
N PRO B 487 -106.22 27.70 6.57
CA PRO B 487 -106.87 29.02 6.70
C PRO B 487 -107.49 29.51 5.39
N GLN B 488 -107.01 28.98 4.27
CA GLN B 488 -107.53 29.26 2.94
C GLN B 488 -108.87 28.57 2.63
N THR B 489 -109.03 27.31 3.07
CA THR B 489 -110.22 26.53 2.69
C THR B 489 -111.14 26.13 3.84
N GLY B 490 -110.66 26.27 5.07
CA GLY B 490 -111.37 25.78 6.24
C GLY B 490 -111.14 24.30 6.52
N LYS B 491 -110.55 23.58 5.58
CA LYS B 491 -110.36 22.13 5.72
C LYS B 491 -109.50 21.78 6.92
N THR B 492 -109.94 20.75 7.61
CA THR B 492 -109.37 20.29 8.85
C THR B 492 -108.63 18.99 8.56
N TYR B 493 -107.44 18.84 9.15
CA TYR B 493 -106.64 17.62 9.01
C TYR B 493 -106.07 17.21 10.35
N ASP B 494 -105.98 15.90 10.59
CA ASP B 494 -104.99 15.36 11.50
C ASP B 494 -103.61 15.86 11.09
N PHE B 495 -102.75 16.12 12.07
CA PHE B 495 -101.35 16.52 11.81
C PHE B 495 -100.69 15.57 10.82
N ALA B 496 -100.93 14.26 11.02
CA ALA B 496 -100.31 13.23 10.20
C ALA B 496 -100.72 13.34 8.72
N ASP B 497 -101.94 13.77 8.45
CA ASP B 497 -102.47 13.82 7.10
C ASP B 497 -102.24 15.18 6.46
N ALA B 498 -101.92 16.18 7.27
CA ALA B 498 -101.84 17.55 6.77
C ALA B 498 -100.77 17.75 5.68
N PRO B 499 -101.01 18.69 4.73
CA PRO B 499 -100.01 19.01 3.71
C PRO B 499 -98.86 19.77 4.36
N THR B 500 -97.63 19.39 4.03
CA THR B 500 -96.45 19.97 4.68
C THR B 500 -96.42 21.47 4.50
N LYS B 501 -96.91 21.95 3.36
CA LYS B 501 -96.90 23.40 3.13
C LYS B 501 -97.75 24.17 4.17
N LEU B 502 -98.87 23.56 4.59
CA LEU B 502 -99.70 24.14 5.66
C LEU B 502 -98.92 24.21 6.98
N LEU B 503 -98.37 23.08 7.40
CA LEU B 503 -97.61 22.94 8.63
C LEU B 503 -96.35 23.80 8.66
N THR B 504 -95.70 23.97 7.53
CA THR B 504 -94.39 24.65 7.51
C THR B 504 -94.46 26.14 7.23
N THR B 505 -95.65 26.64 6.88
CA THR B 505 -95.77 28.07 6.54
C THR B 505 -96.84 28.82 7.31
N VAL B 506 -97.79 28.10 7.93
CA VAL B 506 -98.96 28.72 8.58
C VAL B 506 -98.84 28.72 10.11
N GLN B 507 -98.67 29.91 10.67
CA GLN B 507 -98.37 30.08 12.10
C GLN B 507 -99.44 29.41 12.98
N ASP B 508 -100.70 29.53 12.54
CA ASP B 508 -101.86 29.07 13.30
C ASP B 508 -101.81 27.61 13.70
N CYS B 509 -101.10 26.79 12.93
CA CYS B 509 -100.95 25.35 13.22
C CYS B 509 -100.06 25.13 14.43
N TRP B 510 -99.45 26.21 14.93
CA TRP B 510 -98.50 26.15 16.04
C TRP B 510 -99.00 26.97 17.24
N VAL B 511 -100.04 27.79 17.02
CA VAL B 511 -100.59 28.62 18.07
C VAL B 511 -101.31 27.75 19.11
N MET B 512 -101.08 28.05 20.38
CA MET B 512 -101.74 27.38 21.46
C MET B 512 -103.09 28.03 21.76
N HIS B 513 -104.15 27.34 21.38
CA HIS B 513 -105.49 27.86 21.53
C HIS B 513 -106.13 27.30 22.80
N PRO B 514 -106.96 28.12 23.47
CA PRO B 514 -107.78 27.68 24.60
C PRO B 514 -108.67 26.52 24.16
N GLY B 515 -108.71 25.45 24.93
CA GLY B 515 -109.57 24.35 24.54
C GLY B 515 -108.87 23.27 23.73
N GLU B 516 -107.65 23.54 23.28
CA GLU B 516 -106.80 22.48 22.71
C GLU B 516 -106.05 21.79 23.85
N SER B 517 -106.17 20.48 23.92
CA SER B 517 -105.53 19.73 25.01
C SER B 517 -104.04 19.40 24.76
N TRP B 518 -103.57 19.51 23.52
CA TRP B 518 -102.24 18.99 23.19
C TRP B 518 -101.17 19.70 24.00
N HIS B 519 -101.23 21.02 24.09
CA HIS B 519 -100.22 21.76 24.78
C HIS B 519 -100.30 21.60 26.30
N GLY B 520 -101.49 21.34 26.83
CA GLY B 520 -101.65 21.03 28.23
C GLY B 520 -101.55 22.20 29.20
N PHE B 521 -101.51 23.43 28.66
CA PHE B 521 -101.49 24.64 29.47
C PHE B 521 -102.91 25.13 29.74
N LYS B 522 -103.39 24.81 30.94
CA LYS B 522 -104.73 25.09 31.44
C LYS B 522 -105.10 26.58 31.38
N ASP B 523 -106.23 26.89 30.75
CA ASP B 523 -106.78 28.26 30.71
C ASP B 523 -105.77 29.30 30.24
N ILE B 524 -104.92 28.90 29.29
CA ILE B 524 -104.04 29.83 28.59
C ILE B 524 -104.90 30.80 27.77
N PRO B 525 -104.59 32.10 27.79
CA PRO B 525 -105.25 33.02 26.86
C PRO B 525 -104.86 32.74 25.40
N ASP B 526 -105.67 33.26 24.47
CA ASP B 526 -105.50 33.00 23.05
C ASP B 526 -104.51 33.99 22.47
N ASN B 527 -103.88 33.63 21.34
CA ASN B 527 -103.01 34.55 20.60
C ASN B 527 -101.87 35.03 21.52
N TRP B 528 -101.49 34.13 22.44
CA TRP B 528 -100.47 34.44 23.45
C TRP B 528 -99.13 33.74 23.20
N SER B 529 -99.16 32.42 23.02
CA SER B 529 -97.95 31.67 22.71
C SER B 529 -98.09 30.64 21.56
N MET B 530 -96.95 30.27 20.99
CA MET B 530 -96.88 29.19 20.01
C MET B 530 -95.78 28.18 20.31
N LEU B 531 -95.86 27.02 19.65
CA LEU B 531 -94.79 26.04 19.65
C LEU B 531 -93.88 26.27 18.45
N ASP B 532 -92.56 26.31 18.69
CA ASP B 532 -91.53 26.44 17.64
C ASP B 532 -91.43 25.07 16.97
N PRO B 533 -91.68 25.01 15.65
CA PRO B 533 -91.59 23.71 14.95
C PRO B 533 -90.23 22.97 15.14
N ILE B 534 -89.15 23.72 15.29
CA ILE B 534 -87.80 23.11 15.21
C ILE B 534 -87.32 22.46 16.52
N LYS B 535 -88.10 22.67 17.59
CA LYS B 535 -87.85 22.02 18.87
C LYS B 535 -88.78 20.84 19.07
N VAL B 536 -88.37 19.70 18.54
CA VAL B 536 -89.24 18.56 18.50
C VAL B 536 -89.20 17.70 19.77
N SER B 537 -90.24 17.81 20.60
CA SER B 537 -90.47 16.87 21.69
C SER B 537 -91.23 15.62 21.23
N ILE B 538 -90.75 14.47 21.68
CA ILE B 538 -91.39 13.20 21.45
C ILE B 538 -91.92 12.71 22.79
N LEU B 539 -93.11 12.12 22.81
CA LEU B 539 -93.74 11.72 24.06
C LEU B 539 -93.86 10.23 24.11
N ALA B 540 -93.32 9.63 25.17
CA ALA B 540 -93.49 8.19 25.36
C ALA B 540 -94.87 8.04 26.00
N PRO B 541 -95.50 6.87 25.88
CA PRO B 541 -96.81 6.71 26.53
C PRO B 541 -96.72 6.63 28.06
N GLY B 542 -97.80 7.07 28.73
CA GLY B 542 -97.96 6.81 30.16
C GLY B 542 -98.62 7.93 30.92
N MET B 543 -98.54 9.15 30.40
CA MET B 543 -99.22 10.29 31.00
C MET B 543 -100.59 10.50 30.34
N GLY B 544 -101.67 10.29 31.09
CA GLY B 544 -103.02 10.46 30.57
C GLY B 544 -103.36 11.90 30.25
N GLU B 545 -104.36 12.10 29.39
CA GLU B 545 -104.81 13.45 28.98
C GLU B 545 -105.36 14.27 30.14
N ASP B 546 -105.86 13.58 31.17
CA ASP B 546 -106.41 14.20 32.37
C ASP B 546 -105.31 14.72 33.32
N GLY B 547 -104.06 14.38 33.00
CA GLY B 547 -102.92 14.76 33.83
C GLY B 547 -102.61 13.70 34.89
N GLU B 548 -103.20 12.52 34.78
CA GLU B 548 -102.88 11.42 35.69
C GLU B 548 -102.22 10.28 34.94
N LEU B 549 -101.34 9.56 35.61
CA LEU B 549 -100.64 8.45 34.98
C LEU B 549 -101.58 7.34 34.54
N GLU B 550 -101.22 6.63 33.48
CA GLU B 550 -102.08 5.57 32.97
C GLU B 550 -101.70 4.27 33.63
N GLU B 551 -102.28 3.16 33.18
CA GLU B 551 -102.05 1.88 33.87
C GLU B 551 -100.70 1.30 33.54
N THR B 552 -100.20 1.62 32.35
CA THR B 552 -98.88 1.22 31.89
C THR B 552 -98.26 2.40 31.14
N GLY B 553 -96.97 2.31 30.87
CA GLY B 553 -96.25 3.39 30.21
C GLY B 553 -94.82 2.99 29.90
N VAL B 554 -94.15 3.85 29.14
CA VAL B 554 -92.76 3.63 28.74
C VAL B 554 -91.95 4.84 29.22
N PRO B 555 -91.14 4.68 30.30
CA PRO B 555 -90.32 5.80 30.81
C PRO B 555 -89.22 6.23 29.87
N ALA B 556 -89.12 7.54 29.67
CA ALA B 556 -88.22 8.17 28.71
C ALA B 556 -86.76 8.04 29.12
N ALA B 557 -86.50 7.95 30.43
CA ALA B 557 -85.15 7.74 30.94
C ALA B 557 -84.57 6.49 30.32
N LEU B 558 -85.41 5.48 30.15
CA LEU B 558 -84.98 4.23 29.54
C LEU B 558 -84.68 4.39 28.05
N VAL B 559 -85.41 5.30 27.42
CA VAL B 559 -85.33 5.47 25.96
C VAL B 559 -84.12 6.31 25.61
N THR B 560 -83.86 7.34 26.43
CA THR B 560 -82.64 8.15 26.32
C THR B 560 -81.40 7.26 26.38
N ALA B 561 -81.37 6.31 27.31
CA ALA B 561 -80.22 5.43 27.49
C ALA B 561 -80.02 4.57 26.25
N TRP B 562 -81.12 4.08 25.67
CA TRP B 562 -81.05 3.33 24.41
C TRP B 562 -80.48 4.20 23.29
N LEU B 563 -80.92 5.46 23.26
CA LEU B 563 -80.51 6.42 22.24
C LEU B 563 -79.03 6.67 22.37
N GLY B 564 -78.56 6.81 23.62
CA GLY B 564 -77.15 6.99 23.96
C GLY B 564 -76.27 5.88 23.44
N ARG B 565 -76.71 4.64 23.63
CA ARG B 565 -75.98 3.49 23.10
C ARG B 565 -75.71 3.58 21.60
N HIS B 566 -76.56 4.31 20.89
CA HIS B 566 -76.44 4.39 19.43
C HIS B 566 -75.80 5.70 19.01
N GLY B 567 -75.38 6.46 20.02
CA GLY B 567 -74.71 7.73 19.82
C GLY B 567 -75.68 8.77 19.32
N ILE B 568 -76.74 8.99 20.10
CA ILE B 568 -77.76 10.02 19.86
C ILE B 568 -78.15 10.54 21.22
N VAL B 569 -77.96 11.83 21.46
CA VAL B 569 -78.30 12.38 22.76
C VAL B 569 -79.26 13.57 22.61
N PRO B 570 -80.52 13.41 23.10
CA PRO B 570 -81.46 14.52 23.19
C PRO B 570 -81.04 15.57 24.23
N THR B 571 -81.34 16.83 23.94
CA THR B 571 -80.93 17.98 24.74
C THR B 571 -81.74 18.16 26.02
N ARG B 572 -82.92 17.53 26.06
CA ARG B 572 -83.81 17.57 27.23
C ARG B 572 -84.65 16.30 27.33
N THR B 573 -85.11 15.99 28.55
CA THR B 573 -85.69 14.68 28.92
C THR B 573 -86.40 14.76 30.25
N THR B 574 -87.73 14.79 30.22
CA THR B 574 -88.53 14.61 31.44
C THR B 574 -88.82 13.12 31.68
N ASP B 575 -89.96 12.83 32.31
CA ASP B 575 -90.39 11.46 32.56
C ASP B 575 -90.85 10.77 31.26
N PHE B 576 -91.42 11.57 30.36
CA PHE B 576 -92.02 11.08 29.11
C PHE B 576 -91.61 11.91 27.91
N GLN B 577 -91.11 13.12 28.12
CA GLN B 577 -90.68 13.99 27.03
C GLN B 577 -89.23 13.73 26.66
N ILE B 578 -88.95 13.70 25.37
CA ILE B 578 -87.60 13.59 24.84
C ILE B 578 -87.56 14.61 23.73
N MET B 579 -86.64 15.56 23.83
CA MET B 579 -86.61 16.62 22.85
C MET B 579 -85.38 16.57 21.98
N PHE B 580 -85.58 16.76 20.67
CA PHE B 580 -84.52 16.82 19.68
C PHE B 580 -84.50 18.18 19.03
N LEU B 581 -83.31 18.76 19.04
CA LEU B 581 -83.05 20.05 18.46
C LEU B 581 -82.71 19.91 16.98
N PHE B 582 -83.33 20.73 16.16
CA PHE B 582 -83.02 20.81 14.75
C PHE B 582 -82.39 22.18 14.54
N SER B 583 -81.40 22.27 13.67
CA SER B 583 -80.72 23.53 13.46
C SER B 583 -80.34 23.62 12.02
N MET B 584 -79.87 24.81 11.64
CA MET B 584 -79.28 25.02 10.34
C MET B 584 -78.09 24.14 9.98
N GLY B 585 -77.57 23.36 10.94
CA GLY B 585 -76.45 22.46 10.69
C GLY B 585 -76.84 21.01 10.44
N VAL B 586 -78.10 20.68 10.71
CA VAL B 586 -78.67 19.36 10.38
C VAL B 586 -78.68 19.18 8.85
N THR B 587 -78.48 17.97 8.38
CA THR B 587 -78.55 17.70 6.95
C THR B 587 -79.82 16.92 6.67
N ARG B 588 -80.36 17.11 5.47
CA ARG B 588 -81.72 16.65 5.13
C ARG B 588 -81.87 15.14 5.26
N GLY B 589 -82.96 14.69 5.87
CA GLY B 589 -83.27 13.25 6.00
C GLY B 589 -82.61 12.56 7.18
N LYS B 590 -81.75 13.29 7.88
CA LYS B 590 -80.99 12.75 9.02
C LYS B 590 -81.92 12.26 10.15
N TRP B 591 -83.06 12.93 10.32
CA TRP B 591 -84.10 12.49 11.26
C TRP B 591 -84.57 11.04 11.10
N GLY B 592 -84.38 10.46 9.92
CA GLY B 592 -84.75 9.05 9.71
C GLY B 592 -84.00 8.13 10.64
N THR B 593 -82.84 8.58 11.10
CA THR B 593 -82.06 7.74 12.00
C THR B 593 -82.69 7.71 13.41
N LEU B 594 -83.26 8.85 13.83
CA LEU B 594 -84.06 8.92 15.07
C LEU B 594 -85.20 7.93 15.02
N VAL B 595 -86.01 8.08 13.96
CA VAL B 595 -87.12 7.15 13.69
C VAL B 595 -86.65 5.71 13.77
N ASN B 596 -85.55 5.39 13.06
CA ASN B 596 -84.96 4.05 13.07
C ASN B 596 -84.62 3.55 14.50
N THR B 597 -84.03 4.42 15.29
CA THR B 597 -83.58 4.00 16.61
C THR B 597 -84.75 3.90 17.62
N LEU B 598 -85.71 4.82 17.51
CA LEU B 598 -86.95 4.69 18.26
C LEU B 598 -87.73 3.41 17.91
N CYS B 599 -87.66 3.00 16.64
CA CYS B 599 -88.28 1.75 16.24
C CYS B 599 -87.57 0.54 16.79
N SER B 600 -86.24 0.53 16.76
CA SER B 600 -85.57 -0.66 17.29
C SER B 600 -85.79 -0.73 18.79
N PHE B 601 -85.91 0.43 19.44
CA PHE B 601 -86.29 0.43 20.84
C PHE B 601 -87.62 -0.31 21.08
N LYS B 602 -88.68 0.13 20.38
CA LYS B 602 -90.04 -0.45 20.44
C LYS B 602 -89.97 -1.96 20.27
N ARG B 603 -89.22 -2.39 19.26
CA ARG B 603 -88.99 -3.79 18.94
C ARG B 603 -88.42 -4.57 20.12
N HIS B 604 -87.37 -4.01 20.73
CA HIS B 604 -86.72 -4.65 21.88
C HIS B 604 -87.55 -4.59 23.16
N TYR B 605 -88.24 -3.47 23.37
CA TYR B 605 -89.14 -3.30 24.51
C TYR B 605 -90.20 -4.40 24.51
N ASP B 606 -90.81 -4.65 23.35
CA ASP B 606 -91.88 -5.63 23.24
C ASP B 606 -91.42 -7.07 23.29
N ALA B 607 -90.21 -7.36 22.83
CA ALA B 607 -89.61 -8.68 22.98
C ALA B 607 -89.04 -8.90 24.38
N ASN B 608 -88.97 -7.83 25.18
CA ASN B 608 -88.32 -7.86 26.50
C ASN B 608 -86.91 -8.48 26.45
N THR B 609 -86.12 -8.00 25.51
CA THR B 609 -84.76 -8.48 25.32
C THR B 609 -83.99 -8.30 26.62
N PRO B 610 -83.25 -9.32 27.06
CA PRO B 610 -82.41 -9.19 28.26
C PRO B 610 -81.40 -8.03 28.17
N LEU B 611 -81.35 -7.23 29.23
CA LEU B 611 -80.46 -6.07 29.35
C LEU B 611 -78.98 -6.36 29.10
N ALA B 612 -78.53 -7.56 29.45
CA ALA B 612 -77.17 -8.01 29.13
C ALA B 612 -76.86 -7.83 27.63
N GLN B 613 -77.86 -8.03 26.79
CA GLN B 613 -77.69 -7.86 25.35
C GLN B 613 -77.96 -6.43 24.88
N VAL B 614 -78.97 -5.77 25.44
CA VAL B 614 -79.32 -4.44 24.95
C VAL B 614 -78.68 -3.28 25.72
N MET B 615 -78.40 -3.49 26.99
CA MET B 615 -77.67 -2.50 27.79
C MET B 615 -76.56 -3.16 28.61
N PRO B 616 -75.47 -3.61 27.94
CA PRO B 616 -74.42 -4.38 28.59
C PRO B 616 -73.62 -3.53 29.58
N GLU B 617 -73.28 -2.31 29.17
CA GLU B 617 -72.55 -1.39 30.03
C GLU B 617 -73.22 -1.32 31.39
N LEU B 618 -74.55 -1.15 31.37
CA LEU B 618 -75.34 -0.98 32.59
C LEU B 618 -75.29 -2.20 33.50
N VAL B 619 -75.32 -3.38 32.90
CA VAL B 619 -75.34 -4.63 33.67
C VAL B 619 -73.95 -4.91 34.22
N GLU B 620 -72.94 -4.72 33.39
CA GLU B 620 -71.55 -4.83 33.83
C GLU B 620 -71.31 -3.99 35.09
N GLN B 621 -71.88 -2.79 35.10
CA GLN B 621 -71.61 -1.79 36.13
C GLN B 621 -72.43 -1.96 37.40
N TYR B 622 -73.66 -2.43 37.26
CA TYR B 622 -74.53 -2.65 38.41
C TYR B 622 -75.16 -4.02 38.32
N PRO B 623 -74.33 -5.09 38.38
CA PRO B 623 -74.80 -6.46 38.19
C PRO B 623 -75.89 -6.88 39.18
N ASP B 624 -75.88 -6.27 40.37
CA ASP B 624 -76.85 -6.64 41.40
C ASP B 624 -78.25 -6.12 41.13
N THR B 625 -78.35 -4.93 40.52
CA THR B 625 -79.68 -4.35 40.25
C THR B 625 -80.36 -4.91 39.00
N TYR B 626 -79.58 -5.17 37.96
CA TYR B 626 -80.17 -5.38 36.62
C TYR B 626 -80.02 -6.77 36.00
N ALA B 627 -79.38 -7.70 36.70
CA ALA B 627 -79.27 -9.07 36.20
C ALA B 627 -80.62 -9.79 36.34
N ASN B 628 -80.84 -10.80 35.50
CA ASN B 628 -82.12 -11.54 35.37
C ASN B 628 -83.28 -10.73 34.75
N MET B 629 -82.98 -9.53 34.23
CA MET B 629 -83.97 -8.54 33.80
C MET B 629 -83.93 -8.22 32.30
N GLY B 630 -85.11 -8.18 31.67
CA GLY B 630 -85.22 -7.65 30.32
C GLY B 630 -85.61 -6.17 30.34
N ILE B 631 -85.40 -5.50 29.21
CA ILE B 631 -85.68 -4.05 29.09
C ILE B 631 -87.13 -3.62 29.39
N HIS B 632 -88.08 -4.52 29.12
CA HIS B 632 -89.49 -4.29 29.43
C HIS B 632 -89.80 -4.49 30.93
N ASP B 633 -89.20 -5.50 31.56
CA ASP B 633 -89.24 -5.65 33.03
C ASP B 633 -88.78 -4.37 33.75
N LEU B 634 -87.69 -3.79 33.27
CA LEU B 634 -87.13 -2.58 33.87
C LEU B 634 -88.06 -1.40 33.72
N GLY B 635 -88.64 -1.23 32.53
CA GLY B 635 -89.63 -0.17 32.27
C GLY B 635 -90.88 -0.28 33.14
N ASP B 636 -91.35 -1.52 33.32
CA ASP B 636 -92.43 -1.87 34.26
C ASP B 636 -92.06 -1.43 35.68
N THR B 637 -90.86 -1.82 36.13
CA THR B 637 -90.34 -1.44 37.45
C THR B 637 -90.29 0.07 37.59
N MET B 638 -89.76 0.74 36.57
CA MET B 638 -89.67 2.21 36.58
C MET B 638 -91.04 2.89 36.58
N PHE B 639 -91.99 2.32 35.83
CA PHE B 639 -93.30 2.93 35.75
C PHE B 639 -94.05 2.72 37.08
N ALA B 640 -93.90 1.53 37.66
CA ALA B 640 -94.34 1.23 39.03
C ALA B 640 -93.80 2.26 40.04
N TRP B 641 -92.52 2.61 39.93
CA TRP B 641 -91.97 3.68 40.76
C TRP B 641 -92.69 5.00 40.57
N LEU B 642 -92.99 5.37 39.32
CA LEU B 642 -93.68 6.64 39.04
C LEU B 642 -95.10 6.62 39.60
N LYS B 643 -95.75 5.47 39.52
CA LYS B 643 -97.09 5.28 40.06
C LYS B 643 -97.14 5.38 41.59
N GLU B 644 -96.12 4.82 42.24
CA GLU B 644 -96.06 4.87 43.69
C GLU B 644 -95.74 6.26 44.22
N ASN B 645 -94.82 6.94 43.56
CA ASN B 645 -94.20 8.15 44.10
C ASN B 645 -94.75 9.46 43.56
N ASN B 646 -95.46 9.40 42.42
CA ASN B 646 -96.05 10.57 41.76
C ASN B 646 -95.15 11.84 41.73
N PRO B 647 -94.01 11.76 41.02
CA PRO B 647 -93.11 12.91 40.93
C PRO B 647 -93.72 14.12 40.20
N GLY B 648 -94.63 13.86 39.27
CA GLY B 648 -95.39 14.93 38.61
C GLY B 648 -96.09 15.86 39.59
N ALA B 649 -96.77 15.26 40.58
CA ALA B 649 -97.46 16.04 41.62
C ALA B 649 -96.46 16.80 42.50
N ARG B 650 -95.42 16.08 42.93
CA ARG B 650 -94.32 16.66 43.70
C ARG B 650 -93.70 17.87 42.99
N LEU B 651 -93.52 17.77 41.68
CA LEU B 651 -92.94 18.89 40.89
C LEU B 651 -93.85 20.12 40.96
N ASN B 652 -95.15 19.91 40.73
CA ASN B 652 -96.13 21.01 40.80
C ASN B 652 -96.16 21.61 42.20
N GLU B 653 -96.19 20.73 43.22
CA GLU B 653 -96.12 21.17 44.63
C GLU B 653 -94.97 22.19 44.79
N ALA B 654 -93.76 21.82 44.31
CA ALA B 654 -92.56 22.61 44.49
C ALA B 654 -92.52 23.89 43.66
N TYR B 655 -93.26 23.95 42.56
CA TYR B 655 -93.20 25.12 41.69
C TYR B 655 -94.40 26.08 41.78
N SER B 656 -95.47 25.62 42.42
CA SER B 656 -96.69 26.42 42.63
C SER B 656 -96.42 27.68 43.45
N GLY B 657 -96.23 27.53 44.76
CA GLY B 657 -95.88 28.69 45.60
C GLY B 657 -94.39 29.00 45.52
N LEU B 658 -94.04 30.26 45.24
CA LEU B 658 -92.65 30.74 45.30
C LEU B 658 -92.13 30.68 46.75
N PRO B 659 -90.89 30.15 46.95
CA PRO B 659 -90.26 30.07 48.27
C PRO B 659 -90.02 31.45 48.86
N VAL B 660 -90.08 31.57 50.17
CA VAL B 660 -89.87 32.86 50.84
C VAL B 660 -88.44 33.39 50.64
N ALA B 661 -88.34 34.57 50.05
CA ALA B 661 -87.06 35.27 49.91
C ALA B 661 -86.66 35.97 51.21
N GLU B 662 -85.63 35.44 51.86
CA GLU B 662 -85.11 35.95 53.14
C GLU B 662 -84.14 37.13 52.94
N VAL B 663 -83.10 36.89 52.16
CA VAL B 663 -82.14 37.94 51.72
C VAL B 663 -82.05 37.96 50.20
N THR B 664 -81.53 39.06 49.64
CA THR B 664 -81.29 39.14 48.20
C THR B 664 -80.21 38.14 47.74
N PRO B 665 -80.30 37.66 46.48
CA PRO B 665 -79.25 36.74 45.99
C PRO B 665 -77.82 37.25 46.31
N ARG B 666 -77.57 38.54 46.12
CA ARG B 666 -76.25 39.12 46.44
C ARG B 666 -75.83 38.86 47.89
N GLU B 667 -76.77 39.16 48.80
CA GLU B 667 -76.58 38.95 50.22
C GLU B 667 -76.32 37.48 50.53
N ALA B 668 -76.95 36.58 49.79
CA ALA B 668 -76.69 35.18 50.04
C ALA B 668 -75.31 34.78 49.48
N TYR B 669 -74.95 35.33 48.32
CA TYR B 669 -73.60 35.12 47.77
C TYR B 669 -72.52 35.63 48.76
N ASN B 670 -72.68 36.87 49.23
CA ASN B 670 -71.75 37.48 50.18
C ASN B 670 -71.49 36.62 51.41
N ALA B 671 -72.44 35.78 51.77
CA ALA B 671 -72.26 34.85 52.88
C ALA B 671 -71.19 33.83 52.53
N ILE B 672 -71.09 33.49 51.25
CA ILE B 672 -70.06 32.56 50.78
C ILE B 672 -68.68 33.20 50.97
N VAL B 673 -68.54 34.44 50.48
CA VAL B 673 -67.33 35.22 50.64
C VAL B 673 -66.93 35.37 52.11
N ASP B 674 -67.90 35.43 53.02
CA ASP B 674 -67.61 35.54 54.43
C ASP B 674 -67.37 34.22 55.10
N ASN B 675 -67.37 33.12 54.35
CA ASN B 675 -67.12 31.79 54.95
C ASN B 675 -68.17 31.49 56.05
N ASN B 676 -69.38 31.95 55.80
CA ASN B 676 -70.51 31.77 56.69
C ASN B 676 -71.58 30.92 56.02
N VAL B 677 -71.14 29.85 55.34
CA VAL B 677 -72.03 28.89 54.68
C VAL B 677 -71.57 27.48 55.01
N GLU B 678 -72.43 26.49 54.79
CA GLU B 678 -72.08 25.09 55.04
C GLU B 678 -72.99 24.17 54.23
N LEU B 679 -72.54 22.94 54.05
CA LEU B 679 -73.28 21.97 53.28
C LEU B 679 -74.23 21.30 54.23
N VAL B 680 -75.51 21.31 53.87
CA VAL B 680 -76.56 20.73 54.71
C VAL B 680 -77.20 19.53 54.02
N SER B 681 -77.26 18.41 54.75
CA SER B 681 -77.94 17.22 54.28
C SER B 681 -79.39 17.54 53.96
N ILE B 682 -80.02 16.68 53.14
CA ILE B 682 -81.39 16.88 52.67
C ILE B 682 -82.41 17.05 53.82
N GLU B 683 -82.46 16.08 54.74
CA GLU B 683 -83.46 16.11 55.82
C GLU B 683 -83.37 17.34 56.72
N ASN B 684 -82.19 17.94 56.82
CA ASN B 684 -81.99 19.13 57.65
C ASN B 684 -82.17 20.45 56.91
N LEU B 685 -82.66 20.38 55.67
CA LEU B 685 -82.83 21.56 54.83
C LEU B 685 -83.97 22.52 55.22
N PRO B 686 -85.09 21.99 55.77
CA PRO B 686 -86.17 22.91 56.18
C PRO B 686 -85.69 24.01 57.13
N GLY B 687 -86.10 25.24 56.82
CA GLY B 687 -85.76 26.42 57.61
C GLY B 687 -84.53 27.14 57.13
N ARG B 688 -83.78 26.54 56.21
CA ARG B 688 -82.47 27.04 55.84
C ARG B 688 -82.47 27.90 54.60
N ILE B 689 -81.55 28.87 54.58
CA ILE B 689 -81.41 29.78 53.45
C ILE B 689 -80.35 29.21 52.49
N ALA B 690 -80.79 28.91 51.27
CA ALA B 690 -79.91 28.44 50.19
C ALA B 690 -78.84 29.48 49.87
N ALA B 691 -77.59 29.01 49.79
CA ALA B 691 -76.43 29.86 49.44
C ALA B 691 -76.15 29.90 47.92
N ASN B 692 -76.83 29.03 47.20
CA ASN B 692 -76.77 29.02 45.73
C ASN B 692 -78.11 28.52 45.14
N SER B 693 -78.40 28.87 43.90
CA SER B 693 -79.65 28.43 43.25
C SER B 693 -79.74 26.91 43.15
N VAL B 694 -80.96 26.40 43.17
CA VAL B 694 -81.20 24.95 43.03
C VAL B 694 -82.10 24.72 41.81
N ILE B 695 -81.56 24.05 40.80
CA ILE B 695 -82.23 23.82 39.53
C ILE B 695 -82.30 22.32 39.22
N PRO B 696 -83.43 21.66 39.60
CA PRO B 696 -83.61 20.25 39.33
C PRO B 696 -84.08 20.05 37.89
N TYR B 697 -83.73 18.90 37.32
CA TYR B 697 -84.05 18.56 35.92
C TYR B 697 -84.82 17.23 35.93
N PRO B 698 -86.15 17.28 35.63
CA PRO B 698 -86.98 18.44 35.28
C PRO B 698 -87.43 19.27 36.50
N PRO B 699 -88.02 20.45 36.27
CA PRO B 699 -88.35 21.10 34.99
C PRO B 699 -87.19 21.89 34.40
N GLY B 700 -86.02 21.83 35.05
CA GLY B 700 -84.84 22.54 34.56
C GLY B 700 -84.90 24.05 34.66
N ILE B 701 -85.72 24.58 35.57
CA ILE B 701 -85.65 26.01 35.93
C ILE B 701 -85.49 26.12 37.45
N PRO B 702 -85.02 27.28 37.95
CA PRO B 702 -84.68 27.36 39.38
C PRO B 702 -85.86 27.02 40.29
N MET B 703 -85.72 26.00 41.13
CA MET B 703 -86.65 25.75 42.23
C MET B 703 -86.40 26.70 43.41
N LEU B 704 -85.13 26.94 43.71
CA LEU B 704 -84.72 28.03 44.62
C LEU B 704 -83.68 28.88 43.96
N LEU B 705 -83.73 30.17 44.23
CA LEU B 705 -82.62 31.05 43.95
C LEU B 705 -81.84 31.38 45.25
N SER B 706 -80.66 31.99 45.08
CA SER B 706 -79.78 32.34 46.22
C SER B 706 -80.49 33.28 47.19
N GLY B 707 -80.57 32.86 48.44
CA GLY B 707 -81.20 33.70 49.46
C GLY B 707 -82.63 33.35 49.86
N GLU B 708 -83.16 32.27 49.29
CA GLU B 708 -84.51 31.81 49.59
C GLU B 708 -84.49 30.68 50.62
N ASN B 709 -85.58 30.57 51.38
CA ASN B 709 -85.76 29.53 52.37
C ASN B 709 -86.37 28.26 51.81
N PHE B 710 -85.81 27.12 52.16
CA PHE B 710 -86.40 25.85 51.78
C PHE B 710 -87.80 25.63 52.34
N GLY B 711 -88.21 26.48 53.29
CA GLY B 711 -89.56 26.44 53.87
C GLY B 711 -89.63 25.71 55.20
N ASP B 712 -90.81 25.15 55.50
CA ASP B 712 -91.00 24.48 56.77
C ASP B 712 -90.85 22.96 56.65
N LYS B 713 -91.35 22.23 57.65
CA LYS B 713 -91.20 20.77 57.72
C LYS B 713 -91.90 20.07 56.57
N ASN B 714 -92.95 20.71 56.04
CA ASN B 714 -93.78 20.12 55.00
C ASN B 714 -93.36 20.63 53.62
N SER B 715 -92.15 21.18 53.55
CA SER B 715 -91.63 21.84 52.36
C SER B 715 -91.77 21.01 51.09
N PRO B 716 -92.58 21.52 50.14
CA PRO B 716 -92.73 20.87 48.84
C PRO B 716 -91.40 20.86 48.05
N GLN B 717 -90.60 21.92 48.18
CA GLN B 717 -89.24 21.94 47.57
C GLN B 717 -88.37 20.82 48.11
N VAL B 718 -88.32 20.68 49.43
CA VAL B 718 -87.57 19.57 50.03
C VAL B 718 -88.17 18.23 49.63
N SER B 719 -89.49 18.09 49.69
CA SER B 719 -90.13 16.83 49.25
C SER B 719 -89.82 16.45 47.80
N TYR B 720 -89.67 17.46 46.94
CA TYR B 720 -89.32 17.23 45.54
C TYR B 720 -87.86 16.77 45.39
N LEU B 721 -86.94 17.36 46.15
CA LEU B 721 -85.57 16.82 46.21
C LEU B 721 -85.53 15.40 46.71
N ARG B 722 -86.42 15.07 47.64
CA ARG B 722 -86.56 13.71 48.15
C ARG B 722 -86.92 12.73 47.06
N SER B 723 -87.87 13.09 46.19
CA SER B 723 -88.30 12.19 45.10
C SER B 723 -87.22 11.94 44.03
N LEU B 724 -86.59 13.03 43.58
CA LEU B 724 -85.40 12.91 42.72
C LEU B 724 -84.37 11.91 43.28
N GLN B 725 -84.12 12.02 44.59
CA GLN B 725 -83.12 11.21 45.27
C GLN B 725 -83.54 9.76 45.37
N SER B 726 -84.81 9.53 45.68
CA SER B 726 -85.37 8.18 45.68
C SER B 726 -85.23 7.49 44.33
N TRP B 727 -85.47 8.25 43.24
CA TRP B 727 -85.36 7.74 41.89
C TRP B 727 -83.94 7.20 41.67
N ASP B 728 -82.97 8.07 41.94
CA ASP B 728 -81.54 7.76 41.91
C ASP B 728 -81.17 6.51 42.70
N HIS B 729 -81.76 6.34 43.88
CA HIS B 729 -81.46 5.16 44.70
C HIS B 729 -81.99 3.89 44.06
N HIS B 730 -83.19 3.97 43.47
CA HIS B 730 -83.83 2.78 42.87
C HIS B 730 -83.29 2.44 41.50
N PHE B 731 -82.81 3.43 40.76
CA PHE B 731 -82.34 3.22 39.38
C PHE B 731 -80.96 3.79 39.11
N PRO B 732 -79.93 3.18 39.70
CA PRO B 732 -78.55 3.58 39.46
C PRO B 732 -78.20 3.53 37.97
N GLY B 733 -77.63 4.60 37.45
CA GLY B 733 -77.31 4.69 36.04
C GLY B 733 -78.28 5.62 35.34
N PHE B 734 -79.39 5.92 36.01
CA PHE B 734 -80.40 6.85 35.46
C PHE B 734 -80.61 8.07 36.38
N GLU B 735 -79.60 8.36 37.20
CA GLU B 735 -79.66 9.45 38.16
C GLU B 735 -79.99 10.80 37.51
N HIS B 736 -80.72 11.63 38.24
CA HIS B 736 -81.02 12.99 37.83
C HIS B 736 -79.77 13.89 37.96
N GLU B 737 -79.81 15.06 37.33
CA GLU B 737 -78.86 16.15 37.57
C GLU B 737 -79.60 17.26 38.31
N THR B 738 -78.97 17.86 39.31
CA THR B 738 -79.54 19.08 39.91
C THR B 738 -78.46 20.13 40.16
N GLU B 739 -78.47 21.19 39.37
CA GLU B 739 -77.61 22.34 39.63
C GLU B 739 -77.77 22.86 41.04
N GLY B 740 -76.64 22.97 41.74
CA GLY B 740 -76.60 23.58 43.04
C GLY B 740 -76.60 22.61 44.19
N THR B 741 -76.71 21.31 43.90
CA THR B 741 -76.56 20.28 44.92
C THR B 741 -75.15 19.70 44.98
N GLU B 742 -74.86 18.98 46.06
CA GLU B 742 -73.72 18.08 46.10
C GLU B 742 -74.20 16.75 46.66
N ILE B 743 -73.75 15.67 46.05
CA ILE B 743 -74.21 14.36 46.48
C ILE B 743 -73.08 13.60 47.13
N ILE B 744 -73.33 13.21 48.38
CA ILE B 744 -72.37 12.46 49.17
C ILE B 744 -73.03 11.16 49.61
N ASP B 745 -72.58 10.06 49.00
CA ASP B 745 -73.07 8.71 49.31
C ASP B 745 -74.52 8.54 48.95
N GLY B 746 -74.93 9.19 47.86
CA GLY B 746 -76.31 9.13 47.40
C GLY B 746 -77.26 10.06 48.13
N ILE B 747 -76.75 10.87 49.07
CA ILE B 747 -77.59 11.83 49.79
C ILE B 747 -77.31 13.25 49.32
N TYR B 748 -78.38 13.96 48.93
CA TYR B 748 -78.30 15.32 48.43
C TYR B 748 -77.95 16.27 49.55
N HIS B 749 -77.16 17.28 49.21
CA HIS B 749 -76.80 18.34 50.12
C HIS B 749 -76.88 19.62 49.34
N VAL B 750 -77.30 20.69 50.01
CA VAL B 750 -77.20 22.03 49.45
C VAL B 750 -76.44 22.90 50.42
N MET B 751 -75.78 23.90 49.86
CA MET B 751 -74.98 24.80 50.63
C MET B 751 -75.84 25.96 51.11
N CYS B 752 -75.94 26.10 52.43
CA CYS B 752 -76.81 27.10 53.06
C CYS B 752 -76.05 28.10 53.94
N VAL B 753 -76.58 29.31 54.06
CA VAL B 753 -76.07 30.28 55.00
C VAL B 753 -76.26 29.67 56.41
N LYS B 754 -75.24 29.82 57.27
CA LYS B 754 -75.28 29.36 58.66
C LYS B 754 -76.34 30.12 59.46
N ALA B 755 -77.01 29.39 60.35
CA ALA B 755 -78.18 29.90 61.09
C ALA B 755 -77.87 30.98 62.14
N MET C 1 -64.22 -0.56 3.34
CA MET C 1 -65.69 -0.32 3.22
C MET C 1 -66.12 -0.43 1.75
N LYS C 2 -67.05 -1.37 1.50
CA LYS C 2 -67.66 -1.58 0.17
C LYS C 2 -69.15 -1.16 0.17
N VAL C 3 -69.51 -0.25 -0.74
CA VAL C 3 -70.91 0.14 -0.99
C VAL C 3 -71.41 -0.44 -2.33
N LEU C 4 -72.56 -1.12 -2.31
CA LEU C 4 -73.23 -1.43 -3.58
C LEU C 4 -74.31 -0.39 -3.89
N ILE C 5 -74.22 0.22 -5.07
CA ILE C 5 -75.21 1.18 -5.55
C ILE C 5 -75.97 0.61 -6.77
N VAL C 6 -77.29 0.45 -6.58
CA VAL C 6 -78.18 -0.03 -7.62
C VAL C 6 -78.97 1.16 -8.13
N GLU C 7 -78.72 1.53 -9.38
CA GLU C 7 -79.60 2.47 -10.07
C GLU C 7 -80.75 1.73 -10.73
N SER C 8 -81.95 2.11 -10.33
CA SER C 8 -83.20 1.56 -10.87
C SER C 8 -83.40 1.85 -12.35
N GLU C 9 -83.64 0.81 -13.13
CA GLU C 9 -83.83 0.94 -14.58
C GLU C 9 -85.05 1.83 -14.91
N PHE C 10 -85.96 1.97 -13.95
CA PHE C 10 -87.15 2.82 -14.09
C PHE C 10 -86.82 4.32 -14.04
N LEU C 11 -85.54 4.66 -13.83
CA LEU C 11 -85.12 6.07 -13.87
C LEU C 11 -83.97 6.43 -14.84
N HIS C 12 -83.56 5.50 -15.71
CA HIS C 12 -82.53 5.83 -16.71
C HIS C 12 -82.88 7.01 -17.65
N GLN C 13 -84.18 7.21 -17.89
CA GLN C 13 -84.68 8.31 -18.71
C GLN C 13 -84.50 9.68 -18.03
N ASP C 14 -84.52 9.68 -16.70
CA ASP C 14 -84.26 10.86 -15.88
C ASP C 14 -82.74 10.94 -15.64
N THR C 15 -82.01 11.43 -16.66
CA THR C 15 -80.55 11.38 -16.65
C THR C 15 -79.89 12.10 -15.47
N TRP C 16 -80.58 13.13 -14.95
CA TRP C 16 -80.10 13.90 -13.80
C TRP C 16 -79.98 13.04 -12.55
N VAL C 17 -80.80 11.98 -12.47
CA VAL C 17 -80.67 11.02 -11.39
C VAL C 17 -79.32 10.32 -11.48
N GLY C 18 -78.94 9.86 -12.67
CA GLY C 18 -77.63 9.23 -12.87
C GLY C 18 -76.46 10.14 -12.52
N ASN C 19 -76.57 11.42 -12.93
CA ASN C 19 -75.58 12.45 -12.61
C ASN C 19 -75.38 12.59 -11.10
N ALA C 20 -76.50 12.68 -10.38
CA ALA C 20 -76.50 12.82 -8.93
C ALA C 20 -75.90 11.62 -8.24
N VAL C 21 -76.14 10.43 -8.78
CA VAL C 21 -75.55 9.20 -8.24
C VAL C 21 -74.04 9.15 -8.52
N GLU C 22 -73.63 9.62 -9.67
CA GLU C 22 -72.20 9.67 -9.99
C GLU C 22 -71.48 10.62 -9.02
N ARG C 23 -72.08 11.77 -8.73
CA ARG C 23 -71.51 12.71 -7.76
C ARG C 23 -71.38 12.09 -6.37
N LEU C 24 -72.31 11.22 -5.99
CA LEU C 24 -72.26 10.55 -4.70
C LEU C 24 -71.18 9.47 -4.70
N ALA C 25 -71.09 8.74 -5.81
CA ALA C 25 -70.05 7.72 -5.95
C ALA C 25 -68.65 8.35 -5.91
N ASP C 26 -68.51 9.50 -6.58
CA ASP C 26 -67.29 10.28 -6.49
C ASP C 26 -66.99 10.64 -5.03
N ALA C 27 -67.95 11.20 -4.31
CA ALA C 27 -67.73 11.57 -2.91
C ALA C 27 -67.33 10.39 -2.06
N LEU C 28 -67.88 9.22 -2.33
CA LEU C 28 -67.55 8.01 -1.61
C LEU C 28 -66.11 7.52 -1.89
N SER C 29 -65.65 7.62 -3.14
CA SER C 29 -64.28 7.23 -3.51
C SER C 29 -63.26 8.10 -2.74
N GLN C 30 -63.54 9.39 -2.66
CA GLN C 30 -62.72 10.36 -1.95
C GLN C 30 -62.54 10.01 -0.48
N GLN C 31 -63.51 9.32 0.09
CA GLN C 31 -63.40 8.91 1.47
C GLN C 31 -62.97 7.44 1.55
N ASN C 32 -62.37 6.95 0.46
CA ASN C 32 -61.77 5.60 0.40
C ASN C 32 -62.76 4.43 0.52
N VAL C 33 -63.99 4.66 0.07
CA VAL C 33 -64.98 3.61 -0.03
C VAL C 33 -64.87 2.97 -1.43
N THR C 34 -64.88 1.63 -1.48
CA THR C 34 -64.99 0.90 -2.75
C THR C 34 -66.47 0.88 -3.17
N VAL C 35 -66.73 1.34 -4.38
CA VAL C 35 -68.07 1.54 -4.87
C VAL C 35 -68.37 0.55 -6.01
N ILE C 36 -69.36 -0.31 -5.79
CA ILE C 36 -69.86 -1.13 -6.88
C ILE C 36 -71.11 -0.50 -7.47
N LYS C 37 -71.07 -0.29 -8.78
CA LYS C 37 -72.21 0.34 -9.45
C LYS C 37 -73.03 -0.70 -10.23
N SER C 38 -74.33 -0.72 -9.97
CA SER C 38 -75.24 -1.59 -10.69
C SER C 38 -76.30 -0.74 -11.39
N THR C 39 -76.72 -1.16 -12.59
CA THR C 39 -77.66 -0.39 -13.42
C THR C 39 -79.01 -1.08 -13.57
N SER C 40 -79.22 -2.17 -12.85
CA SER C 40 -80.55 -2.77 -12.85
C SER C 40 -80.74 -3.52 -11.56
N PHE C 41 -82.01 -3.70 -11.18
CA PHE C 41 -82.32 -4.53 -10.03
C PHE C 41 -81.82 -5.96 -10.22
N ASP C 42 -81.92 -6.46 -11.44
CA ASP C 42 -81.51 -7.83 -11.75
C ASP C 42 -80.02 -8.04 -11.60
N ASP C 43 -79.24 -7.05 -12.00
CA ASP C 43 -77.81 -7.09 -11.79
C ASP C 43 -77.53 -7.10 -10.30
N GLY C 44 -78.16 -6.18 -9.58
CA GLY C 44 -78.08 -6.17 -8.12
C GLY C 44 -78.45 -7.47 -7.42
N PHE C 45 -79.55 -8.10 -7.86
CA PHE C 45 -80.02 -9.37 -7.24
C PHE C 45 -78.93 -10.41 -7.40
N ALA C 46 -78.30 -10.41 -8.58
CA ALA C 46 -77.25 -11.39 -8.89
C ALA C 46 -75.97 -11.11 -8.10
N ILE C 47 -75.61 -9.82 -7.96
CA ILE C 47 -74.45 -9.47 -7.13
C ILE C 47 -74.76 -9.94 -5.71
N LEU C 48 -75.97 -9.64 -5.21
CA LEU C 48 -76.33 -10.06 -3.87
C LEU C 48 -76.48 -11.57 -3.70
N SER C 49 -76.63 -12.32 -4.78
CA SER C 49 -76.60 -13.79 -4.69
C SER C 49 -75.17 -14.38 -4.64
N SER C 50 -74.18 -13.61 -5.09
CA SER C 50 -72.78 -14.02 -4.92
C SER C 50 -72.37 -13.85 -3.44
N ASN C 51 -71.19 -14.35 -3.09
CA ASN C 51 -70.71 -14.19 -1.70
C ASN C 51 -70.07 -12.81 -1.46
N GLU C 52 -70.46 -11.83 -2.29
CA GLU C 52 -69.93 -10.49 -2.17
C GLU C 52 -70.42 -9.87 -0.86
N ALA C 53 -69.47 -9.44 -0.04
CA ALA C 53 -69.74 -8.82 1.24
C ALA C 53 -69.79 -7.31 1.05
N ILE C 54 -70.89 -6.69 1.42
CA ILE C 54 -70.99 -5.24 1.28
C ILE C 54 -71.35 -4.64 2.62
N ASP C 55 -71.07 -3.36 2.79
CA ASP C 55 -71.24 -2.69 4.06
C ASP C 55 -72.41 -1.73 4.00
N CYS C 56 -72.87 -1.46 2.79
CA CYS C 56 -74.01 -0.58 2.63
C CYS C 56 -74.63 -0.82 1.27
N LEU C 57 -75.96 -0.91 1.22
CA LEU C 57 -76.71 -0.97 -0.03
C LEU C 57 -77.37 0.37 -0.21
N MET C 58 -77.13 0.98 -1.38
CA MET C 58 -77.89 2.16 -1.80
C MET C 58 -78.65 1.90 -3.09
N PHE C 59 -79.84 2.47 -3.19
CA PHE C 59 -80.68 2.28 -4.37
C PHE C 59 -81.57 3.50 -4.64
N SER C 60 -81.77 3.78 -5.92
CA SER C 60 -82.69 4.78 -6.39
C SER C 60 -84.03 4.09 -6.67
N TYR C 61 -85.11 4.86 -6.72
CA TYR C 61 -86.45 4.28 -6.62
C TYR C 61 -87.47 5.28 -7.17
N GLN C 62 -88.09 4.94 -8.31
CA GLN C 62 -89.09 5.82 -8.93
C GLN C 62 -90.39 5.88 -8.16
N MET C 63 -90.82 4.72 -7.65
CA MET C 63 -91.99 4.59 -6.79
C MET C 63 -93.35 4.72 -7.49
N GLU C 64 -93.41 4.42 -8.81
CA GLU C 64 -94.67 4.49 -9.59
C GLU C 64 -95.27 3.12 -10.01
N HIS C 65 -94.49 2.33 -10.76
CA HIS C 65 -94.91 1.05 -11.30
C HIS C 65 -94.82 -0.07 -10.23
N PRO C 66 -95.82 -0.96 -10.16
CA PRO C 66 -95.78 -2.16 -9.27
C PRO C 66 -94.57 -3.12 -9.40
N ASP C 67 -94.00 -3.25 -10.60
CA ASP C 67 -92.84 -4.14 -10.81
C ASP C 67 -91.60 -3.66 -10.10
N GLU C 68 -91.48 -2.35 -9.94
CA GLU C 68 -90.37 -1.75 -9.21
C GLU C 68 -90.52 -2.00 -7.72
N HIS C 69 -91.73 -1.79 -7.19
CA HIS C 69 -91.97 -1.99 -5.77
C HIS C 69 -91.53 -3.40 -5.39
N GLN C 70 -91.87 -4.35 -6.25
CA GLN C 70 -91.52 -5.73 -6.05
C GLN C 70 -90.01 -5.98 -6.15
N ASN C 71 -89.37 -5.38 -7.16
CA ASN C 71 -87.91 -5.45 -7.33
C ASN C 71 -87.18 -4.98 -6.06
N VAL C 72 -87.65 -3.86 -5.49
CA VAL C 72 -87.14 -3.32 -4.24
C VAL C 72 -87.26 -4.34 -3.10
N ARG C 73 -88.45 -4.91 -2.91
CA ARG C 73 -88.68 -5.91 -1.87
C ARG C 73 -87.74 -7.11 -2.02
N GLN C 74 -87.62 -7.60 -3.25
CA GLN C 74 -86.77 -8.75 -3.57
C GLN C 74 -85.30 -8.45 -3.28
N LEU C 75 -84.85 -7.26 -3.67
CA LEU C 75 -83.47 -6.85 -3.50
C LEU C 75 -83.06 -6.80 -2.01
N ILE C 76 -83.87 -6.10 -1.22
CA ILE C 76 -83.55 -5.92 0.19
C ILE C 76 -83.76 -7.23 0.92
N GLY C 77 -84.71 -8.03 0.43
CA GLY C 77 -84.95 -9.36 0.94
C GLY C 77 -83.74 -10.26 0.77
N LYS C 78 -83.13 -10.19 -0.41
CA LYS C 78 -81.99 -11.03 -0.73
C LYS C 78 -80.76 -10.62 0.10
N LEU C 79 -80.47 -9.32 0.10
CA LEU C 79 -79.45 -8.73 0.97
C LEU C 79 -79.51 -9.33 2.35
N HIS C 80 -80.70 -9.30 2.94
CA HIS C 80 -80.88 -9.59 4.36
C HIS C 80 -80.92 -11.06 4.74
N GLU C 81 -80.80 -11.94 3.76
CA GLU C 81 -80.69 -13.38 4.02
C GLU C 81 -79.35 -13.72 4.67
N ARG C 82 -78.27 -13.32 4.04
CA ARG C 82 -76.92 -13.64 4.55
C ARG C 82 -76.18 -12.40 5.04
N GLN C 83 -76.69 -11.21 4.70
CA GLN C 83 -76.14 -9.94 5.16
C GLN C 83 -77.18 -9.13 5.95
N GLN C 84 -77.84 -9.84 6.87
CA GLN C 84 -78.95 -9.34 7.66
C GLN C 84 -78.86 -7.92 8.26
N ASN C 85 -77.67 -7.48 8.66
CA ASN C 85 -77.61 -6.17 9.32
C ASN C 85 -77.08 -5.02 8.48
N VAL C 86 -76.87 -5.26 7.19
CA VAL C 86 -76.35 -4.24 6.30
C VAL C 86 -77.34 -3.07 6.23
N PRO C 87 -76.84 -1.85 6.46
CA PRO C 87 -77.65 -0.63 6.32
C PRO C 87 -78.07 -0.34 4.86
N VAL C 88 -79.34 0.07 4.70
CA VAL C 88 -79.97 0.39 3.40
C VAL C 88 -80.29 1.88 3.33
N PHE C 89 -79.69 2.53 2.35
CA PHE C 89 -79.98 3.92 2.01
C PHE C 89 -80.88 3.98 0.77
N LEU C 90 -82.02 4.61 0.94
CA LEU C 90 -82.84 5.01 -0.17
C LEU C 90 -82.32 6.33 -0.73
N LEU C 91 -81.94 6.29 -1.99
CA LEU C 91 -81.53 7.48 -2.72
C LEU C 91 -82.78 7.92 -3.47
N GLY C 92 -83.66 8.60 -2.74
CA GLY C 92 -85.03 8.75 -3.17
C GLY C 92 -85.47 10.17 -3.40
N ASP C 93 -86.75 10.29 -3.77
CA ASP C 93 -87.46 11.57 -3.91
C ASP C 93 -88.14 11.82 -2.57
N ARG C 94 -87.92 12.99 -2.00
CA ARG C 94 -88.50 13.30 -0.70
C ARG C 94 -90.03 13.11 -0.68
N GLU C 95 -90.75 13.76 -1.61
CA GLU C 95 -92.22 13.73 -1.58
C GLU C 95 -92.75 12.32 -1.66
N LYS C 96 -92.31 11.59 -2.67
CA LYS C 96 -92.79 10.23 -2.93
C LYS C 96 -92.47 9.27 -1.80
N ALA C 97 -91.22 9.31 -1.32
CA ALA C 97 -90.81 8.48 -0.20
C ALA C 97 -91.62 8.81 1.07
N LEU C 98 -91.82 10.10 1.34
CA LEU C 98 -92.55 10.50 2.55
C LEU C 98 -94.05 10.20 2.44
N ALA C 99 -94.64 10.32 1.24
CA ALA C 99 -96.02 9.87 1.01
C ALA C 99 -96.14 8.37 1.31
N ALA C 100 -95.08 7.61 1.03
CA ALA C 100 -95.16 6.15 1.16
C ALA C 100 -94.73 5.64 2.55
N MET C 101 -94.35 6.56 3.42
CA MET C 101 -93.80 6.25 4.74
C MET C 101 -94.75 5.47 5.65
N ASP C 102 -94.38 4.23 5.98
CA ASP C 102 -95.08 3.41 6.95
C ASP C 102 -94.14 2.34 7.47
N ARG C 103 -94.65 1.44 8.30
CA ARG C 103 -93.80 0.38 8.87
C ARG C 103 -93.13 -0.46 7.80
N ASP C 104 -93.84 -0.75 6.72
CA ASP C 104 -93.26 -1.56 5.63
C ASP C 104 -92.06 -0.90 5.01
N LEU C 105 -92.14 0.40 4.74
CA LEU C 105 -91.01 1.15 4.20
C LEU C 105 -89.80 1.14 5.15
N LEU C 106 -90.07 1.27 6.45
CA LEU C 106 -89.02 1.39 7.44
C LEU C 106 -88.34 0.06 7.72
N GLU C 107 -89.07 -1.03 7.47
CA GLU C 107 -88.55 -2.37 7.55
C GLU C 107 -87.52 -2.52 6.42
N LEU C 108 -87.79 -1.91 5.27
CA LEU C 108 -86.89 -2.02 4.13
C LEU C 108 -85.70 -1.07 4.19
N VAL C 109 -85.98 0.20 4.54
CA VAL C 109 -85.01 1.28 4.40
C VAL C 109 -84.55 1.79 5.76
N ASP C 110 -83.23 1.86 5.97
CA ASP C 110 -82.68 2.36 7.24
C ASP C 110 -82.40 3.84 7.23
N GLU C 111 -81.93 4.36 6.11
CA GLU C 111 -81.55 5.76 6.01
C GLU C 111 -82.11 6.36 4.75
N PHE C 112 -82.56 7.61 4.83
CA PHE C 112 -83.10 8.34 3.69
C PHE C 112 -82.16 9.44 3.21
N ALA C 113 -81.91 9.44 1.89
CA ALA C 113 -81.08 10.45 1.28
C ALA C 113 -81.81 11.04 0.08
N TRP C 114 -82.09 12.34 0.16
CA TRP C 114 -82.80 13.06 -0.91
C TRP C 114 -81.81 13.43 -2.01
N ILE C 115 -81.58 12.48 -2.91
CA ILE C 115 -80.47 12.55 -3.88
C ILE C 115 -80.40 13.82 -4.73
N LEU C 116 -81.55 14.37 -5.12
CA LEU C 116 -81.60 15.58 -5.95
C LEU C 116 -81.61 16.88 -5.14
N GLU C 117 -81.51 16.77 -3.82
CA GLU C 117 -81.66 17.93 -2.92
C GLU C 117 -80.58 18.06 -1.86
N ASP C 118 -79.61 17.16 -1.85
CA ASP C 118 -78.60 17.17 -0.79
C ASP C 118 -77.20 17.30 -1.40
N THR C 119 -76.21 17.53 -0.53
CA THR C 119 -74.80 17.51 -0.90
C THR C 119 -74.29 16.08 -0.81
N ALA C 120 -73.61 15.66 -1.88
CA ALA C 120 -72.96 14.35 -1.99
C ALA C 120 -72.06 14.00 -0.79
N ASP C 121 -71.25 14.96 -0.35
CA ASP C 121 -70.40 14.76 0.83
C ASP C 121 -71.21 14.44 2.10
N PHE C 122 -72.34 15.12 2.26
CA PHE C 122 -73.22 14.89 3.42
C PHE C 122 -73.72 13.44 3.42
N ILE C 123 -74.25 12.98 2.28
CA ILE C 123 -74.75 11.60 2.16
C ILE C 123 -73.61 10.59 2.38
N ALA C 124 -72.48 10.86 1.76
CA ALA C 124 -71.29 9.99 1.90
C ALA C 124 -70.81 9.87 3.36
N GLY C 125 -70.73 11.01 4.06
CA GLY C 125 -70.36 11.02 5.49
C GLY C 125 -71.30 10.16 6.30
N ARG C 126 -72.60 10.22 5.98
CA ARG C 126 -73.59 9.43 6.71
C ARG C 126 -73.47 7.93 6.40
N ALA C 127 -73.12 7.64 5.14
CA ALA C 127 -72.88 6.29 4.70
C ALA C 127 -71.66 5.68 5.42
N VAL C 128 -70.55 6.44 5.50
CA VAL C 128 -69.33 5.97 6.24
C VAL C 128 -69.59 5.65 7.74
N ALA C 129 -70.37 6.50 8.41
CA ALA C 129 -70.73 6.25 9.80
C ALA C 129 -71.59 4.98 9.95
N ALA C 130 -72.56 4.80 9.06
CA ALA C 130 -73.40 3.60 9.07
C ALA C 130 -72.55 2.35 8.85
N MET C 131 -71.62 2.42 7.91
CA MET C 131 -70.74 1.29 7.59
C MET C 131 -69.75 0.98 8.72
N THR C 132 -69.23 2.03 9.36
CA THR C 132 -68.43 1.89 10.59
C THR C 132 -69.22 1.17 11.68
N ARG C 133 -70.42 1.69 12.02
CA ARG C 133 -71.30 1.03 12.98
C ARG C 133 -71.58 -0.44 12.62
N TYR C 134 -71.87 -0.72 11.34
CA TYR C 134 -72.08 -2.09 10.85
C TYR C 134 -70.88 -3.00 11.11
N ARG C 135 -69.68 -2.53 10.71
CA ARG C 135 -68.44 -3.30 10.87
C ARG C 135 -68.11 -3.57 12.37
N GLN C 136 -68.37 -2.58 13.23
CA GLN C 136 -68.19 -2.75 14.66
C GLN C 136 -69.02 -3.88 15.32
N GLN C 137 -70.17 -4.22 14.72
CA GLN C 137 -71.00 -5.31 15.27
C GLN C 137 -70.92 -6.63 14.48
N LEU C 138 -70.14 -6.63 13.39
CA LEU C 138 -70.09 -7.77 12.47
C LEU C 138 -69.54 -9.09 13.03
N LEU C 139 -68.39 -9.00 13.71
CA LEU C 139 -67.67 -10.19 14.14
C LEU C 139 -68.22 -10.72 15.45
N PRO C 140 -68.25 -12.06 15.63
CA PRO C 140 -68.61 -12.65 16.91
C PRO C 140 -67.56 -12.38 18.03
N PRO C 141 -67.94 -12.56 19.31
CA PRO C 141 -67.22 -11.98 20.44
C PRO C 141 -65.82 -12.57 20.74
N LEU C 142 -65.62 -13.86 20.52
CA LEU C 142 -64.30 -14.44 20.72
C LEU C 142 -63.38 -14.05 19.55
N PHE C 143 -63.80 -14.33 18.32
CA PHE C 143 -63.00 -13.93 17.18
C PHE C 143 -62.63 -12.45 17.26
N SER C 144 -63.63 -11.60 17.54
CA SER C 144 -63.40 -10.16 17.66
C SER C 144 -62.33 -9.80 18.72
N ALA C 145 -62.45 -10.38 19.91
CA ALA C 145 -61.53 -10.13 21.02
C ALA C 145 -60.09 -10.56 20.69
N LEU C 146 -59.91 -11.80 20.21
CA LEU C 146 -58.60 -12.35 19.77
C LEU C 146 -57.91 -11.47 18.77
N MET C 147 -58.71 -10.92 17.87
CA MET C 147 -58.18 -10.10 16.79
C MET C 147 -57.63 -8.81 17.39
N LYS C 148 -58.47 -8.10 18.14
CA LYS C 148 -58.12 -6.83 18.78
C LYS C 148 -56.91 -6.97 19.68
N TYR C 149 -56.94 -8.00 20.52
CA TYR C 149 -55.90 -8.20 21.50
C TYR C 149 -54.55 -8.44 20.83
N SER C 150 -54.55 -9.13 19.70
CA SER C 150 -53.28 -9.48 19.04
C SER C 150 -52.58 -8.24 18.42
N ASP C 151 -53.34 -7.15 18.26
CA ASP C 151 -52.76 -5.88 17.79
C ASP C 151 -51.98 -5.11 18.85
N ILE C 152 -52.14 -5.48 20.12
CA ILE C 152 -51.44 -4.81 21.22
C ILE C 152 -50.46 -5.77 21.92
N HIS C 153 -50.78 -7.07 21.86
CA HIS C 153 -50.09 -8.15 22.62
C HIS C 153 -48.57 -8.23 22.43
N GLU C 154 -47.85 -8.30 23.55
CA GLU C 154 -46.41 -8.54 23.54
C GLU C 154 -46.12 -10.04 23.56
N TYR C 155 -45.70 -10.55 22.39
CA TYR C 155 -45.46 -11.98 22.15
C TYR C 155 -44.28 -12.59 22.90
N SER C 156 -43.38 -11.73 23.38
CA SER C 156 -42.20 -12.18 24.10
C SER C 156 -42.49 -12.48 25.59
N TRP C 157 -41.50 -13.14 26.22
CA TRP C 157 -41.48 -13.55 27.62
C TRP C 157 -42.66 -14.45 28.04
N ALA C 158 -43.35 -15.04 27.07
CA ALA C 158 -44.31 -16.14 27.31
C ALA C 158 -44.46 -17.13 26.13
N ALA C 159 -45.00 -18.32 26.45
CA ALA C 159 -45.30 -19.34 25.46
C ALA C 159 -46.58 -18.96 24.70
N PRO C 160 -46.75 -19.43 23.44
CA PRO C 160 -45.86 -20.37 22.73
C PRO C 160 -44.54 -19.73 22.34
N GLY C 161 -43.49 -20.53 22.39
CA GLY C 161 -42.13 -20.10 22.09
C GLY C 161 -41.92 -19.43 20.75
N HIS C 162 -42.73 -19.74 19.74
CA HIS C 162 -42.55 -19.14 18.42
C HIS C 162 -42.84 -17.62 18.36
N GLN C 163 -43.58 -17.10 19.34
CA GLN C 163 -43.79 -15.65 19.49
C GLN C 163 -44.48 -15.00 18.33
N GLY C 164 -45.70 -15.43 18.06
CA GLY C 164 -46.48 -14.92 16.94
C GLY C 164 -45.81 -15.22 15.62
N GLY C 165 -45.15 -16.38 15.54
CA GLY C 165 -44.57 -16.86 14.27
C GLY C 165 -43.10 -16.59 14.04
N VAL C 166 -42.53 -15.62 14.73
CA VAL C 166 -41.13 -15.23 14.49
C VAL C 166 -40.14 -16.41 14.54
N GLY C 167 -40.32 -17.31 15.50
CA GLY C 167 -39.51 -18.51 15.57
C GLY C 167 -39.34 -19.24 14.26
N PHE C 168 -40.45 -19.44 13.53
CA PHE C 168 -40.38 -20.20 12.28
C PHE C 168 -39.48 -19.58 11.20
N THR C 169 -39.41 -18.24 11.20
CA THR C 169 -38.74 -17.52 10.12
C THR C 169 -37.24 -17.79 10.15
N LYS C 170 -36.75 -18.45 11.21
CA LYS C 170 -35.29 -18.51 11.46
C LYS C 170 -34.48 -19.51 10.64
N THR C 171 -35.17 -20.50 10.08
CA THR C 171 -34.62 -21.41 9.07
C THR C 171 -35.44 -21.30 7.76
N PRO C 172 -34.82 -21.63 6.61
CA PRO C 172 -35.56 -21.60 5.31
C PRO C 172 -36.86 -22.43 5.31
N ALA C 173 -36.83 -23.67 5.80
CA ALA C 173 -38.02 -24.50 5.78
C ALA C 173 -39.08 -23.87 6.67
N GLY C 174 -38.66 -23.43 7.85
CA GLY C 174 -39.53 -22.72 8.78
C GLY C 174 -40.11 -21.45 8.18
N ARG C 175 -39.32 -20.74 7.40
CA ARG C 175 -39.78 -19.51 6.81
C ARG C 175 -40.82 -19.81 5.74
N PHE C 176 -40.51 -20.81 4.90
CA PHE C 176 -41.41 -21.18 3.83
C PHE C 176 -42.76 -21.61 4.42
N TYR C 177 -42.71 -22.39 5.49
CA TYR C 177 -43.87 -22.89 6.18
C TYR C 177 -44.63 -21.72 6.79
N HIS C 178 -43.89 -20.74 7.31
CA HIS C 178 -44.50 -19.56 7.91
C HIS C 178 -45.29 -18.73 6.89
N ASP C 179 -44.69 -18.50 5.72
CA ASP C 179 -45.30 -17.63 4.72
C ASP C 179 -46.47 -18.33 4.04
N TYR C 180 -46.39 -19.66 3.98
CA TYR C 180 -47.45 -20.50 3.44
C TYR C 180 -48.73 -20.42 4.28
N TYR C 181 -48.61 -20.38 5.61
CA TYR C 181 -49.78 -20.24 6.47
C TYR C 181 -50.13 -18.80 6.77
N GLY C 182 -49.16 -17.91 6.61
CA GLY C 182 -49.37 -16.49 6.90
C GLY C 182 -49.32 -16.19 8.40
N GLU C 183 -49.05 -14.93 8.73
CA GLU C 183 -48.74 -14.61 10.10
C GLU C 183 -49.90 -14.69 11.06
N ASN C 184 -51.10 -14.32 10.60
CA ASN C 184 -52.25 -14.20 11.50
C ASN C 184 -52.53 -15.48 12.30
N LEU C 185 -52.33 -16.65 11.72
CA LEU C 185 -52.51 -17.92 12.46
C LEU C 185 -51.57 -17.97 13.66
N PHE C 186 -50.34 -17.50 13.45
CA PHE C 186 -49.32 -17.51 14.49
C PHE C 186 -49.54 -16.37 15.50
N ARG C 187 -49.95 -15.19 15.03
CA ARG C 187 -50.26 -14.04 15.93
C ARG C 187 -51.41 -14.29 16.89
N THR C 188 -52.41 -15.05 16.47
CA THR C 188 -53.54 -15.30 17.35
C THR C 188 -53.29 -16.58 18.17
N ASP C 189 -52.16 -17.22 17.95
CA ASP C 189 -51.74 -18.34 18.79
C ASP C 189 -50.99 -17.80 20.01
N MET C 190 -51.76 -17.34 21.00
CA MET C 190 -51.21 -16.81 22.24
C MET C 190 -51.49 -17.79 23.39
N GLY C 191 -50.72 -17.70 24.46
CA GLY C 191 -50.97 -18.55 25.66
C GLY C 191 -52.07 -17.97 26.53
N ILE C 192 -52.32 -18.57 27.68
CA ILE C 192 -53.31 -18.01 28.60
C ILE C 192 -53.01 -16.52 28.94
N GLU C 193 -53.88 -15.60 28.47
CA GLU C 193 -53.77 -14.16 28.80
C GLU C 193 -55.09 -13.63 29.39
N ARG C 194 -55.22 -13.77 30.72
CA ARG C 194 -56.53 -13.68 31.38
C ARG C 194 -57.21 -12.31 31.42
N THR C 195 -56.75 -11.40 32.29
CA THR C 195 -57.43 -10.12 32.54
C THR C 195 -57.81 -9.43 31.22
N SER C 196 -57.10 -9.81 30.17
CA SER C 196 -57.32 -9.33 28.81
C SER C 196 -58.52 -10.08 28.20
N LEU C 197 -58.40 -11.41 28.11
CA LEU C 197 -59.24 -12.21 27.20
C LEU C 197 -60.10 -13.27 27.89
N GLY C 198 -59.67 -13.72 29.06
CA GLY C 198 -60.27 -14.85 29.75
C GLY C 198 -59.55 -16.16 29.46
N SER C 199 -60.22 -17.27 29.78
CA SER C 199 -59.66 -18.59 29.62
C SER C 199 -60.71 -19.56 29.08
N LEU C 200 -60.32 -20.40 28.12
CA LEU C 200 -61.18 -21.47 27.66
C LEU C 200 -61.52 -22.41 28.81
N LEU C 201 -60.50 -22.96 29.47
CA LEU C 201 -60.71 -23.93 30.56
C LEU C 201 -61.51 -23.40 31.76
N ASP C 202 -61.60 -22.09 31.89
CA ASP C 202 -62.32 -21.47 32.97
C ASP C 202 -63.66 -20.97 32.50
N HIS C 203 -63.81 -20.87 31.18
CA HIS C 203 -65.07 -20.41 30.57
C HIS C 203 -65.38 -18.97 31.00
N THR C 204 -64.31 -18.17 31.07
CA THR C 204 -64.41 -16.79 31.49
C THR C 204 -64.08 -15.84 30.34
N GLY C 205 -64.30 -14.54 30.55
CA GLY C 205 -64.02 -13.51 29.57
C GLY C 205 -64.74 -13.71 28.24
N ALA C 206 -64.00 -13.45 27.15
CA ALA C 206 -64.53 -13.53 25.82
C ALA C 206 -64.86 -14.97 25.44
N PHE C 207 -64.09 -15.92 25.99
CA PHE C 207 -64.37 -17.34 25.87
C PHE C 207 -65.75 -17.68 26.44
N GLY C 208 -66.05 -17.11 27.61
CA GLY C 208 -67.37 -17.20 28.23
C GLY C 208 -68.49 -16.56 27.42
N GLU C 209 -68.32 -15.31 26.99
CA GLU C 209 -69.25 -14.62 26.07
C GLU C 209 -69.60 -15.47 24.84
N SER C 210 -68.56 -16.02 24.21
CA SER C 210 -68.71 -16.90 23.05
C SER C 210 -69.55 -18.12 23.36
N GLU C 211 -69.28 -18.79 24.48
CA GLU C 211 -70.11 -19.91 24.91
C GLU C 211 -71.59 -19.52 25.16
N LYS C 212 -71.84 -18.34 25.74
CA LYS C 212 -73.21 -17.87 25.99
C LYS C 212 -73.96 -17.61 24.67
N TYR C 213 -73.23 -17.03 23.73
CA TYR C 213 -73.71 -16.73 22.41
C TYR C 213 -74.15 -18.02 21.76
N ALA C 214 -73.24 -19.00 21.78
CA ALA C 214 -73.46 -20.32 21.22
C ALA C 214 -74.75 -20.94 21.77
N ALA C 215 -75.00 -20.75 23.07
CA ALA C 215 -76.17 -21.33 23.70
C ALA C 215 -77.46 -20.65 23.22
N ARG C 216 -77.45 -19.32 23.14
CA ARG C 216 -78.57 -18.58 22.58
C ARG C 216 -78.93 -19.06 21.15
N VAL C 217 -77.90 -19.21 20.32
CA VAL C 217 -78.07 -19.59 18.93
C VAL C 217 -78.53 -21.05 18.81
N PHE C 218 -77.93 -21.94 19.57
CA PHE C 218 -78.24 -23.36 19.44
C PHE C 218 -79.39 -23.84 20.33
N GLY C 219 -80.00 -22.90 21.06
CA GLY C 219 -81.11 -23.18 21.94
C GLY C 219 -80.79 -24.08 23.13
N ALA C 220 -79.60 -23.93 23.72
CA ALA C 220 -79.21 -24.67 24.93
C ALA C 220 -79.30 -23.80 26.19
N ASP C 221 -79.34 -24.43 27.37
CA ASP C 221 -79.18 -23.66 28.63
C ASP C 221 -77.72 -23.18 28.78
N ARG C 222 -76.79 -24.09 28.46
CA ARG C 222 -75.37 -23.85 28.56
C ARG C 222 -74.62 -24.63 27.45
N SER C 223 -73.58 -24.03 26.89
CA SER C 223 -72.76 -24.71 25.87
C SER C 223 -71.29 -24.69 26.28
N TRP C 224 -70.59 -25.77 26.01
CA TRP C 224 -69.15 -25.87 26.29
C TRP C 224 -68.38 -26.01 24.97
N SER C 225 -67.48 -25.06 24.72
CA SER C 225 -66.59 -25.09 23.57
C SER C 225 -65.40 -26.04 23.77
N VAL C 226 -65.15 -26.91 22.80
CA VAL C 226 -64.15 -27.97 22.92
C VAL C 226 -63.14 -27.97 21.76
N VAL C 227 -61.86 -28.22 22.03
CA VAL C 227 -60.85 -28.17 20.99
C VAL C 227 -60.31 -29.57 20.72
N VAL C 228 -61.02 -30.59 21.21
CA VAL C 228 -60.57 -31.98 21.07
C VAL C 228 -61.60 -32.83 20.30
N GLY C 229 -62.45 -32.13 19.54
CA GLY C 229 -63.48 -32.79 18.76
C GLY C 229 -64.62 -33.30 19.63
N THR C 230 -65.56 -34.00 19.00
CA THR C 230 -66.64 -34.63 19.73
C THR C 230 -66.11 -35.86 20.49
N SER C 231 -64.97 -36.40 20.08
CA SER C 231 -64.21 -37.32 20.92
C SER C 231 -64.05 -36.78 22.37
N GLY C 232 -63.47 -35.58 22.50
CA GLY C 232 -63.27 -34.97 23.81
C GLY C 232 -64.58 -34.60 24.48
N SER C 233 -65.52 -34.10 23.67
CA SER C 233 -66.88 -33.83 24.10
C SER C 233 -67.55 -35.06 24.74
N ASN C 234 -67.55 -36.17 24.00
CA ASN C 234 -68.12 -37.42 24.50
C ASN C 234 -67.40 -37.97 25.74
N ARG C 235 -66.07 -37.94 25.73
CA ARG C 235 -65.32 -38.33 26.91
C ARG C 235 -65.68 -37.49 28.15
N THR C 236 -65.92 -36.19 27.95
CA THR C 236 -66.24 -35.26 29.00
C THR C 236 -67.58 -35.63 29.59
N ILE C 237 -68.63 -35.61 28.77
CA ILE C 237 -70.00 -35.93 29.20
C ILE C 237 -70.07 -37.24 29.97
N MET C 238 -69.41 -38.27 29.45
CA MET C 238 -69.45 -39.58 30.07
C MET C 238 -68.65 -39.62 31.38
N GLN C 239 -67.53 -38.87 31.45
CA GLN C 239 -66.78 -38.76 32.71
C GLN C 239 -67.66 -38.17 33.80
N ALA C 240 -68.43 -37.18 33.40
CA ALA C 240 -69.32 -36.47 34.29
C ALA C 240 -70.58 -37.26 34.69
N CYS C 241 -70.94 -38.28 33.91
CA CYS C 241 -72.25 -38.88 34.05
C CYS C 241 -72.30 -40.23 34.73
N MET C 242 -71.18 -40.94 34.79
CA MET C 242 -71.20 -42.31 35.24
C MET C 242 -69.90 -42.73 35.91
N THR C 243 -69.98 -43.69 36.84
CA THR C 243 -68.82 -44.33 37.45
C THR C 243 -68.92 -45.82 37.21
N ASP C 244 -67.92 -46.59 37.67
CA ASP C 244 -67.92 -48.03 37.46
C ASP C 244 -68.99 -48.73 38.31
N ASN C 245 -69.76 -47.94 39.05
CA ASN C 245 -70.86 -48.42 39.86
C ASN C 245 -72.19 -48.35 39.09
N ASP C 246 -72.18 -47.61 37.98
CA ASP C 246 -73.39 -47.29 37.22
C ASP C 246 -73.76 -48.23 36.09
N VAL C 247 -75.07 -48.35 35.87
CA VAL C 247 -75.60 -48.98 34.67
C VAL C 247 -75.84 -47.88 33.65
N VAL C 248 -75.48 -48.14 32.39
CA VAL C 248 -75.74 -47.21 31.30
C VAL C 248 -76.37 -47.91 30.08
N VAL C 249 -77.20 -47.14 29.35
CA VAL C 249 -77.87 -47.59 28.13
C VAL C 249 -77.24 -46.98 26.86
N VAL C 250 -76.68 -47.85 26.03
CA VAL C 250 -75.83 -47.43 24.92
C VAL C 250 -76.38 -47.89 23.57
N ASP C 251 -76.61 -46.92 22.69
CA ASP C 251 -76.92 -47.15 21.28
C ASP C 251 -75.80 -48.04 20.67
N ARG C 252 -76.17 -49.21 20.17
CA ARG C 252 -75.21 -50.04 19.46
C ARG C 252 -74.58 -49.33 18.26
N ASN C 253 -75.28 -48.36 17.72
CA ASN C 253 -74.66 -47.44 16.78
C ASN C 253 -73.97 -46.33 17.56
N CYS C 254 -72.77 -46.59 18.06
CA CYS C 254 -72.06 -45.60 18.83
C CYS C 254 -70.66 -45.44 18.29
N HIS C 255 -70.16 -44.20 18.37
CA HIS C 255 -68.78 -43.85 18.01
C HIS C 255 -67.76 -44.46 18.96
N LYS C 256 -66.55 -44.67 18.45
CA LYS C 256 -65.41 -45.14 19.24
C LYS C 256 -65.27 -44.40 20.56
N SER C 257 -65.61 -43.12 20.56
CA SER C 257 -65.45 -42.30 21.73
C SER C 257 -66.51 -42.57 22.78
N ILE C 258 -67.65 -43.12 22.36
CA ILE C 258 -68.60 -43.65 23.35
C ILE C 258 -67.97 -44.85 24.05
N GLU C 259 -67.35 -45.76 23.30
CA GLU C 259 -66.67 -46.89 23.92
C GLU C 259 -65.52 -46.41 24.85
N GLN C 260 -64.85 -45.33 24.43
CA GLN C 260 -63.76 -44.76 25.20
C GLN C 260 -64.27 -44.30 26.56
N GLY C 261 -65.39 -43.58 26.59
CA GLY C 261 -66.09 -43.24 27.83
C GLY C 261 -66.35 -44.47 28.70
N LEU C 262 -66.88 -45.54 28.10
CA LEU C 262 -67.02 -46.81 28.85
C LEU C 262 -65.69 -47.26 29.47
N MET C 263 -64.65 -47.35 28.64
CA MET C 263 -63.33 -47.77 29.09
C MET C 263 -62.72 -46.88 30.18
N LEU C 264 -63.04 -45.59 30.13
CA LEU C 264 -62.45 -44.60 31.02
C LEU C 264 -63.21 -44.46 32.34
N THR C 265 -64.53 -44.69 32.30
CA THR C 265 -65.40 -44.66 33.49
C THR C 265 -65.51 -46.02 34.19
N GLY C 266 -65.51 -47.11 33.42
CA GLY C 266 -65.69 -48.46 33.93
C GLY C 266 -67.16 -48.86 34.04
N ALA C 267 -68.05 -48.01 33.52
CA ALA C 267 -69.51 -48.20 33.61
C ALA C 267 -70.03 -49.52 33.00
N LYS C 268 -71.24 -49.88 33.40
CA LYS C 268 -71.84 -51.16 33.00
C LYS C 268 -72.86 -50.95 31.87
N PRO C 269 -72.51 -51.42 30.67
CA PRO C 269 -73.27 -51.17 29.45
C PRO C 269 -74.34 -52.22 29.09
N VAL C 270 -75.48 -51.68 28.70
CA VAL C 270 -76.54 -52.42 28.00
C VAL C 270 -76.81 -51.73 26.63
N TYR C 271 -77.12 -52.50 25.59
CA TYR C 271 -77.18 -51.95 24.21
C TYR C 271 -78.52 -52.00 23.49
N MET C 272 -78.93 -50.84 22.97
CA MET C 272 -80.10 -50.72 22.08
C MET C 272 -79.76 -51.06 20.63
N VAL C 273 -80.38 -52.11 20.10
CA VAL C 273 -80.10 -52.55 18.73
C VAL C 273 -80.93 -51.80 17.67
N PRO C 274 -80.25 -51.16 16.69
CA PRO C 274 -80.90 -50.53 15.53
C PRO C 274 -81.33 -51.51 14.45
N SER C 275 -82.30 -51.11 13.65
CA SER C 275 -82.69 -51.85 12.46
C SER C 275 -81.67 -51.72 11.35
N ARG C 276 -81.88 -52.47 10.28
CA ARG C 276 -81.21 -52.22 9.03
C ARG C 276 -82.06 -52.62 7.83
N ASN C 277 -81.66 -52.16 6.64
CA ASN C 277 -82.35 -52.52 5.41
C ASN C 277 -81.47 -53.36 4.49
N ARG C 278 -82.03 -53.75 3.35
CA ARG C 278 -81.41 -54.66 2.39
C ARG C 278 -80.08 -54.16 1.81
N TYR C 279 -79.82 -52.87 1.94
CA TYR C 279 -78.60 -52.26 1.42
C TYR C 279 -77.44 -52.30 2.39
N GLY C 280 -77.71 -52.76 3.60
CA GLY C 280 -76.72 -52.79 4.64
C GLY C 280 -76.66 -51.46 5.37
N ILE C 281 -77.64 -50.60 5.11
CA ILE C 281 -77.75 -49.31 5.80
C ILE C 281 -78.42 -49.54 7.14
N ILE C 282 -77.82 -48.94 8.17
CA ILE C 282 -78.32 -49.02 9.54
C ILE C 282 -79.48 -48.05 9.68
N GLY C 283 -80.61 -48.54 10.19
CA GLY C 283 -81.79 -47.71 10.39
C GLY C 283 -81.86 -47.25 11.82
N PRO C 284 -83.03 -46.70 12.23
CA PRO C 284 -83.13 -46.27 13.62
C PRO C 284 -83.35 -47.44 14.59
N ILE C 285 -83.00 -47.23 15.85
CA ILE C 285 -83.47 -48.04 16.96
C ILE C 285 -84.98 -47.81 17.01
N TYR C 286 -85.78 -48.89 17.04
CA TYR C 286 -87.25 -48.77 17.11
C TYR C 286 -87.70 -48.40 18.50
N PRO C 287 -88.88 -47.74 18.62
CA PRO C 287 -89.49 -47.39 19.92
C PRO C 287 -89.51 -48.56 20.92
N GLN C 288 -89.64 -49.78 20.41
CA GLN C 288 -89.72 -50.93 21.27
C GLN C 288 -88.45 -51.11 22.12
N GLU C 289 -87.28 -50.95 21.49
CA GLU C 289 -85.96 -51.02 22.17
C GLU C 289 -85.73 -49.92 23.21
N MET C 290 -86.60 -48.92 23.23
CA MET C 290 -86.44 -47.79 24.13
C MET C 290 -87.46 -47.79 25.26
N GLN C 291 -88.41 -48.73 25.22
CA GLN C 291 -89.42 -48.88 26.26
C GLN C 291 -88.72 -49.24 27.59
N PRO C 292 -89.15 -48.63 28.71
CA PRO C 292 -88.54 -48.87 30.03
C PRO C 292 -88.52 -50.34 30.46
N GLU C 293 -89.52 -51.11 30.04
CA GLU C 293 -89.57 -52.55 30.32
C GLU C 293 -88.58 -53.34 29.46
N THR C 294 -88.32 -52.88 28.23
CA THR C 294 -87.32 -53.53 27.38
C THR C 294 -85.94 -53.31 27.99
N LEU C 295 -85.71 -52.08 28.42
CA LEU C 295 -84.45 -51.71 29.03
C LEU C 295 -84.24 -52.49 30.33
N GLN C 296 -85.23 -52.46 31.23
CA GLN C 296 -85.19 -53.21 32.51
C GLN C 296 -84.77 -54.66 32.34
N LYS C 297 -85.35 -55.32 31.34
CA LYS C 297 -85.05 -56.69 31.04
C LYS C 297 -83.60 -56.91 30.57
N LYS C 298 -83.13 -56.07 29.63
CA LYS C 298 -81.73 -56.14 29.16
C LYS C 298 -80.76 -56.10 30.34
N ILE C 299 -81.01 -55.17 31.27
CA ILE C 299 -80.22 -54.98 32.49
C ILE C 299 -80.23 -56.25 33.36
N SER C 300 -81.42 -56.80 33.58
CA SER C 300 -81.60 -58.04 34.37
C SER C 300 -80.91 -59.26 33.79
N GLU C 301 -80.79 -59.29 32.48
CA GLU C 301 -80.37 -60.49 31.75
C GLU C 301 -78.87 -60.51 31.47
N SER C 302 -78.29 -59.32 31.40
CA SER C 302 -76.91 -59.15 30.95
C SER C 302 -75.88 -59.53 32.02
N PRO C 303 -74.85 -60.29 31.63
CA PRO C 303 -73.81 -60.71 32.57
C PRO C 303 -73.11 -59.53 33.24
N LEU C 304 -73.12 -58.36 32.59
CA LEU C 304 -72.43 -57.18 33.10
C LEU C 304 -73.28 -56.38 34.06
N THR C 305 -74.58 -56.59 34.02
CA THR C 305 -75.51 -55.74 34.78
C THR C 305 -76.40 -56.45 35.80
N LYS C 306 -76.51 -57.78 35.72
CA LYS C 306 -77.46 -58.56 36.56
C LYS C 306 -77.50 -58.07 38.01
N ASP C 307 -76.36 -58.15 38.68
CA ASP C 307 -76.24 -57.81 40.10
C ASP C 307 -76.57 -56.34 40.42
N LYS C 308 -77.08 -55.62 39.43
CA LYS C 308 -77.48 -54.23 39.60
C LYS C 308 -78.92 -54.01 39.13
N ALA C 309 -79.70 -55.09 39.09
CA ALA C 309 -81.11 -55.04 38.69
C ALA C 309 -81.87 -53.94 39.44
N GLY C 310 -82.77 -53.26 38.74
CA GLY C 310 -83.62 -52.22 39.36
C GLY C 310 -82.90 -50.94 39.75
N GLN C 311 -81.60 -50.85 39.46
CA GLN C 311 -80.85 -49.59 39.62
C GLN C 311 -81.15 -48.63 38.47
N LYS C 312 -81.30 -47.34 38.78
CA LYS C 312 -81.61 -46.37 37.75
C LYS C 312 -80.36 -46.05 36.91
N PRO C 313 -80.42 -46.29 35.58
CA PRO C 313 -79.31 -45.95 34.69
C PRO C 313 -78.98 -44.47 34.79
N SER C 314 -77.69 -44.13 34.80
CA SER C 314 -77.28 -42.74 35.03
C SER C 314 -77.10 -41.95 33.72
N TYR C 315 -77.12 -42.67 32.59
CA TYR C 315 -76.86 -42.08 31.29
C TYR C 315 -77.45 -42.95 30.20
N CYS C 316 -77.87 -42.27 29.15
CA CYS C 316 -78.36 -42.94 27.96
C CYS C 316 -77.86 -42.21 26.71
N VAL C 317 -77.39 -42.95 25.72
CA VAL C 317 -76.94 -42.33 24.47
C VAL C 317 -77.58 -42.85 23.18
N VAL C 318 -78.09 -41.92 22.35
CA VAL C 318 -78.50 -42.19 20.96
C VAL C 318 -77.75 -41.33 19.92
N THR C 319 -77.21 -41.98 18.89
CA THR C 319 -76.66 -41.27 17.72
C THR C 319 -77.77 -40.82 16.74
N ASN C 320 -77.90 -39.50 16.57
CA ASN C 320 -78.89 -38.89 15.69
C ASN C 320 -78.34 -37.62 15.05
N CYS C 321 -78.28 -37.51 13.72
CA CYS C 321 -78.68 -38.52 12.74
C CYS C 321 -77.62 -39.61 12.59
N THR C 322 -77.93 -40.66 11.86
CA THR C 322 -76.94 -41.69 11.55
C THR C 322 -76.01 -41.22 10.43
N TYR C 323 -74.99 -42.02 10.16
CA TYR C 323 -74.04 -41.70 9.11
C TYR C 323 -74.69 -41.54 7.74
N ASP C 324 -75.76 -42.30 7.49
CA ASP C 324 -76.48 -42.22 6.22
C ASP C 324 -77.65 -41.26 6.23
N GLY C 325 -77.80 -40.51 7.32
CA GLY C 325 -78.83 -39.49 7.37
C GLY C 325 -80.20 -39.95 7.83
N VAL C 326 -80.26 -41.03 8.60
CA VAL C 326 -81.49 -41.41 9.30
C VAL C 326 -81.63 -40.51 10.54
N CYS C 327 -82.63 -39.64 10.54
CA CYS C 327 -82.87 -38.73 11.66
C CYS C 327 -84.07 -39.22 12.47
N TYR C 328 -83.84 -39.41 13.79
CA TYR C 328 -84.88 -39.83 14.73
C TYR C 328 -85.78 -38.67 15.03
N ASN C 329 -87.04 -38.97 15.27
CA ASN C 329 -87.90 -38.04 15.98
C ASN C 329 -87.47 -37.99 17.46
N ALA C 330 -86.61 -37.03 17.77
CA ALA C 330 -85.95 -36.91 19.07
C ALA C 330 -86.95 -36.58 20.16
N LYS C 331 -87.98 -35.80 19.82
CA LYS C 331 -89.08 -35.49 20.75
C LYS C 331 -89.80 -36.75 21.23
N GLU C 332 -90.13 -37.64 20.30
CA GLU C 332 -90.69 -38.94 20.68
C GLU C 332 -89.67 -39.79 21.43
N ALA C 333 -88.43 -39.79 20.96
CA ALA C 333 -87.37 -40.55 21.57
C ALA C 333 -87.14 -40.15 23.04
N GLN C 334 -87.12 -38.85 23.29
CA GLN C 334 -86.90 -38.34 24.64
C GLN C 334 -87.94 -38.88 25.60
N ASP C 335 -89.21 -38.86 25.17
CA ASP C 335 -90.32 -39.32 25.99
C ASP C 335 -90.16 -40.72 26.49
N LEU C 336 -89.79 -41.64 25.61
CA LEU C 336 -89.56 -43.01 26.02
C LEU C 336 -88.32 -43.12 26.93
N LEU C 337 -87.24 -42.48 26.53
CA LEU C 337 -85.96 -42.70 27.20
C LEU C 337 -85.90 -42.11 28.60
N GLU C 338 -86.51 -40.95 28.76
CA GLU C 338 -86.53 -40.25 30.04
C GLU C 338 -87.33 -40.99 31.10
N LYS C 339 -88.14 -41.96 30.67
CA LYS C 339 -88.85 -42.86 31.58
C LYS C 339 -87.84 -43.80 32.23
N THR C 340 -86.65 -43.89 31.64
CA THR C 340 -85.58 -44.73 32.19
C THR C 340 -84.44 -43.89 32.81
N SER C 341 -83.89 -42.93 32.05
CA SER C 341 -82.72 -42.18 32.49
C SER C 341 -83.00 -40.70 32.61
N ASP C 342 -82.37 -40.07 33.59
CA ASP C 342 -82.47 -38.61 33.75
C ASP C 342 -81.52 -37.80 32.87
N ARG C 343 -80.50 -38.48 32.35
CA ARG C 343 -79.46 -37.91 31.47
C ARG C 343 -79.57 -38.51 30.09
N LEU C 344 -79.97 -37.69 29.13
CA LEU C 344 -80.06 -38.17 27.74
C LEU C 344 -79.02 -37.46 26.90
N HIS C 345 -78.26 -38.24 26.16
CA HIS C 345 -77.24 -37.68 25.30
C HIS C 345 -77.57 -38.10 23.88
N PHE C 346 -77.94 -37.11 23.07
CA PHE C 346 -78.06 -37.36 21.64
C PHE C 346 -76.77 -36.93 20.98
N ASP C 347 -76.05 -37.91 20.43
CA ASP C 347 -74.80 -37.62 19.76
C ASP C 347 -75.08 -37.14 18.32
N GLU C 348 -75.14 -35.81 18.17
CA GLU C 348 -75.53 -35.13 16.92
C GLU C 348 -74.31 -34.64 16.10
N ALA C 349 -73.20 -35.40 16.11
CA ALA C 349 -71.92 -34.91 15.55
C ALA C 349 -72.02 -34.44 14.10
N TRP C 350 -72.76 -35.20 13.30
CA TRP C 350 -72.93 -34.95 11.86
C TRP C 350 -74.17 -34.13 11.54
N TYR C 351 -74.66 -33.35 12.49
CA TYR C 351 -76.04 -32.92 12.43
C TYR C 351 -76.22 -31.59 13.15
N GLY C 352 -75.14 -30.81 13.30
CA GLY C 352 -75.22 -29.53 14.05
C GLY C 352 -76.14 -28.44 13.50
N TYR C 353 -76.50 -28.60 12.22
CA TYR C 353 -77.22 -27.58 11.43
C TYR C 353 -78.74 -27.70 11.58
N ALA C 354 -79.20 -28.86 12.10
CA ALA C 354 -80.62 -29.27 12.04
C ALA C 354 -81.63 -28.24 12.55
N ARG C 355 -81.29 -27.58 13.65
CA ARG C 355 -82.13 -26.59 14.31
C ARG C 355 -82.52 -25.45 13.41
N PHE C 356 -81.70 -25.18 12.39
CA PHE C 356 -81.84 -23.94 11.61
C PHE C 356 -82.68 -24.04 10.32
N ASN C 357 -83.22 -25.23 10.07
CA ASN C 357 -84.17 -25.44 9.00
C ASN C 357 -85.43 -26.18 9.44
N PRO C 358 -86.62 -25.64 9.10
CA PRO C 358 -87.90 -26.25 9.50
C PRO C 358 -88.08 -27.71 9.07
N ILE C 359 -87.43 -28.12 7.97
CA ILE C 359 -87.57 -29.50 7.50
C ILE C 359 -87.19 -30.57 8.53
N TYR C 360 -86.32 -30.21 9.48
CA TYR C 360 -85.90 -31.12 10.56
C TYR C 360 -86.73 -31.02 11.86
N ALA C 361 -87.73 -30.13 11.87
CA ALA C 361 -88.57 -29.90 13.04
C ALA C 361 -88.80 -31.19 13.82
N ASP C 362 -88.49 -31.15 15.12
CA ASP C 362 -88.73 -32.27 16.06
C ASP C 362 -87.73 -33.42 16.00
N HIS C 363 -86.84 -33.39 15.02
CA HIS C 363 -85.89 -34.49 14.81
C HIS C 363 -84.48 -34.18 15.31
N TYR C 364 -84.39 -33.34 16.34
CA TYR C 364 -83.11 -33.02 17.03
C TYR C 364 -83.43 -32.65 18.48
N ALA C 365 -82.39 -32.51 19.32
CA ALA C 365 -82.58 -32.29 20.75
C ALA C 365 -83.01 -30.86 21.13
N MET C 366 -82.30 -29.85 20.65
CA MET C 366 -82.55 -28.47 21.12
C MET C 366 -83.71 -27.77 20.40
N ARG C 367 -84.92 -28.25 20.65
CA ARG C 367 -86.10 -27.77 19.94
C ARG C 367 -86.66 -26.54 20.63
N GLY C 368 -87.00 -25.52 19.85
CA GLY C 368 -87.55 -24.28 20.41
C GLY C 368 -86.58 -23.60 21.35
N GLU C 369 -87.12 -22.85 22.31
CA GLU C 369 -86.29 -22.19 23.31
C GLU C 369 -86.05 -23.07 24.55
N PRO C 370 -84.86 -22.95 25.17
CA PRO C 370 -84.59 -23.65 26.43
C PRO C 370 -85.24 -22.90 27.59
N GLY C 371 -85.26 -23.50 28.77
CA GLY C 371 -85.73 -22.82 29.96
C GLY C 371 -86.69 -23.65 30.79
N ASP C 372 -87.34 -24.62 30.18
CA ASP C 372 -88.22 -25.52 30.90
C ASP C 372 -87.41 -26.65 31.50
N HIS C 373 -87.19 -26.57 32.81
CA HIS C 373 -86.30 -27.51 33.50
C HIS C 373 -87.04 -28.70 34.09
N ASN C 374 -88.28 -28.88 33.67
CA ASN C 374 -89.05 -30.03 34.11
C ASN C 374 -89.04 -31.08 33.00
N GLY C 375 -88.31 -32.17 33.22
CA GLY C 375 -87.93 -33.11 32.17
C GLY C 375 -86.48 -33.54 32.37
N PRO C 376 -85.94 -34.40 31.48
CA PRO C 376 -84.63 -34.93 31.82
C PRO C 376 -83.52 -33.94 31.47
N THR C 377 -82.28 -34.25 31.85
CA THR C 377 -81.11 -33.48 31.41
C THR C 377 -80.65 -34.01 30.05
N VAL C 378 -80.51 -33.11 29.08
CA VAL C 378 -80.17 -33.49 27.70
C VAL C 378 -78.87 -32.88 27.18
N PHE C 379 -78.01 -33.75 26.67
CA PHE C 379 -76.78 -33.36 26.00
C PHE C 379 -76.91 -33.57 24.48
N ALA C 380 -76.54 -32.56 23.71
CA ALA C 380 -76.29 -32.75 22.28
C ALA C 380 -74.85 -32.34 21.96
N THR C 381 -74.15 -33.21 21.24
CA THR C 381 -72.79 -32.91 20.85
C THR C 381 -72.70 -32.58 19.37
N HIS C 382 -72.03 -31.48 19.00
CA HIS C 382 -71.73 -31.22 17.58
C HIS C 382 -70.23 -31.18 17.32
N SER C 383 -69.81 -31.91 16.29
CA SER C 383 -68.50 -31.67 15.65
C SER C 383 -68.77 -30.53 14.68
N THR C 384 -68.40 -29.33 15.08
CA THR C 384 -68.78 -28.18 14.28
C THR C 384 -68.00 -28.09 12.91
N HIS C 385 -66.92 -28.85 12.80
CA HIS C 385 -66.15 -28.95 11.60
C HIS C 385 -66.74 -29.98 10.62
N LYS C 386 -67.66 -30.83 11.11
CA LYS C 386 -68.26 -31.84 10.25
C LYS C 386 -69.25 -31.21 9.25
N LEU C 387 -70.34 -30.64 9.74
CA LEU C 387 -71.36 -30.07 8.85
C LEU C 387 -71.86 -28.70 9.29
N LEU C 388 -71.15 -28.08 10.22
CA LEU C 388 -71.15 -26.64 10.29
C LEU C 388 -69.88 -26.16 9.56
N ASN C 389 -69.47 -24.89 9.77
CA ASN C 389 -68.19 -24.42 9.21
C ASN C 389 -67.18 -24.13 10.33
N ALA C 390 -66.14 -24.95 10.43
CA ALA C 390 -65.13 -24.79 11.49
C ALA C 390 -63.91 -25.67 11.25
N LEU C 391 -62.81 -25.38 11.93
CA LEU C 391 -61.60 -26.15 11.78
C LEU C 391 -61.77 -27.50 12.44
N SER C 392 -61.14 -28.53 11.90
CA SER C 392 -61.11 -29.84 12.56
C SER C 392 -60.74 -29.70 14.03
N GLN C 393 -61.40 -30.49 14.88
CA GLN C 393 -61.23 -30.49 16.35
C GLN C 393 -62.21 -29.54 17.07
N ALA C 394 -62.85 -28.62 16.33
CA ALA C 394 -63.87 -27.71 16.91
C ALA C 394 -65.11 -28.50 17.26
N SER C 395 -65.67 -28.26 18.46
CA SER C 395 -66.79 -29.06 18.98
C SER C 395 -67.58 -28.32 20.05
N TYR C 396 -68.85 -28.71 20.23
CA TYR C 396 -69.70 -28.17 21.30
C TYR C 396 -70.45 -29.24 22.04
N ILE C 397 -70.54 -29.06 23.36
CA ILE C 397 -71.47 -29.80 24.20
C ILE C 397 -72.58 -28.81 24.48
N HIS C 398 -73.79 -29.14 24.03
CA HIS C 398 -74.96 -28.34 24.32
C HIS C 398 -75.79 -29.03 25.36
N VAL C 399 -76.27 -28.25 26.34
CA VAL C 399 -76.94 -28.78 27.52
C VAL C 399 -78.29 -28.11 27.82
N ARG C 400 -79.31 -28.97 27.90
CA ARG C 400 -80.58 -28.58 28.52
C ARG C 400 -80.65 -29.19 29.92
N GLU C 401 -80.75 -28.33 30.90
CA GLU C 401 -80.76 -28.78 32.27
C GLU C 401 -82.11 -29.26 32.73
N GLY C 402 -82.13 -30.47 33.29
CA GLY C 402 -83.34 -30.98 33.93
C GLY C 402 -83.02 -31.71 35.22
N ARG C 403 -83.63 -32.88 35.36
CA ARG C 403 -83.42 -33.71 36.51
C ARG C 403 -82.08 -34.38 36.36
N GLY C 404 -81.40 -34.60 37.47
CA GLY C 404 -80.08 -35.19 37.46
C GLY C 404 -79.06 -34.25 36.83
N ALA C 405 -79.38 -32.97 36.81
CA ALA C 405 -78.49 -31.94 36.26
C ALA C 405 -77.16 -31.90 37.00
N ILE C 406 -76.13 -31.40 36.33
CA ILE C 406 -74.75 -31.33 36.85
C ILE C 406 -74.28 -29.89 36.77
N ASN C 407 -74.02 -29.26 37.92
CA ASN C 407 -73.63 -27.83 37.91
C ASN C 407 -72.23 -27.56 37.34
N PHE C 408 -71.90 -26.27 37.24
CA PHE C 408 -70.65 -25.86 36.61
C PHE C 408 -69.41 -26.45 37.29
N SER C 409 -69.34 -26.33 38.61
CA SER C 409 -68.21 -26.84 39.39
C SER C 409 -67.97 -28.31 39.13
N ARG C 410 -69.05 -29.09 39.14
CA ARG C 410 -68.92 -30.53 38.96
C ARG C 410 -68.50 -30.86 37.52
N PHE C 411 -69.19 -30.26 36.55
CA PHE C 411 -69.01 -30.64 35.14
C PHE C 411 -67.64 -30.18 34.61
N ASN C 412 -67.21 -28.99 35.03
CA ASN C 412 -65.92 -28.46 34.62
C ASN C 412 -64.69 -29.27 35.07
N GLN C 413 -64.86 -30.09 36.10
CA GLN C 413 -63.79 -31.01 36.48
C GLN C 413 -63.67 -32.12 35.43
N ALA C 414 -64.81 -32.50 34.83
CA ALA C 414 -64.81 -33.47 33.73
C ALA C 414 -64.35 -32.80 32.44
N TYR C 415 -64.66 -31.50 32.31
CA TYR C 415 -64.23 -30.75 31.16
C TYR C 415 -62.71 -30.74 31.15
N MET C 416 -62.12 -30.34 32.28
CA MET C 416 -60.67 -30.12 32.32
C MET C 416 -59.96 -31.45 32.14
N MET C 417 -60.54 -32.50 32.71
CA MET C 417 -60.01 -33.85 32.62
C MET C 417 -59.64 -34.26 31.20
N HIS C 418 -60.36 -33.72 30.23
CA HIS C 418 -60.19 -34.15 28.85
C HIS C 418 -59.74 -32.98 27.94
N ALA C 419 -59.30 -31.89 28.57
CA ALA C 419 -58.91 -30.68 27.86
C ALA C 419 -57.38 -30.68 27.68
N THR C 420 -56.87 -29.64 27.03
CA THR C 420 -55.45 -29.35 27.09
C THR C 420 -55.25 -28.00 27.78
N THR C 421 -54.17 -27.89 28.54
CA THR C 421 -53.87 -26.63 29.20
C THR C 421 -53.44 -25.54 28.23
N SER C 422 -53.02 -25.93 27.02
CA SER C 422 -52.62 -24.98 25.95
C SER C 422 -53.45 -25.12 24.65
N PRO C 423 -54.72 -24.69 24.66
CA PRO C 423 -55.55 -24.80 23.48
C PRO C 423 -55.09 -23.86 22.37
N LEU C 424 -55.32 -24.27 21.12
CA LEU C 424 -55.00 -23.42 19.98
C LEU C 424 -56.19 -22.49 19.70
N TYR C 425 -55.98 -21.19 19.85
CA TYR C 425 -57.10 -20.26 19.78
C TYR C 425 -57.70 -20.08 18.38
N ALA C 426 -56.97 -20.53 17.35
CA ALA C 426 -57.51 -20.56 15.99
C ALA C 426 -58.74 -21.48 15.93
N ILE C 427 -58.66 -22.61 16.63
CA ILE C 427 -59.80 -23.51 16.72
C ILE C 427 -60.98 -22.84 17.40
N CYS C 428 -60.74 -22.23 18.56
CA CYS C 428 -61.81 -21.53 19.30
C CYS C 428 -62.48 -20.44 18.47
N ALA C 429 -61.67 -19.72 17.69
CA ALA C 429 -62.16 -18.65 16.80
C ALA C 429 -63.07 -19.22 15.73
N SER C 430 -62.66 -20.34 15.13
CA SER C 430 -63.46 -20.94 14.09
C SER C 430 -64.78 -21.40 14.69
N ASN C 431 -64.74 -21.85 15.94
CA ASN C 431 -65.93 -22.29 16.65
C ASN C 431 -66.94 -21.18 16.91
N ASP C 432 -66.40 -19.98 17.13
CA ASP C 432 -67.15 -18.77 17.38
C ASP C 432 -67.79 -18.28 16.09
N VAL C 433 -67.02 -18.34 14.99
CA VAL C 433 -67.53 -17.96 13.68
C VAL C 433 -68.65 -18.92 13.20
N ALA C 434 -68.50 -20.21 13.53
CA ALA C 434 -69.44 -21.25 13.16
C ALA C 434 -70.83 -20.87 13.62
N VAL C 435 -70.88 -20.25 14.80
CA VAL C 435 -72.10 -19.92 15.48
C VAL C 435 -72.69 -18.69 14.81
N SER C 436 -71.81 -17.74 14.50
CA SER C 436 -72.21 -16.49 13.88
C SER C 436 -72.97 -16.77 12.58
N MET C 437 -72.48 -17.76 11.84
CA MET C 437 -73.01 -18.07 10.52
C MET C 437 -74.44 -18.61 10.58
N MET C 438 -74.77 -19.28 11.71
CA MET C 438 -76.09 -19.87 11.91
C MET C 438 -77.05 -18.91 12.59
N ASP C 439 -76.55 -17.78 13.07
CA ASP C 439 -77.36 -16.82 13.79
C ASP C 439 -78.28 -16.01 12.85
N GLY C 440 -79.57 -15.90 13.20
CA GLY C 440 -80.54 -15.09 12.43
C GLY C 440 -80.87 -15.67 11.07
N ASN C 441 -81.18 -14.81 10.10
CA ASN C 441 -81.55 -15.19 8.73
C ASN C 441 -80.61 -16.16 7.99
N SER C 442 -79.31 -16.04 8.22
CA SER C 442 -78.33 -16.85 7.49
C SER C 442 -78.36 -18.34 7.79
N GLY C 443 -78.72 -18.72 9.02
CA GLY C 443 -78.84 -20.13 9.39
C GLY C 443 -79.83 -20.84 8.48
N LEU C 444 -80.98 -20.22 8.29
CA LEU C 444 -82.01 -20.73 7.38
C LEU C 444 -81.50 -20.76 5.94
N SER C 445 -80.99 -19.61 5.51
CA SER C 445 -80.50 -19.42 4.17
C SER C 445 -79.43 -20.44 3.81
N LEU C 446 -78.44 -20.64 4.68
CA LEU C 446 -77.38 -21.62 4.40
C LEU C 446 -77.84 -23.06 4.37
N THR C 447 -78.72 -23.44 5.29
CA THR C 447 -79.26 -24.80 5.33
C THR C 447 -80.19 -25.08 4.14
N GLN C 448 -80.98 -24.09 3.72
CA GLN C 448 -81.89 -24.27 2.58
C GLN C 448 -81.13 -24.54 1.30
N GLU C 449 -79.97 -23.90 1.16
CA GLU C 449 -79.14 -24.07 -0.02
C GLU C 449 -78.55 -25.47 -0.08
N VAL C 450 -78.22 -26.05 1.06
CA VAL C 450 -77.65 -27.39 1.00
C VAL C 450 -78.76 -28.35 0.58
N ILE C 451 -79.96 -28.12 1.12
CA ILE C 451 -81.13 -28.96 0.85
C ILE C 451 -81.46 -28.80 -0.63
N ASP C 452 -81.47 -27.56 -1.12
CA ASP C 452 -81.75 -27.27 -2.53
C ASP C 452 -80.80 -27.98 -3.49
N GLU C 453 -79.51 -27.96 -3.17
CA GLU C 453 -78.52 -28.56 -4.06
C GLU C 453 -78.67 -30.08 -4.08
N ALA C 454 -78.89 -30.65 -2.90
CA ALA C 454 -78.99 -32.10 -2.75
C ALA C 454 -80.22 -32.58 -3.52
N VAL C 455 -81.32 -31.85 -3.36
CA VAL C 455 -82.55 -32.17 -4.11
C VAL C 455 -82.37 -32.08 -5.64
N ASP C 456 -81.71 -31.04 -6.14
CA ASP C 456 -81.51 -30.90 -7.59
C ASP C 456 -80.73 -32.09 -8.10
N PHE C 457 -79.77 -32.54 -7.30
CA PHE C 457 -78.98 -33.71 -7.63
C PHE C 457 -79.87 -34.94 -7.63
N ARG C 458 -80.73 -35.05 -6.59
CA ARG C 458 -81.61 -36.20 -6.41
C ARG C 458 -82.60 -36.30 -7.56
N GLN C 459 -83.27 -35.20 -7.88
CA GLN C 459 -84.22 -35.20 -9.01
C GLN C 459 -83.56 -35.51 -10.34
N ALA C 460 -82.45 -34.85 -10.64
CA ALA C 460 -81.70 -35.13 -11.86
C ALA C 460 -81.50 -36.64 -12.05
N MET C 461 -81.07 -37.31 -10.99
CA MET C 461 -80.78 -38.73 -11.04
C MET C 461 -82.04 -39.58 -11.12
N ALA C 462 -83.12 -39.11 -10.50
CA ALA C 462 -84.42 -39.76 -10.61
C ALA C 462 -84.90 -39.65 -12.08
N ARG C 463 -84.84 -38.45 -12.62
CA ARG C 463 -85.17 -38.19 -14.03
C ARG C 463 -84.34 -39.06 -14.97
N LEU C 464 -83.05 -39.15 -14.73
CA LEU C 464 -82.17 -39.94 -15.62
C LEU C 464 -82.40 -41.41 -15.50
N TYR C 465 -82.68 -41.86 -14.28
CA TYR C 465 -82.98 -43.26 -14.02
C TYR C 465 -84.25 -43.69 -14.78
N LYS C 466 -85.29 -42.86 -14.66
CA LYS C 466 -86.54 -43.03 -15.36
C LYS C 466 -86.30 -43.08 -16.86
N GLU C 467 -85.53 -42.13 -17.37
CA GLU C 467 -85.24 -42.04 -18.79
C GLU C 467 -84.56 -43.30 -19.29
N PHE C 468 -83.49 -43.70 -18.60
CA PHE C 468 -82.74 -44.91 -18.96
C PHE C 468 -83.59 -46.16 -18.85
N THR C 469 -84.44 -46.20 -17.83
CA THR C 469 -85.25 -47.40 -17.61
C THR C 469 -86.32 -47.59 -18.71
N ALA C 470 -86.78 -46.50 -19.33
CA ALA C 470 -87.72 -46.61 -20.42
C ALA C 470 -87.07 -47.10 -21.74
N ASP C 471 -85.74 -47.00 -21.82
CA ASP C 471 -84.99 -47.53 -22.95
C ASP C 471 -84.48 -48.94 -22.72
N GLY C 472 -84.87 -49.55 -21.60
CA GLY C 472 -84.45 -50.90 -21.27
C GLY C 472 -82.94 -50.98 -21.05
N SER C 473 -82.44 -49.96 -20.38
CA SER C 473 -81.05 -49.84 -19.99
C SER C 473 -81.06 -49.50 -18.52
N TRP C 474 -80.01 -49.87 -17.80
CA TRP C 474 -79.94 -49.68 -16.34
C TRP C 474 -79.35 -48.31 -16.00
N PHE C 475 -79.65 -47.80 -14.80
CA PHE C 475 -78.97 -46.62 -14.23
C PHE C 475 -79.02 -46.60 -12.70
N PHE C 476 -78.25 -45.70 -12.11
CA PHE C 476 -78.25 -45.48 -10.67
C PHE C 476 -79.52 -44.73 -10.28
N LYS C 477 -80.00 -44.95 -9.07
CA LYS C 477 -81.15 -44.17 -8.61
C LYS C 477 -80.91 -43.61 -7.22
N PRO C 478 -81.50 -42.43 -6.92
CA PRO C 478 -81.33 -41.90 -5.56
C PRO C 478 -82.11 -42.70 -4.53
N TRP C 479 -81.57 -42.82 -3.32
CA TRP C 479 -82.26 -43.46 -2.22
C TRP C 479 -83.09 -42.42 -1.47
N ASN C 480 -84.38 -42.37 -1.79
CA ASN C 480 -85.32 -41.45 -1.17
C ASN C 480 -86.77 -41.89 -1.47
N LYS C 481 -87.75 -41.14 -0.96
CA LYS C 481 -89.16 -41.49 -1.19
C LYS C 481 -89.47 -41.49 -2.69
N GLU C 482 -90.18 -42.54 -3.14
CA GLU C 482 -90.50 -42.69 -4.57
C GLU C 482 -91.73 -41.89 -4.97
N VAL C 483 -92.78 -41.97 -4.17
CA VAL C 483 -94.00 -41.21 -4.45
C VAL C 483 -94.29 -40.27 -3.29
N VAL C 484 -94.45 -39.02 -3.65
CA VAL C 484 -94.52 -37.91 -2.76
C VAL C 484 -95.91 -37.26 -2.87
N THR C 485 -96.41 -36.62 -1.80
CA THR C 485 -97.74 -35.98 -1.79
C THR C 485 -97.73 -34.51 -1.38
N ASP C 486 -98.38 -33.65 -2.15
CA ASP C 486 -98.54 -32.26 -1.73
C ASP C 486 -99.65 -32.26 -0.69
N PRO C 487 -99.38 -31.74 0.54
CA PRO C 487 -100.37 -31.75 1.62
C PRO C 487 -101.52 -30.72 1.51
N GLN C 488 -101.40 -29.75 0.61
CA GLN C 488 -102.41 -28.70 0.46
C GLN C 488 -103.50 -29.08 -0.55
N THR C 489 -103.05 -29.35 -1.78
CA THR C 489 -103.82 -30.12 -2.74
C THR C 489 -103.72 -31.53 -2.15
N GLY C 490 -104.23 -32.55 -2.81
CA GLY C 490 -104.03 -33.90 -2.27
C GLY C 490 -103.15 -34.66 -3.23
N LYS C 491 -102.54 -33.91 -4.15
CA LYS C 491 -101.92 -34.41 -5.35
C LYS C 491 -100.62 -35.21 -5.10
N THR C 492 -100.49 -36.29 -5.86
CA THR C 492 -99.40 -37.27 -5.80
C THR C 492 -98.43 -37.07 -6.97
N TYR C 493 -97.12 -37.18 -6.71
CA TYR C 493 -96.08 -37.10 -7.75
C TYR C 493 -95.01 -38.15 -7.52
N ASP C 494 -94.53 -38.77 -8.61
CA ASP C 494 -93.27 -39.53 -8.51
C ASP C 494 -92.17 -38.52 -8.13
N PHE C 495 -91.04 -39.03 -7.63
CA PHE C 495 -89.99 -38.11 -7.14
C PHE C 495 -89.47 -37.15 -8.24
N ALA C 496 -89.19 -37.69 -9.41
CA ALA C 496 -88.72 -36.91 -10.58
C ALA C 496 -89.64 -35.77 -11.01
N ASP C 497 -90.96 -35.91 -10.87
CA ASP C 497 -91.92 -34.92 -11.39
C ASP C 497 -92.36 -33.93 -10.33
N ALA C 498 -92.03 -34.19 -9.08
CA ALA C 498 -92.50 -33.38 -7.97
C ALA C 498 -91.98 -31.97 -8.10
N PRO C 499 -92.82 -30.98 -7.73
CA PRO C 499 -92.32 -29.61 -7.66
C PRO C 499 -91.18 -29.61 -6.63
N THR C 500 -90.04 -29.03 -7.01
CA THR C 500 -88.87 -29.07 -6.16
C THR C 500 -89.12 -28.32 -4.85
N LYS C 501 -89.97 -27.29 -4.89
CA LYS C 501 -90.34 -26.56 -3.68
C LYS C 501 -91.08 -27.44 -2.64
N LEU C 502 -91.78 -28.46 -3.13
CA LEU C 502 -92.43 -29.40 -2.26
C LEU C 502 -91.38 -30.26 -1.61
N LEU C 503 -90.42 -30.72 -2.40
CA LEU C 503 -89.39 -31.63 -1.90
C LEU C 503 -88.45 -30.99 -0.89
N THR C 504 -88.20 -29.69 -1.05
CA THR C 504 -87.19 -28.98 -0.30
C THR C 504 -87.76 -28.31 0.94
N THR C 505 -89.08 -28.36 1.12
CA THR C 505 -89.69 -27.64 2.25
C THR C 505 -90.70 -28.44 3.05
N VAL C 506 -91.15 -29.57 2.52
CA VAL C 506 -92.18 -30.34 3.24
C VAL C 506 -91.60 -31.61 3.86
N GLN C 507 -91.58 -31.63 5.18
CA GLN C 507 -90.93 -32.68 5.95
C GLN C 507 -91.44 -34.03 5.55
N ASP C 508 -92.76 -34.10 5.33
CA ASP C 508 -93.44 -35.36 5.05
C ASP C 508 -92.89 -36.13 3.86
N CYS C 509 -92.30 -35.42 2.90
CA CYS C 509 -91.56 -36.05 1.78
C CYS C 509 -90.36 -36.95 2.18
N TRP C 510 -89.95 -36.90 3.44
CA TRP C 510 -88.73 -37.57 3.90
C TRP C 510 -89.04 -38.57 5.03
N VAL C 511 -90.20 -38.37 5.67
CA VAL C 511 -90.66 -39.24 6.76
C VAL C 511 -90.76 -40.68 6.27
N MET C 512 -90.27 -41.62 7.08
CA MET C 512 -90.36 -43.03 6.76
C MET C 512 -91.67 -43.64 7.31
N HIS C 513 -92.68 -43.72 6.45
CA HIS C 513 -93.99 -44.29 6.79
C HIS C 513 -93.97 -45.82 6.63
N PRO C 514 -94.67 -46.57 7.51
CA PRO C 514 -94.75 -48.02 7.30
C PRO C 514 -95.51 -48.37 5.99
N GLY C 515 -95.02 -49.38 5.27
CA GLY C 515 -95.64 -49.73 4.00
C GLY C 515 -94.93 -49.16 2.78
N GLU C 516 -94.15 -48.10 2.98
CA GLU C 516 -93.24 -47.59 1.96
C GLU C 516 -92.02 -48.49 1.83
N SER C 517 -91.79 -49.03 0.64
CA SER C 517 -90.68 -49.98 0.46
C SER C 517 -89.30 -49.33 0.26
N TRP C 518 -89.25 -48.03 -0.05
CA TRP C 518 -87.99 -47.38 -0.41
C TRP C 518 -86.98 -47.42 0.72
N HIS C 519 -87.41 -47.16 1.95
CA HIS C 519 -86.46 -47.11 3.08
C HIS C 519 -86.01 -48.50 3.52
N GLY C 520 -86.92 -49.46 3.44
CA GLY C 520 -86.58 -50.86 3.62
C GLY C 520 -86.43 -51.21 5.08
N PHE C 521 -86.94 -50.35 5.95
CA PHE C 521 -86.93 -50.65 7.38
C PHE C 521 -88.26 -51.31 7.76
N LYS C 522 -88.26 -52.65 7.69
CA LYS C 522 -89.46 -53.47 7.93
C LYS C 522 -90.19 -53.18 9.27
N ASP C 523 -91.49 -52.90 9.19
CA ASP C 523 -92.34 -52.65 10.38
C ASP C 523 -91.89 -51.50 11.28
N ILE C 524 -91.11 -50.57 10.73
CA ILE C 524 -90.87 -49.30 11.40
C ILE C 524 -92.22 -48.64 11.75
N PRO C 525 -92.38 -48.18 13.01
CA PRO C 525 -93.55 -47.39 13.36
C PRO C 525 -93.57 -46.08 12.61
N ASP C 526 -94.75 -45.47 12.50
CA ASP C 526 -94.94 -44.25 11.77
C ASP C 526 -94.43 -43.08 12.61
N ASN C 527 -94.21 -41.93 11.96
CA ASN C 527 -93.77 -40.69 12.64
C ASN C 527 -92.55 -40.86 13.61
N TRP C 528 -91.66 -41.78 13.26
CA TRP C 528 -90.48 -42.09 14.09
C TRP C 528 -89.15 -41.56 13.55
N SER C 529 -88.92 -41.69 12.24
CA SER C 529 -87.73 -41.13 11.63
C SER C 529 -87.96 -40.59 10.21
N MET C 530 -87.05 -39.72 9.78
CA MET C 530 -87.06 -39.16 8.43
C MET C 530 -85.69 -39.34 7.79
N LEU C 531 -85.61 -39.08 6.48
CA LEU C 531 -84.34 -39.05 5.76
C LEU C 531 -83.84 -37.60 5.56
N ASP C 532 -82.57 -37.36 5.87
CA ASP C 532 -81.97 -36.03 5.67
C ASP C 532 -81.77 -35.82 4.17
N PRO C 533 -82.36 -34.75 3.61
CA PRO C 533 -82.21 -34.53 2.17
C PRO C 533 -80.72 -34.47 1.74
N ILE C 534 -79.84 -33.98 2.60
CA ILE C 534 -78.46 -33.62 2.25
C ILE C 534 -77.45 -34.78 2.31
N LYS C 535 -77.89 -35.91 2.88
CA LYS C 535 -77.10 -37.16 2.82
C LYS C 535 -77.63 -38.03 1.67
N VAL C 536 -77.01 -37.88 0.51
CA VAL C 536 -77.55 -38.46 -0.71
C VAL C 536 -76.87 -39.76 -1.04
N SER C 537 -77.60 -40.85 -0.78
CA SER C 537 -77.14 -42.16 -1.19
C SER C 537 -77.65 -42.42 -2.61
N ILE C 538 -76.81 -43.06 -3.41
CA ILE C 538 -77.14 -43.37 -4.79
C ILE C 538 -77.01 -44.87 -4.90
N LEU C 539 -77.97 -45.50 -5.56
CA LEU C 539 -78.11 -46.95 -5.54
C LEU C 539 -77.84 -47.54 -6.91
N ALA C 540 -76.84 -48.41 -6.96
CA ALA C 540 -76.51 -49.17 -8.14
C ALA C 540 -77.45 -50.40 -8.19
N PRO C 541 -77.86 -50.82 -9.41
CA PRO C 541 -78.77 -51.97 -9.49
C PRO C 541 -78.12 -53.26 -8.99
N GLY C 542 -78.96 -54.20 -8.54
CA GLY C 542 -78.47 -55.49 -8.05
C GLY C 542 -79.25 -56.06 -6.89
N MET C 543 -79.72 -55.19 -6.01
CA MET C 543 -80.52 -55.59 -4.88
C MET C 543 -81.99 -55.46 -5.21
N GLY C 544 -82.75 -56.54 -5.05
CA GLY C 544 -84.18 -56.51 -5.31
C GLY C 544 -84.99 -55.94 -4.18
N GLU C 545 -86.17 -55.39 -4.49
CA GLU C 545 -87.07 -54.78 -3.49
C GLU C 545 -87.57 -55.76 -2.42
N ASP C 546 -87.38 -57.05 -2.66
CA ASP C 546 -87.78 -58.07 -1.68
C ASP C 546 -86.65 -58.37 -0.70
N GLY C 547 -85.45 -57.87 -1.02
CA GLY C 547 -84.27 -58.07 -0.20
C GLY C 547 -83.38 -59.22 -0.65
N GLU C 548 -83.47 -59.63 -1.91
CA GLU C 548 -82.57 -60.64 -2.47
C GLU C 548 -81.87 -60.08 -3.72
N LEU C 549 -80.69 -60.62 -4.00
CA LEU C 549 -79.93 -60.23 -5.20
C LEU C 549 -80.64 -60.65 -6.50
N GLU C 550 -80.61 -59.75 -7.48
CA GLU C 550 -81.17 -59.98 -8.82
C GLU C 550 -80.28 -60.89 -9.68
N GLU C 551 -80.67 -61.14 -10.93
CA GLU C 551 -79.85 -61.99 -11.83
C GLU C 551 -78.56 -61.30 -12.24
N THR C 552 -78.61 -59.98 -12.34
CA THR C 552 -77.45 -59.13 -12.60
C THR C 552 -77.47 -57.89 -11.70
N GLY C 553 -76.32 -57.23 -11.60
CA GLY C 553 -76.20 -55.97 -10.85
C GLY C 553 -74.89 -55.26 -11.14
N VAL C 554 -74.75 -54.07 -10.58
CA VAL C 554 -73.51 -53.30 -10.74
C VAL C 554 -72.95 -52.98 -9.37
N PRO C 555 -71.82 -53.59 -9.03
CA PRO C 555 -71.25 -53.45 -7.68
C PRO C 555 -70.67 -52.04 -7.41
N ALA C 556 -71.18 -51.40 -6.36
CA ALA C 556 -70.72 -50.05 -6.00
C ALA C 556 -69.20 -49.94 -5.87
N ALA C 557 -68.58 -51.03 -5.43
CA ALA C 557 -67.13 -51.08 -5.20
C ALA C 557 -66.35 -50.62 -6.43
N LEU C 558 -66.81 -51.09 -7.58
CA LEU C 558 -66.21 -50.75 -8.87
C LEU C 558 -66.53 -49.30 -9.26
N VAL C 559 -67.70 -48.82 -8.83
CA VAL C 559 -68.13 -47.46 -9.10
C VAL C 559 -67.33 -46.46 -8.26
N THR C 560 -67.19 -46.76 -6.97
CA THR C 560 -66.33 -45.98 -6.06
C THR C 560 -64.88 -45.89 -6.59
N ALA C 561 -64.37 -46.98 -7.15
CA ALA C 561 -63.02 -46.95 -7.69
C ALA C 561 -62.95 -46.02 -8.91
N TRP C 562 -63.97 -46.08 -9.76
CA TRP C 562 -64.03 -45.22 -10.95
C TRP C 562 -64.11 -43.75 -10.52
N LEU C 563 -65.00 -43.47 -9.57
CA LEU C 563 -65.15 -42.13 -9.03
C LEU C 563 -63.80 -41.58 -8.54
N GLY C 564 -63.09 -42.38 -7.75
CA GLY C 564 -61.80 -41.99 -7.17
C GLY C 564 -60.77 -41.52 -8.16
N ARG C 565 -60.72 -42.16 -9.33
CA ARG C 565 -59.86 -41.71 -10.42
C ARG C 565 -60.21 -40.29 -10.89
N HIS C 566 -61.18 -39.65 -10.24
CA HIS C 566 -61.57 -38.28 -10.55
C HIS C 566 -61.56 -37.44 -9.27
N GLY C 567 -60.84 -37.90 -8.26
CA GLY C 567 -60.78 -37.22 -6.98
C GLY C 567 -61.97 -37.51 -6.07
N ILE C 568 -63.11 -37.85 -6.67
CA ILE C 568 -64.37 -38.01 -5.94
C ILE C 568 -64.34 -39.21 -5.01
N VAL C 569 -64.40 -38.94 -3.72
CA VAL C 569 -64.43 -40.01 -2.72
C VAL C 569 -65.70 -39.93 -1.85
N PRO C 570 -66.72 -40.76 -2.18
CA PRO C 570 -67.95 -40.77 -1.39
C PRO C 570 -67.67 -41.15 0.06
N THR C 571 -68.41 -40.58 1.00
CA THR C 571 -68.15 -40.82 2.41
C THR C 571 -68.34 -42.29 2.77
N ARG C 572 -69.45 -42.88 2.33
CA ARG C 572 -69.69 -44.32 2.49
C ARG C 572 -70.00 -45.10 1.19
N THR C 573 -69.81 -46.42 1.27
CA THR C 573 -69.93 -47.35 0.15
C THR C 573 -70.23 -48.78 0.65
N THR C 574 -71.48 -49.22 0.45
CA THR C 574 -71.81 -50.62 0.66
C THR C 574 -71.61 -51.44 -0.63
N ASP C 575 -72.40 -52.51 -0.80
CA ASP C 575 -72.36 -53.33 -2.00
C ASP C 575 -72.97 -52.63 -3.21
N PHE C 576 -74.05 -51.87 -2.95
CA PHE C 576 -74.78 -51.12 -3.98
C PHE C 576 -75.03 -49.64 -3.67
N GLN C 577 -74.77 -49.23 -2.43
CA GLN C 577 -75.02 -47.84 -2.01
C GLN C 577 -73.73 -47.00 -2.05
N ILE C 578 -73.86 -45.75 -2.47
CA ILE C 578 -72.75 -44.82 -2.46
C ILE C 578 -73.32 -43.52 -1.95
N MET C 579 -72.79 -43.02 -0.84
CA MET C 579 -73.31 -41.84 -0.19
C MET C 579 -72.47 -40.58 -0.48
N PHE C 580 -73.12 -39.51 -0.92
CA PHE C 580 -72.44 -38.25 -1.20
C PHE C 580 -72.89 -37.18 -0.21
N LEU C 581 -71.89 -36.48 0.34
CA LEU C 581 -72.13 -35.54 1.42
C LEU C 581 -72.21 -34.14 0.87
N PHE C 582 -73.35 -33.50 1.08
CA PHE C 582 -73.55 -32.10 0.68
C PHE C 582 -73.41 -31.25 1.93
N SER C 583 -72.67 -30.15 1.85
CA SER C 583 -72.48 -29.26 2.99
C SER C 583 -72.65 -27.82 2.57
N MET C 584 -72.57 -26.95 3.56
CA MET C 584 -72.53 -25.50 3.36
C MET C 584 -71.28 -25.03 2.59
N GLY C 585 -70.28 -25.91 2.48
CA GLY C 585 -69.09 -25.60 1.71
C GLY C 585 -69.18 -25.94 0.22
N VAL C 586 -70.25 -26.63 -0.19
CA VAL C 586 -70.39 -27.02 -1.58
C VAL C 586 -70.89 -25.82 -2.36
N THR C 587 -70.48 -25.72 -3.62
CA THR C 587 -70.95 -24.63 -4.47
C THR C 587 -72.04 -25.13 -5.43
N ARG C 588 -72.83 -24.20 -5.94
CA ARG C 588 -74.03 -24.53 -6.70
C ARG C 588 -73.68 -25.11 -8.06
N GLY C 589 -74.32 -26.23 -8.40
CA GLY C 589 -74.19 -26.89 -9.71
C GLY C 589 -73.09 -27.93 -9.68
N LYS C 590 -72.35 -27.94 -8.59
CA LYS C 590 -71.19 -28.79 -8.45
C LYS C 590 -71.57 -30.27 -8.57
N TRP C 591 -72.80 -30.63 -8.14
CA TRP C 591 -73.29 -32.01 -8.23
C TRP C 591 -73.29 -32.55 -9.66
N GLY C 592 -73.43 -31.62 -10.62
CA GLY C 592 -73.39 -31.95 -12.04
C GLY C 592 -72.17 -32.73 -12.46
N THR C 593 -71.07 -32.54 -11.74
CA THR C 593 -69.86 -33.32 -12.00
C THR C 593 -70.02 -34.79 -11.56
N LEU C 594 -70.88 -35.04 -10.56
CA LEU C 594 -71.16 -36.42 -10.10
C LEU C 594 -71.91 -37.22 -11.15
N VAL C 595 -72.98 -36.61 -11.66
CA VAL C 595 -73.75 -37.11 -12.80
C VAL C 595 -72.87 -37.48 -14.00
N ASN C 596 -72.05 -36.52 -14.45
CA ASN C 596 -71.11 -36.71 -15.56
C ASN C 596 -70.22 -37.95 -15.39
N THR C 597 -69.73 -38.15 -14.17
CA THR C 597 -68.82 -39.26 -13.85
C THR C 597 -69.56 -40.59 -13.75
N LEU C 598 -70.77 -40.56 -13.22
CA LEU C 598 -71.61 -41.76 -13.16
C LEU C 598 -72.07 -42.15 -14.58
N CYS C 599 -72.35 -41.15 -15.42
CA CYS C 599 -72.64 -41.39 -16.84
C CYS C 599 -71.45 -41.97 -17.57
N SER C 600 -70.26 -41.43 -17.33
CA SER C 600 -69.08 -41.96 -18.02
C SER C 600 -68.78 -43.36 -17.52
N PHE C 601 -69.09 -43.65 -16.25
CA PHE C 601 -68.92 -45.02 -15.76
C PHE C 601 -69.81 -45.99 -16.52
N LYS C 602 -71.09 -45.61 -16.64
CA LYS C 602 -72.13 -46.34 -17.35
C LYS C 602 -71.75 -46.62 -18.81
N ARG C 603 -71.19 -45.61 -19.49
CA ARG C 603 -70.79 -45.75 -20.88
C ARG C 603 -69.65 -46.76 -21.03
N HIS C 604 -68.69 -46.73 -20.11
CA HIS C 604 -67.60 -47.70 -20.11
C HIS C 604 -68.02 -49.09 -19.65
N TYR C 605 -68.98 -49.17 -18.74
CA TYR C 605 -69.47 -50.47 -18.27
C TYR C 605 -70.13 -51.20 -19.42
N ASP C 606 -70.86 -50.44 -20.24
CA ASP C 606 -71.63 -51.03 -21.33
C ASP C 606 -70.77 -51.38 -22.52
N ALA C 607 -69.76 -50.56 -22.80
CA ALA C 607 -68.76 -50.85 -23.82
C ALA C 607 -67.81 -51.96 -23.40
N ASN C 608 -67.81 -52.31 -22.11
CA ASN C 608 -66.85 -53.26 -21.52
C ASN C 608 -65.38 -52.88 -21.73
N THR C 609 -65.05 -51.61 -21.48
CA THR C 609 -63.71 -51.09 -21.75
C THR C 609 -62.62 -51.82 -20.93
N PRO C 610 -61.54 -52.30 -21.63
CA PRO C 610 -60.44 -52.98 -20.95
C PRO C 610 -59.94 -52.21 -19.73
N LEU C 611 -59.75 -52.92 -18.62
CA LEU C 611 -59.26 -52.33 -17.40
C LEU C 611 -57.90 -51.66 -17.59
N ALA C 612 -57.14 -52.11 -18.59
CA ALA C 612 -55.84 -51.53 -18.92
C ALA C 612 -55.98 -50.08 -19.39
N GLN C 613 -57.18 -49.73 -19.86
CA GLN C 613 -57.48 -48.38 -20.35
C GLN C 613 -58.18 -47.55 -19.30
N VAL C 614 -59.09 -48.16 -18.55
CA VAL C 614 -59.89 -47.41 -17.57
C VAL C 614 -59.37 -47.45 -16.14
N MET C 615 -58.62 -48.50 -15.79
CA MET C 615 -58.07 -48.63 -14.43
C MET C 615 -56.64 -49.18 -14.45
N PRO C 616 -55.69 -48.39 -15.02
CA PRO C 616 -54.35 -48.95 -15.28
C PRO C 616 -53.51 -49.18 -14.03
N GLU C 617 -53.74 -48.38 -12.97
CA GLU C 617 -53.00 -48.56 -11.71
C GLU C 617 -53.43 -49.87 -11.05
N LEU C 618 -54.71 -50.21 -11.18
CA LEU C 618 -55.20 -51.51 -10.78
C LEU C 618 -54.54 -52.64 -11.58
N VAL C 619 -54.46 -52.49 -12.91
CA VAL C 619 -53.98 -53.58 -13.77
C VAL C 619 -52.50 -53.85 -13.66
N GLU C 620 -51.69 -52.80 -13.65
CA GLU C 620 -50.25 -52.99 -13.53
C GLU C 620 -49.82 -53.40 -12.11
N GLN C 621 -50.62 -52.99 -11.11
CA GLN C 621 -50.39 -53.36 -9.72
C GLN C 621 -50.76 -54.83 -9.44
N TYR C 622 -51.68 -55.38 -10.21
CA TYR C 622 -52.05 -56.80 -10.09
C TYR C 622 -52.16 -57.48 -11.46
N PRO C 623 -51.04 -57.58 -12.20
CA PRO C 623 -51.09 -58.00 -13.59
C PRO C 623 -51.90 -59.28 -13.84
N ASP C 624 -51.72 -60.31 -13.01
CA ASP C 624 -52.31 -61.63 -13.30
C ASP C 624 -53.83 -61.67 -13.18
N THR C 625 -54.34 -61.09 -12.09
CA THR C 625 -55.78 -61.06 -11.79
C THR C 625 -56.60 -60.35 -12.87
N TYR C 626 -56.11 -59.20 -13.34
CA TYR C 626 -56.94 -58.30 -14.16
C TYR C 626 -56.52 -58.13 -15.64
N ALA C 627 -55.52 -58.88 -16.10
CA ALA C 627 -55.14 -58.88 -17.52
C ALA C 627 -56.24 -59.52 -18.37
N ASN C 628 -56.44 -58.97 -19.56
CA ASN C 628 -57.46 -59.43 -20.51
C ASN C 628 -58.91 -59.35 -19.98
N MET C 629 -59.13 -58.44 -19.03
CA MET C 629 -60.43 -58.25 -18.43
C MET C 629 -60.90 -56.83 -18.71
N GLY C 630 -62.16 -56.71 -19.09
CA GLY C 630 -62.78 -55.39 -19.22
C GLY C 630 -63.47 -55.04 -17.93
N ILE C 631 -64.06 -53.85 -17.88
CA ILE C 631 -64.76 -53.39 -16.68
C ILE C 631 -66.07 -54.18 -16.38
N HIS C 632 -66.85 -54.50 -17.42
CA HIS C 632 -68.09 -55.29 -17.29
C HIS C 632 -67.78 -56.73 -16.88
N ASP C 633 -66.67 -57.27 -17.39
CA ASP C 633 -66.17 -58.58 -16.99
C ASP C 633 -65.92 -58.60 -15.49
N LEU C 634 -65.33 -57.53 -14.97
CA LEU C 634 -65.06 -57.44 -13.55
C LEU C 634 -66.33 -57.20 -12.72
N GLY C 635 -67.25 -56.38 -13.23
CA GLY C 635 -68.55 -56.20 -12.58
C GLY C 635 -69.17 -57.58 -12.41
N ASP C 636 -69.12 -58.37 -13.48
CA ASP C 636 -69.73 -59.70 -13.54
C ASP C 636 -69.13 -60.72 -12.56
N THR C 637 -67.80 -60.83 -12.58
CA THR C 637 -67.08 -61.64 -11.62
C THR C 637 -67.38 -61.22 -10.18
N MET C 638 -67.50 -59.91 -9.96
CA MET C 638 -67.79 -59.38 -8.62
C MET C 638 -69.21 -59.71 -8.18
N PHE C 639 -70.14 -59.72 -9.14
CA PHE C 639 -71.54 -59.97 -8.82
C PHE C 639 -71.77 -61.47 -8.58
N ALA C 640 -71.09 -62.31 -9.37
CA ALA C 640 -71.10 -63.76 -9.17
C ALA C 640 -70.72 -64.09 -7.73
N TRP C 641 -69.63 -63.48 -7.27
CA TRP C 641 -69.16 -63.65 -5.89
C TRP C 641 -70.24 -63.28 -4.89
N LEU C 642 -70.90 -62.15 -5.09
CA LEU C 642 -71.98 -61.72 -4.21
C LEU C 642 -73.10 -62.77 -4.19
N LYS C 643 -73.43 -63.30 -5.36
CA LYS C 643 -74.43 -64.36 -5.50
C LYS C 643 -74.03 -65.64 -4.78
N GLU C 644 -72.78 -66.07 -4.96
CA GLU C 644 -72.34 -67.31 -4.35
C GLU C 644 -72.17 -67.23 -2.83
N ASN C 645 -71.81 -66.05 -2.31
CA ASN C 645 -71.43 -65.96 -0.91
C ASN C 645 -72.46 -65.27 0.01
N ASN C 646 -73.49 -64.68 -0.58
CA ASN C 646 -74.52 -63.93 0.16
C ASN C 646 -74.04 -63.12 1.41
N PRO C 647 -73.16 -62.12 1.19
CA PRO C 647 -72.61 -61.28 2.26
C PRO C 647 -73.67 -60.46 2.98
N GLY C 648 -74.74 -60.12 2.28
CA GLY C 648 -75.82 -59.37 2.90
C GLY C 648 -76.45 -60.12 4.04
N ALA C 649 -76.59 -61.44 3.87
CA ALA C 649 -77.25 -62.28 4.87
C ALA C 649 -76.27 -62.61 5.98
N ARG C 650 -75.02 -62.87 5.59
CA ARG C 650 -73.91 -62.97 6.53
C ARG C 650 -73.90 -61.77 7.47
N LEU C 651 -74.02 -60.57 6.89
CA LEU C 651 -74.08 -59.33 7.62
C LEU C 651 -75.19 -59.38 8.65
N ASN C 652 -76.43 -59.56 8.18
CA ASN C 652 -77.60 -59.55 9.07
C ASN C 652 -77.48 -60.50 10.26
N GLU C 653 -76.93 -61.68 10.01
CA GLU C 653 -76.70 -62.68 11.06
C GLU C 653 -75.69 -62.17 12.09
N ALA C 654 -74.66 -61.49 11.61
CA ALA C 654 -73.59 -60.98 12.48
C ALA C 654 -74.09 -59.83 13.35
N TYR C 655 -75.24 -59.26 12.99
CA TYR C 655 -75.78 -58.11 13.72
C TYR C 655 -77.11 -58.36 14.45
N SER C 656 -77.64 -59.59 14.34
CA SER C 656 -78.95 -59.91 14.90
C SER C 656 -78.96 -60.03 16.42
N GLY C 657 -78.21 -61.00 16.94
CA GLY C 657 -78.05 -61.11 18.37
C GLY C 657 -76.69 -60.57 18.73
N LEU C 658 -76.66 -59.60 19.63
CA LEU C 658 -75.41 -59.11 20.22
C LEU C 658 -74.53 -60.26 20.74
N PRO C 659 -73.19 -60.16 20.57
CA PRO C 659 -72.31 -61.17 21.12
C PRO C 659 -72.33 -61.10 22.64
N VAL C 660 -72.04 -62.21 23.32
CA VAL C 660 -72.05 -62.26 24.79
C VAL C 660 -70.93 -61.37 25.42
N ALA C 661 -71.33 -60.43 26.26
CA ALA C 661 -70.37 -59.58 26.97
C ALA C 661 -69.80 -60.33 28.18
N GLU C 662 -68.55 -60.79 28.05
CA GLU C 662 -67.85 -61.56 29.10
C GLU C 662 -67.32 -60.66 30.24
N VAL C 663 -66.65 -59.56 29.89
CA VAL C 663 -66.23 -58.52 30.84
C VAL C 663 -66.56 -57.14 30.29
N THR C 664 -66.42 -56.10 31.11
CA THR C 664 -66.63 -54.74 30.62
C THR C 664 -65.53 -54.32 29.64
N PRO C 665 -65.80 -53.30 28.80
CA PRO C 665 -64.77 -52.68 27.98
C PRO C 665 -63.53 -52.21 28.78
N ARG C 666 -63.73 -51.55 29.92
CA ARG C 666 -62.59 -51.20 30.79
C ARG C 666 -61.76 -52.41 31.20
N GLU C 667 -62.42 -53.46 31.70
CA GLU C 667 -61.74 -54.68 32.13
C GLU C 667 -60.96 -55.27 30.97
N ALA C 668 -61.62 -55.35 29.82
CA ALA C 668 -60.98 -55.86 28.59
C ALA C 668 -59.84 -54.94 28.14
N TYR C 669 -60.02 -53.62 28.25
CA TYR C 669 -58.89 -52.70 28.02
C TYR C 669 -57.69 -52.99 28.95
N ASN C 670 -57.95 -53.06 30.27
CA ASN C 670 -56.93 -53.40 31.29
C ASN C 670 -56.12 -54.66 31.03
N ALA C 671 -56.72 -55.65 30.39
CA ALA C 671 -55.95 -56.80 29.87
C ALA C 671 -54.74 -56.38 29.00
N ILE C 672 -54.94 -55.36 28.16
CA ILE C 672 -53.87 -54.81 27.30
C ILE C 672 -52.73 -54.27 28.15
N VAL C 673 -53.10 -53.44 29.13
CA VAL C 673 -52.15 -52.87 30.08
C VAL C 673 -51.40 -53.97 30.84
N ASP C 674 -52.11 -55.04 31.21
CA ASP C 674 -51.49 -56.15 31.93
C ASP C 674 -50.68 -57.06 31.04
N ASN C 675 -50.43 -56.65 29.80
CA ASN C 675 -49.72 -57.48 28.82
C ASN C 675 -50.30 -58.88 28.72
N ASN C 676 -51.63 -58.94 28.75
CA ASN C 676 -52.35 -60.21 28.82
C ASN C 676 -53.30 -60.37 27.64
N VAL C 677 -52.78 -60.03 26.45
CA VAL C 677 -53.52 -60.09 25.21
C VAL C 677 -52.60 -60.68 24.14
N GLU C 678 -53.19 -61.19 23.05
CA GLU C 678 -52.43 -61.71 21.91
C GLU C 678 -53.25 -61.64 20.62
N LEU C 679 -52.55 -61.52 19.48
CA LEU C 679 -53.18 -61.53 18.17
C LEU C 679 -53.64 -62.94 17.79
N VAL C 680 -54.94 -63.08 17.57
CA VAL C 680 -55.53 -64.35 17.24
C VAL C 680 -55.93 -64.36 15.76
N SER C 681 -55.43 -65.34 15.02
CA SER C 681 -55.82 -65.57 13.63
C SER C 681 -57.34 -65.81 13.51
N ILE C 682 -57.91 -65.41 12.37
CA ILE C 682 -59.39 -65.52 12.14
C ILE C 682 -60.04 -66.84 12.52
N GLU C 683 -59.39 -67.95 12.15
CA GLU C 683 -59.96 -69.27 12.36
C GLU C 683 -59.99 -69.66 13.83
N ASN C 684 -59.18 -68.98 14.64
CA ASN C 684 -59.14 -69.24 16.07
C ASN C 684 -60.00 -68.30 16.92
N LEU C 685 -60.79 -67.43 16.28
CA LEU C 685 -61.57 -66.41 16.99
C LEU C 685 -62.68 -66.89 17.92
N PRO C 686 -63.40 -67.99 17.57
CA PRO C 686 -64.46 -68.48 18.46
C PRO C 686 -63.99 -68.78 19.87
N GLY C 687 -64.74 -68.29 20.85
CA GLY C 687 -64.43 -68.52 22.26
C GLY C 687 -63.48 -67.51 22.89
N ARG C 688 -62.82 -66.72 22.06
CA ARG C 688 -61.88 -65.68 22.51
C ARG C 688 -62.60 -64.35 22.74
N ILE C 689 -62.07 -63.56 23.70
CA ILE C 689 -62.66 -62.28 24.12
C ILE C 689 -61.94 -61.10 23.46
N ALA C 690 -62.69 -60.26 22.75
CA ALA C 690 -62.07 -59.14 22.02
C ALA C 690 -61.38 -58.16 22.96
N ALA C 691 -60.11 -57.87 22.70
CA ALA C 691 -59.37 -56.87 23.50
C ALA C 691 -59.65 -55.43 23.04
N ASN C 692 -60.25 -55.29 21.86
CA ASN C 692 -60.64 -53.98 21.29
C ASN C 692 -61.91 -54.17 20.43
N SER C 693 -62.59 -53.08 20.06
CA SER C 693 -63.77 -53.17 19.20
C SER C 693 -63.46 -53.64 17.76
N VAL C 694 -64.45 -54.29 17.14
CA VAL C 694 -64.36 -54.74 15.75
C VAL C 694 -65.46 -54.07 14.95
N ILE C 695 -65.08 -53.19 14.03
CA ILE C 695 -66.05 -52.40 13.24
C ILE C 695 -65.85 -52.64 11.75
N PRO C 696 -66.67 -53.56 11.15
CA PRO C 696 -66.60 -53.82 9.70
C PRO C 696 -67.25 -52.70 8.88
N TYR C 697 -66.72 -52.44 7.69
CA TYR C 697 -67.33 -51.49 6.74
C TYR C 697 -67.67 -52.22 5.44
N PRO C 698 -68.98 -52.54 5.25
CA PRO C 698 -70.11 -52.11 6.06
C PRO C 698 -70.45 -53.10 7.21
N PRO C 699 -71.39 -52.75 8.09
CA PRO C 699 -72.23 -51.56 8.16
C PRO C 699 -71.64 -50.35 8.91
N GLY C 700 -70.36 -50.41 9.27
CA GLY C 700 -69.68 -49.29 9.94
C GLY C 700 -70.20 -48.93 11.32
N ILE C 701 -70.85 -49.88 11.99
CA ILE C 701 -71.08 -49.77 13.42
C ILE C 701 -70.38 -50.97 14.07
N PRO C 702 -70.11 -50.90 15.40
CA PRO C 702 -69.36 -52.02 16.00
C PRO C 702 -70.04 -53.37 15.86
N MET C 703 -69.27 -54.39 15.52
CA MET C 703 -69.77 -55.75 15.50
C MET C 703 -69.53 -56.37 16.86
N LEU C 704 -68.28 -56.32 17.32
CA LEU C 704 -67.97 -56.50 18.75
C LEU C 704 -67.43 -55.21 19.38
N LEU C 705 -67.66 -55.05 20.67
CA LEU C 705 -66.95 -54.04 21.48
C LEU C 705 -65.93 -54.77 22.35
N SER C 706 -65.02 -54.05 23.01
CA SER C 706 -64.04 -54.72 23.90
C SER C 706 -64.79 -55.48 24.99
N GLY C 707 -64.35 -56.70 25.28
CA GLY C 707 -64.89 -57.49 26.40
C GLY C 707 -65.94 -58.51 26.00
N GLU C 708 -66.45 -58.40 24.77
CA GLU C 708 -67.42 -59.34 24.23
C GLU C 708 -66.75 -60.61 23.67
N ASN C 709 -67.43 -61.75 23.83
CA ASN C 709 -66.95 -63.02 23.31
C ASN C 709 -67.35 -63.17 21.84
N PHE C 710 -66.51 -63.79 21.04
CA PHE C 710 -66.88 -64.03 19.65
C PHE C 710 -68.02 -65.06 19.49
N GLY C 711 -68.11 -66.00 20.43
CA GLY C 711 -69.15 -67.04 20.41
C GLY C 711 -68.59 -68.41 20.03
N ASP C 712 -69.50 -69.35 19.74
CA ASP C 712 -69.09 -70.74 19.41
C ASP C 712 -68.57 -70.85 17.98
N LYS C 713 -68.36 -72.09 17.52
CA LYS C 713 -67.80 -72.36 16.19
C LYS C 713 -68.79 -71.99 15.09
N ASN C 714 -70.07 -71.81 15.48
CA ASN C 714 -71.14 -71.35 14.58
C ASN C 714 -71.29 -69.84 14.59
N SER C 715 -70.30 -69.13 15.14
CA SER C 715 -70.35 -67.68 15.27
C SER C 715 -70.66 -66.98 13.95
N PRO C 716 -71.80 -66.25 13.90
CA PRO C 716 -72.04 -65.41 12.73
C PRO C 716 -71.06 -64.23 12.65
N GLN C 717 -70.60 -63.73 13.80
CA GLN C 717 -69.67 -62.61 13.82
C GLN C 717 -68.36 -63.02 13.16
N VAL C 718 -67.91 -64.24 13.48
CA VAL C 718 -66.68 -64.75 12.89
C VAL C 718 -66.88 -65.06 11.40
N SER C 719 -68.08 -65.54 11.03
CA SER C 719 -68.37 -65.86 9.64
C SER C 719 -68.51 -64.65 8.73
N TYR C 720 -69.01 -63.55 9.29
CA TYR C 720 -69.04 -62.31 8.54
C TYR C 720 -67.62 -61.79 8.23
N LEU C 721 -66.71 -61.93 9.20
CA LEU C 721 -65.28 -61.68 8.96
C LEU C 721 -64.70 -62.62 7.89
N ARG C 722 -65.16 -63.87 7.88
CA ARG C 722 -64.77 -64.83 6.83
C ARG C 722 -65.12 -64.35 5.42
N SER C 723 -66.30 -63.76 5.25
CA SER C 723 -66.71 -63.30 3.93
C SER C 723 -65.94 -62.07 3.50
N LEU C 724 -65.74 -61.12 4.41
CA LEU C 724 -64.92 -59.94 4.11
C LEU C 724 -63.51 -60.35 3.64
N GLN C 725 -62.94 -61.34 4.33
CA GLN C 725 -61.62 -61.86 3.98
C GLN C 725 -61.60 -62.43 2.57
N SER C 726 -62.69 -63.11 2.21
CA SER C 726 -62.79 -63.82 0.95
C SER C 726 -62.90 -62.83 -0.20
N TRP C 727 -63.75 -61.81 -0.03
CA TRP C 727 -63.85 -60.72 -0.99
C TRP C 727 -62.49 -60.06 -1.20
N ASP C 728 -61.81 -59.74 -0.09
CA ASP C 728 -60.45 -59.19 -0.12
C ASP C 728 -59.51 -60.06 -0.93
N HIS C 729 -59.58 -61.38 -0.74
CA HIS C 729 -58.72 -62.32 -1.42
C HIS C 729 -59.04 -62.44 -2.91
N HIS C 730 -60.33 -62.41 -3.25
CA HIS C 730 -60.80 -62.57 -4.63
C HIS C 730 -60.70 -61.30 -5.48
N PHE C 731 -60.75 -60.14 -4.82
CA PHE C 731 -60.66 -58.87 -5.55
C PHE C 731 -59.65 -57.89 -4.95
N PRO C 732 -58.32 -58.20 -5.08
CA PRO C 732 -57.25 -57.36 -4.60
C PRO C 732 -57.33 -55.95 -5.19
N GLY C 733 -57.12 -54.95 -4.34
CA GLY C 733 -57.34 -53.57 -4.72
C GLY C 733 -58.71 -53.08 -4.32
N PHE C 734 -59.57 -53.99 -3.85
CA PHE C 734 -60.92 -53.62 -3.43
C PHE C 734 -61.21 -54.05 -1.99
N GLU C 735 -60.15 -54.19 -1.20
CA GLU C 735 -60.23 -54.63 0.20
C GLU C 735 -61.18 -53.78 1.06
N HIS C 736 -61.86 -54.42 2.01
CA HIS C 736 -62.68 -53.75 3.00
C HIS C 736 -61.80 -53.13 4.08
N GLU C 737 -62.34 -52.18 4.84
CA GLU C 737 -61.66 -51.74 6.07
C GLU C 737 -62.43 -52.27 7.26
N THR C 738 -61.73 -52.93 8.17
CA THR C 738 -62.32 -53.33 9.45
C THR C 738 -61.46 -52.74 10.57
N GLU C 739 -62.03 -51.78 11.29
CA GLU C 739 -61.39 -51.22 12.47
C GLU C 739 -61.21 -52.30 13.53
N GLY C 740 -59.99 -52.45 14.01
CA GLY C 740 -59.74 -53.34 15.14
C GLY C 740 -59.24 -54.70 14.72
N THR C 741 -58.93 -54.85 13.43
CA THR C 741 -58.25 -56.04 12.92
C THR C 741 -56.80 -55.74 12.51
N GLU C 742 -55.98 -56.78 12.43
CA GLU C 742 -54.67 -56.69 11.80
C GLU C 742 -54.58 -57.77 10.76
N ILE C 743 -54.26 -57.37 9.54
CA ILE C 743 -54.13 -58.32 8.43
C ILE C 743 -52.67 -58.76 8.29
N ILE C 744 -52.47 -60.08 8.33
CA ILE C 744 -51.14 -60.67 8.25
C ILE C 744 -51.08 -61.71 7.12
N ASP C 745 -50.38 -61.34 6.04
CA ASP C 745 -50.31 -62.14 4.81
C ASP C 745 -51.68 -62.31 4.19
N GLY C 746 -52.51 -61.29 4.29
CA GLY C 746 -53.88 -61.42 3.82
C GLY C 746 -54.85 -62.10 4.77
N ILE C 747 -54.39 -62.50 5.95
CA ILE C 747 -55.27 -63.17 6.95
C ILE C 747 -55.64 -62.26 8.13
N TYR C 748 -56.93 -62.20 8.43
CA TYR C 748 -57.50 -61.36 9.49
C TYR C 748 -57.11 -61.82 10.92
N HIS C 749 -56.56 -60.91 11.73
CA HIS C 749 -56.25 -61.19 13.13
C HIS C 749 -56.94 -60.17 14.03
N VAL C 750 -57.46 -60.62 15.18
CA VAL C 750 -57.95 -59.69 16.20
C VAL C 750 -57.19 -59.93 17.50
N MET C 751 -56.95 -58.86 18.23
CA MET C 751 -56.31 -58.93 19.53
C MET C 751 -57.32 -59.38 20.60
N CYS C 752 -56.97 -60.46 21.29
CA CYS C 752 -57.85 -61.03 22.31
C CYS C 752 -57.13 -61.29 23.62
N VAL C 753 -57.90 -61.18 24.71
CA VAL C 753 -57.43 -61.53 26.05
C VAL C 753 -56.99 -62.98 26.05
N LYS C 754 -55.88 -63.27 26.73
CA LYS C 754 -55.29 -64.61 26.81
C LYS C 754 -56.21 -65.64 27.47
N ALA C 755 -56.01 -66.92 27.14
CA ALA C 755 -56.74 -68.04 27.76
C ALA C 755 -56.36 -68.26 29.23
N MET D 1 -53.67 -21.57 -20.04
CA MET D 1 -55.07 -22.05 -20.09
C MET D 1 -55.93 -21.04 -20.82
N LYS D 2 -56.65 -21.51 -21.83
CA LYS D 2 -57.47 -20.63 -22.66
C LYS D 2 -58.95 -21.06 -22.54
N VAL D 3 -59.80 -20.10 -22.21
CA VAL D 3 -61.25 -20.27 -22.19
C VAL D 3 -61.84 -19.45 -23.33
N LEU D 4 -62.73 -20.06 -24.11
CA LEU D 4 -63.65 -19.31 -24.97
C LEU D 4 -65.00 -19.20 -24.29
N ILE D 5 -65.52 -17.97 -24.21
CA ILE D 5 -66.85 -17.70 -23.71
C ILE D 5 -67.71 -17.13 -24.82
N VAL D 6 -68.77 -17.86 -25.16
CA VAL D 6 -69.80 -17.39 -26.12
C VAL D 6 -71.04 -16.82 -25.39
N GLU D 7 -71.26 -15.52 -25.56
CA GLU D 7 -72.48 -14.90 -25.09
C GLU D 7 -73.55 -14.96 -26.19
N SER D 8 -74.54 -15.84 -25.97
CA SER D 8 -75.68 -16.01 -26.85
C SER D 8 -76.34 -14.69 -27.19
N GLU D 9 -76.52 -14.43 -28.49
CA GLU D 9 -77.16 -13.18 -28.94
C GLU D 9 -78.62 -13.12 -28.45
N PHE D 10 -79.15 -14.27 -28.06
CA PHE D 10 -80.51 -14.40 -27.54
C PHE D 10 -80.71 -13.77 -26.16
N LEU D 11 -79.62 -13.35 -25.51
CA LEU D 11 -79.73 -12.77 -24.15
C LEU D 11 -79.12 -11.37 -24.09
N HIS D 12 -78.76 -10.78 -25.22
CA HIS D 12 -78.17 -9.45 -25.18
C HIS D 12 -79.12 -8.42 -24.54
N GLN D 13 -80.44 -8.60 -24.70
CA GLN D 13 -81.43 -7.73 -24.00
C GLN D 13 -81.40 -7.85 -22.45
N ASP D 14 -81.05 -9.02 -21.91
CA ASP D 14 -80.93 -9.19 -20.48
C ASP D 14 -79.52 -8.74 -20.05
N THR D 15 -79.30 -7.43 -19.96
CA THR D 15 -77.97 -6.87 -19.84
C THR D 15 -77.21 -7.40 -18.59
N TRP D 16 -77.97 -7.86 -17.59
CA TRP D 16 -77.44 -8.38 -16.35
C TRP D 16 -76.66 -9.68 -16.57
N VAL D 17 -77.00 -10.38 -17.63
CA VAL D 17 -76.29 -11.61 -18.01
C VAL D 17 -74.89 -11.24 -18.45
N GLY D 18 -74.80 -10.19 -19.28
CA GLY D 18 -73.52 -9.67 -19.72
C GLY D 18 -72.65 -9.20 -18.56
N ASN D 19 -73.25 -8.47 -17.60
CA ASN D 19 -72.51 -8.05 -16.38
C ASN D 19 -71.93 -9.24 -15.59
N ALA D 20 -72.73 -10.29 -15.42
CA ALA D 20 -72.32 -11.48 -14.70
C ALA D 20 -71.19 -12.22 -15.39
N VAL D 21 -71.23 -12.24 -16.73
CA VAL D 21 -70.22 -12.93 -17.54
C VAL D 21 -68.89 -12.18 -17.47
N GLU D 22 -68.97 -10.85 -17.47
CA GLU D 22 -67.82 -10.02 -17.29
C GLU D 22 -67.14 -10.29 -15.93
N ARG D 23 -67.94 -10.46 -14.87
CA ARG D 23 -67.37 -10.78 -13.56
C ARG D 23 -66.65 -12.12 -13.58
N LEU D 24 -67.21 -13.09 -14.29
CA LEU D 24 -66.55 -14.38 -14.46
C LEU D 24 -65.26 -14.24 -15.30
N ALA D 25 -65.30 -13.40 -16.33
CA ALA D 25 -64.14 -13.16 -17.17
C ALA D 25 -63.00 -12.63 -16.32
N ASP D 26 -63.29 -11.67 -15.45
CA ASP D 26 -62.29 -11.02 -14.64
C ASP D 26 -61.75 -11.99 -13.59
N ALA D 27 -62.63 -12.80 -13.01
CA ALA D 27 -62.18 -13.80 -12.04
C ALA D 27 -61.22 -14.76 -12.71
N LEU D 28 -61.48 -15.07 -13.98
CA LEU D 28 -60.66 -16.02 -14.74
C LEU D 28 -59.27 -15.42 -15.03
N SER D 29 -59.23 -14.16 -15.45
CA SER D 29 -57.99 -13.40 -15.60
C SER D 29 -57.15 -13.38 -14.34
N GLN D 30 -57.78 -13.07 -13.22
CA GLN D 30 -57.08 -13.05 -11.94
C GLN D 30 -56.42 -14.37 -11.63
N GLN D 31 -56.96 -15.47 -12.16
CA GLN D 31 -56.28 -16.75 -12.07
C GLN D 31 -55.34 -16.99 -13.26
N ASN D 32 -54.96 -15.91 -13.93
CA ASN D 32 -54.07 -15.96 -15.12
C ASN D 32 -54.56 -16.91 -16.25
N VAL D 33 -55.87 -16.96 -16.47
CA VAL D 33 -56.45 -17.69 -17.61
C VAL D 33 -56.63 -16.69 -18.75
N THR D 34 -56.39 -17.12 -20.00
CA THR D 34 -56.67 -16.28 -21.16
C THR D 34 -58.11 -16.49 -21.57
N VAL D 35 -58.86 -15.39 -21.67
CA VAL D 35 -60.28 -15.45 -21.96
C VAL D 35 -60.48 -14.84 -23.34
N ILE D 36 -61.05 -15.63 -24.25
CA ILE D 36 -61.58 -15.11 -25.52
C ILE D 36 -63.11 -14.93 -25.36
N LYS D 37 -63.55 -13.70 -25.60
CA LYS D 37 -64.93 -13.33 -25.42
C LYS D 37 -65.59 -13.26 -26.78
N SER D 38 -66.65 -14.02 -26.96
CA SER D 38 -67.34 -13.99 -28.21
C SER D 38 -68.78 -13.61 -27.91
N THR D 39 -69.36 -12.70 -28.68
CA THR D 39 -70.75 -12.27 -28.40
C THR D 39 -71.80 -12.78 -29.36
N SER D 40 -71.49 -13.85 -30.09
CA SER D 40 -72.52 -14.56 -30.88
C SER D 40 -72.09 -15.98 -31.21
N PHE D 41 -73.08 -16.84 -31.43
CA PHE D 41 -72.79 -18.21 -31.79
C PHE D 41 -72.00 -18.29 -33.08
N ASP D 42 -72.38 -17.47 -34.05
CA ASP D 42 -71.71 -17.44 -35.34
C ASP D 42 -70.23 -17.04 -35.20
N ASP D 43 -69.94 -16.02 -34.40
CA ASP D 43 -68.55 -15.70 -34.04
C ASP D 43 -67.85 -16.89 -33.34
N GLY D 44 -68.54 -17.50 -32.38
CA GLY D 44 -68.09 -18.75 -31.78
C GLY D 44 -67.80 -19.88 -32.77
N PHE D 45 -68.70 -20.09 -33.75
CA PHE D 45 -68.52 -21.15 -34.75
C PHE D 45 -67.19 -20.90 -35.50
N ALA D 46 -66.96 -19.64 -35.88
CA ALA D 46 -65.81 -19.30 -36.68
C ALA D 46 -64.50 -19.57 -35.93
N ILE D 47 -64.42 -19.10 -34.69
CA ILE D 47 -63.22 -19.26 -33.86
C ILE D 47 -62.94 -20.74 -33.75
N LEU D 48 -63.99 -21.53 -33.51
CA LEU D 48 -63.82 -22.98 -33.45
C LEU D 48 -63.47 -23.63 -34.79
N SER D 49 -63.65 -22.91 -35.88
CA SER D 49 -63.24 -23.40 -37.19
C SER D 49 -61.78 -23.04 -37.47
N SER D 50 -61.24 -22.07 -36.75
CA SER D 50 -59.81 -21.77 -36.85
C SER D 50 -59.05 -22.86 -36.07
N ASN D 51 -57.73 -22.78 -36.05
CA ASN D 51 -56.96 -23.84 -35.36
C ASN D 51 -56.69 -23.52 -33.89
N GLU D 52 -57.58 -22.69 -33.34
CA GLU D 52 -57.47 -22.16 -31.99
C GLU D 52 -57.68 -23.25 -30.94
N ALA D 53 -56.65 -23.50 -30.15
CA ALA D 53 -56.71 -24.48 -29.07
C ALA D 53 -57.31 -23.82 -27.83
N ILE D 54 -58.38 -24.38 -27.30
CA ILE D 54 -58.96 -23.83 -26.10
C ILE D 54 -59.04 -24.96 -25.08
N ASP D 55 -58.91 -24.64 -23.80
CA ASP D 55 -58.98 -25.67 -22.79
C ASP D 55 -60.33 -25.77 -22.14
N CYS D 56 -61.21 -24.80 -22.42
CA CYS D 56 -62.56 -24.81 -21.89
C CYS D 56 -63.49 -23.94 -22.72
N LEU D 57 -64.72 -24.40 -22.95
CA LEU D 57 -65.74 -23.62 -23.62
C LEU D 57 -66.88 -23.32 -22.64
N MET D 58 -67.27 -22.05 -22.56
CA MET D 58 -68.38 -21.64 -21.73
C MET D 58 -69.34 -20.89 -22.64
N PHE D 59 -70.63 -21.15 -22.44
CA PHE D 59 -71.64 -20.45 -23.18
C PHE D 59 -72.90 -20.13 -22.33
N SER D 60 -73.52 -18.98 -22.60
CA SER D 60 -74.89 -18.71 -22.12
C SER D 60 -75.95 -19.30 -23.07
N TYR D 61 -77.20 -19.38 -22.60
CA TYR D 61 -78.24 -20.20 -23.24
C TYR D 61 -79.61 -19.80 -22.71
N GLN D 62 -80.40 -19.14 -23.56
CA GLN D 62 -81.77 -18.75 -23.17
C GLN D 62 -82.75 -19.95 -23.15
N MET D 63 -82.49 -20.96 -23.99
CA MET D 63 -83.26 -22.22 -24.01
C MET D 63 -84.74 -22.06 -24.42
N GLU D 64 -85.06 -21.04 -25.21
CA GLU D 64 -86.43 -20.90 -25.72
C GLU D 64 -86.56 -21.20 -27.23
N HIS D 65 -85.77 -20.51 -28.06
CA HIS D 65 -85.97 -20.47 -29.50
C HIS D 65 -85.31 -21.63 -30.19
N PRO D 66 -86.02 -22.26 -31.15
CA PRO D 66 -85.44 -23.35 -31.95
C PRO D 66 -84.09 -23.03 -32.62
N ASP D 67 -83.88 -21.76 -32.99
CA ASP D 67 -82.62 -21.32 -33.63
C ASP D 67 -81.42 -21.43 -32.65
N GLU D 68 -81.67 -21.12 -31.37
CA GLU D 68 -80.66 -21.22 -30.36
C GLU D 68 -80.32 -22.66 -30.04
N HIS D 69 -81.33 -23.51 -29.91
CA HIS D 69 -81.08 -24.93 -29.64
C HIS D 69 -80.14 -25.50 -30.68
N GLN D 70 -80.36 -25.10 -31.93
CA GLN D 70 -79.55 -25.56 -33.06
C GLN D 70 -78.14 -24.99 -32.98
N ASN D 71 -78.06 -23.68 -32.74
CA ASN D 71 -76.80 -22.97 -32.48
C ASN D 71 -75.91 -23.68 -31.44
N VAL D 72 -76.51 -24.07 -30.32
CA VAL D 72 -75.81 -24.81 -29.27
C VAL D 72 -75.32 -26.19 -29.73
N ARG D 73 -76.18 -27.00 -30.35
CA ARG D 73 -75.75 -28.30 -30.89
C ARG D 73 -74.60 -28.13 -31.89
N GLN D 74 -74.68 -27.11 -32.72
CA GLN D 74 -73.69 -26.86 -33.76
C GLN D 74 -72.36 -26.38 -33.17
N LEU D 75 -72.41 -25.49 -32.17
CA LEU D 75 -71.19 -24.97 -31.55
C LEU D 75 -70.41 -26.07 -30.88
N ILE D 76 -71.11 -26.90 -30.12
CA ILE D 76 -70.46 -27.93 -29.33
C ILE D 76 -69.99 -29.09 -30.20
N GLY D 77 -70.82 -29.46 -31.18
CA GLY D 77 -70.43 -30.46 -32.18
C GLY D 77 -69.17 -30.03 -32.89
N LYS D 78 -69.10 -28.75 -33.25
CA LYS D 78 -67.90 -28.22 -33.88
C LYS D 78 -66.67 -28.30 -32.97
N LEU D 79 -66.79 -27.79 -31.75
CA LEU D 79 -65.74 -27.95 -30.76
C LEU D 79 -65.17 -29.36 -30.73
N HIS D 80 -66.04 -30.35 -30.70
CA HIS D 80 -65.62 -31.70 -30.44
C HIS D 80 -65.15 -32.49 -31.65
N GLU D 81 -65.18 -31.88 -32.84
CA GLU D 81 -64.56 -32.50 -34.02
C GLU D 81 -63.06 -32.69 -33.82
N ARG D 82 -62.38 -31.62 -33.47
CA ARG D 82 -60.93 -31.61 -33.32
C ARG D 82 -60.45 -31.36 -31.89
N GLN D 83 -61.35 -30.94 -31.00
CA GLN D 83 -61.00 -30.73 -29.58
C GLN D 83 -61.94 -31.55 -28.71
N GLN D 84 -61.95 -32.85 -29.00
CA GLN D 84 -62.93 -33.77 -28.47
C GLN D 84 -63.13 -33.74 -26.95
N ASN D 85 -62.07 -33.68 -26.16
CA ASN D 85 -62.34 -33.74 -24.72
C ASN D 85 -62.33 -32.39 -23.96
N VAL D 86 -62.46 -31.28 -24.69
CA VAL D 86 -62.60 -29.96 -24.07
C VAL D 86 -63.89 -29.92 -23.20
N PRO D 87 -63.71 -29.63 -21.90
CA PRO D 87 -64.84 -29.47 -20.98
C PRO D 87 -65.73 -28.29 -21.42
N VAL D 88 -67.05 -28.53 -21.43
CA VAL D 88 -68.04 -27.50 -21.73
C VAL D 88 -68.81 -27.10 -20.47
N PHE D 89 -68.78 -25.80 -20.16
CA PHE D 89 -69.55 -25.20 -19.06
C PHE D 89 -70.76 -24.48 -19.62
N LEU D 90 -71.95 -24.87 -19.20
CA LEU D 90 -73.13 -24.02 -19.43
C LEU D 90 -73.24 -22.98 -18.33
N LEU D 91 -73.20 -21.72 -18.75
CA LEU D 91 -73.46 -20.58 -17.89
C LEU D 91 -74.95 -20.33 -18.00
N GLY D 92 -75.72 -21.05 -17.19
CA GLY D 92 -77.13 -21.21 -17.48
C GLY D 92 -78.06 -20.69 -16.42
N ASP D 93 -79.35 -20.83 -16.72
CA ASP D 93 -80.43 -20.58 -15.80
C ASP D 93 -80.82 -21.88 -15.13
N ARG D 94 -80.82 -21.93 -13.80
CA ARG D 94 -81.10 -23.18 -13.07
C ARG D 94 -82.43 -23.82 -13.46
N GLU D 95 -83.53 -23.08 -13.26
CA GLU D 95 -84.89 -23.56 -13.57
C GLU D 95 -84.99 -24.16 -14.95
N LYS D 96 -84.61 -23.38 -15.97
CA LYS D 96 -84.65 -23.84 -17.35
C LYS D 96 -83.71 -25.02 -17.67
N ALA D 97 -82.44 -24.91 -17.31
CA ALA D 97 -81.49 -26.02 -17.55
C ALA D 97 -81.97 -27.32 -16.90
N LEU D 98 -82.50 -27.23 -15.68
CA LEU D 98 -82.94 -28.42 -14.97
C LEU D 98 -84.30 -28.95 -15.45
N ALA D 99 -85.18 -28.07 -15.94
CA ALA D 99 -86.40 -28.56 -16.63
C ALA D 99 -86.04 -29.30 -17.90
N ALA D 100 -84.90 -28.96 -18.51
CA ALA D 100 -84.48 -29.57 -19.76
C ALA D 100 -83.55 -30.77 -19.57
N MET D 101 -83.40 -31.21 -18.33
CA MET D 101 -82.35 -32.19 -18.01
C MET D 101 -82.65 -33.55 -18.61
N ASP D 102 -81.73 -34.06 -19.41
CA ASP D 102 -81.83 -35.40 -19.96
C ASP D 102 -80.52 -35.80 -20.63
N ARG D 103 -80.41 -37.06 -21.00
CA ARG D 103 -79.23 -37.56 -21.68
C ARG D 103 -78.69 -36.64 -22.77
N ASP D 104 -79.59 -36.06 -23.56
CA ASP D 104 -79.16 -35.20 -24.63
C ASP D 104 -78.44 -33.96 -24.10
N LEU D 105 -78.96 -33.39 -23.01
CA LEU D 105 -78.33 -32.20 -22.45
C LEU D 105 -76.93 -32.56 -21.98
N LEU D 106 -76.81 -33.73 -21.35
CA LEU D 106 -75.55 -34.18 -20.77
C LEU D 106 -74.46 -34.52 -21.78
N GLU D 107 -74.86 -34.86 -23.00
CA GLU D 107 -73.87 -35.08 -24.03
C GLU D 107 -73.29 -33.74 -24.46
N LEU D 108 -74.10 -32.70 -24.46
CA LEU D 108 -73.64 -31.38 -24.80
C LEU D 108 -72.82 -30.72 -23.66
N VAL D 109 -73.32 -30.79 -22.42
CA VAL D 109 -72.80 -30.02 -21.28
C VAL D 109 -72.12 -30.94 -20.26
N ASP D 110 -70.87 -30.60 -19.90
CA ASP D 110 -70.17 -31.31 -18.82
C ASP D 110 -70.42 -30.68 -17.45
N GLU D 111 -70.58 -29.34 -17.41
CA GLU D 111 -70.57 -28.57 -16.13
C GLU D 111 -71.58 -27.45 -16.13
N PHE D 112 -72.30 -27.35 -15.00
CA PHE D 112 -73.38 -26.39 -14.86
C PHE D 112 -73.00 -25.29 -13.92
N ALA D 113 -73.21 -24.05 -14.37
CA ALA D 113 -72.93 -22.90 -13.57
C ALA D 113 -74.15 -22.00 -13.64
N TRP D 114 -74.78 -21.79 -12.49
CA TRP D 114 -75.93 -20.88 -12.45
C TRP D 114 -75.39 -19.46 -12.37
N ILE D 115 -75.16 -18.92 -13.56
CA ILE D 115 -74.42 -17.67 -13.74
C ILE D 115 -74.95 -16.48 -12.91
N LEU D 116 -76.27 -16.42 -12.72
CA LEU D 116 -76.89 -15.34 -11.97
C LEU D 116 -77.05 -15.63 -10.48
N GLU D 117 -76.52 -16.76 -10.00
CA GLU D 117 -76.75 -17.19 -8.62
C GLU D 117 -75.47 -17.64 -7.95
N ASP D 118 -74.33 -17.49 -8.62
CA ASP D 118 -73.09 -18.07 -8.10
C ASP D 118 -72.04 -16.99 -8.01
N THR D 119 -70.97 -17.30 -7.27
CA THR D 119 -69.81 -16.44 -7.17
C THR D 119 -68.88 -16.74 -8.35
N ALA D 120 -68.44 -15.68 -9.01
CA ALA D 120 -67.50 -15.76 -10.12
C ALA D 120 -66.24 -16.59 -9.79
N ASP D 121 -65.67 -16.41 -8.59
CA ASP D 121 -64.50 -17.21 -8.15
C ASP D 121 -64.78 -18.72 -8.02
N PHE D 122 -65.99 -19.09 -7.61
CA PHE D 122 -66.31 -20.53 -7.50
C PHE D 122 -66.36 -21.17 -8.88
N ILE D 123 -66.95 -20.46 -9.84
CA ILE D 123 -67.00 -20.94 -11.23
C ILE D 123 -65.61 -20.93 -11.86
N ALA D 124 -64.82 -19.89 -11.61
CA ALA D 124 -63.45 -19.85 -12.16
C ALA D 124 -62.58 -21.00 -11.63
N GLY D 125 -62.68 -21.28 -10.33
CA GLY D 125 -61.94 -22.41 -9.74
C GLY D 125 -62.32 -23.74 -10.35
N ARG D 126 -63.62 -23.92 -10.60
CA ARG D 126 -64.12 -25.14 -11.24
C ARG D 126 -63.64 -25.25 -12.70
N ALA D 127 -63.69 -24.15 -13.43
CA ALA D 127 -63.09 -24.09 -14.77
C ALA D 127 -61.57 -24.43 -14.76
N VAL D 128 -60.79 -23.76 -13.89
CA VAL D 128 -59.35 -24.07 -13.82
C VAL D 128 -59.16 -25.56 -13.60
N ALA D 129 -59.92 -26.14 -12.67
CA ALA D 129 -59.78 -27.56 -12.32
C ALA D 129 -60.04 -28.51 -13.50
N ALA D 130 -61.01 -28.11 -14.32
CA ALA D 130 -61.40 -28.86 -15.51
C ALA D 130 -60.36 -28.69 -16.63
N MET D 131 -59.80 -27.49 -16.76
CA MET D 131 -58.76 -27.24 -17.74
C MET D 131 -57.48 -27.97 -17.37
N THR D 132 -57.20 -28.06 -16.07
CA THR D 132 -56.02 -28.79 -15.57
C THR D 132 -56.12 -30.28 -15.91
N ARG D 133 -57.32 -30.83 -15.73
CA ARG D 133 -57.57 -32.21 -16.00
C ARG D 133 -57.49 -32.51 -17.52
N TYR D 134 -58.00 -31.59 -18.32
CA TYR D 134 -57.89 -31.68 -19.78
C TYR D 134 -56.43 -31.73 -20.24
N ARG D 135 -55.60 -30.78 -19.78
CA ARG D 135 -54.19 -30.72 -20.18
C ARG D 135 -53.39 -31.99 -19.80
N GLN D 136 -53.79 -32.62 -18.71
CA GLN D 136 -53.03 -33.74 -18.21
C GLN D 136 -53.24 -34.96 -19.09
N GLN D 137 -54.39 -35.05 -19.75
CA GLN D 137 -54.68 -36.14 -20.68
C GLN D 137 -54.44 -35.74 -22.15
N LEU D 138 -54.09 -34.49 -22.40
CA LEU D 138 -53.96 -33.96 -23.75
C LEU D 138 -52.96 -34.71 -24.68
N LEU D 139 -51.73 -34.94 -24.21
CA LEU D 139 -50.68 -35.41 -25.09
C LEU D 139 -50.54 -36.93 -25.08
N PRO D 140 -50.04 -37.50 -26.21
CA PRO D 140 -49.81 -38.94 -26.32
C PRO D 140 -48.64 -39.40 -25.43
N PRO D 141 -48.58 -40.72 -25.13
CA PRO D 141 -47.67 -41.31 -24.12
C PRO D 141 -46.17 -41.06 -24.27
N LEU D 142 -45.63 -41.18 -25.48
CA LEU D 142 -44.20 -41.03 -25.65
C LEU D 142 -43.76 -39.57 -25.73
N PHE D 143 -44.44 -38.77 -26.53
CA PHE D 143 -44.06 -37.37 -26.56
C PHE D 143 -44.18 -36.77 -25.14
N SER D 144 -45.29 -37.04 -24.44
CA SER D 144 -45.45 -36.67 -23.02
C SER D 144 -44.24 -37.06 -22.13
N ALA D 145 -43.85 -38.33 -22.15
CA ALA D 145 -42.75 -38.83 -21.32
C ALA D 145 -41.39 -38.19 -21.68
N LEU D 146 -41.12 -38.07 -22.98
CA LEU D 146 -39.93 -37.39 -23.47
C LEU D 146 -39.87 -35.98 -22.95
N MET D 147 -41.01 -35.30 -23.02
CA MET D 147 -41.09 -33.93 -22.61
C MET D 147 -40.77 -33.78 -21.11
N LYS D 148 -41.48 -34.56 -20.29
CA LYS D 148 -41.25 -34.61 -18.86
C LYS D 148 -39.82 -34.98 -18.48
N TYR D 149 -39.32 -36.07 -19.06
CA TYR D 149 -38.00 -36.56 -18.71
C TYR D 149 -36.88 -35.60 -19.08
N SER D 150 -37.04 -34.85 -20.16
CA SER D 150 -35.98 -33.93 -20.59
C SER D 150 -35.78 -32.82 -19.56
N ASP D 151 -36.84 -32.52 -18.81
CA ASP D 151 -36.78 -31.49 -17.77
C ASP D 151 -35.90 -31.86 -16.59
N ILE D 152 -36.00 -33.11 -16.16
CA ILE D 152 -35.24 -33.58 -15.02
C ILE D 152 -33.87 -34.18 -15.40
N HIS D 153 -33.64 -34.38 -16.71
CA HIS D 153 -32.53 -35.19 -17.26
C HIS D 153 -31.09 -34.59 -17.17
N GLU D 154 -30.12 -35.43 -16.76
CA GLU D 154 -28.69 -35.06 -16.81
C GLU D 154 -28.05 -35.34 -18.18
N TYR D 155 -27.91 -34.27 -18.97
CA TYR D 155 -27.37 -34.38 -20.33
C TYR D 155 -25.95 -34.87 -20.36
N SER D 156 -25.20 -34.50 -19.32
CA SER D 156 -23.80 -34.88 -19.21
C SER D 156 -23.53 -36.37 -18.92
N TRP D 157 -22.26 -36.71 -19.16
CA TRP D 157 -21.64 -38.02 -18.90
C TRP D 157 -22.06 -39.15 -19.85
N ALA D 158 -22.98 -38.86 -20.76
CA ALA D 158 -23.33 -39.77 -21.88
C ALA D 158 -23.67 -39.10 -23.23
N ALA D 159 -23.69 -39.92 -24.28
CA ALA D 159 -24.06 -39.48 -25.65
C ALA D 159 -25.58 -39.16 -25.77
N PRO D 160 -25.97 -38.29 -26.71
CA PRO D 160 -25.12 -37.56 -27.66
C PRO D 160 -24.21 -36.51 -27.03
N GLY D 161 -23.00 -36.44 -27.57
CA GLY D 161 -21.98 -35.51 -27.13
C GLY D 161 -22.45 -34.07 -27.05
N HIS D 162 -23.43 -33.67 -27.85
CA HIS D 162 -23.85 -32.25 -27.84
C HIS D 162 -24.49 -31.81 -26.52
N GLN D 163 -24.96 -32.79 -25.73
CA GLN D 163 -25.59 -32.58 -24.43
C GLN D 163 -26.75 -31.60 -24.47
N GLY D 164 -27.84 -31.97 -25.12
CA GLY D 164 -29.01 -31.10 -25.17
C GLY D 164 -28.69 -29.79 -25.84
N GLY D 165 -27.73 -29.83 -26.76
CA GLY D 165 -27.46 -28.70 -27.66
C GLY D 165 -26.32 -27.78 -27.34
N VAL D 166 -25.81 -27.88 -26.11
CA VAL D 166 -24.78 -26.97 -25.61
C VAL D 166 -23.54 -27.03 -26.48
N GLY D 167 -23.17 -28.24 -26.92
CA GLY D 167 -22.02 -28.45 -27.82
C GLY D 167 -22.04 -27.49 -29.00
N PHE D 168 -23.19 -27.39 -29.68
CA PHE D 168 -23.32 -26.55 -30.88
C PHE D 168 -22.99 -25.06 -30.63
N THR D 169 -23.25 -24.54 -29.42
CA THR D 169 -23.10 -23.10 -29.16
C THR D 169 -21.66 -22.58 -29.10
N LYS D 170 -20.68 -23.47 -29.22
CA LYS D 170 -19.27 -23.10 -28.95
C LYS D 170 -18.53 -22.51 -30.16
N THR D 171 -19.12 -22.62 -31.34
CA THR D 171 -18.65 -21.80 -32.49
C THR D 171 -19.83 -20.91 -32.98
N PRO D 172 -19.52 -19.80 -33.65
CA PRO D 172 -20.55 -18.93 -34.21
C PRO D 172 -21.50 -19.65 -35.17
N ALA D 173 -20.99 -20.47 -36.09
CA ALA D 173 -21.86 -21.25 -37.01
C ALA D 173 -22.76 -22.22 -36.26
N GLY D 174 -22.20 -22.95 -35.30
CA GLY D 174 -22.97 -23.89 -34.50
C GLY D 174 -24.06 -23.23 -33.67
N ARG D 175 -23.77 -22.03 -33.16
CA ARG D 175 -24.74 -21.29 -32.35
C ARG D 175 -25.86 -20.75 -33.23
N PHE D 176 -25.53 -20.28 -34.44
CA PHE D 176 -26.54 -19.89 -35.41
C PHE D 176 -27.48 -21.06 -35.66
N TYR D 177 -26.92 -22.18 -36.08
CA TYR D 177 -27.64 -23.44 -36.25
C TYR D 177 -28.49 -23.81 -35.03
N HIS D 178 -27.90 -23.71 -33.85
CA HIS D 178 -28.59 -24.09 -32.63
C HIS D 178 -29.83 -23.24 -32.44
N ASP D 179 -29.68 -21.92 -32.55
CA ASP D 179 -30.79 -21.00 -32.26
C ASP D 179 -31.82 -21.06 -33.40
N TYR D 180 -31.37 -21.46 -34.59
CA TYR D 180 -32.29 -21.62 -35.70
C TYR D 180 -33.27 -22.75 -35.43
N TYR D 181 -32.78 -23.88 -34.96
CA TYR D 181 -33.64 -25.03 -34.66
C TYR D 181 -34.27 -24.97 -33.28
N GLY D 182 -33.71 -24.13 -32.40
CA GLY D 182 -34.28 -23.96 -31.06
C GLY D 182 -33.88 -25.10 -30.16
N GLU D 183 -33.95 -24.87 -28.86
CA GLU D 183 -33.31 -25.81 -27.93
C GLU D 183 -34.02 -27.15 -27.69
N ASN D 184 -35.34 -27.20 -27.86
CA ASN D 184 -36.10 -28.43 -27.54
C ASN D 184 -35.79 -29.64 -28.42
N LEU D 185 -35.49 -29.39 -29.67
CA LEU D 185 -35.05 -30.42 -30.58
C LEU D 185 -33.86 -31.15 -29.97
N PHE D 186 -32.86 -30.37 -29.52
CA PHE D 186 -31.65 -30.92 -28.91
C PHE D 186 -31.84 -31.52 -27.54
N ARG D 187 -32.75 -30.94 -26.77
CA ARG D 187 -33.03 -31.41 -25.41
C ARG D 187 -33.73 -32.75 -25.45
N THR D 188 -34.54 -33.01 -26.47
CA THR D 188 -35.16 -34.33 -26.54
C THR D 188 -34.26 -35.38 -27.25
N ASP D 189 -33.12 -34.93 -27.75
CA ASP D 189 -32.16 -35.86 -28.31
C ASP D 189 -31.31 -36.47 -27.19
N MET D 190 -31.94 -37.42 -26.52
CA MET D 190 -31.35 -38.14 -25.39
C MET D 190 -30.90 -39.52 -25.87
N GLY D 191 -29.85 -40.03 -25.23
CA GLY D 191 -29.32 -41.35 -25.57
C GLY D 191 -30.23 -42.38 -24.95
N ILE D 192 -29.82 -43.65 -25.04
CA ILE D 192 -30.60 -44.73 -24.45
C ILE D 192 -30.67 -44.60 -22.90
N GLU D 193 -31.84 -44.15 -22.42
CA GLU D 193 -32.15 -43.96 -20.96
C GLU D 193 -33.22 -44.98 -20.43
N ARG D 194 -32.74 -46.20 -20.18
CA ARG D 194 -33.52 -47.43 -20.09
C ARG D 194 -34.61 -47.49 -19.01
N THR D 195 -34.30 -46.99 -17.82
CA THR D 195 -35.23 -47.19 -16.70
C THR D 195 -36.32 -46.10 -16.71
N SER D 196 -36.12 -45.09 -17.55
CA SER D 196 -37.09 -44.00 -17.66
C SER D 196 -38.04 -44.32 -18.81
N LEU D 197 -37.73 -43.78 -19.98
CA LEU D 197 -38.58 -43.89 -21.16
C LEU D 197 -38.71 -45.33 -21.62
N GLY D 198 -37.72 -46.14 -21.33
CA GLY D 198 -37.62 -47.46 -21.91
C GLY D 198 -36.82 -47.37 -23.19
N SER D 199 -37.07 -48.28 -24.12
CA SER D 199 -36.25 -48.39 -25.33
C SER D 199 -37.07 -48.61 -26.61
N LEU D 200 -36.68 -47.95 -27.71
CA LEU D 200 -37.32 -48.18 -29.01
C LEU D 200 -37.07 -49.61 -29.49
N LEU D 201 -35.81 -50.02 -29.52
CA LEU D 201 -35.41 -51.34 -30.04
C LEU D 201 -35.89 -52.52 -29.22
N ASP D 202 -36.12 -52.30 -27.92
CA ASP D 202 -36.73 -53.31 -27.04
C ASP D 202 -38.24 -53.19 -26.97
N HIS D 203 -38.81 -52.08 -27.44
CA HIS D 203 -40.26 -51.85 -27.40
C HIS D 203 -40.80 -51.89 -25.96
N THR D 204 -40.04 -51.29 -25.06
CA THR D 204 -40.40 -51.21 -23.65
C THR D 204 -40.79 -49.79 -23.26
N GLY D 205 -41.31 -49.64 -22.05
CA GLY D 205 -41.59 -48.33 -21.46
C GLY D 205 -42.54 -47.50 -22.28
N ALA D 206 -42.28 -46.20 -22.37
CA ALA D 206 -43.14 -45.28 -23.11
C ALA D 206 -43.11 -45.60 -24.61
N PHE D 207 -42.00 -46.16 -25.07
CA PHE D 207 -41.92 -46.63 -26.46
C PHE D 207 -42.95 -47.70 -26.77
N GLY D 208 -43.02 -48.72 -25.92
CA GLY D 208 -43.99 -49.80 -26.08
C GLY D 208 -45.42 -49.32 -25.92
N GLU D 209 -45.61 -48.37 -25.02
CA GLU D 209 -46.90 -47.76 -24.74
C GLU D 209 -47.40 -46.98 -25.97
N SER D 210 -46.49 -46.23 -26.61
CA SER D 210 -46.80 -45.55 -27.85
C SER D 210 -47.24 -46.56 -28.91
N GLU D 211 -46.49 -47.66 -29.05
CA GLU D 211 -46.82 -48.70 -30.02
C GLU D 211 -48.16 -49.38 -29.73
N LYS D 212 -48.50 -49.58 -28.46
CA LYS D 212 -49.78 -50.20 -28.12
C LYS D 212 -50.93 -49.29 -28.48
N TYR D 213 -50.69 -47.99 -28.29
CA TYR D 213 -51.61 -46.91 -28.66
C TYR D 213 -51.82 -46.88 -30.17
N ALA D 214 -50.72 -46.92 -30.91
CA ALA D 214 -50.77 -46.89 -32.36
C ALA D 214 -51.63 -48.04 -32.89
N ALA D 215 -51.37 -49.26 -32.42
CA ALA D 215 -52.17 -50.43 -32.81
C ALA D 215 -53.68 -50.25 -32.54
N ARG D 216 -54.02 -49.74 -31.35
CA ARG D 216 -55.42 -49.48 -30.99
C ARG D 216 -56.02 -48.57 -32.06
N VAL D 217 -55.35 -47.43 -32.29
CA VAL D 217 -55.88 -46.40 -33.16
C VAL D 217 -55.94 -46.83 -34.64
N PHE D 218 -54.94 -47.62 -35.05
CA PHE D 218 -54.82 -48.10 -36.42
C PHE D 218 -55.39 -49.51 -36.67
N GLY D 219 -55.96 -50.10 -35.63
CA GLY D 219 -56.65 -51.38 -35.79
C GLY D 219 -55.80 -52.62 -35.97
N ALA D 220 -54.60 -52.62 -35.38
CA ALA D 220 -53.69 -53.78 -35.46
C ALA D 220 -53.61 -54.54 -34.13
N ASP D 221 -53.16 -55.79 -34.21
CA ASP D 221 -52.76 -56.59 -33.06
C ASP D 221 -51.46 -56.05 -32.45
N ARG D 222 -50.55 -55.62 -33.32
CA ARG D 222 -49.25 -55.12 -32.90
C ARG D 222 -48.73 -54.10 -33.90
N SER D 223 -48.16 -53.02 -33.39
CA SER D 223 -47.53 -51.99 -34.24
C SER D 223 -46.07 -51.83 -33.85
N TRP D 224 -45.23 -51.61 -34.87
CA TRP D 224 -43.79 -51.45 -34.70
C TRP D 224 -43.42 -50.07 -35.22
N SER D 225 -42.82 -49.25 -34.35
CA SER D 225 -42.42 -47.88 -34.70
C SER D 225 -41.06 -47.88 -35.37
N VAL D 226 -40.94 -47.16 -36.47
CA VAL D 226 -39.69 -47.21 -37.25
C VAL D 226 -39.13 -45.80 -37.48
N VAL D 227 -37.81 -45.64 -37.53
CA VAL D 227 -37.20 -44.30 -37.74
C VAL D 227 -36.29 -44.27 -38.99
N VAL D 228 -36.43 -45.29 -39.82
CA VAL D 228 -35.71 -45.40 -41.08
C VAL D 228 -36.74 -45.44 -42.25
N GLY D 229 -37.87 -44.78 -42.03
CA GLY D 229 -38.94 -44.69 -43.02
C GLY D 229 -39.55 -46.03 -43.34
N THR D 230 -40.50 -46.04 -44.29
CA THR D 230 -41.06 -47.30 -44.75
C THR D 230 -40.04 -48.17 -45.49
N SER D 231 -38.98 -47.56 -46.04
CA SER D 231 -37.79 -48.29 -46.52
C SER D 231 -37.35 -49.29 -45.45
N GLY D 232 -37.04 -48.78 -44.26
CA GLY D 232 -36.69 -49.62 -43.13
C GLY D 232 -37.76 -50.63 -42.78
N SER D 233 -39.01 -50.20 -42.74
CA SER D 233 -40.13 -51.08 -42.41
C SER D 233 -40.26 -52.25 -43.41
N ASN D 234 -40.10 -51.95 -44.71
CA ASN D 234 -40.11 -52.96 -45.74
C ASN D 234 -38.99 -54.02 -45.64
N ARG D 235 -37.76 -53.56 -45.44
CA ARG D 235 -36.65 -54.50 -45.30
C ARG D 235 -36.85 -55.44 -44.12
N THR D 236 -37.41 -54.87 -43.07
CA THR D 236 -37.68 -55.60 -41.86
C THR D 236 -38.72 -56.68 -42.14
N ILE D 237 -39.86 -56.30 -42.73
CA ILE D 237 -40.90 -57.29 -42.95
C ILE D 237 -40.34 -58.46 -43.78
N MET D 238 -39.61 -58.10 -44.82
CA MET D 238 -39.08 -59.08 -45.75
C MET D 238 -37.99 -59.92 -45.12
N GLN D 239 -37.21 -59.35 -44.20
CA GLN D 239 -36.11 -60.09 -43.59
C GLN D 239 -36.72 -61.09 -42.62
N ALA D 240 -37.90 -60.76 -42.12
CA ALA D 240 -38.63 -61.66 -41.24
C ALA D 240 -39.34 -62.81 -41.96
N CYS D 241 -39.53 -62.67 -43.29
CA CYS D 241 -40.56 -63.47 -43.99
C CYS D 241 -40.04 -64.49 -44.98
N MET D 242 -38.82 -64.28 -45.49
CA MET D 242 -38.29 -65.14 -46.52
C MET D 242 -36.80 -65.40 -46.34
N THR D 243 -36.33 -66.55 -46.80
CA THR D 243 -34.92 -66.82 -46.97
C THR D 243 -34.69 -67.07 -48.44
N ASP D 244 -33.44 -67.35 -48.82
CA ASP D 244 -33.10 -67.60 -50.21
C ASP D 244 -33.61 -68.97 -50.73
N ASN D 245 -34.26 -69.75 -49.88
CA ASN D 245 -34.93 -70.98 -50.27
C ASN D 245 -36.42 -70.73 -50.54
N ASP D 246 -36.89 -69.51 -50.28
CA ASP D 246 -38.30 -69.23 -50.41
C ASP D 246 -38.67 -68.70 -51.80
N VAL D 247 -39.93 -68.95 -52.18
CA VAL D 247 -40.57 -68.34 -53.32
C VAL D 247 -41.43 -67.22 -52.76
N VAL D 248 -41.39 -66.06 -53.41
CA VAL D 248 -42.26 -64.96 -53.02
C VAL D 248 -42.98 -64.33 -54.25
N VAL D 249 -44.14 -63.74 -53.98
CA VAL D 249 -45.03 -63.18 -54.98
C VAL D 249 -45.13 -61.66 -54.83
N VAL D 250 -44.56 -60.96 -55.79
CA VAL D 250 -44.26 -59.53 -55.67
C VAL D 250 -45.04 -58.69 -56.69
N ASP D 251 -45.77 -57.69 -56.21
CA ASP D 251 -46.35 -56.65 -57.06
C ASP D 251 -45.24 -56.03 -57.92
N ARG D 252 -45.41 -56.10 -59.24
CA ARG D 252 -44.45 -55.45 -60.13
C ARG D 252 -44.40 -53.92 -59.88
N ASN D 253 -45.53 -53.37 -59.46
CA ASN D 253 -45.53 -52.01 -58.87
C ASN D 253 -44.96 -52.04 -57.43
N CYS D 254 -43.64 -52.07 -57.30
CA CYS D 254 -43.04 -52.17 -55.97
C CYS D 254 -42.01 -51.09 -55.79
N HIS D 255 -41.90 -50.59 -54.56
CA HIS D 255 -40.94 -49.54 -54.24
C HIS D 255 -39.53 -50.13 -54.29
N LYS D 256 -38.53 -49.26 -54.41
CA LYS D 256 -37.11 -49.69 -54.32
C LYS D 256 -36.80 -50.58 -53.12
N SER D 257 -37.43 -50.31 -51.98
CA SER D 257 -37.16 -51.04 -50.74
C SER D 257 -37.61 -52.50 -50.82
N ILE D 258 -38.66 -52.75 -51.63
CA ILE D 258 -39.10 -54.10 -51.94
C ILE D 258 -38.01 -54.87 -52.71
N GLU D 259 -37.42 -54.27 -53.74
CA GLU D 259 -36.33 -54.96 -54.43
C GLU D 259 -35.14 -55.12 -53.48
N GLN D 260 -34.92 -54.10 -52.64
CA GLN D 260 -33.90 -54.17 -51.59
C GLN D 260 -34.07 -55.40 -50.69
N GLY D 261 -35.28 -55.62 -50.18
CA GLY D 261 -35.58 -56.89 -49.46
C GLY D 261 -35.30 -58.16 -50.27
N LEU D 262 -35.52 -58.12 -51.58
CA LEU D 262 -35.19 -59.28 -52.40
C LEU D 262 -33.68 -59.49 -52.44
N MET D 263 -32.93 -58.39 -52.63
CA MET D 263 -31.46 -58.45 -52.69
C MET D 263 -30.82 -58.91 -51.35
N LEU D 264 -31.52 -58.64 -50.24
CA LEU D 264 -31.03 -58.90 -48.88
C LEU D 264 -31.39 -60.29 -48.34
N THR D 265 -32.50 -60.85 -48.81
CA THR D 265 -32.93 -62.18 -48.40
C THR D 265 -32.44 -63.23 -49.42
N GLY D 266 -32.37 -62.84 -50.69
CA GLY D 266 -32.03 -63.79 -51.77
C GLY D 266 -33.20 -64.63 -52.26
N ALA D 267 -34.41 -64.28 -51.81
CA ALA D 267 -35.64 -65.00 -52.15
C ALA D 267 -35.92 -64.96 -53.66
N LYS D 268 -36.72 -65.93 -54.12
CA LYS D 268 -36.96 -66.09 -55.56
C LYS D 268 -38.31 -65.48 -55.93
N PRO D 269 -38.29 -64.35 -56.63
CA PRO D 269 -39.53 -63.63 -56.86
C PRO D 269 -40.31 -64.10 -58.10
N VAL D 270 -41.61 -63.88 -58.02
CA VAL D 270 -42.51 -63.97 -59.15
C VAL D 270 -43.40 -62.71 -59.09
N TYR D 271 -43.72 -62.13 -60.24
CA TYR D 271 -44.38 -60.82 -60.29
C TYR D 271 -45.83 -60.82 -60.77
N MET D 272 -46.67 -60.01 -60.11
CA MET D 272 -48.00 -59.71 -60.60
C MET D 272 -47.97 -58.43 -61.45
N VAL D 273 -48.41 -58.52 -62.70
CA VAL D 273 -48.38 -57.39 -63.63
C VAL D 273 -49.62 -56.53 -63.46
N PRO D 274 -49.45 -55.23 -63.10
CA PRO D 274 -50.58 -54.32 -62.97
C PRO D 274 -51.13 -53.83 -64.32
N SER D 275 -52.38 -53.43 -64.37
CA SER D 275 -52.96 -52.86 -65.58
C SER D 275 -52.47 -51.42 -65.80
N ARG D 276 -52.85 -50.82 -66.93
CA ARG D 276 -52.61 -49.39 -67.14
C ARG D 276 -53.64 -48.75 -68.06
N ASN D 277 -53.64 -47.43 -68.17
CA ASN D 277 -54.58 -46.74 -69.03
C ASN D 277 -53.89 -45.86 -70.09
N ARG D 278 -54.72 -45.22 -70.92
CA ARG D 278 -54.29 -44.48 -72.12
C ARG D 278 -53.42 -43.28 -71.75
N TYR D 279 -53.47 -42.91 -70.49
CA TYR D 279 -52.67 -41.83 -69.98
C TYR D 279 -51.31 -42.35 -69.44
N GLY D 280 -51.09 -43.67 -69.54
CA GLY D 280 -49.90 -44.28 -68.96
C GLY D 280 -49.83 -44.27 -67.43
N ILE D 281 -50.99 -44.07 -66.81
CA ILE D 281 -51.18 -44.23 -65.38
C ILE D 281 -51.31 -45.73 -65.06
N ILE D 282 -50.58 -46.17 -64.05
CA ILE D 282 -50.60 -47.55 -63.60
C ILE D 282 -51.86 -47.80 -62.80
N GLY D 283 -52.56 -48.88 -63.14
CA GLY D 283 -53.78 -49.24 -62.46
C GLY D 283 -53.55 -50.40 -61.52
N PRO D 284 -54.65 -51.06 -61.12
CA PRO D 284 -54.54 -52.17 -60.19
C PRO D 284 -54.11 -53.40 -60.95
N ILE D 285 -53.51 -54.33 -60.22
CA ILE D 285 -53.44 -55.74 -60.59
C ILE D 285 -54.86 -56.29 -60.60
N TYR D 286 -55.23 -56.98 -61.68
CA TYR D 286 -56.56 -57.59 -61.82
C TYR D 286 -56.66 -58.84 -60.99
N PRO D 287 -57.88 -59.18 -60.50
CA PRO D 287 -58.13 -60.46 -59.80
C PRO D 287 -57.54 -61.69 -60.47
N GLN D 288 -57.61 -61.76 -61.80
CA GLN D 288 -57.04 -62.87 -62.55
C GLN D 288 -55.52 -63.02 -62.31
N GLU D 289 -54.81 -61.94 -62.02
CA GLU D 289 -53.36 -62.06 -61.73
C GLU D 289 -53.10 -62.58 -60.31
N MET D 290 -54.12 -62.59 -59.47
CA MET D 290 -53.94 -63.01 -58.08
C MET D 290 -54.42 -64.44 -57.80
N GLN D 291 -55.06 -65.07 -58.80
CA GLN D 291 -55.62 -66.42 -58.65
C GLN D 291 -54.56 -67.47 -58.31
N PRO D 292 -54.92 -68.44 -57.45
CA PRO D 292 -53.95 -69.42 -57.02
C PRO D 292 -53.25 -70.07 -58.21
N GLU D 293 -54.03 -70.50 -59.20
CA GLU D 293 -53.51 -71.23 -60.32
C GLU D 293 -52.74 -70.35 -61.29
N THR D 294 -53.05 -69.06 -61.34
CA THR D 294 -52.27 -68.09 -62.12
C THR D 294 -50.87 -67.93 -61.52
N LEU D 295 -50.83 -67.80 -60.19
CA LEU D 295 -49.59 -67.69 -59.42
C LEU D 295 -48.75 -68.96 -59.52
N GLN D 296 -49.40 -70.13 -59.37
CA GLN D 296 -48.73 -71.41 -59.50
C GLN D 296 -48.11 -71.56 -60.86
N LYS D 297 -48.77 -71.02 -61.87
CA LYS D 297 -48.25 -71.11 -63.23
C LYS D 297 -46.98 -70.29 -63.41
N LYS D 298 -47.00 -69.03 -62.95
CA LYS D 298 -45.84 -68.13 -62.94
C LYS D 298 -44.65 -68.81 -62.31
N ILE D 299 -44.90 -69.49 -61.18
CA ILE D 299 -43.87 -70.20 -60.41
C ILE D 299 -43.29 -71.37 -61.20
N SER D 300 -44.15 -72.20 -61.81
CA SER D 300 -43.69 -73.29 -62.70
C SER D 300 -42.77 -72.76 -63.78
N GLU D 301 -43.09 -71.60 -64.31
CA GLU D 301 -42.52 -71.16 -65.57
C GLU D 301 -41.33 -70.22 -65.50
N SER D 302 -41.14 -69.52 -64.37
CA SER D 302 -40.02 -68.57 -64.23
C SER D 302 -38.66 -69.27 -64.09
N PRO D 303 -37.63 -68.76 -64.78
CA PRO D 303 -36.27 -69.30 -64.62
C PRO D 303 -35.73 -69.26 -63.17
N LEU D 304 -36.32 -68.42 -62.32
CA LEU D 304 -35.84 -68.24 -60.95
C LEU D 304 -36.52 -69.13 -59.92
N THR D 305 -37.70 -69.67 -60.26
CA THR D 305 -38.49 -70.47 -59.33
C THR D 305 -38.82 -71.89 -59.82
N LYS D 306 -38.50 -72.20 -61.08
CA LYS D 306 -38.88 -73.46 -61.76
C LYS D 306 -38.71 -74.70 -60.86
N ASP D 307 -37.49 -74.84 -60.33
CA ASP D 307 -37.09 -75.95 -59.46
C ASP D 307 -37.80 -75.97 -58.11
N LYS D 308 -38.62 -74.96 -57.84
CA LYS D 308 -39.38 -74.86 -56.59
C LYS D 308 -40.90 -74.96 -56.79
N ALA D 309 -41.35 -75.25 -58.02
CA ALA D 309 -42.79 -75.39 -58.28
C ALA D 309 -43.44 -76.34 -57.27
N GLY D 310 -44.59 -75.94 -56.75
CA GLY D 310 -45.23 -76.71 -55.68
C GLY D 310 -44.96 -76.17 -54.28
N GLN D 311 -43.87 -75.42 -54.11
CA GLN D 311 -43.58 -74.80 -52.81
C GLN D 311 -44.56 -73.67 -52.48
N LYS D 312 -45.04 -73.65 -51.24
CA LYS D 312 -45.91 -72.57 -50.76
C LYS D 312 -45.10 -71.27 -50.57
N PRO D 313 -45.45 -70.21 -51.32
CA PRO D 313 -44.85 -68.88 -51.08
C PRO D 313 -44.89 -68.44 -49.62
N SER D 314 -43.79 -67.88 -49.15
CA SER D 314 -43.73 -67.42 -47.76
C SER D 314 -44.27 -66.00 -47.60
N TYR D 315 -44.38 -65.27 -48.70
CA TYR D 315 -44.68 -63.85 -48.64
C TYR D 315 -45.34 -63.36 -49.92
N CYS D 316 -46.21 -62.38 -49.75
CA CYS D 316 -46.86 -61.74 -50.90
C CYS D 316 -47.09 -60.24 -50.65
N VAL D 317 -46.69 -59.40 -51.61
CA VAL D 317 -46.84 -57.95 -51.45
C VAL D 317 -47.63 -57.27 -52.58
N VAL D 318 -48.50 -56.33 -52.17
CA VAL D 318 -49.27 -55.47 -53.06
C VAL D 318 -49.17 -53.97 -52.61
N THR D 319 -48.83 -53.09 -53.56
CA THR D 319 -48.79 -51.67 -53.27
C THR D 319 -50.20 -51.08 -53.37
N ASN D 320 -50.74 -50.77 -52.20
CA ASN D 320 -52.06 -50.16 -52.09
C ASN D 320 -52.00 -48.99 -51.09
N CYS D 321 -52.34 -47.76 -51.50
CA CYS D 321 -52.83 -47.40 -52.83
C CYS D 321 -51.68 -47.19 -53.80
N THR D 322 -52.01 -47.01 -55.08
CA THR D 322 -50.95 -46.67 -56.04
C THR D 322 -50.64 -45.19 -55.98
N TYR D 323 -49.53 -44.85 -56.59
CA TYR D 323 -49.07 -43.47 -56.52
C TYR D 323 -50.12 -42.49 -57.03
N ASP D 324 -50.83 -42.85 -58.10
CA ASP D 324 -51.86 -41.98 -58.63
C ASP D 324 -53.23 -42.09 -57.95
N GLY D 325 -53.31 -42.87 -56.87
CA GLY D 325 -54.53 -42.92 -56.06
C GLY D 325 -55.54 -43.99 -56.44
N VAL D 326 -55.05 -45.09 -57.02
CA VAL D 326 -55.87 -46.27 -57.25
C VAL D 326 -55.83 -47.15 -56.00
N CYS D 327 -57.01 -47.35 -55.40
CA CYS D 327 -57.14 -48.08 -54.15
C CYS D 327 -57.82 -49.42 -54.42
N TYR D 328 -57.16 -50.52 -54.04
CA TYR D 328 -57.76 -51.87 -54.18
C TYR D 328 -58.82 -52.10 -53.15
N ASN D 329 -59.83 -52.89 -53.53
CA ASN D 329 -60.69 -53.54 -52.54
C ASN D 329 -59.89 -54.63 -51.86
N ALA D 330 -59.25 -54.26 -50.75
CA ALA D 330 -58.29 -55.11 -50.06
C ALA D 330 -58.98 -56.28 -49.33
N LYS D 331 -60.26 -56.11 -49.01
CA LYS D 331 -61.07 -57.20 -48.47
C LYS D 331 -61.08 -58.33 -49.50
N GLU D 332 -61.42 -57.97 -50.74
CA GLU D 332 -61.41 -58.93 -51.84
C GLU D 332 -60.03 -59.44 -52.23
N ALA D 333 -59.08 -58.52 -52.33
CA ALA D 333 -57.70 -58.90 -52.67
C ALA D 333 -57.10 -59.92 -51.69
N GLN D 334 -57.35 -59.71 -50.41
CA GLN D 334 -56.87 -60.65 -49.40
C GLN D 334 -57.42 -62.04 -49.66
N ASP D 335 -58.70 -62.13 -50.01
CA ASP D 335 -59.37 -63.41 -50.21
C ASP D 335 -58.73 -64.28 -51.26
N LEU D 336 -58.22 -63.64 -52.31
CA LEU D 336 -57.53 -64.34 -53.37
C LEU D 336 -56.14 -64.74 -52.94
N LEU D 337 -55.38 -63.77 -52.42
CA LEU D 337 -53.97 -63.96 -52.16
C LEU D 337 -53.71 -64.96 -51.06
N GLU D 338 -54.62 -65.00 -50.09
CA GLU D 338 -54.49 -65.88 -48.93
C GLU D 338 -54.59 -67.37 -49.29
N LYS D 339 -55.07 -67.65 -50.48
CA LYS D 339 -55.07 -69.01 -51.00
C LYS D 339 -53.65 -69.45 -51.37
N THR D 340 -52.76 -68.48 -51.55
CA THR D 340 -51.41 -68.78 -52.00
C THR D 340 -50.39 -68.59 -50.86
N SER D 341 -50.52 -67.49 -50.12
CA SER D 341 -49.58 -67.12 -49.06
C SER D 341 -50.32 -66.87 -47.75
N ASP D 342 -49.67 -67.18 -46.64
CA ASP D 342 -50.21 -66.84 -45.30
C ASP D 342 -49.68 -65.52 -44.79
N ARG D 343 -48.68 -64.98 -45.47
CA ARG D 343 -48.24 -63.61 -45.19
C ARG D 343 -48.54 -62.72 -46.35
N LEU D 344 -49.37 -61.71 -46.07
CA LEU D 344 -49.67 -60.65 -47.01
C LEU D 344 -49.18 -59.35 -46.47
N HIS D 345 -48.37 -58.69 -47.28
CA HIS D 345 -47.90 -57.39 -46.95
C HIS D 345 -48.60 -56.40 -47.90
N PHE D 346 -49.43 -55.54 -47.34
CA PHE D 346 -49.91 -54.38 -48.11
C PHE D 346 -49.04 -53.16 -47.88
N ASP D 347 -48.39 -52.71 -48.95
CA ASP D 347 -47.59 -51.50 -48.85
C ASP D 347 -48.46 -50.24 -48.95
N GLU D 348 -48.91 -49.77 -47.79
CA GLU D 348 -49.78 -48.60 -47.71
C GLU D 348 -49.04 -47.26 -47.44
N ALA D 349 -47.81 -47.13 -47.97
CA ALA D 349 -46.95 -45.98 -47.62
C ALA D 349 -47.59 -44.61 -47.82
N TRP D 350 -48.28 -44.47 -48.95
CA TRP D 350 -48.96 -43.22 -49.32
C TRP D 350 -50.39 -43.12 -48.81
N TYR D 351 -50.76 -43.89 -47.78
CA TYR D 351 -52.16 -44.25 -47.56
C TYR D 351 -52.57 -44.47 -46.08
N GLY D 352 -51.85 -43.84 -45.16
CA GLY D 352 -51.99 -44.09 -43.72
C GLY D 352 -53.29 -43.65 -43.09
N TYR D 353 -53.96 -42.71 -43.75
CA TYR D 353 -55.18 -42.05 -43.24
C TYR D 353 -56.47 -42.81 -43.58
N ALA D 354 -56.33 -43.86 -44.40
CA ALA D 354 -57.48 -44.56 -45.04
C ALA D 354 -58.48 -45.08 -44.03
N ARG D 355 -58.01 -45.55 -42.90
CA ARG D 355 -58.90 -46.18 -41.91
C ARG D 355 -59.93 -45.21 -41.32
N PHE D 356 -59.67 -43.91 -41.44
CA PHE D 356 -60.33 -42.84 -40.68
C PHE D 356 -61.37 -42.03 -41.49
N ASN D 357 -61.57 -42.41 -42.73
CA ASN D 357 -62.74 -41.92 -43.47
C ASN D 357 -63.57 -43.07 -44.06
N PRO D 358 -64.92 -43.02 -43.88
CA PRO D 358 -65.69 -44.16 -44.39
C PRO D 358 -65.62 -44.28 -45.93
N ILE D 359 -65.23 -43.23 -46.64
CA ILE D 359 -65.21 -43.32 -48.09
C ILE D 359 -64.21 -44.36 -48.62
N TYR D 360 -63.29 -44.79 -47.75
CA TYR D 360 -62.29 -45.79 -48.12
C TYR D 360 -62.68 -47.19 -47.65
N ALA D 361 -63.85 -47.33 -47.02
CA ALA D 361 -64.32 -48.62 -46.50
C ALA D 361 -63.97 -49.80 -47.40
N ASP D 362 -63.35 -50.82 -46.80
CA ASP D 362 -62.92 -52.06 -47.48
C ASP D 362 -61.71 -51.93 -48.42
N HIS D 363 -61.18 -50.71 -48.56
CA HIS D 363 -60.07 -50.49 -49.48
C HIS D 363 -58.71 -50.33 -48.81
N TYR D 364 -58.57 -50.88 -47.61
CA TYR D 364 -57.29 -50.90 -46.87
C TYR D 364 -57.24 -52.18 -46.02
N ALA D 365 -56.12 -52.43 -45.34
CA ALA D 365 -55.88 -53.70 -44.67
C ALA D 365 -56.50 -53.79 -43.27
N MET D 366 -56.33 -52.75 -42.46
CA MET D 366 -56.75 -52.84 -41.08
C MET D 366 -58.21 -52.41 -40.94
N ARG D 367 -59.08 -53.27 -41.46
CA ARG D 367 -60.51 -53.01 -41.50
C ARG D 367 -61.19 -53.46 -40.21
N GLY D 368 -62.03 -52.58 -39.65
CA GLY D 368 -62.66 -52.83 -38.35
C GLY D 368 -61.70 -53.22 -37.24
N GLU D 369 -62.19 -54.00 -36.27
CA GLU D 369 -61.40 -54.32 -35.10
C GLU D 369 -60.54 -55.56 -35.29
N PRO D 370 -59.28 -55.54 -34.81
CA PRO D 370 -58.42 -56.72 -34.86
C PRO D 370 -58.97 -57.80 -33.92
N GLY D 371 -58.43 -59.02 -33.98
CA GLY D 371 -58.94 -60.08 -33.10
C GLY D 371 -59.11 -61.42 -33.77
N ASP D 372 -59.66 -61.44 -34.98
CA ASP D 372 -59.86 -62.68 -35.73
C ASP D 372 -58.53 -63.16 -36.31
N HIS D 373 -58.02 -64.27 -35.77
CA HIS D 373 -56.71 -64.80 -36.15
C HIS D 373 -56.81 -66.00 -37.10
N ASN D 374 -58.03 -66.49 -37.28
CA ASN D 374 -58.33 -67.46 -38.31
C ASN D 374 -58.43 -66.67 -39.62
N GLY D 375 -57.34 -66.69 -40.39
CA GLY D 375 -57.07 -65.73 -41.49
C GLY D 375 -55.56 -65.65 -41.73
N PRO D 376 -55.12 -64.97 -42.80
CA PRO D 376 -53.67 -64.85 -42.94
C PRO D 376 -53.10 -63.80 -41.99
N THR D 377 -51.78 -63.87 -41.76
CA THR D 377 -51.06 -62.81 -41.08
C THR D 377 -50.91 -61.71 -42.10
N VAL D 378 -51.33 -60.51 -41.73
CA VAL D 378 -51.29 -59.36 -42.64
C VAL D 378 -50.43 -58.20 -42.04
N PHE D 379 -49.59 -57.63 -42.89
CA PHE D 379 -48.79 -56.45 -42.58
C PHE D 379 -49.28 -55.25 -43.40
N ALA D 380 -49.29 -54.08 -42.78
CA ALA D 380 -49.51 -52.84 -43.52
C ALA D 380 -48.45 -51.86 -43.10
N THR D 381 -47.78 -51.28 -44.09
CA THR D 381 -46.75 -50.31 -43.80
C THR D 381 -47.19 -48.89 -44.16
N HIS D 382 -47.07 -47.94 -43.23
CA HIS D 382 -47.31 -46.52 -43.52
C HIS D 382 -46.07 -45.65 -43.34
N SER D 383 -45.83 -44.77 -44.31
CA SER D 383 -44.87 -43.68 -44.12
C SER D 383 -45.66 -42.59 -43.48
N THR D 384 -45.44 -42.40 -42.18
CA THR D 384 -46.29 -41.46 -41.43
C THR D 384 -46.07 -40.06 -41.96
N HIS D 385 -44.87 -39.81 -42.44
CA HIS D 385 -44.50 -38.50 -42.93
C HIS D 385 -45.10 -38.20 -44.29
N LYS D 386 -45.53 -39.23 -45.01
CA LYS D 386 -46.10 -39.04 -46.36
C LYS D 386 -47.48 -38.38 -46.28
N LEU D 387 -48.49 -39.08 -45.80
CA LEU D 387 -49.79 -38.43 -45.73
C LEU D 387 -50.44 -38.44 -44.36
N LEU D 388 -49.73 -38.91 -43.35
CA LEU D 388 -50.14 -38.58 -42.02
C LEU D 388 -49.33 -37.34 -41.63
N ASN D 389 -49.35 -36.96 -40.36
CA ASN D 389 -48.51 -35.83 -39.92
C ASN D 389 -47.32 -36.32 -39.10
N ALA D 390 -46.13 -36.27 -39.69
CA ALA D 390 -44.94 -36.75 -38.99
C ALA D 390 -43.69 -36.34 -39.74
N LEU D 391 -42.57 -36.33 -39.01
CA LEU D 391 -41.28 -35.98 -39.58
C LEU D 391 -40.86 -37.07 -40.54
N SER D 392 -40.15 -36.69 -41.59
CA SER D 392 -39.51 -37.64 -42.48
C SER D 392 -38.70 -38.68 -41.71
N GLN D 393 -38.84 -39.93 -42.18
CA GLN D 393 -38.25 -41.17 -41.60
C GLN D 393 -39.19 -41.87 -40.62
N ALA D 394 -40.28 -41.22 -40.28
CA ALA D 394 -41.21 -41.86 -39.37
C ALA D 394 -42.04 -42.88 -40.16
N SER D 395 -42.17 -44.09 -39.62
CA SER D 395 -42.93 -45.14 -40.25
C SER D 395 -43.53 -46.10 -39.24
N TYR D 396 -44.55 -46.84 -39.67
CA TYR D 396 -45.11 -47.91 -38.88
C TYR D 396 -45.27 -49.21 -39.66
N ILE D 397 -44.97 -50.34 -38.99
CA ILE D 397 -45.36 -51.66 -39.45
C ILE D 397 -46.54 -52.07 -38.62
N HIS D 398 -47.69 -52.24 -39.26
CA HIS D 398 -48.88 -52.71 -38.57
C HIS D 398 -49.16 -54.15 -38.94
N VAL D 399 -49.53 -54.93 -37.93
CA VAL D 399 -49.70 -56.38 -38.04
C VAL D 399 -51.01 -56.91 -37.45
N ARG D 400 -51.62 -57.86 -38.15
CA ARG D 400 -52.71 -58.68 -37.62
C ARG D 400 -52.23 -60.11 -37.67
N GLU D 401 -52.13 -60.75 -36.50
CA GLU D 401 -51.66 -62.14 -36.44
C GLU D 401 -52.65 -63.04 -37.15
N GLY D 402 -52.13 -63.95 -37.96
CA GLY D 402 -52.97 -65.04 -38.48
C GLY D 402 -52.12 -66.28 -38.60
N ARG D 403 -52.35 -67.05 -39.67
CA ARG D 403 -51.55 -68.20 -40.01
C ARG D 403 -50.15 -67.74 -40.33
N GLY D 404 -49.16 -68.57 -39.99
CA GLY D 404 -47.76 -68.25 -40.22
C GLY D 404 -47.27 -67.00 -39.49
N ALA D 405 -47.87 -66.71 -38.33
CA ALA D 405 -47.54 -65.55 -37.51
C ALA D 405 -46.12 -65.63 -36.98
N ILE D 406 -45.53 -64.45 -36.79
CA ILE D 406 -44.16 -64.33 -36.33
C ILE D 406 -44.18 -63.65 -34.95
N ASN D 407 -43.76 -64.37 -33.92
CA ASN D 407 -43.77 -63.81 -32.56
C ASN D 407 -42.75 -62.69 -32.32
N PHE D 408 -42.85 -62.03 -31.17
CA PHE D 408 -42.02 -60.88 -30.86
C PHE D 408 -40.53 -61.20 -30.92
N SER D 409 -40.11 -62.30 -30.29
CA SER D 409 -38.69 -62.70 -30.25
C SER D 409 -38.09 -62.86 -31.63
N ARG D 410 -38.88 -63.47 -32.52
CA ARG D 410 -38.47 -63.72 -33.91
C ARG D 410 -38.45 -62.42 -34.72
N PHE D 411 -39.55 -61.69 -34.70
CA PHE D 411 -39.68 -60.49 -35.49
C PHE D 411 -38.71 -59.38 -35.06
N ASN D 412 -38.47 -59.25 -33.75
CA ASN D 412 -37.52 -58.22 -33.30
C ASN D 412 -36.09 -58.44 -33.76
N GLN D 413 -35.73 -59.69 -34.06
CA GLN D 413 -34.40 -59.91 -34.64
C GLN D 413 -34.34 -59.28 -36.03
N ALA D 414 -35.47 -59.35 -36.75
CA ALA D 414 -35.62 -58.70 -38.04
C ALA D 414 -35.64 -57.18 -37.87
N TYR D 415 -36.38 -56.72 -36.85
CA TYR D 415 -36.48 -55.29 -36.55
C TYR D 415 -35.12 -54.68 -36.32
N MET D 416 -34.33 -55.31 -35.47
CA MET D 416 -33.03 -54.75 -35.08
C MET D 416 -32.03 -54.74 -36.21
N MET D 417 -32.16 -55.70 -37.12
CA MET D 417 -31.28 -55.86 -38.26
C MET D 417 -31.27 -54.61 -39.10
N HIS D 418 -32.40 -53.91 -39.16
CA HIS D 418 -32.49 -52.74 -40.03
C HIS D 418 -32.71 -51.47 -39.24
N ALA D 419 -32.38 -51.52 -37.94
CA ALA D 419 -32.53 -50.33 -37.10
C ALA D 419 -31.20 -49.62 -36.82
N THR D 420 -31.25 -48.49 -36.16
CA THR D 420 -30.04 -47.89 -35.61
C THR D 420 -30.12 -48.00 -34.09
N THR D 421 -28.96 -48.24 -33.47
CA THR D 421 -28.85 -48.24 -32.02
C THR D 421 -28.94 -46.83 -31.44
N SER D 422 -28.91 -45.80 -32.28
CA SER D 422 -29.10 -44.42 -31.79
C SER D 422 -30.27 -43.68 -32.44
N PRO D 423 -31.51 -44.09 -32.12
CA PRO D 423 -32.63 -43.42 -32.77
C PRO D 423 -32.80 -41.96 -32.35
N LEU D 424 -33.25 -41.12 -33.27
CA LEU D 424 -33.53 -39.73 -32.97
C LEU D 424 -34.95 -39.67 -32.42
N TYR D 425 -35.04 -39.41 -31.11
CA TYR D 425 -36.31 -39.39 -30.39
C TYR D 425 -37.31 -38.35 -30.90
N ALA D 426 -36.81 -37.31 -31.58
CA ALA D 426 -37.66 -36.31 -32.18
C ALA D 426 -38.60 -36.94 -33.20
N ILE D 427 -38.09 -37.91 -33.94
CA ILE D 427 -38.86 -38.65 -34.92
C ILE D 427 -39.94 -39.51 -34.26
N CYS D 428 -39.53 -40.29 -33.25
CA CYS D 428 -40.47 -41.09 -32.47
C CYS D 428 -41.59 -40.27 -31.86
N ALA D 429 -41.24 -39.06 -31.37
CA ALA D 429 -42.22 -38.12 -30.84
C ALA D 429 -43.22 -37.74 -31.93
N SER D 430 -42.74 -37.40 -33.13
CA SER D 430 -43.68 -37.00 -34.20
C SER D 430 -44.57 -38.16 -34.62
N ASN D 431 -44.04 -39.38 -34.56
CA ASN D 431 -44.78 -40.63 -34.80
C ASN D 431 -45.88 -40.86 -33.78
N ASP D 432 -45.60 -40.54 -32.54
CA ASP D 432 -46.55 -40.67 -31.44
C ASP D 432 -47.65 -39.63 -31.63
N VAL D 433 -47.27 -38.42 -32.03
CA VAL D 433 -48.24 -37.37 -32.29
C VAL D 433 -49.12 -37.62 -33.55
N ALA D 434 -48.54 -38.22 -34.59
CA ALA D 434 -49.27 -38.64 -35.80
C ALA D 434 -50.46 -39.51 -35.42
N VAL D 435 -50.24 -40.42 -34.47
CA VAL D 435 -51.27 -41.33 -33.97
C VAL D 435 -52.34 -40.54 -33.25
N SER D 436 -51.91 -39.61 -32.43
CA SER D 436 -52.82 -38.85 -31.61
C SER D 436 -53.87 -38.12 -32.48
N MET D 437 -53.40 -37.56 -33.58
CA MET D 437 -54.22 -36.72 -34.46
C MET D 437 -55.31 -37.52 -35.16
N MET D 438 -55.09 -38.82 -35.31
CA MET D 438 -56.05 -39.68 -36.01
C MET D 438 -57.02 -40.34 -35.05
N ASP D 439 -56.80 -40.17 -33.75
CA ASP D 439 -57.53 -40.89 -32.73
C ASP D 439 -58.83 -40.15 -32.43
N GLY D 440 -59.95 -40.84 -32.48
CA GLY D 440 -61.25 -40.28 -32.11
C GLY D 440 -61.89 -39.49 -33.23
N ASN D 441 -62.67 -38.45 -32.89
CA ASN D 441 -63.34 -37.60 -33.88
C ASN D 441 -62.40 -36.95 -34.90
N SER D 442 -61.18 -36.62 -34.48
CA SER D 442 -60.31 -35.78 -35.29
C SER D 442 -59.78 -36.48 -36.54
N GLY D 443 -59.63 -37.81 -36.48
CA GLY D 443 -59.28 -38.60 -37.67
C GLY D 443 -60.29 -38.43 -38.80
N LEU D 444 -61.58 -38.53 -38.44
CA LEU D 444 -62.66 -38.28 -39.39
C LEU D 444 -62.61 -36.85 -39.91
N SER D 445 -62.57 -35.91 -38.98
CA SER D 445 -62.63 -34.50 -39.30
C SER D 445 -61.45 -34.06 -40.21
N LEU D 446 -60.24 -34.52 -39.91
CA LEU D 446 -59.04 -34.19 -40.72
C LEU D 446 -59.05 -34.76 -42.15
N THR D 447 -59.37 -36.04 -42.27
CA THR D 447 -59.46 -36.70 -43.55
C THR D 447 -60.60 -36.15 -44.41
N GLN D 448 -61.72 -35.79 -43.78
CA GLN D 448 -62.88 -35.24 -44.48
C GLN D 448 -62.56 -33.89 -45.10
N GLU D 449 -61.72 -33.12 -44.42
CA GLU D 449 -61.32 -31.80 -44.93
C GLU D 449 -60.45 -31.95 -46.19
N VAL D 450 -59.52 -32.92 -46.19
CA VAL D 450 -58.68 -33.16 -47.35
C VAL D 450 -59.55 -33.57 -48.55
N ILE D 451 -60.45 -34.53 -48.31
CA ILE D 451 -61.47 -34.88 -49.28
C ILE D 451 -62.28 -33.66 -49.78
N ASP D 452 -62.77 -32.82 -48.86
CA ASP D 452 -63.60 -31.67 -49.26
C ASP D 452 -62.83 -30.66 -50.09
N GLU D 453 -61.54 -30.49 -49.78
CA GLU D 453 -60.72 -29.51 -50.51
C GLU D 453 -60.49 -30.01 -51.91
N ALA D 454 -60.12 -31.29 -52.01
CA ALA D 454 -59.83 -31.95 -53.28
C ALA D 454 -61.06 -31.92 -54.19
N VAL D 455 -62.22 -32.29 -53.65
CA VAL D 455 -63.49 -32.26 -54.41
C VAL D 455 -63.84 -30.85 -54.86
N ASP D 456 -63.67 -29.86 -53.98
CA ASP D 456 -63.86 -28.48 -54.41
C ASP D 456 -62.95 -28.13 -55.59
N PHE D 457 -61.68 -28.57 -55.57
CA PHE D 457 -60.77 -28.27 -56.68
C PHE D 457 -61.28 -28.96 -57.94
N ARG D 458 -61.64 -30.24 -57.77
CA ARG D 458 -62.11 -31.09 -58.86
C ARG D 458 -63.34 -30.47 -59.52
N GLN D 459 -64.34 -30.05 -58.71
CA GLN D 459 -65.59 -29.44 -59.23
C GLN D 459 -65.35 -28.12 -59.96
N ALA D 460 -64.45 -27.31 -59.41
CA ALA D 460 -64.09 -26.05 -60.04
C ALA D 460 -63.51 -26.29 -61.42
N MET D 461 -62.59 -27.23 -61.53
CA MET D 461 -61.96 -27.53 -62.82
C MET D 461 -63.00 -28.14 -63.79
N ALA D 462 -63.86 -29.04 -63.30
CA ALA D 462 -64.94 -29.61 -64.11
C ALA D 462 -65.91 -28.53 -64.62
N ARG D 463 -66.19 -27.54 -63.78
CA ARG D 463 -67.10 -26.48 -64.15
C ARG D 463 -66.48 -25.60 -65.20
N LEU D 464 -65.22 -25.24 -65.01
CA LEU D 464 -64.49 -24.42 -65.98
C LEU D 464 -64.33 -25.13 -67.30
N TYR D 465 -64.03 -26.42 -67.22
CA TYR D 465 -63.90 -27.25 -68.41
C TYR D 465 -65.20 -27.24 -69.24
N LYS D 466 -66.32 -27.51 -68.57
CA LYS D 466 -67.62 -27.45 -69.19
C LYS D 466 -67.82 -26.08 -69.83
N GLU D 467 -67.40 -25.04 -69.14
CA GLU D 467 -67.56 -23.65 -69.59
C GLU D 467 -66.71 -23.33 -70.83
N PHE D 468 -65.43 -23.70 -70.80
CA PHE D 468 -64.56 -23.46 -71.94
C PHE D 468 -65.02 -24.23 -73.20
N THR D 469 -65.40 -25.49 -73.01
CA THR D 469 -65.89 -26.36 -74.08
C THR D 469 -67.13 -25.84 -74.79
N ALA D 470 -68.11 -25.35 -74.03
CA ALA D 470 -69.33 -24.77 -74.62
C ALA D 470 -68.97 -23.53 -75.42
N ASP D 471 -67.93 -22.84 -75.00
CA ASP D 471 -67.46 -21.66 -75.69
C ASP D 471 -66.55 -22.02 -76.89
N GLY D 472 -66.30 -23.30 -77.10
CA GLY D 472 -65.53 -23.77 -78.25
C GLY D 472 -64.04 -23.70 -77.99
N SER D 473 -63.66 -23.85 -76.72
CA SER D 473 -62.30 -23.64 -76.31
C SER D 473 -61.79 -24.83 -75.44
N TRP D 474 -60.48 -25.01 -75.39
CA TRP D 474 -59.92 -26.13 -74.63
C TRP D 474 -59.76 -25.72 -73.17
N PHE D 475 -59.80 -26.70 -72.27
CA PHE D 475 -59.29 -26.51 -70.92
C PHE D 475 -58.79 -27.85 -70.37
N PHE D 476 -58.23 -27.83 -69.15
CA PHE D 476 -57.86 -29.03 -68.44
C PHE D 476 -59.12 -29.58 -67.79
N LYS D 477 -59.13 -30.85 -67.45
CA LYS D 477 -60.27 -31.44 -66.79
C LYS D 477 -59.75 -32.37 -65.72
N PRO D 478 -60.53 -32.57 -64.63
CA PRO D 478 -60.02 -33.46 -63.59
C PRO D 478 -60.27 -34.93 -63.98
N TRP D 479 -59.39 -35.84 -63.53
CA TRP D 479 -59.51 -37.24 -63.80
C TRP D 479 -60.34 -37.89 -62.71
N ASN D 480 -61.63 -38.04 -62.97
CA ASN D 480 -62.53 -38.69 -62.02
C ASN D 480 -63.81 -39.06 -62.76
N LYS D 481 -64.72 -39.79 -62.11
CA LYS D 481 -66.01 -40.14 -62.71
C LYS D 481 -66.67 -38.94 -63.38
N GLU D 482 -67.19 -39.15 -64.60
CA GLU D 482 -67.91 -38.12 -65.34
C GLU D 482 -69.36 -37.89 -64.88
N VAL D 483 -70.11 -38.98 -64.69
CA VAL D 483 -71.54 -38.94 -64.38
C VAL D 483 -71.74 -39.77 -63.12
N VAL D 484 -72.35 -39.15 -62.14
CA VAL D 484 -72.41 -39.68 -60.80
C VAL D 484 -73.89 -39.95 -60.41
N THR D 485 -74.11 -40.92 -59.52
CA THR D 485 -75.48 -41.32 -59.14
C THR D 485 -75.71 -41.24 -57.64
N ASP D 486 -76.73 -40.47 -57.24
CA ASP D 486 -77.24 -40.46 -55.87
C ASP D 486 -77.98 -41.78 -55.63
N PRO D 487 -77.47 -42.62 -54.71
CA PRO D 487 -78.12 -43.91 -54.47
C PRO D 487 -79.40 -43.82 -53.63
N GLN D 488 -79.66 -42.65 -53.03
CA GLN D 488 -80.88 -42.47 -52.27
C GLN D 488 -82.05 -42.24 -53.21
N THR D 489 -81.79 -41.54 -54.33
CA THR D 489 -82.85 -41.13 -55.24
C THR D 489 -82.70 -41.68 -56.66
N GLY D 490 -81.59 -42.37 -56.95
CA GLY D 490 -81.26 -42.78 -58.32
C GLY D 490 -81.00 -41.61 -59.29
N LYS D 491 -80.95 -40.40 -58.75
CA LYS D 491 -80.75 -39.24 -59.59
C LYS D 491 -79.30 -39.20 -60.10
N THR D 492 -79.14 -38.65 -61.29
CA THR D 492 -77.89 -38.68 -62.04
C THR D 492 -77.36 -37.24 -62.26
N TYR D 493 -76.05 -37.06 -62.14
CA TYR D 493 -75.41 -35.74 -62.33
C TYR D 493 -74.08 -35.85 -63.05
N ASP D 494 -73.75 -34.80 -63.79
CA ASP D 494 -72.38 -34.57 -64.17
C ASP D 494 -71.64 -34.25 -62.89
N PHE D 495 -70.38 -34.69 -62.83
CA PHE D 495 -69.50 -34.38 -61.71
C PHE D 495 -69.59 -32.91 -61.33
N ALA D 496 -69.57 -32.04 -62.33
CA ALA D 496 -69.69 -30.60 -62.15
C ALA D 496 -71.01 -30.14 -61.49
N ASP D 497 -72.12 -30.80 -61.80
CA ASP D 497 -73.43 -30.48 -61.15
C ASP D 497 -73.73 -31.25 -59.86
N ALA D 498 -72.93 -32.27 -59.53
CA ALA D 498 -73.28 -33.13 -58.40
C ALA D 498 -73.31 -32.34 -57.10
N PRO D 499 -74.29 -32.64 -56.21
CA PRO D 499 -74.28 -32.09 -54.85
C PRO D 499 -72.96 -32.51 -54.23
N THR D 500 -72.22 -31.54 -53.67
CA THR D 500 -70.85 -31.81 -53.32
C THR D 500 -70.82 -32.85 -52.20
N LYS D 501 -71.80 -32.78 -51.31
CA LYS D 501 -71.98 -33.78 -50.24
C LYS D 501 -72.07 -35.21 -50.78
N LEU D 502 -72.70 -35.40 -51.94
CA LEU D 502 -72.71 -36.72 -52.58
C LEU D 502 -71.28 -37.18 -52.92
N LEU D 503 -70.53 -36.31 -53.62
CA LEU D 503 -69.14 -36.58 -54.01
C LEU D 503 -68.21 -36.85 -52.81
N THR D 504 -68.43 -36.14 -51.71
CA THR D 504 -67.50 -36.22 -50.59
C THR D 504 -67.85 -37.33 -49.59
N THR D 505 -69.05 -37.90 -49.68
CA THR D 505 -69.41 -38.95 -48.71
C THR D 505 -69.68 -40.33 -49.28
N VAL D 506 -69.98 -40.42 -50.58
CA VAL D 506 -70.44 -41.66 -51.18
C VAL D 506 -69.36 -42.35 -52.02
N GLN D 507 -68.88 -43.47 -51.49
CA GLN D 507 -67.81 -44.25 -52.09
C GLN D 507 -68.04 -44.58 -53.57
N ASP D 508 -69.29 -44.87 -53.94
CA ASP D 508 -69.64 -45.33 -55.29
C ASP D 508 -69.33 -44.31 -56.38
N CYS D 509 -69.22 -43.03 -56.00
CA CYS D 509 -68.76 -41.97 -56.93
C CYS D 509 -67.30 -42.09 -57.35
N TRP D 510 -66.55 -42.95 -56.67
CA TRP D 510 -65.11 -43.08 -56.89
C TRP D 510 -64.76 -44.47 -57.42
N VAL D 511 -65.72 -45.38 -57.34
CA VAL D 511 -65.53 -46.75 -57.76
C VAL D 511 -65.44 -46.85 -59.29
N MET D 512 -64.45 -47.61 -59.77
CA MET D 512 -64.25 -47.85 -61.19
C MET D 512 -65.12 -49.02 -61.68
N HIS D 513 -66.22 -48.70 -62.36
CA HIS D 513 -67.17 -49.72 -62.84
C HIS D 513 -66.80 -50.14 -64.26
N PRO D 514 -67.02 -51.42 -64.60
CA PRO D 514 -66.79 -51.86 -65.97
C PRO D 514 -67.65 -51.04 -66.94
N GLY D 515 -67.08 -50.63 -68.06
CA GLY D 515 -67.86 -49.89 -69.05
C GLY D 515 -67.92 -48.40 -68.80
N GLU D 516 -67.17 -47.93 -67.80
CA GLU D 516 -66.97 -46.51 -67.58
C GLU D 516 -65.69 -46.13 -68.30
N SER D 517 -65.76 -45.15 -69.19
CA SER D 517 -64.59 -44.80 -69.96
C SER D 517 -63.57 -43.92 -69.18
N TRP D 518 -64.03 -43.13 -68.22
CA TRP D 518 -63.17 -42.18 -67.49
C TRP D 518 -61.86 -42.80 -66.95
N HIS D 519 -61.97 -43.93 -66.26
CA HIS D 519 -60.82 -44.50 -65.59
C HIS D 519 -59.85 -45.15 -66.57
N GLY D 520 -60.39 -45.66 -67.68
CA GLY D 520 -59.59 -46.20 -68.79
C GLY D 520 -58.91 -47.53 -68.57
N PHE D 521 -59.30 -48.24 -67.53
CA PHE D 521 -58.80 -49.60 -67.29
C PHE D 521 -59.74 -50.63 -67.96
N LYS D 522 -59.29 -51.16 -69.07
CA LYS D 522 -60.07 -52.03 -69.95
C LYS D 522 -60.39 -53.39 -69.32
N ASP D 523 -61.67 -53.73 -69.30
CA ASP D 523 -62.14 -55.01 -68.75
C ASP D 523 -61.83 -55.17 -67.26
N ILE D 524 -61.94 -54.09 -66.50
CA ILE D 524 -61.69 -54.18 -65.08
C ILE D 524 -62.91 -54.84 -64.44
N PRO D 525 -62.70 -55.78 -63.52
CA PRO D 525 -63.89 -56.35 -62.85
C PRO D 525 -64.52 -55.29 -61.96
N ASP D 526 -65.79 -55.50 -61.60
CA ASP D 526 -66.51 -54.50 -60.82
C ASP D 526 -66.07 -54.64 -59.37
N ASN D 527 -66.28 -53.59 -58.57
CA ASN D 527 -66.11 -53.69 -57.10
C ASN D 527 -64.67 -54.09 -56.68
N TRP D 528 -63.70 -53.66 -57.48
CA TRP D 528 -62.32 -54.10 -57.32
C TRP D 528 -61.39 -52.95 -56.90
N SER D 529 -61.62 -51.76 -57.45
CA SER D 529 -60.82 -50.60 -57.09
C SER D 529 -61.61 -49.30 -57.23
N MET D 530 -61.15 -48.29 -56.49
CA MET D 530 -61.69 -46.93 -56.55
C MET D 530 -60.59 -45.94 -56.73
N LEU D 531 -60.95 -44.70 -57.06
CA LEU D 531 -60.03 -43.56 -57.05
C LEU D 531 -60.08 -42.78 -55.70
N ASP D 532 -58.92 -42.45 -55.17
CA ASP D 532 -58.80 -41.61 -53.95
C ASP D 532 -59.06 -40.18 -54.31
N PRO D 533 -60.13 -39.59 -53.73
CA PRO D 533 -60.45 -38.21 -54.08
C PRO D 533 -59.26 -37.22 -53.93
N ILE D 534 -58.33 -37.52 -53.02
CA ILE D 534 -57.34 -36.52 -52.62
C ILE D 534 -56.09 -36.53 -53.46
N LYS D 535 -55.99 -37.53 -54.36
CA LYS D 535 -54.95 -37.58 -55.38
C LYS D 535 -55.50 -37.00 -56.67
N VAL D 536 -55.39 -35.68 -56.85
CA VAL D 536 -56.02 -35.00 -57.99
C VAL D 536 -55.13 -34.90 -59.24
N SER D 537 -55.46 -35.71 -60.24
CA SER D 537 -54.85 -35.65 -61.55
C SER D 537 -55.69 -34.73 -62.39
N ILE D 538 -55.00 -33.85 -63.11
CA ILE D 538 -55.62 -32.92 -64.03
C ILE D 538 -55.11 -33.42 -65.40
N LEU D 539 -55.93 -33.28 -66.44
CA LEU D 539 -55.58 -33.86 -67.72
C LEU D 539 -55.55 -32.78 -68.75
N ALA D 540 -54.43 -32.66 -69.44
CA ALA D 540 -54.34 -31.74 -70.57
C ALA D 540 -54.98 -32.39 -71.81
N PRO D 541 -55.56 -31.60 -72.70
CA PRO D 541 -56.18 -32.21 -73.89
C PRO D 541 -55.19 -32.89 -74.85
N GLY D 542 -55.68 -33.85 -75.62
CA GLY D 542 -54.92 -34.44 -76.71
C GLY D 542 -54.88 -35.97 -76.77
N MET D 543 -55.33 -36.63 -75.69
CA MET D 543 -55.53 -38.08 -75.74
C MET D 543 -56.99 -38.44 -75.99
N GLY D 544 -57.28 -39.06 -77.13
CA GLY D 544 -58.64 -39.48 -77.46
C GLY D 544 -59.09 -40.57 -76.52
N GLU D 545 -60.41 -40.68 -76.33
CA GLU D 545 -61.04 -41.77 -75.56
C GLU D 545 -60.59 -43.18 -75.97
N ASP D 546 -60.22 -43.33 -77.24
CA ASP D 546 -59.86 -44.63 -77.83
C ASP D 546 -58.38 -45.00 -77.66
N GLY D 547 -57.63 -44.18 -76.92
CA GLY D 547 -56.23 -44.46 -76.67
C GLY D 547 -55.29 -43.87 -77.71
N GLU D 548 -55.85 -43.18 -78.71
CA GLU D 548 -55.01 -42.54 -79.73
C GLU D 548 -54.98 -41.04 -79.51
N LEU D 549 -53.82 -40.45 -79.76
CA LEU D 549 -53.67 -39.01 -79.76
C LEU D 549 -54.57 -38.37 -80.80
N GLU D 550 -55.13 -37.21 -80.45
CA GLU D 550 -55.95 -36.44 -81.36
C GLU D 550 -55.09 -35.61 -82.34
N GLU D 551 -55.75 -34.81 -83.19
CA GLU D 551 -55.03 -33.97 -84.18
C GLU D 551 -54.18 -32.92 -83.48
N THR D 552 -54.66 -32.42 -82.33
CA THR D 552 -53.97 -31.44 -81.52
C THR D 552 -54.14 -31.79 -80.04
N GLY D 553 -53.35 -31.13 -79.20
CA GLY D 553 -53.34 -31.37 -77.77
C GLY D 553 -52.38 -30.39 -77.14
N VAL D 554 -52.33 -30.40 -75.81
CA VAL D 554 -51.46 -29.52 -75.02
C VAL D 554 -50.56 -30.37 -74.13
N PRO D 555 -49.25 -30.34 -74.38
CA PRO D 555 -48.28 -31.16 -73.61
C PRO D 555 -48.18 -30.78 -72.13
N ALA D 556 -48.43 -31.73 -71.24
CA ALA D 556 -48.33 -31.50 -69.78
C ALA D 556 -46.96 -30.97 -69.37
N ALA D 557 -45.92 -31.33 -70.11
CA ALA D 557 -44.55 -30.89 -69.82
C ALA D 557 -44.42 -29.36 -69.84
N LEU D 558 -45.18 -28.72 -70.73
CA LEU D 558 -45.19 -27.27 -70.79
C LEU D 558 -45.90 -26.68 -69.59
N VAL D 559 -46.94 -27.36 -69.13
CA VAL D 559 -47.74 -26.84 -68.03
C VAL D 559 -46.94 -26.92 -66.75
N THR D 560 -46.31 -28.07 -66.49
CA THR D 560 -45.46 -28.28 -65.33
C THR D 560 -44.35 -27.21 -65.24
N ALA D 561 -43.74 -26.89 -66.39
CA ALA D 561 -42.70 -25.87 -66.47
C ALA D 561 -43.20 -24.49 -66.06
N TRP D 562 -44.42 -24.15 -66.51
CA TRP D 562 -45.07 -22.90 -66.13
C TRP D 562 -45.43 -22.92 -64.67
N LEU D 563 -45.92 -24.05 -64.17
CA LEU D 563 -46.29 -24.16 -62.77
C LEU D 563 -45.08 -23.89 -61.87
N GLY D 564 -43.96 -24.53 -62.22
CA GLY D 564 -42.68 -24.38 -61.55
C GLY D 564 -42.25 -22.93 -61.41
N ARG D 565 -42.35 -22.17 -62.49
CA ARG D 565 -42.01 -20.74 -62.45
C ARG D 565 -42.78 -20.00 -61.36
N HIS D 566 -43.86 -20.61 -60.88
CA HIS D 566 -44.70 -19.95 -59.88
C HIS D 566 -44.54 -20.59 -58.52
N GLY D 567 -43.51 -21.44 -58.39
CA GLY D 567 -43.26 -22.18 -57.18
C GLY D 567 -44.50 -22.98 -56.91
N ILE D 568 -44.71 -23.99 -57.76
CA ILE D 568 -45.78 -25.00 -57.64
C ILE D 568 -45.22 -26.19 -58.41
N VAL D 569 -45.01 -27.29 -57.71
CA VAL D 569 -44.51 -28.49 -58.36
C VAL D 569 -45.53 -29.59 -58.18
N PRO D 570 -46.12 -30.08 -59.28
CA PRO D 570 -46.89 -31.32 -59.25
C PRO D 570 -46.03 -32.40 -58.63
N THR D 571 -46.63 -33.52 -58.23
CA THR D 571 -45.86 -34.61 -57.68
C THR D 571 -45.55 -35.56 -58.81
N ARG D 572 -46.59 -36.02 -59.52
CA ARG D 572 -46.42 -36.93 -60.66
C ARG D 572 -46.74 -36.23 -61.98
N THR D 573 -46.33 -36.88 -63.08
CA THR D 573 -46.46 -36.32 -64.42
C THR D 573 -46.37 -37.38 -65.54
N THR D 574 -47.14 -37.17 -66.59
CA THR D 574 -47.06 -37.94 -67.82
C THR D 574 -47.12 -36.97 -69.00
N ASP D 575 -47.38 -37.48 -70.20
CA ASP D 575 -47.51 -36.64 -71.40
C ASP D 575 -48.69 -35.64 -71.31
N PHE D 576 -49.75 -36.03 -70.60
CA PHE D 576 -50.98 -35.24 -70.49
C PHE D 576 -51.58 -35.14 -69.07
N GLN D 577 -50.99 -35.82 -68.10
CA GLN D 577 -51.50 -35.83 -66.74
C GLN D 577 -50.56 -35.10 -65.79
N ILE D 578 -51.17 -34.41 -64.82
CA ILE D 578 -50.47 -33.64 -63.82
C ILE D 578 -51.21 -33.94 -62.54
N MET D 579 -50.49 -34.40 -61.52
CA MET D 579 -51.13 -34.74 -60.26
C MET D 579 -50.79 -33.79 -59.12
N PHE D 580 -51.81 -33.38 -58.37
CA PHE D 580 -51.64 -32.54 -57.20
C PHE D 580 -52.05 -33.30 -55.96
N LEU D 581 -51.12 -33.38 -55.03
CA LEU D 581 -51.34 -34.06 -53.76
C LEU D 581 -52.00 -33.12 -52.75
N PHE D 582 -53.11 -33.57 -52.19
CA PHE D 582 -53.79 -32.85 -51.12
C PHE D 582 -53.47 -33.58 -49.80
N SER D 583 -53.25 -32.84 -48.73
CA SER D 583 -53.01 -33.51 -47.45
C SER D 583 -53.61 -32.74 -46.31
N MET D 584 -53.50 -33.33 -45.12
CA MET D 584 -53.97 -32.71 -43.89
C MET D 584 -53.27 -31.42 -43.58
N GLY D 585 -52.14 -31.17 -44.24
CA GLY D 585 -51.36 -29.94 -44.09
C GLY D 585 -51.75 -28.81 -45.04
N VAL D 586 -52.57 -29.11 -46.04
CA VAL D 586 -53.01 -28.05 -46.96
C VAL D 586 -54.04 -27.19 -46.21
N THR D 587 -54.05 -25.89 -46.51
CA THR D 587 -55.02 -24.99 -45.91
C THR D 587 -56.15 -24.71 -46.90
N ARG D 588 -57.32 -24.42 -46.34
CA ARG D 588 -58.54 -24.30 -47.12
C ARG D 588 -58.51 -23.19 -48.18
N GLY D 589 -58.89 -23.54 -49.41
CA GLY D 589 -58.97 -22.58 -50.52
C GLY D 589 -57.65 -22.34 -51.24
N LYS D 590 -56.58 -22.98 -50.76
CA LYS D 590 -55.25 -22.89 -51.37
C LYS D 590 -55.26 -23.38 -52.83
N TRP D 591 -56.15 -24.33 -53.14
CA TRP D 591 -56.28 -24.86 -54.50
C TRP D 591 -56.64 -23.80 -55.55
N GLY D 592 -57.20 -22.67 -55.13
CA GLY D 592 -57.50 -21.59 -56.08
C GLY D 592 -56.24 -21.04 -56.73
N THR D 593 -55.12 -21.27 -56.08
CA THR D 593 -53.84 -20.86 -56.62
C THR D 593 -53.50 -21.71 -57.87
N LEU D 594 -53.72 -23.02 -57.79
CA LEU D 594 -53.63 -23.90 -58.98
C LEU D 594 -54.51 -23.43 -60.13
N VAL D 595 -55.80 -23.25 -59.85
CA VAL D 595 -56.72 -22.78 -60.87
C VAL D 595 -56.20 -21.51 -61.50
N ASN D 596 -55.74 -20.55 -60.68
CA ASN D 596 -55.23 -19.24 -61.19
C ASN D 596 -54.08 -19.40 -62.22
N THR D 597 -53.15 -20.30 -61.92
CA THR D 597 -51.96 -20.50 -62.74
C THR D 597 -52.25 -21.35 -63.96
N LEU D 598 -53.15 -22.32 -63.82
CA LEU D 598 -53.65 -23.08 -65.00
C LEU D 598 -54.39 -22.16 -65.94
N CYS D 599 -55.14 -21.20 -65.38
CA CYS D 599 -55.80 -20.16 -66.19
C CYS D 599 -54.85 -19.20 -66.90
N SER D 600 -53.78 -18.77 -66.23
CA SER D 600 -52.82 -17.88 -66.90
C SER D 600 -52.01 -18.65 -67.94
N PHE D 601 -51.74 -19.93 -67.69
CA PHE D 601 -51.15 -20.79 -68.74
C PHE D 601 -51.99 -20.76 -70.03
N LYS D 602 -53.29 -21.02 -69.92
CA LYS D 602 -54.26 -20.99 -71.03
C LYS D 602 -54.25 -19.67 -71.77
N ARG D 603 -54.29 -18.58 -71.01
CA ARG D 603 -54.22 -17.22 -71.54
C ARG D 603 -52.97 -17.01 -72.42
N HIS D 604 -51.81 -17.42 -71.92
CA HIS D 604 -50.55 -17.28 -72.68
C HIS D 604 -50.47 -18.22 -73.84
N TYR D 605 -50.93 -19.45 -73.62
CA TYR D 605 -50.98 -20.44 -74.67
C TYR D 605 -51.78 -19.93 -75.83
N ASP D 606 -52.98 -19.41 -75.54
CA ASP D 606 -53.87 -18.89 -76.57
C ASP D 606 -53.40 -17.61 -77.24
N ALA D 607 -52.59 -16.82 -76.54
CA ALA D 607 -51.99 -15.66 -77.16
C ALA D 607 -50.64 -15.95 -77.85
N ASN D 608 -50.11 -17.17 -77.64
CA ASN D 608 -48.79 -17.58 -78.13
C ASN D 608 -47.67 -16.63 -77.67
N THR D 609 -47.69 -16.26 -76.40
CA THR D 609 -46.69 -15.34 -75.87
C THR D 609 -45.27 -15.88 -76.12
N PRO D 610 -44.35 -15.00 -76.58
CA PRO D 610 -42.97 -15.45 -76.74
C PRO D 610 -42.40 -16.18 -75.52
N LEU D 611 -41.71 -17.26 -75.81
CA LEU D 611 -40.99 -18.01 -74.79
C LEU D 611 -39.98 -17.11 -74.09
N ALA D 612 -39.46 -16.10 -74.77
CA ALA D 612 -38.55 -15.16 -74.13
C ALA D 612 -39.20 -14.45 -72.94
N GLN D 613 -40.53 -14.35 -72.94
CA GLN D 613 -41.23 -13.65 -71.85
C GLN D 613 -41.74 -14.60 -70.81
N VAL D 614 -42.34 -15.69 -71.26
CA VAL D 614 -42.92 -16.64 -70.30
C VAL D 614 -41.92 -17.69 -69.81
N MET D 615 -40.89 -17.99 -70.59
CA MET D 615 -39.91 -18.99 -70.18
C MET D 615 -38.47 -18.53 -70.37
N PRO D 616 -38.12 -17.38 -69.76
CA PRO D 616 -36.85 -16.72 -70.04
C PRO D 616 -35.63 -17.51 -69.57
N GLU D 617 -35.74 -18.24 -68.45
CA GLU D 617 -34.64 -19.09 -67.97
C GLU D 617 -34.28 -20.12 -69.02
N LEU D 618 -35.32 -20.71 -69.62
CA LEU D 618 -35.20 -21.74 -70.65
C LEU D 618 -34.56 -21.21 -71.93
N VAL D 619 -35.09 -20.10 -72.44
CA VAL D 619 -34.57 -19.45 -73.65
C VAL D 619 -33.14 -18.94 -73.42
N GLU D 620 -32.88 -18.56 -72.18
CA GLU D 620 -31.56 -18.09 -71.80
C GLU D 620 -30.57 -19.27 -71.86
N GLN D 621 -30.96 -20.43 -71.30
CA GLN D 621 -30.11 -21.63 -71.32
C GLN D 621 -29.90 -22.22 -72.72
N TYR D 622 -30.98 -22.36 -73.49
CA TYR D 622 -30.91 -22.93 -74.85
C TYR D 622 -31.42 -21.95 -75.92
N PRO D 623 -30.71 -20.81 -76.12
CA PRO D 623 -31.18 -19.72 -76.96
C PRO D 623 -31.39 -20.08 -78.43
N ASP D 624 -30.64 -21.04 -78.93
CA ASP D 624 -30.75 -21.44 -80.34
C ASP D 624 -32.03 -22.23 -80.62
N THR D 625 -32.24 -23.28 -79.83
CA THR D 625 -33.41 -24.15 -79.91
C THR D 625 -34.75 -23.39 -79.81
N TYR D 626 -34.82 -22.40 -78.91
CA TYR D 626 -36.08 -21.73 -78.63
C TYR D 626 -36.08 -20.24 -79.02
N ALA D 627 -35.28 -19.92 -80.05
CA ALA D 627 -35.26 -18.58 -80.66
C ALA D 627 -36.58 -18.30 -81.35
N ASN D 628 -37.10 -17.09 -81.18
CA ASN D 628 -38.29 -16.63 -81.90
C ASN D 628 -39.44 -17.63 -81.90
N MET D 629 -39.62 -18.33 -80.77
CA MET D 629 -40.72 -19.27 -80.60
C MET D 629 -41.74 -18.77 -79.60
N GLY D 630 -43.02 -18.92 -79.93
CA GLY D 630 -44.10 -18.72 -78.98
C GLY D 630 -44.36 -19.99 -78.17
N ILE D 631 -45.11 -19.87 -77.09
CA ILE D 631 -45.38 -21.00 -76.22
C ILE D 631 -46.33 -22.01 -76.86
N HIS D 632 -47.28 -21.51 -77.63
CA HIS D 632 -48.15 -22.32 -78.46
C HIS D 632 -47.37 -23.00 -79.60
N ASP D 633 -46.50 -22.25 -80.28
CA ASP D 633 -45.51 -22.84 -81.22
C ASP D 633 -44.75 -24.04 -80.67
N LEU D 634 -44.25 -23.93 -79.43
CA LEU D 634 -43.52 -25.04 -78.82
C LEU D 634 -44.41 -26.23 -78.48
N GLY D 635 -45.57 -25.97 -77.86
CA GLY D 635 -46.54 -27.03 -77.57
C GLY D 635 -47.00 -27.79 -78.81
N ASP D 636 -47.19 -27.07 -79.91
CA ASP D 636 -47.54 -27.71 -81.21
C ASP D 636 -46.43 -28.62 -81.72
N THR D 637 -45.18 -28.15 -81.57
CA THR D 637 -44.02 -28.93 -81.95
C THR D 637 -43.92 -30.18 -81.07
N MET D 638 -44.13 -30.01 -79.78
CA MET D 638 -44.12 -31.14 -78.85
C MET D 638 -45.24 -32.15 -79.16
N PHE D 639 -46.47 -31.66 -79.37
CA PHE D 639 -47.61 -32.54 -79.64
C PHE D 639 -47.35 -33.38 -80.90
N ALA D 640 -47.05 -32.70 -82.00
CA ALA D 640 -46.60 -33.34 -83.23
C ALA D 640 -45.56 -34.44 -82.95
N TRP D 641 -44.57 -34.13 -82.12
CA TRP D 641 -43.55 -35.12 -81.79
C TRP D 641 -44.15 -36.34 -81.08
N LEU D 642 -45.05 -36.10 -80.14
CA LEU D 642 -45.76 -37.20 -79.44
C LEU D 642 -46.62 -38.01 -80.41
N LYS D 643 -47.34 -37.32 -81.27
CA LYS D 643 -48.07 -37.95 -82.35
C LYS D 643 -47.25 -38.89 -83.23
N GLU D 644 -46.22 -38.31 -83.85
CA GLU D 644 -45.31 -39.03 -84.72
C GLU D 644 -44.62 -40.21 -84.04
N ASN D 645 -44.08 -40.00 -82.84
CA ASN D 645 -43.20 -40.97 -82.21
C ASN D 645 -43.89 -41.94 -81.26
N ASN D 646 -45.10 -41.60 -80.84
CA ASN D 646 -45.97 -42.52 -80.11
C ASN D 646 -45.29 -43.24 -78.91
N PRO D 647 -44.76 -42.46 -77.94
CA PRO D 647 -44.15 -43.06 -76.76
C PRO D 647 -45.13 -43.88 -75.90
N GLY D 648 -46.43 -43.55 -76.00
CA GLY D 648 -47.49 -44.28 -75.27
C GLY D 648 -47.51 -45.77 -75.63
N ALA D 649 -47.51 -46.04 -76.93
CA ALA D 649 -47.39 -47.40 -77.44
C ALA D 649 -46.09 -48.11 -77.00
N ARG D 650 -44.96 -47.38 -76.95
CA ARG D 650 -43.69 -47.99 -76.53
C ARG D 650 -43.72 -48.34 -75.05
N LEU D 651 -44.33 -47.47 -74.26
CA LEU D 651 -44.50 -47.71 -72.84
C LEU D 651 -45.29 -49.01 -72.62
N ASN D 652 -46.45 -49.13 -73.29
CA ASN D 652 -47.28 -50.33 -73.15
C ASN D 652 -46.48 -51.57 -73.49
N GLU D 653 -45.81 -51.55 -74.63
CA GLU D 653 -44.98 -52.65 -75.07
C GLU D 653 -43.91 -53.04 -74.02
N ALA D 654 -43.26 -52.03 -73.44
CA ALA D 654 -42.20 -52.25 -72.47
C ALA D 654 -42.71 -52.84 -71.16
N TYR D 655 -44.00 -52.67 -70.88
CA TYR D 655 -44.60 -53.17 -69.63
C TYR D 655 -45.58 -54.35 -69.77
N SER D 656 -45.96 -54.65 -71.02
CA SER D 656 -46.82 -55.79 -71.36
C SER D 656 -46.08 -57.07 -71.05
N GLY D 657 -44.93 -57.25 -71.69
CA GLY D 657 -44.16 -58.47 -71.52
C GLY D 657 -43.02 -58.25 -70.54
N LEU D 658 -43.01 -59.00 -69.44
CA LEU D 658 -41.93 -58.93 -68.45
C LEU D 658 -40.62 -59.37 -69.07
N PRO D 659 -39.54 -58.61 -68.81
CA PRO D 659 -38.20 -59.01 -69.23
C PRO D 659 -37.82 -60.35 -68.61
N VAL D 660 -37.01 -61.13 -69.31
CA VAL D 660 -36.58 -62.43 -68.79
C VAL D 660 -35.58 -62.28 -67.63
N ALA D 661 -35.92 -62.90 -66.50
CA ALA D 661 -35.07 -62.89 -65.31
C ALA D 661 -34.03 -63.96 -65.47
N GLU D 662 -32.78 -63.53 -65.51
CA GLU D 662 -31.70 -64.43 -65.75
C GLU D 662 -31.13 -64.99 -64.43
N VAL D 663 -30.82 -64.06 -63.53
CA VAL D 663 -30.39 -64.38 -62.16
C VAL D 663 -31.28 -63.60 -61.23
N THR D 664 -31.35 -64.01 -59.96
CA THR D 664 -32.10 -63.25 -58.93
C THR D 664 -31.46 -61.88 -58.71
N PRO D 665 -32.27 -60.91 -58.20
CA PRO D 665 -31.74 -59.60 -57.84
C PRO D 665 -30.54 -59.65 -56.89
N ARG D 666 -30.57 -60.56 -55.90
CA ARG D 666 -29.40 -60.74 -55.02
C ARG D 666 -28.16 -61.15 -55.80
N GLU D 667 -28.30 -62.13 -56.69
CA GLU D 667 -27.18 -62.58 -57.53
C GLU D 667 -26.66 -61.43 -58.40
N ALA D 668 -27.57 -60.64 -58.97
CA ALA D 668 -27.19 -59.50 -59.78
C ALA D 668 -26.44 -58.47 -58.92
N TYR D 669 -27.02 -58.16 -57.76
CA TYR D 669 -26.35 -57.27 -56.80
C TYR D 669 -24.90 -57.78 -56.51
N ASN D 670 -24.77 -59.10 -56.33
CA ASN D 670 -23.48 -59.69 -56.01
C ASN D 670 -22.43 -59.54 -57.08
N ALA D 671 -22.88 -59.32 -58.32
CA ALA D 671 -21.94 -59.00 -59.41
C ALA D 671 -21.28 -57.62 -59.22
N ILE D 672 -21.98 -56.69 -58.54
CA ILE D 672 -21.43 -55.36 -58.27
C ILE D 672 -20.24 -55.53 -57.32
N VAL D 673 -20.52 -56.25 -56.21
CA VAL D 673 -19.52 -56.58 -55.18
C VAL D 673 -18.28 -57.26 -55.76
N ASP D 674 -18.48 -58.21 -56.67
CA ASP D 674 -17.40 -58.92 -57.38
C ASP D 674 -16.72 -58.06 -58.41
N ASN D 675 -17.18 -56.82 -58.57
CA ASN D 675 -16.52 -55.89 -59.51
C ASN D 675 -16.63 -56.44 -60.93
N ASN D 676 -17.78 -57.03 -61.17
CA ASN D 676 -18.03 -57.69 -62.42
C ASN D 676 -19.16 -56.97 -63.16
N VAL D 677 -19.15 -55.65 -63.12
CA VAL D 677 -20.17 -54.87 -63.81
C VAL D 677 -19.50 -53.78 -64.62
N GLU D 678 -20.29 -53.14 -65.50
CA GLU D 678 -19.80 -52.05 -66.36
C GLU D 678 -20.95 -51.14 -66.88
N LEU D 679 -20.63 -49.88 -67.14
CA LEU D 679 -21.59 -48.96 -67.75
C LEU D 679 -21.73 -49.28 -69.22
N VAL D 680 -22.95 -49.61 -69.63
CA VAL D 680 -23.26 -50.00 -71.00
C VAL D 680 -24.12 -48.91 -71.60
N SER D 681 -23.69 -48.42 -72.75
CA SER D 681 -24.46 -47.45 -73.52
C SER D 681 -25.75 -48.06 -74.10
N ILE D 682 -26.73 -47.19 -74.34
CA ILE D 682 -28.07 -47.60 -74.76
C ILE D 682 -28.12 -48.61 -75.96
N GLU D 683 -27.43 -48.32 -77.06
CA GLU D 683 -27.53 -49.20 -78.24
C GLU D 683 -26.88 -50.56 -78.02
N ASN D 684 -26.09 -50.67 -76.95
CA ASN D 684 -25.41 -51.91 -76.58
C ASN D 684 -26.12 -52.68 -75.49
N LEU D 685 -27.27 -52.17 -75.05
CA LEU D 685 -28.02 -52.81 -73.99
C LEU D 685 -28.67 -54.15 -74.37
N PRO D 686 -29.10 -54.34 -75.64
CA PRO D 686 -29.72 -55.63 -75.94
C PRO D 686 -28.79 -56.80 -75.62
N GLY D 687 -29.37 -57.79 -74.95
CA GLY D 687 -28.67 -59.03 -74.61
C GLY D 687 -28.07 -59.04 -73.22
N ARG D 688 -28.24 -57.93 -72.50
CA ARG D 688 -27.47 -57.68 -71.28
C ARG D 688 -28.28 -57.75 -69.99
N ILE D 689 -27.61 -58.14 -68.91
CA ILE D 689 -28.25 -58.28 -67.61
C ILE D 689 -28.09 -57.01 -66.75
N ALA D 690 -29.19 -56.35 -66.41
CA ALA D 690 -29.21 -55.18 -65.53
C ALA D 690 -28.60 -55.49 -64.17
N ALA D 691 -27.65 -54.66 -63.74
CA ALA D 691 -27.05 -54.80 -62.41
C ALA D 691 -27.78 -53.95 -61.35
N ASN D 692 -28.71 -53.12 -61.81
CA ASN D 692 -29.63 -52.37 -60.94
C ASN D 692 -31.00 -52.23 -61.61
N SER D 693 -32.02 -51.86 -60.84
CA SER D 693 -33.33 -51.66 -61.45
C SER D 693 -33.38 -50.43 -62.37
N VAL D 694 -34.28 -50.45 -63.35
CA VAL D 694 -34.47 -49.30 -64.26
C VAL D 694 -35.91 -48.83 -64.16
N ILE D 695 -36.09 -47.57 -63.75
CA ILE D 695 -37.42 -47.06 -63.41
C ILE D 695 -37.64 -45.74 -64.12
N PRO D 696 -38.25 -45.80 -65.32
CA PRO D 696 -38.51 -44.57 -66.08
C PRO D 696 -39.77 -43.84 -65.58
N TYR D 697 -39.78 -42.53 -65.77
CA TYR D 697 -40.88 -41.66 -65.36
C TYR D 697 -41.34 -40.96 -66.64
N PRO D 698 -42.53 -41.32 -67.14
CA PRO D 698 -43.47 -42.32 -66.65
C PRO D 698 -43.08 -43.75 -67.10
N PRO D 699 -43.67 -44.80 -66.49
CA PRO D 699 -44.75 -44.77 -65.50
C PRO D 699 -44.36 -44.78 -64.00
N GLY D 700 -43.07 -44.73 -63.69
CA GLY D 700 -42.64 -44.67 -62.31
C GLY D 700 -42.75 -45.98 -61.56
N ILE D 701 -42.78 -47.10 -62.29
CA ILE D 701 -42.63 -48.44 -61.71
C ILE D 701 -41.48 -49.14 -62.44
N PRO D 702 -40.78 -50.08 -61.77
CA PRO D 702 -39.59 -50.61 -62.46
C PRO D 702 -39.95 -51.26 -63.81
N MET D 703 -39.12 -51.00 -64.82
CA MET D 703 -39.25 -51.60 -66.12
C MET D 703 -38.38 -52.86 -66.16
N LEU D 704 -37.19 -52.75 -65.53
CA LEU D 704 -36.33 -53.90 -65.22
C LEU D 704 -35.97 -53.81 -63.77
N LEU D 705 -35.86 -54.97 -63.14
CA LEU D 705 -35.21 -55.09 -61.85
C LEU D 705 -33.83 -55.68 -62.08
N SER D 706 -33.01 -55.65 -61.03
CA SER D 706 -31.69 -56.26 -61.03
C SER D 706 -31.76 -57.73 -61.46
N GLY D 707 -30.90 -58.09 -62.41
CA GLY D 707 -30.81 -59.47 -62.86
C GLY D 707 -31.62 -59.84 -64.09
N GLU D 708 -32.56 -58.97 -64.47
CA GLU D 708 -33.35 -59.17 -65.70
C GLU D 708 -32.52 -58.81 -66.93
N ASN D 709 -32.74 -59.56 -68.01
CA ASN D 709 -32.10 -59.28 -69.31
C ASN D 709 -32.90 -58.25 -70.09
N PHE D 710 -32.20 -57.35 -70.79
CA PHE D 710 -32.89 -56.37 -71.63
C PHE D 710 -33.66 -56.95 -72.82
N GLY D 711 -33.29 -58.16 -73.28
CA GLY D 711 -33.94 -58.81 -74.41
C GLY D 711 -33.06 -58.75 -75.65
N ASP D 712 -33.56 -59.27 -76.77
CA ASP D 712 -32.83 -59.19 -78.04
C ASP D 712 -32.91 -57.77 -78.56
N LYS D 713 -32.42 -57.56 -79.78
CA LYS D 713 -32.36 -56.25 -80.41
C LYS D 713 -33.73 -55.63 -80.68
N ASN D 714 -34.79 -56.44 -80.55
CA ASN D 714 -36.16 -55.94 -80.71
C ASN D 714 -36.76 -55.54 -79.38
N SER D 715 -35.91 -55.53 -78.34
CA SER D 715 -36.32 -55.25 -76.97
C SER D 715 -37.19 -54.01 -76.90
N PRO D 716 -38.44 -54.18 -76.48
CA PRO D 716 -39.33 -53.06 -76.27
C PRO D 716 -38.91 -52.19 -75.08
N GLN D 717 -38.19 -52.76 -74.11
CA GLN D 717 -37.63 -52.00 -72.96
C GLN D 717 -36.54 -51.04 -73.42
N VAL D 718 -35.62 -51.52 -74.24
CA VAL D 718 -34.58 -50.65 -74.80
C VAL D 718 -35.23 -49.60 -75.69
N SER D 719 -36.25 -50.05 -76.42
CA SER D 719 -36.95 -49.19 -77.35
C SER D 719 -37.65 -48.02 -76.63
N TYR D 720 -38.21 -48.31 -75.47
CA TYR D 720 -38.78 -47.24 -74.67
C TYR D 720 -37.70 -46.21 -74.19
N LEU D 721 -36.55 -46.69 -73.74
CA LEU D 721 -35.43 -45.80 -73.38
C LEU D 721 -35.02 -44.87 -74.52
N ARG D 722 -34.89 -45.44 -75.73
CA ARG D 722 -34.69 -44.65 -76.94
C ARG D 722 -35.68 -43.50 -77.11
N SER D 723 -36.96 -43.77 -76.81
CA SER D 723 -37.93 -42.73 -77.05
C SER D 723 -37.86 -41.65 -75.99
N LEU D 724 -37.69 -42.02 -74.72
CA LEU D 724 -37.34 -41.07 -73.66
C LEU D 724 -36.10 -40.23 -74.03
N GLN D 725 -35.04 -40.90 -74.48
CA GLN D 725 -33.80 -40.20 -74.82
C GLN D 725 -34.02 -39.29 -75.98
N SER D 726 -34.82 -39.73 -76.95
CA SER D 726 -35.10 -38.93 -78.12
C SER D 726 -35.87 -37.64 -77.76
N TRP D 727 -36.89 -37.79 -76.91
CA TRP D 727 -37.60 -36.64 -76.35
C TRP D 727 -36.59 -35.64 -75.73
N ASP D 728 -35.76 -36.14 -74.82
CA ASP D 728 -34.69 -35.35 -74.18
C ASP D 728 -33.87 -34.54 -75.18
N HIS D 729 -33.45 -35.14 -76.27
CA HIS D 729 -32.61 -34.44 -77.25
C HIS D 729 -33.36 -33.40 -78.06
N HIS D 730 -34.63 -33.64 -78.35
CA HIS D 730 -35.43 -32.71 -79.17
C HIS D 730 -35.84 -31.49 -78.37
N PHE D 731 -36.10 -31.70 -77.07
CA PHE D 731 -36.62 -30.63 -76.20
C PHE D 731 -35.76 -30.44 -74.97
N PRO D 732 -34.58 -29.81 -75.14
CA PRO D 732 -33.71 -29.58 -73.98
C PRO D 732 -34.40 -28.71 -72.92
N GLY D 733 -34.17 -29.06 -71.65
CA GLY D 733 -34.82 -28.41 -70.52
C GLY D 733 -36.07 -29.14 -70.05
N PHE D 734 -36.50 -30.13 -70.83
CA PHE D 734 -37.71 -30.90 -70.53
C PHE D 734 -37.39 -32.40 -70.42
N GLU D 735 -36.19 -32.72 -69.93
CA GLU D 735 -35.69 -34.09 -69.91
C GLU D 735 -36.43 -34.96 -68.90
N HIS D 736 -36.55 -36.25 -69.21
CA HIS D 736 -37.10 -37.22 -68.26
C HIS D 736 -36.07 -37.62 -67.20
N GLU D 737 -36.60 -38.21 -66.15
CA GLU D 737 -35.84 -38.87 -65.10
C GLU D 737 -36.04 -40.38 -65.20
N THR D 738 -34.96 -41.13 -65.08
CA THR D 738 -35.04 -42.57 -65.12
C THR D 738 -34.07 -43.08 -64.07
N GLU D 739 -34.62 -43.52 -62.94
CA GLU D 739 -33.82 -44.14 -61.92
C GLU D 739 -33.12 -45.40 -62.49
N GLY D 740 -31.83 -45.52 -62.17
CA GLY D 740 -31.03 -46.62 -62.69
C GLY D 740 -30.16 -46.30 -63.89
N THR D 741 -30.33 -45.11 -64.48
CA THR D 741 -29.50 -44.70 -65.61
C THR D 741 -28.41 -43.74 -65.19
N GLU D 742 -27.38 -43.62 -66.02
CA GLU D 742 -26.44 -42.52 -65.97
C GLU D 742 -26.41 -41.88 -67.36
N ILE D 743 -26.61 -40.58 -67.41
CA ILE D 743 -26.59 -39.90 -68.69
C ILE D 743 -25.23 -39.25 -68.90
N ILE D 744 -24.58 -39.66 -69.98
CA ILE D 744 -23.20 -39.31 -70.26
C ILE D 744 -23.13 -38.72 -71.67
N ASP D 745 -22.87 -37.40 -71.73
CA ASP D 745 -23.00 -36.61 -72.96
C ASP D 745 -24.34 -36.87 -73.59
N GLY D 746 -25.40 -36.78 -72.79
CA GLY D 746 -26.75 -36.94 -73.28
C GLY D 746 -27.20 -38.34 -73.66
N ILE D 747 -26.32 -39.34 -73.50
CA ILE D 747 -26.65 -40.72 -73.84
C ILE D 747 -26.86 -41.63 -72.61
N TYR D 748 -28.04 -42.26 -72.55
CA TYR D 748 -28.41 -43.18 -71.50
C TYR D 748 -27.46 -44.38 -71.40
N HIS D 749 -27.09 -44.73 -70.17
CA HIS D 749 -26.26 -45.88 -69.87
C HIS D 749 -26.89 -46.58 -68.69
N VAL D 750 -26.78 -47.91 -68.68
CA VAL D 750 -27.16 -48.70 -67.51
C VAL D 750 -26.00 -49.64 -67.14
N MET D 751 -25.83 -49.84 -65.83
CA MET D 751 -24.83 -50.75 -65.36
C MET D 751 -25.31 -52.17 -65.50
N CYS D 752 -24.51 -52.95 -66.18
CA CYS D 752 -24.88 -54.31 -66.47
C CYS D 752 -23.82 -55.25 -65.96
N VAL D 753 -24.22 -56.49 -65.69
CA VAL D 753 -23.27 -57.59 -65.51
C VAL D 753 -22.31 -57.72 -66.74
N LYS D 754 -21.03 -57.99 -66.48
CA LYS D 754 -20.10 -58.24 -67.56
C LYS D 754 -20.42 -59.56 -68.30
N ALA D 755 -20.24 -59.55 -69.62
CA ALA D 755 -20.38 -60.75 -70.47
C ALA D 755 -19.55 -61.98 -70.00
N MET E 1 -44.89 -3.69 -46.90
CA MET E 1 -46.08 -4.37 -47.49
C MET E 1 -47.35 -3.75 -46.94
N LYS E 2 -48.25 -3.39 -47.85
CA LYS E 2 -49.46 -2.69 -47.50
C LYS E 2 -50.62 -3.44 -48.08
N VAL E 3 -51.61 -3.71 -47.22
CA VAL E 3 -52.86 -4.36 -47.62
C VAL E 3 -54.04 -3.42 -47.43
N LEU E 4 -54.90 -3.36 -48.46
CA LEU E 4 -56.20 -2.67 -48.28
C LEU E 4 -57.29 -3.71 -48.10
N ILE E 5 -57.98 -3.61 -46.96
CA ILE E 5 -59.12 -4.47 -46.70
C ILE E 5 -60.42 -3.69 -46.80
N VAL E 6 -61.25 -4.08 -47.76
CA VAL E 6 -62.55 -3.48 -47.94
C VAL E 6 -63.58 -4.43 -47.33
N GLU E 7 -64.21 -3.95 -46.26
CA GLU E 7 -65.34 -4.63 -45.66
C GLU E 7 -66.64 -4.16 -46.34
N SER E 8 -67.25 -5.05 -47.11
CA SER E 8 -68.55 -4.79 -47.75
C SER E 8 -69.60 -4.27 -46.77
N GLU E 9 -70.22 -3.14 -47.09
CA GLU E 9 -71.37 -2.62 -46.29
C GLU E 9 -72.58 -3.58 -46.32
N PHE E 10 -72.62 -4.49 -47.27
CA PHE E 10 -73.72 -5.44 -47.33
C PHE E 10 -73.62 -6.51 -46.25
N LEU E 11 -72.54 -6.49 -45.47
CA LEU E 11 -72.33 -7.49 -44.41
C LEU E 11 -72.12 -6.90 -43.01
N HIS E 12 -72.35 -5.60 -42.86
CA HIS E 12 -72.14 -4.96 -41.55
C HIS E 12 -73.06 -5.55 -40.48
N GLN E 13 -74.21 -6.09 -40.90
CA GLN E 13 -75.17 -6.66 -39.96
C GLN E 13 -74.71 -8.02 -39.42
N ASP E 14 -73.92 -8.76 -40.20
CA ASP E 14 -73.38 -10.03 -39.77
C ASP E 14 -72.10 -9.69 -39.03
N THR E 15 -72.22 -9.35 -37.75
CA THR E 15 -71.12 -8.76 -36.98
C THR E 15 -69.88 -9.65 -36.91
N TRP E 16 -70.10 -10.96 -37.06
CA TRP E 16 -69.03 -11.94 -36.93
C TRP E 16 -68.04 -11.89 -38.10
N VAL E 17 -68.51 -11.43 -39.26
CA VAL E 17 -67.63 -11.16 -40.39
C VAL E 17 -66.56 -10.12 -40.01
N GLY E 18 -67.01 -8.95 -39.55
CA GLY E 18 -66.11 -7.94 -38.96
C GLY E 18 -65.12 -8.49 -37.92
N ASN E 19 -65.58 -9.38 -37.04
CA ASN E 19 -64.69 -10.02 -36.05
C ASN E 19 -63.62 -10.87 -36.71
N ALA E 20 -64.01 -11.64 -37.73
CA ALA E 20 -63.10 -12.52 -38.49
C ALA E 20 -62.06 -11.70 -39.23
N VAL E 21 -62.50 -10.61 -39.84
CA VAL E 21 -61.62 -9.74 -40.60
C VAL E 21 -60.63 -9.06 -39.65
N GLU E 22 -61.12 -8.60 -38.49
CA GLU E 22 -60.27 -8.01 -37.46
C GLU E 22 -59.18 -8.98 -37.01
N ARG E 23 -59.51 -10.27 -36.86
CA ARG E 23 -58.50 -11.29 -36.52
C ARG E 23 -57.47 -11.39 -37.62
N LEU E 24 -57.91 -11.24 -38.87
CA LEU E 24 -57.01 -11.24 -39.99
C LEU E 24 -56.15 -9.96 -40.05
N ALA E 25 -56.75 -8.79 -39.79
CA ALA E 25 -55.95 -7.56 -39.71
C ALA E 25 -54.79 -7.73 -38.69
N ASP E 26 -55.13 -8.19 -37.47
CA ASP E 26 -54.14 -8.52 -36.44
C ASP E 26 -53.05 -9.48 -36.91
N ALA E 27 -53.42 -10.61 -37.52
CA ALA E 27 -52.42 -11.58 -37.93
C ALA E 27 -51.48 -11.02 -38.99
N LEU E 28 -52.02 -10.12 -39.81
CA LEU E 28 -51.24 -9.46 -40.84
C LEU E 28 -50.26 -8.50 -40.17
N SER E 29 -50.74 -7.76 -39.16
CA SER E 29 -49.93 -6.82 -38.41
C SER E 29 -48.80 -7.53 -37.68
N GLN E 30 -49.10 -8.73 -37.18
CA GLN E 30 -48.10 -9.55 -36.51
C GLN E 30 -46.97 -9.93 -37.44
N GLN E 31 -47.19 -9.80 -38.74
CA GLN E 31 -46.18 -10.13 -39.71
C GLN E 31 -45.65 -8.88 -40.37
N ASN E 32 -45.72 -7.77 -39.66
CA ASN E 32 -45.10 -6.52 -40.09
C ASN E 32 -45.73 -5.96 -41.40
N VAL E 33 -47.01 -6.30 -41.64
CA VAL E 33 -47.77 -5.73 -42.77
C VAL E 33 -48.59 -4.54 -42.31
N THR E 34 -48.60 -3.48 -43.11
CA THR E 34 -49.43 -2.28 -42.85
C THR E 34 -50.84 -2.55 -43.42
N VAL E 35 -51.85 -2.32 -42.59
CA VAL E 35 -53.22 -2.62 -42.95
C VAL E 35 -54.04 -1.35 -43.04
N ILE E 36 -54.54 -1.05 -44.24
CA ILE E 36 -55.58 -0.02 -44.39
C ILE E 36 -56.96 -0.68 -44.36
N LYS E 37 -57.79 -0.24 -43.41
CA LYS E 37 -59.13 -0.76 -43.30
C LYS E 37 -60.15 0.20 -43.87
N SER E 38 -61.10 -0.35 -44.61
CA SER E 38 -62.08 0.44 -45.31
C SER E 38 -63.38 -0.25 -45.03
N THR E 39 -64.41 0.50 -44.66
CA THR E 39 -65.66 -0.12 -44.25
C THR E 39 -66.77 -0.02 -45.29
N SER E 40 -66.44 0.36 -46.53
CA SER E 40 -67.45 0.43 -47.59
C SER E 40 -66.80 0.40 -48.94
N PHE E 41 -67.48 -0.11 -49.97
CA PHE E 41 -66.97 -0.07 -51.34
C PHE E 41 -66.62 1.31 -51.84
N ASP E 42 -67.40 2.31 -51.45
CA ASP E 42 -67.21 3.69 -51.89
C ASP E 42 -65.95 4.30 -51.30
N ASP E 43 -65.67 3.98 -50.04
CA ASP E 43 -64.43 4.36 -49.43
C ASP E 43 -63.24 3.69 -50.12
N GLY E 44 -63.36 2.39 -50.44
CA GLY E 44 -62.33 1.67 -51.19
C GLY E 44 -62.07 2.26 -52.55
N PHE E 45 -63.14 2.60 -53.30
CA PHE E 45 -63.03 3.19 -54.64
C PHE E 45 -62.21 4.49 -54.54
N ALA E 46 -62.52 5.28 -53.51
CA ALA E 46 -61.86 6.55 -53.29
C ALA E 46 -60.39 6.33 -52.97
N ILE E 47 -60.09 5.41 -52.06
CA ILE E 47 -58.71 5.13 -51.70
C ILE E 47 -57.92 4.76 -52.95
N LEU E 48 -58.52 3.91 -53.79
CA LEU E 48 -57.83 3.39 -54.98
C LEU E 48 -57.77 4.44 -56.08
N SER E 49 -58.54 5.52 -55.93
CA SER E 49 -58.40 6.67 -56.83
C SER E 49 -57.26 7.61 -56.43
N SER E 50 -56.74 7.47 -55.20
CA SER E 50 -55.56 8.21 -54.79
C SER E 50 -54.30 7.53 -55.35
N ASN E 51 -53.13 8.11 -55.10
CA ASN E 51 -51.91 7.50 -55.63
C ASN E 51 -51.36 6.43 -54.68
N GLU E 52 -52.26 5.85 -53.88
CA GLU E 52 -51.93 4.85 -52.85
C GLU E 52 -51.46 3.52 -53.42
N ALA E 53 -50.26 3.13 -53.05
CA ALA E 53 -49.69 1.92 -53.58
C ALA E 53 -49.91 0.78 -52.60
N ILE E 54 -50.76 -0.17 -52.99
CA ILE E 54 -51.03 -1.31 -52.14
C ILE E 54 -50.47 -2.60 -52.78
N ASP E 55 -50.14 -3.57 -51.94
CA ASP E 55 -49.53 -4.81 -52.38
C ASP E 55 -50.54 -5.96 -52.49
N CYS E 56 -51.71 -5.75 -51.92
CA CYS E 56 -52.76 -6.75 -51.90
C CYS E 56 -54.09 -6.08 -51.56
N LEU E 57 -55.13 -6.44 -52.31
CA LEU E 57 -56.50 -6.07 -52.01
C LEU E 57 -57.24 -7.27 -51.47
N MET E 58 -57.89 -7.06 -50.32
CA MET E 58 -58.75 -8.06 -49.71
C MET E 58 -60.13 -7.46 -49.62
N PHE E 59 -61.14 -8.26 -49.93
CA PHE E 59 -62.50 -7.77 -49.76
C PHE E 59 -63.48 -8.88 -49.33
N SER E 60 -64.51 -8.50 -48.58
CA SER E 60 -65.62 -9.39 -48.27
C SER E 60 -66.80 -9.15 -49.21
N TYR E 61 -67.71 -10.13 -49.30
CA TYR E 61 -68.64 -10.21 -50.41
C TYR E 61 -69.81 -11.09 -50.04
N GLN E 62 -70.97 -10.46 -49.87
CA GLN E 62 -72.20 -11.15 -49.49
C GLN E 62 -72.75 -11.99 -50.64
N MET E 63 -72.64 -11.44 -51.84
CA MET E 63 -72.98 -12.10 -53.11
C MET E 63 -74.48 -12.29 -53.33
N GLU E 64 -75.30 -11.42 -52.76
CA GLU E 64 -76.75 -11.56 -52.97
C GLU E 64 -77.35 -10.49 -53.88
N HIS E 65 -76.92 -9.24 -53.74
CA HIS E 65 -77.54 -8.08 -54.35
C HIS E 65 -76.73 -7.60 -55.56
N PRO E 66 -77.41 -7.27 -56.68
CA PRO E 66 -76.79 -6.74 -57.90
C PRO E 66 -75.92 -5.50 -57.72
N ASP E 67 -76.31 -4.57 -56.84
CA ASP E 67 -75.45 -3.40 -56.54
C ASP E 67 -74.08 -3.80 -55.96
N GLU E 68 -74.05 -4.85 -55.16
CA GLU E 68 -72.77 -5.31 -54.60
C GLU E 68 -71.88 -5.99 -55.66
N HIS E 69 -72.49 -6.75 -56.57
CA HIS E 69 -71.77 -7.38 -57.67
C HIS E 69 -71.14 -6.26 -58.47
N GLN E 70 -71.90 -5.19 -58.66
CA GLN E 70 -71.38 -4.08 -59.42
C GLN E 70 -70.28 -3.33 -58.67
N ASN E 71 -70.49 -3.13 -57.37
CA ASN E 71 -69.46 -2.54 -56.50
C ASN E 71 -68.11 -3.28 -56.61
N VAL E 72 -68.16 -4.61 -56.59
CA VAL E 72 -66.95 -5.44 -56.74
C VAL E 72 -66.24 -5.24 -58.10
N ARG E 73 -67.00 -5.28 -59.18
CA ARG E 73 -66.44 -5.09 -60.51
C ARG E 73 -65.76 -3.75 -60.56
N GLN E 74 -66.44 -2.75 -60.03
CA GLN E 74 -65.96 -1.39 -60.11
C GLN E 74 -64.67 -1.24 -59.30
N LEU E 75 -64.62 -1.80 -58.08
CA LEU E 75 -63.47 -1.66 -57.20
C LEU E 75 -62.23 -2.35 -57.77
N ILE E 76 -62.41 -3.54 -58.33
CA ILE E 76 -61.33 -4.30 -58.88
C ILE E 76 -60.91 -3.74 -60.23
N GLY E 77 -61.88 -3.26 -61.02
CA GLY E 77 -61.57 -2.53 -62.23
C GLY E 77 -60.67 -1.36 -61.87
N LYS E 78 -61.02 -0.62 -60.81
CA LYS E 78 -60.27 0.55 -60.42
C LYS E 78 -58.83 0.22 -60.01
N LEU E 79 -58.67 -0.76 -59.11
CA LEU E 79 -57.34 -1.25 -58.73
C LEU E 79 -56.41 -1.46 -59.94
N HIS E 80 -56.94 -2.11 -60.98
CA HIS E 80 -56.13 -2.64 -62.05
C HIS E 80 -55.83 -1.69 -63.21
N GLU E 81 -56.29 -0.45 -63.09
CA GLU E 81 -55.98 0.58 -64.04
C GLU E 81 -54.51 0.99 -63.86
N ARG E 82 -54.13 1.27 -62.62
CA ARG E 82 -52.76 1.70 -62.36
C ARG E 82 -51.98 0.76 -61.47
N GLN E 83 -52.64 -0.25 -60.90
CA GLN E 83 -52.00 -1.26 -60.06
C GLN E 83 -52.37 -2.64 -60.59
N GLN E 84 -52.16 -2.80 -61.89
CA GLN E 84 -52.61 -3.98 -62.64
C GLN E 84 -52.25 -5.39 -62.09
N ASN E 85 -51.08 -5.56 -61.47
CA ASN E 85 -50.77 -6.97 -61.07
C ASN E 85 -50.94 -7.25 -59.59
N VAL E 86 -51.53 -6.32 -58.86
CA VAL E 86 -51.85 -6.52 -57.45
C VAL E 86 -52.80 -7.74 -57.21
N PRO E 87 -52.38 -8.70 -56.36
CA PRO E 87 -53.23 -9.87 -56.07
C PRO E 87 -54.48 -9.51 -55.25
N VAL E 88 -55.62 -10.08 -55.64
CA VAL E 88 -56.93 -9.81 -55.03
C VAL E 88 -57.40 -11.04 -54.26
N PHE E 89 -57.65 -10.84 -52.96
CA PHE E 89 -58.15 -11.87 -52.07
C PHE E 89 -59.64 -11.66 -51.82
N LEU E 90 -60.42 -12.71 -52.06
CA LEU E 90 -61.80 -12.74 -51.65
C LEU E 90 -61.88 -13.37 -50.28
N LEU E 91 -62.30 -12.58 -49.31
CA LEU E 91 -62.58 -13.05 -47.95
C LEU E 91 -64.04 -13.43 -47.98
N GLY E 92 -64.31 -14.67 -48.36
CA GLY E 92 -65.67 -14.97 -48.79
C GLY E 92 -66.31 -16.15 -48.10
N ASP E 93 -67.54 -16.42 -48.53
CA ASP E 93 -68.31 -17.58 -48.12
C ASP E 93 -68.03 -18.71 -49.10
N ARG E 94 -67.59 -19.86 -48.60
CA ARG E 94 -67.23 -20.96 -49.49
C ARG E 94 -68.39 -21.34 -50.43
N GLU E 95 -69.54 -21.65 -49.86
CA GLU E 95 -70.68 -22.14 -50.67
C GLU E 95 -71.13 -21.14 -51.73
N LYS E 96 -71.26 -19.87 -51.36
CA LYS E 96 -71.67 -18.84 -52.32
C LYS E 96 -70.65 -18.58 -53.43
N ALA E 97 -69.38 -18.48 -53.06
CA ALA E 97 -68.34 -18.22 -54.03
C ALA E 97 -68.17 -19.41 -54.99
N LEU E 98 -68.18 -20.63 -54.43
CA LEU E 98 -68.04 -21.83 -55.27
C LEU E 98 -69.24 -22.06 -56.17
N ALA E 99 -70.43 -21.66 -55.73
CA ALA E 99 -71.62 -21.66 -56.58
C ALA E 99 -71.48 -20.67 -57.75
N ALA E 100 -70.85 -19.51 -57.53
CA ALA E 100 -70.65 -18.48 -58.58
C ALA E 100 -69.37 -18.65 -59.42
N MET E 101 -68.66 -19.76 -59.19
CA MET E 101 -67.37 -20.00 -59.82
C MET E 101 -67.49 -20.08 -61.32
N ASP E 102 -66.83 -19.16 -62.02
CA ASP E 102 -66.74 -19.19 -63.48
C ASP E 102 -65.58 -18.36 -63.93
N ARG E 103 -65.48 -18.12 -65.23
CA ARG E 103 -64.43 -17.27 -65.75
C ARG E 103 -64.51 -15.84 -65.23
N ASP E 104 -65.69 -15.23 -65.21
CA ASP E 104 -65.85 -13.86 -64.71
C ASP E 104 -65.31 -13.67 -63.29
N LEU E 105 -65.64 -14.59 -62.39
CA LEU E 105 -65.22 -14.52 -61.01
C LEU E 105 -63.70 -14.56 -60.92
N LEU E 106 -63.09 -15.46 -61.70
CA LEU E 106 -61.65 -15.68 -61.71
C LEU E 106 -60.85 -14.53 -62.29
N GLU E 107 -61.46 -13.73 -63.14
CA GLU E 107 -60.79 -12.54 -63.66
C GLU E 107 -60.77 -11.44 -62.60
N LEU E 108 -61.69 -11.56 -61.65
CA LEU E 108 -61.77 -10.64 -60.54
C LEU E 108 -60.87 -11.07 -59.37
N VAL E 109 -60.97 -12.34 -58.98
CA VAL E 109 -60.35 -12.87 -57.77
C VAL E 109 -59.16 -13.78 -58.11
N ASP E 110 -58.02 -13.47 -57.50
CA ASP E 110 -56.79 -14.28 -57.62
C ASP E 110 -56.77 -15.41 -56.58
N GLU E 111 -57.30 -15.12 -55.40
CA GLU E 111 -57.13 -15.99 -54.24
C GLU E 111 -58.36 -16.01 -53.35
N PHE E 112 -58.73 -17.22 -52.93
CA PHE E 112 -59.91 -17.44 -52.12
C PHE E 112 -59.54 -17.76 -50.67
N ALA E 113 -60.08 -16.97 -49.74
CA ALA E 113 -59.93 -17.22 -48.31
C ALA E 113 -61.31 -17.34 -47.65
N TRP E 114 -61.62 -18.50 -47.11
CA TRP E 114 -62.92 -18.72 -46.53
C TRP E 114 -62.87 -18.15 -45.12
N ILE E 115 -63.24 -16.88 -45.00
CA ILE E 115 -62.86 -16.10 -43.84
C ILE E 115 -63.48 -16.57 -42.50
N LEU E 116 -64.57 -17.33 -42.55
CA LEU E 116 -65.26 -17.82 -41.35
C LEU E 116 -64.89 -19.27 -41.04
N GLU E 117 -63.98 -19.84 -41.84
CA GLU E 117 -63.65 -21.25 -41.70
C GLU E 117 -62.18 -21.54 -41.61
N ASP E 118 -61.35 -20.52 -41.64
CA ASP E 118 -59.90 -20.69 -41.71
C ASP E 118 -59.19 -19.95 -40.56
N THR E 119 -57.93 -20.33 -40.31
CA THR E 119 -57.08 -19.66 -39.34
C THR E 119 -56.56 -18.39 -40.00
N ALA E 120 -56.62 -17.27 -39.27
CA ALA E 120 -56.13 -15.96 -39.76
C ALA E 120 -54.65 -15.96 -40.16
N ASP E 121 -53.81 -16.68 -39.42
CA ASP E 121 -52.40 -16.88 -39.78
C ASP E 121 -52.20 -17.54 -41.15
N PHE E 122 -53.08 -18.47 -41.50
CA PHE E 122 -52.97 -19.15 -42.78
C PHE E 122 -53.29 -18.17 -43.90
N ILE E 123 -54.35 -17.39 -43.74
CA ILE E 123 -54.66 -16.41 -44.75
C ILE E 123 -53.54 -15.36 -44.82
N ALA E 124 -53.14 -14.83 -43.66
CA ALA E 124 -52.03 -13.86 -43.60
C ALA E 124 -50.76 -14.36 -44.31
N GLY E 125 -50.42 -15.65 -44.14
CA GLY E 125 -49.23 -16.24 -44.78
C GLY E 125 -49.36 -16.26 -46.31
N ARG E 126 -50.55 -16.58 -46.79
CA ARG E 126 -50.75 -16.62 -48.23
C ARG E 126 -50.74 -15.20 -48.81
N ALA E 127 -51.25 -14.24 -48.04
CA ALA E 127 -51.20 -12.83 -48.43
C ALA E 127 -49.75 -12.36 -48.51
N VAL E 128 -48.96 -12.64 -47.49
CA VAL E 128 -47.54 -12.29 -47.54
C VAL E 128 -46.82 -12.86 -48.77
N ALA E 129 -47.12 -14.11 -49.11
CA ALA E 129 -46.46 -14.76 -50.23
C ALA E 129 -46.83 -14.10 -51.55
N ALA E 130 -48.10 -13.70 -51.68
CA ALA E 130 -48.58 -13.08 -52.90
C ALA E 130 -47.99 -11.67 -53.05
N MET E 131 -47.90 -10.96 -51.93
CA MET E 131 -47.30 -9.65 -51.88
C MET E 131 -45.81 -9.70 -52.22
N THR E 132 -45.10 -10.69 -51.65
CA THR E 132 -43.68 -10.89 -51.99
C THR E 132 -43.50 -11.05 -53.51
N ARG E 133 -44.22 -12.01 -54.09
CA ARG E 133 -44.23 -12.25 -55.54
C ARG E 133 -44.54 -10.98 -56.35
N TYR E 134 -45.51 -10.19 -55.87
CA TYR E 134 -45.91 -8.93 -56.53
C TYR E 134 -44.74 -7.94 -56.55
N ARG E 135 -44.16 -7.71 -55.38
CA ARG E 135 -43.03 -6.79 -55.28
C ARG E 135 -41.82 -7.21 -56.13
N GLN E 136 -41.60 -8.54 -56.24
CA GLN E 136 -40.47 -9.05 -57.00
C GLN E 136 -40.57 -8.80 -58.49
N GLN E 137 -41.79 -8.61 -59.01
CA GLN E 137 -41.97 -8.24 -60.43
C GLN E 137 -42.31 -6.78 -60.62
N LEU E 138 -42.36 -6.02 -59.54
CA LEU E 138 -42.83 -4.62 -59.62
C LEU E 138 -41.99 -3.70 -60.49
N LEU E 139 -40.68 -3.69 -60.27
CA LEU E 139 -39.78 -2.69 -60.89
C LEU E 139 -39.28 -3.03 -62.31
N PRO E 140 -39.05 -2.00 -63.14
CA PRO E 140 -38.49 -2.30 -64.47
C PRO E 140 -37.01 -2.77 -64.38
N PRO E 141 -36.51 -3.43 -65.44
CA PRO E 141 -35.25 -4.19 -65.29
C PRO E 141 -33.99 -3.39 -65.00
N LEU E 142 -33.86 -2.18 -65.54
CA LEU E 142 -32.63 -1.41 -65.33
C LEU E 142 -32.60 -0.69 -63.97
N PHE E 143 -33.71 -0.06 -63.59
CA PHE E 143 -33.82 0.46 -62.24
C PHE E 143 -33.61 -0.64 -61.17
N SER E 144 -34.39 -1.70 -61.28
CA SER E 144 -34.22 -2.85 -60.43
C SER E 144 -32.72 -3.27 -60.31
N ALA E 145 -32.07 -3.58 -61.45
CA ALA E 145 -30.68 -3.98 -61.44
C ALA E 145 -29.76 -2.93 -60.80
N LEU E 146 -30.03 -1.64 -61.03
CA LEU E 146 -29.19 -0.58 -60.47
C LEU E 146 -29.28 -0.55 -58.96
N MET E 147 -30.50 -0.64 -58.46
CA MET E 147 -30.79 -0.63 -57.04
C MET E 147 -30.06 -1.77 -56.32
N LYS E 148 -30.24 -2.98 -56.85
CA LYS E 148 -29.67 -4.20 -56.30
C LYS E 148 -28.16 -4.16 -56.32
N TYR E 149 -27.62 -3.64 -57.41
CA TYR E 149 -26.19 -3.63 -57.60
C TYR E 149 -25.48 -2.62 -56.70
N SER E 150 -26.14 -1.50 -56.45
CA SER E 150 -25.57 -0.47 -55.60
C SER E 150 -25.56 -0.92 -54.13
N ASP E 151 -26.35 -1.95 -53.80
CA ASP E 151 -26.37 -2.52 -52.47
C ASP E 151 -25.20 -3.46 -52.18
N ILE E 152 -24.36 -3.72 -53.18
CA ILE E 152 -23.20 -4.60 -53.03
C ILE E 152 -21.90 -3.89 -53.46
N HIS E 153 -22.03 -2.77 -54.15
CA HIS E 153 -20.96 -2.16 -54.94
C HIS E 153 -19.82 -1.55 -54.10
N GLU E 154 -18.59 -1.81 -54.54
CA GLU E 154 -17.42 -1.08 -54.02
C GLU E 154 -17.23 0.26 -54.75
N TYR E 155 -17.50 1.37 -54.07
CA TYR E 155 -17.38 2.71 -54.65
C TYR E 155 -15.96 3.24 -54.70
N SER E 156 -15.06 2.49 -54.05
CA SER E 156 -13.65 2.84 -54.08
C SER E 156 -12.90 2.27 -55.29
N TRP E 157 -11.70 2.82 -55.46
CA TRP E 157 -10.70 2.45 -56.46
C TRP E 157 -11.11 2.74 -57.89
N ALA E 158 -12.38 3.15 -58.05
CA ALA E 158 -12.91 3.57 -59.35
C ALA E 158 -13.63 4.92 -59.32
N ALA E 159 -13.74 5.55 -60.49
CA ALA E 159 -14.52 6.77 -60.67
C ALA E 159 -15.99 6.41 -60.86
N PRO E 160 -16.93 7.34 -60.54
CA PRO E 160 -16.79 8.73 -60.13
C PRO E 160 -16.02 8.87 -58.83
N GLY E 161 -15.13 9.87 -58.81
CA GLY E 161 -14.35 10.20 -57.63
C GLY E 161 -15.12 10.36 -56.33
N HIS E 162 -16.36 10.87 -56.39
CA HIS E 162 -17.15 11.13 -55.17
C HIS E 162 -17.47 9.87 -54.35
N GLN E 163 -17.44 8.71 -55.02
CA GLN E 163 -17.63 7.40 -54.37
C GLN E 163 -18.89 7.28 -53.54
N GLY E 164 -20.00 7.17 -54.24
CA GLY E 164 -21.30 7.06 -53.59
C GLY E 164 -21.64 8.30 -52.79
N GLY E 165 -21.08 9.44 -53.15
CA GLY E 165 -21.45 10.72 -52.56
C GLY E 165 -20.64 11.10 -51.35
N VAL E 166 -19.76 10.22 -50.91
CA VAL E 166 -18.88 10.48 -49.77
C VAL E 166 -17.97 11.73 -49.93
N GLY E 167 -17.41 11.93 -51.15
CA GLY E 167 -16.54 13.07 -51.41
C GLY E 167 -17.21 14.39 -51.04
N PHE E 168 -18.49 14.50 -51.42
CA PHE E 168 -19.25 15.72 -51.16
C PHE E 168 -19.27 16.13 -49.69
N THR E 169 -19.25 15.15 -48.79
CA THR E 169 -19.44 15.40 -47.37
C THR E 169 -18.25 16.06 -46.68
N LYS E 170 -17.14 16.25 -47.41
CA LYS E 170 -15.91 16.67 -46.76
C LYS E 170 -15.77 18.16 -46.54
N THR E 171 -16.60 18.97 -47.20
CA THR E 171 -16.80 20.38 -46.82
C THR E 171 -18.27 20.58 -46.40
N PRO E 172 -18.55 21.63 -45.61
CA PRO E 172 -19.92 21.96 -45.18
C PRO E 172 -20.89 22.23 -46.37
N ALA E 173 -20.46 23.02 -47.35
CA ALA E 173 -21.27 23.27 -48.55
C ALA E 173 -21.53 21.96 -49.29
N GLY E 174 -20.48 21.13 -49.41
CA GLY E 174 -20.62 19.81 -50.03
C GLY E 174 -21.60 18.94 -49.25
N ARG E 175 -21.48 18.97 -47.92
CA ARG E 175 -22.37 18.20 -47.05
C ARG E 175 -23.84 18.65 -47.17
N PHE E 176 -24.08 19.97 -47.13
CA PHE E 176 -25.41 20.48 -47.30
C PHE E 176 -26.02 20.01 -48.62
N TYR E 177 -25.25 20.18 -49.69
CA TYR E 177 -25.65 19.71 -51.02
C TYR E 177 -25.97 18.20 -51.06
N HIS E 178 -25.09 17.40 -50.48
CA HIS E 178 -25.29 15.96 -50.39
C HIS E 178 -26.60 15.58 -49.67
N ASP E 179 -26.85 16.17 -48.50
CA ASP E 179 -28.02 15.80 -47.71
C ASP E 179 -29.28 16.29 -48.41
N TYR E 180 -29.13 17.37 -49.17
CA TYR E 180 -30.23 17.96 -49.90
C TYR E 180 -30.73 17.05 -51.04
N TYR E 181 -29.80 16.44 -51.78
CA TYR E 181 -30.19 15.50 -52.83
C TYR E 181 -30.42 14.07 -52.33
N GLY E 182 -29.84 13.72 -51.18
CA GLY E 182 -29.97 12.36 -50.63
C GLY E 182 -28.96 11.41 -51.25
N GLU E 183 -28.63 10.34 -50.55
CA GLU E 183 -27.52 9.48 -50.93
C GLU E 183 -27.76 8.59 -52.13
N ASN E 184 -29.01 8.20 -52.36
CA ASN E 184 -29.30 7.27 -53.46
C ASN E 184 -28.97 7.77 -54.86
N LEU E 185 -29.12 9.07 -55.08
CA LEU E 185 -28.62 9.71 -56.30
C LEU E 185 -27.12 9.48 -56.52
N PHE E 186 -26.34 9.52 -55.44
CA PHE E 186 -24.90 9.39 -55.58
C PHE E 186 -24.49 7.93 -55.63
N ARG E 187 -25.22 7.11 -54.88
CA ARG E 187 -24.98 5.67 -54.84
C ARG E 187 -25.27 5.03 -56.19
N THR E 188 -26.28 5.49 -56.92
CA THR E 188 -26.54 4.93 -58.25
C THR E 188 -25.67 5.57 -59.36
N ASP E 189 -24.95 6.64 -59.04
CA ASP E 189 -23.95 7.21 -59.97
C ASP E 189 -22.64 6.41 -59.96
N MET E 190 -22.64 5.33 -60.71
CA MET E 190 -21.50 4.40 -60.82
C MET E 190 -20.80 4.48 -62.18
N GLY E 191 -19.50 4.20 -62.23
CA GLY E 191 -18.83 4.14 -63.53
C GLY E 191 -19.27 2.89 -64.28
N ILE E 192 -18.63 2.61 -65.41
CA ILE E 192 -18.91 1.35 -66.13
C ILE E 192 -18.66 0.17 -65.18
N GLU E 193 -19.68 -0.70 -65.03
CA GLU E 193 -19.60 -1.98 -64.31
C GLU E 193 -20.11 -3.15 -65.19
N ARG E 194 -19.32 -3.48 -66.21
CA ARG E 194 -19.74 -4.31 -67.35
C ARG E 194 -20.28 -5.71 -67.07
N THR E 195 -19.62 -6.48 -66.20
CA THR E 195 -20.09 -7.87 -65.97
C THR E 195 -21.41 -7.84 -65.19
N SER E 196 -21.58 -6.83 -64.35
CA SER E 196 -22.81 -6.66 -63.60
C SER E 196 -23.88 -6.05 -64.51
N LEU E 197 -24.00 -4.75 -64.48
CA LEU E 197 -25.01 -3.99 -65.18
C LEU E 197 -25.00 -4.04 -66.73
N GLY E 198 -23.88 -4.43 -67.35
CA GLY E 198 -23.67 -4.18 -68.76
C GLY E 198 -23.28 -2.71 -68.99
N SER E 199 -23.61 -2.17 -70.18
CA SER E 199 -23.15 -0.85 -70.58
C SER E 199 -24.18 -0.14 -71.46
N LEU E 200 -24.46 1.13 -71.16
CA LEU E 200 -25.29 1.95 -72.05
C LEU E 200 -24.73 2.02 -73.48
N LEU E 201 -23.47 2.44 -73.62
CA LEU E 201 -22.85 2.54 -74.94
C LEU E 201 -22.72 1.24 -75.76
N ASP E 202 -22.67 0.08 -75.10
CA ASP E 202 -22.67 -1.21 -75.81
C ASP E 202 -24.06 -1.81 -75.84
N HIS E 203 -25.01 -1.23 -75.09
CA HIS E 203 -26.40 -1.72 -75.14
C HIS E 203 -26.51 -3.18 -74.74
N THR E 204 -25.81 -3.54 -73.65
CA THR E 204 -25.74 -4.91 -73.14
C THR E 204 -26.33 -5.01 -71.71
N GLY E 205 -26.42 -6.22 -71.17
CA GLY E 205 -26.88 -6.45 -69.79
C GLY E 205 -28.23 -5.84 -69.53
N ALA E 206 -28.36 -5.15 -68.40
CA ALA E 206 -29.63 -4.58 -67.98
C ALA E 206 -29.99 -3.36 -68.80
N PHE E 207 -28.98 -2.70 -69.39
CA PHE E 207 -29.18 -1.59 -70.29
C PHE E 207 -29.88 -2.04 -71.57
N GLY E 208 -29.31 -3.06 -72.21
CA GLY E 208 -29.94 -3.68 -73.35
C GLY E 208 -31.31 -4.23 -73.00
N GLU E 209 -31.44 -4.86 -71.83
CA GLU E 209 -32.69 -5.48 -71.40
C GLU E 209 -33.81 -4.44 -71.32
N SER E 210 -33.48 -3.30 -70.74
CA SER E 210 -34.33 -2.14 -70.68
C SER E 210 -34.75 -1.64 -72.08
N GLU E 211 -33.79 -1.52 -73.01
CA GLU E 211 -34.10 -1.13 -74.40
C GLU E 211 -35.08 -2.09 -75.12
N LYS E 212 -34.94 -3.39 -74.87
CA LYS E 212 -35.91 -4.37 -75.37
C LYS E 212 -37.29 -4.17 -74.81
N TYR E 213 -37.35 -3.80 -73.54
CA TYR E 213 -38.59 -3.53 -72.86
C TYR E 213 -39.23 -2.31 -73.49
N ALA E 214 -38.45 -1.23 -73.64
CA ALA E 214 -38.94 0.02 -74.25
C ALA E 214 -39.58 -0.31 -75.58
N ALA E 215 -38.87 -1.08 -76.38
CA ALA E 215 -39.26 -1.31 -77.75
C ALA E 215 -40.57 -2.10 -77.81
N ARG E 216 -40.75 -3.07 -76.91
CA ARG E 216 -42.02 -3.80 -76.76
C ARG E 216 -43.19 -2.87 -76.42
N VAL E 217 -42.98 -2.01 -75.43
CA VAL E 217 -44.01 -1.09 -74.98
C VAL E 217 -44.29 0.03 -76.02
N PHE E 218 -43.24 0.52 -76.68
CA PHE E 218 -43.41 1.65 -77.58
C PHE E 218 -43.68 1.26 -79.02
N GLY E 219 -43.75 -0.05 -79.26
CA GLY E 219 -44.05 -0.62 -80.58
C GLY E 219 -42.97 -0.59 -81.64
N ALA E 220 -41.70 -0.59 -81.23
CA ALA E 220 -40.59 -0.49 -82.19
C ALA E 220 -39.96 -1.85 -82.41
N ASP E 221 -39.21 -2.01 -83.51
CA ASP E 221 -38.32 -3.16 -83.66
C ASP E 221 -37.15 -3.08 -82.68
N ARG E 222 -36.62 -1.86 -82.52
CA ARG E 222 -35.46 -1.61 -81.68
C ARG E 222 -35.56 -0.22 -81.08
N SER E 223 -35.25 -0.10 -79.78
CA SER E 223 -35.15 1.19 -79.11
C SER E 223 -33.74 1.48 -78.60
N TRP E 224 -33.37 2.76 -78.63
CA TRP E 224 -32.05 3.25 -78.21
C TRP E 224 -32.25 4.33 -77.16
N SER E 225 -31.82 4.04 -75.92
CA SER E 225 -31.90 4.99 -74.82
C SER E 225 -30.77 6.02 -74.88
N VAL E 226 -31.09 7.29 -74.64
CA VAL E 226 -30.16 8.40 -74.83
C VAL E 226 -30.16 9.30 -73.59
N VAL E 227 -28.99 9.80 -73.19
CA VAL E 227 -28.86 10.71 -72.03
C VAL E 227 -28.48 12.14 -72.39
N VAL E 228 -28.74 12.49 -73.65
CA VAL E 228 -28.40 13.82 -74.14
C VAL E 228 -29.64 14.45 -74.83
N GLY E 229 -30.80 14.19 -74.27
CA GLY E 229 -32.05 14.66 -74.85
C GLY E 229 -32.31 14.16 -76.27
N THR E 230 -33.40 14.65 -76.86
CA THR E 230 -33.67 14.42 -78.27
C THR E 230 -32.70 15.19 -79.18
N SER E 231 -32.09 16.24 -78.65
CA SER E 231 -30.93 16.86 -79.28
C SER E 231 -29.88 15.81 -79.64
N GLY E 232 -29.51 14.95 -78.67
CA GLY E 232 -28.58 13.86 -78.90
C GLY E 232 -29.17 12.82 -79.82
N SER E 233 -30.46 12.54 -79.66
CA SER E 233 -31.11 11.53 -80.50
C SER E 233 -31.16 11.95 -81.97
N ASN E 234 -31.57 13.20 -82.21
CA ASN E 234 -31.63 13.74 -83.56
C ASN E 234 -30.28 13.78 -84.31
N ARG E 235 -29.26 14.35 -83.68
CA ARG E 235 -27.89 14.30 -84.19
C ARG E 235 -27.44 12.88 -84.53
N THR E 236 -27.80 11.92 -83.69
CA THR E 236 -27.45 10.52 -83.91
C THR E 236 -28.15 9.99 -85.15
N ILE E 237 -29.47 10.19 -85.27
CA ILE E 237 -30.20 9.64 -86.44
C ILE E 237 -29.59 10.25 -87.71
N MET E 238 -29.35 11.55 -87.68
CA MET E 238 -28.92 12.22 -88.87
C MET E 238 -27.51 11.78 -89.29
N GLN E 239 -26.59 11.62 -88.33
CA GLN E 239 -25.25 11.08 -88.58
C GLN E 239 -25.28 9.70 -89.19
N ALA E 240 -26.34 8.96 -88.91
CA ALA E 240 -26.47 7.62 -89.43
C ALA E 240 -27.07 7.61 -90.82
N CYS E 241 -27.74 8.69 -91.23
CA CYS E 241 -28.57 8.67 -92.44
C CYS E 241 -28.06 9.51 -93.62
N MET E 242 -27.12 10.41 -93.39
CA MET E 242 -26.74 11.31 -94.47
C MET E 242 -25.28 11.71 -94.40
N THR E 243 -24.71 11.99 -95.58
CA THR E 243 -23.38 12.57 -95.67
C THR E 243 -23.51 13.85 -96.47
N ASP E 244 -22.40 14.55 -96.64
CA ASP E 244 -22.36 15.75 -97.45
C ASP E 244 -22.62 15.50 -98.94
N ASN E 245 -22.88 14.24 -99.28
CA ASN E 245 -23.21 13.84 -100.64
C ASN E 245 -24.70 13.69 -100.92
N ASP E 246 -25.47 13.72 -99.84
CA ASP E 246 -26.88 13.38 -99.88
C ASP E 246 -27.78 14.61 -99.99
N VAL E 247 -28.90 14.41 -100.69
CA VAL E 247 -30.00 15.37 -100.63
C VAL E 247 -30.91 14.91 -99.50
N VAL E 248 -31.34 15.84 -98.66
CA VAL E 248 -32.34 15.53 -97.62
C VAL E 248 -33.54 16.48 -97.63
N VAL E 249 -34.71 15.93 -97.25
CA VAL E 249 -35.99 16.68 -97.19
C VAL E 249 -36.40 17.00 -95.75
N VAL E 250 -36.43 18.30 -95.44
CA VAL E 250 -36.58 18.77 -94.07
C VAL E 250 -37.86 19.62 -93.85
N ASP E 251 -38.67 19.20 -92.87
CA ASP E 251 -39.72 20.05 -92.32
C ASP E 251 -39.12 21.41 -91.98
N ARG E 252 -39.70 22.48 -92.51
CA ARG E 252 -39.21 23.81 -92.19
C ARG E 252 -39.45 24.13 -90.71
N ASN E 253 -40.45 23.47 -90.14
CA ASN E 253 -40.69 23.56 -88.72
C ASN E 253 -39.83 22.49 -88.09
N CYS E 254 -38.57 22.82 -87.84
CA CYS E 254 -37.64 21.83 -87.27
C CYS E 254 -36.89 22.43 -86.13
N HIS E 255 -36.52 21.56 -85.18
CA HIS E 255 -35.76 21.96 -84.00
C HIS E 255 -34.30 22.25 -84.38
N LYS E 256 -33.66 23.15 -83.64
CA LYS E 256 -32.22 23.43 -83.69
C LYS E 256 -31.34 22.21 -83.98
N SER E 257 -31.65 21.11 -83.30
CA SER E 257 -30.89 19.89 -83.38
C SER E 257 -30.92 19.26 -84.77
N ILE E 258 -32.01 19.47 -85.52
CA ILE E 258 -32.11 19.07 -86.93
C ILE E 258 -31.16 19.90 -87.83
N GLU E 259 -31.12 21.21 -87.61
CA GLU E 259 -30.12 22.06 -88.25
C GLU E 259 -28.72 21.64 -87.78
N GLN E 260 -28.59 21.25 -86.50
CA GLN E 260 -27.28 20.82 -85.99
C GLN E 260 -26.81 19.59 -86.76
N GLY E 261 -27.71 18.63 -86.97
CA GLY E 261 -27.45 17.51 -87.86
C GLY E 261 -27.06 17.95 -89.26
N LEU E 262 -27.61 19.06 -89.77
CA LEU E 262 -27.25 19.49 -91.13
C LEU E 262 -25.83 20.06 -91.15
N MET E 263 -25.49 20.77 -90.10
CA MET E 263 -24.16 21.35 -89.97
C MET E 263 -23.07 20.29 -89.75
N LEU E 264 -23.44 19.18 -89.12
CA LEU E 264 -22.51 18.14 -88.74
C LEU E 264 -22.25 17.12 -89.84
N THR E 265 -23.19 17.02 -90.79
CA THR E 265 -23.14 16.00 -91.84
C THR E 265 -22.76 16.64 -93.18
N GLY E 266 -23.16 17.90 -93.37
CA GLY E 266 -22.98 18.62 -94.62
C GLY E 266 -23.99 18.29 -95.71
N ALA E 267 -25.10 17.64 -95.34
CA ALA E 267 -26.12 17.27 -96.33
C ALA E 267 -26.79 18.48 -96.97
N LYS E 268 -27.32 18.26 -98.18
CA LYS E 268 -27.98 19.33 -98.94
C LYS E 268 -29.50 19.31 -98.69
N PRO E 269 -30.00 20.29 -97.90
CA PRO E 269 -31.40 20.32 -97.50
C PRO E 269 -32.36 20.96 -98.54
N VAL E 270 -33.57 20.40 -98.56
CA VAL E 270 -34.71 20.98 -99.26
C VAL E 270 -35.86 21.02 -98.22
N TYR E 271 -36.66 22.09 -98.19
CA TYR E 271 -37.66 22.29 -97.10
C TYR E 271 -39.13 22.22 -97.51
N MET E 272 -39.92 21.49 -96.72
CA MET E 272 -41.39 21.49 -96.79
C MET E 272 -41.94 22.60 -95.91
N VAL E 273 -42.74 23.49 -96.48
CA VAL E 273 -43.27 24.66 -95.77
C VAL E 273 -44.61 24.32 -95.10
N PRO E 274 -44.70 24.52 -93.76
CA PRO E 274 -45.99 24.31 -93.07
C PRO E 274 -46.98 25.47 -93.33
N SER E 275 -48.28 25.17 -93.21
CA SER E 275 -49.34 26.19 -93.19
C SER E 275 -49.31 26.97 -91.91
N ARG E 276 -50.00 28.09 -91.87
CA ARG E 276 -50.23 28.79 -90.63
C ARG E 276 -51.62 29.44 -90.61
N ASN E 277 -52.04 29.93 -89.44
CA ASN E 277 -53.36 30.55 -89.34
C ASN E 277 -53.33 31.98 -88.83
N ARG E 278 -54.53 32.58 -88.73
CA ARG E 278 -54.74 33.97 -88.28
C ARG E 278 -54.05 34.29 -86.94
N TYR E 279 -53.85 33.26 -86.11
CA TYR E 279 -53.27 33.46 -84.79
C TYR E 279 -51.74 33.41 -84.74
N GLY E 280 -51.10 33.21 -85.91
CA GLY E 280 -49.66 33.05 -85.99
C GLY E 280 -49.23 31.67 -85.52
N ILE E 281 -50.16 30.73 -85.56
CA ILE E 281 -49.92 29.39 -85.07
C ILE E 281 -49.55 28.62 -86.30
N ILE E 282 -48.49 27.83 -86.22
CA ILE E 282 -48.00 27.03 -87.32
C ILE E 282 -48.86 25.78 -87.39
N GLY E 283 -49.23 25.39 -88.61
CA GLY E 283 -50.02 24.21 -88.82
C GLY E 283 -49.24 23.13 -89.56
N PRO E 284 -49.95 22.12 -90.08
CA PRO E 284 -49.27 21.00 -90.72
C PRO E 284 -48.77 21.37 -92.13
N ILE E 285 -47.77 20.61 -92.59
CA ILE E 285 -47.36 20.61 -93.96
C ILE E 285 -48.51 19.87 -94.66
N TYR E 286 -49.06 20.44 -95.73
CA TYR E 286 -50.16 19.81 -96.48
C TYR E 286 -49.62 18.68 -97.34
N PRO E 287 -50.48 17.73 -97.72
CA PRO E 287 -50.05 16.62 -98.56
C PRO E 287 -49.35 17.07 -99.86
N GLN E 288 -49.81 18.18 -100.43
CA GLN E 288 -49.29 18.66 -101.71
C GLN E 288 -47.80 18.97 -101.57
N GLU E 289 -47.40 19.41 -100.39
CA GLU E 289 -46.00 19.72 -100.11
C GLU E 289 -45.17 18.46 -100.01
N MET E 290 -45.81 17.31 -99.93
CA MET E 290 -45.16 16.04 -99.64
C MET E 290 -45.15 15.08 -100.84
N GLN E 291 -45.86 15.47 -101.89
CA GLN E 291 -45.90 14.73 -103.16
C GLN E 291 -44.51 14.58 -103.77
N PRO E 292 -44.18 13.36 -104.24
CA PRO E 292 -42.87 13.02 -104.84
C PRO E 292 -42.41 14.02 -105.92
N GLU E 293 -43.32 14.37 -106.82
CA GLU E 293 -43.00 15.29 -107.90
C GLU E 293 -42.80 16.72 -107.37
N THR E 294 -43.42 17.02 -106.23
CA THR E 294 -43.27 18.34 -105.60
C THR E 294 -41.87 18.44 -104.97
N LEU E 295 -41.45 17.35 -104.35
CA LEU E 295 -40.13 17.27 -103.72
C LEU E 295 -39.03 17.22 -104.79
N GLN E 296 -39.30 16.52 -105.90
CA GLN E 296 -38.37 16.47 -107.06
C GLN E 296 -38.16 17.85 -107.68
N LYS E 297 -39.21 18.65 -107.70
CA LYS E 297 -39.13 20.01 -108.22
C LYS E 297 -38.26 20.90 -107.33
N LYS E 298 -38.42 20.73 -106.02
CA LYS E 298 -37.68 21.52 -105.02
C LYS E 298 -36.17 21.31 -105.18
N ILE E 299 -35.80 20.03 -105.23
CA ILE E 299 -34.44 19.57 -105.41
C ILE E 299 -33.83 20.12 -106.71
N SER E 300 -34.58 20.03 -107.81
CA SER E 300 -34.16 20.61 -109.12
C SER E 300 -33.90 22.09 -109.10
N GLU E 301 -34.69 22.84 -108.33
CA GLU E 301 -34.61 24.28 -108.35
C GLU E 301 -33.75 24.89 -107.26
N SER E 302 -33.47 24.12 -106.21
CA SER E 302 -32.69 24.62 -105.09
C SER E 302 -31.24 24.87 -105.52
N PRO E 303 -30.66 26.00 -105.11
CA PRO E 303 -29.27 26.31 -105.43
C PRO E 303 -28.31 25.34 -104.76
N LEU E 304 -28.74 24.75 -103.64
CA LEU E 304 -27.92 23.83 -102.87
C LEU E 304 -27.95 22.43 -103.42
N THR E 305 -29.01 22.07 -104.12
CA THR E 305 -29.17 20.68 -104.56
C THR E 305 -29.27 20.51 -106.07
N LYS E 306 -29.07 21.60 -106.83
CA LYS E 306 -29.23 21.63 -108.30
C LYS E 306 -28.46 20.54 -109.05
N ASP E 307 -27.16 20.46 -108.78
CA ASP E 307 -26.26 19.45 -109.34
C ASP E 307 -26.58 17.99 -108.95
N LYS E 308 -27.60 17.79 -108.12
CA LYS E 308 -27.96 16.45 -107.63
C LYS E 308 -29.41 16.04 -107.94
N ALA E 309 -30.02 16.77 -108.87
CA ALA E 309 -31.33 16.43 -109.41
C ALA E 309 -31.42 14.94 -109.78
N GLY E 310 -32.48 14.27 -109.33
CA GLY E 310 -32.70 12.86 -109.68
C GLY E 310 -32.00 11.87 -108.77
N GLN E 311 -31.34 12.38 -107.74
CA GLN E 311 -30.77 11.52 -106.70
C GLN E 311 -31.80 11.28 -105.59
N LYS E 312 -32.00 10.02 -105.22
CA LYS E 312 -32.89 9.65 -104.12
C LYS E 312 -32.37 10.23 -102.79
N PRO E 313 -33.21 11.07 -102.13
CA PRO E 313 -32.88 11.59 -100.80
C PRO E 313 -32.77 10.46 -99.77
N SER E 314 -31.79 10.60 -98.89
CA SER E 314 -31.44 9.55 -97.93
C SER E 314 -32.24 9.67 -96.62
N TYR E 315 -32.92 10.79 -96.42
CA TYR E 315 -33.59 11.09 -95.16
C TYR E 315 -34.71 12.08 -95.37
N CYS E 316 -35.73 11.93 -94.53
CA CYS E 316 -36.84 12.86 -94.48
C CYS E 316 -37.29 13.07 -93.04
N VAL E 317 -37.46 14.33 -92.63
CA VAL E 317 -37.96 14.57 -91.26
C VAL E 317 -39.18 15.49 -91.20
N VAL E 318 -40.16 15.05 -90.41
CA VAL E 318 -41.37 15.82 -90.08
C VAL E 318 -41.58 15.85 -88.57
N THR E 319 -41.76 17.04 -88.01
CA THR E 319 -42.06 17.21 -86.58
C THR E 319 -43.56 16.98 -86.29
N ASN E 320 -43.87 15.88 -85.60
CA ASN E 320 -45.24 15.54 -85.25
C ASN E 320 -45.27 15.05 -83.82
N CYS E 321 -45.95 15.73 -82.90
CA CYS E 321 -46.85 16.85 -83.17
C CYS E 321 -46.11 18.19 -83.19
N THR E 322 -46.74 19.24 -83.68
CA THR E 322 -46.19 20.59 -83.54
C THR E 322 -46.29 21.07 -82.09
N TYR E 323 -45.69 22.21 -81.81
CA TYR E 323 -45.62 22.73 -80.45
C TYR E 323 -47.01 23.11 -79.90
N ASP E 324 -47.94 23.53 -80.76
CA ASP E 324 -49.25 23.92 -80.31
C ASP E 324 -50.23 22.79 -80.43
N GLY E 325 -49.72 21.59 -80.68
CA GLY E 325 -50.54 20.39 -80.59
C GLY E 325 -51.21 19.97 -81.88
N VAL E 326 -50.74 20.49 -83.02
CA VAL E 326 -51.20 19.99 -84.31
C VAL E 326 -50.58 18.60 -84.56
N CYS E 327 -51.42 17.58 -84.78
CA CYS E 327 -50.95 16.21 -84.96
C CYS E 327 -51.27 15.71 -86.36
N TYR E 328 -50.29 15.17 -87.09
CA TYR E 328 -50.54 14.63 -88.47
C TYR E 328 -51.13 13.23 -88.43
N ASN E 329 -51.97 12.92 -89.42
CA ASN E 329 -52.27 11.55 -89.80
C ASN E 329 -50.97 10.99 -90.38
N ALA E 330 -50.22 10.27 -89.55
CA ALA E 330 -48.86 9.87 -89.86
C ALA E 330 -48.85 8.65 -90.76
N LYS E 331 -49.91 7.85 -90.67
CA LYS E 331 -50.18 6.78 -91.64
C LYS E 331 -50.20 7.36 -93.06
N GLU E 332 -50.95 8.44 -93.25
CA GLU E 332 -51.07 9.03 -94.57
C GLU E 332 -49.81 9.80 -94.98
N ALA E 333 -49.23 10.58 -94.06
CA ALA E 333 -47.93 11.21 -94.31
C ALA E 333 -46.85 10.19 -94.80
N GLN E 334 -46.76 9.04 -94.11
CA GLN E 334 -45.78 8.01 -94.45
C GLN E 334 -46.01 7.46 -95.85
N ASP E 335 -47.27 7.15 -96.15
CA ASP E 335 -47.70 6.69 -97.46
C ASP E 335 -47.21 7.60 -98.59
N LEU E 336 -47.28 8.91 -98.38
CA LEU E 336 -46.75 9.85 -99.35
C LEU E 336 -45.22 9.87 -99.35
N LEU E 337 -44.59 10.17 -98.22
CA LEU E 337 -43.14 10.39 -98.14
C LEU E 337 -42.24 9.18 -98.49
N GLU E 338 -42.76 7.98 -98.26
CA GLU E 338 -42.03 6.77 -98.57
C GLU E 338 -41.81 6.62 -100.08
N LYS E 339 -42.49 7.45 -100.87
CA LYS E 339 -42.30 7.45 -102.31
C LYS E 339 -41.04 8.22 -102.67
N THR E 340 -40.54 9.04 -101.75
CA THR E 340 -39.35 9.85 -102.03
C THR E 340 -38.12 9.33 -101.27
N SER E 341 -38.31 8.96 -100.01
CA SER E 341 -37.21 8.60 -99.13
C SER E 341 -37.51 7.28 -98.42
N ASP E 342 -36.51 6.41 -98.32
CA ASP E 342 -36.62 5.10 -97.64
C ASP E 342 -36.46 5.23 -96.13
N ARG E 343 -36.00 6.41 -95.69
CA ARG E 343 -35.86 6.75 -94.25
C ARG E 343 -36.71 7.93 -93.81
N LEU E 344 -37.66 7.65 -92.93
CA LEU E 344 -38.52 8.72 -92.42
C LEU E 344 -38.30 8.92 -90.94
N HIS E 345 -38.02 10.16 -90.57
CA HIS E 345 -37.87 10.53 -89.18
C HIS E 345 -39.05 11.38 -88.74
N PHE E 346 -39.83 10.87 -87.78
CA PHE E 346 -40.81 11.69 -87.09
C PHE E 346 -40.25 12.17 -85.78
N ASP E 347 -40.07 13.47 -85.68
CA ASP E 347 -39.64 14.07 -84.45
C ASP E 347 -40.80 14.28 -83.48
N GLU E 348 -40.99 13.30 -82.61
CA GLU E 348 -42.13 13.25 -81.68
C GLU E 348 -41.70 13.64 -80.26
N ALA E 349 -40.77 14.59 -80.17
CA ALA E 349 -40.20 14.95 -78.87
C ALA E 349 -41.25 15.30 -77.82
N TRP E 350 -42.29 16.01 -78.25
CA TRP E 350 -43.40 16.50 -77.42
C TRP E 350 -44.61 15.53 -77.38
N TYR E 351 -44.39 14.26 -77.70
CA TYR E 351 -45.50 13.43 -78.15
C TYR E 351 -45.35 11.95 -77.79
N GLY E 352 -44.58 11.66 -76.75
CA GLY E 352 -44.22 10.27 -76.45
C GLY E 352 -45.34 9.36 -75.98
N TYR E 353 -46.42 9.97 -75.52
CA TYR E 353 -47.56 9.30 -74.91
C TYR E 353 -48.62 8.86 -75.92
N ALA E 354 -48.47 9.31 -77.17
CA ALA E 354 -49.52 9.20 -78.20
C ALA E 354 -49.98 7.77 -78.47
N ARG E 355 -49.07 6.81 -78.44
CA ARG E 355 -49.45 5.42 -78.68
C ARG E 355 -50.42 4.78 -77.64
N PHE E 356 -50.53 5.39 -76.47
CA PHE E 356 -51.17 4.75 -75.31
C PHE E 356 -52.64 5.17 -75.06
N ASN E 357 -53.11 6.10 -75.89
CA ASN E 357 -54.50 6.50 -75.88
C ASN E 357 -55.14 6.44 -77.29
N PRO E 358 -56.29 5.76 -77.41
CA PRO E 358 -56.91 5.55 -78.71
C PRO E 358 -57.30 6.85 -79.44
N ILE E 359 -57.43 7.97 -78.73
CA ILE E 359 -57.81 9.22 -79.37
C ILE E 359 -56.78 9.73 -80.41
N TYR E 360 -55.57 9.18 -80.36
CA TYR E 360 -54.47 9.58 -81.24
C TYR E 360 -54.30 8.57 -82.38
N ALA E 361 -55.13 7.54 -82.43
CA ALA E 361 -55.08 6.53 -83.47
C ALA E 361 -54.67 7.09 -84.86
N ASP E 362 -53.66 6.43 -85.45
CA ASP E 362 -53.08 6.76 -86.78
C ASP E 362 -52.27 8.04 -86.82
N HIS E 363 -52.18 8.76 -85.71
CA HIS E 363 -51.52 10.06 -85.74
C HIS E 363 -50.11 10.12 -85.13
N TYR E 364 -49.43 8.96 -85.13
CA TYR E 364 -48.04 8.80 -84.62
C TYR E 364 -47.39 7.66 -85.43
N ALA E 365 -46.07 7.48 -85.27
CA ALA E 365 -45.32 6.54 -86.12
C ALA E 365 -45.50 5.07 -85.74
N MET E 366 -45.36 4.75 -84.47
CA MET E 366 -45.30 3.36 -84.05
C MET E 366 -46.69 2.79 -83.82
N ARG E 367 -47.47 2.69 -84.90
CA ARG E 367 -48.85 2.20 -84.85
C ARG E 367 -48.94 0.68 -84.83
N GLY E 368 -49.75 0.13 -83.93
CA GLY E 368 -49.96 -1.31 -83.88
C GLY E 368 -48.70 -2.04 -83.47
N GLU E 369 -48.61 -3.30 -83.87
CA GLU E 369 -47.42 -4.12 -83.59
C GLU E 369 -46.34 -3.97 -84.69
N PRO E 370 -45.05 -3.98 -84.29
CA PRO E 370 -43.93 -4.00 -85.26
C PRO E 370 -43.74 -5.38 -85.90
N GLY E 371 -42.95 -5.44 -86.97
CA GLY E 371 -42.64 -6.73 -87.58
C GLY E 371 -42.74 -6.78 -89.09
N ASP E 372 -43.63 -5.96 -89.67
CA ASP E 372 -43.67 -5.79 -91.12
C ASP E 372 -42.57 -4.84 -91.58
N HIS E 373 -41.53 -5.43 -92.17
CA HIS E 373 -40.36 -4.71 -92.64
C HIS E 373 -40.49 -4.32 -94.11
N ASN E 374 -41.70 -4.44 -94.64
CA ASN E 374 -41.97 -4.10 -96.04
C ASN E 374 -42.58 -2.70 -96.09
N GLY E 375 -41.72 -1.70 -95.90
CA GLY E 375 -42.09 -0.30 -95.90
C GLY E 375 -40.83 0.52 -95.68
N PRO E 376 -40.97 1.82 -95.40
CA PRO E 376 -39.72 2.53 -95.13
C PRO E 376 -39.16 2.20 -93.74
N THR E 377 -37.89 2.55 -93.50
CA THR E 377 -37.34 2.53 -92.16
C THR E 377 -37.85 3.82 -91.53
N VAL E 378 -38.47 3.68 -90.35
CA VAL E 378 -39.05 4.82 -89.65
C VAL E 378 -38.45 5.00 -88.25
N PHE E 379 -38.01 6.22 -87.98
CA PHE E 379 -37.48 6.64 -86.71
C PHE E 379 -38.48 7.55 -86.04
N ALA E 380 -38.59 7.43 -84.72
CA ALA E 380 -39.38 8.34 -83.90
C ALA E 380 -38.62 8.62 -82.63
N THR E 381 -38.45 9.90 -82.34
CA THR E 381 -37.68 10.35 -81.18
C THR E 381 -38.65 10.90 -80.15
N HIS E 382 -38.47 10.53 -78.89
CA HIS E 382 -39.25 11.10 -77.79
C HIS E 382 -38.33 11.71 -76.76
N SER E 383 -38.63 12.94 -76.36
CA SER E 383 -38.01 13.56 -75.20
C SER E 383 -38.81 13.08 -74.05
N THR E 384 -38.31 12.04 -73.41
CA THR E 384 -39.13 11.35 -72.47
C THR E 384 -39.45 12.19 -71.22
N HIS E 385 -38.62 13.21 -71.01
CA HIS E 385 -38.85 14.19 -69.97
C HIS E 385 -39.93 15.25 -70.29
N LYS E 386 -40.23 15.42 -71.56
CA LYS E 386 -41.17 16.47 -71.95
C LYS E 386 -42.59 16.08 -71.52
N LEU E 387 -43.18 15.07 -72.13
CA LEU E 387 -44.57 14.73 -71.83
C LEU E 387 -44.75 13.25 -71.46
N LEU E 388 -43.64 12.58 -71.14
CA LEU E 388 -43.72 11.37 -70.35
C LEU E 388 -43.12 11.72 -68.99
N ASN E 389 -42.90 10.72 -68.13
CA ASN E 389 -42.23 10.99 -66.84
C ASN E 389 -40.76 10.53 -66.84
N ALA E 390 -39.85 11.49 -66.95
CA ALA E 390 -38.42 11.21 -66.90
C ALA E 390 -37.71 12.50 -66.56
N LEU E 391 -36.51 12.36 -66.02
CA LEU E 391 -35.58 13.48 -65.81
C LEU E 391 -35.17 14.14 -67.13
N SER E 392 -34.88 15.42 -67.11
CA SER E 392 -34.32 16.08 -68.29
C SER E 392 -33.08 15.35 -68.85
N GLN E 393 -32.94 15.39 -70.18
CA GLN E 393 -31.89 14.72 -70.98
C GLN E 393 -32.21 13.29 -71.33
N ALA E 394 -33.19 12.69 -70.66
CA ALA E 394 -33.71 11.36 -71.09
C ALA E 394 -34.49 11.44 -72.43
N SER E 395 -34.18 10.48 -73.32
CA SER E 395 -34.71 10.44 -74.66
C SER E 395 -34.65 9.01 -75.18
N TYR E 396 -35.48 8.73 -76.20
CA TYR E 396 -35.44 7.44 -76.91
C TYR E 396 -35.40 7.65 -78.41
N ILE E 397 -34.68 6.76 -79.09
CA ILE E 397 -34.82 6.58 -80.53
C ILE E 397 -35.55 5.27 -80.70
N HIS E 398 -36.73 5.33 -81.33
CA HIS E 398 -37.49 4.15 -81.64
C HIS E 398 -37.41 3.90 -83.12
N VAL E 399 -37.19 2.64 -83.48
CA VAL E 399 -36.91 2.33 -84.86
C VAL E 399 -37.76 1.18 -85.36
N ARG E 400 -38.37 1.39 -86.52
CA ARG E 400 -38.92 0.27 -87.29
C ARG E 400 -38.10 0.05 -88.56
N GLU E 401 -37.64 -1.18 -88.74
CA GLU E 401 -36.75 -1.52 -89.84
C GLU E 401 -37.54 -1.73 -91.12
N GLY E 402 -37.20 -0.98 -92.16
CA GLY E 402 -37.71 -1.28 -93.51
C GLY E 402 -36.58 -1.28 -94.53
N ARG E 403 -36.86 -0.72 -95.72
CA ARG E 403 -35.88 -0.54 -96.78
C ARG E 403 -34.88 0.48 -96.28
N GLY E 404 -33.60 0.30 -96.65
CA GLY E 404 -32.54 1.18 -96.18
C GLY E 404 -32.18 1.07 -94.71
N ALA E 405 -32.61 0.00 -94.03
CA ALA E 405 -32.30 -0.22 -92.61
C ALA E 405 -30.79 -0.16 -92.29
N ILE E 406 -30.48 0.30 -91.08
CA ILE E 406 -29.12 0.49 -90.63
C ILE E 406 -28.90 -0.43 -89.43
N ASN E 407 -28.08 -1.47 -89.62
CA ASN E 407 -27.90 -2.49 -88.59
C ASN E 407 -27.23 -1.97 -87.33
N PHE E 408 -27.28 -2.77 -86.28
CA PHE E 408 -26.74 -2.38 -84.98
C PHE E 408 -25.27 -1.88 -85.09
N SER E 409 -24.41 -2.70 -85.69
CA SER E 409 -22.96 -2.36 -85.88
C SER E 409 -22.75 -1.00 -86.52
N ARG E 410 -23.55 -0.66 -87.52
CA ARG E 410 -23.47 0.61 -88.22
C ARG E 410 -24.05 1.76 -87.41
N PHE E 411 -25.24 1.54 -86.82
CA PHE E 411 -25.94 2.60 -86.09
C PHE E 411 -25.25 2.97 -84.77
N ASN E 412 -24.63 1.99 -84.11
CA ASN E 412 -23.95 2.30 -82.86
C ASN E 412 -22.78 3.26 -83.01
N GLN E 413 -22.18 3.31 -84.18
CA GLN E 413 -21.07 4.27 -84.34
C GLN E 413 -21.60 5.72 -84.35
N ALA E 414 -22.79 5.91 -84.91
CA ALA E 414 -23.48 7.20 -84.88
C ALA E 414 -23.89 7.47 -83.45
N TYR E 415 -24.38 6.44 -82.78
CA TYR E 415 -24.79 6.56 -81.39
C TYR E 415 -23.65 7.07 -80.52
N MET E 416 -22.50 6.38 -80.56
CA MET E 416 -21.37 6.72 -79.69
C MET E 416 -20.77 8.10 -80.03
N MET E 417 -20.90 8.49 -81.29
CA MET E 417 -20.40 9.77 -81.75
C MET E 417 -21.06 10.94 -81.02
N HIS E 418 -22.31 10.75 -80.58
CA HIS E 418 -23.05 11.82 -79.89
C HIS E 418 -23.39 11.52 -78.42
N ALA E 419 -22.62 10.59 -77.85
CA ALA E 419 -22.83 10.13 -76.49
C ALA E 419 -21.72 10.66 -75.56
N THR E 420 -21.87 10.42 -74.27
CA THR E 420 -20.77 10.59 -73.33
C THR E 420 -20.32 9.20 -72.84
N THR E 421 -19.01 9.02 -72.70
CA THR E 421 -18.50 7.77 -72.14
C THR E 421 -18.84 7.60 -70.64
N SER E 422 -19.34 8.65 -69.98
CA SER E 422 -19.75 8.57 -68.58
C SER E 422 -21.20 9.00 -68.38
N PRO E 423 -22.16 8.16 -68.81
CA PRO E 423 -23.58 8.53 -68.66
C PRO E 423 -23.96 8.54 -67.18
N LEU E 424 -24.83 9.46 -66.77
CA LEU E 424 -25.39 9.46 -65.41
C LEU E 424 -26.54 8.44 -65.33
N TYR E 425 -26.32 7.36 -64.57
CA TYR E 425 -27.27 6.25 -64.48
C TYR E 425 -28.62 6.67 -63.90
N ALA E 426 -28.64 7.75 -63.13
CA ALA E 426 -29.90 8.30 -62.61
C ALA E 426 -30.83 8.61 -63.80
N ILE E 427 -30.26 9.16 -64.89
CA ILE E 427 -31.05 9.52 -66.08
C ILE E 427 -31.60 8.25 -66.72
N CYS E 428 -30.74 7.25 -66.91
CA CYS E 428 -31.14 5.95 -67.50
C CYS E 428 -32.23 5.28 -66.67
N ALA E 429 -32.07 5.33 -65.35
CA ALA E 429 -33.07 4.76 -64.46
C ALA E 429 -34.47 5.42 -64.68
N SER E 430 -34.50 6.75 -64.77
CA SER E 430 -35.77 7.45 -65.01
C SER E 430 -36.37 7.10 -66.38
N ASN E 431 -35.51 6.88 -67.39
CA ASN E 431 -35.94 6.42 -68.70
C ASN E 431 -36.62 5.02 -68.68
N ASP E 432 -36.10 4.13 -67.85
CA ASP E 432 -36.63 2.79 -67.67
C ASP E 432 -38.01 2.86 -66.97
N VAL E 433 -38.14 3.72 -65.97
CA VAL E 433 -39.40 3.91 -65.27
C VAL E 433 -40.46 4.61 -66.16
N ALA E 434 -40.04 5.56 -66.99
CA ALA E 434 -40.93 6.15 -68.01
C ALA E 434 -41.72 5.08 -68.82
N VAL E 435 -41.03 3.99 -69.17
CA VAL E 435 -41.59 2.90 -69.95
C VAL E 435 -42.56 2.06 -69.11
N SER E 436 -42.10 1.63 -67.93
CA SER E 436 -42.91 0.96 -66.94
C SER E 436 -44.31 1.61 -66.77
N MET E 437 -44.32 2.92 -66.65
CA MET E 437 -45.57 3.67 -66.42
C MET E 437 -46.57 3.56 -67.58
N MET E 438 -46.08 3.35 -68.80
CA MET E 438 -46.93 3.28 -69.99
C MET E 438 -47.35 1.86 -70.30
N ASP E 439 -46.69 0.90 -69.64
CA ASP E 439 -46.91 -0.52 -69.88
C ASP E 439 -48.27 -0.99 -69.33
N GLY E 440 -49.09 -1.57 -70.21
CA GLY E 440 -50.37 -2.18 -69.84
C GLY E 440 -51.43 -1.14 -69.52
N ASN E 441 -52.34 -1.48 -68.62
CA ASN E 441 -53.47 -0.60 -68.33
C ASN E 441 -53.12 0.84 -67.91
N SER E 442 -51.93 1.03 -67.33
CA SER E 442 -51.62 2.34 -66.76
C SER E 442 -51.37 3.38 -67.84
N GLY E 443 -50.82 2.95 -68.97
CA GLY E 443 -50.65 3.86 -70.10
C GLY E 443 -51.97 4.51 -70.53
N LEU E 444 -52.98 3.68 -70.70
CA LEU E 444 -54.32 4.17 -71.05
C LEU E 444 -54.87 5.11 -69.98
N SER E 445 -54.79 4.66 -68.72
CA SER E 445 -55.32 5.39 -67.59
C SER E 445 -54.59 6.72 -67.36
N LEU E 446 -53.26 6.71 -67.46
CA LEU E 446 -52.52 7.95 -67.30
C LEU E 446 -52.80 8.98 -68.39
N THR E 447 -52.87 8.55 -69.66
CA THR E 447 -53.11 9.46 -70.80
C THR E 447 -54.54 10.01 -70.85
N GLN E 448 -55.52 9.16 -70.53
CA GLN E 448 -56.91 9.60 -70.38
C GLN E 448 -57.11 10.71 -69.33
N GLU E 449 -56.42 10.60 -68.19
CA GLU E 449 -56.57 11.62 -67.16
C GLU E 449 -56.07 13.01 -67.63
N VAL E 450 -55.08 13.01 -68.51
CA VAL E 450 -54.53 14.29 -68.95
C VAL E 450 -55.54 14.92 -69.88
N ILE E 451 -56.10 14.10 -70.75
CA ILE E 451 -57.15 14.50 -71.68
C ILE E 451 -58.39 14.99 -70.92
N ASP E 452 -58.86 14.20 -69.95
CA ASP E 452 -60.02 14.54 -69.11
C ASP E 452 -59.85 15.88 -68.40
N GLU E 453 -58.69 16.08 -67.79
CA GLU E 453 -58.37 17.38 -67.18
C GLU E 453 -58.38 18.52 -68.18
N ALA E 454 -57.74 18.34 -69.35
CA ALA E 454 -57.68 19.37 -70.41
C ALA E 454 -59.08 19.68 -70.94
N VAL E 455 -59.88 18.64 -71.17
CA VAL E 455 -61.26 18.85 -71.64
C VAL E 455 -62.11 19.62 -70.59
N ASP E 456 -61.98 19.28 -69.29
CA ASP E 456 -62.67 20.05 -68.25
C ASP E 456 -62.30 21.54 -68.28
N PHE E 457 -61.01 21.84 -68.41
CA PHE E 457 -60.53 23.23 -68.54
C PHE E 457 -61.18 23.89 -69.76
N ARG E 458 -61.10 23.22 -70.90
CA ARG E 458 -61.64 23.71 -72.17
C ARG E 458 -63.18 23.99 -72.09
N GLN E 459 -63.92 23.00 -71.61
CA GLN E 459 -65.36 23.13 -71.38
C GLN E 459 -65.68 24.25 -70.37
N ALA E 460 -64.93 24.32 -69.27
CA ALA E 460 -65.11 25.41 -68.32
C ALA E 460 -65.03 26.73 -69.04
N MET E 461 -63.94 26.93 -69.78
CA MET E 461 -63.69 28.21 -70.43
C MET E 461 -64.71 28.47 -71.54
N ALA E 462 -65.14 27.42 -72.23
CA ALA E 462 -66.12 27.60 -73.29
C ALA E 462 -67.46 28.08 -72.70
N ARG E 463 -67.84 27.48 -71.56
CA ARG E 463 -69.04 27.85 -70.84
C ARG E 463 -68.97 29.28 -70.33
N LEU E 464 -67.84 29.65 -69.74
CA LEU E 464 -67.68 31.01 -69.28
C LEU E 464 -67.74 32.00 -70.43
N TYR E 465 -67.15 31.64 -71.56
CA TYR E 465 -67.06 32.56 -72.68
C TYR E 465 -68.48 32.86 -73.19
N LYS E 466 -69.29 31.82 -73.30
CA LYS E 466 -70.70 31.91 -73.64
C LYS E 466 -71.49 32.76 -72.64
N GLU E 467 -71.25 32.53 -71.36
CA GLU E 467 -71.92 33.31 -70.34
C GLU E 467 -71.57 34.80 -70.41
N PHE E 468 -70.28 35.11 -70.49
CA PHE E 468 -69.82 36.50 -70.63
C PHE E 468 -70.36 37.19 -71.88
N THR E 469 -70.39 36.44 -72.98
CA THR E 469 -70.79 36.93 -74.28
C THR E 469 -72.28 37.27 -74.32
N ALA E 470 -73.12 36.35 -73.83
CA ALA E 470 -74.57 36.59 -73.74
C ALA E 470 -74.87 37.82 -72.88
N ASP E 471 -73.97 38.11 -71.95
CA ASP E 471 -74.09 39.25 -71.05
C ASP E 471 -73.40 40.52 -71.61
N GLY E 472 -73.00 40.45 -72.88
CA GLY E 472 -72.40 41.59 -73.58
C GLY E 472 -71.02 42.01 -73.06
N SER E 473 -70.21 41.01 -72.71
CA SER E 473 -68.88 41.25 -72.15
C SER E 473 -67.86 40.35 -72.83
N TRP E 474 -66.59 40.76 -72.84
CA TRP E 474 -65.57 39.94 -73.52
C TRP E 474 -65.10 38.81 -72.60
N PHE E 475 -64.63 37.71 -73.19
CA PHE E 475 -63.87 36.73 -72.43
C PHE E 475 -62.87 35.91 -73.30
N PHE E 476 -61.95 35.21 -72.66
CA PHE E 476 -61.03 34.30 -73.37
C PHE E 476 -61.79 33.10 -73.87
N LYS E 477 -61.33 32.51 -74.96
CA LYS E 477 -61.97 31.32 -75.50
C LYS E 477 -60.97 30.24 -75.86
N PRO E 478 -61.37 28.97 -75.67
CA PRO E 478 -60.45 27.90 -75.94
C PRO E 478 -60.32 27.71 -77.43
N TRP E 479 -59.11 27.38 -77.88
CA TRP E 479 -58.87 27.00 -79.27
C TRP E 479 -59.10 25.48 -79.48
N ASN E 480 -60.30 25.16 -79.97
CA ASN E 480 -60.70 23.81 -80.32
C ASN E 480 -61.93 23.89 -81.22
N LYS E 481 -62.41 22.75 -81.69
CA LYS E 481 -63.63 22.72 -82.47
C LYS E 481 -64.79 23.42 -81.75
N GLU E 482 -65.74 23.96 -82.53
CA GLU E 482 -66.86 24.74 -81.99
C GLU E 482 -68.14 23.92 -81.87
N VAL E 483 -68.36 23.07 -82.88
CA VAL E 483 -69.55 22.23 -82.98
C VAL E 483 -69.07 20.83 -83.24
N VAL E 484 -69.57 19.90 -82.45
CA VAL E 484 -69.01 18.58 -82.35
C VAL E 484 -70.15 17.60 -82.65
N THR E 485 -69.86 16.47 -83.28
CA THR E 485 -70.89 15.50 -83.66
C THR E 485 -70.65 14.17 -82.99
N ASP E 486 -71.72 13.56 -82.48
CA ASP E 486 -71.62 12.26 -81.88
C ASP E 486 -71.89 11.29 -82.99
N PRO E 487 -70.90 10.48 -83.38
CA PRO E 487 -71.15 9.55 -84.48
C PRO E 487 -72.15 8.43 -84.16
N GLN E 488 -72.39 8.11 -82.90
CA GLN E 488 -73.35 7.05 -82.58
C GLN E 488 -74.77 7.49 -82.97
N THR E 489 -75.27 8.50 -82.27
CA THR E 489 -76.49 9.21 -82.61
C THR E 489 -76.03 10.10 -83.74
N GLY E 490 -76.84 10.99 -84.29
CA GLY E 490 -76.26 11.96 -85.24
C GLY E 490 -76.13 13.37 -84.65
N LYS E 491 -76.31 13.46 -83.32
CA LYS E 491 -76.47 14.75 -82.62
C LYS E 491 -75.24 15.61 -82.65
N THR E 492 -75.47 16.91 -82.55
CA THR E 492 -74.49 17.92 -82.83
C THR E 492 -74.51 18.91 -81.65
N TYR E 493 -73.33 19.31 -81.16
CA TYR E 493 -73.27 20.06 -79.92
C TYR E 493 -72.32 21.22 -80.01
N ASP E 494 -72.64 22.31 -79.33
CA ASP E 494 -71.65 23.34 -79.04
C ASP E 494 -70.64 22.71 -78.08
N PHE E 495 -69.35 22.96 -78.30
CA PHE E 495 -68.30 22.41 -77.42
C PHE E 495 -68.69 22.46 -75.93
N ALA E 496 -69.06 23.65 -75.45
CA ALA E 496 -69.58 23.87 -74.06
C ALA E 496 -70.68 22.90 -73.60
N ASP E 497 -71.57 22.50 -74.52
CA ASP E 497 -72.68 21.60 -74.20
C ASP E 497 -72.39 20.11 -74.47
N ALA E 498 -71.28 19.78 -75.11
CA ALA E 498 -71.02 18.38 -75.49
C ALA E 498 -70.89 17.46 -74.26
N PRO E 499 -71.35 16.20 -74.39
CA PRO E 499 -71.09 15.26 -73.31
C PRO E 499 -69.57 15.05 -73.24
N THR E 500 -69.04 14.97 -72.02
CA THR E 500 -67.63 15.07 -71.85
C THR E 500 -66.96 13.81 -72.38
N LYS E 501 -67.63 12.69 -72.16
CA LYS E 501 -67.23 11.39 -72.71
C LYS E 501 -67.05 11.42 -74.23
N LEU E 502 -67.87 12.19 -74.95
CA LEU E 502 -67.71 12.35 -76.40
C LEU E 502 -66.39 13.06 -76.72
N LEU E 503 -66.20 14.23 -76.11
CA LEU E 503 -65.02 15.03 -76.35
C LEU E 503 -63.69 14.32 -75.97
N THR E 504 -63.70 13.51 -74.91
CA THR E 504 -62.49 12.86 -74.39
C THR E 504 -62.21 11.49 -75.02
N THR E 505 -63.13 11.00 -75.86
CA THR E 505 -62.91 9.67 -76.39
C THR E 505 -63.05 9.56 -77.90
N VAL E 506 -63.61 10.58 -78.54
CA VAL E 506 -63.91 10.48 -79.96
C VAL E 506 -63.01 11.39 -80.78
N GLN E 507 -62.15 10.77 -81.60
CA GLN E 507 -61.14 11.51 -82.32
C GLN E 507 -61.74 12.57 -83.25
N ASP E 508 -62.90 12.27 -83.84
CA ASP E 508 -63.54 13.21 -84.77
C ASP E 508 -63.78 14.58 -84.15
N CYS E 509 -64.01 14.64 -82.85
CA CYS E 509 -64.08 15.93 -82.16
C CYS E 509 -62.83 16.82 -82.27
N TRP E 510 -61.71 16.25 -82.73
CA TRP E 510 -60.44 17.00 -82.76
C TRP E 510 -59.92 17.18 -84.19
N VAL E 511 -60.54 16.47 -85.13
CA VAL E 511 -60.08 16.50 -86.52
C VAL E 511 -60.41 17.84 -87.21
N MET E 512 -59.39 18.41 -87.84
CA MET E 512 -59.53 19.60 -88.64
C MET E 512 -60.14 19.24 -90.02
N HIS E 513 -61.44 19.52 -90.16
CA HIS E 513 -62.16 19.26 -91.39
C HIS E 513 -62.11 20.51 -92.22
N PRO E 514 -62.05 20.36 -93.54
CA PRO E 514 -62.20 21.59 -94.33
C PRO E 514 -63.63 22.14 -94.18
N GLY E 515 -63.78 23.46 -94.22
CA GLY E 515 -65.09 24.06 -93.97
C GLY E 515 -65.18 24.65 -92.57
N GLU E 516 -64.45 24.07 -91.61
CA GLU E 516 -64.46 24.55 -90.23
C GLU E 516 -63.52 25.73 -90.12
N SER E 517 -63.98 26.79 -89.45
CA SER E 517 -63.19 28.01 -89.36
C SER E 517 -62.38 28.10 -88.05
N TRP E 518 -62.66 27.20 -87.11
CA TRP E 518 -61.98 27.26 -85.83
C TRP E 518 -60.46 27.13 -85.97
N HIS E 519 -60.00 26.12 -86.71
CA HIS E 519 -58.56 25.85 -86.81
C HIS E 519 -57.78 26.90 -87.62
N GLY E 520 -58.45 27.53 -88.58
CA GLY E 520 -57.83 28.64 -89.30
C GLY E 520 -56.85 28.29 -90.42
N PHE E 521 -56.68 26.99 -90.70
CA PHE E 521 -55.85 26.53 -91.82
C PHE E 521 -56.69 26.42 -93.08
N LYS E 522 -56.56 27.42 -93.94
CA LYS E 522 -57.29 27.54 -95.22
C LYS E 522 -57.04 26.37 -96.16
N ASP E 523 -58.10 25.78 -96.72
CA ASP E 523 -57.99 24.72 -97.74
C ASP E 523 -57.24 23.44 -97.29
N ILE E 524 -57.21 23.19 -95.99
CA ILE E 524 -56.66 21.94 -95.45
C ILE E 524 -57.42 20.75 -96.04
N PRO E 525 -56.70 19.70 -96.50
CA PRO E 525 -57.41 18.48 -96.89
C PRO E 525 -57.94 17.75 -95.66
N ASP E 526 -58.94 16.89 -95.87
CA ASP E 526 -59.60 16.20 -94.76
C ASP E 526 -58.77 15.03 -94.26
N ASN E 527 -59.00 14.67 -92.99
CA ASN E 527 -58.38 13.49 -92.36
C ASN E 527 -56.85 13.57 -92.41
N TRP E 528 -56.34 14.80 -92.25
CA TRP E 528 -54.92 15.08 -92.35
C TRP E 528 -54.30 15.43 -91.00
N SER E 529 -55.00 16.22 -90.20
CA SER E 529 -54.51 16.56 -88.89
C SER E 529 -55.63 16.72 -87.87
N MET E 530 -55.26 16.66 -86.61
CA MET E 530 -56.17 16.76 -85.49
C MET E 530 -55.51 17.69 -84.46
N LEU E 531 -56.29 18.13 -83.48
CA LEU E 531 -55.75 18.91 -82.38
C LEU E 531 -55.58 17.98 -81.20
N ASP E 532 -54.42 18.00 -80.57
CA ASP E 532 -54.21 17.28 -79.32
C ASP E 532 -55.03 17.96 -78.20
N PRO E 533 -55.95 17.22 -77.55
CA PRO E 533 -56.68 17.75 -76.40
C PRO E 533 -55.82 18.41 -75.30
N ILE E 534 -54.66 17.82 -75.01
CA ILE E 534 -53.85 18.21 -73.84
C ILE E 534 -53.03 19.51 -73.99
N LYS E 535 -52.90 19.99 -75.23
CA LYS E 535 -52.16 21.24 -75.45
C LYS E 535 -53.18 22.36 -75.59
N VAL E 536 -53.53 22.98 -74.47
CA VAL E 536 -54.65 23.92 -74.46
C VAL E 536 -54.26 25.36 -74.75
N SER E 537 -54.70 25.83 -75.92
CA SER E 537 -54.61 27.23 -76.28
C SER E 537 -55.88 27.98 -75.91
N ILE E 538 -55.68 29.16 -75.35
CA ILE E 538 -56.73 30.08 -74.96
C ILE E 538 -56.57 31.34 -75.83
N LEU E 539 -57.69 31.86 -76.34
CA LEU E 539 -57.66 33.02 -77.23
C LEU E 539 -58.19 34.28 -76.57
N ALA E 540 -57.33 35.28 -76.45
CA ALA E 540 -57.76 36.63 -76.10
C ALA E 540 -58.50 37.24 -77.32
N PRO E 541 -59.44 38.20 -77.07
CA PRO E 541 -60.14 38.81 -78.20
C PRO E 541 -59.27 39.85 -78.93
N GLY E 542 -59.51 40.00 -80.23
CA GLY E 542 -58.85 41.03 -81.03
C GLY E 542 -58.69 40.65 -82.50
N MET E 543 -58.77 39.36 -82.79
CA MET E 543 -58.48 38.84 -84.14
C MET E 543 -59.71 38.24 -84.79
N GLY E 544 -60.16 38.88 -85.87
CA GLY E 544 -61.42 38.51 -86.53
C GLY E 544 -61.35 37.17 -87.24
N GLU E 545 -62.48 36.49 -87.38
CA GLU E 545 -62.49 35.18 -88.04
C GLU E 545 -62.05 35.22 -89.50
N ASP E 546 -62.03 36.43 -90.06
CA ASP E 546 -61.66 36.65 -91.46
C ASP E 546 -60.17 36.96 -91.61
N GLY E 547 -59.45 36.93 -90.49
CA GLY E 547 -58.00 37.09 -90.47
C GLY E 547 -57.56 38.50 -90.21
N GLU E 548 -58.53 39.40 -89.96
CA GLU E 548 -58.23 40.82 -89.74
C GLU E 548 -58.46 41.21 -88.29
N LEU E 549 -57.66 42.16 -87.80
CA LEU E 549 -57.82 42.65 -86.44
C LEU E 549 -59.20 43.28 -86.25
N GLU E 550 -59.71 43.19 -85.04
CA GLU E 550 -61.01 43.75 -84.72
C GLU E 550 -60.88 45.22 -84.32
N GLU E 551 -61.96 45.81 -83.80
CA GLU E 551 -61.93 47.22 -83.48
C GLU E 551 -61.19 47.45 -82.18
N THR E 552 -61.35 46.49 -81.26
CA THR E 552 -60.65 46.45 -79.97
C THR E 552 -60.24 45.02 -79.66
N GLY E 553 -59.40 44.86 -78.65
CA GLY E 553 -58.90 43.55 -78.31
C GLY E 553 -58.03 43.61 -77.09
N VAL E 554 -57.73 42.44 -76.54
CA VAL E 554 -56.96 42.30 -75.32
C VAL E 554 -55.72 41.49 -75.66
N PRO E 555 -54.56 42.15 -75.73
CA PRO E 555 -53.35 41.47 -76.17
C PRO E 555 -52.80 40.50 -75.12
N ALA E 556 -52.51 39.29 -75.55
CA ALA E 556 -52.02 38.21 -74.69
C ALA E 556 -50.81 38.62 -73.84
N ALA E 557 -49.89 39.39 -74.43
CA ALA E 557 -48.66 39.83 -73.76
C ALA E 557 -48.91 40.31 -72.33
N LEU E 558 -50.01 41.04 -72.19
CA LEU E 558 -50.44 41.62 -70.93
C LEU E 558 -51.01 40.56 -69.96
N VAL E 559 -51.74 39.60 -70.54
CA VAL E 559 -52.39 38.55 -69.79
C VAL E 559 -51.30 37.65 -69.23
N THR E 560 -50.36 37.32 -70.12
CA THR E 560 -49.17 36.54 -69.79
C THR E 560 -48.41 37.18 -68.66
N ALA E 561 -48.09 38.47 -68.81
CA ALA E 561 -47.39 39.21 -67.78
C ALA E 561 -48.09 39.07 -66.46
N TRP E 562 -49.42 39.16 -66.50
CA TRP E 562 -50.25 39.06 -65.31
C TRP E 562 -50.22 37.66 -64.70
N LEU E 563 -50.19 36.65 -65.57
CA LEU E 563 -50.05 35.26 -65.14
C LEU E 563 -48.72 35.06 -64.40
N GLY E 564 -47.62 35.50 -65.02
CA GLY E 564 -46.27 35.47 -64.41
C GLY E 564 -46.23 35.97 -62.96
N ARG E 565 -46.94 37.06 -62.68
CA ARG E 565 -47.10 37.60 -61.34
C ARG E 565 -47.75 36.65 -60.33
N HIS E 566 -48.57 35.73 -60.81
CA HIS E 566 -49.29 34.82 -59.91
C HIS E 566 -48.60 33.48 -59.85
N GLY E 567 -47.42 33.43 -60.46
CA GLY E 567 -46.60 32.24 -60.49
C GLY E 567 -47.31 31.26 -61.38
N ILE E 568 -47.50 31.63 -62.66
CA ILE E 568 -48.00 30.76 -63.72
C ILE E 568 -47.31 31.22 -64.98
N VAL E 569 -46.71 30.28 -65.71
CA VAL E 569 -46.01 30.61 -66.94
C VAL E 569 -46.48 29.72 -68.09
N PRO E 570 -47.29 30.28 -69.01
CA PRO E 570 -47.59 29.53 -70.23
C PRO E 570 -46.30 29.16 -70.96
N THR E 571 -46.34 28.05 -71.71
CA THR E 571 -45.23 27.67 -72.58
C THR E 571 -45.13 28.63 -73.74
N ARG E 572 -46.22 28.78 -74.48
CA ARG E 572 -46.27 29.69 -75.63
C ARG E 572 -47.20 30.90 -75.43
N THR E 573 -46.80 32.04 -76.03
CA THR E 573 -47.60 33.24 -76.05
C THR E 573 -47.39 33.97 -77.38
N THR E 574 -48.35 33.83 -78.30
CA THR E 574 -48.41 34.69 -79.51
C THR E 574 -49.13 36.03 -79.22
N ASP E 575 -49.70 36.64 -80.26
CA ASP E 575 -50.39 37.94 -80.14
C ASP E 575 -51.68 37.88 -79.31
N PHE E 576 -52.45 36.82 -79.51
CA PHE E 576 -53.71 36.61 -78.82
C PHE E 576 -53.84 35.21 -78.24
N GLN E 577 -52.81 34.39 -78.44
CA GLN E 577 -52.86 33.00 -78.02
C GLN E 577 -51.94 32.77 -76.83
N ILE E 578 -52.39 31.91 -75.92
CA ILE E 578 -51.67 31.57 -74.69
C ILE E 578 -51.85 30.08 -74.48
N MET E 579 -50.77 29.33 -74.56
CA MET E 579 -50.89 27.91 -74.44
C MET E 579 -50.45 27.34 -73.09
N PHE E 580 -51.27 26.46 -72.55
CA PHE E 580 -50.99 25.76 -71.33
C PHE E 580 -50.81 24.27 -71.60
N LEU E 581 -49.66 23.76 -71.17
CA LEU E 581 -49.31 22.36 -71.27
C LEU E 581 -49.98 21.57 -70.14
N PHE E 582 -50.82 20.61 -70.50
CA PHE E 582 -51.28 19.64 -69.53
C PHE E 582 -50.39 18.41 -69.65
N SER E 583 -50.00 17.82 -68.54
CA SER E 583 -49.22 16.60 -68.55
C SER E 583 -49.63 15.66 -67.42
N MET E 584 -49.10 14.44 -67.46
CA MET E 584 -49.34 13.40 -66.45
C MET E 584 -48.92 13.81 -65.04
N GLY E 585 -48.17 14.91 -64.93
CA GLY E 585 -47.73 15.38 -63.62
C GLY E 585 -48.72 16.32 -62.95
N VAL E 586 -49.74 16.74 -63.69
CA VAL E 586 -50.69 17.71 -63.14
C VAL E 586 -51.69 16.97 -62.27
N THR E 587 -52.16 17.64 -61.21
CA THR E 587 -53.13 17.04 -60.31
C THR E 587 -54.54 17.55 -60.69
N ARG E 588 -55.56 16.78 -60.34
CA ARG E 588 -56.92 17.06 -60.76
C ARG E 588 -57.44 18.37 -60.21
N GLY E 589 -58.07 19.16 -61.08
CA GLY E 589 -58.67 20.43 -60.69
C GLY E 589 -57.73 21.60 -60.55
N LYS E 590 -56.45 21.36 -60.70
CA LYS E 590 -55.44 22.42 -60.71
C LYS E 590 -55.76 23.51 -61.76
N TRP E 591 -56.47 23.16 -62.84
CA TRP E 591 -56.80 24.15 -63.87
C TRP E 591 -57.73 25.28 -63.39
N GLY E 592 -58.44 25.03 -62.28
CA GLY E 592 -59.31 26.03 -61.66
C GLY E 592 -58.53 27.25 -61.28
N THR E 593 -57.27 27.02 -60.89
CA THR E 593 -56.34 28.09 -60.62
C THR E 593 -56.16 29.01 -61.87
N LEU E 594 -56.23 28.43 -63.07
CA LEU E 594 -56.11 29.19 -64.31
C LEU E 594 -57.34 30.04 -64.59
N VAL E 595 -58.50 29.40 -64.54
CA VAL E 595 -59.79 30.11 -64.63
C VAL E 595 -59.82 31.30 -63.66
N ASN E 596 -59.46 31.05 -62.40
CA ASN E 596 -59.44 32.09 -61.37
C ASN E 596 -58.51 33.27 -61.71
N THR E 597 -57.31 32.97 -62.20
CA THR E 597 -56.35 34.01 -62.54
C THR E 597 -56.79 34.76 -63.78
N LEU E 598 -57.38 34.05 -64.74
CA LEU E 598 -57.89 34.74 -65.93
C LEU E 598 -59.06 35.64 -65.57
N CYS E 599 -59.96 35.15 -64.73
CA CYS E 599 -61.08 35.95 -64.22
C CYS E 599 -60.64 37.19 -63.50
N SER E 600 -59.63 37.08 -62.64
CA SER E 600 -59.18 38.26 -61.88
C SER E 600 -58.47 39.24 -62.81
N PHE E 601 -57.84 38.73 -63.87
CA PHE E 601 -57.29 39.60 -64.90
C PHE E 601 -58.38 40.42 -65.55
N LYS E 602 -59.44 39.75 -66.00
CA LYS E 602 -60.58 40.46 -66.60
C LYS E 602 -61.19 41.50 -65.65
N ARG E 603 -61.34 41.17 -64.38
CA ARG E 603 -61.87 42.10 -63.43
C ARG E 603 -61.02 43.40 -63.37
N HIS E 604 -59.70 43.29 -63.28
CA HIS E 604 -58.84 44.48 -63.23
C HIS E 604 -58.79 45.21 -64.56
N TYR E 605 -58.90 44.47 -65.66
CA TYR E 605 -58.92 45.05 -67.00
C TYR E 605 -60.13 45.96 -67.16
N ASP E 606 -61.31 45.42 -66.82
CA ASP E 606 -62.58 46.15 -66.89
C ASP E 606 -62.62 47.36 -65.95
N ALA E 607 -62.07 47.19 -64.75
CA ALA E 607 -61.94 48.26 -63.77
C ALA E 607 -60.81 49.24 -64.11
N ASN E 608 -60.00 48.91 -65.12
CA ASN E 608 -58.79 49.66 -65.49
C ASN E 608 -57.93 50.06 -64.28
N THR E 609 -57.41 49.06 -63.59
CA THR E 609 -56.68 49.32 -62.35
C THR E 609 -55.30 49.92 -62.61
N PRO E 610 -54.92 50.97 -61.85
CA PRO E 610 -53.58 51.52 -62.02
C PRO E 610 -52.50 50.44 -62.06
N LEU E 611 -51.58 50.57 -63.02
CA LEU E 611 -50.45 49.65 -63.12
C LEU E 611 -49.57 49.66 -61.86
N ALA E 612 -49.62 50.76 -61.10
CA ALA E 612 -48.87 50.86 -59.85
C ALA E 612 -49.36 49.84 -58.81
N GLN E 613 -50.50 49.21 -59.09
CA GLN E 613 -51.09 48.24 -58.18
C GLN E 613 -51.10 46.82 -58.76
N VAL E 614 -51.38 46.68 -60.05
CA VAL E 614 -51.41 45.35 -60.67
C VAL E 614 -50.10 44.94 -61.39
N MET E 615 -49.23 45.91 -61.65
CA MET E 615 -47.89 45.62 -62.17
C MET E 615 -46.85 46.56 -61.58
N PRO E 616 -46.57 46.38 -60.27
CA PRO E 616 -45.67 47.29 -59.55
C PRO E 616 -44.24 47.28 -60.13
N GLU E 617 -43.67 46.07 -60.26
CA GLU E 617 -42.32 45.85 -60.80
C GLU E 617 -42.08 46.58 -62.13
N LEU E 618 -43.03 46.45 -63.04
CA LEU E 618 -42.98 47.09 -64.33
C LEU E 618 -42.89 48.62 -64.20
N VAL E 619 -43.72 49.19 -63.33
CA VAL E 619 -43.78 50.63 -63.09
C VAL E 619 -42.55 51.08 -62.31
N GLU E 620 -42.11 50.22 -61.38
CA GLU E 620 -40.89 50.41 -60.63
C GLU E 620 -39.73 50.58 -61.62
N GLN E 621 -39.62 49.63 -62.55
CA GLN E 621 -38.52 49.62 -63.51
C GLN E 621 -38.60 50.65 -64.65
N TYR E 622 -39.81 50.91 -65.16
CA TYR E 622 -39.96 51.88 -66.25
C TYR E 622 -40.97 52.97 -65.92
N PRO E 623 -40.63 53.84 -64.94
CA PRO E 623 -41.58 54.79 -64.35
C PRO E 623 -42.09 55.82 -65.35
N ASP E 624 -41.25 56.18 -66.31
CA ASP E 624 -41.59 57.24 -67.25
C ASP E 624 -42.43 56.75 -68.42
N THR E 625 -42.56 55.42 -68.59
CA THR E 625 -43.32 54.84 -69.71
C THR E 625 -44.74 54.46 -69.30
N TYR E 626 -44.92 54.12 -68.03
CA TYR E 626 -46.13 53.48 -67.54
C TYR E 626 -46.84 54.23 -66.40
N ALA E 627 -46.27 55.36 -65.97
CA ALA E 627 -46.90 56.23 -64.95
C ALA E 627 -48.29 56.71 -65.41
N ASN E 628 -49.21 56.81 -64.46
CA ASN E 628 -50.57 57.30 -64.73
C ASN E 628 -51.41 56.36 -65.60
N MET E 629 -50.88 55.19 -65.93
CA MET E 629 -51.57 54.25 -66.81
C MET E 629 -52.34 53.20 -66.03
N GLY E 630 -53.58 52.93 -66.44
CA GLY E 630 -54.30 51.76 -65.97
C GLY E 630 -53.94 50.57 -66.85
N ILE E 631 -54.48 49.40 -66.53
CA ILE E 631 -54.18 48.21 -67.32
C ILE E 631 -54.95 48.16 -68.64
N HIS E 632 -56.17 48.70 -68.68
CA HIS E 632 -56.94 48.80 -69.93
C HIS E 632 -56.25 49.82 -70.84
N ASP E 633 -55.72 50.88 -70.22
CA ASP E 633 -54.95 51.88 -70.97
C ASP E 633 -53.80 51.24 -71.74
N LEU E 634 -53.05 50.36 -71.07
CA LEU E 634 -51.92 49.69 -71.69
C LEU E 634 -52.41 48.74 -72.77
N GLY E 635 -53.47 47.97 -72.45
CA GLY E 635 -54.10 47.09 -73.42
C GLY E 635 -54.50 47.81 -74.68
N ASP E 636 -55.16 48.95 -74.53
CA ASP E 636 -55.58 49.80 -75.65
C ASP E 636 -54.39 50.29 -76.47
N THR E 637 -53.38 50.82 -75.79
CA THR E 637 -52.15 51.29 -76.45
C THR E 637 -51.46 50.18 -77.23
N MET E 638 -51.26 49.04 -76.57
CA MET E 638 -50.76 47.83 -77.23
C MET E 638 -51.59 47.38 -78.43
N PHE E 639 -52.92 47.41 -78.29
CA PHE E 639 -53.79 46.97 -79.39
C PHE E 639 -53.72 47.94 -80.57
N ALA E 640 -53.63 49.23 -80.27
CA ALA E 640 -53.42 50.26 -81.28
C ALA E 640 -52.12 50.04 -82.08
N TRP E 641 -51.02 49.70 -81.40
CA TRP E 641 -49.79 49.36 -82.08
C TRP E 641 -49.99 48.24 -83.10
N LEU E 642 -50.72 47.20 -82.70
CA LEU E 642 -51.07 46.09 -83.59
C LEU E 642 -51.87 46.55 -84.80
N LYS E 643 -52.92 47.33 -84.56
CA LYS E 643 -53.73 47.95 -85.62
C LYS E 643 -52.88 48.77 -86.61
N GLU E 644 -51.90 49.48 -86.06
CA GLU E 644 -51.09 50.39 -86.84
C GLU E 644 -50.00 49.64 -87.63
N ASN E 645 -49.32 48.68 -86.99
CA ASN E 645 -48.20 48.01 -87.61
C ASN E 645 -48.46 46.65 -88.26
N ASN E 646 -49.63 46.08 -87.97
CA ASN E 646 -50.11 44.82 -88.57
C ASN E 646 -49.02 43.74 -88.70
N PRO E 647 -48.50 43.26 -87.54
CA PRO E 647 -47.41 42.29 -87.52
C PRO E 647 -47.85 40.91 -88.00
N GLY E 648 -49.15 40.63 -87.89
CA GLY E 648 -49.70 39.42 -88.45
C GLY E 648 -49.38 39.30 -89.93
N ALA E 649 -49.52 40.39 -90.69
CA ALA E 649 -49.18 40.35 -92.11
C ALA E 649 -47.67 40.28 -92.36
N ARG E 650 -46.89 40.94 -91.50
CA ARG E 650 -45.43 40.90 -91.56
C ARG E 650 -44.93 39.47 -91.35
N LEU E 651 -45.36 38.84 -90.26
CA LEU E 651 -45.13 37.41 -90.03
C LEU E 651 -45.44 36.61 -91.29
N ASN E 652 -46.64 36.77 -91.83
CA ASN E 652 -46.97 36.05 -93.06
C ASN E 652 -46.09 36.35 -94.27
N GLU E 653 -45.80 37.63 -94.52
CA GLU E 653 -44.83 38.05 -95.52
C GLU E 653 -43.49 37.28 -95.31
N ALA E 654 -42.98 37.32 -94.08
CA ALA E 654 -41.69 36.71 -93.75
C ALA E 654 -41.61 35.18 -93.93
N TYR E 655 -42.76 34.51 -93.91
CA TYR E 655 -42.81 33.05 -93.98
C TYR E 655 -43.41 32.47 -95.26
N SER E 656 -43.83 33.32 -96.19
CA SER E 656 -44.53 32.82 -97.39
C SER E 656 -43.59 32.17 -98.41
N GLY E 657 -42.53 32.89 -98.77
CA GLY E 657 -41.54 32.34 -99.69
C GLY E 657 -40.25 32.10 -98.94
N LEU E 658 -39.69 30.89 -99.08
CA LEU E 658 -38.43 30.54 -98.42
C LEU E 658 -37.30 31.48 -98.83
N PRO E 659 -36.47 31.92 -97.88
CA PRO E 659 -35.31 32.74 -98.21
C PRO E 659 -34.33 31.99 -99.13
N VAL E 660 -33.57 32.72 -99.95
CA VAL E 660 -32.67 32.07 -100.90
C VAL E 660 -31.47 31.46 -100.17
N ALA E 661 -31.28 30.17 -100.39
CA ALA E 661 -30.19 29.44 -99.76
C ALA E 661 -28.90 29.61 -100.56
N GLU E 662 -27.98 30.42 -100.05
CA GLU E 662 -26.71 30.61 -100.76
C GLU E 662 -25.72 29.46 -100.56
N VAL E 663 -25.52 29.06 -99.31
CA VAL E 663 -24.60 27.98 -98.97
C VAL E 663 -25.27 27.04 -97.99
N THR E 664 -24.76 25.82 -97.85
CA THR E 664 -25.27 24.90 -96.85
C THR E 664 -25.05 25.44 -95.46
N PRO E 665 -25.88 25.00 -94.51
CA PRO E 665 -25.71 25.31 -93.08
C PRO E 665 -24.29 24.98 -92.58
N ARG E 666 -23.73 23.86 -93.03
CA ARG E 666 -22.35 23.50 -92.68
C ARG E 666 -21.33 24.54 -93.18
N GLU E 667 -21.38 24.84 -94.50
CA GLU E 667 -20.60 25.93 -95.12
C GLU E 667 -20.73 27.23 -94.34
N ALA E 668 -21.94 27.59 -93.94
CA ALA E 668 -22.15 28.83 -93.16
C ALA E 668 -21.52 28.76 -91.78
N TYR E 669 -21.68 27.60 -91.14
CA TYR E 669 -21.05 27.33 -89.85
C TYR E 669 -19.52 27.41 -89.94
N ASN E 670 -18.96 26.86 -91.02
CA ASN E 670 -17.51 26.89 -91.25
C ASN E 670 -16.95 28.30 -91.37
N ALA E 671 -17.78 29.22 -91.86
CA ALA E 671 -17.44 30.64 -91.88
C ALA E 671 -17.13 31.14 -90.47
N ILE E 672 -17.87 30.61 -89.49
CA ILE E 672 -17.66 30.98 -88.08
C ILE E 672 -16.26 30.55 -87.64
N VAL E 673 -15.91 29.31 -87.99
CA VAL E 673 -14.63 28.70 -87.62
C VAL E 673 -13.48 29.50 -88.22
N ASP E 674 -13.64 29.87 -89.50
CA ASP E 674 -12.70 30.71 -90.24
C ASP E 674 -12.58 32.14 -89.72
N ASN E 675 -13.41 32.54 -88.76
CA ASN E 675 -13.37 33.92 -88.26
C ASN E 675 -13.70 34.89 -89.37
N ASN E 676 -14.63 34.46 -90.22
CA ASN E 676 -15.06 35.20 -91.40
C ASN E 676 -16.55 35.55 -91.25
N VAL E 677 -16.92 36.06 -90.08
CA VAL E 677 -18.30 36.44 -89.77
C VAL E 677 -18.32 37.74 -88.98
N GLU E 678 -19.47 38.41 -88.94
CA GLU E 678 -19.57 39.71 -88.25
C GLU E 678 -20.99 40.02 -87.79
N LEU E 679 -21.11 40.74 -86.69
CA LEU E 679 -22.41 41.24 -86.26
C LEU E 679 -22.88 42.33 -87.20
N VAL E 680 -23.97 42.03 -87.91
CA VAL E 680 -24.57 42.97 -88.82
C VAL E 680 -25.87 43.58 -88.21
N SER E 681 -25.86 44.91 -88.05
CA SER E 681 -27.02 45.70 -87.59
C SER E 681 -28.23 45.52 -88.50
N ILE E 682 -29.43 45.70 -87.94
CA ILE E 682 -30.68 45.35 -88.65
C ILE E 682 -30.89 45.98 -90.05
N GLU E 683 -30.65 47.29 -90.16
CA GLU E 683 -30.83 47.95 -91.45
C GLU E 683 -29.78 47.50 -92.49
N ASN E 684 -28.71 46.82 -92.05
CA ASN E 684 -27.63 46.37 -92.96
C ASN E 684 -27.69 44.90 -93.34
N LEU E 685 -28.77 44.26 -92.90
CA LEU E 685 -29.01 42.83 -93.15
C LEU E 685 -29.37 42.42 -94.58
N PRO E 686 -30.08 43.28 -95.36
CA PRO E 686 -30.41 42.78 -96.71
C PRO E 686 -29.17 42.55 -97.57
N GLY E 687 -29.18 41.45 -98.34
CA GLY E 687 -28.03 41.05 -99.14
C GLY E 687 -27.09 40.10 -98.40
N ARG E 688 -27.28 39.96 -97.10
CA ARG E 688 -26.37 39.20 -96.26
C ARG E 688 -26.76 37.75 -96.05
N ILE E 689 -25.75 36.90 -95.89
CA ILE E 689 -25.92 35.49 -95.61
C ILE E 689 -25.82 35.27 -94.10
N ALA E 690 -26.88 34.73 -93.50
CA ALA E 690 -26.90 34.46 -92.05
C ALA E 690 -25.86 33.42 -91.62
N ALA E 691 -25.12 33.73 -90.54
CA ALA E 691 -24.08 32.82 -90.02
C ALA E 691 -24.64 31.79 -89.05
N ASN E 692 -25.84 32.05 -88.55
CA ASN E 692 -26.56 31.18 -87.62
C ASN E 692 -28.06 31.35 -87.91
N SER E 693 -28.89 30.46 -87.37
CA SER E 693 -30.33 30.50 -87.67
C SER E 693 -31.05 31.63 -86.93
N VAL E 694 -32.19 32.06 -87.45
CA VAL E 694 -32.92 33.18 -86.86
C VAL E 694 -34.33 32.70 -86.59
N ILE E 695 -34.69 32.67 -85.31
CA ILE E 695 -35.99 32.09 -84.91
C ILE E 695 -36.80 33.03 -84.03
N PRO E 696 -37.70 33.79 -84.67
CA PRO E 696 -38.52 34.76 -83.90
C PRO E 696 -39.69 34.07 -83.23
N TYR E 697 -40.09 34.60 -82.07
CA TYR E 697 -41.27 34.11 -81.35
C TYR E 697 -42.25 35.27 -81.26
N PRO E 698 -43.38 35.19 -81.99
CA PRO E 698 -43.85 34.09 -82.82
C PRO E 698 -43.28 34.14 -84.27
N PRO E 699 -43.46 33.07 -85.06
CA PRO E 699 -44.11 31.78 -84.79
C PRO E 699 -43.27 30.68 -84.13
N GLY E 700 -42.01 30.97 -83.79
CA GLY E 700 -41.16 30.02 -83.10
C GLY E 700 -40.68 28.86 -83.95
N ILE E 701 -40.63 29.07 -85.26
CA ILE E 701 -39.94 28.17 -86.16
C ILE E 701 -38.96 29.02 -86.96
N PRO E 702 -37.90 28.40 -87.51
CA PRO E 702 -36.85 29.20 -88.13
C PRO E 702 -37.37 30.13 -89.23
N MET E 703 -37.01 31.42 -89.14
CA MET E 703 -37.27 32.31 -90.28
C MET E 703 -36.19 32.13 -91.35
N LEU E 704 -34.94 32.13 -90.89
CA LEU E 704 -33.77 31.75 -91.69
C LEU E 704 -32.98 30.68 -90.97
N LEU E 705 -32.54 29.69 -91.74
CA LEU E 705 -31.47 28.79 -91.31
C LEU E 705 -30.11 29.35 -91.74
N SER E 706 -29.03 28.80 -91.19
CA SER E 706 -27.65 29.16 -91.54
C SER E 706 -27.39 29.05 -93.05
N GLY E 707 -26.80 30.10 -93.62
CA GLY E 707 -26.42 30.08 -95.05
C GLY E 707 -27.44 30.66 -96.01
N GLU E 708 -28.59 31.07 -95.49
CA GLU E 708 -29.64 31.68 -96.28
C GLU E 708 -29.46 33.20 -96.35
N ASN E 709 -29.84 33.79 -97.47
CA ASN E 709 -29.75 35.24 -97.62
C ASN E 709 -30.99 35.95 -97.05
N PHE E 710 -30.79 37.09 -96.39
CA PHE E 710 -31.91 37.89 -95.90
C PHE E 710 -32.82 38.46 -97.00
N GLY E 711 -32.30 38.61 -98.23
CA GLY E 711 -33.10 39.02 -99.39
C GLY E 711 -32.68 40.39 -99.88
N ASP E 712 -33.48 40.99 -100.76
CA ASP E 712 -33.16 42.32 -101.28
C ASP E 712 -33.66 43.44 -100.36
N LYS E 713 -33.64 44.68 -100.83
CA LYS E 713 -34.02 45.86 -100.02
C LYS E 713 -35.43 45.75 -99.42
N ASN E 714 -36.32 45.05 -100.13
CA ASN E 714 -37.72 44.85 -99.76
C ASN E 714 -37.97 43.56 -98.97
N SER E 715 -36.95 43.10 -98.25
CA SER E 715 -37.01 41.78 -97.57
C SER E 715 -38.13 41.67 -96.55
N PRO E 716 -39.03 40.69 -96.77
CA PRO E 716 -40.12 40.37 -95.87
C PRO E 716 -39.56 40.01 -94.49
N GLN E 717 -38.51 39.18 -94.50
CA GLN E 717 -37.79 38.75 -93.30
C GLN E 717 -37.21 39.91 -92.51
N VAL E 718 -36.64 40.90 -93.20
CA VAL E 718 -36.07 42.06 -92.49
C VAL E 718 -37.16 42.98 -91.89
N SER E 719 -38.27 43.13 -92.62
CA SER E 719 -39.40 43.93 -92.14
C SER E 719 -40.00 43.38 -90.85
N TYR E 720 -40.13 42.06 -90.78
CA TYR E 720 -40.65 41.38 -89.60
C TYR E 720 -39.78 41.63 -88.36
N LEU E 721 -38.47 41.58 -88.53
CA LEU E 721 -37.54 41.97 -87.47
C LEU E 721 -37.72 43.44 -87.05
N ARG E 722 -38.03 44.31 -88.01
CA ARG E 722 -38.28 45.73 -87.69
C ARG E 722 -39.51 45.84 -86.81
N SER E 723 -40.54 45.04 -87.11
CA SER E 723 -41.75 45.06 -86.32
C SER E 723 -41.57 44.48 -84.90
N LEU E 724 -40.71 43.48 -84.73
CA LEU E 724 -40.42 43.00 -83.39
C LEU E 724 -39.65 44.06 -82.61
N GLN E 725 -38.61 44.60 -83.23
CA GLN E 725 -37.82 45.65 -82.61
C GLN E 725 -38.67 46.88 -82.28
N SER E 726 -39.63 47.19 -83.16
CA SER E 726 -40.54 48.30 -82.99
C SER E 726 -41.37 48.11 -81.72
N TRP E 727 -41.99 46.92 -81.60
CA TRP E 727 -42.79 46.56 -80.44
C TRP E 727 -41.95 46.75 -79.18
N ASP E 728 -40.73 46.20 -79.20
CA ASP E 728 -39.81 46.24 -78.05
C ASP E 728 -39.46 47.65 -77.66
N HIS E 729 -39.38 48.55 -78.62
CA HIS E 729 -39.07 49.91 -78.33
C HIS E 729 -40.26 50.53 -77.64
N HIS E 730 -41.44 50.23 -78.18
CA HIS E 730 -42.70 50.79 -77.67
C HIS E 730 -43.08 50.24 -76.29
N PHE E 731 -42.82 48.97 -76.04
CA PHE E 731 -43.30 48.34 -74.80
C PHE E 731 -42.20 47.65 -73.96
N PRO E 732 -41.30 48.44 -73.34
CA PRO E 732 -40.29 47.85 -72.47
C PRO E 732 -40.94 46.99 -71.39
N GLY E 733 -40.34 45.84 -71.12
CA GLY E 733 -40.93 44.85 -70.21
C GLY E 733 -41.71 43.76 -70.93
N PHE E 734 -41.98 43.94 -72.23
CA PHE E 734 -42.72 42.95 -73.02
C PHE E 734 -41.95 42.60 -74.32
N GLU E 735 -40.61 42.64 -74.24
CA GLU E 735 -39.77 42.42 -75.41
C GLU E 735 -39.93 41.00 -75.90
N HIS E 736 -39.96 40.86 -77.24
CA HIS E 736 -39.98 39.58 -77.91
C HIS E 736 -38.66 38.85 -77.70
N GLU E 737 -38.68 37.53 -77.86
CA GLU E 737 -37.44 36.74 -77.93
C GLU E 737 -37.19 36.29 -79.34
N THR E 738 -35.94 36.39 -79.77
CA THR E 738 -35.55 35.94 -81.10
C THR E 738 -34.18 35.29 -81.04
N GLU E 739 -34.15 33.99 -81.31
CA GLU E 739 -32.88 33.29 -81.28
C GLU E 739 -32.04 33.63 -82.49
N GLY E 740 -30.77 33.92 -82.22
CA GLY E 740 -29.82 34.17 -83.27
C GLY E 740 -29.57 35.64 -83.45
N THR E 741 -30.22 36.45 -82.61
CA THR E 741 -29.95 37.89 -82.61
C THR E 741 -29.11 38.25 -81.40
N GLU E 742 -28.48 39.41 -81.49
CA GLU E 742 -27.91 40.07 -80.33
C GLU E 742 -28.44 41.47 -80.39
N ILE E 743 -29.01 41.90 -79.26
CA ILE E 743 -29.62 43.20 -79.16
C ILE E 743 -28.66 44.12 -78.42
N ILE E 744 -28.11 45.07 -79.16
CA ILE E 744 -27.10 45.99 -78.66
C ILE E 744 -27.70 47.38 -78.66
N ASP E 745 -27.87 47.96 -77.46
CA ASP E 745 -28.53 49.27 -77.29
C ASP E 745 -29.90 49.35 -77.97
N GLY E 746 -30.65 48.25 -77.94
CA GLY E 746 -32.00 48.23 -78.47
C GLY E 746 -32.12 47.83 -79.92
N ILE E 747 -31.00 47.72 -80.62
CA ILE E 747 -30.99 47.40 -82.06
C ILE E 747 -30.61 45.94 -82.34
N TYR E 748 -31.45 45.25 -83.09
CA TYR E 748 -31.25 43.85 -83.48
C TYR E 748 -30.06 43.68 -84.41
N HIS E 749 -29.09 42.88 -83.99
CA HIS E 749 -27.98 42.50 -84.84
C HIS E 749 -28.02 40.99 -85.10
N VAL E 750 -27.48 40.55 -86.23
CA VAL E 750 -27.27 39.11 -86.52
C VAL E 750 -25.90 38.87 -87.15
N MET E 751 -25.21 37.83 -86.68
CA MET E 751 -23.93 37.37 -87.22
C MET E 751 -24.16 36.91 -88.66
N CYS E 752 -23.47 37.56 -89.59
CA CYS E 752 -23.47 37.12 -90.99
C CYS E 752 -22.04 36.82 -91.46
N VAL E 753 -21.94 36.02 -92.51
CA VAL E 753 -20.67 35.82 -93.21
C VAL E 753 -20.21 37.17 -93.77
N LYS E 754 -18.90 37.39 -93.88
CA LYS E 754 -18.38 38.65 -94.44
C LYS E 754 -18.53 38.72 -95.96
N ALA E 755 -18.62 39.95 -96.47
CA ALA E 755 -18.84 40.19 -97.92
C ALA E 755 -17.53 40.13 -98.71
N MET F 1 64.93 -6.60 -4.02
CA MET F 1 66.17 -5.81 -3.79
C MET F 1 66.67 -6.03 -2.35
N LYS F 2 67.85 -6.64 -2.25
CA LYS F 2 68.44 -7.01 -0.97
C LYS F 2 69.81 -6.32 -0.82
N VAL F 3 70.01 -5.66 0.32
CA VAL F 3 71.28 -5.03 0.66
C VAL F 3 71.88 -5.71 1.87
N LEU F 4 73.17 -6.04 1.80
CA LEU F 4 73.90 -6.47 3.00
C LEU F 4 74.67 -5.27 3.50
N ILE F 5 74.42 -4.87 4.74
CA ILE F 5 75.22 -3.80 5.34
C ILE F 5 76.13 -4.39 6.41
N VAL F 6 77.43 -4.17 6.26
CA VAL F 6 78.41 -4.66 7.24
C VAL F 6 78.95 -3.46 8.03
N GLU F 7 78.65 -3.46 9.31
CA GLU F 7 79.10 -2.39 10.17
C GLU F 7 80.40 -2.87 10.76
N SER F 8 81.49 -2.18 10.39
CA SER F 8 82.83 -2.50 10.86
C SER F 8 82.95 -2.50 12.37
N GLU F 9 83.35 -3.63 12.94
CA GLU F 9 83.63 -3.71 14.37
C GLU F 9 84.69 -2.74 14.89
N PHE F 10 85.47 -2.14 14.00
CA PHE F 10 86.45 -1.11 14.42
C PHE F 10 85.83 0.26 14.59
N LEU F 11 84.51 0.36 14.38
CA LEU F 11 83.78 1.61 14.58
C LEU F 11 82.65 1.48 15.58
N HIS F 12 82.58 0.36 16.31
CA HIS F 12 81.50 0.15 17.28
C HIS F 12 81.58 1.11 18.47
N GLN F 13 82.78 1.62 18.76
CA GLN F 13 82.96 2.60 19.84
C GLN F 13 82.38 3.98 19.46
N ASP F 14 82.40 4.32 18.16
CA ASP F 14 81.83 5.56 17.66
C ASP F 14 80.31 5.35 17.41
N THR F 15 79.52 5.41 18.49
CA THR F 15 78.09 5.10 18.40
C THR F 15 77.34 5.90 17.33
N TRP F 16 77.83 7.09 17.01
CA TRP F 16 77.18 7.92 15.99
C TRP F 16 77.22 7.31 14.58
N VAL F 17 78.22 6.45 14.34
CA VAL F 17 78.29 5.71 13.11
C VAL F 17 77.14 4.68 13.01
N GLY F 18 76.93 3.87 14.05
CA GLY F 18 75.77 2.99 14.11
C GLY F 18 74.45 3.73 13.88
N ASN F 19 74.35 4.95 14.42
CA ASN F 19 73.16 5.79 14.25
C ASN F 19 72.92 6.17 12.81
N ALA F 20 73.95 6.67 12.14
CA ALA F 20 73.80 7.09 10.77
C ALA F 20 73.51 5.92 9.85
N VAL F 21 74.04 4.74 10.20
CA VAL F 21 73.80 3.55 9.39
C VAL F 21 72.36 3.07 9.57
N GLU F 22 71.85 3.18 10.79
CA GLU F 22 70.46 2.87 11.10
C GLU F 22 69.50 3.81 10.32
N ARG F 23 69.86 5.09 10.20
CA ARG F 23 69.04 5.98 9.39
C ARG F 23 69.05 5.52 7.92
N LEU F 24 70.20 5.09 7.42
CA LEU F 24 70.27 4.59 6.05
C LEU F 24 69.40 3.35 5.87
N ALA F 25 69.50 2.44 6.83
CA ALA F 25 68.71 1.20 6.78
C ALA F 25 67.21 1.49 6.72
N ASP F 26 66.77 2.41 7.57
CA ASP F 26 65.37 2.83 7.61
C ASP F 26 64.97 3.46 6.27
N ALA F 27 65.83 4.32 5.73
CA ALA F 27 65.58 4.90 4.39
C ALA F 27 65.47 3.85 3.28
N LEU F 28 66.32 2.82 3.35
CA LEU F 28 66.23 1.68 2.43
C LEU F 28 64.94 0.84 2.59
N SER F 29 64.54 0.55 3.83
CA SER F 29 63.25 -0.08 4.04
C SER F 29 62.08 0.67 3.42
N GLN F 30 62.09 2.00 3.58
CA GLN F 30 61.06 2.88 3.03
C GLN F 30 60.98 2.76 1.51
N GLN F 31 62.11 2.51 0.85
CA GLN F 31 62.09 2.30 -0.60
C GLN F 31 61.90 0.80 -0.98
N ASN F 32 61.41 0.03 -0.01
CA ASN F 32 61.10 -1.40 -0.10
C ASN F 32 62.28 -2.37 -0.39
N VAL F 33 63.45 -1.99 0.08
CA VAL F 33 64.62 -2.84 0.05
C VAL F 33 64.67 -3.73 1.30
N THR F 34 65.01 -5.01 1.13
CA THR F 34 65.30 -5.91 2.25
C THR F 34 66.73 -5.66 2.72
N VAL F 35 66.89 -5.36 4.00
CA VAL F 35 68.19 -5.07 4.56
C VAL F 35 68.64 -6.19 5.48
N ILE F 36 69.80 -6.78 5.18
CA ILE F 36 70.50 -7.65 6.12
C ILE F 36 71.56 -6.81 6.85
N LYS F 37 71.48 -6.83 8.18
CA LYS F 37 72.40 -6.06 9.01
C LYS F 37 73.42 -7.02 9.59
N SER F 38 74.68 -6.64 9.44
CA SER F 38 75.78 -7.45 9.92
C SER F 38 76.69 -6.57 10.78
N THR F 39 77.11 -7.10 11.94
CA THR F 39 77.92 -6.30 12.89
C THR F 39 79.44 -6.60 12.93
N SER F 40 79.95 -7.34 11.95
CA SER F 40 81.38 -7.69 11.90
C SER F 40 81.74 -8.21 10.54
N PHE F 41 82.97 -7.93 10.10
CA PHE F 41 83.45 -8.49 8.84
C PHE F 41 83.39 -10.02 8.81
N ASP F 42 83.70 -10.68 9.92
CA ASP F 42 83.64 -12.14 9.98
C ASP F 42 82.24 -12.70 9.71
N ASP F 43 81.23 -11.96 10.17
CA ASP F 43 79.85 -12.32 10.01
C ASP F 43 79.47 -12.09 8.56
N GLY F 44 79.93 -10.96 8.03
CA GLY F 44 79.79 -10.64 6.62
C GLY F 44 80.41 -11.69 5.72
N PHE F 45 81.62 -12.12 6.06
CA PHE F 45 82.37 -13.11 5.28
C PHE F 45 81.50 -14.36 5.19
N ALA F 46 80.97 -14.78 6.35
CA ALA F 46 80.16 -15.99 6.46
C ALA F 46 78.90 -15.92 5.62
N ILE F 47 78.18 -14.80 5.68
CA ILE F 47 76.97 -14.60 4.85
C ILE F 47 77.32 -14.73 3.37
N LEU F 48 78.38 -14.06 2.94
CA LEU F 48 78.81 -14.19 1.54
C LEU F 48 79.38 -15.56 1.22
N SER F 49 79.73 -16.37 2.22
CA SER F 49 80.13 -17.75 1.90
C SER F 49 78.92 -18.67 1.72
N SER F 50 77.74 -18.21 2.13
CA SER F 50 76.50 -18.92 1.86
C SER F 50 75.94 -18.56 0.48
N ASN F 51 74.89 -19.25 0.06
CA ASN F 51 74.33 -18.97 -1.27
C ASN F 51 73.46 -17.70 -1.31
N GLU F 52 73.57 -16.87 -0.26
CA GLU F 52 72.81 -15.62 -0.17
C GLU F 52 73.11 -14.64 -1.31
N ALA F 53 72.09 -14.40 -2.13
CA ALA F 53 72.18 -13.46 -3.25
C ALA F 53 71.86 -12.01 -2.82
N ILE F 54 72.83 -11.12 -2.93
CA ILE F 54 72.58 -9.74 -2.53
C ILE F 54 72.75 -8.81 -3.73
N ASP F 55 71.99 -7.73 -3.72
CA ASP F 55 72.02 -6.82 -4.86
C ASP F 55 73.00 -5.68 -4.69
N CYS F 56 73.38 -5.42 -3.44
CA CYS F 56 74.32 -4.36 -3.11
C CYS F 56 75.00 -4.67 -1.80
N LEU F 57 76.31 -4.42 -1.73
CA LEU F 57 77.07 -4.48 -0.47
C LEU F 57 77.42 -3.07 -0.02
N MET F 58 77.06 -2.75 1.23
CA MET F 58 77.54 -1.50 1.86
C MET F 58 78.37 -1.83 3.09
N PHE F 59 79.42 -1.06 3.33
CA PHE F 59 80.27 -1.30 4.53
C PHE F 59 80.84 0.00 5.11
N SER F 60 80.88 0.08 6.45
CA SER F 60 81.64 1.15 7.09
C SER F 60 83.12 0.72 7.18
N TYR F 61 84.01 1.68 7.41
CA TYR F 61 85.46 1.46 7.28
C TYR F 61 86.25 2.59 7.98
N GLN F 62 86.84 2.26 9.13
CA GLN F 62 87.68 3.20 9.87
C GLN F 62 88.96 3.62 9.12
N MET F 63 89.59 2.66 8.43
CA MET F 63 90.76 2.89 7.58
C MET F 63 92.08 3.12 8.34
N GLU F 64 92.20 2.61 9.57
CA GLU F 64 93.42 2.85 10.35
C GLU F 64 94.26 1.59 10.60
N HIS F 65 93.60 0.50 11.02
CA HIS F 65 94.28 -0.75 11.35
C HIS F 65 94.50 -1.71 10.17
N PRO F 66 95.74 -2.23 10.01
CA PRO F 66 96.01 -3.31 9.03
C PRO F 66 95.06 -4.52 9.07
N ASP F 67 94.59 -4.93 10.25
CA ASP F 67 93.57 -5.99 10.34
C ASP F 67 92.24 -5.61 9.66
N GLU F 68 91.80 -4.37 9.82
CA GLU F 68 90.60 -3.92 9.10
C GLU F 68 90.80 -3.81 7.59
N HIS F 69 91.91 -3.18 7.20
CA HIS F 69 92.24 -3.05 5.78
C HIS F 69 92.15 -4.42 5.10
N GLN F 70 92.62 -5.45 5.80
CA GLN F 70 92.63 -6.77 5.22
C GLN F 70 91.24 -7.36 5.20
N ASN F 71 90.50 -7.25 6.31
CA ASN F 71 89.08 -7.66 6.37
C ASN F 71 88.26 -7.16 5.20
N VAL F 72 88.45 -5.89 4.84
CA VAL F 72 87.76 -5.30 3.70
C VAL F 72 88.09 -6.01 2.38
N ARG F 73 89.38 -6.20 2.10
CA ARG F 73 89.80 -6.83 0.86
C ARG F 73 89.19 -8.22 0.75
N GLN F 74 89.25 -8.94 1.86
CA GLN F 74 88.75 -10.28 1.97
C GLN F 74 87.22 -10.31 1.79
N LEU F 75 86.53 -9.34 2.38
CA LEU F 75 85.08 -9.28 2.25
C LEU F 75 84.64 -9.13 0.81
N ILE F 76 85.29 -8.20 0.12
CA ILE F 76 84.89 -7.81 -1.21
C ILE F 76 85.37 -8.84 -2.23
N GLY F 77 86.56 -9.40 -1.97
CA GLY F 77 87.08 -10.48 -2.77
C GLY F 77 86.10 -11.64 -2.72
N LYS F 78 85.61 -11.95 -1.52
CA LYS F 78 84.65 -13.04 -1.37
C LYS F 78 83.36 -12.74 -2.13
N LEU F 79 82.86 -11.51 -1.98
CA LEU F 79 81.67 -11.08 -2.71
C LEU F 79 81.79 -11.35 -4.20
N HIS F 80 82.97 -11.03 -4.74
CA HIS F 80 83.21 -11.05 -6.18
C HIS F 80 83.58 -12.40 -6.78
N GLU F 81 83.72 -13.44 -5.94
CA GLU F 81 83.89 -14.82 -6.41
C GLU F 81 82.66 -15.34 -7.16
N ARG F 82 81.50 -15.31 -6.52
CA ARG F 82 80.25 -15.75 -7.17
C ARG F 82 79.22 -14.66 -7.45
N GLN F 83 79.48 -13.43 -7.01
CA GLN F 83 78.56 -12.29 -7.26
C GLN F 83 79.34 -11.12 -7.82
N GLN F 84 80.04 -11.38 -8.91
CA GLN F 84 81.07 -10.53 -9.45
C GLN F 84 80.62 -9.09 -9.77
N ASN F 85 79.37 -8.90 -10.17
CA ASN F 85 79.00 -7.56 -10.58
C ASN F 85 78.22 -6.75 -9.54
N VAL F 86 78.10 -7.25 -8.31
CA VAL F 86 77.40 -6.54 -7.23
C VAL F 86 78.09 -5.19 -6.95
N PRO F 87 77.31 -4.08 -7.02
CA PRO F 87 77.87 -2.79 -6.61
C PRO F 87 78.25 -2.73 -5.12
N VAL F 88 79.40 -2.12 -4.83
CA VAL F 88 79.92 -2.00 -3.48
C VAL F 88 79.93 -0.52 -3.10
N PHE F 89 79.23 -0.20 -2.02
CA PHE F 89 79.19 1.15 -1.44
C PHE F 89 80.07 1.20 -0.21
N LEU F 90 80.98 2.17 -0.19
CA LEU F 90 81.67 2.54 1.02
C LEU F 90 80.86 3.61 1.81
N LEU F 91 80.47 3.25 3.04
CA LEU F 91 79.86 4.16 3.98
C LEU F 91 80.98 4.76 4.82
N GLY F 92 81.59 5.81 4.29
CA GLY F 92 82.90 6.19 4.76
C GLY F 92 83.07 7.60 5.25
N ASP F 93 84.27 7.82 5.81
CA ASP F 93 84.82 9.14 6.10
C ASP F 93 85.48 9.72 4.86
N ARG F 94 85.07 10.95 4.49
CA ARG F 94 85.52 11.61 3.26
C ARG F 94 87.04 11.84 3.25
N GLU F 95 87.56 12.50 4.29
CA GLU F 95 89.01 12.80 4.35
C GLU F 95 89.87 11.56 4.12
N LYS F 96 89.61 10.52 4.92
CA LYS F 96 90.36 9.28 4.88
C LYS F 96 90.25 8.53 3.57
N ALA F 97 89.03 8.40 3.02
CA ALA F 97 88.80 7.72 1.74
C ALA F 97 89.48 8.45 0.60
N LEU F 98 89.34 9.77 0.57
CA LEU F 98 89.94 10.57 -0.51
C LEU F 98 91.48 10.62 -0.42
N ALA F 99 92.03 10.42 0.78
CA ALA F 99 93.49 10.34 0.99
C ALA F 99 94.01 8.99 0.48
N ALA F 100 93.22 7.95 0.69
CA ALA F 100 93.54 6.60 0.19
C ALA F 100 93.20 6.40 -1.30
N MET F 101 92.71 7.44 -1.95
CA MET F 101 92.22 7.33 -3.30
C MET F 101 93.30 6.91 -4.30
N ASP F 102 93.17 5.69 -4.79
CA ASP F 102 93.99 5.18 -5.89
C ASP F 102 93.28 4.02 -6.57
N ARG F 103 93.95 3.43 -7.55
CA ARG F 103 93.38 2.33 -8.31
C ARG F 103 92.94 1.17 -7.46
N ASP F 104 93.68 0.91 -6.39
CA ASP F 104 93.39 -0.22 -5.54
C ASP F 104 92.05 -0.02 -4.86
N LEU F 105 91.81 1.23 -4.42
CA LEU F 105 90.60 1.57 -3.70
C LEU F 105 89.41 1.48 -4.65
N LEU F 106 89.65 1.88 -5.89
CA LEU F 106 88.62 1.85 -6.91
C LEU F 106 88.25 0.44 -7.36
N GLU F 107 89.18 -0.51 -7.29
CA GLU F 107 88.83 -1.89 -7.61
C GLU F 107 87.87 -2.44 -6.58
N LEU F 108 88.06 -2.01 -5.33
CA LEU F 108 87.28 -2.46 -4.21
C LEU F 108 85.90 -1.80 -4.17
N VAL F 109 85.86 -0.49 -4.38
CA VAL F 109 84.69 0.33 -4.10
C VAL F 109 84.13 0.94 -5.37
N ASP F 110 82.85 0.66 -5.65
CA ASP F 110 82.18 1.30 -6.78
C ASP F 110 81.62 2.68 -6.44
N GLU F 111 81.05 2.80 -5.23
CA GLU F 111 80.33 4.02 -4.86
C GLU F 111 80.71 4.53 -3.49
N PHE F 112 80.75 5.84 -3.37
CA PHE F 112 81.18 6.49 -2.14
C PHE F 112 80.03 7.25 -1.54
N ALA F 113 79.81 6.99 -0.24
CA ALA F 113 78.77 7.64 0.54
C ALA F 113 79.36 8.14 1.85
N TRP F 114 79.46 9.47 1.97
CA TRP F 114 79.97 10.06 3.18
C TRP F 114 78.91 9.99 4.29
N ILE F 115 78.95 8.89 5.03
CA ILE F 115 77.81 8.42 5.85
C ILE F 115 77.42 9.44 6.93
N LEU F 116 78.41 10.21 7.41
CA LEU F 116 78.20 11.21 8.49
C LEU F 116 77.92 12.64 7.99
N GLU F 117 77.76 12.82 6.68
CA GLU F 117 77.64 14.13 6.06
C GLU F 117 76.61 14.17 4.99
N ASP F 118 75.82 13.11 4.86
CA ASP F 118 74.84 13.06 3.76
C ASP F 118 73.46 12.75 4.32
N THR F 119 72.47 12.81 3.43
CA THR F 119 71.09 12.51 3.77
C THR F 119 70.84 11.04 3.41
N ALA F 120 70.33 10.30 4.40
CA ALA F 120 70.01 8.91 4.20
C ALA F 120 69.26 8.64 2.87
N ASP F 121 68.20 9.43 2.58
CA ASP F 121 67.41 9.21 1.35
C ASP F 121 68.26 9.30 0.07
N PHE F 122 69.25 10.19 0.06
CA PHE F 122 70.12 10.33 -1.11
C PHE F 122 70.92 9.03 -1.32
N ILE F 123 71.56 8.56 -0.26
CA ILE F 123 72.39 7.37 -0.35
C ILE F 123 71.50 6.21 -0.82
N ALA F 124 70.37 6.02 -0.14
CA ALA F 124 69.41 4.99 -0.49
C ALA F 124 68.96 5.02 -1.97
N GLY F 125 68.74 6.21 -2.49
CA GLY F 125 68.25 6.35 -3.86
C GLY F 125 69.34 5.93 -4.83
N ARG F 126 70.55 6.31 -4.51
CA ARG F 126 71.71 5.93 -5.27
C ARG F 126 71.88 4.40 -5.27
N ALA F 127 71.60 3.77 -4.13
CA ALA F 127 71.68 2.32 -4.03
C ALA F 127 70.59 1.61 -4.82
N VAL F 128 69.39 2.18 -4.87
CA VAL F 128 68.28 1.60 -5.63
C VAL F 128 68.63 1.67 -7.12
N ALA F 129 69.21 2.79 -7.54
CA ALA F 129 69.66 2.95 -8.91
C ALA F 129 70.73 1.89 -9.27
N ALA F 130 71.76 1.76 -8.43
CA ALA F 130 72.79 0.71 -8.60
C ALA F 130 72.23 -0.71 -8.63
N MET F 131 71.26 -0.98 -7.76
CA MET F 131 70.68 -2.31 -7.68
C MET F 131 69.86 -2.68 -8.90
N THR F 132 69.12 -1.70 -9.40
CA THR F 132 68.28 -1.85 -10.60
C THR F 132 69.16 -2.23 -11.78
N ARG F 133 70.22 -1.44 -11.95
CA ARG F 133 71.21 -1.62 -13.00
C ARG F 133 71.80 -3.02 -12.87
N TYR F 134 72.08 -3.45 -11.63
CA TYR F 134 72.72 -4.75 -11.41
C TYR F 134 71.77 -5.84 -11.89
N ARG F 135 70.53 -5.75 -11.39
CA ARG F 135 69.49 -6.71 -11.70
C ARG F 135 69.17 -6.76 -13.21
N GLN F 136 69.30 -5.63 -13.91
CA GLN F 136 69.05 -5.60 -15.36
C GLN F 136 70.10 -6.31 -16.21
N GLN F 137 71.26 -6.62 -15.64
CA GLN F 137 72.33 -7.22 -16.42
C GLN F 137 72.64 -8.64 -15.91
N LEU F 138 71.86 -9.08 -14.91
CA LEU F 138 72.08 -10.32 -14.20
C LEU F 138 71.86 -11.59 -15.04
N LEU F 139 70.77 -11.64 -15.81
CA LEU F 139 70.38 -12.92 -16.44
C LEU F 139 70.98 -13.08 -17.82
N PRO F 140 71.27 -14.35 -18.17
CA PRO F 140 71.82 -14.61 -19.49
C PRO F 140 70.71 -14.39 -20.55
N PRO F 141 71.09 -14.11 -21.82
CA PRO F 141 70.14 -13.54 -22.80
C PRO F 141 68.91 -14.39 -23.13
N LEU F 142 69.03 -15.71 -23.22
CA LEU F 142 67.89 -16.50 -23.67
C LEU F 142 66.83 -16.63 -22.58
N PHE F 143 67.29 -16.99 -21.39
CA PHE F 143 66.40 -17.11 -20.25
C PHE F 143 65.74 -15.76 -19.94
N SER F 144 66.53 -14.71 -20.00
CA SER F 144 66.01 -13.39 -19.83
C SER F 144 64.91 -13.09 -20.86
N ALA F 145 65.18 -13.41 -22.13
CA ALA F 145 64.19 -13.14 -23.18
C ALA F 145 62.91 -13.98 -23.02
N LEU F 146 63.05 -15.27 -22.70
CA LEU F 146 61.91 -16.15 -22.43
C LEU F 146 61.02 -15.59 -21.33
N MET F 147 61.65 -15.14 -20.25
CA MET F 147 60.93 -14.67 -19.10
C MET F 147 60.13 -13.43 -19.46
N LYS F 148 60.80 -12.48 -20.09
CA LYS F 148 60.18 -11.25 -20.50
C LYS F 148 59.03 -11.49 -21.47
N TYR F 149 59.29 -12.30 -22.49
CA TYR F 149 58.28 -12.62 -23.48
C TYR F 149 57.04 -13.35 -22.92
N SER F 150 57.22 -14.22 -21.94
CA SER F 150 56.11 -14.93 -21.34
C SER F 150 55.16 -13.99 -20.54
N ASP F 151 55.65 -12.85 -20.08
CA ASP F 151 54.81 -11.82 -19.46
C ASP F 151 53.87 -11.10 -20.44
N ILE F 152 54.23 -11.13 -21.72
CA ILE F 152 53.57 -10.34 -22.74
C ILE F 152 52.88 -11.23 -23.80
N HIS F 153 52.92 -12.56 -23.59
CA HIS F 153 52.58 -13.53 -24.63
C HIS F 153 51.13 -14.05 -24.63
N GLU F 154 50.51 -14.10 -25.81
CA GLU F 154 49.18 -14.74 -25.97
C GLU F 154 49.26 -16.27 -26.12
N TYR F 155 48.97 -16.97 -25.02
CA TYR F 155 49.03 -18.45 -24.98
C TYR F 155 47.95 -19.16 -25.78
N SER F 156 46.91 -18.41 -26.18
CA SER F 156 45.82 -18.97 -26.98
C SER F 156 46.15 -18.97 -28.47
N TRP F 157 45.30 -19.70 -29.20
CA TRP F 157 45.42 -19.90 -30.66
C TRP F 157 46.79 -20.37 -31.12
N ALA F 158 47.53 -20.98 -30.18
CA ALA F 158 48.90 -21.46 -30.37
C ALA F 158 49.15 -22.84 -29.74
N ALA F 159 49.86 -23.74 -30.42
CA ALA F 159 50.50 -24.88 -29.77
C ALA F 159 51.66 -24.36 -28.92
N PRO F 160 52.01 -25.04 -27.80
CA PRO F 160 51.40 -26.22 -27.20
C PRO F 160 49.95 -26.00 -26.78
N GLY F 161 49.17 -27.07 -26.88
CA GLY F 161 47.73 -27.01 -26.64
C GLY F 161 47.36 -26.73 -25.20
N HIS F 162 48.27 -26.99 -24.25
CA HIS F 162 47.94 -26.70 -22.85
C HIS F 162 47.81 -25.22 -22.51
N GLN F 163 48.45 -24.35 -23.31
CA GLN F 163 48.40 -22.90 -23.20
C GLN F 163 48.81 -22.38 -21.84
N GLY F 164 50.13 -22.38 -21.62
CA GLY F 164 50.73 -21.91 -20.39
C GLY F 164 50.17 -22.68 -19.21
N GLY F 165 49.85 -23.95 -19.43
CA GLY F 165 49.49 -24.83 -18.34
C GLY F 165 48.01 -24.88 -17.98
N VAL F 166 47.21 -24.00 -18.59
CA VAL F 166 45.78 -23.96 -18.33
C VAL F 166 45.13 -25.32 -18.56
N GLY F 167 45.45 -25.97 -19.68
CA GLY F 167 44.85 -27.24 -20.02
C GLY F 167 44.91 -28.29 -18.92
N PHE F 168 46.07 -28.39 -18.26
CA PHE F 168 46.23 -29.38 -17.21
C PHE F 168 45.26 -29.22 -16.04
N THR F 169 44.79 -27.98 -15.81
CA THR F 169 44.01 -27.66 -14.61
C THR F 169 42.60 -28.24 -14.62
N LYS F 170 42.23 -28.79 -15.77
CA LYS F 170 40.84 -29.14 -15.99
C LYS F 170 40.42 -30.53 -15.49
N THR F 171 41.37 -31.36 -15.06
CA THR F 171 41.04 -32.53 -14.25
C THR F 171 41.80 -32.51 -12.92
N PRO F 172 41.28 -33.18 -11.89
CA PRO F 172 41.95 -33.26 -10.58
C PRO F 172 43.42 -33.66 -10.63
N ALA F 173 43.71 -34.83 -11.21
CA ALA F 173 45.09 -35.29 -11.48
C ALA F 173 45.94 -34.27 -12.23
N GLY F 174 45.38 -33.61 -13.25
CA GLY F 174 46.17 -32.67 -14.05
C GLY F 174 46.47 -31.40 -13.26
N ARG F 175 45.49 -30.98 -12.47
CA ARG F 175 45.66 -29.85 -11.57
C ARG F 175 46.68 -30.13 -10.47
N PHE F 176 46.62 -31.34 -9.92
CA PHE F 176 47.63 -31.72 -8.96
C PHE F 176 49.00 -31.66 -9.63
N TYR F 177 49.14 -32.41 -10.73
CA TYR F 177 50.34 -32.33 -11.58
C TYR F 177 50.77 -30.88 -11.86
N HIS F 178 49.83 -30.05 -12.31
CA HIS F 178 50.12 -28.64 -12.59
C HIS F 178 50.71 -27.85 -11.40
N ASP F 179 50.11 -28.03 -10.21
CA ASP F 179 50.53 -27.24 -9.05
C ASP F 179 51.85 -27.73 -8.51
N TYR F 180 52.11 -29.01 -8.73
CA TYR F 180 53.33 -29.66 -8.31
C TYR F 180 54.52 -29.05 -9.03
N TYR F 181 54.44 -28.89 -10.35
CA TYR F 181 55.53 -28.28 -11.11
C TYR F 181 55.53 -26.75 -11.18
N GLY F 182 54.38 -26.15 -10.91
CA GLY F 182 54.26 -24.70 -10.95
C GLY F 182 54.10 -24.16 -12.37
N GLU F 183 53.54 -22.97 -12.47
CA GLU F 183 53.09 -22.45 -13.75
C GLU F 183 54.20 -21.94 -14.67
N ASN F 184 55.31 -21.52 -14.10
CA ASN F 184 56.40 -20.96 -14.91
C ASN F 184 56.99 -21.98 -15.90
N LEU F 185 57.03 -23.24 -15.51
CA LEU F 185 57.47 -24.29 -16.41
C LEU F 185 56.60 -24.26 -17.66
N PHE F 186 55.28 -24.25 -17.44
CA PHE F 186 54.28 -24.28 -18.52
C PHE F 186 54.22 -22.97 -19.29
N ARG F 187 54.42 -21.85 -18.60
CA ARG F 187 54.35 -20.58 -19.26
C ARG F 187 55.56 -20.37 -20.15
N THR F 188 56.70 -20.98 -19.85
CA THR F 188 57.85 -20.79 -20.73
C THR F 188 57.87 -21.82 -21.86
N ASP F 189 57.04 -22.86 -21.72
CA ASP F 189 56.76 -23.80 -22.80
C ASP F 189 55.86 -23.21 -23.90
N MET F 190 56.49 -22.45 -24.78
CA MET F 190 55.80 -21.83 -25.90
C MET F 190 56.20 -22.51 -27.23
N GLY F 191 55.38 -22.31 -28.27
CA GLY F 191 55.76 -22.73 -29.63
C GLY F 191 56.76 -21.74 -30.18
N ILE F 192 56.96 -21.76 -31.50
CA ILE F 192 57.87 -20.77 -32.14
C ILE F 192 57.28 -19.36 -32.13
N GLU F 193 58.03 -18.41 -31.56
CA GLU F 193 57.65 -17.00 -31.54
C GLU F 193 58.75 -16.13 -32.20
N ARG F 194 58.91 -16.35 -33.52
CA ARG F 194 60.10 -15.92 -34.28
C ARG F 194 60.52 -14.46 -34.17
N THR F 195 59.61 -13.53 -34.44
CA THR F 195 59.98 -12.11 -34.52
C THR F 195 60.44 -11.59 -33.17
N SER F 196 60.07 -12.34 -32.13
CA SER F 196 60.52 -12.03 -30.80
C SER F 196 61.75 -12.90 -30.51
N LEU F 197 61.52 -14.05 -29.87
CA LEU F 197 62.59 -14.96 -29.45
C LEU F 197 63.58 -15.44 -30.51
N GLY F 198 63.11 -15.63 -31.75
CA GLY F 198 63.87 -16.35 -32.75
C GLY F 198 63.55 -17.84 -32.69
N SER F 199 64.52 -18.67 -33.09
CA SER F 199 64.31 -20.10 -33.22
C SER F 199 65.54 -20.90 -32.78
N LEU F 200 65.32 -21.98 -32.03
CA LEU F 200 66.40 -22.95 -31.76
C LEU F 200 66.98 -23.53 -33.07
N LEU F 201 66.12 -24.12 -33.89
CA LEU F 201 66.55 -24.76 -35.12
C LEU F 201 67.15 -23.80 -36.17
N ASP F 202 66.81 -22.52 -36.07
CA ASP F 202 67.35 -21.54 -37.00
C ASP F 202 68.55 -20.83 -36.42
N HIS F 203 68.74 -21.00 -35.10
CA HIS F 203 69.85 -20.40 -34.38
C HIS F 203 69.81 -18.87 -34.53
N THR F 204 68.62 -18.29 -34.27
CA THR F 204 68.34 -16.86 -34.48
C THR F 204 67.83 -16.17 -33.19
N GLY F 205 67.73 -14.85 -33.23
CA GLY F 205 67.34 -14.05 -32.07
C GLY F 205 68.07 -14.42 -30.78
N ALA F 206 67.31 -14.63 -29.72
CA ALA F 206 67.86 -14.90 -28.40
C ALA F 206 68.51 -16.26 -28.34
N PHE F 207 68.06 -17.19 -29.17
CA PHE F 207 68.69 -18.51 -29.25
C PHE F 207 70.09 -18.44 -29.83
N GLY F 208 70.23 -17.60 -30.85
CA GLY F 208 71.52 -17.29 -31.46
C GLY F 208 72.40 -16.55 -30.50
N GLU F 209 71.85 -15.51 -29.87
CA GLU F 209 72.55 -14.74 -28.82
C GLU F 209 73.13 -15.68 -27.76
N SER F 210 72.29 -16.58 -27.27
CA SER F 210 72.70 -17.52 -26.24
C SER F 210 73.83 -18.46 -26.72
N GLU F 211 73.73 -18.96 -27.95
CA GLU F 211 74.83 -19.71 -28.62
C GLU F 211 76.12 -18.89 -28.80
N LYS F 212 76.01 -17.61 -29.11
CA LYS F 212 77.20 -16.75 -29.17
C LYS F 212 77.90 -16.57 -27.82
N TYR F 213 77.10 -16.42 -26.77
CA TYR F 213 77.60 -16.30 -25.41
C TYR F 213 78.28 -17.60 -24.95
N ALA F 214 77.63 -18.74 -25.20
CA ALA F 214 78.23 -20.04 -24.96
C ALA F 214 79.61 -20.15 -25.63
N ALA F 215 79.67 -19.82 -26.92
CA ALA F 215 80.93 -19.87 -27.67
C ALA F 215 82.04 -19.05 -26.97
N ARG F 216 81.75 -17.80 -26.63
CA ARG F 216 82.68 -16.94 -25.87
C ARG F 216 83.20 -17.61 -24.58
N VAL F 217 82.28 -18.08 -23.77
CA VAL F 217 82.58 -18.62 -22.45
C VAL F 217 83.34 -19.94 -22.55
N PHE F 218 82.94 -20.78 -23.50
CA PHE F 218 83.54 -22.11 -23.62
C PHE F 218 84.73 -22.16 -24.59
N GLY F 219 85.03 -21.00 -25.20
CA GLY F 219 86.22 -20.80 -26.02
C GLY F 219 86.10 -21.40 -27.40
N ALA F 220 84.88 -21.37 -27.95
CA ALA F 220 84.63 -21.88 -29.30
C ALA F 220 84.54 -20.76 -30.33
N ASP F 221 84.70 -21.13 -31.60
CA ASP F 221 84.32 -20.29 -32.74
C ASP F 221 82.80 -20.26 -32.84
N ARG F 222 82.22 -21.44 -32.61
CA ARG F 222 80.79 -21.60 -32.69
C ARG F 222 80.32 -22.70 -31.76
N SER F 223 79.18 -22.43 -31.10
CA SER F 223 78.47 -23.44 -30.29
C SER F 223 77.03 -23.68 -30.79
N TRP F 224 76.57 -24.92 -30.63
CA TRP F 224 75.24 -25.37 -31.04
C TRP F 224 74.58 -25.95 -29.80
N SER F 225 73.48 -25.32 -29.39
CA SER F 225 72.64 -25.76 -28.27
C SER F 225 71.72 -26.91 -28.72
N VAL F 226 71.59 -27.94 -27.89
CA VAL F 226 70.94 -29.21 -28.24
C VAL F 226 70.06 -29.67 -27.08
N VAL F 227 68.90 -30.27 -27.39
CA VAL F 227 67.86 -30.64 -26.38
C VAL F 227 67.58 -32.13 -26.42
N VAL F 228 68.52 -32.85 -27.04
CA VAL F 228 68.43 -34.29 -27.20
C VAL F 228 69.71 -34.93 -26.65
N GLY F 229 70.33 -34.22 -25.70
CA GLY F 229 71.52 -34.72 -25.03
C GLY F 229 72.73 -34.71 -25.94
N THR F 230 73.84 -35.21 -25.42
CA THR F 230 75.05 -35.40 -26.22
C THR F 230 74.81 -36.58 -27.20
N SER F 231 73.85 -37.43 -26.88
CA SER F 231 73.36 -38.41 -27.84
C SER F 231 73.01 -37.77 -29.16
N GLY F 232 72.15 -36.74 -29.13
CA GLY F 232 71.75 -36.00 -30.32
C GLY F 232 72.88 -35.21 -30.95
N SER F 233 73.74 -34.66 -30.08
CA SER F 233 74.90 -33.88 -30.52
C SER F 233 75.88 -34.74 -31.31
N ASN F 234 76.23 -35.89 -30.75
CA ASN F 234 77.13 -36.84 -31.37
C ASN F 234 76.61 -37.29 -32.74
N ARG F 235 75.33 -37.67 -32.79
CA ARG F 235 74.70 -38.09 -34.04
C ARG F 235 74.79 -36.97 -35.04
N THR F 236 74.67 -35.75 -34.57
CA THR F 236 74.72 -34.57 -35.40
C THR F 236 76.09 -34.42 -36.03
N ILE F 237 77.14 -34.28 -35.21
CA ILE F 237 78.51 -34.13 -35.70
C ILE F 237 78.83 -35.26 -36.69
N MET F 238 78.56 -36.50 -36.28
CA MET F 238 78.79 -37.64 -37.16
C MET F 238 78.05 -37.56 -38.50
N GLN F 239 76.78 -37.09 -38.50
CA GLN F 239 76.02 -36.94 -39.76
C GLN F 239 76.64 -35.91 -40.65
N ALA F 240 77.27 -34.91 -40.06
CA ALA F 240 77.90 -33.86 -40.85
C ALA F 240 79.27 -34.28 -41.39
N CYS F 241 79.88 -35.31 -40.80
CA CYS F 241 81.30 -35.63 -41.01
C CYS F 241 81.69 -36.89 -41.82
N MET F 242 80.74 -37.75 -42.14
CA MET F 242 81.03 -39.02 -42.79
C MET F 242 79.84 -39.55 -43.57
N THR F 243 80.13 -40.16 -44.73
CA THR F 243 79.14 -40.94 -45.47
C THR F 243 79.58 -42.39 -45.43
N ASP F 244 78.83 -43.26 -46.09
CA ASP F 244 79.16 -44.68 -46.10
C ASP F 244 80.34 -44.96 -47.03
N ASN F 245 80.88 -43.90 -47.62
CA ASN F 245 82.11 -43.99 -48.39
C ASN F 245 83.36 -43.57 -47.59
N ASP F 246 83.18 -43.22 -46.32
CA ASP F 246 84.30 -42.72 -45.55
C ASP F 246 84.89 -43.75 -44.63
N VAL F 247 86.19 -43.56 -44.39
CA VAL F 247 86.87 -44.24 -43.30
C VAL F 247 86.88 -43.31 -42.11
N VAL F 248 86.61 -43.87 -40.94
CA VAL F 248 86.61 -43.10 -39.68
C VAL F 248 87.44 -43.82 -38.61
N VAL F 249 88.03 -43.04 -37.70
CA VAL F 249 88.82 -43.60 -36.59
C VAL F 249 88.07 -43.38 -35.29
N VAL F 250 87.99 -44.43 -34.48
CA VAL F 250 87.04 -44.49 -33.38
C VAL F 250 87.64 -45.09 -32.09
N ASP F 251 87.73 -44.26 -31.06
CA ASP F 251 87.99 -44.69 -29.71
C ASP F 251 87.09 -45.89 -29.42
N ARG F 252 87.68 -47.02 -29.07
CA ARG F 252 86.93 -48.23 -28.73
C ARG F 252 86.09 -47.91 -27.48
N ASN F 253 86.64 -47.05 -26.63
CA ASN F 253 85.86 -46.43 -25.56
C ASN F 253 85.00 -45.31 -26.14
N CYS F 254 83.84 -45.68 -26.65
CA CYS F 254 82.91 -44.72 -27.27
C CYS F 254 81.49 -45.02 -26.76
N HIS F 255 80.72 -43.96 -26.62
CA HIS F 255 79.33 -44.06 -26.17
C HIS F 255 78.45 -44.72 -27.22
N LYS F 256 77.35 -45.32 -26.78
CA LYS F 256 76.32 -45.88 -27.67
C LYS F 256 75.99 -44.99 -28.83
N SER F 257 76.02 -43.67 -28.60
CA SER F 257 75.63 -42.72 -29.61
C SER F 257 76.67 -42.58 -30.71
N ILE F 258 77.88 -43.04 -30.42
CA ILE F 258 78.92 -43.01 -31.45
C ILE F 258 78.68 -44.16 -32.42
N GLU F 259 78.38 -45.36 -31.89
CA GLU F 259 77.97 -46.50 -32.71
C GLU F 259 76.72 -46.16 -33.51
N GLN F 260 75.78 -45.46 -32.87
CA GLN F 260 74.57 -44.95 -33.54
C GLN F 260 74.94 -44.13 -34.76
N GLY F 261 75.92 -43.23 -34.61
CA GLY F 261 76.44 -42.47 -35.73
C GLY F 261 76.91 -43.38 -36.86
N LEU F 262 77.68 -44.41 -36.48
CA LEU F 262 78.17 -45.35 -37.44
C LEU F 262 77.03 -46.04 -38.18
N MET F 263 76.03 -46.48 -37.42
CA MET F 263 74.88 -47.16 -38.00
C MET F 263 74.03 -46.24 -38.84
N LEU F 264 74.08 -44.94 -38.57
CA LEU F 264 73.20 -44.02 -39.26
C LEU F 264 73.83 -43.46 -40.52
N THR F 265 75.15 -43.42 -40.53
CA THR F 265 75.93 -42.95 -41.68
C THR F 265 76.44 -44.09 -42.58
N GLY F 266 76.64 -45.28 -42.01
CA GLY F 266 77.18 -46.42 -42.76
C GLY F 266 78.68 -46.34 -42.96
N ALA F 267 79.33 -45.41 -42.27
CA ALA F 267 80.79 -45.23 -42.32
C ALA F 267 81.58 -46.48 -41.93
N LYS F 268 82.81 -46.56 -42.44
CA LYS F 268 83.69 -47.71 -42.22
C LYS F 268 84.66 -47.41 -41.06
N PRO F 269 84.43 -48.06 -39.90
CA PRO F 269 85.26 -47.74 -38.73
C PRO F 269 86.52 -48.57 -38.50
N VAL F 270 87.52 -47.92 -37.95
CA VAL F 270 88.66 -48.57 -37.33
C VAL F 270 88.73 -48.09 -35.84
N TYR F 271 89.32 -48.90 -34.95
CA TYR F 271 89.31 -48.60 -33.52
C TYR F 271 90.66 -48.45 -32.87
N MET F 272 90.81 -47.39 -32.09
CA MET F 272 91.95 -47.25 -31.18
C MET F 272 91.57 -47.91 -29.87
N VAL F 273 92.47 -48.73 -29.36
CA VAL F 273 92.23 -49.57 -28.20
C VAL F 273 92.83 -48.90 -26.97
N PRO F 274 92.01 -48.70 -25.93
CA PRO F 274 92.56 -48.10 -24.71
C PRO F 274 93.34 -49.10 -23.83
N SER F 275 94.24 -48.58 -23.01
CA SER F 275 94.88 -49.36 -21.98
C SER F 275 93.90 -49.72 -20.86
N ARG F 276 94.35 -50.53 -19.92
CA ARG F 276 93.56 -50.78 -18.73
C ARG F 276 94.43 -51.21 -17.55
N ASN F 277 93.89 -51.17 -16.33
CA ASN F 277 94.68 -51.51 -15.16
C ASN F 277 94.14 -52.71 -14.40
N ARG F 278 94.83 -53.06 -13.31
CA ARG F 278 94.52 -54.23 -12.50
C ARG F 278 93.16 -54.18 -11.78
N TYR F 279 92.50 -53.00 -11.77
CA TYR F 279 91.15 -52.90 -11.19
C TYR F 279 90.06 -52.97 -12.25
N GLY F 280 90.42 -53.35 -13.47
CA GLY F 280 89.49 -53.33 -14.59
C GLY F 280 89.08 -51.93 -15.03
N ILE F 281 89.80 -50.91 -14.58
CA ILE F 281 89.52 -49.52 -14.98
C ILE F 281 90.10 -49.27 -16.35
N ILE F 282 89.30 -48.68 -17.24
CA ILE F 282 89.77 -48.28 -18.55
C ILE F 282 90.71 -47.08 -18.42
N GLY F 283 91.78 -47.08 -19.22
CA GLY F 283 92.79 -46.02 -19.22
C GLY F 283 92.82 -45.28 -20.53
N PRO F 284 93.85 -44.46 -20.77
CA PRO F 284 93.91 -43.76 -22.03
C PRO F 284 94.38 -44.65 -23.20
N ILE F 285 94.13 -44.18 -24.41
CA ILE F 285 94.74 -44.75 -25.59
C ILE F 285 96.13 -44.16 -25.57
N TYR F 286 97.15 -45.03 -25.60
CA TYR F 286 98.56 -44.59 -25.63
C TYR F 286 98.84 -43.91 -26.95
N PRO F 287 99.81 -42.99 -26.98
CA PRO F 287 100.13 -42.28 -28.22
C PRO F 287 100.46 -43.22 -29.39
N GLN F 288 101.07 -44.38 -29.11
CA GLN F 288 101.38 -45.38 -30.14
C GLN F 288 100.14 -45.66 -31.00
N GLU F 289 99.00 -45.90 -30.35
CA GLU F 289 97.75 -46.17 -31.04
C GLU F 289 97.28 -45.02 -31.93
N MET F 290 97.92 -43.87 -31.82
CA MET F 290 97.45 -42.65 -32.49
C MET F 290 98.39 -42.20 -33.63
N GLN F 291 99.52 -42.90 -33.77
CA GLN F 291 100.49 -42.56 -34.80
C GLN F 291 99.86 -42.72 -36.18
N PRO F 292 100.15 -41.78 -37.09
CA PRO F 292 99.62 -41.87 -38.45
C PRO F 292 99.89 -43.21 -39.12
N GLU F 293 101.05 -43.82 -38.88
CA GLU F 293 101.36 -45.12 -39.46
C GLU F 293 100.60 -46.23 -38.77
N THR F 294 100.34 -46.08 -37.47
CA THR F 294 99.58 -47.12 -36.76
C THR F 294 98.14 -47.23 -37.26
N LEU F 295 97.53 -46.06 -37.49
CA LEU F 295 96.17 -45.96 -38.01
C LEU F 295 96.12 -46.42 -39.48
N GLN F 296 97.14 -46.07 -40.25
CA GLN F 296 97.24 -46.55 -41.64
C GLN F 296 97.25 -48.08 -41.74
N LYS F 297 97.98 -48.71 -40.83
CA LYS F 297 98.01 -50.16 -40.74
C LYS F 297 96.62 -50.75 -40.41
N LYS F 298 95.96 -50.19 -39.41
CA LYS F 298 94.57 -50.59 -39.04
C LYS F 298 93.61 -50.50 -40.24
N ILE F 299 93.72 -49.42 -41.01
CA ILE F 299 92.91 -49.21 -42.21
C ILE F 299 93.21 -50.28 -43.28
N SER F 300 94.48 -50.66 -43.40
CA SER F 300 94.88 -51.71 -44.34
C SER F 300 94.37 -53.09 -43.94
N GLU F 301 94.52 -53.45 -42.68
CA GLU F 301 94.21 -54.80 -42.22
C GLU F 301 92.74 -55.11 -41.98
N SER F 302 91.92 -54.09 -41.75
CA SER F 302 90.51 -54.31 -41.41
C SER F 302 89.72 -54.82 -42.60
N PRO F 303 88.90 -55.87 -42.36
CA PRO F 303 87.96 -56.38 -43.35
C PRO F 303 86.97 -55.33 -43.85
N LEU F 304 86.72 -54.29 -43.05
CA LEU F 304 85.77 -53.22 -43.40
C LEU F 304 86.37 -52.08 -44.20
N THR F 305 87.68 -51.88 -44.07
CA THR F 305 88.33 -50.75 -44.72
C THR F 305 89.37 -51.17 -45.76
N LYS F 306 89.62 -52.48 -45.87
CA LYS F 306 90.57 -53.06 -46.85
C LYS F 306 90.70 -52.23 -48.14
N ASP F 307 89.58 -52.10 -48.87
CA ASP F 307 89.51 -51.50 -50.21
C ASP F 307 89.65 -49.98 -50.20
N LYS F 308 90.14 -49.45 -49.08
CA LYS F 308 90.18 -48.02 -48.86
C LYS F 308 91.52 -47.55 -48.30
N ALA F 309 92.47 -48.48 -48.22
CA ALA F 309 93.85 -48.13 -47.89
C ALA F 309 94.27 -46.89 -48.67
N GLY F 310 94.89 -45.94 -47.99
CA GLY F 310 95.37 -44.71 -48.62
C GLY F 310 94.38 -43.56 -48.57
N GLN F 311 93.10 -43.90 -48.38
CA GLN F 311 92.03 -42.91 -48.21
C GLN F 311 92.17 -42.20 -46.87
N LYS F 312 91.99 -40.88 -46.87
CA LYS F 312 92.05 -40.10 -45.65
C LYS F 312 90.73 -40.18 -44.87
N PRO F 313 90.79 -40.59 -43.58
CA PRO F 313 89.64 -40.59 -42.67
C PRO F 313 89.02 -39.21 -42.49
N SER F 314 87.70 -39.12 -42.61
CA SER F 314 86.99 -37.82 -42.50
C SER F 314 86.69 -37.37 -41.05
N TYR F 315 86.99 -38.22 -40.08
CA TYR F 315 86.55 -38.01 -38.72
C TYR F 315 87.30 -38.93 -37.78
N CYS F 316 87.56 -38.40 -36.60
CA CYS F 316 88.22 -39.11 -35.54
C CYS F 316 87.58 -38.74 -34.20
N VAL F 317 87.30 -39.73 -33.36
CA VAL F 317 86.71 -39.47 -32.06
C VAL F 317 87.52 -40.06 -30.91
N VAL F 318 87.70 -39.25 -29.85
CA VAL F 318 88.25 -39.72 -28.57
C VAL F 318 87.36 -39.26 -27.43
N THR F 319 87.07 -40.18 -26.50
CA THR F 319 86.36 -39.86 -25.25
C THR F 319 87.33 -39.30 -24.19
N ASN F 320 87.24 -37.99 -23.93
CA ASN F 320 88.05 -37.35 -22.91
C ASN F 320 87.18 -36.37 -22.10
N CYS F 321 87.01 -36.58 -20.79
CA CYS F 321 87.71 -37.55 -19.97
C CYS F 321 86.96 -38.86 -20.00
N THR F 322 87.57 -39.92 -19.49
CA THR F 322 86.91 -41.21 -19.35
C THR F 322 86.00 -41.20 -18.13
N TYR F 323 85.17 -42.23 -18.03
CA TYR F 323 84.18 -42.30 -16.99
C TYR F 323 84.84 -42.33 -15.58
N ASP F 324 85.93 -43.08 -15.41
CA ASP F 324 86.62 -43.09 -14.12
C ASP F 324 87.57 -41.91 -13.86
N GLY F 325 87.57 -40.93 -14.75
CA GLY F 325 88.30 -39.68 -14.51
C GLY F 325 89.71 -39.59 -15.09
N VAL F 326 90.00 -40.43 -16.07
CA VAL F 326 91.31 -40.36 -16.77
C VAL F 326 91.21 -39.27 -17.84
N CYS F 327 92.09 -38.27 -17.77
CA CYS F 327 92.03 -37.11 -18.66
C CYS F 327 93.27 -37.02 -19.54
N TYR F 328 93.05 -36.98 -20.85
CA TYR F 328 94.17 -36.94 -21.78
C TYR F 328 94.67 -35.54 -21.86
N ASN F 329 96.00 -35.44 -21.97
CA ASN F 329 96.61 -34.25 -22.51
C ASN F 329 96.15 -34.08 -23.97
N ALA F 330 95.19 -33.18 -24.17
CA ALA F 330 94.52 -33.03 -25.46
C ALA F 330 95.30 -32.21 -26.49
N LYS F 331 96.18 -31.32 -26.00
CA LYS F 331 97.08 -30.58 -26.86
C LYS F 331 97.96 -31.57 -27.64
N GLU F 332 98.49 -32.55 -26.92
CA GLU F 332 99.32 -33.62 -27.48
C GLU F 332 98.53 -34.64 -28.27
N ALA F 333 97.38 -35.07 -27.75
CA ALA F 333 96.54 -35.97 -28.55
C ALA F 333 96.17 -35.37 -29.92
N GLN F 334 95.93 -34.06 -29.95
CA GLN F 334 95.54 -33.40 -31.18
C GLN F 334 96.68 -33.46 -32.17
N ASP F 335 97.88 -33.13 -31.71
CA ASP F 335 99.08 -33.20 -32.54
C ASP F 335 99.26 -34.49 -33.31
N LEU F 336 99.04 -35.62 -32.65
CA LEU F 336 99.13 -36.90 -33.31
C LEU F 336 98.00 -37.10 -34.32
N LEU F 337 96.75 -36.92 -33.88
CA LEU F 337 95.57 -37.29 -34.66
C LEU F 337 95.30 -36.40 -35.88
N GLU F 338 95.75 -35.15 -35.80
CA GLU F 338 95.57 -34.20 -36.88
C GLU F 338 96.41 -34.55 -38.12
N LYS F 339 97.43 -35.39 -37.92
CA LYS F 339 98.22 -35.97 -39.01
C LYS F 339 97.41 -36.95 -39.89
N THR F 340 96.33 -37.47 -39.34
CA THR F 340 95.49 -38.47 -39.99
C THR F 340 94.14 -37.91 -40.47
N SER F 341 93.52 -37.08 -39.64
CA SER F 341 92.18 -36.57 -39.87
C SER F 341 92.11 -35.07 -39.67
N ASP F 342 91.38 -34.38 -40.54
CA ASP F 342 91.14 -32.94 -40.33
C ASP F 342 90.00 -32.63 -39.34
N ARG F 343 89.19 -33.62 -39.04
CA ARG F 343 88.15 -33.42 -38.06
C ARG F 343 88.45 -34.29 -36.87
N LEU F 344 88.57 -33.63 -35.72
CA LEU F 344 88.67 -34.32 -34.44
C LEU F 344 87.49 -33.99 -33.57
N HIS F 345 86.95 -35.05 -32.98
CA HIS F 345 85.88 -34.94 -32.04
C HIS F 345 86.34 -35.49 -30.68
N PHE F 346 86.36 -34.60 -29.69
CA PHE F 346 86.53 -35.01 -28.31
C PHE F 346 85.19 -35.09 -27.61
N ASP F 347 84.80 -36.30 -27.24
CA ASP F 347 83.55 -36.48 -26.55
C ASP F 347 83.77 -36.20 -25.05
N GLU F 348 83.68 -34.91 -24.72
CA GLU F 348 83.91 -34.37 -23.38
C GLU F 348 82.61 -34.35 -22.51
N ALA F 349 81.75 -35.36 -22.69
CA ALA F 349 80.37 -35.29 -22.16
C ALA F 349 80.32 -35.14 -20.64
N TRP F 350 81.25 -35.81 -19.95
CA TRP F 350 81.38 -35.81 -18.49
C TRP F 350 82.34 -34.73 -17.98
N TYR F 351 82.64 -33.72 -18.79
CA TYR F 351 83.88 -32.96 -18.64
C TYR F 351 83.71 -31.47 -19.01
N GLY F 352 82.47 -30.97 -18.99
CA GLY F 352 82.18 -29.60 -19.42
C GLY F 352 82.85 -28.47 -18.66
N TYR F 353 83.22 -28.74 -17.40
CA TYR F 353 83.83 -27.77 -16.45
C TYR F 353 85.34 -27.55 -16.62
N ALA F 354 85.99 -28.39 -17.42
CA ALA F 354 87.45 -28.46 -17.38
C ALA F 354 88.18 -27.15 -17.72
N ARG F 355 87.61 -26.35 -18.62
CA ARG F 355 88.21 -25.07 -19.05
C ARG F 355 88.29 -24.05 -17.91
N PHE F 356 87.48 -24.27 -16.87
CA PHE F 356 87.26 -23.21 -15.87
C PHE F 356 88.14 -23.36 -14.62
N ASN F 357 88.88 -24.45 -14.54
CA ASN F 357 89.91 -24.61 -13.54
C ASN F 357 91.29 -24.91 -14.13
N PRO F 358 92.34 -24.19 -13.66
CA PRO F 358 93.71 -24.31 -14.20
C PRO F 358 94.35 -25.68 -14.02
N ILE F 359 93.85 -26.46 -13.06
CA ILE F 359 94.37 -27.80 -12.81
C ILE F 359 94.22 -28.74 -14.01
N TYR F 360 93.27 -28.42 -14.89
CA TYR F 360 92.98 -29.20 -16.08
C TYR F 360 93.72 -28.69 -17.30
N ALA F 361 94.47 -27.60 -17.14
CA ALA F 361 95.33 -27.06 -18.21
C ALA F 361 95.84 -28.11 -19.23
N ASP F 362 95.61 -27.80 -20.52
CA ASP F 362 96.05 -28.61 -21.68
C ASP F 362 95.33 -29.94 -21.85
N HIS F 363 94.47 -30.28 -20.89
CA HIS F 363 93.78 -31.58 -20.91
C HIS F 363 92.33 -31.59 -21.40
N TYR F 364 91.96 -30.62 -22.22
CA TYR F 364 90.63 -30.51 -22.80
C TYR F 364 90.77 -29.83 -24.19
N ALA F 365 89.71 -29.80 -24.99
CA ALA F 365 89.82 -29.36 -26.37
C ALA F 365 89.92 -27.85 -26.58
N MET F 366 89.08 -27.07 -25.90
CA MET F 366 89.01 -25.63 -26.15
C MET F 366 89.95 -24.87 -25.24
N ARG F 367 91.25 -24.97 -25.54
CA ARG F 367 92.31 -24.38 -24.73
C ARG F 367 92.57 -22.97 -25.17
N GLY F 368 92.62 -22.03 -24.23
CA GLY F 368 92.86 -20.61 -24.55
C GLY F 368 91.74 -20.00 -25.35
N GLU F 369 92.08 -18.97 -26.12
CA GLU F 369 91.09 -18.26 -26.92
C GLU F 369 91.01 -18.86 -28.31
N PRO F 370 89.81 -18.90 -28.91
CA PRO F 370 89.69 -19.37 -30.30
C PRO F 370 90.20 -18.28 -31.26
N GLY F 371 90.32 -18.63 -32.54
CA GLY F 371 90.64 -17.62 -33.55
C GLY F 371 91.68 -18.08 -34.55
N ASP F 372 92.55 -19.00 -34.11
CA ASP F 372 93.57 -19.61 -34.95
C ASP F 372 93.01 -20.77 -35.76
N HIS F 373 92.86 -20.57 -37.07
CA HIS F 373 92.23 -21.56 -37.94
C HIS F 373 93.18 -22.44 -38.71
N ASN F 374 94.47 -22.35 -38.42
CA ASN F 374 95.37 -23.34 -38.99
C ASN F 374 95.62 -24.51 -38.05
N GLY F 375 94.95 -25.61 -38.35
CA GLY F 375 94.92 -26.79 -37.52
C GLY F 375 93.67 -27.54 -37.93
N PRO F 376 93.34 -28.62 -37.21
CA PRO F 376 92.15 -29.38 -37.60
C PRO F 376 90.88 -28.66 -37.12
N THR F 377 89.73 -28.98 -37.70
CA THR F 377 88.46 -28.59 -37.12
C THR F 377 88.25 -29.51 -35.93
N VAL F 378 87.98 -28.91 -34.76
CA VAL F 378 87.76 -29.67 -33.52
C VAL F 378 86.36 -29.45 -32.94
N PHE F 379 85.72 -30.57 -32.58
CA PHE F 379 84.40 -30.60 -31.98
C PHE F 379 84.54 -31.04 -30.54
N ALA F 380 83.81 -30.40 -29.63
CA ALA F 380 83.72 -30.88 -28.26
C ALA F 380 82.27 -30.93 -27.85
N THR F 381 81.86 -32.08 -27.33
CA THR F 381 80.50 -32.30 -26.88
C THR F 381 80.43 -32.31 -25.35
N HIS F 382 79.52 -31.53 -24.78
CA HIS F 382 79.24 -31.58 -23.32
C HIS F 382 77.78 -31.87 -23.11
N SER F 383 77.50 -32.84 -22.23
CA SER F 383 76.19 -33.01 -21.60
C SER F 383 76.18 -32.01 -20.48
N THR F 384 75.57 -30.87 -20.72
CA THR F 384 75.59 -29.84 -19.72
C THR F 384 74.92 -30.24 -18.39
N HIS F 385 74.04 -31.25 -18.43
CA HIS F 385 73.35 -31.80 -17.26
C HIS F 385 74.19 -32.78 -16.44
N LYS F 386 75.22 -33.36 -17.06
CA LYS F 386 76.06 -34.30 -16.34
C LYS F 386 76.93 -33.57 -15.27
N LEU F 387 77.88 -32.76 -15.70
CA LEU F 387 78.75 -32.13 -14.72
C LEU F 387 78.78 -30.63 -14.77
N LEU F 388 78.01 -30.02 -15.67
CA LEU F 388 77.63 -28.63 -15.49
C LEU F 388 76.26 -28.52 -14.77
N ASN F 389 75.66 -27.33 -14.74
CA ASN F 389 74.34 -27.20 -14.09
C ASN F 389 73.27 -27.02 -15.15
N ALA F 390 72.53 -28.09 -15.41
CA ALA F 390 71.50 -28.06 -16.45
C ALA F 390 70.49 -29.18 -16.33
N LEU F 391 69.31 -28.97 -16.91
CA LEU F 391 68.31 -30.03 -17.01
C LEU F 391 68.81 -31.11 -17.95
N SER F 392 68.57 -32.38 -17.60
CA SER F 392 68.71 -33.50 -18.55
C SER F 392 68.25 -33.15 -19.97
N GLN F 393 69.01 -33.64 -20.95
CA GLN F 393 68.79 -33.44 -22.40
C GLN F 393 69.48 -32.21 -22.95
N ALA F 394 69.97 -31.36 -22.05
CA ALA F 394 70.70 -30.15 -22.44
C ALA F 394 72.13 -30.52 -22.81
N SER F 395 72.56 -30.05 -23.98
CA SER F 395 73.88 -30.40 -24.50
C SER F 395 74.43 -29.27 -25.35
N TYR F 396 75.75 -29.24 -25.55
CA TYR F 396 76.41 -28.32 -26.49
C TYR F 396 77.36 -29.05 -27.44
N ILE F 397 77.34 -28.63 -28.70
CA ILE F 397 78.43 -28.90 -29.64
C ILE F 397 79.25 -27.62 -29.74
N HIS F 398 80.52 -27.70 -29.32
CA HIS F 398 81.46 -26.61 -29.47
C HIS F 398 82.43 -26.90 -30.62
N VAL F 399 82.78 -25.88 -31.39
CA VAL F 399 83.53 -26.06 -32.61
C VAL F 399 84.65 -25.02 -32.74
N ARG F 400 85.87 -25.53 -32.96
CA ARG F 400 86.95 -24.71 -33.44
C ARG F 400 87.19 -25.05 -34.91
N GLU F 401 87.12 -24.03 -35.73
CA GLU F 401 87.27 -24.25 -37.14
C GLU F 401 88.72 -24.28 -37.57
N GLY F 402 89.04 -25.29 -38.37
CA GLY F 402 90.34 -25.39 -39.04
C GLY F 402 90.11 -26.06 -40.37
N ARG F 403 91.00 -27.00 -40.71
CA ARG F 403 90.93 -27.69 -41.99
C ARG F 403 89.69 -28.57 -42.04
N GLY F 404 89.12 -28.67 -43.24
CA GLY F 404 87.92 -29.43 -43.49
C GLY F 404 86.69 -28.96 -42.72
N ALA F 405 86.59 -27.64 -42.51
CA ALA F 405 85.48 -27.05 -41.74
C ALA F 405 84.14 -27.19 -42.46
N ILE F 406 83.08 -27.33 -41.67
CA ILE F 406 81.72 -27.41 -42.19
C ILE F 406 80.98 -26.10 -41.91
N ASN F 407 80.54 -25.40 -42.94
CA ASN F 407 79.91 -24.11 -42.74
C ASN F 407 78.49 -24.23 -42.16
N PHE F 408 77.90 -23.11 -41.74
CA PHE F 408 76.55 -23.10 -41.14
C PHE F 408 75.49 -23.84 -41.97
N SER F 409 75.30 -23.42 -43.23
CA SER F 409 74.33 -24.04 -44.16
C SER F 409 74.44 -25.55 -44.21
N ARG F 410 75.68 -26.02 -44.25
CA ARG F 410 75.94 -27.45 -44.31
C ARG F 410 75.69 -28.11 -42.95
N PHE F 411 76.27 -27.55 -41.88
CA PHE F 411 76.11 -28.17 -40.57
C PHE F 411 74.65 -28.21 -40.08
N ASN F 412 73.90 -27.12 -40.32
CA ASN F 412 72.52 -27.00 -39.82
C ASN F 412 71.53 -28.05 -40.30
N GLN F 413 71.83 -28.63 -41.46
CA GLN F 413 71.00 -29.69 -42.04
C GLN F 413 71.16 -31.01 -41.26
N ALA F 414 72.39 -31.27 -40.82
CA ALA F 414 72.68 -32.38 -39.90
C ALA F 414 72.12 -32.05 -38.49
N TYR F 415 72.14 -30.76 -38.15
CA TYR F 415 71.53 -30.28 -36.90
C TYR F 415 70.05 -30.61 -36.87
N MET F 416 69.33 -30.15 -37.90
CA MET F 416 67.89 -30.36 -37.97
C MET F 416 67.54 -31.83 -38.09
N MET F 417 68.41 -32.59 -38.76
CA MET F 417 68.19 -34.03 -38.97
C MET F 417 67.89 -34.77 -37.68
N HIS F 418 68.56 -34.32 -36.61
CA HIS F 418 68.48 -34.98 -35.31
C HIS F 418 67.80 -34.12 -34.22
N ALA F 419 67.11 -33.07 -34.65
CA ALA F 419 66.44 -32.14 -33.74
C ALA F 419 64.98 -32.54 -33.61
N THR F 420 64.21 -31.75 -32.86
CA THR F 420 62.76 -31.85 -32.89
C THR F 420 62.26 -30.48 -33.27
N THR F 421 61.20 -30.42 -34.07
CA THR F 421 60.63 -29.12 -34.44
C THR F 421 59.88 -28.40 -33.29
N SER F 422 59.71 -29.09 -32.15
CA SER F 422 59.04 -28.54 -30.97
C SER F 422 59.89 -28.70 -29.73
N PRO F 423 61.05 -28.00 -29.67
CA PRO F 423 61.88 -28.17 -28.45
C PRO F 423 61.25 -27.55 -27.19
N LEU F 424 61.45 -28.18 -26.03
CA LEU F 424 61.01 -27.63 -24.75
C LEU F 424 61.96 -26.52 -24.33
N TYR F 425 61.47 -25.27 -24.33
CA TYR F 425 62.29 -24.11 -23.98
C TYR F 425 62.89 -24.08 -22.57
N ALA F 426 62.33 -24.85 -21.65
CA ALA F 426 62.90 -24.97 -20.30
C ALA F 426 64.32 -25.52 -20.36
N ILE F 427 64.54 -26.49 -21.26
CA ILE F 427 65.85 -27.11 -21.44
C ILE F 427 66.83 -26.07 -21.93
N CYS F 428 66.45 -25.34 -22.96
CA CYS F 428 67.25 -24.25 -23.49
C CYS F 428 67.55 -23.19 -22.42
N ALA F 429 66.57 -22.86 -21.58
CA ALA F 429 66.82 -21.85 -20.56
C ALA F 429 67.93 -22.35 -19.61
N SER F 430 67.87 -23.64 -19.27
CA SER F 430 68.80 -24.24 -18.33
C SER F 430 70.18 -24.32 -18.95
N ASN F 431 70.23 -24.53 -20.27
CA ASN F 431 71.47 -24.45 -21.04
C ASN F 431 72.10 -23.06 -20.99
N ASP F 432 71.27 -22.02 -21.05
CA ASP F 432 71.74 -20.65 -21.03
C ASP F 432 72.31 -20.28 -19.66
N VAL F 433 71.63 -20.76 -18.61
CA VAL F 433 72.07 -20.55 -17.23
C VAL F 433 73.35 -21.33 -16.88
N ALA F 434 73.50 -22.56 -17.40
CA ALA F 434 74.77 -23.30 -17.29
C ALA F 434 75.98 -22.43 -17.73
N VAL F 435 75.83 -21.73 -18.86
CA VAL F 435 76.90 -20.90 -19.39
C VAL F 435 77.18 -19.77 -18.42
N SER F 436 76.09 -19.12 -17.98
CA SER F 436 76.14 -18.01 -17.04
C SER F 436 76.95 -18.36 -15.79
N MET F 437 76.73 -19.54 -15.23
CA MET F 437 77.47 -19.94 -14.02
C MET F 437 79.01 -20.12 -14.17
N MET F 438 79.47 -20.36 -15.40
CA MET F 438 80.90 -20.58 -15.66
C MET F 438 81.58 -19.31 -16.10
N ASP F 439 80.79 -18.27 -16.33
CA ASP F 439 81.30 -17.04 -16.87
C ASP F 439 81.96 -16.16 -15.79
N GLY F 440 83.16 -15.67 -16.05
CA GLY F 440 83.91 -14.85 -15.10
C GLY F 440 84.47 -15.59 -13.90
N ASN F 441 84.41 -14.95 -12.74
CA ASN F 441 85.01 -15.47 -11.52
C ASN F 441 84.35 -16.71 -10.97
N SER F 442 83.06 -16.91 -11.27
CA SER F 442 82.31 -18.00 -10.67
C SER F 442 82.69 -19.38 -11.22
N GLY F 443 83.08 -19.43 -12.50
CA GLY F 443 83.61 -20.65 -13.10
C GLY F 443 84.74 -21.25 -12.28
N LEU F 444 85.74 -20.41 -11.98
CA LEU F 444 86.87 -20.79 -11.14
C LEU F 444 86.42 -21.26 -9.77
N SER F 445 85.59 -20.44 -9.16
CA SER F 445 85.16 -20.61 -7.80
C SER F 445 84.34 -21.92 -7.62
N LEU F 446 83.40 -22.14 -8.53
CA LEU F 446 82.60 -23.36 -8.54
C LEU F 446 83.42 -24.65 -8.79
N THR F 447 84.24 -24.66 -9.83
CA THR F 447 85.11 -25.83 -10.06
C THR F 447 86.11 -26.09 -8.88
N GLN F 448 86.69 -25.02 -8.31
CA GLN F 448 87.62 -25.20 -7.20
C GLN F 448 86.96 -25.82 -5.97
N GLU F 449 85.70 -25.50 -5.73
CA GLU F 449 85.00 -26.03 -4.59
C GLU F 449 84.79 -27.54 -4.73
N VAL F 450 84.42 -27.99 -5.93
CA VAL F 450 84.25 -29.43 -6.16
C VAL F 450 85.59 -30.16 -5.97
N ILE F 451 86.65 -29.55 -6.51
CA ILE F 451 88.02 -30.03 -6.28
C ILE F 451 88.34 -30.06 -4.78
N ASP F 452 88.06 -28.96 -4.08
CA ASP F 452 88.35 -28.90 -2.63
C ASP F 452 87.58 -29.98 -1.88
N GLU F 453 86.32 -30.19 -2.23
CA GLU F 453 85.54 -31.22 -1.54
C GLU F 453 86.07 -32.64 -1.80
N ALA F 454 86.39 -32.96 -3.06
CA ALA F 454 86.87 -34.29 -3.45
C ALA F 454 88.22 -34.58 -2.79
N VAL F 455 89.09 -33.59 -2.78
CA VAL F 455 90.37 -33.77 -2.11
C VAL F 455 90.21 -33.97 -0.62
N ASP F 456 89.32 -33.19 0.02
CA ASP F 456 89.07 -33.35 1.46
C ASP F 456 88.62 -34.76 1.73
N PHE F 457 87.73 -35.30 0.91
CA PHE F 457 87.33 -36.72 1.07
C PHE F 457 88.52 -37.70 0.87
N ARG F 458 89.31 -37.44 -0.18
CA ARG F 458 90.47 -38.30 -0.52
C ARG F 458 91.48 -38.34 0.66
N GLN F 459 91.81 -37.16 1.19
CA GLN F 459 92.75 -37.06 2.30
C GLN F 459 92.25 -37.74 3.56
N ALA F 460 90.98 -37.53 3.89
CA ALA F 460 90.37 -38.22 5.03
C ALA F 460 90.46 -39.75 4.87
N MET F 461 90.19 -40.24 3.66
CA MET F 461 90.27 -41.67 3.39
C MET F 461 91.72 -42.16 3.47
N ALA F 462 92.66 -41.37 2.98
CA ALA F 462 94.09 -41.73 3.04
C ALA F 462 94.57 -41.80 4.48
N ARG F 463 94.22 -40.78 5.27
CA ARG F 463 94.54 -40.76 6.70
C ARG F 463 93.98 -41.98 7.46
N LEU F 464 92.70 -42.29 7.27
CA LEU F 464 92.11 -43.49 7.90
C LEU F 464 92.74 -44.79 7.42
N TYR F 465 93.06 -44.86 6.13
CA TYR F 465 93.72 -46.04 5.60
C TYR F 465 95.03 -46.30 6.37
N LYS F 466 95.85 -45.25 6.47
CA LYS F 466 97.13 -45.23 7.18
C LYS F 466 96.99 -45.61 8.64
N GLU F 467 96.04 -44.97 9.32
CA GLU F 467 95.71 -45.27 10.72
C GLU F 467 95.29 -46.73 10.95
N PHE F 468 94.45 -47.26 10.07
CA PHE F 468 93.99 -48.64 10.20
C PHE F 468 95.09 -49.66 9.91
N THR F 469 95.91 -49.35 8.92
CA THR F 469 97.00 -50.21 8.55
C THR F 469 97.98 -50.31 9.72
N ALA F 470 98.36 -49.15 10.29
CA ALA F 470 99.28 -49.09 11.43
C ALA F 470 98.78 -49.92 12.61
N ASP F 471 97.47 -50.06 12.71
CA ASP F 471 96.85 -50.76 13.81
C ASP F 471 96.54 -52.22 13.43
N GLY F 472 97.13 -52.66 12.32
CA GLY F 472 97.07 -54.06 11.90
C GLY F 472 95.77 -54.47 11.23
N SER F 473 95.06 -53.50 10.65
CA SER F 473 93.69 -53.73 10.17
C SER F 473 93.49 -53.25 8.73
N TRP F 474 92.53 -53.83 8.02
CA TRP F 474 92.22 -53.38 6.64
C TRP F 474 91.41 -52.09 6.58
N PHE F 475 91.47 -51.42 5.44
CA PHE F 475 90.52 -50.35 5.13
C PHE F 475 90.50 -50.09 3.62
N PHE F 476 89.63 -49.18 3.19
CA PHE F 476 89.59 -48.69 1.83
C PHE F 476 90.59 -47.52 1.65
N LYS F 477 91.07 -47.36 0.42
CA LYS F 477 91.98 -46.28 0.11
C LYS F 477 91.57 -45.55 -1.15
N PRO F 478 91.83 -44.25 -1.21
CA PRO F 478 91.40 -43.58 -2.43
C PRO F 478 92.33 -43.96 -3.59
N TRP F 479 91.80 -44.05 -4.80
CA TRP F 479 92.64 -44.27 -5.97
C TRP F 479 93.20 -42.92 -6.45
N ASN F 480 94.47 -42.66 -6.13
CA ASN F 480 95.19 -41.43 -6.54
C ASN F 480 96.68 -41.58 -6.23
N LYS F 481 97.50 -40.60 -6.61
CA LYS F 481 98.93 -40.60 -6.29
C LYS F 481 99.22 -40.85 -4.81
N GLU F 482 100.23 -41.67 -4.54
CA GLU F 482 100.57 -42.04 -3.16
C GLU F 482 101.55 -41.05 -2.55
N VAL F 483 102.50 -40.59 -3.37
CA VAL F 483 103.53 -39.68 -2.88
C VAL F 483 103.60 -38.48 -3.80
N VAL F 484 103.63 -37.31 -3.20
CA VAL F 484 103.39 -36.10 -3.92
C VAL F 484 104.56 -35.13 -3.69
N THR F 485 104.86 -34.28 -4.67
CA THR F 485 106.03 -33.41 -4.61
C THR F 485 105.64 -31.95 -4.75
N ASP F 486 106.07 -31.11 -3.82
CA ASP F 486 105.89 -29.67 -3.98
C ASP F 486 106.89 -29.07 -4.98
N PRO F 487 106.40 -28.57 -6.13
CA PRO F 487 107.28 -28.05 -7.19
C PRO F 487 108.13 -26.83 -6.78
N GLN F 488 107.75 -26.15 -5.69
CA GLN F 488 108.52 -25.01 -5.19
C GLN F 488 109.77 -25.49 -4.41
N THR F 489 109.58 -26.43 -3.50
CA THR F 489 110.61 -26.81 -2.55
C THR F 489 111.23 -28.19 -2.83
N GLY F 490 110.61 -28.96 -3.70
CA GLY F 490 111.11 -30.31 -3.99
C GLY F 490 110.75 -31.27 -2.89
N LYS F 491 110.18 -30.75 -1.80
CA LYS F 491 109.77 -31.57 -0.68
C LYS F 491 108.63 -32.55 -1.07
N THR F 492 108.62 -33.67 -0.37
CA THR F 492 107.90 -34.87 -0.75
C THR F 492 106.90 -35.24 0.36
N TYR F 493 105.69 -35.67 0.00
CA TYR F 493 104.70 -36.05 1.02
C TYR F 493 103.86 -37.26 0.59
N ASP F 494 103.57 -38.15 1.54
CA ASP F 494 102.39 -39.02 1.40
C ASP F 494 101.18 -38.14 1.15
N PHE F 495 100.18 -38.71 0.49
CA PHE F 495 98.97 -38.00 0.06
C PHE F 495 98.20 -37.48 1.28
N ALA F 496 98.17 -38.33 2.32
CA ALA F 496 97.56 -38.01 3.60
C ALA F 496 98.22 -36.79 4.28
N ASP F 497 99.52 -36.60 4.07
CA ASP F 497 100.25 -35.56 4.77
C ASP F 497 100.46 -34.34 3.91
N ALA F 498 100.11 -34.42 2.63
CA ALA F 498 100.39 -33.30 1.74
C ALA F 498 99.59 -32.06 2.18
N PRO F 499 100.20 -30.86 2.05
CA PRO F 499 99.39 -29.67 2.22
C PRO F 499 98.23 -29.72 1.25
N THR F 500 97.05 -29.35 1.73
CA THR F 500 95.85 -29.48 0.93
C THR F 500 95.92 -28.63 -0.32
N LYS F 501 96.49 -27.45 -0.20
CA LYS F 501 96.58 -26.54 -1.33
C LYS F 501 97.52 -27.05 -2.43
N LEU F 502 98.50 -27.89 -2.06
CA LEU F 502 99.37 -28.54 -3.04
C LEU F 502 98.49 -29.38 -3.95
N LEU F 503 97.67 -30.21 -3.31
CA LEU F 503 96.82 -31.18 -3.95
C LEU F 503 95.69 -30.53 -4.74
N THR F 504 95.22 -29.36 -4.29
CA THR F 504 94.07 -28.70 -4.95
C THR F 504 94.40 -27.72 -6.10
N THR F 505 95.68 -27.35 -6.26
CA THR F 505 96.05 -26.41 -7.34
C THR F 505 97.18 -26.88 -8.23
N VAL F 506 97.89 -27.92 -7.84
CA VAL F 506 99.05 -28.32 -8.63
C VAL F 506 98.84 -29.60 -9.42
N GLN F 507 98.79 -29.42 -10.75
CA GLN F 507 98.43 -30.49 -11.71
C GLN F 507 99.33 -31.71 -11.62
N ASP F 508 100.63 -31.49 -11.43
CA ASP F 508 101.60 -32.62 -11.32
C ASP F 508 101.23 -33.65 -10.25
N CYS F 509 100.50 -33.25 -9.20
CA CYS F 509 99.96 -34.21 -8.23
C CYS F 509 98.98 -35.22 -8.85
N TRP F 510 98.51 -34.95 -10.08
CA TRP F 510 97.48 -35.79 -10.70
C TRP F 510 97.98 -36.45 -11.99
N VAL F 511 99.17 -36.06 -12.43
CA VAL F 511 99.75 -36.66 -13.62
C VAL F 511 100.18 -38.11 -13.38
N MET F 512 99.90 -38.95 -14.36
CA MET F 512 100.27 -40.36 -14.30
C MET F 512 101.66 -40.53 -14.91
N HIS F 513 102.67 -40.56 -14.04
CA HIS F 513 104.07 -40.67 -14.47
C HIS F 513 104.48 -42.13 -14.68
N PRO F 514 105.37 -42.38 -15.67
CA PRO F 514 106.02 -43.67 -15.84
C PRO F 514 106.67 -44.12 -14.54
N GLY F 515 106.53 -45.39 -14.22
CA GLY F 515 107.10 -45.95 -12.98
C GLY F 515 106.45 -45.50 -11.66
N GLU F 516 105.21 -44.98 -11.72
CA GLU F 516 104.37 -44.80 -10.53
C GLU F 516 103.38 -45.95 -10.56
N SER F 517 103.25 -46.71 -9.47
CA SER F 517 102.38 -47.90 -9.53
C SER F 517 100.92 -47.70 -9.13
N TRP F 518 100.56 -46.50 -8.67
CA TRP F 518 99.21 -46.26 -8.16
C TRP F 518 98.22 -46.35 -9.33
N HIS F 519 98.58 -45.76 -10.47
CA HIS F 519 97.65 -45.68 -11.60
C HIS F 519 97.49 -47.01 -12.35
N GLY F 520 98.55 -47.81 -12.43
CA GLY F 520 98.45 -49.18 -12.95
C GLY F 520 98.39 -49.31 -14.46
N PHE F 521 98.70 -48.21 -15.17
CA PHE F 521 98.85 -48.26 -16.62
C PHE F 521 100.31 -48.52 -17.01
N LYS F 522 100.58 -49.81 -17.24
CA LYS F 522 101.91 -50.34 -17.56
C LYS F 522 102.54 -49.60 -18.74
N ASP F 523 103.80 -49.19 -18.62
CA ASP F 523 104.53 -48.51 -19.71
C ASP F 523 103.80 -47.29 -20.32
N ILE F 524 103.02 -46.58 -19.52
CA ILE F 524 102.38 -45.34 -19.97
C ILE F 524 103.46 -44.29 -20.28
N PRO F 525 103.34 -43.57 -21.41
CA PRO F 525 104.27 -42.46 -21.64
C PRO F 525 104.05 -41.32 -20.65
N ASP F 526 105.05 -40.46 -20.51
CA ASP F 526 104.95 -39.33 -19.60
C ASP F 526 104.10 -38.23 -20.21
N ASN F 527 103.57 -37.33 -19.38
CA ASN F 527 102.86 -36.12 -19.83
C ASN F 527 101.68 -36.44 -20.78
N TRP F 528 101.07 -37.61 -20.56
CA TRP F 528 100.01 -38.07 -21.45
C TRP F 528 98.59 -37.97 -20.85
N SER F 529 98.47 -38.43 -19.60
CA SER F 529 97.18 -38.38 -18.93
C SER F 529 97.27 -38.07 -17.43
N MET F 530 96.14 -37.60 -16.88
CA MET F 530 96.04 -37.28 -15.47
C MET F 530 94.73 -37.79 -14.91
N LEU F 531 94.66 -37.86 -13.59
CA LEU F 531 93.44 -38.20 -12.88
C LEU F 531 92.69 -36.91 -12.48
N ASP F 532 91.40 -36.86 -12.82
CA ASP F 532 90.49 -35.82 -12.34
C ASP F 532 90.29 -35.97 -10.84
N PRO F 533 90.66 -34.94 -10.08
CA PRO F 533 90.41 -34.97 -8.63
C PRO F 533 88.95 -35.31 -8.24
N ILE F 534 87.98 -34.90 -9.05
CA ILE F 534 86.56 -34.89 -8.59
C ILE F 534 85.84 -36.19 -8.82
N LYS F 535 86.47 -37.07 -9.62
CA LYS F 535 85.98 -38.43 -9.85
C LYS F 535 86.70 -39.36 -8.88
N VAL F 536 86.07 -39.62 -7.75
CA VAL F 536 86.78 -40.23 -6.65
C VAL F 536 86.51 -41.73 -6.58
N SER F 537 87.54 -42.53 -6.87
CA SER F 537 87.47 -43.97 -6.72
C SER F 537 88.08 -44.42 -5.41
N ILE F 538 87.39 -45.31 -4.73
CA ILE F 538 87.83 -45.89 -3.47
C ILE F 538 88.13 -47.37 -3.77
N LEU F 539 89.15 -47.92 -3.11
CA LEU F 539 89.65 -49.26 -3.41
C LEU F 539 89.51 -50.18 -2.23
N ALA F 540 88.70 -51.21 -2.40
CA ALA F 540 88.59 -52.23 -1.39
C ALA F 540 89.81 -53.14 -1.51
N PRO F 541 90.29 -53.71 -0.39
CA PRO F 541 91.50 -54.53 -0.50
C PRO F 541 91.21 -55.87 -1.17
N GLY F 542 92.18 -56.40 -1.89
CA GLY F 542 92.04 -57.73 -2.43
C GLY F 542 92.90 -57.93 -3.64
N MET F 543 93.17 -56.83 -4.34
CA MET F 543 94.00 -56.81 -5.53
C MET F 543 95.44 -56.32 -5.21
N GLY F 544 96.41 -57.23 -5.37
CA GLY F 544 97.82 -56.92 -5.15
C GLY F 544 98.39 -56.00 -6.22
N GLU F 545 99.49 -55.32 -5.89
CA GLU F 545 100.08 -54.36 -6.83
C GLU F 545 100.70 -55.00 -8.05
N ASP F 546 101.02 -56.28 -7.94
CA ASP F 546 101.54 -57.06 -9.07
C ASP F 546 100.40 -57.55 -9.99
N GLY F 547 99.18 -57.08 -9.72
CA GLY F 547 98.02 -57.41 -10.55
C GLY F 547 97.48 -58.79 -10.29
N GLU F 548 97.89 -59.44 -9.21
CA GLU F 548 97.29 -60.72 -8.83
C GLU F 548 96.51 -60.58 -7.52
N LEU F 549 95.47 -61.41 -7.37
CA LEU F 549 94.60 -61.35 -6.20
C LEU F 549 95.32 -61.80 -4.96
N GLU F 550 95.31 -60.97 -3.92
CA GLU F 550 95.89 -61.34 -2.64
C GLU F 550 95.17 -62.55 -2.02
N GLU F 551 95.61 -62.96 -0.84
CA GLU F 551 95.08 -64.19 -0.25
C GLU F 551 93.74 -64.00 0.45
N THR F 552 93.39 -62.74 0.73
CA THR F 552 92.04 -62.34 1.19
C THR F 552 91.63 -61.02 0.54
N GLY F 553 90.36 -60.67 0.69
CA GLY F 553 89.87 -59.42 0.13
C GLY F 553 88.46 -59.11 0.58
N VAL F 554 88.03 -57.89 0.26
CA VAL F 554 86.68 -57.42 0.53
C VAL F 554 86.07 -57.01 -0.82
N PRO F 555 85.09 -57.78 -1.33
CA PRO F 555 84.49 -57.45 -2.62
C PRO F 555 83.62 -56.19 -2.61
N ALA F 556 83.86 -55.32 -3.59
CA ALA F 556 83.14 -54.06 -3.72
C ALA F 556 81.62 -54.29 -3.87
N ALA F 557 81.23 -55.39 -4.52
CA ALA F 557 79.80 -55.71 -4.66
C ALA F 557 79.03 -55.65 -3.34
N LEU F 558 79.65 -56.16 -2.28
CA LEU F 558 79.05 -56.18 -0.95
C LEU F 558 78.96 -54.76 -0.39
N VAL F 559 79.97 -53.96 -0.72
CA VAL F 559 80.07 -52.62 -0.18
C VAL F 559 78.99 -51.78 -0.85
N THR F 560 78.99 -51.79 -2.18
CA THR F 560 77.95 -51.17 -3.00
C THR F 560 76.56 -51.46 -2.42
N ALA F 561 76.23 -52.75 -2.25
CA ALA F 561 74.95 -53.17 -1.65
C ALA F 561 74.65 -52.49 -0.31
N TRP F 562 75.63 -52.49 0.59
CA TRP F 562 75.54 -51.81 1.87
C TRP F 562 75.31 -50.30 1.72
N LEU F 563 76.12 -49.65 0.88
CA LEU F 563 75.94 -48.22 0.57
C LEU F 563 74.52 -47.93 0.08
N GLY F 564 74.01 -48.81 -0.79
CA GLY F 564 72.64 -48.74 -1.30
C GLY F 564 71.58 -48.71 -0.21
N ARG F 565 71.70 -49.60 0.76
CA ARG F 565 70.78 -49.62 1.91
C ARG F 565 70.69 -48.30 2.67
N HIS F 566 71.66 -47.40 2.44
CA HIS F 566 71.69 -46.08 3.09
C HIS F 566 71.48 -45.00 2.05
N GLY F 567 70.99 -45.42 0.88
CA GLY F 567 70.72 -44.50 -0.21
C GLY F 567 72.00 -43.76 -0.52
N ILE F 568 72.96 -44.49 -1.10
CA ILE F 568 74.19 -43.93 -1.63
C ILE F 568 74.44 -44.83 -2.83
N VAL F 569 74.55 -44.27 -4.02
CA VAL F 569 74.68 -45.13 -5.17
C VAL F 569 75.87 -44.81 -6.11
N PRO F 570 77.05 -45.37 -5.80
CA PRO F 570 78.23 -45.14 -6.62
C PRO F 570 77.90 -45.22 -8.10
N THR F 571 78.44 -44.29 -8.87
CA THR F 571 78.20 -44.24 -10.31
C THR F 571 78.74 -45.49 -10.97
N ARG F 572 80.00 -45.81 -10.71
CA ARG F 572 80.64 -47.00 -11.29
C ARG F 572 81.19 -47.97 -10.23
N THR F 573 81.43 -49.20 -10.69
CA THR F 573 81.84 -50.29 -9.82
C THR F 573 82.71 -51.31 -10.58
N THR F 574 83.67 -51.90 -9.88
CA THR F 574 84.31 -53.12 -10.31
C THR F 574 84.33 -54.12 -9.16
N ASP F 575 85.28 -55.04 -9.21
CA ASP F 575 85.43 -56.03 -8.17
C ASP F 575 85.92 -55.43 -6.86
N PHE F 576 86.74 -54.39 -6.95
CA PHE F 576 87.32 -53.73 -5.78
C PHE F 576 87.19 -52.20 -5.81
N GLN F 577 86.69 -51.66 -6.91
CA GLN F 577 86.61 -50.21 -7.10
C GLN F 577 85.17 -49.68 -7.06
N ILE F 578 84.99 -48.56 -6.36
CA ILE F 578 83.70 -47.91 -6.19
C ILE F 578 84.01 -46.43 -6.37
N MET F 579 83.34 -45.82 -7.35
CA MET F 579 83.62 -44.45 -7.67
C MET F 579 82.49 -43.51 -7.23
N PHE F 580 82.88 -42.38 -6.64
CA PHE F 580 81.93 -41.38 -6.17
C PHE F 580 82.02 -40.09 -6.94
N LEU F 581 80.92 -39.74 -7.59
CA LEU F 581 80.87 -38.54 -8.39
C LEU F 581 80.72 -37.30 -7.48
N PHE F 582 81.65 -36.36 -7.59
CA PHE F 582 81.55 -35.05 -6.93
C PHE F 582 81.17 -34.05 -8.00
N SER F 583 80.21 -33.17 -7.69
CA SER F 583 79.79 -32.12 -8.62
C SER F 583 79.57 -30.77 -7.94
N MET F 584 79.35 -29.76 -8.76
CA MET F 584 78.97 -28.42 -8.33
C MET F 584 77.61 -28.37 -7.60
N GLY F 585 76.85 -29.48 -7.58
CA GLY F 585 75.61 -29.58 -6.84
C GLY F 585 75.79 -30.10 -5.42
N VAL F 586 76.99 -30.60 -5.09
CA VAL F 586 77.20 -31.14 -3.74
C VAL F 586 77.46 -30.00 -2.73
N THR F 587 77.10 -30.25 -1.47
CA THR F 587 77.31 -29.28 -0.44
C THR F 587 78.47 -29.71 0.45
N ARG F 588 79.13 -28.71 1.04
CA ARG F 588 80.36 -28.91 1.80
C ARG F 588 80.16 -29.87 2.96
N GLY F 589 81.11 -30.80 3.08
CA GLY F 589 81.17 -31.73 4.19
C GLY F 589 80.32 -32.95 3.98
N LYS F 590 79.47 -32.93 2.96
CA LYS F 590 78.55 -34.04 2.72
C LYS F 590 79.29 -35.37 2.62
N TRP F 591 80.49 -35.36 2.04
CA TRP F 591 81.31 -36.57 1.91
C TRP F 591 81.55 -37.29 3.24
N GLY F 592 81.33 -36.61 4.38
CA GLY F 592 81.53 -37.23 5.69
C GLY F 592 80.56 -38.39 5.87
N THR F 593 79.43 -38.27 5.18
CA THR F 593 78.42 -39.32 5.20
C THR F 593 78.93 -40.62 4.53
N LEU F 594 79.72 -40.46 3.46
CA LEU F 594 80.43 -41.57 2.81
C LEU F 594 81.35 -42.28 3.79
N VAL F 595 82.19 -41.49 4.46
CA VAL F 595 83.17 -42.03 5.41
C VAL F 595 82.45 -42.80 6.52
N ASN F 596 81.38 -42.20 7.03
CA ASN F 596 80.58 -42.80 8.11
C ASN F 596 80.02 -44.17 7.71
N THR F 597 79.52 -44.26 6.49
CA THR F 597 78.93 -45.50 5.98
C THR F 597 79.99 -46.58 5.69
N LEU F 598 81.11 -46.16 5.10
CA LEU F 598 82.23 -47.07 4.86
C LEU F 598 82.76 -47.62 6.18
N CYS F 599 82.80 -46.77 7.21
CA CYS F 599 83.23 -47.21 8.55
C CYS F 599 82.27 -48.23 9.18
N SER F 600 80.97 -48.03 9.00
CA SER F 600 80.00 -48.94 9.62
C SER F 600 80.01 -50.28 8.90
N PHE F 601 80.26 -50.25 7.59
CA PHE F 601 80.46 -51.48 6.84
C PHE F 601 81.58 -52.30 7.46
N LYS F 602 82.73 -51.66 7.66
CA LYS F 602 83.93 -52.29 8.21
C LYS F 602 83.66 -52.86 9.59
N ARG F 603 82.99 -52.06 10.42
CA ARG F 603 82.55 -52.48 11.75
C ARG F 603 81.75 -53.79 11.70
N HIS F 604 80.89 -53.88 10.70
CA HIS F 604 80.02 -55.03 10.55
C HIS F 604 80.74 -56.20 9.88
N TYR F 605 81.65 -55.90 8.96
CA TYR F 605 82.45 -56.94 8.35
C TYR F 605 83.19 -57.68 9.46
N ASP F 606 83.94 -56.92 10.26
CA ASP F 606 84.79 -57.47 11.30
C ASP F 606 84.06 -58.17 12.43
N ALA F 607 82.77 -57.89 12.59
CA ALA F 607 81.98 -58.58 13.60
C ALA F 607 81.23 -59.74 12.98
N ASN F 608 81.23 -59.80 11.64
CA ASN F 608 80.49 -60.81 10.88
C ASN F 608 78.99 -60.81 11.21
N THR F 609 78.39 -59.63 11.30
CA THR F 609 76.99 -59.51 11.67
C THR F 609 76.15 -60.36 10.73
N PRO F 610 75.20 -61.13 11.30
CA PRO F 610 74.26 -61.91 10.50
C PRO F 610 73.61 -61.06 9.42
N LEU F 611 73.62 -61.58 8.19
CA LEU F 611 72.95 -60.96 7.05
C LEU F 611 71.47 -60.66 7.28
N ALA F 612 70.82 -61.49 8.10
CA ALA F 612 69.43 -61.28 8.49
C ALA F 612 69.25 -59.95 9.20
N GLN F 613 70.33 -59.44 9.82
CA GLN F 613 70.32 -58.17 10.53
C GLN F 613 70.71 -57.00 9.62
N VAL F 614 71.74 -57.19 8.80
CA VAL F 614 72.33 -56.07 8.07
C VAL F 614 71.96 -55.96 6.62
N MET F 615 71.46 -57.06 6.03
CA MET F 615 70.91 -57.03 4.67
C MET F 615 69.62 -57.87 4.62
N PRO F 616 68.58 -57.45 5.37
CA PRO F 616 67.41 -58.30 5.56
C PRO F 616 66.61 -58.58 4.27
N GLU F 617 66.54 -57.59 3.37
CA GLU F 617 65.89 -57.77 2.07
C GLU F 617 66.54 -58.87 1.23
N LEU F 618 67.86 -58.98 1.30
CA LEU F 618 68.61 -60.00 0.55
C LEU F 618 68.21 -61.39 1.03
N VAL F 619 68.17 -61.57 2.35
CA VAL F 619 67.82 -62.85 2.97
C VAL F 619 66.34 -63.16 2.76
N GLU F 620 65.49 -62.13 2.81
CA GLU F 620 64.04 -62.27 2.65
C GLU F 620 63.74 -62.83 1.27
N GLN F 621 64.46 -62.28 0.29
CA GLN F 621 64.35 -62.60 -1.13
C GLN F 621 65.03 -63.92 -1.56
N TYR F 622 66.21 -64.20 -1.01
CA TYR F 622 66.98 -65.40 -1.41
C TYR F 622 67.45 -66.26 -0.23
N PRO F 623 66.52 -66.78 0.59
CA PRO F 623 66.88 -67.49 1.84
C PRO F 623 67.67 -68.79 1.66
N ASP F 624 67.47 -69.49 0.55
CA ASP F 624 68.24 -70.72 0.32
C ASP F 624 69.75 -70.46 0.12
N THR F 625 70.08 -69.26 -0.36
CA THR F 625 71.47 -68.89 -0.65
C THR F 625 72.16 -68.25 0.57
N TYR F 626 71.45 -67.36 1.26
CA TYR F 626 72.10 -66.50 2.24
C TYR F 626 71.76 -66.73 3.70
N ALA F 627 70.68 -67.44 4.00
CA ALA F 627 70.29 -67.63 5.41
C ALA F 627 71.39 -68.34 6.21
N ASN F 628 71.54 -67.95 7.48
CA ASN F 628 72.62 -68.45 8.36
C ASN F 628 74.03 -68.03 7.93
N MET F 629 74.12 -66.94 7.18
CA MET F 629 75.41 -66.38 6.78
C MET F 629 75.65 -65.02 7.44
N GLY F 630 76.89 -64.80 7.86
CA GLY F 630 77.34 -63.47 8.23
C GLY F 630 77.83 -62.72 7.01
N ILE F 631 77.89 -61.40 7.13
CA ILE F 631 78.42 -60.53 6.07
C ILE F 631 79.90 -60.82 5.75
N HIS F 632 80.69 -61.17 6.77
CA HIS F 632 82.07 -61.57 6.51
C HIS F 632 82.14 -62.88 5.71
N ASP F 633 81.29 -63.85 6.10
CA ASP F 633 81.19 -65.15 5.41
C ASP F 633 80.92 -64.95 3.93
N LEU F 634 79.93 -64.11 3.64
CA LEU F 634 79.55 -63.82 2.26
C LEU F 634 80.70 -63.18 1.50
N GLY F 635 81.38 -62.23 2.13
CA GLY F 635 82.55 -61.57 1.56
C GLY F 635 83.62 -62.58 1.18
N ASP F 636 83.86 -63.57 2.05
CA ASP F 636 84.84 -64.63 1.84
C ASP F 636 84.43 -65.58 0.73
N THR F 637 83.16 -65.96 0.71
CA THR F 637 82.62 -66.74 -0.41
C THR F 637 82.81 -66.02 -1.75
N MET F 638 82.50 -64.73 -1.81
CA MET F 638 82.65 -63.96 -3.03
C MET F 638 84.11 -63.89 -3.46
N PHE F 639 85.00 -63.75 -2.49
CA PHE F 639 86.41 -63.64 -2.81
C PHE F 639 86.95 -65.00 -3.26
N ALA F 640 86.53 -66.05 -2.58
CA ALA F 640 86.87 -67.40 -2.99
C ALA F 640 86.56 -67.58 -4.48
N TRP F 641 85.32 -67.23 -4.87
CA TRP F 641 84.87 -67.25 -6.26
C TRP F 641 85.81 -66.49 -7.21
N LEU F 642 86.22 -65.30 -6.78
CA LEU F 642 87.15 -64.46 -7.55
C LEU F 642 88.49 -65.17 -7.78
N LYS F 643 88.98 -65.88 -6.74
CA LYS F 643 90.20 -66.68 -6.83
C LYS F 643 90.03 -67.90 -7.74
N GLU F 644 88.88 -68.53 -7.68
CA GLU F 644 88.64 -69.70 -8.53
C GLU F 644 88.40 -69.39 -10.02
N ASN F 645 87.98 -68.16 -10.32
CA ASN F 645 87.52 -67.85 -11.67
C ASN F 645 88.29 -66.71 -12.34
N ASN F 646 89.07 -65.99 -11.53
CA ASN F 646 89.95 -64.95 -12.02
C ASN F 646 89.31 -64.10 -13.16
N PRO F 647 88.22 -63.36 -12.85
CA PRO F 647 87.54 -62.53 -13.86
C PRO F 647 88.38 -61.38 -14.41
N GLY F 648 89.34 -60.89 -13.63
CA GLY F 648 90.32 -59.89 -14.11
C GLY F 648 91.03 -60.39 -15.35
N ALA F 649 91.55 -61.61 -15.27
CA ALA F 649 92.23 -62.27 -16.38
C ALA F 649 91.30 -62.44 -17.60
N ARG F 650 90.09 -62.95 -17.35
CA ARG F 650 89.06 -63.06 -18.37
C ARG F 650 88.77 -61.72 -19.03
N LEU F 651 88.64 -60.68 -18.20
CA LEU F 651 88.41 -59.33 -18.71
C LEU F 651 89.48 -58.93 -19.72
N ASN F 652 90.76 -58.99 -19.34
CA ASN F 652 91.84 -58.61 -20.22
C ASN F 652 91.93 -59.47 -21.50
N GLU F 653 91.74 -60.77 -21.36
CA GLU F 653 91.61 -61.65 -22.52
C GLU F 653 90.55 -61.11 -23.50
N ALA F 654 89.38 -60.72 -22.97
CA ALA F 654 88.24 -60.27 -23.78
C ALA F 654 88.47 -58.96 -24.50
N TYR F 655 89.39 -58.14 -24.01
CA TYR F 655 89.62 -56.78 -24.53
C TYR F 655 90.98 -56.61 -25.21
N SER F 656 91.83 -57.63 -25.10
CA SER F 656 93.19 -57.55 -25.69
C SER F 656 93.13 -57.48 -27.22
N GLY F 657 92.60 -58.53 -27.83
CA GLY F 657 92.43 -58.54 -29.27
C GLY F 657 91.00 -58.18 -29.65
N LEU F 658 90.85 -57.16 -30.49
CA LEU F 658 89.53 -56.76 -31.03
C LEU F 658 88.86 -57.91 -31.76
N PRO F 659 87.54 -58.09 -31.55
CA PRO F 659 86.82 -59.13 -32.31
C PRO F 659 86.84 -58.81 -33.79
N VAL F 660 86.66 -59.84 -34.61
CA VAL F 660 86.73 -59.68 -36.05
C VAL F 660 85.45 -59.01 -36.54
N ALA F 661 85.62 -57.89 -37.23
CA ALA F 661 84.51 -57.18 -37.85
C ALA F 661 84.13 -57.86 -39.17
N GLU F 662 82.93 -58.42 -39.22
CA GLU F 662 82.40 -59.10 -40.40
C GLU F 662 81.74 -58.10 -41.37
N VAL F 663 80.64 -57.50 -40.93
CA VAL F 663 79.99 -56.40 -41.63
C VAL F 663 80.14 -55.13 -40.80
N THR F 664 79.75 -53.99 -41.35
CA THR F 664 79.73 -52.72 -40.61
C THR F 664 78.56 -52.71 -39.62
N PRO F 665 78.59 -51.79 -38.63
CA PRO F 665 77.46 -51.69 -37.71
C PRO F 665 76.13 -51.36 -38.43
N ARG F 666 76.18 -50.50 -39.46
CA ARG F 666 74.97 -50.26 -40.29
C ARG F 666 74.40 -51.53 -40.93
N GLU F 667 75.26 -52.32 -41.62
CA GLU F 667 74.85 -53.54 -42.28
C GLU F 667 74.29 -54.51 -41.25
N ALA F 668 74.89 -54.55 -40.06
CA ALA F 668 74.39 -55.40 -38.99
C ALA F 668 73.05 -54.92 -38.47
N TYR F 669 72.89 -53.60 -38.33
CA TYR F 669 71.58 -53.04 -37.95
C TYR F 669 70.51 -53.38 -38.99
N ASN F 670 70.87 -53.26 -40.26
CA ASN F 670 69.94 -53.59 -41.34
C ASN F 670 69.43 -55.01 -41.28
N ALA F 671 70.16 -55.89 -40.62
CA ALA F 671 69.71 -57.26 -40.51
C ALA F 671 68.48 -57.36 -39.61
N ILE F 672 68.42 -56.47 -38.62
CA ILE F 672 67.28 -56.37 -37.71
C ILE F 672 66.04 -55.96 -38.48
N VAL F 673 66.22 -54.95 -39.34
CA VAL F 673 65.13 -54.45 -40.16
C VAL F 673 64.64 -55.51 -41.14
N ASP F 674 65.59 -56.28 -41.70
CA ASP F 674 65.25 -57.38 -42.62
C ASP F 674 64.66 -58.62 -41.96
N ASN F 675 64.51 -58.55 -40.62
CA ASN F 675 63.98 -59.65 -39.83
C ASN F 675 64.87 -60.90 -39.97
N ASN F 676 66.16 -60.62 -40.07
CA ASN F 676 67.13 -61.62 -40.32
C ASN F 676 67.99 -61.87 -39.05
N VAL F 677 67.36 -61.79 -37.88
CA VAL F 677 68.08 -61.97 -36.61
C VAL F 677 67.39 -62.94 -35.65
N GLU F 678 68.12 -63.38 -34.63
CA GLU F 678 67.57 -64.27 -33.61
C GLU F 678 68.39 -64.21 -32.33
N LEU F 679 67.79 -64.67 -31.25
CA LEU F 679 68.41 -64.69 -29.95
C LEU F 679 69.26 -65.93 -29.79
N VAL F 680 70.57 -65.72 -29.66
CA VAL F 680 71.51 -66.84 -29.52
C VAL F 680 71.96 -67.01 -28.07
N SER F 681 71.72 -68.20 -27.54
CA SER F 681 72.14 -68.60 -26.22
C SER F 681 73.66 -68.64 -26.17
N ILE F 682 74.20 -68.42 -24.96
CA ILE F 682 75.62 -68.18 -24.76
C ILE F 682 76.55 -69.24 -25.37
N GLU F 683 76.20 -70.51 -25.15
CA GLU F 683 77.04 -71.60 -25.64
C GLU F 683 77.08 -71.70 -27.16
N ASN F 684 76.15 -71.01 -27.83
CA ASN F 684 76.02 -71.03 -29.29
C ASN F 684 76.53 -69.78 -29.99
N LEU F 685 77.15 -68.88 -29.22
CA LEU F 685 77.59 -67.59 -29.75
C LEU F 685 78.86 -67.62 -30.62
N PRO F 686 79.79 -68.57 -30.36
CA PRO F 686 80.98 -68.65 -31.22
C PRO F 686 80.63 -68.77 -32.71
N GLY F 687 81.27 -67.95 -33.53
CA GLY F 687 81.04 -67.96 -34.97
C GLY F 687 79.94 -67.01 -35.40
N ARG F 688 79.26 -66.37 -34.44
CA ARG F 688 78.10 -65.54 -34.76
C ARG F 688 78.38 -64.05 -34.82
N ILE F 689 77.60 -63.36 -35.64
CA ILE F 689 77.73 -61.92 -35.79
C ILE F 689 76.70 -61.21 -34.91
N ALA F 690 77.19 -60.48 -33.90
CA ALA F 690 76.35 -59.67 -33.02
C ALA F 690 75.52 -58.66 -33.79
N ALA F 691 74.21 -58.66 -33.57
CA ALA F 691 73.28 -57.70 -34.19
C ALA F 691 73.14 -56.34 -33.42
N ASN F 692 73.68 -56.27 -32.21
CA ASN F 692 73.77 -55.05 -31.43
C ASN F 692 75.03 -55.14 -30.57
N SER F 693 75.51 -54.01 -30.07
CA SER F 693 76.70 -53.98 -29.22
C SER F 693 76.51 -54.74 -27.91
N VAL F 694 77.64 -55.24 -27.38
CA VAL F 694 77.67 -55.96 -26.11
C VAL F 694 78.59 -55.20 -25.14
N ILE F 695 77.99 -54.60 -24.11
CA ILE F 695 78.72 -53.73 -23.17
C ILE F 695 78.64 -54.23 -21.71
N PRO F 696 79.60 -55.07 -21.29
CA PRO F 696 79.54 -55.56 -19.92
C PRO F 696 80.08 -54.56 -18.89
N TYR F 697 79.64 -54.70 -17.65
CA TYR F 697 80.02 -53.83 -16.55
C TYR F 697 80.56 -54.73 -15.45
N PRO F 698 81.89 -54.65 -15.19
CA PRO F 698 82.89 -53.82 -15.87
C PRO F 698 83.30 -54.46 -17.21
N PRO F 699 84.12 -53.75 -18.01
CA PRO F 699 84.68 -52.43 -17.77
C PRO F 699 83.80 -51.32 -18.31
N GLY F 700 82.55 -51.62 -18.64
CA GLY F 700 81.64 -50.58 -19.13
C GLY F 700 81.93 -49.97 -20.50
N ILE F 701 82.80 -50.59 -21.28
CA ILE F 701 82.95 -50.24 -22.69
C ILE F 701 82.59 -51.44 -23.62
N PRO F 702 82.18 -51.15 -24.89
CA PRO F 702 81.84 -52.26 -25.82
C PRO F 702 82.90 -53.34 -25.90
N MET F 703 82.52 -54.57 -25.60
CA MET F 703 83.34 -55.73 -25.92
C MET F 703 83.17 -56.03 -27.43
N LEU F 704 81.92 -56.08 -27.87
CA LEU F 704 81.57 -56.17 -29.29
C LEU F 704 80.70 -55.02 -29.70
N LEU F 705 80.96 -54.49 -30.89
CA LEU F 705 80.08 -53.58 -31.57
C LEU F 705 79.28 -54.37 -32.60
N SER F 706 78.09 -53.87 -32.98
CA SER F 706 77.26 -54.52 -34.02
C SER F 706 78.05 -54.90 -35.29
N GLY F 707 77.84 -56.12 -35.77
CA GLY F 707 78.52 -56.56 -36.97
C GLY F 707 79.79 -57.33 -36.72
N GLU F 708 80.18 -57.46 -35.46
CA GLU F 708 81.41 -58.18 -35.10
C GLU F 708 81.13 -59.63 -34.72
N ASN F 709 82.13 -60.47 -34.95
CA ASN F 709 82.04 -61.89 -34.72
C ASN F 709 82.54 -62.24 -33.32
N PHE F 710 81.77 -63.08 -32.63
CA PHE F 710 82.18 -63.53 -31.31
C PHE F 710 83.48 -64.35 -31.30
N GLY F 711 83.91 -64.83 -32.46
CA GLY F 711 85.15 -65.61 -32.57
C GLY F 711 84.93 -67.11 -32.55
N ASP F 712 86.00 -67.87 -32.28
CA ASP F 712 85.93 -69.34 -32.40
C ASP F 712 85.52 -70.02 -31.09
N LYS F 713 85.81 -71.32 -30.99
CA LYS F 713 85.42 -72.12 -29.83
C LYS F 713 86.02 -71.49 -28.59
N ASN F 714 87.27 -71.02 -28.73
CA ASN F 714 88.08 -70.49 -27.63
C ASN F 714 87.84 -69.02 -27.29
N SER F 715 86.81 -68.42 -27.89
CA SER F 715 86.56 -66.97 -27.78
C SER F 715 86.78 -66.44 -26.37
N PRO F 716 87.68 -65.46 -26.22
CA PRO F 716 87.76 -64.80 -24.89
C PRO F 716 86.50 -63.97 -24.54
N GLN F 717 85.83 -63.41 -25.55
CA GLN F 717 84.58 -62.65 -25.35
C GLN F 717 83.49 -63.51 -24.78
N VAL F 718 83.22 -64.64 -25.42
CA VAL F 718 82.25 -65.59 -24.93
C VAL F 718 82.66 -66.04 -23.52
N SER F 719 83.93 -66.39 -23.33
CA SER F 719 84.46 -66.74 -21.98
C SER F 719 84.15 -65.70 -20.90
N TYR F 720 84.34 -64.41 -21.21
CA TYR F 720 84.10 -63.35 -20.25
C TYR F 720 82.62 -63.27 -19.91
N LEU F 721 81.77 -63.42 -20.93
CA LEU F 721 80.32 -63.50 -20.73
C LEU F 721 79.97 -64.70 -19.86
N ARG F 722 80.79 -65.75 -19.95
CA ARG F 722 80.52 -66.99 -19.22
C ARG F 722 80.86 -66.80 -17.73
N SER F 723 81.90 -66.02 -17.45
CA SER F 723 82.26 -65.76 -16.05
C SER F 723 81.25 -64.84 -15.33
N LEU F 724 80.79 -63.78 -16.04
CA LEU F 724 79.71 -62.89 -15.57
C LEU F 724 78.43 -63.62 -15.15
N GLN F 725 78.01 -64.57 -16.00
CA GLN F 725 76.84 -65.41 -15.78
C GLN F 725 77.05 -66.34 -14.59
N SER F 726 78.29 -66.81 -14.44
CA SER F 726 78.66 -67.66 -13.31
C SER F 726 78.51 -66.89 -12.01
N TRP F 727 79.10 -65.70 -11.95
CA TRP F 727 78.94 -64.79 -10.82
C TRP F 727 77.46 -64.66 -10.41
N ASP F 728 76.62 -64.34 -11.39
CA ASP F 728 75.18 -64.19 -11.24
C ASP F 728 74.48 -65.42 -10.64
N HIS F 729 74.86 -66.61 -11.10
CA HIS F 729 74.31 -67.89 -10.61
C HIS F 729 74.65 -68.09 -9.15
N HIS F 730 75.84 -67.62 -8.78
CA HIS F 730 76.41 -67.90 -7.47
C HIS F 730 75.94 -66.92 -6.42
N PHE F 731 75.80 -65.66 -6.83
CA PHE F 731 75.42 -64.59 -5.91
C PHE F 731 74.16 -63.85 -6.38
N PRO F 732 72.99 -64.51 -6.27
CA PRO F 732 71.75 -63.80 -6.64
C PRO F 732 71.55 -62.51 -5.84
N GLY F 733 71.27 -61.43 -6.56
CA GLY F 733 71.09 -60.13 -5.96
C GLY F 733 72.33 -59.30 -6.14
N PHE F 734 73.35 -59.87 -6.78
CA PHE F 734 74.57 -59.14 -7.06
C PHE F 734 74.91 -59.26 -8.55
N GLU F 735 73.89 -59.62 -9.33
CA GLU F 735 73.98 -59.79 -10.78
C GLU F 735 74.63 -58.58 -11.44
N HIS F 736 75.40 -58.85 -12.50
CA HIS F 736 75.95 -57.79 -13.35
C HIS F 736 74.88 -57.25 -14.28
N GLU F 737 75.16 -56.08 -14.86
CA GLU F 737 74.37 -55.53 -15.97
C GLU F 737 75.25 -55.71 -17.19
N THR F 738 74.66 -56.08 -18.32
CA THR F 738 75.40 -56.10 -19.58
C THR F 738 74.44 -55.63 -20.65
N GLU F 739 74.69 -54.43 -21.16
CA GLU F 739 73.91 -53.97 -22.29
C GLU F 739 74.12 -54.82 -23.54
N GLY F 740 73.00 -55.08 -24.23
CA GLY F 740 73.03 -55.83 -25.47
C GLY F 740 72.74 -57.30 -25.27
N THR F 741 72.46 -57.69 -24.04
CA THR F 741 72.09 -59.05 -23.73
C THR F 741 70.62 -59.17 -23.30
N GLU F 742 70.09 -60.38 -23.38
CA GLU F 742 68.82 -60.73 -22.78
C GLU F 742 69.03 -61.97 -21.93
N ILE F 743 68.53 -61.93 -20.71
CA ILE F 743 68.73 -63.06 -19.79
C ILE F 743 67.45 -63.84 -19.57
N ILE F 744 67.51 -65.12 -19.91
CA ILE F 744 66.32 -65.98 -19.93
C ILE F 744 66.55 -67.20 -19.03
N ASP F 745 65.86 -67.19 -17.90
CA ASP F 745 66.04 -68.17 -16.82
C ASP F 745 67.51 -68.31 -16.45
N GLY F 746 68.17 -67.16 -16.34
CA GLY F 746 69.56 -67.08 -15.93
C GLY F 746 70.59 -67.26 -17.03
N ILE F 747 70.17 -67.58 -18.24
CA ILE F 747 71.15 -67.77 -19.34
C ILE F 747 71.20 -66.58 -20.27
N TYR F 748 72.42 -66.10 -20.53
CA TYR F 748 72.68 -64.96 -21.39
C TYR F 748 72.33 -65.29 -22.86
N HIS F 749 71.82 -64.29 -23.57
CA HIS F 749 71.54 -64.39 -24.99
C HIS F 749 71.91 -63.09 -25.64
N VAL F 750 72.37 -63.17 -26.88
CA VAL F 750 72.58 -61.97 -27.68
C VAL F 750 71.86 -62.16 -29.01
N MET F 751 71.29 -61.07 -29.53
CA MET F 751 70.71 -61.05 -30.85
C MET F 751 71.82 -61.10 -31.91
N CYS F 752 71.76 -62.08 -32.81
CA CYS F 752 72.75 -62.21 -33.88
C CYS F 752 72.11 -62.33 -35.23
N VAL F 753 72.82 -61.82 -36.25
CA VAL F 753 72.47 -62.11 -37.62
C VAL F 753 72.37 -63.63 -37.86
N LYS F 754 71.34 -64.05 -38.60
CA LYS F 754 71.15 -65.47 -38.95
C LYS F 754 72.24 -65.94 -39.92
N ALA F 755 72.68 -67.18 -39.72
CA ALA F 755 73.68 -67.86 -40.56
C ALA F 755 73.48 -67.67 -42.09
N MET G 1 60.09 -33.75 15.25
CA MET G 1 61.56 -33.74 15.09
C MET G 1 62.13 -32.64 15.97
N LYS G 2 63.12 -33.00 16.79
CA LYS G 2 63.70 -32.08 17.77
C LYS G 2 65.23 -32.11 17.72
N VAL G 3 65.83 -30.92 17.60
CA VAL G 3 67.29 -30.75 17.60
C VAL G 3 67.72 -30.05 18.89
N LEU G 4 68.76 -30.58 19.52
CA LEU G 4 69.47 -29.85 20.56
C LEU G 4 70.75 -29.26 19.97
N ILE G 5 70.83 -27.93 19.99
CA ILE G 5 72.03 -27.28 19.51
C ILE G 5 72.78 -26.72 20.70
N VAL G 6 73.99 -27.22 20.93
CA VAL G 6 74.83 -26.76 22.04
C VAL G 6 75.92 -25.83 21.55
N GLU G 7 75.84 -24.57 21.95
CA GLU G 7 76.84 -23.59 21.56
C GLU G 7 78.00 -23.57 22.56
N SER G 8 79.18 -23.99 22.11
CA SER G 8 80.34 -24.04 22.98
C SER G 8 80.67 -22.68 23.57
N GLU G 9 80.83 -22.67 24.89
CA GLU G 9 81.24 -21.45 25.61
C GLU G 9 82.63 -20.93 25.17
N PHE G 10 83.45 -21.79 24.59
CA PHE G 10 84.81 -21.40 24.12
C PHE G 10 84.79 -20.58 22.83
N LEU G 11 83.60 -20.31 22.29
CA LEU G 11 83.47 -19.45 21.12
C LEU G 11 82.44 -18.35 21.29
N HIS G 12 81.92 -18.14 22.49
CA HIS G 12 81.01 -17.02 22.74
C HIS G 12 81.62 -15.66 22.38
N GLN G 13 82.94 -15.55 22.55
CA GLN G 13 83.69 -14.36 22.13
C GLN G 13 83.66 -14.11 20.60
N ASP G 14 83.54 -15.18 19.81
CA ASP G 14 83.46 -15.04 18.36
C ASP G 14 82.01 -14.92 17.95
N THR G 15 81.49 -13.70 17.98
CA THR G 15 80.06 -13.47 17.89
C THR G 15 79.42 -13.97 16.58
N TRP G 16 80.21 -14.02 15.50
CA TRP G 16 79.73 -14.52 14.19
C TRP G 16 79.33 -16.01 14.20
N VAL G 17 79.88 -16.77 15.15
CA VAL G 17 79.55 -18.18 15.31
C VAL G 17 78.10 -18.27 15.72
N GLY G 18 77.74 -17.50 16.76
CA GLY G 18 76.35 -17.42 17.22
C GLY G 18 75.40 -16.93 16.14
N ASN G 19 75.82 -15.90 15.39
CA ASN G 19 75.05 -15.41 14.24
C ASN G 19 74.73 -16.52 13.26
N ALA G 20 75.73 -17.32 12.93
CA ALA G 20 75.56 -18.44 12.01
C ALA G 20 74.71 -19.56 12.59
N VAL G 21 74.77 -19.76 13.91
CA VAL G 21 73.96 -20.79 14.56
C VAL G 21 72.48 -20.40 14.57
N GLU G 22 72.22 -19.12 14.88
CA GLU G 22 70.90 -18.52 14.75
C GLU G 22 70.33 -18.80 13.36
N ARG G 23 71.07 -18.42 12.31
CA ARG G 23 70.64 -18.64 10.92
C ARG G 23 70.28 -20.10 10.65
N LEU G 24 71.06 -21.01 11.24
CA LEU G 24 70.77 -22.42 11.11
C LEU G 24 69.49 -22.81 11.90
N ALA G 25 69.38 -22.32 13.12
CA ALA G 25 68.18 -22.57 13.94
C ALA G 25 66.89 -22.11 13.22
N ASP G 26 66.93 -20.93 12.62
CA ASP G 26 65.83 -20.41 11.80
C ASP G 26 65.51 -21.34 10.63
N ALA G 27 66.50 -21.71 9.82
CA ALA G 27 66.26 -22.58 8.66
C ALA G 27 65.64 -23.89 9.11
N LEU G 28 66.02 -24.35 10.30
CA LEU G 28 65.48 -25.58 10.86
C LEU G 28 64.01 -25.41 11.26
N SER G 29 63.67 -24.25 11.84
CA SER G 29 62.30 -23.91 12.19
C SER G 29 61.38 -23.82 10.98
N GLN G 30 61.87 -23.21 9.91
CA GLN G 30 61.15 -23.15 8.62
C GLN G 30 60.83 -24.52 8.06
N GLN G 31 61.57 -25.54 8.49
CA GLN G 31 61.31 -26.90 8.07
C GLN G 31 60.56 -27.66 9.18
N ASN G 32 59.94 -26.89 10.08
CA ASN G 32 59.07 -27.44 11.11
C ASN G 32 59.80 -28.38 12.08
N VAL G 33 60.99 -27.94 12.49
CA VAL G 33 61.80 -28.65 13.48
C VAL G 33 61.86 -27.85 14.78
N THR G 34 61.58 -28.53 15.89
CA THR G 34 61.69 -27.88 17.18
C THR G 34 63.16 -27.85 17.60
N VAL G 35 63.63 -26.63 17.87
CA VAL G 35 65.00 -26.37 18.20
C VAL G 35 65.16 -26.04 19.67
N ILE G 36 66.00 -26.80 20.36
CA ILE G 36 66.38 -26.43 21.73
C ILE G 36 67.77 -25.82 21.70
N LYS G 37 67.88 -24.60 22.19
CA LYS G 37 69.17 -23.93 22.25
C LYS G 37 69.85 -24.06 23.62
N SER G 38 71.11 -24.46 23.58
CA SER G 38 71.94 -24.50 24.78
C SER G 38 73.22 -23.70 24.52
N THR G 39 73.66 -23.01 25.56
CA THR G 39 74.78 -22.09 25.42
C THR G 39 75.98 -22.48 26.29
N SER G 40 75.99 -23.71 26.80
CA SER G 40 77.17 -24.25 27.44
C SER G 40 77.10 -25.76 27.43
N PHE G 41 78.28 -26.40 27.35
CA PHE G 41 78.33 -27.86 27.46
C PHE G 41 77.69 -28.36 28.75
N ASP G 42 77.82 -27.61 29.83
CA ASP G 42 77.20 -27.98 31.11
C ASP G 42 75.68 -27.98 31.09
N ASP G 43 75.10 -26.97 30.43
CA ASP G 43 73.66 -26.92 30.20
C ASP G 43 73.26 -28.11 29.34
N GLY G 44 73.97 -28.26 28.21
CA GLY G 44 73.80 -29.43 27.35
C GLY G 44 73.83 -30.75 28.09
N PHE G 45 74.84 -30.94 28.96
CA PHE G 45 75.00 -32.21 29.73
C PHE G 45 73.73 -32.42 30.58
N ALA G 46 73.25 -31.33 31.18
CA ALA G 46 72.07 -31.32 32.05
C ALA G 46 70.80 -31.70 31.27
N ILE G 47 70.57 -31.07 30.13
CA ILE G 47 69.44 -31.41 29.26
C ILE G 47 69.46 -32.90 28.88
N LEU G 48 70.62 -33.43 28.51
CA LEU G 48 70.77 -34.86 28.19
C LEU G 48 70.63 -35.81 29.40
N SER G 49 70.63 -35.28 30.62
CA SER G 49 70.40 -36.14 31.77
C SER G 49 68.94 -36.23 32.12
N SER G 50 68.11 -35.38 31.52
CA SER G 50 66.68 -35.55 31.66
C SER G 50 66.15 -36.62 30.69
N ASN G 51 64.84 -36.86 30.73
CA ASN G 51 64.26 -37.86 29.84
C ASN G 51 63.93 -37.26 28.46
N GLU G 52 64.67 -36.20 28.11
CA GLU G 52 64.42 -35.41 26.90
C GLU G 52 64.81 -36.14 25.62
N ALA G 53 63.83 -36.44 24.76
CA ALA G 53 64.08 -37.16 23.51
C ALA G 53 64.50 -36.19 22.39
N ILE G 54 65.68 -36.40 21.83
CA ILE G 54 66.10 -35.58 20.71
C ILE G 54 66.46 -36.42 19.51
N ASP G 55 66.25 -35.84 18.35
CA ASP G 55 66.44 -36.54 17.13
C ASP G 55 67.80 -36.24 16.52
N CYS G 56 68.43 -35.17 16.98
CA CYS G 56 69.71 -34.77 16.44
C CYS G 56 70.42 -33.88 17.44
N LEU G 57 71.70 -34.14 17.69
CA LEU G 57 72.54 -33.21 18.46
C LEU G 57 73.48 -32.50 17.52
N MET G 58 73.52 -31.16 17.66
CA MET G 58 74.46 -30.27 16.99
C MET G 58 75.26 -29.45 18.01
N PHE G 59 76.56 -29.32 17.78
CA PHE G 59 77.39 -28.56 18.69
C PHE G 59 78.50 -27.83 17.94
N SER G 60 78.92 -26.67 18.47
CA SER G 60 80.11 -26.01 17.95
C SER G 60 81.30 -26.38 18.82
N TYR G 61 82.50 -26.06 18.35
CA TYR G 61 83.71 -26.68 18.89
C TYR G 61 84.92 -25.86 18.39
N GLN G 62 85.57 -25.17 19.32
CA GLN G 62 86.74 -24.34 19.00
C GLN G 62 87.96 -25.22 18.74
N MET G 63 88.02 -26.37 19.41
CA MET G 63 89.08 -27.36 19.23
C MET G 63 90.47 -26.92 19.68
N GLU G 64 90.56 -25.91 20.55
CA GLU G 64 91.87 -25.44 21.03
C GLU G 64 92.20 -25.82 22.48
N HIS G 65 91.21 -26.01 23.33
CA HIS G 65 91.46 -26.15 24.77
C HIS G 65 91.06 -27.54 25.28
N PRO G 66 91.99 -28.26 25.92
CA PRO G 66 91.72 -29.61 26.44
C PRO G 66 90.41 -29.80 27.24
N ASP G 67 90.00 -28.80 28.04
CA ASP G 67 88.71 -28.82 28.78
C ASP G 67 87.50 -28.87 27.85
N GLU G 68 87.63 -28.25 26.67
CA GLU G 68 86.62 -28.34 25.64
C GLU G 68 86.60 -29.74 25.02
N HIS G 69 87.77 -30.24 24.61
CA HIS G 69 87.86 -31.60 24.06
C HIS G 69 87.16 -32.57 24.96
N GLN G 70 87.47 -32.48 26.26
CA GLN G 70 86.84 -33.29 27.28
C GLN G 70 85.30 -33.07 27.37
N ASN G 71 84.84 -31.81 27.42
CA ASN G 71 83.38 -31.51 27.34
C ASN G 71 82.62 -32.21 26.19
N VAL G 72 83.22 -32.21 25.01
CA VAL G 72 82.65 -32.82 23.83
C VAL G 72 82.45 -34.34 24.07
N ARG G 73 83.48 -34.98 24.61
CA ARG G 73 83.44 -36.44 24.89
C ARG G 73 82.39 -36.78 25.93
N GLN G 74 82.27 -35.93 26.93
CA GLN G 74 81.33 -36.09 28.01
C GLN G 74 79.91 -35.95 27.44
N LEU G 75 79.71 -34.92 26.63
CA LEU G 75 78.41 -34.62 26.08
C LEU G 75 77.91 -35.75 25.19
N ILE G 76 78.76 -36.23 24.29
CA ILE G 76 78.34 -37.25 23.32
C ILE G 76 78.22 -38.62 24.01
N GLY G 77 79.13 -38.91 24.95
CA GLY G 77 79.01 -40.10 25.82
C GLY G 77 77.66 -40.16 26.50
N LYS G 78 77.25 -39.05 27.08
CA LYS G 78 76.00 -38.97 27.81
C LYS G 78 74.82 -39.19 26.86
N LEU G 79 74.77 -38.42 25.77
CA LEU G 79 73.79 -38.63 24.70
C LEU G 79 73.58 -40.11 24.41
N HIS G 80 74.66 -40.80 24.07
CA HIS G 80 74.58 -42.20 23.66
C HIS G 80 74.40 -43.28 24.74
N GLU G 81 74.26 -42.89 26.01
CA GLU G 81 73.84 -43.83 27.06
C GLU G 81 72.40 -44.35 26.77
N ARG G 82 71.45 -43.41 26.67
CA ARG G 82 70.06 -43.74 26.43
C ARG G 82 69.50 -43.34 25.05
N GLN G 83 70.28 -42.57 24.28
CA GLN G 83 69.88 -42.09 22.95
C GLN G 83 70.96 -42.48 21.93
N GLN G 84 71.34 -43.75 21.98
CA GLN G 84 72.47 -44.30 21.27
C GLN G 84 72.55 -44.01 19.75
N ASN G 85 71.45 -44.08 19.03
CA ASN G 85 71.61 -43.91 17.58
C ASN G 85 71.33 -42.49 17.07
N VAL G 86 71.33 -41.52 17.98
CA VAL G 86 71.10 -40.14 17.59
C VAL G 86 72.26 -39.61 16.75
N PRO G 87 71.94 -39.06 15.56
CA PRO G 87 73.04 -38.49 14.77
C PRO G 87 73.64 -37.21 15.40
N VAL G 88 74.96 -37.13 15.38
CA VAL G 88 75.70 -35.97 15.88
C VAL G 88 76.32 -35.19 14.73
N PHE G 89 75.98 -33.89 14.70
CA PHE G 89 76.48 -32.91 13.76
C PHE G 89 77.49 -32.00 14.46
N LEU G 90 78.70 -31.95 13.92
CA LEU G 90 79.66 -30.96 14.32
C LEU G 90 79.49 -29.72 13.47
N LEU G 91 79.05 -28.63 14.10
CA LEU G 91 79.08 -27.32 13.47
C LEU G 91 80.49 -26.73 13.62
N GLY G 92 81.38 -27.14 12.73
CA GLY G 92 82.84 -27.01 12.98
C GLY G 92 83.59 -26.00 12.14
N ASP G 93 84.87 -25.81 12.48
CA ASP G 93 85.83 -25.16 11.58
C ASP G 93 86.42 -26.24 10.67
N ARG G 94 86.24 -26.10 9.34
CA ARG G 94 86.75 -27.12 8.40
C ARG G 94 88.24 -27.43 8.67
N GLU G 95 89.06 -26.38 8.76
CA GLU G 95 90.50 -26.53 8.88
C GLU G 95 90.89 -27.36 10.09
N LYS G 96 90.35 -27.00 11.26
CA LYS G 96 90.65 -27.67 12.53
C LYS G 96 90.06 -29.09 12.63
N ALA G 97 88.79 -29.25 12.23
CA ALA G 97 88.17 -30.57 12.23
C ALA G 97 88.95 -31.57 11.35
N LEU G 98 89.30 -31.15 10.13
CA LEU G 98 90.04 -32.04 9.24
C LEU G 98 91.44 -32.37 9.75
N ALA G 99 92.12 -31.39 10.37
CA ALA G 99 93.43 -31.67 11.00
C ALA G 99 93.29 -32.70 12.13
N ALA G 100 92.17 -32.67 12.86
CA ALA G 100 91.88 -33.66 13.93
C ALA G 100 91.36 -35.02 13.43
N MET G 101 91.18 -35.17 12.11
CA MET G 101 90.50 -36.35 11.54
C MET G 101 91.19 -37.67 11.87
N ASP G 102 90.49 -38.53 12.62
CA ASP G 102 90.97 -39.86 12.99
C ASP G 102 89.78 -40.69 13.49
N ARG G 103 90.02 -41.93 13.92
CA ARG G 103 88.91 -42.79 14.33
C ARG G 103 88.15 -42.29 15.55
N ASP G 104 88.86 -41.69 16.50
CA ASP G 104 88.24 -41.08 17.67
C ASP G 104 87.24 -40.00 17.29
N LEU G 105 87.62 -39.12 16.36
CA LEU G 105 86.74 -38.05 15.93
C LEU G 105 85.43 -38.64 15.37
N LEU G 106 85.55 -39.73 14.63
CA LEU G 106 84.43 -40.32 13.91
C LEU G 106 83.55 -41.18 14.80
N GLU G 107 84.09 -41.64 15.92
CA GLU G 107 83.26 -42.24 16.95
C GLU G 107 82.32 -41.17 17.48
N LEU G 108 82.83 -39.95 17.66
CA LEU G 108 82.02 -38.87 18.22
C LEU G 108 81.02 -38.28 17.21
N VAL G 109 81.51 -37.94 16.01
CA VAL G 109 80.77 -37.15 15.02
C VAL G 109 80.26 -38.00 13.84
N ASP G 110 78.96 -37.96 13.58
CA ASP G 110 78.42 -38.60 12.35
C ASP G 110 78.48 -37.72 11.13
N GLU G 111 78.25 -36.42 11.31
CA GLU G 111 78.09 -35.51 10.19
C GLU G 111 78.80 -34.21 10.47
N PHE G 112 79.47 -33.69 9.43
CA PHE G 112 80.23 -32.44 9.51
C PHE G 112 79.52 -31.31 8.79
N ALA G 113 79.46 -30.15 9.44
CA ALA G 113 78.95 -28.94 8.82
C ALA G 113 79.90 -27.77 9.06
N TRP G 114 80.44 -27.22 7.96
CA TRP G 114 81.35 -26.07 8.03
C TRP G 114 80.51 -24.79 8.25
N ILE G 115 80.21 -24.52 9.52
CA ILE G 115 79.15 -23.58 9.90
C ILE G 115 79.35 -22.14 9.37
N LEU G 116 80.59 -21.78 9.08
CA LEU G 116 80.91 -20.43 8.69
C LEU G 116 81.15 -20.35 7.18
N GLU G 117 80.94 -21.46 6.51
CA GLU G 117 81.12 -21.56 5.05
C GLU G 117 79.94 -22.15 4.29
N ASP G 118 78.94 -22.69 4.96
CA ASP G 118 77.84 -23.38 4.27
C ASP G 118 76.56 -22.56 4.37
N THR G 119 75.57 -22.96 3.58
CA THR G 119 74.25 -22.40 3.61
C THR G 119 73.42 -23.09 4.69
N ALA G 120 72.82 -22.28 5.56
CA ALA G 120 71.92 -22.76 6.61
C ALA G 120 70.89 -23.77 6.09
N ASP G 121 70.19 -23.42 5.00
CA ASP G 121 69.25 -24.35 4.39
C ASP G 121 69.85 -25.71 4.04
N PHE G 122 71.10 -25.74 3.56
CA PHE G 122 71.73 -27.00 3.14
C PHE G 122 72.00 -27.89 4.36
N ILE G 123 72.49 -27.28 5.44
CA ILE G 123 72.73 -28.03 6.68
C ILE G 123 71.37 -28.46 7.26
N ALA G 124 70.37 -27.60 7.18
CA ALA G 124 69.06 -27.98 7.72
C ALA G 124 68.47 -29.20 6.99
N GLY G 125 68.57 -29.22 5.66
CA GLY G 125 68.06 -30.37 4.87
C GLY G 125 68.74 -31.68 5.26
N ARG G 126 70.04 -31.62 5.55
CA ARG G 126 70.80 -32.80 5.92
C ARG G 126 70.41 -33.29 7.30
N ALA G 127 70.20 -32.35 8.22
CA ALA G 127 69.73 -32.69 9.56
C ALA G 127 68.37 -33.40 9.52
N VAL G 128 67.42 -32.82 8.76
CA VAL G 128 66.09 -33.43 8.57
C VAL G 128 66.22 -34.86 8.05
N ALA G 129 67.07 -35.05 7.04
CA ALA G 129 67.22 -36.39 6.47
C ALA G 129 67.76 -37.37 7.52
N ALA G 130 68.72 -36.89 8.33
CA ALA G 130 69.34 -37.68 9.40
C ALA G 130 68.34 -38.01 10.48
N MET G 131 67.52 -37.03 10.81
CA MET G 131 66.47 -37.22 11.82
C MET G 131 65.38 -38.18 11.33
N THR G 132 64.99 -38.05 10.06
CA THR G 132 64.08 -39.03 9.42
C THR G 132 64.62 -40.47 9.48
N ARG G 133 65.88 -40.68 9.09
CA ARG G 133 66.51 -41.99 9.21
C ARG G 133 66.48 -42.52 10.66
N TYR G 134 66.78 -41.63 11.60
CA TYR G 134 66.78 -41.96 13.01
C TYR G 134 65.44 -42.50 13.50
N ARG G 135 64.35 -41.76 13.24
CA ARG G 135 63.01 -42.15 13.66
C ARG G 135 62.52 -43.43 12.97
N GLN G 136 63.00 -43.68 11.75
CA GLN G 136 62.59 -44.87 11.03
C GLN G 136 63.10 -46.18 11.66
N GLN G 137 64.23 -46.14 12.34
CA GLN G 137 64.75 -47.31 13.04
C GLN G 137 64.49 -47.23 14.53
N LEU G 138 63.80 -46.18 14.99
CA LEU G 138 63.59 -45.97 16.43
C LEU G 138 62.77 -47.05 17.15
N LEU G 139 61.67 -47.49 16.55
CA LEU G 139 60.76 -48.37 17.29
C LEU G 139 61.09 -49.83 17.10
N PRO G 140 60.85 -50.64 18.16
CA PRO G 140 60.99 -52.09 18.06
C PRO G 140 59.87 -52.66 17.13
N PRO G 141 60.09 -53.86 16.53
CA PRO G 141 59.33 -54.29 15.34
C PRO G 141 57.83 -54.58 15.53
N LEU G 142 57.43 -55.16 16.66
CA LEU G 142 56.03 -55.40 16.87
C LEU G 142 55.28 -54.09 17.14
N PHE G 143 55.75 -53.27 18.08
CA PHE G 143 55.11 -52.00 18.33
C PHE G 143 55.00 -51.16 17.06
N SER G 144 56.10 -51.06 16.31
CA SER G 144 56.09 -50.37 15.01
C SER G 144 55.02 -50.90 14.02
N ALA G 145 54.90 -52.21 13.86
CA ALA G 145 53.93 -52.78 12.95
C ALA G 145 52.50 -52.57 13.44
N LEU G 146 52.26 -52.69 14.75
CA LEU G 146 50.93 -52.44 15.32
C LEU G 146 50.45 -51.03 14.97
N MET G 147 51.32 -50.05 15.19
CA MET G 147 51.02 -48.64 15.04
C MET G 147 50.74 -48.28 13.57
N LYS G 148 51.56 -48.82 12.66
CA LYS G 148 51.39 -48.59 11.24
C LYS G 148 50.15 -49.26 10.68
N TYR G 149 49.93 -50.52 11.03
CA TYR G 149 48.78 -51.26 10.54
C TYR G 149 47.48 -50.63 11.04
N SER G 150 47.48 -50.14 12.28
CA SER G 150 46.29 -49.53 12.86
C SER G 150 45.88 -48.26 12.14
N ASP G 151 46.78 -47.71 11.33
CA ASP G 151 46.50 -46.52 10.53
C ASP G 151 45.81 -46.84 9.19
N ILE G 152 46.00 -48.06 8.70
CA ILE G 152 45.31 -48.53 7.51
C ILE G 152 44.12 -49.45 7.85
N HIS G 153 43.99 -49.84 9.12
CA HIS G 153 43.05 -50.91 9.52
C HIS G 153 41.54 -50.59 9.50
N GLU G 154 40.77 -51.52 8.93
CA GLU G 154 39.32 -51.47 8.98
C GLU G 154 38.76 -52.21 10.22
N TYR G 155 38.19 -51.45 11.17
CA TYR G 155 37.71 -52.01 12.44
C TYR G 155 36.32 -52.67 12.39
N SER G 156 35.69 -52.54 11.21
CA SER G 156 34.38 -53.14 10.99
C SER G 156 34.48 -54.56 10.45
N TRP G 157 33.36 -55.26 10.62
CA TRP G 157 33.14 -56.62 10.14
C TRP G 157 34.00 -57.66 10.82
N ALA G 158 34.85 -57.20 11.75
CA ALA G 158 35.64 -58.09 12.63
C ALA G 158 35.52 -57.74 14.14
N ALA G 159 35.70 -58.75 15.00
CA ALA G 159 35.95 -58.51 16.42
C ALA G 159 37.39 -57.98 16.63
N PRO G 160 37.64 -57.25 17.75
CA PRO G 160 36.75 -56.93 18.87
C PRO G 160 35.53 -56.09 18.45
N GLY G 161 34.39 -56.39 19.05
CA GLY G 161 33.14 -55.65 18.78
C GLY G 161 33.21 -54.13 18.90
N HIS G 162 34.12 -53.61 19.74
CA HIS G 162 34.13 -52.19 20.06
C HIS G 162 34.66 -51.34 18.91
N GLN G 163 35.39 -52.01 18.01
CA GLN G 163 35.85 -51.46 16.72
C GLN G 163 36.71 -50.22 16.87
N GLY G 164 37.92 -50.43 17.37
CA GLY G 164 38.83 -49.36 17.72
C GLY G 164 38.25 -48.35 18.70
N GLY G 165 37.42 -48.81 19.63
CA GLY G 165 36.88 -47.94 20.69
C GLY G 165 35.55 -47.27 20.44
N VAL G 166 35.08 -47.27 19.20
CA VAL G 166 33.82 -46.57 18.84
C VAL G 166 32.62 -47.08 19.67
N GLY G 167 32.55 -48.41 19.86
CA GLY G 167 31.48 -49.00 20.65
C GLY G 167 31.27 -48.29 21.97
N PHE G 168 32.37 -47.99 22.68
CA PHE G 168 32.28 -47.43 24.03
C PHE G 168 31.61 -46.05 24.03
N THR G 169 31.87 -45.26 23.00
CA THR G 169 31.38 -43.86 22.96
C THR G 169 29.84 -43.75 22.95
N LYS G 170 29.14 -44.88 22.92
CA LYS G 170 27.71 -44.88 22.74
C LYS G 170 26.88 -44.69 24.00
N THR G 171 27.51 -44.80 25.18
CA THR G 171 26.89 -44.35 26.45
C THR G 171 27.75 -43.32 27.15
N PRO G 172 27.14 -42.43 27.96
CA PRO G 172 27.89 -41.42 28.70
C PRO G 172 29.02 -42.05 29.52
N ALA G 173 28.72 -43.09 30.29
CA ALA G 173 29.75 -43.82 31.04
C ALA G 173 30.82 -44.41 30.12
N GLY G 174 30.40 -45.03 29.02
CA GLY G 174 31.35 -45.65 28.11
C GLY G 174 32.23 -44.61 27.45
N ARG G 175 31.64 -43.46 27.14
CA ARG G 175 32.38 -42.39 26.50
C ARG G 175 33.39 -41.80 27.45
N PHE G 176 32.98 -41.61 28.71
CA PHE G 176 33.90 -41.10 29.72
C PHE G 176 35.08 -42.06 29.82
N TYR G 177 34.77 -43.34 29.88
CA TYR G 177 35.77 -44.38 29.99
C TYR G 177 36.76 -44.35 28.81
N HIS G 178 36.20 -44.20 27.62
CA HIS G 178 36.95 -44.17 26.38
C HIS G 178 37.91 -43.00 26.37
N ASP G 179 37.41 -41.83 26.75
CA ASP G 179 38.25 -40.64 26.72
C ASP G 179 39.31 -40.67 27.80
N TYR G 180 38.96 -41.26 28.94
CA TYR G 180 39.92 -41.44 29.99
C TYR G 180 41.13 -42.28 29.51
N TYR G 181 40.87 -43.37 28.79
CA TYR G 181 41.95 -44.21 28.32
C TYR G 181 42.58 -43.80 26.99
N GLY G 182 41.84 -43.04 26.18
CA GLY G 182 42.38 -42.55 24.90
C GLY G 182 42.18 -43.57 23.79
N GLU G 183 42.15 -43.09 22.55
CA GLU G 183 41.69 -43.96 21.47
C GLU G 183 42.68 -45.02 21.06
N ASN G 184 43.98 -44.71 21.15
CA ASN G 184 45.03 -45.61 20.69
C ASN G 184 45.04 -46.97 21.40
N LEU G 185 44.76 -46.98 22.69
CA LEU G 185 44.55 -48.25 23.39
C LEU G 185 43.60 -49.13 22.58
N PHE G 186 42.46 -48.56 22.19
CA PHE G 186 41.41 -49.29 21.50
C PHE G 186 41.73 -49.60 20.03
N ARG G 187 42.49 -48.72 19.38
CA ARG G 187 42.79 -48.88 17.96
C ARG G 187 43.82 -49.96 17.76
N THR G 188 44.71 -50.13 18.73
CA THR G 188 45.65 -51.23 18.64
C THR G 188 45.10 -52.55 19.22
N ASP G 189 43.85 -52.54 19.68
CA ASP G 189 43.18 -53.75 20.13
C ASP G 189 42.48 -54.37 18.93
N MET G 190 43.26 -55.06 18.10
CA MET G 190 42.73 -55.64 16.87
C MET G 190 42.59 -57.16 17.04
N GLY G 191 41.71 -57.77 16.24
CA GLY G 191 41.62 -59.24 16.18
C GLY G 191 42.73 -59.74 15.28
N ILE G 192 42.73 -61.03 14.98
CA ILE G 192 43.79 -61.57 14.11
C ILE G 192 43.83 -60.94 12.70
N GLU G 193 45.02 -60.48 12.32
CA GLU G 193 45.25 -59.88 10.99
C GLU G 193 46.49 -60.54 10.36
N ARG G 194 46.34 -61.83 10.05
CA ARG G 194 47.45 -62.74 9.71
C ARG G 194 48.37 -62.35 8.57
N THR G 195 47.80 -61.90 7.46
CA THR G 195 48.62 -61.54 6.30
C THR G 195 49.39 -60.25 6.62
N SER G 196 48.87 -59.50 7.57
CA SER G 196 49.37 -58.17 7.86
C SER G 196 50.50 -58.14 8.89
N LEU G 197 50.37 -58.94 9.94
CA LEU G 197 51.02 -58.67 11.20
C LEU G 197 51.59 -59.96 11.78
N GLY G 198 50.98 -61.08 11.39
CA GLY G 198 51.31 -62.37 11.96
C GLY G 198 50.34 -62.69 13.08
N SER G 199 50.74 -63.64 13.92
CA SER G 199 49.92 -64.13 15.01
C SER G 199 50.79 -64.39 16.24
N LEU G 200 50.31 -64.01 17.42
CA LEU G 200 50.99 -64.37 18.66
C LEU G 200 51.11 -65.89 18.83
N LEU G 201 49.97 -66.59 18.69
CA LEU G 201 49.90 -68.01 18.99
C LEU G 201 50.69 -68.86 17.99
N ASP G 202 50.86 -68.34 16.77
CA ASP G 202 51.69 -69.01 15.76
C ASP G 202 53.10 -68.47 15.74
N HIS G 203 53.34 -67.36 16.44
CA HIS G 203 54.69 -66.81 16.55
C HIS G 203 55.24 -66.43 15.17
N THR G 204 54.39 -65.78 14.36
CA THR G 204 54.73 -65.39 12.99
C THR G 204 54.69 -63.88 12.77
N GLY G 205 55.19 -63.43 11.62
CA GLY G 205 55.17 -62.03 11.29
C GLY G 205 55.93 -61.17 12.28
N ALA G 206 55.40 -59.98 12.53
CA ALA G 206 55.94 -59.04 13.53
C ALA G 206 56.05 -59.66 14.92
N PHE G 207 55.11 -60.55 15.27
CA PHE G 207 55.15 -61.26 16.55
C PHE G 207 56.37 -62.15 16.66
N GLY G 208 56.64 -62.93 15.61
CA GLY G 208 57.89 -63.66 15.46
C GLY G 208 59.15 -62.80 15.53
N GLU G 209 59.20 -61.72 14.74
CA GLU G 209 60.36 -60.80 14.75
C GLU G 209 60.64 -60.31 16.16
N SER G 210 59.60 -59.81 16.83
CA SER G 210 59.70 -59.33 18.21
C SER G 210 60.34 -60.39 19.11
N GLU G 211 59.80 -61.61 19.04
CA GLU G 211 60.34 -62.75 19.77
C GLU G 211 61.82 -63.07 19.42
N LYS G 212 62.20 -62.96 18.16
CA LYS G 212 63.61 -63.16 17.80
C LYS G 212 64.48 -62.03 18.36
N TYR G 213 63.95 -60.81 18.32
CA TYR G 213 64.59 -59.64 18.90
C TYR G 213 64.80 -59.80 20.41
N ALA G 214 63.77 -60.27 21.13
CA ALA G 214 63.89 -60.59 22.56
C ALA G 214 65.06 -61.56 22.85
N ALA G 215 65.20 -62.58 22.01
CA ALA G 215 66.21 -63.61 22.16
C ALA G 215 67.64 -63.08 21.93
N ARG G 216 67.85 -62.28 20.88
CA ARG G 216 69.14 -61.64 20.69
C ARG G 216 69.49 -60.82 21.95
N VAL G 217 68.51 -60.04 22.42
CA VAL G 217 68.74 -59.08 23.49
C VAL G 217 68.92 -59.74 24.87
N PHE G 218 68.14 -60.79 25.13
CA PHE G 218 68.17 -61.50 26.41
C PHE G 218 69.08 -62.74 26.45
N GLY G 219 69.79 -62.96 25.35
CA GLY G 219 70.75 -64.05 25.20
C GLY G 219 70.19 -65.46 25.22
N ALA G 220 69.04 -65.65 24.58
CA ALA G 220 68.41 -66.97 24.48
C ALA G 220 68.44 -67.51 23.05
N ASP G 221 68.26 -68.83 22.90
CA ASP G 221 68.10 -69.44 21.57
C ASP G 221 66.74 -69.05 20.98
N ARG G 222 65.71 -69.15 21.81
CA ARG G 222 64.36 -68.80 21.44
C ARG G 222 63.67 -68.12 22.62
N SER G 223 62.82 -67.13 22.31
CA SER G 223 61.95 -66.49 23.34
C SER G 223 60.47 -66.63 22.97
N TRP G 224 59.63 -66.84 23.99
CA TRP G 224 58.18 -66.93 23.84
C TRP G 224 57.51 -65.79 24.62
N SER G 225 56.82 -64.91 23.89
CA SER G 225 56.05 -63.82 24.47
C SER G 225 54.69 -64.31 25.04
N VAL G 226 54.38 -63.86 26.25
CA VAL G 226 53.25 -64.38 26.99
C VAL G 226 52.40 -63.23 27.51
N VAL G 227 51.08 -63.38 27.44
CA VAL G 227 50.16 -62.33 27.92
C VAL G 227 49.30 -62.81 29.10
N VAL G 228 49.74 -63.91 29.72
CA VAL G 228 49.12 -64.41 30.95
C VAL G 228 50.10 -64.39 32.15
N GLY G 229 51.09 -63.50 32.10
CA GLY G 229 52.05 -63.38 33.18
C GLY G 229 53.02 -64.56 33.19
N THR G 230 53.90 -64.60 34.18
CA THR G 230 54.79 -65.74 34.40
C THR G 230 54.01 -66.93 34.96
N SER G 231 52.84 -66.67 35.54
CA SER G 231 51.84 -67.73 35.77
C SER G 231 51.57 -68.51 34.47
N GLY G 232 51.28 -67.78 33.40
CA GLY G 232 51.11 -68.38 32.11
C GLY G 232 52.36 -69.05 31.63
N SER G 233 53.49 -68.35 31.75
CA SER G 233 54.80 -68.91 31.37
C SER G 233 55.20 -70.22 32.11
N ASN G 234 55.04 -70.23 33.43
CA ASN G 234 55.40 -71.38 34.27
C ASN G 234 54.54 -72.60 33.95
N ARG G 235 53.22 -72.39 33.88
CA ARG G 235 52.28 -73.44 33.51
C ARG G 235 52.63 -74.07 32.18
N THR G 236 52.98 -73.23 31.22
CA THR G 236 53.42 -73.62 29.90
C THR G 236 54.68 -74.47 29.93
N ILE G 237 55.72 -74.01 30.63
CA ILE G 237 56.99 -74.77 30.70
C ILE G 237 56.73 -76.14 31.29
N MET G 238 55.96 -76.16 32.36
CA MET G 238 55.75 -77.37 33.12
C MET G 238 54.93 -78.37 32.33
N GLN G 239 53.88 -77.88 31.66
CA GLN G 239 53.10 -78.69 30.74
C GLN G 239 53.96 -79.34 29.67
N ALA G 240 55.00 -78.64 29.24
CA ALA G 240 55.90 -79.13 28.20
C ALA G 240 56.89 -80.17 28.73
N CYS G 241 57.11 -80.16 30.04
CA CYS G 241 58.28 -80.81 30.61
C CYS G 241 58.02 -82.08 31.38
N MET G 242 56.77 -82.32 31.79
CA MET G 242 56.46 -83.44 32.67
C MET G 242 55.05 -84.00 32.50
N THR G 243 54.91 -85.31 32.70
CA THR G 243 53.58 -85.98 32.76
C THR G 243 53.37 -86.62 34.13
N ASP G 244 52.25 -87.32 34.33
CA ASP G 244 51.98 -87.91 35.65
C ASP G 244 52.88 -89.11 35.97
N ASN G 245 53.79 -89.42 35.04
CA ASN G 245 54.72 -90.52 35.20
C ASN G 245 56.11 -90.03 35.62
N ASP G 246 56.26 -88.72 35.65
CA ASP G 246 57.56 -88.10 35.80
C ASP G 246 57.85 -87.71 37.23
N VAL G 247 59.13 -87.77 37.59
CA VAL G 247 59.63 -87.27 38.87
C VAL G 247 60.25 -85.88 38.65
N VAL G 248 59.85 -84.92 39.49
CA VAL G 248 60.34 -83.53 39.36
C VAL G 248 60.93 -82.98 40.68
N VAL G 249 61.97 -82.14 40.54
CA VAL G 249 62.66 -81.50 41.66
C VAL G 249 62.31 -80.01 41.77
N VAL G 250 61.67 -79.67 42.88
CA VAL G 250 61.05 -78.39 43.06
C VAL G 250 61.60 -77.61 44.25
N ASP G 251 62.19 -76.44 43.94
CA ASP G 251 62.52 -75.41 44.92
C ASP G 251 61.30 -75.25 45.84
N ARG G 252 61.49 -75.49 47.13
CA ARG G 252 60.41 -75.33 48.08
C ARG G 252 59.93 -73.87 48.11
N ASN G 253 60.85 -72.95 47.86
CA ASN G 253 60.46 -71.57 47.52
C ASN G 253 59.99 -71.51 46.07
N CYS G 254 58.73 -71.81 45.86
CA CYS G 254 58.18 -71.77 44.51
C CYS G 254 56.90 -70.98 44.49
N HIS G 255 56.68 -70.31 43.36
CA HIS G 255 55.44 -69.56 43.18
C HIS G 255 54.25 -70.51 43.08
N LYS G 256 53.07 -70.00 43.48
CA LYS G 256 51.82 -70.69 43.26
C LYS G 256 51.67 -71.34 41.88
N SER G 257 52.25 -70.69 40.88
CA SER G 257 52.09 -71.16 39.53
C SER G 257 52.92 -72.41 39.28
N ILE G 258 53.97 -72.60 40.10
CA ILE G 258 54.71 -73.88 40.10
C ILE G 258 53.87 -75.00 40.72
N GLU G 259 53.15 -74.70 41.80
CA GLU G 259 52.22 -75.69 42.34
C GLU G 259 51.10 -75.98 41.35
N GLN G 260 50.62 -74.94 40.68
CA GLN G 260 49.60 -75.09 39.64
C GLN G 260 50.05 -76.08 38.53
N GLY G 261 51.28 -75.93 38.05
CA GLY G 261 51.87 -76.89 37.13
C GLY G 261 51.81 -78.33 37.65
N LEU G 262 52.18 -78.52 38.91
CA LEU G 262 52.10 -79.85 39.53
C LEU G 262 50.69 -80.44 39.47
N MET G 263 49.69 -79.62 39.76
CA MET G 263 48.28 -80.03 39.69
C MET G 263 47.76 -80.30 38.28
N LEU G 264 48.42 -79.69 37.30
CA LEU G 264 47.99 -79.79 35.91
C LEU G 264 48.70 -80.91 35.14
N THR G 265 49.89 -81.28 35.62
CA THR G 265 50.61 -82.38 35.01
C THR G 265 50.43 -83.67 35.83
N GLY G 266 50.25 -83.54 37.14
CA GLY G 266 50.16 -84.70 37.99
C GLY G 266 51.49 -85.36 38.29
N ALA G 267 52.57 -84.71 37.85
CA ALA G 267 53.95 -85.11 38.15
C ALA G 267 54.23 -85.31 39.62
N LYS G 268 55.29 -86.06 39.90
CA LYS G 268 55.62 -86.50 41.25
C LYS G 268 56.76 -85.63 41.78
N PRO G 269 56.48 -84.76 42.76
CA PRO G 269 57.49 -83.79 43.21
C PRO G 269 58.40 -84.21 44.36
N VAL G 270 59.63 -83.73 44.31
CA VAL G 270 60.59 -83.77 45.42
C VAL G 270 61.12 -82.35 45.68
N TYR G 271 61.21 -81.93 46.95
CA TYR G 271 61.52 -80.53 47.26
C TYR G 271 62.92 -80.22 47.81
N MET G 272 63.61 -79.23 47.24
CA MET G 272 64.85 -78.70 47.83
C MET G 272 64.57 -77.63 48.88
N VAL G 273 65.09 -77.82 50.10
CA VAL G 273 64.77 -76.92 51.22
C VAL G 273 65.74 -75.73 51.32
N PRO G 274 65.20 -74.49 51.20
CA PRO G 274 66.02 -73.27 51.32
C PRO G 274 66.45 -72.95 52.76
N SER G 275 67.58 -72.27 52.88
CA SER G 275 68.06 -71.74 54.16
C SER G 275 67.21 -70.56 54.61
N ARG G 276 67.40 -70.11 55.84
CA ARG G 276 66.75 -68.91 56.31
C ARG G 276 67.55 -68.22 57.41
N ASN G 277 67.30 -66.93 57.64
CA ASN G 277 68.06 -66.19 58.67
C ASN G 277 67.23 -65.69 59.85
N ARG G 278 67.88 -64.91 60.71
CA ARG G 278 67.34 -64.56 62.03
C ARG G 278 66.12 -63.65 61.94
N TYR G 279 65.96 -63.00 60.78
CA TYR G 279 64.81 -62.12 60.52
C TYR G 279 63.65 -62.85 59.89
N GLY G 280 63.85 -64.14 59.63
CA GLY G 280 62.87 -64.92 58.91
C GLY G 280 62.88 -64.64 57.42
N ILE G 281 64.06 -64.26 56.91
CA ILE G 281 64.26 -64.05 55.48
C ILE G 281 64.74 -65.37 54.87
N ILE G 282 64.12 -65.75 53.76
CA ILE G 282 64.45 -66.99 53.05
C ILE G 282 65.75 -66.81 52.29
N GLY G 283 66.68 -67.74 52.47
CA GLY G 283 67.97 -67.67 51.78
C GLY G 283 68.09 -68.68 50.65
N PRO G 284 69.30 -68.88 50.14
CA PRO G 284 69.43 -69.81 49.03
C PRO G 284 69.27 -71.27 49.45
N ILE G 285 68.95 -72.11 48.47
CA ILE G 285 69.14 -73.54 48.60
C ILE G 285 70.64 -73.74 48.55
N TYR G 286 71.14 -74.43 49.58
CA TYR G 286 72.55 -74.72 49.70
C TYR G 286 72.92 -75.78 48.66
N PRO G 287 74.18 -75.77 48.20
CA PRO G 287 74.64 -76.74 47.22
C PRO G 287 74.42 -78.19 47.67
N GLN G 288 74.49 -78.43 48.98
CA GLN G 288 74.27 -79.78 49.54
C GLN G 288 72.91 -80.34 49.14
N GLU G 289 71.88 -79.48 49.16
CA GLU G 289 70.53 -79.87 48.75
C GLU G 289 70.39 -80.10 47.25
N MET G 290 71.43 -79.81 46.48
CA MET G 290 71.38 -79.87 45.01
C MET G 290 72.28 -80.97 44.45
N GLN G 291 73.00 -81.67 45.33
CA GLN G 291 73.89 -82.73 44.90
C GLN G 291 73.08 -83.94 44.39
N PRO G 292 73.57 -84.61 43.33
CA PRO G 292 72.87 -85.73 42.71
C PRO G 292 72.41 -86.77 43.73
N GLU G 293 73.36 -87.26 44.54
CA GLU G 293 73.05 -88.25 45.59
C GLU G 293 72.08 -87.74 46.66
N THR G 294 72.05 -86.43 46.89
CA THR G 294 71.10 -85.85 47.86
C THR G 294 69.70 -85.92 47.29
N LEU G 295 69.61 -85.66 45.98
CA LEU G 295 68.32 -85.68 45.29
C LEU G 295 67.81 -87.12 45.16
N GLN G 296 68.72 -88.07 44.88
CA GLN G 296 68.34 -89.49 44.86
C GLN G 296 67.75 -89.95 46.17
N LYS G 297 68.38 -89.60 47.27
CA LYS G 297 67.87 -89.95 48.59
C LYS G 297 66.43 -89.42 48.83
N LYS G 298 66.19 -88.19 48.38
CA LYS G 298 64.89 -87.54 48.47
C LYS G 298 63.84 -88.30 47.66
N ILE G 299 64.25 -88.75 46.47
CA ILE G 299 63.40 -89.51 45.55
C ILE G 299 63.07 -90.90 46.11
N SER G 300 64.07 -91.54 46.71
CA SER G 300 63.91 -92.87 47.27
C SER G 300 63.04 -92.90 48.52
N GLU G 301 63.06 -91.82 49.29
CA GLU G 301 62.36 -91.82 50.57
C GLU G 301 60.93 -91.22 50.56
N SER G 302 60.64 -90.38 49.56
CA SER G 302 59.34 -89.71 49.50
C SER G 302 58.20 -90.67 49.16
N PRO G 303 57.11 -90.63 49.94
CA PRO G 303 55.93 -91.45 49.62
C PRO G 303 55.41 -91.27 48.19
N LEU G 304 55.71 -90.12 47.58
CA LEU G 304 55.21 -89.77 46.23
C LEU G 304 56.10 -90.24 45.10
N THR G 305 57.30 -90.70 45.44
CA THR G 305 58.28 -91.03 44.41
C THR G 305 59.03 -92.35 44.66
N LYS G 306 58.76 -93.02 45.80
CA LYS G 306 59.57 -94.21 46.20
C LYS G 306 59.54 -95.35 45.16
N ASP G 307 58.38 -95.63 44.60
CA ASP G 307 58.24 -96.68 43.58
C ASP G 307 58.69 -96.24 42.19
N LYS G 308 59.42 -95.13 42.14
CA LYS G 308 59.96 -94.59 40.89
C LYS G 308 61.45 -94.32 41.06
N ALA G 309 61.96 -94.67 42.24
CA ALA G 309 63.35 -94.48 42.64
C ALA G 309 64.32 -94.90 41.53
N GLY G 310 65.32 -94.07 41.27
CA GLY G 310 66.33 -94.38 40.26
C GLY G 310 66.00 -93.79 38.92
N GLN G 311 64.73 -93.47 38.70
CA GLN G 311 64.26 -92.81 37.48
C GLN G 311 64.80 -91.36 37.40
N LYS G 312 65.31 -90.99 36.23
CA LYS G 312 65.79 -89.64 35.98
C LYS G 312 64.64 -88.60 35.96
N PRO G 313 64.79 -87.51 36.75
CA PRO G 313 63.82 -86.40 36.80
C PRO G 313 63.73 -85.64 35.49
N SER G 314 62.52 -85.27 35.12
CA SER G 314 62.29 -84.61 33.83
C SER G 314 62.44 -83.09 33.90
N TYR G 315 62.46 -82.56 35.12
CA TYR G 315 62.38 -81.13 35.33
C TYR G 315 62.93 -80.70 36.69
N CYS G 316 63.61 -79.55 36.66
CA CYS G 316 64.12 -78.92 37.85
C CYS G 316 63.92 -77.40 37.87
N VAL G 317 63.36 -76.89 38.96
CA VAL G 317 63.12 -75.45 39.08
C VAL G 317 63.78 -74.83 40.34
N VAL G 318 64.45 -73.70 40.13
CA VAL G 318 64.92 -72.87 41.24
C VAL G 318 64.44 -71.40 41.04
N THR G 319 63.88 -70.81 42.10
CA THR G 319 63.48 -69.41 42.07
C THR G 319 64.70 -68.56 42.34
N ASN G 320 65.15 -67.87 41.31
CA ASN G 320 66.26 -66.95 41.42
C ASN G 320 65.96 -65.67 40.63
N CYS G 321 66.07 -64.47 41.23
CA CYS G 321 66.44 -64.25 42.63
C CYS G 321 65.23 -64.50 43.54
N THR G 322 65.46 -64.51 44.85
CA THR G 322 64.35 -64.61 45.80
C THR G 322 63.65 -63.26 45.96
N TYR G 323 62.46 -63.29 46.54
CA TYR G 323 61.72 -62.07 46.76
C TYR G 323 62.54 -60.97 47.48
N ASP G 324 63.32 -61.32 48.52
CA ASP G 324 64.14 -60.30 49.22
C ASP G 324 65.51 -60.04 48.60
N GLY G 325 65.73 -60.51 47.37
CA GLY G 325 66.94 -60.18 46.63
C GLY G 325 68.16 -61.08 46.79
N VAL G 326 67.95 -62.31 47.27
CA VAL G 326 69.06 -63.25 47.36
C VAL G 326 69.25 -63.86 45.99
N CYS G 327 70.42 -63.63 45.40
CA CYS G 327 70.72 -64.15 44.06
C CYS G 327 71.72 -65.30 44.07
N TYR G 328 71.31 -66.44 43.50
CA TYR G 328 72.16 -67.60 43.36
C TYR G 328 73.25 -67.33 42.34
N ASN G 329 74.42 -67.92 42.59
CA ASN G 329 75.43 -68.13 41.56
C ASN G 329 74.93 -69.25 40.64
N ALA G 330 74.21 -68.84 39.60
CA ALA G 330 73.51 -69.76 38.70
C ALA G 330 74.43 -70.60 37.84
N LYS G 331 75.60 -70.06 37.46
CA LYS G 331 76.63 -70.86 36.79
C LYS G 331 76.93 -72.11 37.66
N GLU G 332 77.20 -71.90 38.94
CA GLU G 332 77.44 -73.00 39.84
C GLU G 332 76.21 -73.87 40.14
N ALA G 333 75.03 -73.25 40.24
CA ALA G 333 73.81 -74.03 40.50
C ALA G 333 73.47 -74.93 39.31
N GLN G 334 73.66 -74.41 38.10
CA GLN G 334 73.42 -75.21 36.89
C GLN G 334 74.25 -76.50 36.92
N ASP G 335 75.56 -76.32 37.10
CA ASP G 335 76.56 -77.38 37.23
C ASP G 335 76.18 -78.57 38.12
N LEU G 336 75.70 -78.27 39.32
CA LEU G 336 75.20 -79.28 40.21
C LEU G 336 73.94 -79.90 39.66
N LEU G 337 72.99 -79.06 39.30
CA LEU G 337 71.65 -79.52 38.96
C LEU G 337 71.58 -80.34 37.69
N GLU G 338 72.43 -80.01 36.71
CA GLU G 338 72.43 -80.70 35.44
C GLU G 338 72.87 -82.17 35.57
N LYS G 339 73.44 -82.53 36.72
CA LYS G 339 73.78 -83.93 36.99
C LYS G 339 72.51 -84.75 37.21
N THR G 340 71.46 -84.11 37.73
CA THR G 340 70.20 -84.79 37.98
C THR G 340 69.19 -84.70 36.83
N SER G 341 69.02 -83.50 36.26
CA SER G 341 67.97 -83.23 35.26
C SER G 341 68.52 -82.55 34.03
N ASP G 342 67.96 -82.88 32.87
CA ASP G 342 68.28 -82.24 31.59
C ASP G 342 67.53 -80.92 31.35
N ARG G 343 66.52 -80.64 32.18
CA ARG G 343 65.75 -79.41 32.03
C ARG G 343 65.81 -78.58 33.28
N LEU G 344 66.51 -77.46 33.18
CA LEU G 344 66.59 -76.53 34.28
C LEU G 344 65.77 -75.27 34.03
N HIS G 345 64.93 -74.96 35.00
CA HIS G 345 64.09 -73.78 34.93
C HIS G 345 64.49 -72.84 36.06
N PHE G 346 65.03 -71.69 35.70
CA PHE G 346 65.24 -70.66 36.70
C PHE G 346 64.08 -69.70 36.64
N ASP G 347 63.30 -69.68 37.70
CA ASP G 347 62.20 -68.75 37.75
C ASP G 347 62.66 -67.32 38.15
N GLU G 348 62.98 -66.52 37.13
CA GLU G 348 63.62 -65.23 37.31
C GLU G 348 62.62 -64.08 37.20
N ALA G 349 61.39 -64.31 37.67
CA ALA G 349 60.28 -63.33 37.51
C ALA G 349 60.59 -61.91 38.00
N TRP G 350 61.32 -61.83 39.10
CA TRP G 350 61.62 -60.59 39.77
C TRP G 350 62.95 -60.02 39.29
N TYR G 351 63.45 -60.50 38.16
CA TYR G 351 64.89 -60.45 37.91
C TYR G 351 65.25 -60.27 36.44
N GLY G 352 64.33 -59.73 35.64
CA GLY G 352 64.52 -59.73 34.19
C GLY G 352 65.66 -58.86 33.69
N TYR G 353 66.19 -58.01 34.57
CA TYR G 353 67.17 -57.00 34.24
C TYR G 353 68.61 -57.45 34.41
N ALA G 354 68.83 -58.58 35.09
CA ALA G 354 70.15 -58.97 35.62
C ALA G 354 71.26 -58.99 34.58
N ARG G 355 70.95 -59.52 33.41
CA ARG G 355 71.89 -59.60 32.29
C ARG G 355 72.58 -58.27 31.94
N PHE G 356 71.89 -57.16 32.13
CA PHE G 356 72.35 -55.86 31.59
C PHE G 356 73.24 -55.06 32.54
N ASN G 357 73.41 -55.56 33.77
CA ASN G 357 74.42 -55.01 34.68
C ASN G 357 75.52 -56.00 35.12
N PRO G 358 76.81 -55.65 34.92
CA PRO G 358 77.97 -56.48 35.30
C PRO G 358 77.99 -56.91 36.78
N ILE G 359 77.38 -56.11 37.66
CA ILE G 359 77.30 -56.49 39.07
C ILE G 359 76.58 -57.82 39.33
N TYR G 360 75.71 -58.24 38.41
CA TYR G 360 75.03 -59.54 38.48
C TYR G 360 75.80 -60.70 37.79
N ALA G 361 76.90 -60.41 37.11
CA ALA G 361 77.71 -61.45 36.48
C ALA G 361 77.61 -62.83 37.18
N ASP G 362 77.20 -63.83 36.37
CA ASP G 362 77.16 -65.27 36.72
C ASP G 362 76.00 -65.66 37.62
N HIS G 363 75.22 -64.66 38.03
CA HIS G 363 74.10 -64.89 38.96
C HIS G 363 72.72 -64.92 38.29
N TYR G 364 72.74 -65.18 36.98
CA TYR G 364 71.51 -65.41 36.20
C TYR G 364 71.75 -66.50 35.13
N ALA G 365 70.67 -66.93 34.47
CA ALA G 365 70.71 -68.05 33.52
C ALA G 365 71.30 -67.74 32.14
N MET G 366 70.80 -66.70 31.47
CA MET G 366 71.27 -66.43 30.13
C MET G 366 72.57 -65.64 30.15
N ARG G 367 73.66 -66.30 30.57
CA ARG G 367 75.00 -65.66 30.67
C ARG G 367 75.76 -65.64 29.34
N GLY G 368 76.30 -64.49 28.96
CA GLY G 368 77.03 -64.37 27.69
C GLY G 368 76.13 -64.73 26.51
N GLU G 369 76.73 -65.19 25.42
CA GLU G 369 75.99 -65.45 24.17
C GLU G 369 75.51 -66.89 24.08
N PRO G 370 74.31 -67.11 23.49
CA PRO G 370 73.81 -68.50 23.40
C PRO G 370 74.45 -69.24 22.22
N GLY G 371 74.11 -70.52 22.06
CA GLY G 371 74.52 -71.26 20.88
C GLY G 371 75.38 -72.48 21.13
N ASP G 372 75.87 -72.63 22.37
CA ASP G 372 76.53 -73.89 22.79
C ASP G 372 75.46 -74.83 23.31
N HIS G 373 75.14 -75.84 22.52
CA HIS G 373 74.05 -76.76 22.88
C HIS G 373 74.50 -77.99 23.69
N ASN G 374 75.78 -78.02 24.05
CA ASN G 374 76.28 -79.07 24.94
C ASN G 374 76.13 -78.67 26.41
N GLY G 375 74.97 -79.00 26.98
CA GLY G 375 74.63 -78.71 28.36
C GLY G 375 73.16 -78.99 28.53
N PRO G 376 72.59 -78.68 29.70
CA PRO G 376 71.16 -78.96 29.86
C PRO G 376 70.32 -77.96 29.06
N THR G 377 69.04 -78.26 28.86
CA THR G 377 68.09 -77.29 28.33
C THR G 377 67.66 -76.40 29.50
N VAL G 378 67.78 -75.09 29.31
CA VAL G 378 67.50 -74.12 30.37
C VAL G 378 66.44 -73.10 29.96
N PHE G 379 65.43 -72.96 30.82
CA PHE G 379 64.40 -71.94 30.76
C PHE G 379 64.58 -70.86 31.83
N ALA G 380 64.39 -69.62 31.42
CA ALA G 380 64.34 -68.47 32.32
C ALA G 380 63.03 -67.70 32.06
N THR G 381 62.20 -67.62 33.09
CA THR G 381 60.97 -66.84 33.03
C THR G 381 61.17 -65.42 33.57
N HIS G 382 60.66 -64.43 32.82
CA HIS G 382 60.58 -63.05 33.31
C HIS G 382 59.15 -62.53 33.29
N SER G 383 58.71 -61.93 34.40
CA SER G 383 57.55 -61.07 34.45
C SER G 383 58.08 -59.71 34.09
N THR G 384 57.95 -59.36 32.82
CA THR G 384 58.53 -58.15 32.32
C THR G 384 57.86 -56.87 32.93
N HIS G 385 56.69 -57.03 33.54
CA HIS G 385 56.03 -55.96 34.26
C HIS G 385 56.58 -55.76 35.69
N LYS G 386 57.17 -56.80 36.28
CA LYS G 386 57.73 -56.66 37.62
C LYS G 386 58.95 -55.70 37.65
N LEU G 387 60.08 -56.11 37.12
CA LEU G 387 61.22 -55.21 37.15
C LEU G 387 61.85 -54.88 35.81
N LEU G 388 61.14 -55.16 34.71
CA LEU G 388 61.43 -54.47 33.46
C LEU G 388 60.35 -53.38 33.26
N ASN G 389 60.23 -52.82 32.06
CA ASN G 389 59.12 -51.87 31.81
C ASN G 389 58.05 -52.45 30.88
N ALA G 390 56.94 -52.88 31.45
CA ALA G 390 55.89 -53.50 30.67
C ALA G 390 54.59 -53.48 31.44
N LEU G 391 53.48 -53.55 30.73
CA LEU G 391 52.18 -53.72 31.36
C LEU G 391 52.03 -55.08 32.04
N SER G 392 51.29 -55.10 33.16
CA SER G 392 50.92 -56.36 33.78
C SER G 392 50.37 -57.40 32.77
N GLN G 393 50.74 -58.66 33.02
CA GLN G 393 50.43 -59.85 32.20
C GLN G 393 51.54 -60.13 31.16
N ALA G 394 52.41 -59.15 30.94
CA ALA G 394 53.57 -59.34 30.06
C ALA G 394 54.64 -60.23 30.68
N SER G 395 55.12 -61.20 29.90
CA SER G 395 56.03 -62.22 30.41
C SER G 395 56.80 -62.84 29.27
N TYR G 396 57.93 -63.46 29.59
CA TYR G 396 58.72 -64.15 28.56
C TYR G 396 59.19 -65.49 29.06
N ILE G 397 59.27 -66.44 28.15
CA ILE G 397 59.95 -67.67 28.38
C ILE G 397 61.18 -67.57 27.52
N HIS G 398 62.34 -67.60 28.16
CA HIS G 398 63.61 -67.60 27.44
C HIS G 398 64.21 -69.00 27.50
N VAL G 399 64.69 -69.50 26.36
CA VAL G 399 65.22 -70.86 26.27
C VAL G 399 66.64 -70.91 25.69
N ARG G 400 67.47 -71.70 26.38
CA ARG G 400 68.73 -72.19 25.82
C ARG G 400 68.55 -73.68 25.61
N GLU G 401 68.70 -74.12 24.36
CA GLU G 401 68.47 -75.51 23.99
C GLU G 401 69.66 -76.41 24.38
N GLY G 402 69.37 -77.56 24.98
CA GLY G 402 70.42 -78.53 25.21
C GLY G 402 69.90 -79.95 25.11
N ARG G 403 70.33 -80.80 26.03
CA ARG G 403 69.80 -82.14 26.12
C ARG G 403 68.34 -82.04 26.54
N GLY G 404 67.53 -82.95 26.00
CA GLY G 404 66.10 -82.96 26.26
C GLY G 404 65.38 -81.73 25.76
N ALA G 405 65.98 -81.03 24.79
CA ALA G 405 65.35 -79.85 24.16
C ALA G 405 63.98 -80.20 23.60
N ILE G 406 63.09 -79.22 23.56
CA ILE G 406 61.73 -79.46 23.11
C ILE G 406 61.47 -78.55 21.92
N ASN G 407 61.31 -79.14 20.73
CA ASN G 407 61.18 -78.33 19.52
C ASN G 407 59.92 -77.45 19.50
N PHE G 408 59.87 -76.57 18.51
CA PHE G 408 58.82 -75.58 18.40
C PHE G 408 57.46 -76.25 18.34
N SER G 409 57.36 -77.26 17.46
CA SER G 409 56.15 -78.04 17.21
C SER G 409 55.56 -78.62 18.46
N ARG G 410 56.40 -79.27 19.24
CA ARG G 410 55.97 -79.82 20.53
C ARG G 410 55.66 -78.72 21.55
N PHE G 411 56.57 -77.74 21.68
CA PHE G 411 56.41 -76.69 22.71
C PHE G 411 55.15 -75.83 22.49
N ASN G 412 54.90 -75.44 21.24
CA ASN G 412 53.73 -74.63 20.94
C ASN G 412 52.41 -75.21 21.42
N GLN G 413 52.35 -76.53 21.52
CA GLN G 413 51.14 -77.18 22.02
C GLN G 413 50.95 -76.88 23.49
N ALA G 414 52.05 -76.87 24.24
CA ALA G 414 52.04 -76.38 25.64
C ALA G 414 51.72 -74.87 25.69
N TYR G 415 52.36 -74.10 24.79
CA TYR G 415 52.13 -72.64 24.75
C TYR G 415 50.64 -72.34 24.59
N MET G 416 50.01 -72.99 23.62
CA MET G 416 48.61 -72.70 23.29
C MET G 416 47.68 -73.26 24.33
N MET G 417 48.07 -74.37 24.94
CA MET G 417 47.34 -74.95 26.06
C MET G 417 46.95 -73.89 27.07
N HIS G 418 47.87 -72.96 27.32
CA HIS G 418 47.69 -71.98 28.40
C HIS G 418 47.55 -70.53 27.91
N ALA G 419 47.30 -70.34 26.62
CA ALA G 419 47.17 -69.02 25.99
C ALA G 419 45.73 -68.62 25.81
N THR G 420 45.49 -67.41 25.29
CA THR G 420 44.15 -67.04 24.84
C THR G 420 44.17 -66.78 23.35
N THR G 421 43.11 -67.21 22.69
CA THR G 421 42.96 -67.04 21.26
C THR G 421 42.77 -65.56 20.89
N SER G 422 42.36 -64.73 21.85
CA SER G 422 42.23 -63.27 21.64
C SER G 422 43.06 -62.43 22.61
N PRO G 423 44.40 -62.44 22.45
CA PRO G 423 45.30 -61.63 23.28
C PRO G 423 45.17 -60.14 23.01
N LEU G 424 45.32 -59.32 24.06
CA LEU G 424 45.30 -57.88 23.91
C LEU G 424 46.67 -57.37 23.41
N TYR G 425 46.70 -56.77 22.22
CA TYR G 425 47.98 -56.42 21.62
C TYR G 425 48.73 -55.28 22.31
N ALA G 426 48.04 -54.49 23.14
CA ALA G 426 48.69 -53.51 24.03
C ALA G 426 49.70 -54.19 24.94
N ILE G 427 49.40 -55.41 25.40
CA ILE G 427 50.31 -56.15 26.27
C ILE G 427 51.57 -56.57 25.53
N CYS G 428 51.37 -57.21 24.37
CA CYS G 428 52.49 -57.57 23.47
C CYS G 428 53.34 -56.35 23.07
N ALA G 429 52.69 -55.22 22.77
CA ALA G 429 53.40 -53.96 22.45
C ALA G 429 54.35 -53.54 23.56
N SER G 430 53.87 -53.58 24.82
CA SER G 430 54.72 -53.21 25.95
C SER G 430 55.85 -54.21 26.14
N ASN G 431 55.57 -55.48 25.88
CA ASN G 431 56.60 -56.53 25.89
C ASN G 431 57.75 -56.26 24.92
N ASP G 432 57.38 -55.82 23.73
CA ASP G 432 58.30 -55.43 22.66
C ASP G 432 59.11 -54.18 23.06
N VAL G 433 58.45 -53.21 23.73
CA VAL G 433 59.14 -51.99 24.15
C VAL G 433 60.13 -52.29 25.32
N ALA G 434 59.72 -53.15 26.24
CA ALA G 434 60.57 -53.64 27.32
C ALA G 434 61.93 -54.08 26.82
N VAL G 435 61.93 -54.86 25.73
CA VAL G 435 63.16 -55.41 25.15
C VAL G 435 64.00 -54.28 24.59
N SER G 436 63.34 -53.41 23.83
CA SER G 436 63.94 -52.24 23.23
C SER G 436 64.76 -51.47 24.27
N MET G 437 64.20 -51.31 25.47
CA MET G 437 64.77 -50.45 26.51
C MET G 437 66.07 -51.02 27.05
N MET G 438 66.17 -52.34 27.05
CA MET G 438 67.38 -53.05 27.53
C MET G 438 68.47 -53.22 26.46
N ASP G 439 68.14 -52.94 25.20
CA ASP G 439 69.05 -53.21 24.08
C ASP G 439 70.17 -52.16 24.00
N GLY G 440 71.42 -52.59 24.04
CA GLY G 440 72.58 -51.72 23.83
C GLY G 440 72.95 -50.93 25.06
N ASN G 441 73.41 -49.70 24.86
CA ASN G 441 73.84 -48.83 25.94
C ASN G 441 72.82 -48.55 27.06
N SER G 442 71.55 -48.40 26.68
CA SER G 442 70.52 -48.08 27.64
C SER G 442 70.32 -49.14 28.74
N GLY G 443 70.51 -50.43 28.44
CA GLY G 443 70.29 -51.48 29.43
C GLY G 443 71.19 -51.29 30.63
N LEU G 444 72.48 -51.11 30.37
CA LEU G 444 73.49 -50.81 31.40
C LEU G 444 73.10 -49.53 32.16
N SER G 445 72.90 -48.45 31.41
CA SER G 445 72.51 -47.18 31.94
C SER G 445 71.31 -47.26 32.86
N LEU G 446 70.20 -47.82 32.34
CA LEU G 446 68.98 -47.95 33.15
C LEU G 446 69.21 -48.76 34.42
N THR G 447 69.92 -49.87 34.32
CA THR G 447 70.12 -50.72 35.49
C THR G 447 71.08 -50.08 36.50
N GLN G 448 72.09 -49.37 35.99
CA GLN G 448 73.05 -48.67 36.87
C GLN G 448 72.38 -47.58 37.68
N GLU G 449 71.35 -46.95 37.11
CA GLU G 449 70.66 -45.89 37.82
C GLU G 449 69.91 -46.46 39.01
N VAL G 450 69.32 -47.66 38.86
CA VAL G 450 68.57 -48.26 39.94
C VAL G 450 69.51 -48.64 41.07
N ILE G 451 70.63 -49.27 40.72
CA ILE G 451 71.65 -49.60 41.70
C ILE G 451 72.15 -48.32 42.42
N ASP G 452 72.55 -47.31 41.64
CA ASP G 452 73.01 -46.03 42.23
C ASP G 452 72.04 -45.42 43.22
N GLU G 453 70.75 -45.39 42.86
CA GLU G 453 69.73 -44.83 43.75
C GLU G 453 69.53 -45.64 45.02
N ALA G 454 69.64 -46.96 44.89
CA ALA G 454 69.45 -47.88 46.01
C ALA G 454 70.64 -47.75 46.99
N VAL G 455 71.83 -47.58 46.44
CA VAL G 455 73.04 -47.44 47.24
C VAL G 455 73.06 -46.11 48.00
N ASP G 456 72.63 -45.02 47.35
CA ASP G 456 72.45 -43.73 48.01
C ASP G 456 71.48 -43.81 49.17
N PHE G 457 70.38 -44.53 48.98
CA PHE G 457 69.44 -44.75 50.08
C PHE G 457 70.08 -45.56 51.22
N ARG G 458 70.70 -46.69 50.85
CA ARG G 458 71.40 -47.59 51.76
C ARG G 458 72.50 -46.88 52.58
N GLN G 459 73.38 -46.14 51.91
CA GLN G 459 74.45 -45.39 52.56
C GLN G 459 73.93 -44.29 53.50
N ALA G 460 72.86 -43.60 53.08
CA ALA G 460 72.24 -42.56 53.91
C ALA G 460 71.75 -43.16 55.21
N MET G 461 71.06 -44.29 55.09
CA MET G 461 70.50 -44.95 56.25
C MET G 461 71.62 -45.47 57.17
N ALA G 462 72.71 -45.94 56.56
CA ALA G 462 73.85 -46.43 57.30
C ALA G 462 74.48 -45.26 58.07
N ARG G 463 74.76 -44.16 57.37
CA ARG G 463 75.26 -42.95 58.01
C ARG G 463 74.43 -42.50 59.21
N LEU G 464 73.11 -42.45 59.02
CA LEU G 464 72.18 -42.08 60.09
C LEU G 464 72.23 -43.06 61.25
N TYR G 465 72.27 -44.36 60.93
CA TYR G 465 72.36 -45.38 61.97
C TYR G 465 73.63 -45.19 62.83
N LYS G 466 74.75 -44.94 62.17
CA LYS G 466 76.01 -44.65 62.82
C LYS G 466 75.90 -43.41 63.72
N GLU G 467 75.24 -42.37 63.21
CA GLU G 467 75.12 -41.08 63.89
C GLU G 467 74.23 -41.19 65.12
N PHE G 468 73.06 -41.79 64.99
CA PHE G 468 72.15 -42.01 66.11
C PHE G 468 72.71 -42.94 67.19
N THR G 469 73.52 -43.91 66.76
CA THR G 469 74.09 -44.89 67.67
C THR G 469 75.24 -44.27 68.47
N ALA G 470 76.06 -43.46 67.78
CA ALA G 470 77.14 -42.71 68.40
C ALA G 470 76.62 -41.81 69.51
N ASP G 471 75.38 -41.37 69.37
CA ASP G 471 74.78 -40.48 70.35
C ASP G 471 73.75 -41.23 71.22
N GLY G 472 73.94 -42.54 71.32
CA GLY G 472 73.17 -43.37 72.24
C GLY G 472 71.67 -43.49 72.06
N SER G 473 71.22 -43.45 70.81
CA SER G 473 69.81 -43.57 70.45
C SER G 473 69.66 -44.68 69.40
N TRP G 474 68.45 -45.14 69.13
CA TRP G 474 68.25 -46.20 68.12
C TRP G 474 67.99 -45.62 66.74
N PHE G 475 68.27 -46.40 65.70
CA PHE G 475 67.74 -46.14 64.36
C PHE G 475 67.56 -47.42 63.52
N PHE G 476 66.93 -47.26 62.37
CA PHE G 476 66.78 -48.32 61.39
C PHE G 476 68.11 -48.52 60.71
N LYS G 477 68.40 -49.75 60.25
CA LYS G 477 69.58 -49.93 59.43
C LYS G 477 69.35 -50.75 58.15
N PRO G 478 70.20 -50.53 57.13
CA PRO G 478 70.01 -51.29 55.90
C PRO G 478 70.62 -52.69 56.05
N TRP G 479 69.95 -53.69 55.49
CA TRP G 479 70.45 -55.06 55.51
C TRP G 479 71.37 -55.24 54.33
N ASN G 480 72.66 -55.15 54.60
CA ASN G 480 73.70 -55.36 53.61
C ASN G 480 75.03 -55.58 54.31
N LYS G 481 76.10 -55.71 53.52
CA LYS G 481 77.43 -55.89 54.08
C LYS G 481 77.77 -54.74 55.05
N GLU G 482 78.44 -55.08 56.14
CA GLU G 482 78.85 -54.09 57.13
C GLU G 482 80.22 -53.51 56.82
N VAL G 483 81.13 -54.35 56.34
CA VAL G 483 82.51 -53.93 56.04
C VAL G 483 82.89 -54.39 54.65
N VAL G 484 83.50 -53.49 53.89
CA VAL G 484 83.65 -53.67 52.48
C VAL G 484 85.10 -53.40 52.05
N THR G 485 85.57 -54.12 51.03
CA THR G 485 86.97 -54.06 50.64
C THR G 485 87.12 -53.67 49.18
N ASP G 486 87.97 -52.68 48.93
CA ASP G 486 88.35 -52.34 47.59
C ASP G 486 89.39 -53.35 47.12
N PRO G 487 89.04 -54.18 46.13
CA PRO G 487 89.97 -55.19 45.63
C PRO G 487 91.24 -54.58 45.00
N GLN G 488 91.18 -53.32 44.61
CA GLN G 488 92.33 -52.66 44.00
C GLN G 488 93.39 -52.36 45.06
N THR G 489 92.95 -51.67 46.12
CA THR G 489 93.84 -51.24 47.17
C THR G 489 93.97 -52.32 48.28
N GLY G 490 92.85 -52.85 48.74
CA GLY G 490 92.84 -53.79 49.88
C GLY G 490 92.33 -53.02 51.09
N LYS G 491 92.05 -51.74 50.85
CA LYS G 491 91.49 -50.82 51.81
C LYS G 491 90.10 -51.29 52.24
N THR G 492 89.77 -51.04 53.49
CA THR G 492 88.60 -51.57 54.12
C THR G 492 87.75 -50.37 54.55
N TYR G 493 86.42 -50.49 54.41
CA TYR G 493 85.50 -49.41 54.79
C TYR G 493 84.24 -49.94 55.47
N ASP G 494 83.77 -49.24 56.50
CA ASP G 494 82.39 -49.40 56.95
C ASP G 494 81.50 -49.09 55.75
N PHE G 495 80.29 -49.67 55.69
CA PHE G 495 79.40 -49.47 54.52
C PHE G 495 79.12 -47.96 54.31
N ALA G 496 78.91 -47.26 55.44
CA ALA G 496 78.65 -45.81 55.47
C ALA G 496 79.73 -44.96 54.80
N ASP G 497 80.98 -45.38 54.92
CA ASP G 497 82.11 -44.58 54.48
C ASP G 497 82.65 -45.02 53.15
N ALA G 498 82.07 -46.04 52.56
CA ALA G 498 82.66 -46.61 51.37
C ALA G 498 82.49 -45.67 50.19
N PRO G 499 83.48 -45.61 49.32
CA PRO G 499 83.27 -44.86 48.10
C PRO G 499 82.12 -45.52 47.31
N THR G 500 81.19 -44.70 46.79
CA THR G 500 79.93 -45.26 46.28
C THR G 500 80.19 -46.10 45.06
N LYS G 501 81.13 -45.64 44.23
CA LYS G 501 81.50 -46.36 43.02
C LYS G 501 81.96 -47.79 43.30
N LEU G 502 82.56 -48.03 44.46
CA LEU G 502 82.95 -49.36 44.87
C LEU G 502 81.66 -50.16 45.13
N LEU G 503 80.77 -49.60 45.93
CA LEU G 503 79.50 -50.25 46.21
C LEU G 503 78.59 -50.50 44.97
N THR G 504 78.69 -49.64 43.97
CA THR G 504 77.80 -49.69 42.82
C THR G 504 78.40 -50.46 41.67
N THR G 505 79.69 -50.75 41.71
CA THR G 505 80.29 -51.47 40.58
C THR G 505 81.01 -52.77 40.91
N VAL G 506 81.20 -53.07 42.19
CA VAL G 506 81.96 -54.25 42.59
C VAL G 506 81.10 -55.31 43.26
N GLN G 507 80.95 -56.43 42.57
CA GLN G 507 80.14 -57.55 43.03
C GLN G 507 80.54 -58.06 44.44
N ASP G 508 81.84 -58.11 44.73
CA ASP G 508 82.31 -58.62 46.02
C ASP G 508 81.66 -57.95 47.22
N CYS G 509 81.31 -56.66 47.08
CA CYS G 509 80.58 -55.94 48.12
C CYS G 509 79.20 -56.54 48.46
N TRP G 510 78.72 -57.45 47.61
CA TRP G 510 77.35 -57.97 47.73
C TRP G 510 77.32 -59.48 48.04
N VAL G 511 78.46 -60.13 47.86
CA VAL G 511 78.59 -61.58 48.04
C VAL G 511 78.48 -61.94 49.52
N MET G 512 77.89 -63.09 49.79
CA MET G 512 77.71 -63.55 51.13
C MET G 512 78.83 -64.54 51.46
N HIS G 513 79.94 -64.01 51.99
CA HIS G 513 81.07 -64.83 52.40
C HIS G 513 80.79 -65.55 53.71
N PRO G 514 81.34 -66.78 53.87
CA PRO G 514 81.24 -67.51 55.14
C PRO G 514 81.85 -66.66 56.26
N GLY G 515 81.19 -66.60 57.40
CA GLY G 515 81.79 -65.91 58.55
C GLY G 515 81.47 -64.43 58.66
N GLU G 516 80.70 -63.91 57.69
CA GLU G 516 80.10 -62.59 57.82
C GLU G 516 78.73 -62.70 58.47
N SER G 517 78.50 -61.97 59.55
CA SER G 517 77.24 -62.04 60.29
C SER G 517 76.06 -61.27 59.68
N TRP G 518 76.31 -60.34 58.76
CA TRP G 518 75.23 -59.50 58.20
C TRP G 518 74.10 -60.30 57.53
N HIS G 519 74.47 -61.25 56.65
CA HIS G 519 73.48 -62.03 55.89
C HIS G 519 72.70 -63.05 56.71
N GLY G 520 73.37 -63.59 57.73
CA GLY G 520 72.71 -64.43 58.73
C GLY G 520 72.47 -65.85 58.29
N PHE G 521 73.10 -66.27 57.19
CA PHE G 521 72.93 -67.63 56.69
C PHE G 521 74.06 -68.55 57.16
N LYS G 522 73.80 -69.26 58.26
CA LYS G 522 74.80 -70.09 58.92
C LYS G 522 75.40 -71.11 57.98
N ASP G 523 76.73 -71.20 57.95
CA ASP G 523 77.43 -72.27 57.22
C ASP G 523 77.22 -72.25 55.71
N ILE G 524 77.04 -71.05 55.17
CA ILE G 524 76.90 -70.86 53.75
C ILE G 524 78.25 -71.07 53.08
N PRO G 525 78.29 -71.85 51.99
CA PRO G 525 79.52 -71.94 51.19
C PRO G 525 79.78 -70.63 50.45
N ASP G 526 81.05 -70.30 50.30
CA ASP G 526 81.45 -69.11 49.56
C ASP G 526 81.04 -69.15 48.08
N ASN G 527 81.07 -67.98 47.44
CA ASN G 527 80.88 -67.85 46.00
C ASN G 527 79.52 -68.46 45.49
N TRP G 528 78.52 -68.48 46.39
CA TRP G 528 77.22 -69.10 46.14
C TRP G 528 76.05 -68.10 45.96
N SER G 529 75.96 -67.09 46.83
CA SER G 529 74.93 -66.08 46.66
C SER G 529 75.41 -64.67 46.95
N MET G 530 74.65 -63.71 46.45
CA MET G 530 74.87 -62.30 46.64
C MET G 530 73.54 -61.61 46.95
N LEU G 531 73.63 -60.40 47.52
CA LEU G 531 72.46 -59.57 47.76
C LEU G 531 72.32 -58.62 46.59
N ASP G 532 71.11 -58.53 46.04
CA ASP G 532 70.76 -57.57 44.99
C ASP G 532 70.65 -56.15 45.58
N PRO G 533 71.53 -55.25 45.16
CA PRO G 533 71.54 -53.86 45.65
C PRO G 533 70.15 -53.17 45.72
N ILE G 534 69.27 -53.46 44.75
CA ILE G 534 68.01 -52.73 44.55
C ILE G 534 66.81 -53.26 45.35
N LYS G 535 66.97 -54.42 45.99
CA LYS G 535 65.94 -54.95 46.85
C LYS G 535 66.36 -54.54 48.28
N VAL G 536 66.03 -53.29 48.63
CA VAL G 536 66.54 -52.69 49.86
C VAL G 536 65.75 -53.08 51.11
N SER G 537 66.34 -53.91 51.96
CA SER G 537 65.72 -54.26 53.23
C SER G 537 66.20 -53.31 54.34
N ILE G 538 65.28 -52.94 55.22
CA ILE G 538 65.55 -52.02 56.33
C ILE G 538 65.18 -52.74 57.61
N LEU G 539 66.09 -52.72 58.58
CA LEU G 539 65.91 -53.49 59.84
C LEU G 539 65.70 -52.62 61.07
N ALA G 540 64.49 -52.70 61.63
CA ALA G 540 64.17 -52.14 62.94
C ALA G 540 64.88 -52.93 64.04
N PRO G 541 65.31 -52.25 65.12
CA PRO G 541 66.02 -52.95 66.20
C PRO G 541 65.12 -53.89 67.00
N GLY G 542 65.72 -54.94 67.55
CA GLY G 542 65.00 -55.92 68.36
C GLY G 542 65.61 -57.32 68.23
N MET G 543 66.08 -57.67 67.04
CA MET G 543 66.66 -58.97 66.84
C MET G 543 68.16 -58.88 67.05
N GLY G 544 68.64 -59.64 68.04
CA GLY G 544 70.06 -59.67 68.36
C GLY G 544 70.82 -60.46 67.32
N GLU G 545 72.13 -60.23 67.25
CA GLU G 545 72.98 -60.88 66.26
C GLU G 545 73.18 -62.39 66.50
N ASP G 546 72.74 -62.85 67.67
CA ASP G 546 72.85 -64.25 68.09
C ASP G 546 71.60 -65.07 67.70
N GLY G 547 70.59 -64.39 67.18
CA GLY G 547 69.34 -65.05 66.83
C GLY G 547 68.25 -64.91 67.86
N GLU G 548 68.50 -64.09 68.88
CA GLU G 548 67.54 -63.94 69.97
C GLU G 548 67.09 -62.50 70.14
N LEU G 549 65.82 -62.32 70.50
CA LEU G 549 65.25 -61.01 70.78
C LEU G 549 65.95 -60.28 71.92
N GLU G 550 66.34 -59.04 71.66
CA GLU G 550 67.05 -58.20 72.60
C GLU G 550 66.17 -57.76 73.76
N GLU G 551 66.66 -56.87 74.62
CA GLU G 551 65.88 -56.42 75.78
C GLU G 551 64.67 -55.54 75.37
N THR G 552 64.88 -54.68 74.39
CA THR G 552 63.80 -53.92 73.74
C THR G 552 63.97 -53.98 72.25
N GLY G 553 62.95 -53.52 71.53
CA GLY G 553 63.01 -53.41 70.10
C GLY G 553 61.85 -52.66 69.51
N VAL G 554 61.97 -52.32 68.22
CA VAL G 554 60.90 -51.64 67.50
C VAL G 554 60.38 -52.57 66.41
N PRO G 555 59.12 -52.99 66.53
CA PRO G 555 58.50 -53.93 65.58
C PRO G 555 58.08 -53.28 64.27
N ALA G 556 58.57 -53.85 63.17
CA ALA G 556 58.31 -53.33 61.82
C ALA G 556 56.82 -53.12 61.48
N ALA G 557 55.94 -53.84 62.17
CA ALA G 557 54.50 -53.75 61.95
C ALA G 557 53.99 -52.32 62.18
N LEU G 558 54.49 -51.70 63.24
CA LEU G 558 54.09 -50.36 63.59
C LEU G 558 54.59 -49.33 62.58
N VAL G 559 55.82 -49.52 62.12
CA VAL G 559 56.44 -48.66 61.14
C VAL G 559 55.60 -48.66 59.86
N THR G 560 55.36 -49.85 59.31
CA THR G 560 54.59 -50.06 58.07
C THR G 560 53.24 -49.36 58.11
N ALA G 561 52.53 -49.50 59.23
CA ALA G 561 51.28 -48.80 59.48
C ALA G 561 51.47 -47.28 59.33
N TRP G 562 52.52 -46.76 59.95
CA TRP G 562 52.90 -45.35 59.88
C TRP G 562 53.19 -44.94 58.45
N LEU G 563 54.01 -45.75 57.77
CA LEU G 563 54.38 -45.52 56.38
C LEU G 563 53.13 -45.42 55.51
N GLY G 564 52.22 -46.38 55.69
CA GLY G 564 50.98 -46.44 54.92
C GLY G 564 50.15 -45.18 55.04
N ARG G 565 50.26 -44.51 56.18
CA ARG G 565 49.55 -43.25 56.41
C ARG G 565 50.04 -42.12 55.51
N HIS G 566 51.27 -42.27 55.02
CA HIS G 566 51.85 -41.31 54.10
C HIS G 566 51.84 -41.89 52.70
N GLY G 567 51.07 -42.97 52.56
CA GLY G 567 50.94 -43.67 51.30
C GLY G 567 52.30 -44.13 50.81
N ILE G 568 52.90 -45.03 51.59
CA ILE G 568 54.13 -45.73 51.23
C ILE G 568 53.87 -47.17 51.64
N VAL G 569 53.99 -48.09 50.67
CA VAL G 569 53.72 -49.49 50.93
C VAL G 569 54.91 -50.37 50.53
N PRO G 570 55.68 -50.84 51.53
CA PRO G 570 56.79 -51.78 51.27
C PRO G 570 56.28 -53.15 50.82
N THR G 571 57.02 -53.79 49.92
CA THR G 571 56.57 -55.04 49.31
C THR G 571 56.48 -56.18 50.33
N ARG G 572 57.53 -56.35 51.13
CA ARG G 572 57.46 -57.30 52.23
C ARG G 572 57.77 -56.70 53.61
N THR G 573 57.38 -57.44 54.65
CA THR G 573 57.46 -57.02 56.04
C THR G 573 57.53 -58.27 56.91
N THR G 574 58.66 -58.46 57.60
CA THR G 574 58.72 -59.43 58.70
C THR G 574 58.49 -58.72 60.06
N ASP G 575 58.97 -59.37 61.11
CA ASP G 575 58.91 -58.82 62.46
C ASP G 575 59.75 -57.53 62.58
N PHE G 576 60.94 -57.56 62.00
CA PHE G 576 61.86 -56.42 62.06
C PHE G 576 62.34 -55.91 60.70
N GLN G 577 61.86 -56.52 59.61
CA GLN G 577 62.29 -56.20 58.25
C GLN G 577 61.21 -55.49 57.42
N ILE G 578 61.61 -54.47 56.69
CA ILE G 578 60.72 -53.80 55.77
C ILE G 578 61.52 -53.70 54.50
N MET G 579 60.95 -54.18 53.39
CA MET G 579 61.65 -54.09 52.13
C MET G 579 61.08 -53.09 51.11
N PHE G 580 61.99 -52.35 50.48
CA PHE G 580 61.66 -51.30 49.51
C PHE G 580 62.18 -51.62 48.14
N LEU G 581 61.27 -51.68 47.18
CA LEU G 581 61.60 -52.05 45.83
C LEU G 581 62.02 -50.83 45.01
N PHE G 582 63.27 -50.83 44.56
CA PHE G 582 63.74 -49.82 43.64
C PHE G 582 63.63 -50.39 42.26
N SER G 583 63.17 -49.57 41.30
CA SER G 583 63.01 -50.01 39.89
C SER G 583 63.35 -48.90 38.96
N MET G 584 63.44 -49.22 37.68
CA MET G 584 63.64 -48.26 36.60
C MET G 584 62.56 -47.14 36.51
N GLY G 585 61.40 -47.35 37.13
CA GLY G 585 60.37 -46.32 37.20
C GLY G 585 60.54 -45.31 38.34
N VAL G 586 61.48 -45.55 39.25
CA VAL G 586 61.70 -44.62 40.35
C VAL G 586 62.50 -43.43 39.83
N THR G 587 62.22 -42.25 40.38
CA THR G 587 62.94 -41.05 40.02
C THR G 587 64.03 -40.66 41.03
N ARG G 588 65.06 -39.97 40.58
CA ARG G 588 66.22 -39.70 41.40
C ARG G 588 65.94 -38.85 42.65
N GLY G 589 66.49 -39.30 43.78
CA GLY G 589 66.36 -38.60 45.06
C GLY G 589 65.06 -38.91 45.77
N LYS G 590 64.20 -39.68 45.12
CA LYS G 590 62.90 -40.01 45.65
C LYS G 590 63.01 -40.82 46.96
N TRP G 591 64.09 -41.59 47.14
CA TRP G 591 64.30 -42.31 48.40
C TRP G 591 64.33 -41.41 49.64
N GLY G 592 64.70 -40.14 49.43
CA GLY G 592 64.70 -39.12 50.50
C GLY G 592 63.39 -39.05 51.26
N THR G 593 62.27 -39.25 50.58
CA THR G 593 60.98 -39.27 51.29
C THR G 593 60.87 -40.46 52.29
N LEU G 594 61.60 -41.54 52.02
CA LEU G 594 61.57 -42.72 52.89
C LEU G 594 62.29 -42.42 54.18
N VAL G 595 63.48 -41.82 54.02
CA VAL G 595 64.29 -41.34 55.13
C VAL G 595 63.52 -40.35 55.99
N ASN G 596 62.81 -39.44 55.32
CA ASN G 596 62.04 -38.42 56.06
C ASN G 596 60.93 -39.04 56.90
N THR G 597 60.22 -40.03 56.34
CA THR G 597 59.10 -40.67 57.04
C THR G 597 59.59 -41.60 58.16
N LEU G 598 60.71 -42.26 57.92
CA LEU G 598 61.38 -43.05 58.94
C LEU G 598 61.87 -42.14 60.08
N CYS G 599 62.25 -40.92 59.74
CA CYS G 599 62.65 -39.96 60.76
C CYS G 599 61.51 -39.46 61.60
N SER G 600 60.35 -39.22 60.97
CA SER G 600 59.18 -38.76 61.70
C SER G 600 58.60 -39.86 62.59
N PHE G 601 58.64 -41.10 62.13
CA PHE G 601 58.27 -42.21 62.98
C PHE G 601 59.11 -42.20 64.27
N LYS G 602 60.44 -42.23 64.11
CA LYS G 602 61.40 -42.24 65.21
C LYS G 602 61.20 -41.06 66.19
N ARG G 603 60.87 -39.89 65.63
CA ARG G 603 60.54 -38.72 66.44
C ARG G 603 59.27 -38.99 67.29
N HIS G 604 58.20 -39.42 66.65
CA HIS G 604 56.94 -39.72 67.34
C HIS G 604 57.01 -40.91 68.28
N TYR G 605 57.86 -41.88 67.95
CA TYR G 605 58.06 -43.04 68.79
C TYR G 605 58.69 -42.63 70.12
N ASP G 606 59.75 -41.82 70.06
CA ASP G 606 60.44 -41.35 71.27
C ASP G 606 59.59 -40.41 72.12
N ALA G 607 58.76 -39.59 71.45
CA ALA G 607 57.85 -38.69 72.13
C ALA G 607 56.64 -39.46 72.69
N ASN G 608 56.50 -40.71 72.28
CA ASN G 608 55.37 -41.54 72.65
C ASN G 608 54.02 -40.88 72.34
N THR G 609 53.93 -40.25 71.17
CA THR G 609 52.74 -39.49 70.80
C THR G 609 51.49 -40.35 70.94
N PRO G 610 50.39 -39.77 71.48
CA PRO G 610 49.13 -40.54 71.51
C PRO G 610 48.77 -41.13 70.13
N LEU G 611 48.29 -42.38 70.14
CA LEU G 611 47.78 -43.02 68.94
C LEU G 611 46.55 -42.29 68.40
N ALA G 612 45.91 -41.47 69.22
CA ALA G 612 44.73 -40.69 68.81
C ALA G 612 45.10 -39.62 67.76
N GLN G 613 46.36 -39.18 67.79
CA GLN G 613 46.85 -38.16 66.87
C GLN G 613 47.64 -38.75 65.68
N VAL G 614 48.49 -39.74 65.96
CA VAL G 614 49.36 -40.29 64.92
C VAL G 614 48.76 -41.49 64.18
N MET G 615 47.74 -42.13 64.77
CA MET G 615 47.08 -43.26 64.11
C MET G 615 45.56 -43.26 64.35
N PRO G 616 44.88 -42.18 63.90
CA PRO G 616 43.47 -41.89 64.20
C PRO G 616 42.46 -42.96 63.77
N GLU G 617 42.74 -43.66 62.66
CA GLU G 617 41.84 -44.67 62.12
C GLU G 617 41.83 -45.91 63.00
N LEU G 618 43.01 -46.25 63.51
CA LEU G 618 43.18 -47.42 64.34
C LEU G 618 42.37 -47.25 65.63
N VAL G 619 42.42 -46.07 66.21
CA VAL G 619 41.65 -45.79 67.43
C VAL G 619 40.16 -45.60 67.09
N GLU G 620 39.88 -45.09 65.89
CA GLU G 620 38.51 -44.94 65.40
C GLU G 620 37.85 -46.32 65.24
N GLN G 621 38.63 -47.29 64.74
CA GLN G 621 38.13 -48.64 64.46
C GLN G 621 38.05 -49.58 65.68
N TYR G 622 39.03 -49.50 66.58
CA TYR G 622 39.06 -50.37 67.76
C TYR G 622 39.40 -49.56 68.98
N PRO G 623 38.51 -48.63 69.38
CA PRO G 623 38.87 -47.71 70.48
C PRO G 623 39.14 -48.44 71.81
N ASP G 624 38.61 -49.65 71.94
CA ASP G 624 38.70 -50.38 73.19
C ASP G 624 40.08 -51.00 73.43
N THR G 625 40.88 -51.13 72.38
CA THR G 625 42.21 -51.74 72.49
C THR G 625 43.28 -50.66 72.56
N TYR G 626 42.98 -49.48 72.04
CA TYR G 626 44.03 -48.50 71.80
C TYR G 626 43.86 -47.09 72.41
N ALA G 627 42.71 -46.81 73.02
CA ALA G 627 42.50 -45.54 73.74
C ALA G 627 43.49 -45.42 74.90
N ASN G 628 44.00 -44.21 75.12
CA ASN G 628 44.99 -43.94 76.17
C ASN G 628 46.39 -44.50 75.92
N MET G 629 46.58 -45.11 74.75
CA MET G 629 47.89 -45.64 74.37
C MET G 629 48.69 -44.65 73.55
N GLY G 630 50.00 -44.68 73.73
CA GLY G 630 50.92 -43.93 72.89
C GLY G 630 51.54 -44.92 71.93
N ILE G 631 52.26 -44.42 70.95
CA ILE G 631 52.86 -45.32 69.95
C ILE G 631 53.99 -46.19 70.53
N HIS G 632 54.73 -45.62 71.46
CA HIS G 632 55.80 -46.33 72.16
C HIS G 632 55.16 -47.37 73.10
N ASP G 633 54.04 -46.99 73.72
CA ASP G 633 53.25 -47.92 74.49
C ASP G 633 52.95 -49.16 73.63
N LEU G 634 52.30 -48.93 72.49
CA LEU G 634 51.96 -49.99 71.55
C LEU G 634 53.17 -50.85 71.14
N GLY G 635 54.28 -50.19 70.79
CA GLY G 635 55.50 -50.87 70.40
C GLY G 635 55.96 -51.84 71.47
N ASP G 636 55.98 -51.38 72.72
CA ASP G 636 56.38 -52.19 73.88
C ASP G 636 55.46 -53.41 74.10
N THR G 637 54.15 -53.19 74.01
CA THR G 637 53.18 -54.27 74.08
C THR G 637 53.45 -55.30 72.98
N MET G 638 53.77 -54.81 71.78
CA MET G 638 54.04 -55.67 70.64
C MET G 638 55.33 -56.44 70.81
N PHE G 639 56.35 -55.78 71.35
CA PHE G 639 57.63 -56.43 71.61
C PHE G 639 57.49 -57.45 72.72
N ALA G 640 56.75 -57.08 73.77
CA ALA G 640 56.47 -58.00 74.86
C ALA G 640 55.81 -59.28 74.33
N TRP G 641 54.84 -59.13 73.43
CA TRP G 641 54.16 -60.29 72.82
C TRP G 641 55.15 -61.20 72.09
N LEU G 642 56.09 -60.58 71.37
CA LEU G 642 57.15 -61.29 70.66
C LEU G 642 58.07 -62.07 71.60
N LYS G 643 58.37 -61.47 72.75
CA LYS G 643 59.22 -62.06 73.80
C LYS G 643 58.64 -63.34 74.36
N GLU G 644 57.34 -63.30 74.64
CA GLU G 644 56.65 -64.42 75.27
C GLU G 644 56.35 -65.52 74.26
N ASN G 645 55.80 -65.15 73.09
CA ASN G 645 55.35 -66.14 72.12
C ASN G 645 56.43 -66.65 71.17
N ASN G 646 57.50 -65.89 71.04
CA ASN G 646 58.67 -66.26 70.24
C ASN G 646 58.34 -66.81 68.84
N PRO G 647 57.79 -65.94 67.96
CA PRO G 647 57.40 -66.41 66.63
C PRO G 647 58.59 -66.84 65.77
N GLY G 648 59.74 -66.21 65.97
CA GLY G 648 60.96 -66.54 65.23
C GLY G 648 61.30 -68.02 65.30
N ALA G 649 61.23 -68.60 66.50
CA ALA G 649 61.54 -70.02 66.70
C ALA G 649 60.44 -70.93 66.16
N ARG G 650 59.19 -70.51 66.39
CA ARG G 650 57.99 -71.14 65.83
C ARG G 650 58.02 -71.29 64.31
N LEU G 651 58.54 -70.27 63.62
CA LEU G 651 58.65 -70.23 62.17
C LEU G 651 59.71 -71.22 61.72
N ASN G 652 60.88 -71.13 62.37
CA ASN G 652 61.98 -72.02 62.04
C ASN G 652 61.58 -73.50 62.14
N GLU G 653 60.87 -73.84 63.21
CA GLU G 653 60.38 -75.20 63.46
C GLU G 653 59.38 -75.66 62.39
N ALA G 654 58.41 -74.80 62.08
CA ALA G 654 57.46 -75.04 60.99
C ALA G 654 58.14 -75.28 59.65
N TYR G 655 59.36 -74.77 59.48
CA TYR G 655 60.07 -74.86 58.20
C TYR G 655 61.29 -75.77 58.14
N SER G 656 61.57 -76.49 59.23
CA SER G 656 62.77 -77.33 59.32
C SER G 656 62.61 -78.66 58.61
N GLY G 657 61.61 -79.43 59.04
CA GLY G 657 61.26 -80.70 58.42
C GLY G 657 60.03 -80.58 57.54
N LEU G 658 60.18 -81.01 56.28
CA LEU G 658 59.08 -81.04 55.33
C LEU G 658 57.85 -81.79 55.86
N PRO G 659 56.65 -81.20 55.73
CA PRO G 659 55.43 -81.93 56.12
C PRO G 659 55.32 -83.22 55.29
N VAL G 660 54.68 -84.25 55.84
CA VAL G 660 54.61 -85.53 55.15
C VAL G 660 53.60 -85.46 54.00
N ALA G 661 54.12 -85.52 52.79
CA ALA G 661 53.31 -85.68 51.60
C ALA G 661 52.58 -87.03 51.66
N GLU G 662 51.25 -86.99 51.51
CA GLU G 662 50.41 -88.20 51.55
C GLU G 662 49.86 -88.52 50.14
N VAL G 663 49.45 -87.48 49.41
CA VAL G 663 49.11 -87.59 47.99
C VAL G 663 49.74 -86.43 47.20
N THR G 664 49.77 -86.56 45.88
CA THR G 664 50.29 -85.51 45.02
C THR G 664 49.39 -84.26 45.08
N PRO G 665 49.99 -83.08 44.78
CA PRO G 665 49.22 -81.87 44.60
C PRO G 665 47.99 -82.07 43.71
N ARG G 666 48.16 -82.77 42.58
CA ARG G 666 47.03 -83.10 41.68
C ARG G 666 45.93 -83.92 42.34
N GLU G 667 46.33 -84.99 43.04
CA GLU G 667 45.37 -85.84 43.74
C GLU G 667 44.60 -85.07 44.80
N ALA G 668 45.30 -84.18 45.52
CA ALA G 668 44.64 -83.35 46.53
C ALA G 668 43.62 -82.39 45.88
N TYR G 669 44.01 -81.83 44.74
CA TYR G 669 43.13 -80.95 43.98
C TYR G 669 41.88 -81.69 43.52
N ASN G 670 42.05 -82.90 42.98
CA ASN G 670 40.91 -83.69 42.49
C ASN G 670 39.86 -83.98 43.55
N ALA G 671 40.27 -83.98 44.81
CA ALA G 671 39.36 -84.12 45.95
C ALA G 671 38.40 -82.93 46.07
N ILE G 672 38.89 -81.74 45.74
CA ILE G 672 38.04 -80.55 45.63
C ILE G 672 36.94 -80.82 44.59
N VAL G 673 37.34 -81.24 43.39
CA VAL G 673 36.41 -81.49 42.28
C VAL G 673 35.36 -82.54 42.68
N ASP G 674 35.80 -83.59 43.35
CA ASP G 674 34.93 -84.67 43.86
C ASP G 674 34.02 -84.26 45.02
N ASN G 675 33.97 -82.97 45.32
CA ASN G 675 33.27 -82.48 46.51
C ASN G 675 33.67 -83.23 47.81
N ASN G 676 34.93 -83.63 47.89
CA ASN G 676 35.41 -84.45 48.99
C ASN G 676 36.40 -83.68 49.89
N VAL G 677 36.07 -82.44 50.20
CA VAL G 677 36.88 -81.56 51.05
C VAL G 677 35.96 -80.89 52.04
N GLU G 678 36.52 -80.37 53.12
CA GLU G 678 35.76 -79.60 54.11
C GLU G 678 36.65 -78.56 54.79
N LEU G 679 36.01 -77.58 55.43
CA LEU G 679 36.75 -76.54 56.16
C LEU G 679 37.05 -76.95 57.59
N VAL G 680 38.34 -77.16 57.87
CA VAL G 680 38.76 -77.61 59.20
C VAL G 680 39.36 -76.48 60.05
N SER G 681 38.76 -76.26 61.22
CA SER G 681 39.26 -75.28 62.19
C SER G 681 40.64 -75.66 62.70
N ILE G 682 41.38 -74.67 63.20
CA ILE G 682 42.82 -74.79 63.49
C ILE G 682 43.21 -75.95 64.44
N GLU G 683 42.41 -76.15 65.50
CA GLU G 683 42.71 -77.16 66.51
C GLU G 683 42.45 -78.60 66.02
N ASN G 684 41.66 -78.72 64.96
CA ASN G 684 41.35 -80.02 64.36
C ASN G 684 42.20 -80.31 63.11
N LEU G 685 43.15 -79.43 62.83
CA LEU G 685 44.05 -79.60 61.66
C LEU G 685 45.07 -80.74 61.75
N PRO G 686 45.59 -81.08 62.95
CA PRO G 686 46.53 -82.20 62.98
C PRO G 686 45.94 -83.49 62.44
N GLY G 687 46.71 -84.20 61.62
CA GLY G 687 46.24 -85.44 61.02
C GLY G 687 45.61 -85.26 59.64
N ARG G 688 45.28 -84.01 59.30
CA ARG G 688 44.52 -83.72 58.07
C ARG G 688 45.42 -83.42 56.87
N ILE G 689 44.96 -83.84 55.70
CA ILE G 689 45.62 -83.55 54.42
C ILE G 689 45.12 -82.21 53.90
N ALA G 690 46.07 -81.35 53.53
CA ALA G 690 45.77 -80.01 53.02
C ALA G 690 45.27 -80.10 51.58
N ALA G 691 44.10 -79.49 51.36
CA ALA G 691 43.45 -79.46 50.03
C ALA G 691 43.96 -78.32 49.13
N ASN G 692 44.67 -77.35 49.73
CA ASN G 692 45.39 -76.30 48.98
C ASN G 692 46.67 -75.93 49.70
N SER G 693 47.47 -75.07 49.07
CA SER G 693 48.72 -74.64 49.68
C SER G 693 48.41 -73.70 50.84
N VAL G 694 49.32 -73.64 51.81
CA VAL G 694 49.20 -72.68 52.92
C VAL G 694 50.49 -71.87 53.00
N ILE G 695 50.41 -70.60 52.58
CA ILE G 695 51.58 -69.69 52.51
C ILE G 695 51.47 -68.57 53.56
N PRO G 696 52.12 -68.77 54.73
CA PRO G 696 52.07 -67.71 55.75
C PRO G 696 53.04 -66.58 55.43
N TYR G 697 52.68 -65.38 55.87
CA TYR G 697 53.52 -64.20 55.73
C TYR G 697 53.80 -63.60 57.10
N PRO G 698 55.08 -63.67 57.59
CA PRO G 698 56.26 -64.28 56.96
C PRO G 698 56.24 -65.83 57.09
N PRO G 699 57.14 -66.54 56.38
CA PRO G 699 58.18 -66.07 55.44
C PRO G 699 57.71 -65.94 53.99
N GLY G 700 56.41 -66.06 53.75
CA GLY G 700 55.85 -65.99 52.39
C GLY G 700 56.39 -66.98 51.35
N ILE G 701 56.85 -68.14 51.82
CA ILE G 701 56.98 -69.30 50.95
C ILE G 701 56.07 -70.38 51.52
N PRO G 702 55.66 -71.36 50.69
CA PRO G 702 54.59 -72.25 51.16
C PRO G 702 55.02 -73.14 52.34
N MET G 703 54.13 -73.27 53.32
CA MET G 703 54.42 -74.07 54.51
C MET G 703 54.00 -75.49 54.21
N LEU G 704 52.74 -75.63 53.79
CA LEU G 704 52.25 -76.83 53.14
C LEU G 704 51.86 -76.54 51.70
N LEU G 705 52.02 -77.55 50.85
CA LEU G 705 51.42 -77.63 49.54
C LEU G 705 50.25 -78.61 49.64
N SER G 706 49.41 -78.61 48.61
CA SER G 706 48.28 -79.56 48.51
C SER G 706 48.76 -81.01 48.59
N GLY G 707 48.07 -81.81 49.39
CA GLY G 707 48.37 -83.24 49.47
C GLY G 707 49.17 -83.63 50.71
N GLU G 708 49.72 -82.62 51.39
CA GLU G 708 50.57 -82.81 52.54
C GLU G 708 49.77 -82.86 53.84
N ASN G 709 50.24 -83.67 54.79
CA ASN G 709 49.63 -83.80 56.11
C ASN G 709 50.19 -82.73 57.05
N PHE G 710 49.34 -82.22 57.95
CA PHE G 710 49.75 -81.18 58.90
C PHE G 710 50.68 -81.71 60.00
N GLY G 711 50.63 -83.02 60.25
CA GLY G 711 51.46 -83.64 61.28
C GLY G 711 50.68 -84.17 62.45
N ASP G 712 51.39 -84.48 63.55
CA ASP G 712 50.73 -84.98 64.76
C ASP G 712 50.25 -83.85 65.67
N LYS G 713 49.91 -84.18 66.91
CA LYS G 713 49.39 -83.20 67.85
C LYS G 713 50.46 -82.16 68.18
N ASN G 714 51.72 -82.52 67.94
CA ASN G 714 52.84 -81.63 68.23
C ASN G 714 53.34 -80.91 66.99
N SER G 715 52.45 -80.78 66.00
CA SER G 715 52.79 -80.20 64.69
C SER G 715 53.37 -78.79 64.80
N PRO G 716 54.61 -78.61 64.31
CA PRO G 716 55.26 -77.29 64.22
C PRO G 716 54.45 -76.33 63.34
N GLN G 717 53.92 -76.85 62.24
CA GLN G 717 53.07 -76.09 61.31
C GLN G 717 51.81 -75.53 61.95
N VAL G 718 51.09 -76.36 62.71
CA VAL G 718 49.84 -75.92 63.39
C VAL G 718 50.17 -74.92 64.50
N SER G 719 51.35 -75.09 65.10
CA SER G 719 51.87 -74.17 66.10
C SER G 719 52.17 -72.79 65.54
N TYR G 720 52.77 -72.77 64.34
CA TYR G 720 53.07 -71.50 63.70
C TYR G 720 51.78 -70.74 63.34
N LEU G 721 50.74 -71.47 62.95
CA LEU G 721 49.43 -70.87 62.70
C LEU G 721 48.79 -70.35 63.97
N ARG G 722 48.95 -71.10 65.05
CA ARG G 722 48.43 -70.70 66.36
C ARG G 722 49.03 -69.35 66.79
N SER G 723 50.33 -69.17 66.53
CA SER G 723 50.97 -67.92 66.91
C SER G 723 50.55 -66.81 65.97
N LEU G 724 50.43 -67.10 64.68
CA LEU G 724 49.88 -66.11 63.76
C LEU G 724 48.51 -65.62 64.25
N GLN G 725 47.61 -66.57 64.51
CA GLN G 725 46.29 -66.28 65.07
C GLN G 725 46.30 -65.52 66.41
N SER G 726 47.23 -65.86 67.32
CA SER G 726 47.32 -65.15 68.59
C SER G 726 47.64 -63.66 68.39
N TRP G 727 48.69 -63.38 67.62
CA TRP G 727 49.06 -62.04 67.23
C TRP G 727 47.87 -61.23 66.71
N ASP G 728 47.08 -61.83 65.82
CA ASP G 728 45.92 -61.15 65.24
C ASP G 728 44.89 -60.79 66.31
N HIS G 729 44.69 -61.71 67.26
CA HIS G 729 43.77 -61.55 68.38
C HIS G 729 44.30 -60.47 69.31
N HIS G 730 45.62 -60.44 69.49
CA HIS G 730 46.22 -59.43 70.36
C HIS G 730 46.33 -58.05 69.74
N PHE G 731 46.62 -57.98 68.43
CA PHE G 731 46.74 -56.67 67.76
C PHE G 731 45.88 -56.55 66.51
N PRO G 732 44.55 -56.33 66.70
CA PRO G 732 43.64 -56.06 65.60
C PRO G 732 44.10 -54.83 64.81
N GLY G 733 43.94 -54.86 63.49
CA GLY G 733 44.44 -53.80 62.63
C GLY G 733 45.87 -54.05 62.16
N PHE G 734 46.52 -55.08 62.72
CA PHE G 734 47.86 -55.52 62.30
C PHE G 734 47.90 -57.02 61.96
N GLU G 735 46.79 -57.55 61.43
CA GLU G 735 46.68 -58.98 61.18
C GLU G 735 47.66 -59.51 60.13
N HIS G 736 48.07 -60.76 60.30
CA HIS G 736 48.84 -61.47 59.28
C HIS G 736 48.00 -61.87 58.07
N GLU G 737 48.66 -62.00 56.93
CA GLU G 737 48.04 -62.56 55.73
C GLU G 737 48.57 -63.97 55.50
N THR G 738 47.68 -64.96 55.50
CA THR G 738 48.08 -66.32 55.17
C THR G 738 47.24 -66.85 54.03
N GLU G 739 47.88 -67.05 52.88
CA GLU G 739 47.18 -67.69 51.77
C GLU G 739 46.86 -69.14 52.04
N GLY G 740 45.60 -69.51 51.85
CA GLY G 740 45.14 -70.87 52.03
C GLY G 740 44.23 -70.96 53.21
N THR G 741 44.06 -69.86 53.91
CA THR G 741 43.22 -69.85 55.08
C THR G 741 41.87 -69.18 54.85
N GLU G 742 40.92 -69.49 55.73
CA GLU G 742 39.70 -68.71 55.83
C GLU G 742 39.53 -68.39 57.32
N ILE G 743 39.39 -67.11 57.61
CA ILE G 743 39.08 -66.66 58.96
C ILE G 743 37.57 -66.56 59.14
N ILE G 744 37.05 -67.23 60.16
CA ILE G 744 35.64 -67.14 60.52
C ILE G 744 35.57 -66.84 62.02
N ASP G 745 34.93 -65.72 62.36
CA ASP G 745 35.00 -65.17 63.72
C ASP G 745 36.44 -65.24 64.26
N GLY G 746 37.40 -64.82 63.45
CA GLY G 746 38.79 -64.72 63.90
C GLY G 746 39.57 -66.02 64.13
N ILE G 747 38.98 -67.16 63.76
CA ILE G 747 39.69 -68.43 63.88
C ILE G 747 40.10 -68.95 62.52
N TYR G 748 41.37 -69.34 62.42
CA TYR G 748 41.96 -69.87 61.20
C TYR G 748 41.32 -71.20 60.82
N HIS G 749 40.95 -71.32 59.55
CA HIS G 749 40.53 -72.60 58.97
C HIS G 749 41.36 -72.87 57.73
N VAL G 750 41.49 -74.14 57.37
CA VAL G 750 42.07 -74.53 56.08
C VAL G 750 41.22 -75.65 55.49
N MET G 751 41.03 -75.60 54.17
CA MET G 751 40.30 -76.64 53.45
C MET G 751 41.13 -77.91 53.39
N CYS G 752 40.57 -78.99 53.93
CA CYS G 752 41.24 -80.28 53.97
C CYS G 752 40.41 -81.35 53.30
N VAL G 753 41.07 -82.39 52.79
CA VAL G 753 40.40 -83.59 52.29
C VAL G 753 39.55 -84.19 53.42
N LYS G 754 38.35 -84.65 53.10
CA LYS G 754 37.48 -85.30 54.10
C LYS G 754 38.14 -86.56 54.74
N ALA G 755 37.84 -86.75 56.02
CA ALA G 755 38.29 -87.91 56.81
C ALA G 755 37.67 -89.22 56.32
N MET H 1 48.12 -23.27 44.49
CA MET H 1 49.46 -23.71 44.96
C MET H 1 50.54 -22.71 44.55
N LYS H 2 51.27 -22.24 45.55
CA LYS H 2 52.36 -21.33 45.32
C LYS H 2 53.70 -21.98 45.74
N VAL H 3 54.70 -21.87 44.87
CA VAL H 3 56.10 -22.26 45.16
C VAL H 3 56.99 -21.02 45.20
N LEU H 4 57.83 -20.91 46.24
CA LEU H 4 58.94 -19.93 46.24
C LEU H 4 60.23 -20.66 45.91
N ILE H 5 60.88 -20.21 44.85
CA ILE H 5 62.18 -20.72 44.44
C ILE H 5 63.24 -19.70 44.67
N VAL H 6 64.13 -19.97 45.61
CA VAL H 6 65.28 -19.11 45.87
C VAL H 6 66.55 -19.60 45.13
N GLU H 7 66.98 -18.87 44.11
CA GLU H 7 68.23 -19.15 43.43
C GLU H 7 69.39 -18.53 44.19
N SER H 8 70.18 -19.40 44.81
CA SER H 8 71.39 -19.00 45.55
C SER H 8 72.38 -18.16 44.74
N GLU H 9 72.82 -17.06 45.34
CA GLU H 9 73.65 -16.11 44.64
C GLU H 9 75.09 -16.62 44.58
N PHE H 10 75.37 -17.66 45.35
CA PHE H 10 76.66 -18.31 45.29
C PHE H 10 76.79 -19.19 44.05
N LEU H 11 75.73 -19.27 43.23
CA LEU H 11 75.74 -20.07 42.02
C LEU H 11 75.33 -19.33 40.74
N HIS H 12 75.23 -17.99 40.78
CA HIS H 12 74.83 -17.22 39.58
C HIS H 12 75.87 -17.34 38.46
N GLN H 13 77.13 -17.61 38.84
CA GLN H 13 78.22 -17.82 37.86
C GLN H 13 78.07 -19.13 37.07
N ASP H 14 77.48 -20.14 37.70
CA ASP H 14 77.13 -21.38 37.02
C ASP H 14 75.79 -21.22 36.33
N THR H 15 75.84 -20.72 35.11
CA THR H 15 74.60 -20.29 34.46
C THR H 15 73.65 -21.44 34.05
N TRP H 16 74.23 -22.65 33.93
CA TRP H 16 73.45 -23.85 33.68
C TRP H 16 72.51 -24.19 34.84
N VAL H 17 72.93 -23.86 36.08
CA VAL H 17 72.02 -23.92 37.25
C VAL H 17 70.73 -23.09 37.01
N GLY H 18 70.92 -21.80 36.67
CA GLY H 18 69.81 -20.92 36.25
C GLY H 18 68.90 -21.51 35.18
N ASN H 19 69.48 -21.95 34.07
CA ASN H 19 68.72 -22.65 33.00
C ASN H 19 67.93 -23.82 33.54
N ALA H 20 68.53 -24.64 34.41
CA ALA H 20 67.85 -25.81 34.95
C ALA H 20 66.65 -25.45 35.83
N VAL H 21 66.77 -24.33 36.54
CA VAL H 21 65.71 -23.84 37.43
C VAL H 21 64.55 -23.31 36.58
N GLU H 22 64.89 -22.56 35.53
CA GLU H 22 63.88 -22.10 34.56
C GLU H 22 63.04 -23.26 33.99
N ARG H 23 63.67 -24.34 33.51
CA ARG H 23 62.87 -25.49 33.05
C ARG H 23 61.96 -26.05 34.16
N LEU H 24 62.45 -26.04 35.40
CA LEU H 24 61.62 -26.50 36.50
C LEU H 24 60.44 -25.55 36.75
N ALA H 25 60.69 -24.24 36.79
CA ALA H 25 59.62 -23.28 37.02
C ALA H 25 58.58 -23.36 35.90
N ASP H 26 59.04 -23.59 34.68
CA ASP H 26 58.15 -23.79 33.53
C ASP H 26 57.28 -25.03 33.67
N ALA H 27 57.88 -26.12 34.14
CA ALA H 27 57.17 -27.36 34.38
C ALA H 27 56.11 -27.20 35.46
N LEU H 28 56.42 -26.40 36.48
CA LEU H 28 55.48 -26.10 37.56
C LEU H 28 54.29 -25.25 37.09
N SER H 29 54.55 -24.18 36.32
CA SER H 29 53.48 -23.43 35.63
C SER H 29 52.58 -24.33 34.76
N GLN H 30 53.19 -25.18 33.94
CA GLN H 30 52.43 -26.17 33.17
C GLN H 30 51.46 -26.98 34.05
N GLN H 31 51.79 -27.12 35.34
CA GLN H 31 50.92 -27.83 36.28
C GLN H 31 50.03 -26.91 37.12
N ASN H 32 49.87 -25.67 36.64
CA ASN H 32 48.99 -24.66 37.27
C ASN H 32 49.46 -24.22 38.69
N VAL H 33 50.78 -24.18 38.88
CA VAL H 33 51.39 -23.77 40.14
C VAL H 33 51.90 -22.35 39.97
N THR H 34 51.67 -21.49 40.98
CA THR H 34 52.25 -20.13 40.96
C THR H 34 53.71 -20.15 41.44
N VAL H 35 54.61 -19.63 40.61
CA VAL H 35 56.03 -19.61 40.94
C VAL H 35 56.47 -18.20 41.23
N ILE H 36 57.00 -17.99 42.44
CA ILE H 36 57.70 -16.75 42.75
C ILE H 36 59.17 -17.09 42.66
N LYS H 37 59.89 -16.26 41.91
CA LYS H 37 61.32 -16.39 41.74
C LYS H 37 62.08 -15.36 42.58
N SER H 38 63.10 -15.85 43.28
CA SER H 38 63.96 -15.01 44.07
C SER H 38 65.40 -15.31 43.67
N THR H 39 66.18 -14.28 43.37
CA THR H 39 67.58 -14.48 42.98
C THR H 39 68.60 -14.14 44.05
N SER H 40 68.17 -14.11 45.31
CA SER H 40 69.11 -14.12 46.43
C SER H 40 68.47 -14.65 47.70
N PHE H 41 69.31 -15.03 48.67
CA PHE H 41 68.80 -15.36 50.00
C PHE H 41 68.20 -14.15 50.72
N ASP H 42 68.79 -12.97 50.49
CA ASP H 42 68.29 -11.75 51.10
C ASP H 42 66.88 -11.42 50.61
N ASP H 43 66.66 -11.56 49.30
CA ASP H 43 65.32 -11.46 48.71
C ASP H 43 64.33 -12.48 49.29
N GLY H 44 64.77 -13.73 49.43
CA GLY H 44 63.91 -14.78 49.95
C GLY H 44 63.53 -14.53 51.40
N PHE H 45 64.50 -14.05 52.19
CA PHE H 45 64.28 -13.71 53.61
C PHE H 45 63.17 -12.68 53.67
N ALA H 46 63.33 -11.63 52.88
CA ALA H 46 62.36 -10.53 52.81
C ALA H 46 60.95 -11.04 52.50
N ILE H 47 60.83 -11.87 51.45
CA ILE H 47 59.54 -12.42 51.06
C ILE H 47 58.95 -13.26 52.20
N LEU H 48 59.81 -13.99 52.88
CA LEU H 48 59.35 -14.82 53.99
C LEU H 48 59.03 -14.00 55.23
N SER H 49 59.43 -12.74 55.26
CA SER H 49 59.05 -11.85 56.36
C SER H 49 57.68 -11.21 56.15
N SER H 50 57.23 -11.21 54.90
CA SER H 50 55.89 -10.76 54.57
C SER H 50 54.87 -11.85 54.89
N ASN H 51 53.58 -11.53 54.81
CA ASN H 51 52.56 -12.55 55.09
C ASN H 51 52.24 -13.43 53.88
N GLU H 52 53.25 -13.64 53.03
CA GLU H 52 53.07 -14.41 51.80
C GLU H 52 52.99 -15.89 52.15
N ALA H 53 51.86 -16.52 51.82
CA ALA H 53 51.67 -17.94 52.08
C ALA H 53 52.22 -18.80 50.92
N ILE H 54 53.22 -19.61 51.19
CA ILE H 54 53.77 -20.46 50.14
C ILE H 54 53.54 -21.93 50.48
N ASP H 55 53.32 -22.73 49.45
CA ASP H 55 53.05 -24.13 49.69
C ASP H 55 54.27 -25.02 49.64
N CYS H 56 55.36 -24.49 49.07
CA CYS H 56 56.60 -25.22 48.92
C CYS H 56 57.75 -24.24 48.82
N LEU H 57 58.85 -24.51 49.54
CA LEU H 57 60.09 -23.75 49.33
C LEU H 57 61.14 -24.59 48.62
N MET H 58 61.65 -24.08 47.51
CA MET H 58 62.75 -24.73 46.82
C MET H 58 63.99 -23.83 46.81
N PHE H 59 65.17 -24.40 46.97
CA PHE H 59 66.39 -23.54 46.92
C PHE H 59 67.59 -24.30 46.39
N SER H 60 68.50 -23.56 45.77
CA SER H 60 69.77 -24.08 45.30
C SER H 60 70.86 -23.76 46.29
N TYR H 61 71.97 -24.48 46.23
CA TYR H 61 72.89 -24.55 47.36
C TYR H 61 74.25 -25.02 46.86
N GLN H 62 75.24 -24.12 46.86
CA GLN H 62 76.60 -24.49 46.41
C GLN H 62 77.30 -25.35 47.44
N MET H 63 77.08 -25.05 48.72
CA MET H 63 77.54 -25.87 49.84
C MET H 63 79.03 -25.73 50.10
N GLU H 64 79.63 -24.64 49.61
CA GLU H 64 81.06 -24.43 49.78
C GLU H 64 81.45 -23.35 50.82
N HIS H 65 80.68 -22.25 50.91
CA HIS H 65 81.02 -21.07 51.73
C HIS H 65 80.18 -20.96 53.03
N PRO H 66 80.85 -20.73 54.19
CA PRO H 66 80.10 -20.58 55.48
C PRO H 66 78.99 -19.54 55.44
N ASP H 67 79.16 -18.47 54.68
CA ASP H 67 78.09 -17.47 54.50
C ASP H 67 76.82 -18.08 53.90
N GLU H 68 77.00 -19.02 52.97
CA GLU H 68 75.88 -19.68 52.36
C GLU H 68 75.20 -20.65 53.31
N HIS H 69 75.98 -21.49 54.02
CA HIS H 69 75.42 -22.47 54.96
C HIS H 69 74.55 -21.73 55.97
N GLN H 70 75.01 -20.55 56.36
CA GLN H 70 74.31 -19.68 57.30
C GLN H 70 73.03 -19.12 56.68
N ASN H 71 73.12 -18.58 55.45
CA ASN H 71 71.94 -18.12 54.71
C ASN H 71 70.84 -19.16 54.61
N VAL H 72 71.23 -20.40 54.32
CA VAL H 72 70.31 -21.51 54.18
C VAL H 72 69.59 -21.78 55.50
N ARG H 73 70.33 -21.81 56.63
CA ARG H 73 69.74 -22.04 57.96
C ARG H 73 68.75 -20.92 58.27
N GLN H 74 69.15 -19.68 57.98
CA GLN H 74 68.36 -18.50 58.26
C GLN H 74 67.07 -18.54 57.44
N LEU H 75 67.17 -18.83 56.15
CA LEU H 75 66.03 -18.87 55.25
C LEU H 75 65.02 -19.90 55.73
N ILE H 76 65.47 -21.10 56.06
CA ILE H 76 64.52 -22.15 56.39
C ILE H 76 63.95 -21.91 57.79
N GLY H 77 64.82 -21.42 58.68
CA GLY H 77 64.40 -20.91 59.98
C GLY H 77 63.24 -19.90 59.91
N LYS H 78 63.36 -18.90 59.04
CA LYS H 78 62.34 -17.91 58.88
C LYS H 78 61.03 -18.57 58.42
N LEU H 79 61.12 -19.40 57.37
CA LEU H 79 59.96 -20.06 56.80
C LEU H 79 59.17 -20.72 57.90
N HIS H 80 59.87 -21.46 58.73
CA HIS H 80 59.22 -22.30 59.70
C HIS H 80 58.72 -21.62 60.97
N GLU H 81 58.93 -20.31 61.08
CA GLU H 81 58.37 -19.56 62.21
C GLU H 81 56.84 -19.50 62.15
N ARG H 82 56.33 -19.06 61.00
CA ARG H 82 54.88 -19.00 60.74
C ARG H 82 54.36 -19.98 59.68
N GLN H 83 55.25 -20.68 58.98
CA GLN H 83 54.85 -21.64 57.94
C GLN H 83 55.54 -22.96 58.19
N GLN H 84 55.40 -23.39 59.43
CA GLN H 84 56.11 -24.53 59.97
C GLN H 84 55.99 -25.83 59.14
N ASN H 85 54.84 -26.15 58.56
CA ASN H 85 54.83 -27.47 57.89
C ASN H 85 55.12 -27.47 56.38
N VAL H 86 55.57 -26.35 55.84
CA VAL H 86 55.86 -26.22 54.41
C VAL H 86 57.03 -27.14 54.02
N PRO H 87 56.82 -27.98 52.99
CA PRO H 87 57.89 -28.85 52.49
C PRO H 87 59.01 -28.02 51.86
N VAL H 88 60.25 -28.42 52.13
CA VAL H 88 61.43 -27.75 51.61
C VAL H 88 62.19 -28.71 50.71
N PHE H 89 62.42 -28.25 49.47
CA PHE H 89 63.16 -28.98 48.45
C PHE H 89 64.54 -28.35 48.25
N LEU H 90 65.58 -29.16 48.35
CA LEU H 90 66.88 -28.74 47.91
C LEU H 90 67.08 -29.08 46.43
N LEU H 91 67.24 -28.05 45.62
CA LEU H 91 67.62 -28.20 44.22
C LEU H 91 69.12 -28.25 44.26
N GLY H 92 69.66 -29.42 44.55
CA GLY H 92 71.06 -29.53 44.95
C GLY H 92 71.93 -30.34 44.03
N ASP H 93 73.21 -30.40 44.40
CA ASP H 93 74.21 -31.27 43.77
C ASP H 93 74.20 -32.60 44.51
N ARG H 94 73.99 -33.70 43.78
CA ARG H 94 73.99 -35.03 44.42
C ARG H 94 75.22 -35.27 45.34
N GLU H 95 76.43 -35.21 44.77
CA GLU H 95 77.65 -35.55 45.51
C GLU H 95 77.83 -34.74 46.78
N LYS H 96 77.72 -33.41 46.68
CA LYS H 96 77.89 -32.55 47.85
C LYS H 96 76.78 -32.69 48.90
N ALA H 97 75.54 -32.79 48.45
CA ALA H 97 74.43 -32.93 49.37
C ALA H 97 74.50 -34.25 50.13
N LEU H 98 74.91 -35.30 49.43
CA LEU H 98 75.01 -36.63 50.06
C LEU H 98 76.25 -36.81 50.92
N ALA H 99 77.32 -36.07 50.61
CA ALA H 99 78.44 -35.97 51.53
C ALA H 99 78.03 -35.24 52.84
N ALA H 100 77.18 -34.21 52.75
CA ALA H 100 76.76 -33.46 53.94
C ALA H 100 75.69 -34.16 54.78
N MET H 101 75.29 -35.36 54.41
CA MET H 101 74.09 -35.95 54.97
C MET H 101 74.20 -36.25 56.45
N ASP H 102 73.36 -35.59 57.24
CA ASP H 102 73.24 -35.85 58.67
C ASP H 102 71.88 -35.38 59.19
N ARG H 103 71.65 -35.57 60.48
CA ARG H 103 70.39 -35.11 61.08
C ARG H 103 70.10 -33.64 60.90
N ASP H 104 71.13 -32.80 61.03
CA ASP H 104 71.02 -31.35 60.83
C ASP H 104 70.49 -31.00 59.44
N LEU H 105 71.03 -31.65 58.40
CA LEU H 105 70.61 -31.40 57.04
C LEU H 105 69.15 -31.85 56.84
N LEU H 106 68.80 -32.98 57.44
CA LEU H 106 67.45 -33.55 57.34
C LEU H 106 66.40 -32.77 58.11
N GLU H 107 66.80 -32.04 59.15
CA GLU H 107 65.92 -31.03 59.75
C GLU H 107 65.67 -29.86 58.84
N LEU H 108 66.67 -29.52 58.04
CA LEU H 108 66.51 -28.43 57.08
C LEU H 108 65.70 -28.80 55.82
N VAL H 109 65.93 -29.99 55.27
CA VAL H 109 65.53 -30.35 53.91
C VAL H 109 64.60 -31.57 53.98
N ASP H 110 63.40 -31.43 53.44
CA ASP H 110 62.46 -32.55 53.34
C ASP H 110 62.66 -33.38 52.08
N GLU H 111 63.01 -32.74 50.95
CA GLU H 111 63.02 -33.44 49.68
C GLU H 111 64.20 -33.02 48.86
N PHE H 112 64.80 -34.02 48.20
CA PHE H 112 66.05 -33.82 47.47
C PHE H 112 65.83 -33.94 45.97
N ALA H 113 66.29 -32.93 45.25
CA ALA H 113 66.13 -32.93 43.81
C ALA H 113 67.48 -32.62 43.21
N TRP H 114 68.00 -33.56 42.42
CA TRP H 114 69.30 -33.36 41.83
C TRP H 114 69.04 -32.60 40.54
N ILE H 115 69.07 -31.28 40.69
CA ILE H 115 68.59 -30.33 39.68
C ILE H 115 69.22 -30.47 38.28
N LEU H 116 70.48 -30.93 38.22
CA LEU H 116 71.23 -31.08 36.96
C LEU H 116 71.17 -32.50 36.39
N GLU H 117 70.38 -33.35 37.01
CA GLU H 117 70.36 -34.77 36.73
C GLU H 117 68.96 -35.38 36.64
N ASP H 118 67.93 -34.55 36.74
CA ASP H 118 66.57 -35.05 36.81
C ASP H 118 65.74 -34.41 35.73
N THR H 119 64.55 -34.94 35.52
CA THR H 119 63.63 -34.38 34.55
C THR H 119 62.77 -33.39 35.32
N ALA H 120 62.69 -32.15 34.81
CA ALA H 120 61.87 -31.08 35.39
C ALA H 120 60.46 -31.53 35.79
N ASP H 121 59.76 -32.25 34.91
CA ASP H 121 58.43 -32.82 35.24
C ASP H 121 58.40 -33.73 36.44
N PHE H 122 59.43 -34.56 36.61
CA PHE H 122 59.46 -35.49 37.75
C PHE H 122 59.55 -34.71 39.06
N ILE H 123 60.41 -33.70 39.13
CA ILE H 123 60.49 -32.82 40.29
C ILE H 123 59.20 -32.03 40.48
N ALA H 124 58.63 -31.49 39.40
CA ALA H 124 57.36 -30.75 39.52
C ALA H 124 56.28 -31.64 40.12
N GLY H 125 56.20 -32.89 39.67
CA GLY H 125 55.13 -33.78 40.13
C GLY H 125 55.32 -34.09 41.61
N ARG H 126 56.59 -34.22 42.01
CA ARG H 126 56.92 -34.50 43.39
C ARG H 126 56.53 -33.32 44.26
N ALA H 127 56.76 -32.11 43.75
CA ALA H 127 56.46 -30.88 44.49
C ALA H 127 54.95 -30.70 44.65
N VAL H 128 54.18 -31.00 43.59
CA VAL H 128 52.72 -30.91 43.63
C VAL H 128 52.16 -31.86 44.68
N ALA H 129 52.67 -33.09 44.71
CA ALA H 129 52.26 -34.07 45.75
C ALA H 129 52.53 -33.54 47.16
N ALA H 130 53.74 -32.99 47.38
CA ALA H 130 54.10 -32.34 48.67
C ALA H 130 53.17 -31.18 49.07
N MET H 131 52.83 -30.33 48.10
CA MET H 131 51.97 -29.19 48.38
C MET H 131 50.53 -29.63 48.66
N THR H 132 50.07 -30.67 47.97
CA THR H 132 48.74 -31.22 48.20
C THR H 132 48.65 -31.75 49.62
N ARG H 133 49.67 -32.51 50.04
CA ARG H 133 49.70 -33.06 51.38
C ARG H 133 49.69 -31.92 52.43
N TYR H 134 50.45 -30.87 52.14
CA TYR H 134 50.55 -29.75 53.06
C TYR H 134 49.20 -29.03 53.22
N ARG H 135 48.59 -28.67 52.09
CA ARG H 135 47.29 -28.00 52.05
C ARG H 135 46.21 -28.85 52.77
N GLN H 136 46.33 -30.16 52.70
CA GLN H 136 45.39 -31.08 53.32
C GLN H 136 45.46 -31.14 54.83
N GLN H 137 46.60 -30.83 55.40
CA GLN H 137 46.70 -30.73 56.86
C GLN H 137 46.69 -29.25 57.35
N LEU H 138 46.52 -28.29 56.44
CA LEU H 138 46.60 -26.87 56.81
C LEU H 138 45.61 -26.39 57.89
N LEU H 139 44.33 -26.71 57.71
CA LEU H 139 43.28 -26.04 58.46
C LEU H 139 42.94 -26.79 59.75
N PRO H 140 42.56 -26.05 60.81
CA PRO H 140 42.11 -26.70 62.03
C PRO H 140 40.82 -27.48 61.76
N PRO H 141 40.49 -28.43 62.66
CA PRO H 141 39.41 -29.41 62.34
C PRO H 141 38.00 -28.85 62.16
N LEU H 142 37.62 -27.79 62.89
CA LEU H 142 36.24 -27.36 62.80
C LEU H 142 36.06 -26.52 61.61
N PHE H 143 36.93 -25.53 61.44
CA PHE H 143 36.82 -24.72 60.25
C PHE H 143 36.90 -25.59 58.98
N SER H 144 37.86 -26.52 58.98
CA SER H 144 37.94 -27.48 57.89
C SER H 144 36.65 -28.22 57.58
N ALA H 145 36.01 -28.76 58.62
CA ALA H 145 34.78 -29.55 58.45
C ALA H 145 33.58 -28.70 58.02
N LEU H 146 33.49 -27.46 58.51
CA LEU H 146 32.44 -26.52 58.12
C LEU H 146 32.55 -26.27 56.66
N MET H 147 33.77 -25.98 56.22
CA MET H 147 34.05 -25.66 54.84
C MET H 147 33.65 -26.81 53.93
N LYS H 148 34.16 -27.99 54.21
CA LYS H 148 33.82 -29.20 53.46
C LYS H 148 32.33 -29.52 53.46
N TYR H 149 31.70 -29.37 54.63
CA TYR H 149 30.31 -29.69 54.77
C TYR H 149 29.42 -28.69 54.03
N SER H 150 29.82 -27.42 53.99
CA SER H 150 29.02 -26.41 53.33
C SER H 150 29.04 -26.64 51.81
N ASP H 151 29.99 -27.42 51.32
CA ASP H 151 30.14 -27.68 49.89
C ASP H 151 29.24 -28.78 49.34
N ILE H 152 28.58 -29.52 50.22
CA ILE H 152 27.66 -30.58 49.82
C ILE H 152 26.26 -30.40 50.46
N HIS H 153 26.18 -29.54 51.47
CA HIS H 153 24.98 -29.39 52.32
C HIS H 153 23.71 -28.94 51.54
N GLU H 154 22.57 -29.58 51.83
CA GLU H 154 21.27 -29.06 51.40
C GLU H 154 20.71 -28.03 52.40
N TYR H 155 20.87 -26.76 52.04
CA TYR H 155 20.41 -25.67 52.91
C TYR H 155 18.93 -25.71 53.21
N SER H 156 18.15 -26.07 52.18
CA SER H 156 16.70 -26.00 52.28
C SER H 156 16.07 -26.94 53.33
N TRP H 157 14.80 -26.68 53.61
CA TRP H 157 13.93 -27.47 54.50
C TRP H 157 14.21 -27.39 56.00
N ALA H 158 15.26 -26.64 56.37
CA ALA H 158 15.47 -26.22 57.80
C ALA H 158 16.14 -24.83 57.98
N ALA H 159 16.19 -24.38 59.24
CA ALA H 159 16.76 -23.07 59.62
C ALA H 159 18.27 -23.08 59.58
N PRO H 160 18.93 -21.91 59.43
CA PRO H 160 18.39 -20.54 59.27
C PRO H 160 17.58 -20.42 58.00
N GLY H 161 16.49 -19.66 58.06
CA GLY H 161 15.56 -19.51 56.96
C GLY H 161 16.14 -18.81 55.75
N HIS H 162 17.24 -18.07 55.91
CA HIS H 162 17.85 -17.38 54.76
C HIS H 162 18.47 -18.37 53.76
N GLN H 163 18.70 -19.60 54.20
CA GLN H 163 19.18 -20.65 53.32
C GLN H 163 20.50 -20.31 52.62
N GLY H 164 21.60 -20.26 53.38
CA GLY H 164 22.92 -20.02 52.83
C GLY H 164 22.97 -18.68 52.13
N GLY H 165 22.16 -17.73 52.60
CA GLY H 165 22.19 -16.35 52.09
C GLY H 165 21.16 -15.94 51.03
N VAL H 166 20.46 -16.93 50.48
CA VAL H 166 19.59 -16.71 49.36
C VAL H 166 18.43 -15.76 49.65
N GLY H 167 17.87 -15.87 50.84
CA GLY H 167 16.72 -15.06 51.22
C GLY H 167 17.02 -13.56 51.20
N PHE H 168 18.23 -13.18 51.61
CA PHE H 168 18.63 -11.80 51.61
C PHE H 168 18.54 -11.19 50.21
N THR H 169 18.81 -11.97 49.17
CA THR H 169 18.96 -11.41 47.80
C THR H 169 17.66 -10.85 47.25
N LYS H 170 16.54 -11.18 47.90
CA LYS H 170 15.20 -10.94 47.38
C LYS H 170 14.67 -9.51 47.53
N THR H 171 15.36 -8.67 48.30
CA THR H 171 15.16 -7.20 48.22
C THR H 171 16.48 -6.53 47.84
N PRO H 172 16.42 -5.32 47.24
CA PRO H 172 17.69 -4.63 46.88
C PRO H 172 18.61 -4.36 48.07
N ALA H 173 18.05 -3.96 49.21
CA ALA H 173 18.85 -3.66 50.40
C ALA H 173 19.41 -4.93 50.97
N GLY H 174 18.61 -6.00 50.95
CA GLY H 174 19.08 -7.30 51.37
C GLY H 174 20.20 -7.84 50.51
N ARG H 175 20.15 -7.53 49.21
CA ARG H 175 21.15 -8.02 48.26
C ARG H 175 22.44 -7.21 48.37
N PHE H 176 22.30 -5.92 48.60
CA PHE H 176 23.46 -5.11 48.82
C PHE H 176 24.22 -5.65 50.04
N TYR H 177 23.48 -5.84 51.14
CA TYR H 177 23.96 -6.47 52.35
C TYR H 177 24.63 -7.82 52.12
N HIS H 178 23.95 -8.70 51.39
CA HIS H 178 24.46 -10.03 51.08
C HIS H 178 25.81 -9.94 50.37
N ASP H 179 25.89 -9.08 49.35
CA ASP H 179 27.09 -9.00 48.51
C ASP H 179 28.21 -8.34 49.27
N TYR H 180 27.88 -7.44 50.20
CA TYR H 180 28.87 -6.77 51.01
C TYR H 180 29.60 -7.75 51.94
N TYR H 181 28.86 -8.66 52.58
CA TYR H 181 29.47 -9.66 53.47
C TYR H 181 29.97 -10.90 52.74
N GLY H 182 29.48 -11.14 51.52
CA GLY H 182 29.92 -12.27 50.72
C GLY H 182 29.21 -13.53 51.16
N GLU H 183 29.07 -14.47 50.25
CA GLU H 183 28.22 -15.64 50.50
C GLU H 183 28.69 -16.64 51.53
N ASN H 184 30.00 -16.76 51.74
CA ASN H 184 30.54 -17.82 52.62
C ASN H 184 30.11 -17.69 54.08
N LEU H 185 30.03 -16.45 54.57
CA LEU H 185 29.44 -16.18 55.86
C LEU H 185 28.05 -16.85 56.00
N PHE H 186 27.19 -16.66 55.00
CA PHE H 186 25.83 -17.22 55.03
C PHE H 186 25.81 -18.71 54.77
N ARG H 187 26.77 -19.17 54.00
CA ARG H 187 26.84 -20.60 53.67
C ARG H 187 27.30 -21.42 54.87
N THR H 188 28.25 -20.89 55.65
CA THR H 188 28.61 -21.60 56.87
C THR H 188 27.62 -21.39 58.03
N ASP H 189 26.62 -20.54 57.84
CA ASP H 189 25.56 -20.37 58.83
C ASP H 189 24.50 -21.46 58.64
N MET H 190 24.79 -22.63 59.18
CA MET H 190 23.89 -23.76 59.09
C MET H 190 23.28 -24.02 60.46
N GLY H 191 22.06 -24.54 60.48
CA GLY H 191 21.44 -24.99 61.72
C GLY H 191 22.07 -26.31 62.16
N ILE H 192 21.41 -27.01 63.08
CA ILE H 192 21.89 -28.32 63.53
C ILE H 192 21.94 -29.35 62.37
N GLU H 193 23.18 -29.72 61.97
CA GLU H 193 23.42 -30.76 60.94
C GLU H 193 24.20 -31.97 61.51
N ARG H 194 23.47 -32.79 62.28
CA ARG H 194 24.05 -33.53 63.40
C ARG H 194 25.07 -34.63 63.12
N THR H 195 24.70 -35.58 62.26
CA THR H 195 25.53 -36.74 61.98
C THR H 195 26.91 -36.35 61.37
N SER H 196 26.98 -35.14 60.83
CA SER H 196 28.18 -34.71 60.14
C SER H 196 29.07 -33.89 61.06
N LEU H 197 28.61 -32.69 61.41
CA LEU H 197 29.43 -31.75 62.15
C LEU H 197 29.45 -32.01 63.64
N GLY H 198 28.38 -32.61 64.15
CA GLY H 198 28.17 -32.75 65.58
C GLY H 198 27.50 -31.51 66.12
N SER H 199 27.73 -31.21 67.39
CA SER H 199 26.99 -30.14 68.05
C SER H 199 27.86 -29.37 69.03
N LEU H 200 27.80 -28.04 68.95
CA LEU H 200 28.49 -27.17 69.87
C LEU H 200 28.07 -27.44 71.30
N LEU H 201 26.75 -27.50 71.50
CA LEU H 201 26.18 -27.66 72.83
C LEU H 201 26.35 -29.05 73.41
N ASP H 202 26.52 -30.05 72.55
CA ASP H 202 26.76 -31.40 73.02
C ASP H 202 28.26 -31.66 73.06
N HIS H 203 29.04 -30.79 72.41
CA HIS H 203 30.51 -30.93 72.35
C HIS H 203 30.93 -32.20 71.61
N THR H 204 30.25 -32.46 70.50
CA THR H 204 30.48 -33.69 69.74
C THR H 204 31.03 -33.38 68.33
N GLY H 205 31.37 -34.42 67.57
CA GLY H 205 31.87 -34.30 66.20
C GLY H 205 33.03 -33.34 66.07
N ALA H 206 32.99 -32.53 65.01
CA ALA H 206 34.03 -31.53 64.75
C ALA H 206 34.11 -30.50 65.87
N PHE H 207 32.98 -30.16 66.47
CA PHE H 207 33.01 -29.28 67.64
C PHE H 207 33.84 -29.83 68.81
N GLY H 208 33.62 -31.10 69.19
CA GLY H 208 34.40 -31.75 70.26
C GLY H 208 35.86 -31.89 69.92
N GLU H 209 36.13 -32.17 68.64
CA GLU H 209 37.46 -32.34 68.12
C GLU H 209 38.23 -31.02 68.17
N SER H 210 37.56 -29.92 67.84
CA SER H 210 38.13 -28.57 67.98
C SER H 210 38.46 -28.18 69.45
N GLU H 211 37.53 -28.48 70.36
CA GLU H 211 37.74 -28.29 71.80
C GLU H 211 38.94 -29.10 72.35
N LYS H 212 39.07 -30.36 71.93
CA LYS H 212 40.26 -31.17 72.28
C LYS H 212 41.55 -30.53 71.81
N TYR H 213 41.47 -29.95 70.63
CA TYR H 213 42.60 -29.28 70.02
C TYR H 213 43.02 -28.01 70.79
N ALA H 214 42.04 -27.14 71.06
CA ALA H 214 42.22 -25.96 71.93
C ALA H 214 42.89 -26.36 73.26
N ALA H 215 42.37 -27.41 73.90
CA ALA H 215 42.89 -27.90 75.17
C ALA H 215 44.37 -28.32 75.10
N ARG H 216 44.74 -28.97 73.99
CA ARG H 216 46.13 -29.40 73.72
C ARG H 216 47.03 -28.16 73.62
N VAL H 217 46.63 -27.23 72.76
CA VAL H 217 47.39 -26.02 72.49
C VAL H 217 47.44 -25.06 73.68
N PHE H 218 46.34 -24.98 74.44
CA PHE H 218 46.23 -24.03 75.55
C PHE H 218 46.63 -24.57 76.91
N GLY H 219 47.03 -25.86 76.93
CA GLY H 219 47.49 -26.55 78.14
C GLY H 219 46.47 -26.95 79.17
N ALA H 220 45.25 -27.24 78.73
CA ALA H 220 44.14 -27.61 79.63
C ALA H 220 43.83 -29.08 79.60
N ASP H 221 43.18 -29.57 80.67
CA ASP H 221 42.58 -30.92 80.64
C ASP H 221 41.34 -30.94 79.74
N ARG H 222 40.63 -29.82 79.74
CA ARG H 222 39.44 -29.67 78.94
C ARG H 222 39.22 -28.20 78.61
N SER H 223 38.74 -27.94 77.40
CA SER H 223 38.35 -26.60 76.97
C SER H 223 36.90 -26.60 76.47
N TRP H 224 36.19 -25.50 76.71
CA TRP H 224 34.79 -25.33 76.31
C TRP H 224 34.68 -24.10 75.44
N SER H 225 34.26 -24.27 74.19
CA SER H 225 34.09 -23.14 73.23
C SER H 225 32.76 -22.42 73.43
N VAL H 226 32.80 -21.09 73.42
CA VAL H 226 31.68 -20.24 73.81
C VAL H 226 31.47 -19.14 72.78
N VAL H 227 30.21 -18.93 72.39
CA VAL H 227 29.84 -17.94 71.39
C VAL H 227 29.10 -16.76 72.05
N VAL H 228 29.26 -16.64 73.37
CA VAL H 228 28.68 -15.53 74.14
C VAL H 228 29.73 -14.70 74.90
N GLY H 229 30.94 -14.63 74.35
CA GLY H 229 32.04 -13.87 74.95
C GLY H 229 32.43 -14.49 76.28
N THR H 230 33.44 -13.88 76.92
CA THR H 230 33.84 -14.31 78.25
C THR H 230 32.73 -14.00 79.28
N SER H 231 31.86 -13.04 78.94
CA SER H 231 30.61 -12.83 79.68
C SER H 231 29.86 -14.14 79.89
N GLY H 232 29.67 -14.88 78.80
CA GLY H 232 28.93 -16.12 78.84
C GLY H 232 29.75 -17.17 79.56
N SER H 233 31.05 -17.16 79.28
CA SER H 233 32.03 -18.04 79.98
C SER H 233 32.03 -17.87 81.51
N ASN H 234 32.12 -16.62 81.97
CA ASN H 234 32.14 -16.31 83.38
C ASN H 234 30.85 -16.77 84.08
N ARG H 235 29.73 -16.47 83.44
CA ARG H 235 28.43 -16.82 83.98
C ARG H 235 28.30 -18.32 84.10
N THR H 236 28.89 -19.03 83.16
CA THR H 236 28.80 -20.48 83.13
C THR H 236 29.57 -21.08 84.30
N ILE H 237 30.83 -20.67 84.44
CA ILE H 237 31.71 -21.11 85.52
C ILE H 237 31.05 -20.88 86.88
N MET H 238 30.52 -19.69 87.08
CA MET H 238 29.95 -19.36 88.39
C MET H 238 28.70 -20.17 88.66
N GLN H 239 27.92 -20.45 87.60
CA GLN H 239 26.70 -21.26 87.75
C GLN H 239 27.05 -22.69 88.10
N ALA H 240 28.24 -23.11 87.70
CA ALA H 240 28.72 -24.46 88.02
C ALA H 240 29.28 -24.60 89.44
N CYS H 241 29.64 -23.47 90.06
CA CYS H 241 30.53 -23.48 91.24
C CYS H 241 29.93 -22.99 92.55
N MET H 242 28.75 -22.37 92.52
CA MET H 242 28.23 -21.78 93.75
C MET H 242 26.73 -21.73 93.75
N THR H 243 26.12 -21.94 94.92
CA THR H 243 24.71 -21.62 95.11
C THR H 243 24.59 -20.44 96.08
N ASP H 244 23.35 -20.12 96.45
CA ASP H 244 23.08 -19.11 97.45
C ASP H 244 23.38 -19.60 98.89
N ASN H 245 23.83 -20.85 99.04
CA ASN H 245 24.39 -21.29 100.33
C ASN H 245 25.91 -21.13 100.40
N ASP H 246 26.51 -20.77 99.28
CA ASP H 246 27.95 -20.65 99.23
C ASP H 246 28.47 -19.26 99.55
N VAL H 247 29.69 -19.28 100.11
CA VAL H 247 30.50 -18.10 100.32
C VAL H 247 31.49 -18.15 99.20
N VAL H 248 31.77 -17.00 98.59
CA VAL H 248 32.76 -16.94 97.53
C VAL H 248 33.70 -15.76 97.74
N VAL H 249 34.93 -15.93 97.25
CA VAL H 249 35.94 -14.90 97.36
C VAL H 249 36.13 -14.23 96.00
N VAL H 250 35.95 -12.91 95.96
CA VAL H 250 35.90 -12.19 94.69
C VAL H 250 36.89 -11.05 94.60
N ASP H 251 37.70 -11.07 93.54
CA ASP H 251 38.59 -9.95 93.22
C ASP H 251 37.73 -8.68 93.03
N ARG H 252 38.05 -7.62 93.76
CA ARG H 252 37.23 -6.40 93.66
C ARG H 252 37.32 -5.84 92.26
N ASN H 253 38.51 -6.01 91.66
CA ASN H 253 38.70 -5.78 90.23
C ASN H 253 38.05 -6.90 89.43
N CYS H 254 36.73 -6.90 89.34
CA CYS H 254 36.05 -7.96 88.62
C CYS H 254 35.23 -7.31 87.54
N HIS H 255 35.00 -8.06 86.48
CA HIS H 255 34.17 -7.65 85.36
C HIS H 255 32.67 -7.73 85.72
N LYS H 256 31.86 -6.95 85.02
CA LYS H 256 30.39 -7.06 85.08
C LYS H 256 29.82 -8.47 85.10
N SER H 257 30.42 -9.38 84.32
CA SER H 257 29.92 -10.76 84.22
C SER H 257 30.11 -11.56 85.51
N ILE H 258 31.10 -11.15 86.31
CA ILE H 258 31.33 -11.75 87.62
C ILE H 258 30.23 -11.29 88.56
N GLU H 259 29.91 -9.99 88.60
CA GLU H 259 28.75 -9.58 89.42
C GLU H 259 27.45 -10.22 88.95
N GLN H 260 27.31 -10.34 87.62
CA GLN H 260 26.22 -11.08 87.00
C GLN H 260 26.13 -12.51 87.54
N GLY H 261 27.26 -13.20 87.63
CA GLY H 261 27.35 -14.48 88.35
C GLY H 261 26.85 -14.41 89.79
N LEU H 262 27.17 -13.33 90.49
CA LEU H 262 26.67 -13.17 91.87
C LEU H 262 25.16 -12.97 91.89
N MET H 263 24.64 -12.16 90.96
CA MET H 263 23.18 -11.93 90.87
C MET H 263 22.38 -13.17 90.42
N LEU H 264 22.98 -14.01 89.58
CA LEU H 264 22.30 -15.20 89.04
C LEU H 264 22.37 -16.39 89.96
N THR H 265 23.44 -16.50 90.76
CA THR H 265 23.58 -17.61 91.72
C THR H 265 23.07 -17.30 93.14
N GLY H 266 23.08 -16.02 93.51
CA GLY H 266 22.73 -15.63 94.88
C GLY H 266 23.80 -15.88 95.97
N ALA H 267 25.01 -16.26 95.54
CA ALA H 267 26.13 -16.59 96.44
C ALA H 267 26.57 -15.42 97.30
N LYS H 268 27.21 -15.70 98.43
CA LYS H 268 27.54 -14.63 99.37
C LYS H 268 29.04 -14.31 99.27
N PRO H 269 29.39 -13.12 98.75
CA PRO H 269 30.78 -12.75 98.47
C PRO H 269 31.47 -11.88 99.53
N VAL H 270 32.79 -11.98 99.46
CA VAL H 270 33.71 -11.26 100.30
C VAL H 270 34.77 -10.86 99.26
N TYR H 271 35.38 -9.69 99.38
CA TYR H 271 36.21 -9.15 98.30
C TYR H 271 37.68 -8.98 98.66
N MET H 272 38.56 -9.26 97.71
CA MET H 272 39.98 -8.97 97.83
C MET H 272 40.25 -7.60 97.23
N VAL H 273 40.91 -6.73 97.97
CA VAL H 273 41.11 -5.36 97.54
C VAL H 273 42.49 -5.21 96.92
N PRO H 274 42.56 -4.68 95.66
CA PRO H 274 43.85 -4.53 94.97
C PRO H 274 44.57 -3.24 95.35
N SER H 275 45.88 -3.20 95.13
CA SER H 275 46.63 -2.00 95.32
C SER H 275 46.37 -1.04 94.17
N ARG H 276 46.93 0.15 94.30
CA ARG H 276 46.90 1.09 93.23
C ARG H 276 48.02 2.10 93.38
N ASN H 277 48.33 2.82 92.30
CA ASN H 277 49.43 3.79 92.30
C ASN H 277 49.00 5.26 92.10
N ARG H 278 49.97 6.17 92.14
CA ARG H 278 49.77 7.63 92.07
C ARG H 278 49.02 8.08 90.82
N TYR H 279 49.07 7.24 89.80
CA TYR H 279 48.40 7.49 88.54
C TYR H 279 46.94 7.01 88.51
N GLY H 280 46.45 6.45 89.60
CA GLY H 280 45.10 5.89 89.57
C GLY H 280 44.99 4.55 88.84
N ILE H 281 46.13 3.93 88.51
CA ILE H 281 46.15 2.60 87.95
C ILE H 281 45.96 1.56 89.05
N ILE H 282 45.09 0.60 88.78
CA ILE H 282 44.89 -0.50 89.70
C ILE H 282 46.08 -1.47 89.57
N GLY H 283 46.62 -1.90 90.70
CA GLY H 283 47.71 -2.84 90.68
C GLY H 283 47.18 -4.16 91.16
N PRO H 284 48.08 -5.06 91.57
CA PRO H 284 47.59 -6.36 91.98
C PRO H 284 47.08 -6.35 93.43
N ILE H 285 46.26 -7.36 93.74
CA ILE H 285 46.02 -7.82 95.12
C ILE H 285 47.32 -8.39 95.70
N TYR H 286 47.68 -7.91 96.91
CA TYR H 286 48.93 -8.37 97.56
C TYR H 286 48.70 -9.72 98.21
N PRO H 287 49.78 -10.55 98.34
CA PRO H 287 49.68 -11.84 99.05
C PRO H 287 48.97 -11.72 100.38
N GLN H 288 49.22 -10.62 101.09
CA GLN H 288 48.55 -10.39 102.35
C GLN H 288 47.01 -10.53 102.22
N GLU H 289 46.43 -9.87 101.21
CA GLU H 289 44.98 -9.96 100.90
C GLU H 289 44.49 -11.37 100.59
N MET H 290 45.41 -12.28 100.25
CA MET H 290 45.09 -13.64 99.80
C MET H 290 45.28 -14.76 100.85
N GLN H 291 45.88 -14.43 102.01
CA GLN H 291 46.14 -15.41 103.06
C GLN H 291 44.85 -16.02 103.60
N PRO H 292 44.86 -17.33 103.92
CA PRO H 292 43.67 -17.98 104.46
C PRO H 292 43.04 -17.28 105.68
N GLU H 293 43.87 -16.75 106.57
CA GLU H 293 43.39 -16.14 107.81
C GLU H 293 42.78 -14.75 107.52
N THR H 294 43.36 -14.03 106.58
CA THR H 294 42.80 -12.77 106.11
C THR H 294 41.38 -12.97 105.53
N LEU H 295 41.23 -13.98 104.69
CA LEU H 295 39.94 -14.26 104.02
C LEU H 295 38.89 -14.82 104.99
N GLN H 296 39.33 -15.57 105.99
CA GLN H 296 38.38 -16.02 107.01
C GLN H 296 37.87 -14.88 107.88
N LYS H 297 38.74 -13.91 108.14
CA LYS H 297 38.37 -12.70 108.85
C LYS H 297 37.35 -11.87 108.03
N LYS H 298 37.55 -11.78 106.73
CA LYS H 298 36.58 -11.14 105.84
C LYS H 298 35.23 -11.82 105.94
N ILE H 299 35.23 -13.15 105.90
CA ILE H 299 34.03 -13.96 105.97
C ILE H 299 33.35 -13.82 107.33
N SER H 300 34.16 -13.73 108.38
CA SER H 300 33.68 -13.62 109.75
C SER H 300 33.04 -12.25 110.02
N GLU H 301 33.51 -11.22 109.34
CA GLU H 301 33.14 -9.87 109.65
C GLU H 301 32.10 -9.27 108.72
N SER H 302 31.86 -9.91 107.58
CA SER H 302 30.98 -9.37 106.56
C SER H 302 29.49 -9.59 106.85
N PRO H 303 28.66 -8.53 106.73
CA PRO H 303 27.21 -8.71 106.93
C PRO H 303 26.58 -9.79 106.03
N LEU H 304 27.16 -10.00 104.85
CA LEU H 304 26.63 -10.98 103.93
C LEU H 304 27.00 -12.43 104.29
N THR H 305 28.09 -12.60 105.03
CA THR H 305 28.62 -13.95 105.25
C THR H 305 28.77 -14.33 106.71
N LYS H 306 28.64 -13.35 107.61
CA LYS H 306 28.64 -13.51 109.08
C LYS H 306 28.18 -14.92 109.55
N ASP H 307 26.92 -15.24 109.26
CA ASP H 307 26.28 -16.47 109.73
C ASP H 307 26.84 -17.75 109.07
N LYS H 308 27.85 -17.59 108.25
CA LYS H 308 28.47 -18.72 107.55
C LYS H 308 29.96 -18.76 107.87
N ALA H 309 30.33 -18.02 108.93
CA ALA H 309 31.71 -18.01 109.42
C ALA H 309 32.28 -19.43 109.61
N GLY H 310 33.47 -19.67 109.06
CA GLY H 310 34.03 -21.00 109.08
C GLY H 310 33.81 -21.82 107.82
N GLN H 311 32.72 -21.54 107.09
CA GLN H 311 32.36 -22.33 105.88
C GLN H 311 33.44 -22.22 104.83
N LYS H 312 33.67 -23.32 104.13
CA LYS H 312 34.67 -23.32 103.06
C LYS H 312 34.09 -22.69 101.79
N PRO H 313 34.76 -21.64 101.26
CA PRO H 313 34.35 -21.04 99.99
C PRO H 313 34.41 -22.01 98.81
N SER H 314 33.43 -21.92 97.92
CA SER H 314 33.29 -22.85 96.83
C SER H 314 33.95 -22.30 95.57
N TYR H 315 34.39 -21.06 95.62
CA TYR H 315 34.93 -20.41 94.44
C TYR H 315 35.67 -19.17 94.82
N CYS H 316 36.69 -18.88 94.01
CA CYS H 316 37.51 -17.71 94.16
C CYS H 316 37.96 -17.25 92.78
N VAL H 317 37.84 -15.94 92.47
CA VAL H 317 38.26 -15.42 91.18
C VAL H 317 39.29 -14.30 91.31
N VAL H 318 40.26 -14.29 90.39
CA VAL H 318 41.20 -13.18 90.28
C VAL H 318 41.27 -12.76 88.82
N THR H 319 41.17 -11.46 88.56
CA THR H 319 41.41 -10.91 87.21
C THR H 319 42.91 -10.83 86.89
N ASN H 320 43.39 -11.63 85.94
CA ASN H 320 44.81 -11.64 85.54
C ASN H 320 44.92 -11.89 84.02
N CYS H 321 45.54 -10.99 83.26
CA CYS H 321 46.13 -9.77 83.76
C CYS H 321 45.05 -8.73 83.94
N THR H 322 45.43 -7.60 84.51
CA THR H 322 44.51 -6.50 84.65
C THR H 322 44.53 -5.68 83.35
N TYR H 323 43.71 -4.64 83.34
CA TYR H 323 43.46 -3.93 82.12
C TYR H 323 44.67 -3.13 81.68
N ASP H 324 45.44 -2.61 82.63
CA ASP H 324 46.65 -1.84 82.29
C ASP H 324 47.92 -2.71 82.16
N GLY H 325 47.74 -4.02 82.21
CA GLY H 325 48.80 -4.97 81.95
C GLY H 325 49.59 -5.45 83.16
N VAL H 326 48.95 -5.44 84.32
CA VAL H 326 49.60 -5.95 85.52
C VAL H 326 49.35 -7.44 85.51
N CYS H 327 50.42 -8.23 85.50
CA CYS H 327 50.33 -9.70 85.45
C CYS H 327 50.79 -10.28 86.78
N TYR H 328 49.97 -11.12 87.41
CA TYR H 328 50.30 -11.80 88.65
C TYR H 328 51.19 -13.02 88.40
N ASN H 329 52.05 -13.32 89.37
CA ASN H 329 52.69 -14.62 89.41
C ASN H 329 51.60 -15.58 89.90
N ALA H 330 51.01 -16.28 88.94
CA ALA H 330 49.78 -17.02 89.19
C ALA H 330 50.16 -18.33 89.85
N LYS H 331 51.44 -18.68 89.70
CA LYS H 331 51.99 -19.83 90.42
C LYS H 331 51.95 -19.57 91.93
N GLU H 332 52.39 -18.39 92.35
CA GLU H 332 52.32 -18.03 93.76
C GLU H 332 50.89 -17.76 94.26
N ALA H 333 50.08 -17.12 93.43
CA ALA H 333 48.71 -16.78 93.82
C ALA H 333 47.92 -18.05 94.02
N GLN H 334 48.01 -18.96 93.05
CA GLN H 334 47.33 -20.23 93.19
C GLN H 334 47.72 -20.85 94.52
N ASP H 335 49.02 -20.82 94.81
CA ASP H 335 49.52 -21.43 96.03
C ASP H 335 48.87 -20.91 97.30
N LEU H 336 48.65 -19.61 97.38
CA LEU H 336 47.95 -19.01 98.52
C LEU H 336 46.47 -19.36 98.54
N LEU H 337 45.81 -19.23 97.40
CA LEU H 337 44.36 -19.29 97.34
C LEU H 337 43.80 -20.69 97.47
N GLU H 338 44.57 -21.66 97.01
CA GLU H 338 44.14 -23.06 97.09
C GLU H 338 44.04 -23.56 98.55
N LYS H 339 44.63 -22.82 99.49
CA LYS H 339 44.48 -23.15 100.91
C LYS H 339 43.07 -22.82 101.41
N THR H 340 42.33 -22.00 100.65
CA THR H 340 40.98 -21.56 101.02
C THR H 340 39.89 -22.22 100.16
N SER H 341 40.17 -22.39 98.88
CA SER H 341 39.18 -22.85 97.93
C SER H 341 39.76 -23.87 96.98
N ASP H 342 38.98 -24.91 96.71
CA ASP H 342 39.37 -25.92 95.71
C ASP H 342 39.10 -25.49 94.28
N ARG H 343 38.30 -24.44 94.09
CA ARG H 343 38.10 -23.88 92.74
C ARG H 343 38.68 -22.50 92.55
N LEU H 344 39.65 -22.38 91.66
CA LEU H 344 40.19 -21.06 91.37
C LEU H 344 39.91 -20.69 89.93
N HIS H 345 39.42 -19.48 89.76
CA HIS H 345 39.15 -18.93 88.45
C HIS H 345 40.02 -17.72 88.17
N PHE H 346 40.90 -17.87 87.19
CA PHE H 346 41.67 -16.78 86.68
C PHE H 346 41.04 -16.18 85.45
N ASP H 347 40.54 -14.97 85.61
CA ASP H 347 39.84 -14.37 84.50
C ASP H 347 40.84 -13.69 83.58
N GLU H 348 41.31 -14.47 82.59
CA GLU H 348 42.41 -14.08 81.67
C GLU H 348 41.91 -13.52 80.31
N ALA H 349 40.74 -12.86 80.34
CA ALA H 349 40.08 -12.37 79.12
C ALA H 349 41.00 -11.55 78.23
N TRP H 350 41.82 -10.69 78.85
CA TRP H 350 42.68 -9.80 78.09
C TRP H 350 44.07 -10.40 77.77
N TYR H 351 44.20 -11.74 77.91
CA TYR H 351 45.49 -12.32 78.20
C TYR H 351 45.68 -13.73 77.61
N GLY H 352 44.96 -14.05 76.54
CA GLY H 352 44.95 -15.43 76.02
C GLY H 352 46.23 -15.92 75.40
N TYR H 353 47.12 -14.98 75.08
CA TYR H 353 48.36 -15.28 74.37
C TYR H 353 49.53 -15.67 75.29
N ALA H 354 49.33 -15.54 76.60
CA ALA H 354 50.44 -15.50 77.56
C ALA H 354 51.30 -16.77 77.55
N ARG H 355 50.61 -17.90 77.44
CA ARG H 355 51.24 -19.23 77.40
C ARG H 355 52.30 -19.42 76.32
N PHE H 356 52.23 -18.61 75.25
CA PHE H 356 53.01 -18.85 74.02
C PHE H 356 54.25 -17.96 73.95
N ASN H 357 54.51 -17.22 75.02
CA ASN H 357 55.78 -16.49 75.15
C ASN H 357 56.45 -16.71 76.49
N PRO H 358 57.79 -17.01 76.48
CA PRO H 358 58.53 -17.31 77.71
C PRO H 358 58.61 -16.10 78.62
N ILE H 359 58.38 -14.91 78.09
CA ILE H 359 58.41 -13.73 78.92
C ILE H 359 57.32 -13.67 79.99
N TYR H 360 56.21 -14.39 79.80
CA TYR H 360 55.14 -14.44 80.78
C TYR H 360 55.26 -15.68 81.70
N ALA H 361 56.32 -16.47 81.55
CA ALA H 361 56.54 -17.64 82.41
C ALA H 361 56.08 -17.42 83.83
N ASP H 362 55.23 -18.35 84.27
CA ASP H 362 54.70 -18.44 85.63
C ASP H 362 53.58 -17.45 85.94
N HIS H 363 53.25 -16.60 84.97
CA HIS H 363 52.30 -15.51 85.23
C HIS H 363 50.92 -15.67 84.59
N TYR H 364 50.52 -16.92 84.38
CA TYR H 364 49.19 -17.26 83.85
C TYR H 364 48.82 -18.64 84.40
N ALA H 365 47.57 -19.04 84.18
CA ALA H 365 47.06 -20.28 84.76
C ALA H 365 47.62 -21.56 84.17
N MET H 366 47.61 -21.71 82.85
CA MET H 366 47.90 -23.03 82.23
C MET H 366 49.39 -23.20 81.97
N ARG H 367 50.16 -23.38 83.04
CA ARG H 367 51.62 -23.49 82.99
C ARG H 367 52.05 -24.93 82.67
N GLY H 368 52.98 -25.07 81.72
CA GLY H 368 53.45 -26.39 81.26
C GLY H 368 52.30 -27.31 80.83
N GLU H 369 52.49 -28.61 81.05
CA GLU H 369 51.54 -29.58 80.58
C GLU H 369 50.51 -29.96 81.66
N PRO H 370 49.23 -30.15 81.28
CA PRO H 370 48.21 -30.55 82.23
C PRO H 370 48.35 -32.02 82.64
N GLY H 371 47.62 -32.44 83.67
CA GLY H 371 47.57 -33.86 84.05
C GLY H 371 47.77 -34.18 85.51
N ASP H 372 48.57 -33.37 86.20
CA ASP H 372 48.75 -33.48 87.66
C ASP H 372 47.48 -32.97 88.35
N HIS H 373 46.64 -33.90 88.82
CA HIS H 373 45.34 -33.52 89.38
C HIS H 373 45.40 -33.33 90.88
N ASN H 374 46.60 -33.44 91.45
CA ASN H 374 46.73 -33.15 92.88
C ASN H 374 46.96 -31.64 93.14
N GLY H 375 45.86 -30.91 93.21
CA GLY H 375 45.91 -29.47 93.31
C GLY H 375 44.50 -28.96 93.19
N PRO H 376 44.34 -27.64 93.19
CA PRO H 376 42.98 -27.08 93.07
C PRO H 376 42.45 -27.25 91.63
N THR H 377 41.12 -27.22 91.46
CA THR H 377 40.56 -27.16 90.12
C THR H 377 40.71 -25.72 89.67
N VAL H 378 41.20 -25.53 88.43
CA VAL H 378 41.48 -24.20 87.89
C VAL H 378 40.81 -23.95 86.53
N PHE H 379 40.13 -22.82 86.46
CA PHE H 379 39.48 -22.33 85.29
C PHE H 379 40.25 -21.13 84.83
N ALA H 380 40.49 -21.03 83.53
CA ALA H 380 40.97 -19.78 82.91
C ALA H 380 40.09 -19.45 81.72
N THR H 381 39.75 -18.17 81.57
CA THR H 381 38.80 -17.68 80.57
C THR H 381 39.47 -16.70 79.65
N HIS H 382 39.41 -16.95 78.35
CA HIS H 382 39.96 -16.01 77.38
C HIS H 382 38.87 -15.47 76.46
N SER H 383 38.87 -14.14 76.28
CA SER H 383 38.14 -13.55 75.17
C SER H 383 39.05 -13.63 73.98
N THR H 384 38.83 -14.64 73.14
CA THR H 384 39.74 -14.90 72.04
C THR H 384 39.75 -13.72 71.03
N HIS H 385 38.62 -13.02 70.93
CA HIS H 385 38.53 -11.82 70.12
C HIS H 385 39.32 -10.62 70.67
N LYS H 386 39.62 -10.65 71.96
CA LYS H 386 40.34 -9.51 72.55
C LYS H 386 41.78 -9.43 72.07
N LEU H 387 42.63 -10.35 72.48
CA LEU H 387 44.02 -10.26 72.08
C LEU H 387 44.57 -11.52 71.44
N LEU H 388 43.70 -12.52 71.22
CA LEU H 388 43.99 -13.54 70.23
C LEU H 388 43.38 -13.08 68.90
N ASN H 389 43.35 -13.93 67.89
CA ASN H 389 42.64 -13.58 66.64
C ASN H 389 41.33 -14.39 66.51
N ALA H 390 40.20 -13.68 66.57
CA ALA H 390 38.87 -14.29 66.52
C ALA H 390 37.84 -13.18 66.47
N LEU H 391 36.66 -13.55 65.99
CA LEU H 391 35.51 -12.61 65.96
C LEU H 391 34.95 -12.35 67.37
N SER H 392 34.44 -11.13 67.59
CA SER H 392 33.73 -10.78 68.82
C SER H 392 32.73 -11.86 69.18
N GLN H 393 32.69 -12.19 70.47
CA GLN H 393 31.86 -13.23 71.11
C GLN H 393 32.53 -14.60 71.22
N ALA H 394 33.62 -14.80 70.50
CA ALA H 394 34.43 -16.03 70.71
C ALA H 394 35.13 -15.99 72.07
N SER H 395 35.04 -17.11 72.79
CA SER H 395 35.62 -17.26 74.12
C SER H 395 35.91 -18.73 74.40
N TYR H 396 36.78 -18.98 75.39
CA TYR H 396 37.03 -20.34 75.93
C TYR H 396 37.02 -20.36 77.46
N ILE H 397 36.53 -21.47 78.01
CA ILE H 397 36.74 -21.84 79.38
C ILE H 397 37.74 -22.98 79.32
N HIS H 398 38.94 -22.76 79.90
CA HIS H 398 39.97 -23.78 79.99
C HIS H 398 40.01 -24.25 81.43
N VAL H 399 40.07 -25.57 81.59
CA VAL H 399 39.95 -26.23 82.89
C VAL H 399 41.10 -27.18 83.12
N ARG H 400 41.62 -27.16 84.35
CA ARG H 400 42.54 -28.19 84.85
C ARG H 400 41.87 -28.81 86.05
N GLU H 401 41.60 -30.11 85.96
CA GLU H 401 40.94 -30.82 87.05
C GLU H 401 41.83 -30.96 88.26
N GLY H 402 41.20 -30.80 89.42
CA GLY H 402 41.81 -31.13 90.68
C GLY H 402 40.76 -31.42 91.70
N ARG H 403 40.94 -30.86 92.90
CA ARG H 403 39.99 -31.09 93.97
C ARG H 403 38.69 -30.38 93.64
N GLY H 404 37.57 -31.03 93.93
CA GLY H 404 36.26 -30.47 93.65
C GLY H 404 35.99 -30.26 92.17
N ALA H 405 36.52 -31.15 91.33
CA ALA H 405 36.35 -31.09 89.88
C ALA H 405 34.87 -31.28 89.56
N ILE H 406 34.46 -30.73 88.42
CA ILE H 406 33.07 -30.82 87.96
C ILE H 406 33.04 -31.60 86.66
N ASN H 407 32.48 -32.80 86.69
CA ASN H 407 32.53 -33.68 85.51
C ASN H 407 31.70 -33.13 84.35
N PHE H 408 31.72 -33.83 83.22
CA PHE H 408 31.07 -33.33 82.01
C PHE H 408 29.56 -33.15 82.17
N SER H 409 28.86 -34.17 82.67
CA SER H 409 27.40 -34.10 82.87
C SER H 409 26.96 -32.95 83.75
N ARG H 410 27.76 -32.67 84.78
CA ARG H 410 27.44 -31.58 85.68
C ARG H 410 27.66 -30.23 85.03
N PHE H 411 28.83 -30.03 84.43
CA PHE H 411 29.24 -28.75 83.87
C PHE H 411 28.44 -28.36 82.61
N ASN H 412 28.15 -29.33 81.74
CA ASN H 412 27.36 -29.00 80.56
C ASN H 412 25.96 -28.42 80.82
N GLN H 413 25.38 -28.74 81.98
CA GLN H 413 24.12 -28.14 82.39
C GLN H 413 24.29 -26.64 82.66
N ALA H 414 25.45 -26.29 83.22
CA ALA H 414 25.84 -24.90 83.37
C ALA H 414 26.13 -24.28 82.00
N TYR H 415 26.87 -25.01 81.16
CA TYR H 415 27.13 -24.56 79.80
C TYR H 415 25.82 -24.16 79.07
N MET H 416 24.82 -25.02 79.18
CA MET H 416 23.64 -24.86 78.35
C MET H 416 22.78 -23.72 78.87
N MET H 417 22.83 -23.52 80.17
CA MET H 417 22.12 -22.45 80.86
C MET H 417 22.45 -21.10 80.26
N HIS H 418 23.65 -20.94 79.72
CA HIS H 418 24.09 -19.62 79.30
C HIS H 418 24.43 -19.59 77.80
N ALA H 419 24.05 -20.67 77.11
CA ALA H 419 24.30 -20.81 75.67
C ALA H 419 23.06 -20.37 74.88
N THR H 420 23.19 -20.29 73.56
CA THR H 420 22.04 -20.21 72.68
C THR H 420 21.98 -21.53 71.96
N THR H 421 20.77 -22.02 71.73
CA THR H 421 20.55 -23.21 70.93
C THR H 421 20.83 -22.99 69.41
N SER H 422 21.01 -21.75 68.97
CA SER H 422 21.32 -21.53 67.54
C SER H 422 22.59 -20.73 67.37
N PRO H 423 23.75 -21.38 67.66
CA PRO H 423 25.02 -20.65 67.57
C PRO H 423 25.41 -20.34 66.14
N LEU H 424 26.06 -19.18 65.94
CA LEU H 424 26.63 -18.78 64.66
C LEU H 424 27.97 -19.47 64.42
N TYR H 425 27.96 -20.43 63.50
CA TYR H 425 29.14 -21.24 63.23
C TYR H 425 30.35 -20.43 62.76
N ALA H 426 30.15 -19.24 62.21
CA ALA H 426 31.26 -18.38 61.84
C ALA H 426 32.09 -18.00 63.08
N ILE H 427 31.42 -17.76 64.21
CA ILE H 427 32.12 -17.46 65.47
C ILE H 427 33.00 -18.64 65.89
N CYS H 428 32.42 -19.84 65.82
CA CYS H 428 33.11 -21.07 66.20
C CYS H 428 34.29 -21.36 65.29
N ALA H 429 34.07 -21.20 63.98
CA ALA H 429 35.15 -21.25 63.00
C ALA H 429 36.32 -20.32 63.37
N SER H 430 36.03 -19.05 63.69
CA SER H 430 37.10 -18.12 64.08
C SER H 430 37.82 -18.54 65.38
N ASN H 431 37.10 -19.13 66.33
CA ASN H 431 37.66 -19.67 67.56
C ASN H 431 38.64 -20.84 67.32
N ASP H 432 38.37 -21.61 66.27
CA ASP H 432 39.18 -22.79 65.89
C ASP H 432 40.48 -22.33 65.21
N VAL H 433 40.38 -21.28 64.41
CA VAL H 433 41.52 -20.67 63.75
C VAL H 433 42.41 -19.92 64.73
N ALA H 434 41.80 -19.33 65.76
CA ALA H 434 42.54 -18.66 66.83
C ALA H 434 43.55 -19.63 67.46
N VAL H 435 43.09 -20.86 67.69
CA VAL H 435 43.88 -21.94 68.27
C VAL H 435 44.98 -22.36 67.28
N SER H 436 44.60 -22.55 66.04
CA SER H 436 45.54 -22.87 65.01
C SER H 436 46.72 -21.89 65.02
N MET H 437 46.45 -20.58 65.13
CA MET H 437 47.56 -19.60 65.02
C MET H 437 48.63 -19.67 66.14
N MET H 438 48.23 -20.20 67.27
CA MET H 438 49.08 -20.26 68.45
C MET H 438 49.74 -21.61 68.57
N ASP H 439 49.38 -22.53 67.68
CA ASP H 439 49.88 -23.89 67.71
C ASP H 439 51.31 -23.92 67.17
N GLY H 440 52.27 -24.41 67.94
CA GLY H 440 53.64 -24.64 67.45
C GLY H 440 54.46 -23.37 67.38
N ASN H 441 55.34 -23.29 66.38
CA ASN H 441 56.21 -22.16 66.19
C ASN H 441 55.53 -20.77 66.08
N SER H 442 54.37 -20.70 65.45
CA SER H 442 53.70 -19.41 65.18
C SER H 442 53.24 -18.65 66.45
N GLY H 443 52.89 -19.39 67.50
CA GLY H 443 52.52 -18.75 68.76
C GLY H 443 53.64 -17.90 69.32
N LEU H 444 54.87 -18.43 69.26
CA LEU H 444 56.03 -17.74 69.77
C LEU H 444 56.30 -16.54 68.87
N SER H 445 56.31 -16.82 67.59
CA SER H 445 56.67 -15.85 66.60
C SER H 445 55.69 -14.69 66.62
N LEU H 446 54.40 -15.01 66.76
CA LEU H 446 53.39 -13.96 66.72
C LEU H 446 53.42 -13.07 67.96
N THR H 447 53.50 -13.72 69.13
CA THR H 447 53.64 -13.00 70.40
C THR H 447 54.97 -12.24 70.48
N GLN H 448 56.07 -12.84 70.02
CA GLN H 448 57.34 -12.09 70.02
C GLN H 448 57.26 -10.78 69.22
N GLU H 449 56.56 -10.80 68.09
CA GLU H 449 56.39 -9.59 67.26
C GLU H 449 55.69 -8.46 68.03
N VAL H 450 54.65 -8.79 68.79
CA VAL H 450 53.82 -7.77 69.43
C VAL H 450 54.68 -7.10 70.49
N ILE H 451 55.42 -7.94 71.22
CA ILE H 451 56.38 -7.48 72.18
C ILE H 451 57.43 -6.59 71.51
N ASP H 452 57.96 -7.06 70.37
CA ASP H 452 59.06 -6.33 69.71
C ASP H 452 58.58 -4.95 69.27
N GLU H 453 57.34 -4.87 68.79
CA GLU H 453 56.76 -3.59 68.38
C GLU H 453 56.52 -2.67 69.58
N ALA H 454 55.92 -3.22 70.64
CA ALA H 454 55.65 -2.48 71.86
C ALA H 454 56.95 -1.88 72.47
N VAL H 455 58.02 -2.66 72.46
CA VAL H 455 59.28 -2.21 73.04
C VAL H 455 59.95 -1.14 72.19
N ASP H 456 59.89 -1.32 70.87
CA ASP H 456 60.37 -0.28 69.94
C ASP H 456 59.68 1.06 70.20
N PHE H 457 58.37 1.03 70.35
CA PHE H 457 57.61 2.20 70.74
C PHE H 457 58.08 2.75 72.10
N ARG H 458 58.07 1.88 73.12
CA ARG H 458 58.58 2.28 74.45
C ARG H 458 59.99 2.92 74.41
N GLN H 459 60.93 2.30 73.72
CA GLN H 459 62.30 2.83 73.69
C GLN H 459 62.38 4.13 72.94
N ALA H 460 61.58 4.28 71.89
CA ALA H 460 61.57 5.52 71.12
C ALA H 460 61.08 6.67 72.01
N MET H 461 59.99 6.43 72.75
CA MET H 461 59.47 7.45 73.66
C MET H 461 60.50 7.78 74.76
N ALA H 462 61.14 6.75 75.31
CA ALA H 462 62.10 6.95 76.38
C ALA H 462 63.28 7.78 75.91
N ARG H 463 63.73 7.56 74.68
CA ARG H 463 64.84 8.29 74.09
C ARG H 463 64.51 9.77 73.90
N LEU H 464 63.33 10.03 73.34
CA LEU H 464 62.81 11.36 73.13
C LEU H 464 62.58 12.08 74.44
N TYR H 465 62.05 11.36 75.42
CA TYR H 465 61.89 11.90 76.75
C TYR H 465 63.25 12.40 77.28
N LYS H 466 64.30 11.57 77.20
CA LYS H 466 65.64 12.01 77.60
C LYS H 466 66.13 13.20 76.80
N GLU H 467 65.92 13.18 75.50
CA GLU H 467 66.39 14.24 74.64
C GLU H 467 65.71 15.58 74.98
N PHE H 468 64.38 15.59 75.06
CA PHE H 468 63.62 16.79 75.47
C PHE H 468 64.01 17.32 76.86
N THR H 469 64.13 16.41 77.84
CA THR H 469 64.52 16.74 79.20
C THR H 469 65.90 17.44 79.23
N ALA H 470 66.86 16.86 78.49
CA ALA H 470 68.18 17.42 78.40
C ALA H 470 68.14 18.83 77.80
N ASP H 471 67.11 19.13 77.00
CA ASP H 471 66.90 20.50 76.49
C ASP H 471 66.08 21.41 77.42
N GLY H 472 65.67 20.90 78.58
CA GLY H 472 64.79 21.66 79.46
C GLY H 472 63.41 21.87 78.88
N SER H 473 62.90 20.86 78.17
CA SER H 473 61.55 20.88 77.65
C SER H 473 60.84 19.61 78.15
N TRP H 474 59.52 19.64 78.27
CA TRP H 474 58.76 18.51 78.77
C TRP H 474 58.54 17.47 77.66
N PHE H 475 58.20 16.24 78.03
CA PHE H 475 57.72 15.29 77.05
C PHE H 475 57.01 14.16 77.77
N PHE H 476 56.30 13.31 77.01
CA PHE H 476 55.66 12.11 77.52
C PHE H 476 56.74 11.07 77.78
N LYS H 477 56.41 10.09 78.60
CA LYS H 477 57.31 8.95 78.82
C LYS H 477 56.53 7.66 79.00
N PRO H 478 57.14 6.51 78.64
CA PRO H 478 56.48 5.23 78.78
C PRO H 478 56.46 4.78 80.24
N TRP H 479 55.43 4.07 80.63
CA TRP H 479 55.36 3.59 81.97
C TRP H 479 55.96 2.19 81.96
N ASN H 480 57.25 2.12 82.32
CA ASN H 480 58.02 0.87 82.44
C ASN H 480 59.27 1.11 83.33
N LYS H 481 60.11 0.09 83.55
CA LYS H 481 61.34 0.30 84.35
C LYS H 481 62.15 1.39 83.74
N GLU H 482 62.77 2.18 84.61
CA GLU H 482 63.70 3.22 84.21
C GLU H 482 65.10 2.62 83.95
N VAL H 483 65.49 1.66 84.78
CA VAL H 483 66.84 1.09 84.74
C VAL H 483 66.72 -0.41 84.82
N VAL H 484 67.45 -1.06 83.95
CA VAL H 484 67.28 -2.48 83.66
C VAL H 484 68.62 -3.25 83.79
N THR H 485 68.56 -4.52 84.20
CA THR H 485 69.78 -5.33 84.36
C THR H 485 69.80 -6.60 83.51
N ASP H 486 70.92 -6.81 82.80
CA ASP H 486 71.22 -8.05 82.09
C ASP H 486 71.69 -9.11 83.08
N PRO H 487 70.88 -10.16 83.32
CA PRO H 487 71.22 -11.07 84.41
C PRO H 487 72.39 -12.00 84.04
N GLN H 488 72.84 -11.92 82.79
CA GLN H 488 73.94 -12.73 82.29
C GLN H 488 75.25 -12.10 82.65
N THR H 489 75.25 -10.77 82.74
CA THR H 489 76.46 -10.02 82.99
C THR H 489 76.41 -9.28 84.35
N GLY H 490 75.21 -8.99 84.84
CA GLY H 490 75.00 -8.12 86.01
C GLY H 490 75.07 -6.65 85.62
N LYS H 491 75.34 -6.39 84.33
CA LYS H 491 75.41 -5.05 83.77
C LYS H 491 74.03 -4.34 83.72
N THR H 492 74.08 -3.01 83.93
CA THR H 492 72.91 -2.15 84.14
C THR H 492 72.74 -1.20 82.96
N TYR H 493 71.48 -0.92 82.58
CA TYR H 493 71.19 0.02 81.50
C TYR H 493 69.96 0.88 81.79
N ASP H 494 70.01 2.14 81.33
CA ASP H 494 68.83 2.97 81.14
C ASP H 494 67.91 2.23 80.18
N PHE H 495 66.61 2.25 80.44
CA PHE H 495 65.66 1.59 79.56
C PHE H 495 65.91 2.02 78.11
N ALA H 496 66.19 3.30 77.93
CA ALA H 496 66.44 3.91 76.61
C ALA H 496 67.72 3.41 75.92
N ASP H 497 68.74 3.06 76.70
CA ASP H 497 70.03 2.58 76.17
C ASP H 497 70.04 1.05 76.08
N ALA H 498 69.15 0.38 76.81
CA ALA H 498 69.17 -1.09 76.90
C ALA H 498 69.16 -1.75 75.52
N PRO H 499 69.89 -2.88 75.40
CA PRO H 499 69.79 -3.66 74.15
C PRO H 499 68.36 -4.19 74.02
N THR H 500 67.70 -3.94 72.89
CA THR H 500 66.31 -4.38 72.73
C THR H 500 66.11 -5.86 73.07
N LYS H 501 67.02 -6.72 72.63
CA LYS H 501 66.90 -8.15 72.92
C LYS H 501 66.79 -8.44 74.42
N LEU H 502 67.48 -7.64 75.24
CA LEU H 502 67.32 -7.70 76.68
C LEU H 502 65.86 -7.41 77.09
N LEU H 503 65.34 -6.26 76.64
CA LEU H 503 63.98 -5.85 76.98
C LEU H 503 62.91 -6.83 76.47
N THR H 504 63.17 -7.48 75.35
CA THR H 504 62.11 -8.26 74.69
C THR H 504 62.17 -9.72 74.98
N THR H 505 63.16 -10.14 75.77
CA THR H 505 63.26 -11.58 76.09
C THR H 505 63.42 -11.86 77.56
N VAL H 506 63.82 -10.86 78.34
CA VAL H 506 64.11 -11.08 79.75
C VAL H 506 63.02 -10.56 80.71
N GLN H 507 62.37 -11.49 81.39
CA GLN H 507 61.27 -11.20 82.28
C GLN H 507 61.61 -10.19 83.37
N ASP H 508 62.78 -10.31 84.02
CA ASP H 508 63.11 -9.43 85.17
C ASP H 508 63.03 -7.97 84.79
N CYS H 509 63.12 -7.68 83.50
CA CYS H 509 63.05 -6.30 82.98
C CYS H 509 61.65 -5.71 83.18
N TRP H 510 60.68 -6.58 83.47
CA TRP H 510 59.27 -6.22 83.53
C TRP H 510 58.76 -6.44 84.93
N VAL H 511 59.57 -7.06 85.78
CA VAL H 511 59.10 -7.45 87.11
C VAL H 511 59.03 -6.22 88.02
N MET H 512 57.99 -6.15 88.84
CA MET H 512 57.84 -5.01 89.75
C MET H 512 58.57 -5.26 91.07
N HIS H 513 59.74 -4.64 91.26
CA HIS H 513 60.56 -4.90 92.47
C HIS H 513 60.21 -3.95 93.60
N PRO H 514 60.23 -4.46 94.85
CA PRO H 514 60.02 -3.58 96.02
C PRO H 514 60.88 -2.30 95.92
N GLY H 515 60.28 -1.17 96.29
CA GLY H 515 60.97 0.11 96.29
C GLY H 515 61.01 0.86 94.96
N GLU H 516 60.97 0.13 93.84
CA GLU H 516 61.08 0.77 92.52
C GLU H 516 59.93 1.77 92.33
N SER H 517 60.27 3.02 92.10
CA SER H 517 59.27 4.07 92.05
C SER H 517 58.51 4.11 90.70
N TRP H 518 59.01 3.45 89.65
CA TRP H 518 58.33 3.51 88.34
C TRP H 518 56.89 2.95 88.39
N HIS H 519 56.71 1.83 89.08
CA HIS H 519 55.42 1.18 89.08
C HIS H 519 54.50 1.73 90.16
N GLY H 520 55.10 2.25 91.23
CA GLY H 520 54.39 2.99 92.27
C GLY H 520 53.46 2.19 93.16
N PHE H 521 53.52 0.86 93.08
CA PHE H 521 52.80 0.04 94.05
C PHE H 521 53.62 -0.16 95.33
N LYS H 522 53.29 0.67 96.31
CA LYS H 522 54.00 0.73 97.57
C LYS H 522 53.94 -0.58 98.33
N ASP H 523 55.10 -1.04 98.78
CA ASP H 523 55.19 -2.21 99.66
C ASP H 523 54.89 -3.52 98.96
N ILE H 524 54.98 -3.53 97.63
CA ILE H 524 54.76 -4.77 96.87
C ILE H 524 55.86 -5.77 97.21
N PRO H 525 55.49 -7.05 97.48
CA PRO H 525 56.53 -8.06 97.68
C PRO H 525 57.17 -8.39 96.35
N ASP H 526 58.36 -9.00 96.40
CA ASP H 526 59.08 -9.33 95.19
C ASP H 526 58.50 -10.57 94.50
N ASN H 527 58.79 -10.72 93.22
CA ASN H 527 58.38 -11.90 92.46
C ASN H 527 56.83 -12.15 92.54
N TRP H 528 56.08 -11.05 92.54
CA TRP H 528 54.62 -11.11 92.67
C TRP H 528 53.90 -10.68 91.39
N SER H 529 54.41 -9.65 90.76
CA SER H 529 53.81 -9.18 89.53
C SER H 529 54.82 -8.54 88.57
N MET H 530 54.43 -8.53 87.29
CA MET H 530 55.16 -7.89 86.25
C MET H 530 54.24 -7.03 85.36
N LEU H 531 54.86 -6.17 84.55
CA LEU H 531 54.13 -5.40 83.56
C LEU H 531 54.22 -6.13 82.19
N ASP H 532 53.11 -6.17 81.46
CA ASP H 532 52.99 -6.81 80.15
C ASP H 532 53.51 -5.83 79.13
N PRO H 533 54.61 -6.16 78.43
CA PRO H 533 55.21 -5.22 77.50
C PRO H 533 54.26 -4.64 76.45
N ILE H 534 53.21 -5.40 76.08
CA ILE H 534 52.30 -5.02 74.99
C ILE H 534 51.18 -4.02 75.35
N LYS H 535 50.95 -3.82 76.65
CA LYS H 535 49.96 -2.85 77.13
C LYS H 535 50.69 -1.56 77.40
N VAL H 536 50.86 -0.72 76.38
CA VAL H 536 51.73 0.46 76.53
C VAL H 536 51.08 1.75 77.07
N SER H 537 51.35 2.05 78.34
CA SER H 537 50.98 3.34 78.90
C SER H 537 52.07 4.41 78.73
N ILE H 538 51.64 5.57 78.27
CA ILE H 538 52.44 6.76 78.09
C ILE H 538 51.94 7.76 79.15
N LEU H 539 52.88 8.53 79.71
CA LEU H 539 52.61 9.31 80.90
C LEU H 539 52.86 10.76 80.61
N ALA H 540 51.82 11.56 80.75
CA ALA H 540 51.93 12.98 80.60
C ALA H 540 52.59 13.53 81.87
N PRO H 541 53.37 14.63 81.75
CA PRO H 541 53.97 15.23 82.93
C PRO H 541 52.96 15.86 83.92
N GLY H 542 53.34 15.88 85.20
CA GLY H 542 52.53 16.53 86.23
C GLY H 542 52.36 15.82 87.56
N MET H 543 52.43 14.48 87.53
CA MET H 543 52.39 13.71 88.78
C MET H 543 53.79 13.53 89.36
N GLY H 544 54.03 14.10 90.54
CA GLY H 544 55.30 13.89 91.24
C GLY H 544 55.44 12.46 91.72
N GLU H 545 56.67 11.99 91.88
CA GLU H 545 56.91 10.61 92.29
C GLU H 545 56.45 10.33 93.69
N ASP H 546 56.32 11.37 94.51
CA ASP H 546 55.74 11.26 95.87
C ASP H 546 54.21 11.20 95.88
N GLY H 547 53.58 11.22 94.71
CA GLY H 547 52.13 11.14 94.63
C GLY H 547 51.39 12.46 94.79
N GLU H 548 52.11 13.57 94.70
CA GLU H 548 51.54 14.91 94.74
C GLU H 548 51.73 15.50 93.37
N LEU H 549 50.78 16.31 92.92
CA LEU H 549 50.94 17.04 91.68
C LEU H 549 52.01 18.09 91.80
N GLU H 550 52.74 18.28 90.71
CA GLU H 550 53.79 19.28 90.58
C GLU H 550 53.23 20.68 90.24
N GLU H 551 54.12 21.67 90.18
CA GLU H 551 53.73 23.07 89.97
C GLU H 551 53.01 23.22 88.65
N THR H 552 53.43 22.42 87.65
CA THR H 552 52.83 22.43 86.30
C THR H 552 52.73 21.03 85.71
N GLY H 553 51.89 20.87 84.69
CA GLY H 553 51.73 19.60 84.02
C GLY H 553 50.87 19.68 82.78
N VAL H 554 50.74 18.55 82.06
CA VAL H 554 49.95 18.48 80.84
C VAL H 554 48.84 17.44 81.03
N PRO H 555 47.57 17.85 80.92
CA PRO H 555 46.47 16.89 81.17
C PRO H 555 46.20 15.92 80.03
N ALA H 556 46.14 14.63 80.33
CA ALA H 556 45.93 13.60 79.31
C ALA H 556 44.63 13.80 78.50
N ALA H 557 43.60 14.38 79.12
CA ALA H 557 42.31 14.58 78.45
C ALA H 557 42.48 15.37 77.14
N LEU H 558 43.31 16.39 77.20
CA LEU H 558 43.68 17.19 76.05
C LEU H 558 44.45 16.42 74.96
N VAL H 559 45.28 15.47 75.39
CA VAL H 559 46.08 14.70 74.47
C VAL H 559 45.19 13.68 73.72
N THR H 560 44.37 12.98 74.48
CA THR H 560 43.35 12.14 73.90
C THR H 560 42.48 12.88 72.87
N ALA H 561 42.01 14.08 73.23
CA ALA H 561 41.22 14.88 72.31
C ALA H 561 41.96 15.11 70.99
N TRP H 562 43.22 15.54 71.08
CA TRP H 562 44.09 15.73 69.91
C TRP H 562 44.28 14.43 69.15
N LEU H 563 44.50 13.34 69.88
CA LEU H 563 44.68 12.01 69.26
C LEU H 563 43.46 11.60 68.44
N GLY H 564 42.28 11.72 69.05
CA GLY H 564 41.01 11.41 68.41
C GLY H 564 40.75 12.25 67.17
N ARG H 565 41.23 13.49 67.17
CA ARG H 565 41.10 14.38 66.02
C ARG H 565 41.98 13.96 64.85
N HIS H 566 42.80 12.96 65.10
CA HIS H 566 43.73 12.46 64.10
C HIS H 566 43.41 11.01 63.81
N GLY H 567 42.38 10.51 64.49
CA GLY H 567 41.86 9.20 64.22
C GLY H 567 42.77 8.18 64.83
N ILE H 568 42.95 8.29 66.15
CA ILE H 568 43.74 7.39 66.98
C ILE H 568 42.99 7.42 68.29
N VAL H 569 42.54 6.27 68.75
CA VAL H 569 41.83 6.20 70.01
C VAL H 569 42.57 5.22 70.91
N PRO H 570 43.10 5.70 72.06
CA PRO H 570 43.65 4.85 73.10
C PRO H 570 42.54 4.10 73.76
N THR H 571 42.82 2.90 74.28
CA THR H 571 41.77 2.13 74.98
C THR H 571 41.38 2.78 76.30
N ARG H 572 42.24 3.67 76.77
CA ARG H 572 42.07 4.25 78.10
C ARG H 572 42.85 5.55 78.22
N THR H 573 42.21 6.54 78.84
CA THR H 573 42.82 7.83 79.12
C THR H 573 42.42 8.21 80.51
N THR H 574 43.41 8.54 81.37
CA THR H 574 43.13 9.04 82.74
C THR H 574 43.62 10.48 83.03
N ASP H 575 43.99 10.83 84.26
CA ASP H 575 44.43 12.22 84.47
C ASP H 575 45.74 12.49 83.72
N PHE H 576 46.65 11.52 83.78
CA PHE H 576 47.98 11.64 83.17
C PHE H 576 48.45 10.44 82.37
N GLN H 577 47.65 9.38 82.29
CA GLN H 577 48.04 8.19 81.56
C GLN H 577 47.13 7.96 80.37
N ILE H 578 47.73 7.56 79.25
CA ILE H 578 47.05 7.15 78.04
C ILE H 578 47.61 5.78 77.69
N MET H 579 46.74 4.82 77.40
CA MET H 579 47.18 3.46 77.16
C MET H 579 46.90 2.99 75.73
N PHE H 580 47.93 2.46 75.07
CA PHE H 580 47.80 1.95 73.70
C PHE H 580 47.94 0.44 73.67
N LEU H 581 46.95 -0.19 73.08
CA LEU H 581 46.93 -1.62 72.94
C LEU H 581 47.72 -2.05 71.67
N PHE H 582 48.76 -2.85 71.87
CA PHE H 582 49.47 -3.50 70.79
C PHE H 582 48.91 -4.90 70.68
N SER H 583 48.68 -5.40 69.47
CA SER H 583 48.17 -6.78 69.29
C SER H 583 48.75 -7.45 68.05
N MET H 584 48.39 -8.71 67.85
CA MET H 584 48.84 -9.47 66.70
C MET H 584 48.32 -8.92 65.39
N GLY H 585 47.35 -8.00 65.46
CA GLY H 585 46.82 -7.36 64.26
C GLY H 585 47.54 -6.09 63.86
N VAL H 586 48.45 -5.61 64.72
CA VAL H 586 49.14 -4.34 64.43
C VAL H 586 50.22 -4.66 63.40
N THR H 587 50.51 -3.72 62.51
CA THR H 587 51.56 -3.96 61.53
C THR H 587 52.78 -3.18 61.95
N ARG H 588 53.94 -3.55 61.40
CA ARG H 588 55.23 -3.11 61.90
C ARG H 588 55.49 -1.65 61.61
N GLY H 589 55.92 -0.90 62.62
CA GLY H 589 56.27 0.52 62.45
C GLY H 589 55.09 1.44 62.61
N LYS H 590 53.90 0.84 62.76
CA LYS H 590 52.67 1.63 62.86
C LYS H 590 52.68 2.54 64.07
N TRP H 591 53.32 2.11 65.16
CA TRP H 591 53.52 2.98 66.33
C TRP H 591 54.16 4.32 65.98
N GLY H 592 54.88 4.39 64.84
CA GLY H 592 55.50 5.63 64.40
C GLY H 592 54.51 6.80 64.29
N THR H 593 53.26 6.46 64.02
CA THR H 593 52.28 7.49 63.82
C THR H 593 51.81 8.09 65.17
N LEU H 594 51.88 7.29 66.24
CA LEU H 594 51.66 7.77 67.61
C LEU H 594 52.70 8.82 68.02
N VAL H 595 53.98 8.55 67.73
CA VAL H 595 55.07 9.45 68.09
C VAL H 595 54.90 10.74 67.31
N ASN H 596 54.51 10.61 66.05
CA ASN H 596 54.29 11.77 65.20
C ASN H 596 53.18 12.69 65.75
N THR H 597 52.06 12.09 66.14
CA THR H 597 50.91 12.84 66.69
C THR H 597 51.12 13.40 68.12
N LEU H 598 51.85 12.66 68.97
CA LEU H 598 52.27 13.21 70.26
C LEU H 598 53.22 14.40 70.09
N CYS H 599 54.16 14.27 69.14
CA CYS H 599 55.07 15.38 68.82
C CYS H 599 54.40 16.64 68.32
N SER H 600 53.40 16.48 67.48
CA SER H 600 52.69 17.64 66.95
C SER H 600 51.82 18.27 68.06
N PHE H 601 51.32 17.45 68.98
CA PHE H 601 50.66 17.98 70.17
C PHE H 601 51.58 18.90 70.95
N LYS H 602 52.78 18.39 71.25
CA LYS H 602 53.83 19.13 71.92
C LYS H 602 54.16 20.42 71.18
N ARG H 603 54.14 20.36 69.84
CA ARG H 603 54.47 21.53 69.03
C ARG H 603 53.38 22.60 69.20
N HIS H 604 52.12 22.18 69.17
CA HIS H 604 50.99 23.11 69.40
C HIS H 604 50.88 23.59 70.83
N TYR H 605 51.08 22.69 71.80
CA TYR H 605 51.05 23.08 73.20
C TYR H 605 52.01 24.21 73.46
N ASP H 606 53.23 24.10 72.93
CA ASP H 606 54.29 25.04 73.27
C ASP H 606 54.08 26.36 72.59
N ALA H 607 53.37 26.33 71.47
CA ALA H 607 53.06 27.51 70.71
C ALA H 607 51.74 28.12 71.18
N ASN H 608 51.02 27.38 72.03
CA ASN H 608 49.72 27.80 72.57
C ASN H 608 48.72 28.09 71.46
N THR H 609 48.69 27.23 70.47
CA THR H 609 47.83 27.43 69.30
C THR H 609 46.39 27.65 69.74
N PRO H 610 45.73 28.70 69.20
CA PRO H 610 44.31 28.90 69.46
C PRO H 610 43.47 27.62 69.36
N LEU H 611 42.53 27.45 70.28
CA LEU H 611 41.63 26.32 70.26
C LEU H 611 40.73 26.26 69.02
N ALA H 612 40.46 27.44 68.45
CA ALA H 612 39.66 27.54 67.23
C ALA H 612 40.33 26.77 66.09
N GLN H 613 41.66 26.74 66.08
CA GLN H 613 42.43 26.08 65.03
C GLN H 613 42.66 24.61 65.32
N VAL H 614 43.06 24.27 66.55
CA VAL H 614 43.41 22.87 66.86
C VAL H 614 42.26 22.02 67.40
N MET H 615 41.22 22.69 67.90
CA MET H 615 40.04 21.97 68.37
C MET H 615 38.77 22.70 67.95
N PRO H 616 38.54 22.80 66.62
CA PRO H 616 37.44 23.63 66.13
C PRO H 616 36.05 23.13 66.56
N GLU H 617 35.88 21.80 66.65
CA GLU H 617 34.58 21.20 66.94
C GLU H 617 34.14 21.53 68.38
N LEU H 618 35.12 21.48 69.28
CA LEU H 618 34.94 21.75 70.69
C LEU H 618 34.51 23.18 70.87
N VAL H 619 35.15 24.08 70.13
CA VAL H 619 34.89 25.51 70.22
C VAL H 619 33.53 25.81 69.59
N GLU H 620 33.23 25.11 68.50
CA GLU H 620 31.93 25.28 67.87
C GLU H 620 30.83 24.84 68.83
N GLN H 621 31.05 23.70 69.50
CA GLN H 621 30.09 23.16 70.46
C GLN H 621 29.97 23.99 71.73
N TYR H 622 31.07 24.58 72.21
CA TYR H 622 31.05 25.32 73.48
C TYR H 622 31.78 26.66 73.40
N PRO H 623 31.33 27.55 72.49
CA PRO H 623 32.07 28.77 72.16
C PRO H 623 32.19 29.72 73.33
N ASP H 624 31.34 29.56 74.34
CA ASP H 624 31.38 30.42 75.52
C ASP H 624 32.54 30.09 76.45
N THR H 625 32.78 28.80 76.68
CA THR H 625 33.87 28.37 77.57
C THR H 625 35.26 28.51 76.95
N TYR H 626 35.37 28.25 75.66
CA TYR H 626 36.67 28.13 75.00
C TYR H 626 36.90 29.24 73.95
N ALA H 627 36.21 30.36 74.13
CA ALA H 627 36.44 31.55 73.31
C ALA H 627 37.83 32.14 73.62
N ASN H 628 38.57 32.49 72.56
CA ASN H 628 39.83 33.26 72.67
C ASN H 628 40.90 32.64 73.59
N MET H 629 40.91 31.32 73.65
CA MET H 629 41.81 30.54 74.49
C MET H 629 42.72 29.70 73.60
N GLY H 630 43.99 29.62 73.99
CA GLY H 630 44.91 28.65 73.36
C GLY H 630 44.89 27.28 74.06
N ILE H 631 45.45 26.27 73.40
CA ILE H 631 45.50 24.91 73.97
C ILE H 631 46.35 24.82 75.25
N HIS H 632 47.39 25.63 75.33
CA HIS H 632 48.21 25.69 76.53
C HIS H 632 47.46 26.39 77.70
N ASP H 633 46.72 27.46 77.38
CA ASP H 633 45.84 28.11 78.37
C ASP H 633 44.87 27.09 78.99
N LEU H 634 44.21 26.31 78.14
CA LEU H 634 43.28 25.31 78.59
C LEU H 634 43.97 24.24 79.44
N GLY H 635 45.15 23.81 79.02
CA GLY H 635 45.89 22.79 79.78
C GLY H 635 46.30 23.27 81.17
N ASP H 636 46.80 24.51 81.23
CA ASP H 636 47.12 25.16 82.49
C ASP H 636 45.91 25.22 83.43
N THR H 637 44.76 25.57 82.86
CA THR H 637 43.50 25.65 83.63
C THR H 637 43.08 24.26 84.12
N MET H 638 43.00 23.31 83.20
CA MET H 638 42.69 21.94 83.61
C MET H 638 43.66 21.45 84.68
N PHE H 639 44.95 21.80 84.57
CA PHE H 639 45.96 21.32 85.52
C PHE H 639 45.79 21.95 86.90
N ALA H 640 45.61 23.27 86.93
CA ALA H 640 45.36 23.99 88.18
C ALA H 640 44.13 23.43 88.91
N TRP H 641 43.12 23.05 88.14
CA TRP H 641 41.92 22.46 88.67
C TRP H 641 42.24 21.11 89.33
N LEU H 642 43.05 20.29 88.65
CA LEU H 642 43.45 18.99 89.22
C LEU H 642 44.27 19.18 90.49
N LYS H 643 45.22 20.11 90.43
CA LYS H 643 46.06 20.36 91.56
C LYS H 643 45.23 20.82 92.76
N GLU H 644 44.30 21.74 92.53
CA GLU H 644 43.48 22.29 93.62
C GLU H 644 42.42 21.32 94.14
N ASN H 645 41.81 20.55 93.24
CA ASN H 645 40.65 19.73 93.61
C ASN H 645 40.99 18.31 93.99
N ASN H 646 42.19 17.88 93.59
CA ASN H 646 42.80 16.62 94.03
C ASN H 646 41.87 15.41 93.90
N PRO H 647 41.44 15.11 92.67
CA PRO H 647 40.63 13.90 92.48
C PRO H 647 41.38 12.58 92.84
N GLY H 648 42.71 12.57 92.68
CA GLY H 648 43.53 11.39 93.02
C GLY H 648 43.35 10.96 94.47
N ALA H 649 43.40 11.93 95.40
CA ALA H 649 43.13 11.67 96.82
C ALA H 649 41.72 11.11 97.05
N ARG H 650 40.76 11.65 96.30
CA ARG H 650 39.36 11.29 96.42
C ARG H 650 39.18 9.90 95.90
N LEU H 651 39.86 9.61 94.81
CA LEU H 651 39.79 8.29 94.23
C LEU H 651 40.32 7.27 95.24
N ASN H 652 41.49 7.54 95.80
CA ASN H 652 42.06 6.66 96.81
C ASN H 652 41.16 6.42 98.01
N GLU H 653 40.58 7.50 98.53
CA GLU H 653 39.64 7.40 99.63
C GLU H 653 38.39 6.59 99.25
N ALA H 654 37.91 6.71 98.00
CA ALA H 654 36.75 5.92 97.56
C ALA H 654 37.02 4.42 97.50
N TYR H 655 38.29 4.07 97.27
CA TYR H 655 38.69 2.67 97.02
C TYR H 655 39.46 2.01 98.19
N SER H 656 39.87 2.84 99.14
CA SER H 656 40.53 2.39 100.38
C SER H 656 39.69 1.45 101.19
N GLY H 657 38.65 1.98 101.84
CA GLY H 657 37.65 1.15 102.51
C GLY H 657 36.47 0.84 101.58
N LEU H 658 36.12 -0.44 101.52
CA LEU H 658 34.96 -0.93 100.78
C LEU H 658 33.68 -0.42 101.43
N PRO H 659 32.71 0.00 100.60
CA PRO H 659 31.36 0.28 101.08
C PRO H 659 30.72 -0.93 101.77
N VAL H 660 29.88 -0.66 102.77
CA VAL H 660 29.21 -1.72 103.52
C VAL H 660 28.13 -2.41 102.66
N ALA H 661 28.22 -3.73 102.59
CA ALA H 661 27.23 -4.54 101.90
C ALA H 661 26.02 -4.75 102.78
N GLU H 662 24.92 -4.11 102.43
CA GLU H 662 23.69 -4.25 103.16
C GLU H 662 22.96 -5.54 102.77
N VAL H 663 22.84 -5.79 101.45
CA VAL H 663 22.21 -7.00 100.90
C VAL H 663 23.13 -7.57 99.84
N THR H 664 22.92 -8.83 99.46
CA THR H 664 23.69 -9.42 98.34
C THR H 664 23.31 -8.78 97.01
N PRO H 665 24.22 -8.84 96.03
CA PRO H 665 23.88 -8.37 94.69
C PRO H 665 22.58 -8.97 94.16
N ARG H 666 22.29 -10.24 94.47
CA ARG H 666 21.04 -10.82 93.98
C ARG H 666 19.82 -10.15 94.59
N GLU H 667 19.82 -10.00 95.91
CA GLU H 667 18.75 -9.29 96.64
C GLU H 667 18.52 -7.88 96.11
N ALA H 668 19.60 -7.17 95.84
CA ALA H 668 19.47 -5.83 95.31
C ALA H 668 18.88 -5.84 93.87
N TYR H 669 19.36 -6.76 93.03
CA TYR H 669 18.77 -6.95 91.71
C TYR H 669 17.24 -7.26 91.81
N ASN H 670 16.87 -8.12 92.76
CA ASN H 670 15.46 -8.46 92.95
C ASN H 670 14.57 -7.27 93.29
N ALA H 671 15.15 -6.26 93.91
CA ALA H 671 14.41 -5.02 94.18
C ALA H 671 14.02 -4.32 92.88
N ILE H 672 14.83 -4.48 91.83
CA ILE H 672 14.48 -3.93 90.51
C ILE H 672 13.22 -4.65 90.00
N VAL H 673 13.32 -5.97 90.01
CA VAL H 673 12.20 -6.85 89.68
C VAL H 673 10.90 -6.53 90.43
N ASP H 674 10.99 -6.22 91.73
CA ASP H 674 9.82 -5.92 92.54
C ASP H 674 9.31 -4.50 92.32
N ASN H 675 9.97 -3.78 91.41
CA ASN H 675 9.60 -2.39 91.13
C ASN H 675 9.83 -1.52 92.37
N ASN H 676 10.91 -1.83 93.09
CA ASN H 676 11.20 -1.19 94.36
C ASN H 676 12.52 -0.39 94.32
N VAL H 677 12.76 0.25 93.19
CA VAL H 677 13.94 1.10 93.02
C VAL H 677 13.53 2.44 92.49
N GLU H 678 14.46 3.38 92.50
CA GLU H 678 14.20 4.75 92.04
C GLU H 678 15.53 5.47 91.75
N LEU H 679 15.47 6.47 90.87
CA LEU H 679 16.66 7.20 90.49
C LEU H 679 16.90 8.26 91.52
N VAL H 680 18.08 8.24 92.14
CA VAL H 680 18.37 9.14 93.25
C VAL H 680 19.48 10.03 92.79
N SER H 681 19.28 11.33 92.98
CA SER H 681 20.25 12.36 92.66
C SER H 681 21.47 12.27 93.60
N ILE H 682 22.62 12.77 93.12
CA ILE H 682 23.92 12.61 93.82
C ILE H 682 23.96 13.08 95.30
N GLU H 683 23.33 14.22 95.62
CA GLU H 683 23.39 14.77 96.97
C GLU H 683 22.49 14.01 97.93
N ASN H 684 21.66 13.14 97.36
CA ASN H 684 20.72 12.33 98.13
C ASN H 684 21.14 10.88 98.19
N LEU H 685 22.28 10.60 97.60
CA LEU H 685 22.83 9.26 97.60
C LEU H 685 23.24 8.75 98.99
N PRO H 686 23.78 9.63 99.88
CA PRO H 686 24.19 9.13 101.22
C PRO H 686 23.06 8.37 101.91
N GLY H 687 23.39 7.19 102.43
CA GLY H 687 22.41 6.40 103.17
C GLY H 687 21.71 5.38 102.31
N ARG H 688 21.88 5.48 100.99
CA ARG H 688 21.18 4.58 100.04
C ARG H 688 21.94 3.34 99.61
N ILE H 689 21.17 2.33 99.22
CA ILE H 689 21.68 1.07 98.77
C ILE H 689 21.60 1.13 97.25
N ALA H 690 22.73 0.84 96.59
CA ALA H 690 22.80 0.85 95.12
C ALA H 690 22.03 -0.32 94.51
N ALA H 691 21.20 -0.06 93.50
CA ALA H 691 20.43 -1.09 92.82
C ALA H 691 21.22 -1.69 91.63
N ASN H 692 22.36 -1.08 91.30
CA ASN H 692 23.27 -1.62 90.29
C ASN H 692 24.67 -1.19 90.62
N SER H 693 25.66 -1.70 89.90
CA SER H 693 27.04 -1.36 90.23
C SER H 693 27.39 0.02 89.72
N VAL H 694 28.37 0.66 90.36
CA VAL H 694 28.82 1.99 89.95
C VAL H 694 30.32 1.86 89.65
N ILE H 695 30.72 2.23 88.45
CA ILE H 695 32.09 1.94 87.96
C ILE H 695 32.58 3.18 87.25
N PRO H 696 33.26 4.05 88.00
CA PRO H 696 33.82 5.24 87.37
C PRO H 696 35.16 4.99 86.64
N TYR H 697 35.42 5.84 85.64
CA TYR H 697 36.60 5.78 84.81
C TYR H 697 37.27 7.13 84.97
N PRO H 698 38.41 7.19 85.66
CA PRO H 698 39.12 6.09 86.32
C PRO H 698 38.52 5.72 87.67
N PRO H 699 38.98 4.60 88.31
CA PRO H 699 39.98 3.62 87.85
C PRO H 699 39.37 2.41 87.09
N GLY H 700 38.09 2.47 86.73
CA GLY H 700 37.52 1.45 85.87
C GLY H 700 37.33 0.11 86.53
N ILE H 701 37.18 0.11 87.85
CA ILE H 701 36.77 -1.09 88.55
C ILE H 701 35.60 -0.63 89.45
N PRO H 702 34.70 -1.56 89.85
CA PRO H 702 33.53 -1.16 90.63
C PRO H 702 33.91 -0.39 91.89
N MET H 703 33.35 0.80 92.05
CA MET H 703 33.43 1.54 93.29
C MET H 703 32.37 1.01 94.24
N LEU H 704 31.18 0.72 93.71
CA LEU H 704 30.14 -0.04 94.44
C LEU H 704 29.62 -1.17 93.57
N LEU H 705 29.20 -2.27 94.20
CA LEU H 705 28.39 -3.27 93.54
C LEU H 705 26.94 -3.16 94.06
N SER H 706 26.00 -3.87 93.42
CA SER H 706 24.60 -3.87 93.85
C SER H 706 24.49 -4.37 95.26
N GLY H 707 23.68 -3.69 96.08
CA GLY H 707 23.50 -4.11 97.47
C GLY H 707 24.27 -3.31 98.52
N GLU H 708 25.32 -2.62 98.08
CA GLU H 708 26.21 -1.83 98.92
C GLU H 708 25.62 -0.46 99.17
N ASN H 709 25.86 0.04 100.38
CA ASN H 709 25.43 1.37 100.81
C ASN H 709 26.44 2.46 100.42
N PHE H 710 25.94 3.59 99.96
CA PHE H 710 26.82 4.72 99.69
C PHE H 710 27.57 5.24 100.92
N GLY H 711 27.01 5.02 102.11
CA GLY H 711 27.62 5.45 103.37
C GLY H 711 26.94 6.70 103.92
N ASP H 712 27.50 7.25 105.01
CA ASP H 712 26.96 8.47 105.61
C ASP H 712 27.26 9.67 104.71
N LYS H 713 26.95 10.85 105.23
CA LYS H 713 27.18 12.09 104.51
C LYS H 713 28.66 12.37 104.21
N ASN H 714 29.56 11.71 104.93
CA ASN H 714 31.00 11.84 104.69
C ASN H 714 31.48 10.84 103.66
N SER H 715 30.56 10.02 103.15
CA SER H 715 30.91 8.99 102.16
C SER H 715 31.95 9.50 101.17
N PRO H 716 33.12 8.85 101.14
CA PRO H 716 34.14 9.14 100.12
C PRO H 716 33.75 8.66 98.70
N GLN H 717 32.90 7.63 98.59
CA GLN H 717 32.36 7.22 97.29
C GLN H 717 31.51 8.34 96.64
N VAL H 718 30.57 8.88 97.39
CA VAL H 718 29.76 10.01 96.93
C VAL H 718 30.67 11.22 96.66
N SER H 719 31.64 11.45 97.54
CA SER H 719 32.59 12.53 97.32
C SER H 719 33.35 12.43 95.98
N TYR H 720 33.68 11.20 95.60
CA TYR H 720 34.43 10.96 94.38
C TYR H 720 33.51 11.22 93.16
N LEU H 721 32.27 10.77 93.24
CA LEU H 721 31.31 11.08 92.19
C LEU H 721 31.24 12.60 92.04
N ARG H 722 31.23 13.33 93.17
CA ARG H 722 31.18 14.79 93.16
C ARG H 722 32.35 15.38 92.41
N SER H 723 33.50 14.74 92.56
CA SER H 723 34.73 15.15 91.90
C SER H 723 34.63 14.97 90.39
N LEU H 724 34.17 13.80 89.95
CA LEU H 724 33.97 13.52 88.52
C LEU H 724 33.01 14.52 87.91
N GLN H 725 31.86 14.71 88.56
CA GLN H 725 30.84 15.62 88.09
C GLN H 725 31.32 17.05 88.03
N SER H 726 32.14 17.43 89.00
CA SER H 726 32.62 18.80 89.07
C SER H 726 33.58 19.09 87.90
N TRP H 727 34.50 18.17 87.63
CA TRP H 727 35.34 18.25 86.43
C TRP H 727 34.47 18.44 85.18
N ASP H 728 33.45 17.58 85.02
CA ASP H 728 32.56 17.59 83.85
C ASP H 728 31.96 18.96 83.59
N HIS H 729 31.44 19.58 84.66
CA HIS H 729 30.81 20.88 84.59
C HIS H 729 31.81 21.97 84.27
N HIS H 730 33.05 21.83 84.78
CA HIS H 730 34.06 22.87 84.53
C HIS H 730 34.65 22.72 83.13
N PHE H 731 34.68 21.48 82.61
CA PHE H 731 35.24 21.21 81.27
C PHE H 731 34.32 20.48 80.29
N PRO H 732 33.29 21.18 79.80
CA PRO H 732 32.36 20.58 78.83
C PRO H 732 33.11 20.05 77.59
N GLY H 733 32.72 18.87 77.11
CA GLY H 733 33.42 18.21 76.02
C GLY H 733 34.40 17.17 76.56
N PHE H 734 34.77 17.32 77.83
CA PHE H 734 35.74 16.40 78.44
C PHE H 734 35.13 15.52 79.55
N GLU H 735 33.86 15.19 79.41
CA GLU H 735 33.11 14.47 80.44
C GLU H 735 33.69 13.09 80.73
N HIS H 736 33.65 12.67 82.00
CA HIS H 736 33.88 11.26 82.37
C HIS H 736 32.71 10.34 82.00
N GLU H 737 33.00 9.06 81.86
CA GLU H 737 31.96 8.04 81.88
C GLU H 737 32.04 7.28 83.20
N THR H 738 30.87 7.00 83.76
CA THR H 738 30.72 6.17 84.94
C THR H 738 29.59 5.19 84.67
N GLU H 739 29.90 3.92 84.43
CA GLU H 739 28.84 2.96 84.30
C GLU H 739 28.00 2.81 85.59
N GLY H 740 26.69 2.70 85.38
CA GLY H 740 25.70 2.59 86.48
C GLY H 740 25.07 3.90 86.89
N THR H 741 25.47 5.00 86.24
CA THR H 741 24.87 6.29 86.51
C THR H 741 23.92 6.70 85.40
N GLU H 742 23.09 7.68 85.68
CA GLU H 742 22.36 8.38 84.63
C GLU H 742 22.59 9.84 84.86
N ILE H 743 22.85 10.58 83.78
CA ILE H 743 23.14 11.98 83.91
C ILE H 743 21.94 12.78 83.44
N ILE H 744 21.34 13.54 84.34
CA ILE H 744 20.10 14.25 84.05
C ILE H 744 20.29 15.73 84.30
N ASP H 745 20.27 16.52 83.21
CA ASP H 745 20.66 17.94 83.23
C ASP H 745 22.05 18.15 83.86
N GLY H 746 22.97 17.26 83.49
CA GLY H 746 24.33 17.29 84.01
C GLY H 746 24.53 16.89 85.47
N ILE H 747 23.50 16.33 86.12
CA ILE H 747 23.66 15.85 87.49
C ILE H 747 23.60 14.32 87.52
N TYR H 748 24.59 13.73 88.18
CA TYR H 748 24.71 12.28 88.34
C TYR H 748 23.58 11.70 89.17
N HIS H 749 22.98 10.62 88.68
CA HIS H 749 21.97 9.87 89.41
C HIS H 749 22.36 8.41 89.35
N VAL H 750 21.96 7.65 90.37
CA VAL H 750 22.13 6.19 90.41
C VAL H 750 20.81 5.60 90.89
N MET H 751 20.39 4.49 90.29
CA MET H 751 19.20 3.71 90.73
C MET H 751 19.50 3.07 92.10
N CYS H 752 18.64 3.37 93.08
CA CYS H 752 18.79 2.84 94.45
C CYS H 752 17.52 2.12 94.90
N VAL H 753 17.66 1.22 95.87
CA VAL H 753 16.51 0.56 96.48
C VAL H 753 15.68 1.62 97.19
N LYS H 754 14.35 1.54 97.08
CA LYS H 754 13.49 2.47 97.77
C LYS H 754 13.66 2.32 99.27
N ALA H 755 13.57 3.46 99.96
CA ALA H 755 13.62 3.52 101.41
C ALA H 755 12.41 2.82 102.00
N MET I 1 45.67 10.12 43.50
CA MET I 1 46.73 9.95 44.53
C MET I 1 48.04 9.59 43.84
N LYS I 2 49.08 10.34 44.14
CA LYS I 2 50.35 10.18 43.48
C LYS I 2 51.49 10.10 44.49
N VAL I 3 52.33 9.09 44.34
CA VAL I 3 53.51 8.88 45.18
C VAL I 3 54.80 9.04 44.38
N LEU I 4 55.75 9.75 44.97
CA LEU I 4 57.13 9.69 44.50
C LEU I 4 57.90 8.72 45.40
N ILE I 5 58.44 7.67 44.79
CA ILE I 5 59.36 6.79 45.48
C ILE I 5 60.78 7.08 45.01
N VAL I 6 61.65 7.45 45.95
CA VAL I 6 63.04 7.70 45.67
C VAL I 6 63.90 6.56 46.24
N GLU I 7 64.54 5.81 45.35
CA GLU I 7 65.46 4.74 45.70
C GLU I 7 66.87 5.28 45.80
N SER I 8 67.41 5.36 47.01
CA SER I 8 68.79 5.77 47.24
C SER I 8 69.80 5.01 46.35
N GLU I 9 70.71 5.77 45.74
CA GLU I 9 71.76 5.18 44.92
C GLU I 9 72.85 4.57 45.81
N PHE I 10 72.74 4.80 47.12
CA PHE I 10 73.66 4.17 48.08
C PHE I 10 73.26 2.73 48.41
N LEU I 11 72.18 2.26 47.79
CA LEU I 11 71.69 0.90 48.00
C LEU I 11 71.38 0.15 46.70
N HIS I 12 71.78 0.69 45.54
CA HIS I 12 71.57 -0.02 44.27
C HIS I 12 72.27 -1.38 44.28
N GLN I 13 73.39 -1.45 45.00
CA GLN I 13 74.15 -2.69 45.17
C GLN I 13 73.40 -3.77 45.97
N ASP I 14 72.51 -3.37 46.88
CA ASP I 14 71.66 -4.32 47.60
C ASP I 14 70.40 -4.55 46.79
N THR I 15 70.49 -5.44 45.81
CA THR I 15 69.44 -5.55 44.78
C THR I 15 68.07 -5.96 45.36
N TRP I 16 68.08 -6.62 46.52
CA TRP I 16 66.84 -7.06 47.17
C TRP I 16 66.01 -5.89 47.73
N VAL I 17 66.68 -4.78 48.06
CA VAL I 17 65.97 -3.53 48.39
C VAL I 17 65.12 -3.05 47.22
N GLY I 18 65.70 -3.03 46.02
CA GLY I 18 64.98 -2.75 44.78
C GLY I 18 63.80 -3.66 44.54
N ASN I 19 64.00 -4.96 44.75
CA ASN I 19 62.91 -5.95 44.67
C ASN I 19 61.77 -5.63 45.63
N ALA I 20 62.10 -5.27 46.87
CA ALA I 20 61.10 -4.96 47.89
C ALA I 20 60.33 -3.70 47.52
N VAL I 21 61.06 -2.71 47.01
CA VAL I 21 60.43 -1.47 46.53
C VAL I 21 59.45 -1.72 45.36
N GLU I 22 59.83 -2.57 44.42
CA GLU I 22 58.95 -2.96 43.31
C GLU I 22 57.68 -3.67 43.79
N ARG I 23 57.80 -4.52 44.82
CA ARG I 23 56.60 -5.12 45.40
C ARG I 23 55.71 -4.04 46.02
N LEU I 24 56.32 -3.06 46.66
CA LEU I 24 55.54 -1.98 47.21
C LEU I 24 54.87 -1.18 46.10
N ALA I 25 55.64 -0.80 45.09
CA ALA I 25 55.09 -0.05 43.95
C ALA I 25 53.93 -0.78 43.28
N ASP I 26 54.04 -2.10 43.16
CA ASP I 26 52.95 -2.90 42.60
C ASP I 26 51.72 -2.81 43.49
N ALA I 27 51.88 -2.96 44.81
CA ALA I 27 50.77 -2.95 45.76
C ALA I 27 50.03 -1.61 45.76
N LEU I 28 50.78 -0.54 45.53
CA LEU I 28 50.21 0.79 45.41
C LEU I 28 49.36 0.93 44.13
N SER I 29 49.87 0.46 43.00
CA SER I 29 49.11 0.43 41.72
C SER I 29 47.81 -0.35 41.84
N GLN I 30 47.83 -1.40 42.65
CA GLN I 30 46.65 -2.22 42.87
C GLN I 30 45.54 -1.45 43.61
N GLN I 31 45.92 -0.41 44.34
CA GLN I 31 44.99 0.47 45.01
C GLN I 31 44.83 1.77 44.20
N ASN I 32 45.06 1.64 42.90
CA ASN I 32 45.04 2.74 41.90
C ASN I 32 45.71 4.07 42.31
N VAL I 33 46.87 3.95 42.93
CA VAL I 33 47.79 5.06 43.16
C VAL I 33 48.75 5.14 41.97
N THR I 34 49.07 6.36 41.55
CA THR I 34 50.08 6.65 40.53
C THR I 34 51.44 6.76 41.22
N VAL I 35 52.41 6.01 40.73
CA VAL I 35 53.74 5.93 41.30
C VAL I 35 54.75 6.56 40.36
N ILE I 36 55.45 7.59 40.82
CA ILE I 36 56.63 8.06 40.09
C ILE I 36 57.84 7.39 40.72
N LYS I 37 58.66 6.74 39.90
CA LYS I 37 59.84 6.03 40.40
C LYS I 37 61.09 6.86 40.10
N SER I 38 61.95 6.99 41.10
CA SER I 38 63.19 7.73 40.95
C SER I 38 64.33 6.86 41.46
N THR I 39 65.46 6.87 40.77
CA THR I 39 66.60 6.03 41.14
C THR I 39 67.76 6.78 41.73
N SER I 40 67.60 8.08 42.02
CA SER I 40 68.64 8.85 42.70
C SER I 40 68.07 10.05 43.40
N PHE I 41 68.71 10.51 44.48
CA PHE I 41 68.32 11.76 45.13
C PHE I 41 68.32 12.97 44.19
N ASP I 42 69.32 13.07 43.31
CA ASP I 42 69.36 14.14 42.32
C ASP I 42 68.14 14.14 41.39
N ASP I 43 67.68 12.95 41.02
CA ASP I 43 66.50 12.85 40.19
C ASP I 43 65.32 13.30 41.04
N GLY I 44 65.30 12.82 42.28
CA GLY I 44 64.29 13.26 43.24
C GLY I 44 64.24 14.77 43.39
N PHE I 45 65.40 15.39 43.65
CA PHE I 45 65.51 16.83 43.90
C PHE I 45 64.86 17.57 42.70
N ALA I 46 65.21 17.11 41.50
CA ALA I 46 64.74 17.70 40.25
C ALA I 46 63.21 17.53 40.06
N ILE I 47 62.66 16.36 40.32
CA ILE I 47 61.22 16.20 40.22
C ILE I 47 60.55 17.20 41.18
N LEU I 48 61.11 17.30 42.39
CA LEU I 48 60.55 18.19 43.41
C LEU I 48 60.77 19.67 43.11
N SER I 49 61.66 20.00 42.18
CA SER I 49 61.83 21.40 41.81
C SER I 49 60.93 21.81 40.63
N SER I 50 60.10 20.89 40.15
CA SER I 50 59.04 21.22 39.17
C SER I 50 57.72 21.38 39.92
N ASN I 51 56.67 21.83 39.23
CA ASN I 51 55.36 22.04 39.89
C ASN I 51 54.57 20.73 40.10
N GLU I 52 55.31 19.63 40.19
CA GLU I 52 54.77 18.28 40.32
C GLU I 52 54.21 18.10 41.70
N ALA I 53 52.91 17.82 41.78
CA ALA I 53 52.23 17.69 43.05
C ALA I 53 52.18 16.22 43.49
N ILE I 54 52.74 15.92 44.64
CA ILE I 54 52.67 14.55 45.11
C ILE I 54 51.93 14.49 46.43
N ASP I 55 51.33 13.35 46.73
CA ASP I 55 50.55 13.17 47.95
C ASP I 55 51.32 12.44 49.03
N CYS I 56 52.48 11.90 48.66
CA CYS I 56 53.33 11.15 49.58
C CYS I 56 54.71 10.98 48.95
N LEU I 57 55.75 11.21 49.74
CA LEU I 57 57.12 10.90 49.33
C LEU I 57 57.60 9.70 50.13
N MET I 58 58.13 8.70 49.43
CA MET I 58 58.76 7.56 50.07
C MET I 58 60.19 7.49 49.59
N PHE I 59 61.11 7.11 50.49
CA PHE I 59 62.52 6.95 50.15
C PHE I 59 63.21 5.84 50.95
N SER I 60 64.17 5.18 50.29
CA SER I 60 65.08 4.25 50.93
C SER I 60 66.34 5.02 51.38
N TYR I 61 67.06 4.46 52.34
CA TYR I 61 68.07 5.21 53.07
C TYR I 61 69.06 4.22 53.73
N GLN I 62 70.28 4.17 53.16
CA GLN I 62 71.36 3.35 53.72
C GLN I 62 71.78 3.79 55.14
N MET I 63 71.93 5.10 55.35
CA MET I 63 72.25 5.68 56.65
C MET I 63 73.72 5.54 57.12
N GLU I 64 74.66 5.45 56.18
CA GLU I 64 76.09 5.34 56.56
C GLU I 64 76.93 6.53 56.12
N HIS I 65 76.74 6.99 54.89
CA HIS I 65 77.60 8.01 54.32
C HIS I 65 77.07 9.42 54.56
N PRO I 66 77.94 10.34 55.02
CA PRO I 66 77.55 11.75 55.20
C PRO I 66 76.84 12.39 54.02
N ASP I 67 77.24 12.04 52.80
CA ASP I 67 76.62 12.58 51.58
C ASP I 67 75.16 12.15 51.45
N GLU I 68 74.86 10.94 51.91
CA GLU I 68 73.48 10.40 51.86
C GLU I 68 72.60 11.10 52.88
N HIS I 69 73.11 11.29 54.10
CA HIS I 69 72.40 12.02 55.14
C HIS I 69 72.02 13.40 54.63
N GLN I 70 72.94 13.99 53.85
CA GLN I 70 72.74 15.33 53.36
C GLN I 70 71.72 15.36 52.22
N ASN I 71 71.84 14.44 51.28
CA ASN I 71 70.88 14.27 50.24
C ASN I 71 69.45 14.20 50.77
N VAL I 72 69.27 13.48 51.88
CA VAL I 72 67.98 13.27 52.51
C VAL I 72 67.43 14.59 53.08
N ARG I 73 68.24 15.30 53.88
CA ARG I 73 67.82 16.60 54.40
C ARG I 73 67.36 17.53 53.27
N GLN I 74 68.19 17.60 52.22
CA GLN I 74 68.00 18.46 51.06
C GLN I 74 66.74 18.07 50.27
N LEU I 75 66.48 16.76 50.17
CA LEU I 75 65.31 16.24 49.46
C LEU I 75 64.02 16.62 50.19
N ILE I 76 64.01 16.45 51.52
CA ILE I 76 62.82 16.73 52.28
C ILE I 76 62.60 18.25 52.47
N GLY I 77 63.70 18.97 52.70
CA GLY I 77 63.72 20.44 52.64
C GLY I 77 63.04 20.95 51.37
N LYS I 78 63.38 20.36 50.22
CA LYS I 78 62.85 20.82 48.95
C LYS I 78 61.35 20.54 48.83
N LEU I 79 60.94 19.32 49.20
CA LEU I 79 59.54 18.93 49.20
C LEU I 79 58.67 19.93 49.96
N HIS I 80 59.17 20.34 51.11
CA HIS I 80 58.40 21.11 52.06
C HIS I 80 58.45 22.61 51.83
N GLU I 81 59.18 23.06 50.81
CA GLU I 81 59.14 24.45 50.38
C GLU I 81 57.73 24.77 49.93
N ARG I 82 57.22 23.97 48.99
CA ARG I 82 55.92 24.24 48.40
C ARG I 82 54.90 23.12 48.58
N GLN I 83 55.31 22.03 49.24
CA GLN I 83 54.45 20.87 49.51
C GLN I 83 54.60 20.47 50.98
N GLN I 84 54.47 21.48 51.81
CA GLN I 84 54.78 21.46 53.23
C GLN I 84 54.13 20.32 54.08
N ASN I 85 52.89 19.95 53.80
CA ASN I 85 52.28 18.91 54.64
C ASN I 85 52.26 17.49 54.04
N VAL I 86 52.98 17.29 52.94
CA VAL I 86 53.09 15.97 52.32
C VAL I 86 53.74 14.98 53.30
N PRO I 87 53.05 13.86 53.55
CA PRO I 87 53.59 12.83 54.45
C PRO I 87 54.82 12.13 53.83
N VAL I 88 55.84 11.91 54.65
CA VAL I 88 57.12 11.32 54.21
C VAL I 88 57.23 9.96 54.88
N PHE I 89 57.41 8.93 54.07
CA PHE I 89 57.61 7.58 54.57
C PHE I 89 59.07 7.20 54.36
N LEU I 90 59.72 6.73 55.43
CA LEU I 90 61.00 6.07 55.31
C LEU I 90 60.81 4.58 55.08
N LEU I 91 61.30 4.11 53.93
CA LEU I 91 61.38 2.67 53.61
C LEU I 91 62.77 2.24 54.07
N GLY I 92 62.88 1.88 55.32
CA GLY I 92 64.19 1.78 55.94
C GLY I 92 64.52 0.46 56.58
N ASP I 93 65.70 0.46 57.21
CA ASP I 93 66.23 -0.63 58.01
C ASP I 93 65.80 -0.35 59.42
N ARG I 94 65.00 -1.25 60.02
CA ARG I 94 64.54 -1.02 61.40
C ARG I 94 65.70 -0.61 62.35
N GLU I 95 66.76 -1.41 62.36
CA GLU I 95 67.84 -1.26 63.31
C GLU I 95 68.57 0.04 63.18
N LYS I 96 68.87 0.44 61.95
CA LYS I 96 69.59 1.67 61.70
C LYS I 96 68.77 2.91 61.99
N ALA I 97 67.51 2.86 61.55
CA ALA I 97 66.57 3.95 61.73
C ALA I 97 66.30 4.15 63.21
N LEU I 98 66.09 3.03 63.92
CA LEU I 98 65.80 3.14 65.33
C LEU I 98 67.01 3.62 66.15
N ALA I 99 68.22 3.24 65.73
CA ALA I 99 69.44 3.75 66.37
C ALA I 99 69.58 5.26 66.12
N ALA I 100 69.07 5.76 64.99
CA ALA I 100 69.18 7.20 64.64
C ALA I 100 68.01 8.06 65.14
N MET I 101 67.05 7.42 65.81
CA MET I 101 65.84 8.07 66.33
C MET I 101 66.13 9.29 67.23
N ASP I 102 65.74 10.46 66.77
CA ASP I 102 65.80 11.66 67.60
C ASP I 102 64.89 12.70 66.99
N ARG I 103 64.91 13.91 67.54
CA ARG I 103 64.02 14.93 67.02
C ARG I 103 64.32 15.28 65.60
N ASP I 104 65.59 15.23 65.19
CA ASP I 104 65.96 15.55 63.82
C ASP I 104 65.40 14.56 62.81
N LEU I 105 65.51 13.27 63.12
CA LEU I 105 64.91 12.24 62.28
C LEU I 105 63.39 12.43 62.14
N LEU I 106 62.73 12.71 63.25
CA LEU I 106 61.29 12.84 63.30
C LEU I 106 60.72 14.07 62.59
N GLU I 107 61.52 15.10 62.41
CA GLU I 107 61.10 16.26 61.64
C GLU I 107 61.22 15.99 60.15
N LEU I 108 62.12 15.09 59.80
CA LEU I 108 62.28 14.64 58.42
C LEU I 108 61.21 13.59 58.00
N VAL I 109 60.89 12.67 58.91
CA VAL I 109 60.16 11.46 58.54
C VAL I 109 58.87 11.32 59.33
N ASP I 110 57.76 11.11 58.63
CA ASP I 110 56.47 10.95 59.30
C ASP I 110 56.15 9.50 59.67
N GLU I 111 56.47 8.60 58.76
CA GLU I 111 56.04 7.23 58.92
C GLU I 111 57.21 6.34 58.61
N PHE I 112 57.31 5.26 59.37
CA PHE I 112 58.40 4.31 59.21
C PHE I 112 57.86 3.05 58.63
N ALA I 113 58.49 2.59 57.56
CA ALA I 113 58.14 1.33 56.96
C ALA I 113 59.41 0.46 56.86
N TRP I 114 59.37 -0.70 57.51
CA TRP I 114 60.53 -1.57 57.50
C TRP I 114 60.49 -2.44 56.22
N ILE I 115 61.05 -1.90 55.15
CA ILE I 115 60.83 -2.40 53.80
C ILE I 115 61.18 -3.89 53.58
N LEU I 116 62.12 -4.42 54.35
CA LEU I 116 62.52 -5.82 54.16
C LEU I 116 61.82 -6.75 55.12
N GLU I 117 60.93 -6.19 55.93
CA GLU I 117 60.31 -6.95 57.02
C GLU I 117 58.81 -6.93 57.04
N ASP I 118 58.19 -6.28 56.08
CA ASP I 118 56.78 -6.03 56.17
C ASP I 118 56.06 -6.53 54.90
N THR I 119 54.74 -6.62 54.94
CA THR I 119 53.94 -6.92 53.75
C THR I 119 53.71 -5.66 52.95
N ALA I 120 54.02 -5.71 51.64
CA ALA I 120 53.79 -4.56 50.74
C ALA I 120 52.36 -3.97 50.84
N ASP I 121 51.33 -4.81 50.92
CA ASP I 121 49.95 -4.30 51.09
C ASP I 121 49.76 -3.53 52.39
N PHE I 122 50.42 -3.93 53.47
CA PHE I 122 50.22 -3.20 54.72
C PHE I 122 50.78 -1.78 54.57
N ILE I 123 51.97 -1.64 53.99
CA ILE I 123 52.61 -0.35 53.81
C ILE I 123 51.80 0.49 52.83
N ALA I 124 51.40 -0.11 51.72
CA ALA I 124 50.53 0.55 50.74
C ALA I 124 49.24 1.10 51.40
N GLY I 125 48.66 0.32 52.31
CA GLY I 125 47.46 0.74 53.05
C GLY I 125 47.69 1.96 53.92
N ARG I 126 48.81 1.99 54.62
CA ARG I 126 49.14 3.11 55.47
C ARG I 126 49.39 4.36 54.62
N ALA I 127 50.06 4.18 53.48
CA ALA I 127 50.33 5.26 52.55
C ALA I 127 49.03 5.86 52.01
N VAL I 128 48.10 5.01 51.58
CA VAL I 128 46.77 5.48 51.13
C VAL I 128 46.01 6.26 52.21
N ALA I 129 46.04 5.81 53.47
CA ALA I 129 45.42 6.60 54.57
C ALA I 129 46.07 7.98 54.76
N ALA I 130 47.39 8.01 54.68
CA ALA I 130 48.13 9.26 54.90
C ALA I 130 47.83 10.23 53.78
N MET I 131 47.83 9.72 52.54
CA MET I 131 47.47 10.56 51.37
C MET I 131 46.03 11.07 51.43
N THR I 132 45.07 10.20 51.79
CA THR I 132 43.68 10.65 51.97
C THR I 132 43.62 11.82 52.95
N ARG I 133 44.27 11.65 54.07
CA ARG I 133 44.33 12.64 55.15
C ARG I 133 44.99 13.94 54.66
N TYR I 134 45.99 13.82 53.78
CA TYR I 134 46.68 14.96 53.17
C TYR I 134 45.76 15.78 52.27
N ARG I 135 45.02 15.10 51.40
CA ARG I 135 44.16 15.79 50.43
C ARG I 135 42.95 16.43 51.13
N GLN I 136 42.52 15.84 52.24
CA GLN I 136 41.38 16.36 52.97
C GLN I 136 41.68 17.69 53.70
N GLN I 137 42.96 17.95 54.00
CA GLN I 137 43.34 19.23 54.55
C GLN I 137 43.94 20.19 53.49
N LEU I 138 43.96 19.80 52.23
CA LEU I 138 44.75 20.52 51.22
C LEU I 138 44.20 21.91 50.84
N LEU I 139 42.88 21.99 50.59
CA LEU I 139 42.28 23.17 49.99
C LEU I 139 41.86 24.20 51.05
N PRO I 140 41.96 25.51 50.73
CA PRO I 140 41.46 26.55 51.64
C PRO I 140 39.93 26.46 51.79
N PRO I 141 39.39 26.99 52.91
CA PRO I 141 37.99 26.72 53.30
C PRO I 141 36.91 27.16 52.31
N LEU I 142 37.16 28.21 51.53
CA LEU I 142 36.05 28.68 50.70
C LEU I 142 35.99 27.86 49.43
N PHE I 143 37.16 27.65 48.79
CA PHE I 143 37.19 26.87 47.57
C PHE I 143 36.73 25.45 47.84
N SER I 144 37.24 24.86 48.93
CA SER I 144 36.79 23.54 49.36
C SER I 144 35.26 23.45 49.46
N ALA I 145 34.64 24.39 50.19
CA ALA I 145 33.16 24.39 50.38
C ALA I 145 32.39 24.57 49.08
N LEU I 146 32.82 25.53 48.24
CA LEU I 146 32.20 25.74 46.93
C LEU I 146 32.15 24.43 46.13
N MET I 147 33.31 23.81 46.03
CA MET I 147 33.49 22.55 45.32
C MET I 147 32.53 21.45 45.83
N LYS I 148 32.50 21.28 47.15
CA LYS I 148 31.69 20.28 47.79
C LYS I 148 30.21 20.56 47.58
N TYR I 149 29.84 21.83 47.71
CA TYR I 149 28.45 22.19 47.67
C TYR I 149 27.90 22.04 46.26
N SER I 150 28.73 22.26 45.25
CA SER I 150 28.32 22.16 43.88
C SER I 150 28.09 20.70 43.47
N ASP I 151 28.72 19.75 44.14
CA ASP I 151 28.48 18.33 43.87
C ASP I 151 27.11 17.87 44.31
N ILE I 152 26.47 18.62 45.19
CA ILE I 152 25.15 18.27 45.70
C ILE I 152 24.07 19.26 45.23
N HIS I 153 24.49 20.40 44.68
CA HIS I 153 23.59 21.53 44.53
C HIS I 153 22.54 21.41 43.42
N GLU I 154 21.31 21.84 43.73
CA GLU I 154 20.25 22.06 42.72
C GLU I 154 20.35 23.44 41.97
N TYR I 155 20.65 23.40 40.68
CA TYR I 155 20.75 24.64 39.85
C TYR I 155 19.41 25.13 39.29
N SER I 156 18.35 24.39 39.58
CA SER I 156 17.02 24.84 39.20
C SER I 156 16.31 25.70 40.28
N TRP I 157 15.24 26.35 39.81
CA TRP I 157 14.32 27.15 40.60
C TRP I 157 14.89 28.42 41.21
N ALA I 158 16.20 28.65 41.03
CA ALA I 158 16.81 29.96 41.35
C ALA I 158 17.96 30.41 40.42
N ALA I 159 18.26 31.73 40.44
CA ALA I 159 19.34 32.39 39.70
C ALA I 159 20.75 31.97 40.17
N PRO I 160 21.78 32.11 39.29
CA PRO I 160 21.73 32.56 37.89
C PRO I 160 20.90 31.65 37.02
N GLY I 161 20.15 32.24 36.09
CA GLY I 161 19.28 31.49 35.20
C GLY I 161 19.94 30.43 34.34
N HIS I 162 21.25 30.53 34.10
CA HIS I 162 21.95 29.58 33.23
C HIS I 162 22.02 28.19 33.84
N GLN I 163 21.79 28.13 35.15
CA GLN I 163 21.66 26.88 35.89
C GLN I 163 22.84 25.93 35.74
N GLY I 164 23.99 26.30 36.32
CA GLY I 164 25.19 25.47 36.21
C GLY I 164 25.67 25.34 34.77
N GLY I 165 25.39 26.32 33.93
CA GLY I 165 25.90 26.36 32.56
C GLY I 165 24.99 25.70 31.52
N VAL I 166 23.94 25.03 31.96
CA VAL I 166 23.05 24.37 31.01
C VAL I 166 22.39 25.31 29.98
N GLY I 167 21.97 26.49 30.43
CA GLY I 167 21.40 27.50 29.53
C GLY I 167 22.21 27.73 28.27
N PHE I 168 23.53 27.86 28.46
CA PHE I 168 24.49 28.13 27.37
C PHE I 168 24.45 27.11 26.24
N THR I 169 24.24 25.86 26.58
CA THR I 169 24.30 24.78 25.61
C THR I 169 23.15 24.83 24.59
N LYS I 170 22.20 25.74 24.77
CA LYS I 170 21.01 25.69 23.93
C LYS I 170 21.14 26.35 22.56
N THR I 171 22.18 27.18 22.35
CA THR I 171 22.61 27.54 21.00
C THR I 171 24.04 27.02 20.69
N PRO I 172 24.35 26.89 19.38
CA PRO I 172 25.70 26.48 18.95
C PRO I 172 26.80 27.41 19.49
N ALA I 173 26.61 28.73 19.35
CA ALA I 173 27.56 29.71 19.89
C ALA I 173 27.68 29.60 21.41
N GLY I 174 26.54 29.46 22.09
CA GLY I 174 26.53 29.24 23.53
C GLY I 174 27.20 27.93 23.94
N ARG I 175 26.94 26.86 23.19
CA ARG I 175 27.59 25.58 23.43
C ARG I 175 29.12 25.71 23.29
N PHE I 176 29.57 26.37 22.21
CA PHE I 176 31.01 26.51 21.99
C PHE I 176 31.63 27.27 23.15
N TYR I 177 31.02 28.40 23.51
CA TYR I 177 31.43 29.20 24.66
C TYR I 177 31.49 28.36 25.97
N HIS I 178 30.40 27.68 26.28
CA HIS I 178 30.35 26.74 27.38
C HIS I 178 31.54 25.75 27.40
N ASP I 179 31.84 25.14 26.25
CA ASP I 179 32.84 24.08 26.25
C ASP I 179 34.24 24.63 26.35
N TYR I 180 34.42 25.81 25.76
CA TYR I 180 35.67 26.51 25.82
C TYR I 180 36.03 26.80 27.28
N TYR I 181 35.05 27.25 28.07
CA TYR I 181 35.32 27.62 29.46
C TYR I 181 35.30 26.48 30.46
N GLY I 182 34.65 25.37 30.09
CA GLY I 182 34.44 24.24 31.00
C GLY I 182 33.31 24.42 32.01
N GLU I 183 32.66 23.31 32.35
CA GLU I 183 31.49 23.34 33.23
C GLU I 183 31.71 23.85 34.67
N ASN I 184 32.89 23.64 35.24
CA ASN I 184 33.12 24.02 36.64
C ASN I 184 33.00 25.53 36.95
N LEU I 185 33.48 26.37 36.03
CA LEU I 185 33.22 27.80 36.11
C LEU I 185 31.75 28.06 36.36
N PHE I 186 30.89 27.38 35.59
CA PHE I 186 29.43 27.57 35.67
C PHE I 186 28.78 26.86 36.84
N ARG I 187 29.27 25.67 37.18
CA ARG I 187 28.74 24.95 38.34
C ARG I 187 29.00 25.68 39.65
N THR I 188 30.13 26.37 39.76
CA THR I 188 30.40 27.09 40.99
C THR I 188 29.74 28.48 40.99
N ASP I 189 29.13 28.85 39.86
CA ASP I 189 28.42 30.11 39.80
C ASP I 189 27.01 29.92 40.35
N MET I 190 26.93 29.92 41.67
CA MET I 190 25.70 29.67 42.37
C MET I 190 25.12 31.01 42.87
N GLY I 191 23.80 31.04 43.08
CA GLY I 191 23.19 32.19 43.76
C GLY I 191 23.46 32.08 45.26
N ILE I 192 23.10 33.12 46.02
CA ILE I 192 23.35 33.10 47.46
C ILE I 192 22.64 31.91 48.11
N GLU I 193 23.40 31.05 48.81
CA GLU I 193 22.90 29.83 49.49
C GLU I 193 23.24 29.76 51.00
N ARG I 194 22.71 30.70 51.79
CA ARG I 194 23.26 30.99 53.14
C ARG I 194 23.54 29.75 54.00
N THR I 195 22.66 28.77 53.91
CA THR I 195 22.64 27.67 54.89
C THR I 195 23.85 26.76 54.74
N SER I 196 24.33 26.64 53.50
CA SER I 196 25.56 25.89 53.29
C SER I 196 26.71 26.89 53.38
N LEU I 197 26.90 27.66 52.31
CA LEU I 197 28.06 28.51 52.16
C LEU I 197 28.19 29.75 53.08
N GLY I 198 27.06 30.32 53.52
CA GLY I 198 27.04 31.68 54.06
C GLY I 198 26.95 32.73 52.94
N SER I 199 27.40 33.94 53.24
CA SER I 199 27.31 35.04 52.28
C SER I 199 28.56 35.91 52.27
N LEU I 200 29.01 36.29 51.07
CA LEU I 200 30.03 37.32 50.94
C LEU I 200 29.64 38.63 51.63
N LEU I 201 28.43 39.12 51.36
CA LEU I 201 28.03 40.43 51.87
C LEU I 201 27.75 40.44 53.36
N ASP I 202 27.31 39.32 53.93
CA ASP I 202 27.18 39.19 55.39
C ASP I 202 28.47 38.71 56.07
N HIS I 203 29.41 38.17 55.28
CA HIS I 203 30.72 37.74 55.81
C HIS I 203 30.56 36.59 56.75
N THR I 204 29.72 35.63 56.35
CA THR I 204 29.32 34.49 57.19
C THR I 204 29.75 33.17 56.57
N GLY I 205 29.63 32.08 57.32
CA GLY I 205 29.92 30.74 56.83
C GLY I 205 31.32 30.61 56.23
N ALA I 206 31.44 29.84 55.15
CA ALA I 206 32.73 29.66 54.51
C ALA I 206 33.32 30.95 54.00
N PHE I 207 32.49 31.97 53.71
CA PHE I 207 33.02 33.26 53.27
C PHE I 207 33.76 33.94 54.42
N GLY I 208 33.16 33.87 55.61
CA GLY I 208 33.72 34.43 56.80
C GLY I 208 34.98 33.70 57.22
N GLU I 209 34.97 32.36 57.15
CA GLU I 209 36.16 31.55 57.41
C GLU I 209 37.32 31.99 56.53
N SER I 210 37.04 32.09 55.24
CA SER I 210 38.06 32.46 54.29
C SER I 210 38.68 33.81 54.70
N GLU I 211 37.84 34.75 55.14
CA GLU I 211 38.33 36.05 55.62
C GLU I 211 39.19 36.01 56.91
N LYS I 212 38.83 35.13 57.84
CA LYS I 212 39.62 34.92 59.05
C LYS I 212 40.97 34.30 58.69
N TYR I 213 40.93 33.27 57.83
CA TYR I 213 42.12 32.72 57.20
C TYR I 213 43.00 33.82 56.56
N ALA I 214 42.43 34.61 55.64
CA ALA I 214 43.21 35.72 55.04
C ALA I 214 43.82 36.61 56.13
N ALA I 215 43.05 36.98 57.15
CA ALA I 215 43.56 37.88 58.20
C ALA I 215 44.78 37.30 58.90
N ARG I 216 44.76 35.99 59.18
CA ARG I 216 45.79 35.28 59.89
C ARG I 216 47.04 35.27 59.01
N VAL I 217 46.85 34.92 57.75
CA VAL I 217 47.93 34.82 56.81
C VAL I 217 48.56 36.19 56.51
N PHE I 218 47.71 37.20 56.32
CA PHE I 218 48.23 38.55 55.96
C PHE I 218 48.57 39.48 57.14
N GLY I 219 48.46 38.97 58.35
CA GLY I 219 48.82 39.73 59.56
C GLY I 219 47.86 40.87 59.91
N ALA I 220 46.58 40.68 59.60
CA ALA I 220 45.56 41.69 59.94
C ALA I 220 44.65 41.23 61.08
N ASP I 221 44.07 42.20 61.81
CA ASP I 221 42.96 41.92 62.73
C ASP I 221 41.70 41.44 62.00
N ARG I 222 41.43 42.05 60.85
CA ARG I 222 40.26 41.67 60.06
C ARG I 222 40.52 41.91 58.58
N SER I 223 40.02 41.00 57.73
CA SER I 223 40.12 41.15 56.29
C SER I 223 38.74 41.12 55.63
N TRP I 224 38.61 41.81 54.51
CA TRP I 224 37.36 41.89 53.77
C TRP I 224 37.69 41.52 52.30
N SER I 225 37.05 40.45 51.83
CA SER I 225 37.19 39.99 50.46
C SER I 225 36.30 40.81 49.51
N VAL I 226 36.85 41.25 48.39
CA VAL I 226 36.16 42.19 47.49
C VAL I 226 36.16 41.58 46.09
N VAL I 227 35.09 41.79 45.31
CA VAL I 227 35.01 41.25 43.93
C VAL I 227 34.88 42.34 42.88
N VAL I 228 35.26 43.54 43.29
CA VAL I 228 35.20 44.70 42.43
C VAL I 228 36.58 45.40 42.44
N GLY I 229 37.64 44.61 42.59
CA GLY I 229 39.00 45.13 42.55
C GLY I 229 39.36 45.98 43.75
N THR I 230 40.59 46.49 43.78
CA THR I 230 40.98 47.50 44.76
C THR I 230 40.23 48.84 44.57
N SER I 231 39.75 49.10 43.35
CA SER I 231 38.81 50.19 43.11
C SER I 231 37.63 50.17 44.08
N GLY I 232 36.95 49.03 44.18
CA GLY I 232 35.85 48.89 45.11
C GLY I 232 36.31 48.94 46.57
N SER I 233 37.50 48.42 46.82
CA SER I 233 38.10 48.40 48.15
C SER I 233 38.39 49.81 48.62
N ASN I 234 39.06 50.58 47.76
CA ASN I 234 39.35 51.99 48.09
C ASN I 234 38.08 52.83 48.33
N ARG I 235 37.08 52.67 47.47
CA ARG I 235 35.83 53.43 47.61
C ARG I 235 35.16 53.09 48.93
N THR I 236 35.25 51.82 49.32
CA THR I 236 34.69 51.31 50.58
C THR I 236 35.38 51.96 51.78
N ILE I 237 36.73 51.90 51.81
CA ILE I 237 37.50 52.46 52.91
C ILE I 237 37.14 53.95 53.05
N MET I 238 37.25 54.68 51.96
CA MET I 238 36.98 56.09 51.99
C MET I 238 35.56 56.42 52.41
N GLN I 239 34.58 55.63 51.93
CA GLN I 239 33.20 55.77 52.33
C GLN I 239 33.02 55.58 53.83
N ALA I 240 33.85 54.72 54.45
CA ALA I 240 33.78 54.50 55.89
C ALA I 240 34.46 55.60 56.70
N CYS I 241 35.37 56.34 56.07
CA CYS I 241 36.32 57.16 56.81
C CYS I 241 36.11 58.67 56.75
N MET I 242 35.27 59.16 55.85
CA MET I 242 35.11 60.61 55.68
C MET I 242 33.69 60.99 55.21
N THR I 243 33.24 62.17 55.63
CA THR I 243 32.06 62.82 55.10
C THR I 243 32.55 64.11 54.47
N ASP I 244 31.62 64.87 53.87
CA ASP I 244 31.92 66.18 53.29
C ASP I 244 32.26 67.25 54.35
N ASN I 245 32.17 66.88 55.62
CA ASN I 245 32.61 67.76 56.69
C ASN I 245 34.07 67.50 57.12
N ASP I 246 34.75 66.58 56.44
CA ASP I 246 36.08 66.17 56.83
C ASP I 246 37.19 66.73 56.00
N VAL I 247 38.33 66.94 56.66
CA VAL I 247 39.57 67.20 55.97
C VAL I 247 40.31 65.87 55.87
N VAL I 248 40.91 65.62 54.71
CA VAL I 248 41.68 64.41 54.47
C VAL I 248 43.00 64.75 53.78
N VAL I 249 44.00 63.88 53.99
CA VAL I 249 45.34 64.10 53.46
C VAL I 249 45.65 63.01 52.43
N VAL I 250 45.97 63.43 51.21
CA VAL I 250 46.00 62.53 50.11
C VAL I 250 47.34 62.60 49.39
N ASP I 251 47.98 61.44 49.28
CA ASP I 251 49.12 61.21 48.42
C ASP I 251 48.75 61.71 47.04
N ARG I 252 49.52 62.64 46.50
CA ARG I 252 49.24 63.12 45.18
C ARG I 252 49.40 62.00 44.15
N ASN I 253 50.18 61.00 44.53
CA ASN I 253 50.33 59.78 43.73
C ASN I 253 49.21 58.83 44.14
N CYS I 254 48.01 59.08 43.63
CA CYS I 254 46.85 58.32 44.02
C CYS I 254 46.20 57.71 42.79
N HIS I 255 45.63 56.53 42.95
CA HIS I 255 44.86 55.88 41.88
C HIS I 255 43.52 56.61 41.62
N LYS I 256 43.03 56.55 40.39
CA LYS I 256 41.67 56.96 40.07
C LYS I 256 40.67 56.71 41.23
N SER I 257 40.70 55.51 41.79
CA SER I 257 39.75 55.10 42.81
C SER I 257 39.80 55.98 44.06
N ILE I 258 40.95 56.59 44.35
CA ILE I 258 41.04 57.55 45.46
C ILE I 258 40.31 58.87 45.17
N GLU I 259 40.50 59.46 43.99
CA GLU I 259 39.72 60.62 43.58
C GLU I 259 38.22 60.25 43.53
N GLN I 260 37.92 59.04 43.08
CA GLN I 260 36.54 58.58 43.09
C GLN I 260 35.96 58.66 44.52
N GLY I 261 36.70 58.13 45.49
CA GLY I 261 36.36 58.29 46.91
C GLY I 261 36.11 59.74 47.34
N LEU I 262 36.88 60.67 46.80
CA LEU I 262 36.69 62.07 47.14
C LEU I 262 35.41 62.59 46.49
N MET I 263 35.14 62.16 45.25
CA MET I 263 33.97 62.60 44.54
C MET I 263 32.71 62.00 45.15
N LEU I 264 32.86 60.84 45.80
CA LEU I 264 31.72 60.12 46.38
C LEU I 264 31.33 60.57 47.78
N THR I 265 32.30 61.09 48.52
CA THR I 265 32.11 61.45 49.92
C THR I 265 32.03 62.99 50.08
N GLY I 266 32.70 63.69 49.17
CA GLY I 266 32.77 65.15 49.18
C GLY I 266 33.77 65.76 50.15
N ALA I 267 34.63 64.91 50.73
CA ALA I 267 35.66 65.35 51.68
C ALA I 267 36.61 66.41 51.07
N LYS I 268 37.28 67.15 51.95
CA LYS I 268 38.16 68.23 51.54
C LYS I 268 39.62 67.78 51.58
N PRO I 269 40.23 67.63 50.40
CA PRO I 269 41.58 67.08 50.32
C PRO I 269 42.69 68.11 50.42
N VAL I 270 43.77 67.67 51.06
CA VAL I 270 45.08 68.32 51.02
C VAL I 270 46.07 67.22 50.51
N TYR I 271 47.06 67.60 49.68
CA TYR I 271 47.94 66.64 49.00
C TYR I 271 49.37 66.64 49.48
N MET I 272 50.00 65.46 49.51
CA MET I 272 51.45 65.31 49.81
C MET I 272 52.15 65.09 48.49
N VAL I 273 53.18 65.90 48.23
CA VAL I 273 53.81 65.92 46.89
C VAL I 273 55.01 64.97 46.87
N PRO I 274 54.94 63.90 46.05
CA PRO I 274 56.10 62.99 45.96
C PRO I 274 57.30 63.63 45.28
N SER I 275 58.50 63.10 45.54
CA SER I 275 59.71 63.49 44.82
C SER I 275 59.71 62.84 43.46
N ARG I 276 60.72 63.17 42.66
CA ARG I 276 60.98 62.48 41.41
C ARG I 276 62.44 62.59 40.88
N ASN I 277 62.77 61.81 39.85
CA ASN I 277 64.14 61.75 39.35
C ASN I 277 64.28 62.14 37.88
N ARG I 278 65.50 62.10 37.36
CA ARG I 278 65.85 62.59 36.02
C ARG I 278 65.22 61.79 34.86
N TYR I 279 64.72 60.59 35.15
CA TYR I 279 64.02 59.76 34.14
C TYR I 279 62.53 60.01 34.10
N GLY I 280 62.01 60.82 35.03
CA GLY I 280 60.59 61.08 35.14
C GLY I 280 59.88 60.06 36.01
N ILE I 281 60.66 59.26 36.74
CA ILE I 281 60.11 58.29 37.69
C ILE I 281 59.71 59.02 38.97
N ILE I 282 58.49 58.74 39.41
CA ILE I 282 57.97 59.34 40.63
C ILE I 282 58.64 58.62 41.77
N GLY I 283 59.21 59.39 42.69
CA GLY I 283 59.82 58.83 43.85
C GLY I 283 58.90 58.94 45.02
N PRO I 284 59.46 58.79 46.24
CA PRO I 284 58.57 58.84 47.40
C PRO I 284 58.29 60.27 47.87
N ILE I 285 57.17 60.44 48.56
CA ILE I 285 56.93 61.57 49.43
C ILE I 285 57.99 61.55 50.54
N TYR I 286 58.70 62.67 50.73
CA TYR I 286 59.72 62.77 51.78
C TYR I 286 59.08 62.93 53.14
N PRO I 287 59.81 62.60 54.20
CA PRO I 287 59.34 62.82 55.58
C PRO I 287 58.85 64.25 55.89
N GLN I 288 59.47 65.25 55.27
CA GLN I 288 59.11 66.65 55.52
C GLN I 288 57.64 66.91 55.14
N GLU I 289 57.15 66.24 54.10
CA GLU I 289 55.77 66.41 53.64
C GLU I 289 54.75 65.71 54.52
N MET I 290 55.20 64.89 55.47
CA MET I 290 54.29 64.14 56.32
C MET I 290 54.33 64.63 57.76
N GLN I 291 55.21 65.58 58.03
CA GLN I 291 55.32 66.23 59.33
C GLN I 291 54.01 66.89 59.71
N PRO I 292 53.57 66.71 60.97
CA PRO I 292 52.30 67.27 61.45
C PRO I 292 52.14 68.77 61.10
N GLU I 293 53.17 69.56 61.34
CA GLU I 293 53.09 70.99 61.13
C GLU I 293 53.11 71.37 59.65
N THR I 294 53.73 70.54 58.83
CA THR I 294 53.69 70.70 57.37
C THR I 294 52.26 70.49 56.85
N LEU I 295 51.59 69.48 57.40
CA LEU I 295 50.24 69.16 57.00
C LEU I 295 49.28 70.22 57.52
N GLN I 296 49.45 70.63 58.77
CA GLN I 296 48.61 71.68 59.36
C GLN I 296 48.69 72.96 58.56
N LYS I 297 49.86 73.24 58.00
CA LYS I 297 50.06 74.41 57.16
C LYS I 297 49.34 74.28 55.81
N LYS I 298 49.43 73.10 55.20
CA LYS I 298 48.61 72.74 54.03
C LYS I 298 47.13 72.98 54.27
N ILE I 299 46.65 72.58 55.44
CA ILE I 299 45.23 72.68 55.79
C ILE I 299 44.81 74.15 55.97
N SER I 300 45.67 74.94 56.61
CA SER I 300 45.41 76.39 56.78
C SER I 300 45.36 77.18 55.50
N GLU I 301 46.12 76.76 54.50
CA GLU I 301 46.35 77.60 53.33
C GLU I 301 45.47 77.26 52.14
N SER I 302 45.00 76.01 52.10
CA SER I 302 44.28 75.50 50.96
C SER I 302 42.90 76.12 50.86
N PRO I 303 42.52 76.57 49.65
CA PRO I 303 41.20 77.12 49.43
C PRO I 303 40.11 76.13 49.83
N LEU I 304 40.39 74.84 49.80
CA LEU I 304 39.35 73.85 50.09
C LEU I 304 39.19 73.55 51.56
N THR I 305 40.21 73.85 52.36
CA THR I 305 40.22 73.51 53.78
C THR I 305 40.45 74.69 54.73
N LYS I 306 40.67 75.91 54.21
CA LYS I 306 40.81 77.13 55.06
C LYS I 306 39.81 77.25 56.22
N ASP I 307 38.52 77.04 55.93
CA ASP I 307 37.46 77.17 56.94
C ASP I 307 37.52 76.05 57.98
N LYS I 308 38.41 75.09 57.77
CA LYS I 308 38.45 73.91 58.62
C LYS I 308 39.78 73.76 59.36
N ALA I 309 40.63 74.79 59.28
CA ALA I 309 41.94 74.78 59.91
C ALA I 309 41.83 74.44 61.40
N GLY I 310 42.71 73.58 61.88
CA GLY I 310 42.65 73.12 63.27
C GLY I 310 41.90 71.79 63.43
N GLN I 311 41.06 71.46 62.45
CA GLN I 311 40.31 70.20 62.46
C GLN I 311 41.23 69.01 62.17
N LYS I 312 41.07 67.93 62.93
CA LYS I 312 41.81 66.68 62.73
C LYS I 312 41.36 65.94 61.46
N PRO I 313 42.27 65.74 60.48
CA PRO I 313 41.90 64.93 59.33
C PRO I 313 41.44 63.55 59.76
N SER I 314 40.45 63.00 59.06
CA SER I 314 39.88 61.72 59.46
C SER I 314 40.48 60.58 58.66
N TYR I 315 41.37 60.91 57.74
CA TYR I 315 41.92 59.93 56.82
C TYR I 315 43.17 60.42 56.14
N CYS I 316 44.05 59.47 55.88
CA CYS I 316 45.33 59.72 55.23
C CYS I 316 45.65 58.51 54.37
N VAL I 317 46.08 58.76 53.14
CA VAL I 317 46.42 57.66 52.25
C VAL I 317 47.79 57.88 51.61
N VAL I 318 48.57 56.80 51.59
CA VAL I 318 49.86 56.74 50.88
C VAL I 318 49.84 55.51 49.95
N THR I 319 50.22 55.71 48.70
CA THR I 319 50.43 54.60 47.78
C THR I 319 51.83 54.01 47.98
N ASN I 320 51.85 52.81 48.55
CA ASN I 320 53.04 52.02 48.78
C ASN I 320 52.81 50.58 48.33
N CYS I 321 53.56 50.07 47.35
CA CYS I 321 54.68 50.74 46.69
C CYS I 321 54.21 51.51 45.47
N THR I 322 55.08 52.35 44.93
CA THR I 322 54.74 53.03 43.70
C THR I 322 54.74 52.04 42.50
N TYR I 323 54.28 52.53 41.37
CA TYR I 323 54.15 51.73 40.20
C TYR I 323 55.54 51.25 39.74
N ASP I 324 56.56 52.07 39.97
CA ASP I 324 57.93 51.76 39.55
C ASP I 324 58.71 50.95 40.58
N GLY I 325 58.08 50.65 41.70
CA GLY I 325 58.68 49.75 42.65
C GLY I 325 59.31 50.43 43.84
N VAL I 326 59.10 51.75 43.96
CA VAL I 326 59.61 52.51 45.11
C VAL I 326 58.75 52.19 46.29
N CYS I 327 59.35 51.63 47.36
CA CYS I 327 58.63 51.15 48.57
C CYS I 327 59.06 51.92 49.82
N TYR I 328 58.09 52.50 50.54
CA TYR I 328 58.34 53.29 51.75
C TYR I 328 58.69 52.40 52.95
N ASN I 329 59.57 52.92 53.79
CA ASN I 329 59.67 52.47 55.16
C ASN I 329 58.35 52.84 55.85
N ALA I 330 57.42 51.89 55.83
CA ALA I 330 56.04 52.10 56.26
C ALA I 330 55.96 52.27 57.77
N LYS I 331 56.87 51.60 58.46
CA LYS I 331 57.03 51.73 59.90
C LYS I 331 57.25 53.21 60.25
N GLU I 332 58.15 53.86 59.49
CA GLU I 332 58.54 55.23 59.78
C GLU I 332 57.48 56.23 59.32
N ALA I 333 56.97 56.06 58.11
CA ALA I 333 55.83 56.81 57.59
C ALA I 333 54.66 56.80 58.55
N GLN I 334 54.32 55.62 59.07
CA GLN I 334 53.24 55.48 60.03
C GLN I 334 53.46 56.43 61.19
N ASP I 335 54.63 56.31 61.80
CA ASP I 335 55.03 57.19 62.89
C ASP I 335 54.81 58.68 62.65
N LEU I 336 55.08 59.13 61.43
CA LEU I 336 54.88 60.54 61.12
C LEU I 336 53.40 60.84 60.92
N LEU I 337 52.73 60.02 60.12
CA LEU I 337 51.35 60.28 59.76
C LEU I 337 50.39 60.11 60.92
N GLU I 338 50.68 59.20 61.83
CA GLU I 338 49.79 58.98 62.96
C GLU I 338 49.71 60.20 63.90
N LYS I 339 50.62 61.14 63.76
CA LYS I 339 50.56 62.35 64.59
C LYS I 339 49.44 63.27 64.08
N THR I 340 48.99 63.03 62.85
CA THR I 340 47.98 63.87 62.19
C THR I 340 46.60 63.19 62.08
N SER I 341 46.58 61.89 61.74
CA SER I 341 45.34 61.17 61.53
C SER I 341 45.37 59.84 62.27
N ASP I 342 44.19 59.35 62.68
CA ASP I 342 44.03 58.05 63.36
C ASP I 342 43.74 56.91 62.41
N ARG I 343 43.44 57.26 61.16
CA ARG I 343 43.22 56.27 60.11
C ARG I 343 44.23 56.50 59.02
N LEU I 344 45.09 55.50 58.83
CA LEU I 344 46.04 55.53 57.73
C LEU I 344 45.73 54.40 56.76
N HIS I 345 45.76 54.71 55.48
CA HIS I 345 45.45 53.74 54.48
C HIS I 345 46.69 53.63 53.63
N PHE I 346 47.30 52.43 53.61
CA PHE I 346 48.36 52.18 52.62
C PHE I 346 47.77 51.46 51.45
N ASP I 347 47.84 52.10 50.31
CA ASP I 347 47.35 51.47 49.12
C ASP I 347 48.42 50.58 48.51
N GLU I 348 48.35 49.30 48.88
CA GLU I 348 49.35 48.31 48.52
C GLU I 348 48.94 47.44 47.36
N ALA I 349 48.17 48.01 46.43
CA ALA I 349 47.54 47.23 45.36
C ALA I 349 48.52 46.35 44.59
N TRP I 350 49.67 46.94 44.26
CA TRP I 350 50.76 46.28 43.51
C TRP I 350 51.78 45.50 44.36
N TYR I 351 51.45 45.23 45.63
CA TYR I 351 52.46 44.89 46.63
C TYR I 351 51.90 43.95 47.71
N GLY I 352 51.01 43.04 47.33
CA GLY I 352 50.40 42.13 48.30
C GLY I 352 51.27 41.01 48.88
N TYR I 353 52.41 40.75 48.25
CA TYR I 353 53.37 39.66 48.61
C TYR I 353 54.43 40.10 49.62
N ALA I 354 54.61 41.41 49.80
CA ALA I 354 55.70 41.99 50.61
C ALA I 354 55.89 41.36 51.99
N ARG I 355 54.81 41.01 52.65
CA ARG I 355 54.88 40.40 53.98
C ARG I 355 55.61 39.05 53.98
N PHE I 356 55.74 38.42 52.82
CA PHE I 356 56.18 37.03 52.82
C PHE I 356 57.65 36.84 52.48
N ASN I 357 58.33 37.96 52.25
CA ASN I 357 59.76 37.97 52.04
C ASN I 357 60.52 38.97 52.90
N PRO I 358 61.56 38.48 53.62
CA PRO I 358 62.32 39.33 54.56
C PRO I 358 62.92 40.58 53.91
N ILE I 359 63.26 40.52 52.64
CA ILE I 359 63.89 41.67 51.99
C ILE I 359 63.00 42.95 52.00
N TYR I 360 61.71 42.79 52.28
CA TYR I 360 60.79 43.93 52.38
C TYR I 360 60.55 44.37 53.84
N ALA I 361 61.26 43.77 54.81
CA ALA I 361 61.11 44.13 56.22
C ALA I 361 60.86 45.61 56.45
N ASP I 362 59.82 45.88 57.24
CA ASP I 362 59.41 47.22 57.66
C ASP I 362 58.85 48.09 56.54
N HIS I 363 58.86 47.58 55.33
CA HIS I 363 58.50 48.40 54.18
C HIS I 363 57.05 48.17 53.68
N TYR I 364 56.19 47.72 54.60
CA TYR I 364 54.76 47.44 54.32
C TYR I 364 53.98 47.57 55.62
N ALA I 365 52.64 47.53 55.52
CA ALA I 365 51.78 47.90 56.65
C ALA I 365 51.68 46.82 57.70
N MET I 366 51.37 45.60 57.29
CA MET I 366 51.04 44.55 58.24
C MET I 366 52.30 43.80 58.72
N ARG I 367 53.13 44.49 59.52
CA ARG I 367 54.37 43.96 60.05
C ARG I 367 54.16 43.12 61.33
N GLY I 368 54.83 41.95 61.39
CA GLY I 368 54.74 41.07 62.55
C GLY I 368 53.32 40.55 62.75
N GLU I 369 52.97 40.28 64.01
CA GLU I 369 51.64 39.81 64.36
C GLU I 369 50.71 40.96 64.79
N PRO I 370 49.42 40.87 64.44
CA PRO I 370 48.43 41.87 64.87
C PRO I 370 48.07 41.76 66.37
N GLY I 371 47.30 42.71 66.88
CA GLY I 371 46.79 42.60 68.25
C GLY I 371 47.09 43.78 69.16
N ASP I 372 48.17 44.51 68.87
CA ASP I 372 48.43 45.78 69.52
C ASP I 372 47.51 46.86 68.97
N HIS I 373 46.44 47.16 69.71
CA HIS I 373 45.47 48.17 69.29
C HIS I 373 45.78 49.55 69.81
N ASN I 374 46.97 49.71 70.38
CA ASN I 374 47.41 51.01 70.87
C ASN I 374 48.31 51.71 69.84
N GLY I 375 47.63 52.32 68.86
CA GLY I 375 48.23 53.03 67.71
C GLY I 375 47.09 53.41 66.79
N PRO I 376 47.39 53.89 65.56
CA PRO I 376 46.31 54.29 64.64
C PRO I 376 45.63 53.07 64.02
N THR I 377 44.46 53.27 63.41
CA THR I 377 43.85 52.23 62.61
C THR I 377 44.50 52.32 61.25
N VAL I 378 44.92 51.16 60.73
CA VAL I 378 45.62 51.14 59.47
C VAL I 378 44.91 50.19 58.52
N PHE I 379 44.75 50.61 57.26
CA PHE I 379 44.10 49.84 56.21
C PHE I 379 45.15 49.57 55.18
N ALA I 380 45.27 48.33 54.73
CA ALA I 380 46.09 48.08 53.53
C ALA I 380 45.26 47.36 52.49
N THR I 381 45.32 47.82 51.25
CA THR I 381 44.57 47.21 50.18
C THR I 381 45.49 46.43 49.25
N HIS I 382 45.09 45.21 48.90
CA HIS I 382 45.76 44.45 47.85
C HIS I 382 44.82 44.10 46.69
N SER I 383 45.28 44.32 45.47
CA SER I 383 44.70 43.71 44.30
C SER I 383 45.39 42.38 44.19
N THR I 384 44.66 41.33 44.55
CA THR I 384 45.21 39.98 44.52
C THR I 384 45.62 39.55 43.14
N HIS I 385 44.93 40.02 42.12
CA HIS I 385 45.22 39.62 40.75
C HIS I 385 46.52 40.27 40.23
N LYS I 386 46.96 41.36 40.84
CA LYS I 386 48.08 42.08 40.28
C LYS I 386 49.39 41.30 40.48
N LEU I 387 49.80 41.13 41.74
CA LEU I 387 51.08 40.48 41.98
C LEU I 387 51.00 39.39 43.03
N LEU I 388 49.78 39.02 43.46
CA LEU I 388 49.50 37.72 44.04
C LEU I 388 48.90 36.83 42.94
N ASN I 389 48.39 35.64 43.29
CA ASN I 389 47.71 34.85 42.26
C ASN I 389 46.19 34.83 42.41
N ALA I 390 45.49 35.58 41.55
CA ALA I 390 44.05 35.62 41.58
C ALA I 390 43.48 36.08 40.27
N LEU I 391 42.22 35.73 40.00
CA LEU I 391 41.44 36.34 38.90
C LEU I 391 41.32 37.85 39.05
N SER I 392 41.36 38.59 37.95
CA SER I 392 41.01 40.02 37.98
C SER I 392 39.69 40.30 38.73
N GLN I 393 39.67 41.44 39.43
CA GLN I 393 38.56 41.89 40.26
C GLN I 393 38.68 41.43 41.71
N ALA I 394 39.53 40.42 41.97
CA ALA I 394 39.78 40.00 43.35
C ALA I 394 40.66 40.98 44.14
N SER I 395 40.28 41.21 45.39
CA SER I 395 40.92 42.24 46.18
C SER I 395 40.66 42.01 47.66
N TYR I 396 41.50 42.60 48.52
CA TYR I 396 41.35 42.53 49.96
C TYR I 396 41.59 43.87 50.63
N ILE I 397 40.79 44.12 51.66
CA ILE I 397 41.02 45.18 52.61
C ILE I 397 41.46 44.47 53.87
N HIS I 398 42.69 44.76 54.31
CA HIS I 398 43.19 44.29 55.61
C HIS I 398 43.26 45.48 56.57
N VAL I 399 42.80 45.24 57.79
CA VAL I 399 42.68 46.25 58.83
C VAL I 399 43.37 45.82 60.11
N ARG I 400 44.15 46.72 60.68
CA ARG I 400 44.57 46.57 62.07
C ARG I 400 43.85 47.64 62.84
N GLU I 401 43.16 47.22 63.91
CA GLU I 401 42.35 48.15 64.70
C GLU I 401 43.23 48.99 65.60
N GLY I 402 42.97 50.29 65.62
CA GLY I 402 43.56 51.18 66.61
C GLY I 402 42.56 52.21 67.05
N ARG I 403 43.03 53.45 67.11
CA ARG I 403 42.22 54.60 67.43
C ARG I 403 41.35 54.89 66.21
N GLY I 404 40.16 55.41 66.47
CA GLY I 404 39.17 55.66 65.43
C GLY I 404 38.76 54.42 64.65
N ALA I 405 38.88 53.25 65.27
CA ALA I 405 38.45 51.99 64.67
C ALA I 405 36.96 52.01 64.28
N ILE I 406 36.65 51.31 63.19
CA ILE I 406 35.29 51.24 62.67
C ILE I 406 34.80 49.79 62.83
N ASN I 407 33.90 49.56 63.77
CA ASN I 407 33.35 48.23 63.98
C ASN I 407 32.65 47.63 62.75
N PHE I 408 32.38 46.32 62.82
CA PHE I 408 31.77 45.56 61.71
C PHE I 408 30.43 46.15 61.23
N SER I 409 29.53 46.44 62.16
CA SER I 409 28.23 47.06 61.83
C SER I 409 28.36 48.32 60.98
N ARG I 410 29.30 49.19 61.37
CA ARG I 410 29.51 50.43 60.66
C ARG I 410 30.22 50.17 59.32
N PHE I 411 31.26 49.33 59.34
CA PHE I 411 32.08 49.13 58.14
C PHE I 411 31.32 48.37 57.06
N ASN I 412 30.49 47.42 57.47
CA ASN I 412 29.77 46.67 56.47
C ASN I 412 28.76 47.47 55.62
N GLN I 413 28.25 48.55 56.19
CA GLN I 413 27.40 49.43 55.41
C GLN I 413 28.20 50.09 54.28
N ALA I 414 29.47 50.41 54.54
CA ALA I 414 30.36 50.98 53.51
C ALA I 414 30.64 49.90 52.47
N TYR I 415 30.87 48.69 52.96
CA TYR I 415 31.12 47.53 52.10
C TYR I 415 29.99 47.22 51.13
N MET I 416 28.75 47.14 51.64
CA MET I 416 27.63 46.82 50.78
C MET I 416 27.36 47.90 49.76
N MET I 417 27.59 49.14 50.17
CA MET I 417 27.47 50.34 49.33
C MET I 417 28.20 50.19 48.00
N HIS I 418 29.32 49.47 48.01
CA HIS I 418 30.18 49.35 46.82
C HIS I 418 30.32 47.89 46.32
N ALA I 419 29.49 47.01 46.87
CA ALA I 419 29.44 45.62 46.46
C ALA I 419 28.35 45.42 45.39
N THR I 420 28.24 44.20 44.86
CA THR I 420 27.10 43.76 44.10
C THR I 420 26.42 42.69 44.91
N THR I 421 25.10 42.63 44.81
CA THR I 421 24.35 41.60 45.50
C THR I 421 24.53 40.20 44.83
N SER I 422 25.18 40.13 43.68
CA SER I 422 25.42 38.84 43.03
C SER I 422 26.87 38.65 42.64
N PRO I 423 27.74 38.40 43.66
CA PRO I 423 29.15 38.21 43.40
C PRO I 423 29.38 36.91 42.62
N LEU I 424 30.29 36.95 41.64
CA LEU I 424 30.78 35.74 41.02
C LEU I 424 31.72 34.94 41.98
N TYR I 425 31.23 33.79 42.43
CA TYR I 425 31.97 32.93 43.37
C TYR I 425 33.33 32.43 42.86
N ALA I 426 33.49 32.31 41.55
CA ALA I 426 34.79 32.03 40.95
C ALA I 426 35.87 33.01 41.41
N ILE I 427 35.50 34.30 41.54
CA ILE I 427 36.44 35.33 41.95
C ILE I 427 36.87 35.14 43.42
N CYS I 428 35.87 34.84 44.26
CA CYS I 428 36.05 34.60 45.71
C CYS I 428 36.91 33.37 45.92
N ALA I 429 36.63 32.31 45.15
CA ALA I 429 37.44 31.10 45.18
C ALA I 429 38.91 31.42 44.87
N SER I 430 39.15 32.28 43.88
CA SER I 430 40.52 32.58 43.50
C SER I 430 41.25 33.42 44.59
N ASN I 431 40.48 34.26 45.30
CA ASN I 431 40.97 35.06 46.41
C ASN I 431 41.32 34.20 47.64
N ASP I 432 40.57 33.11 47.84
CA ASP I 432 40.85 32.12 48.88
C ASP I 432 42.14 31.31 48.54
N VAL I 433 42.26 30.86 47.30
CA VAL I 433 43.47 30.15 46.85
C VAL I 433 44.74 31.04 46.95
N ALA I 434 44.63 32.30 46.53
CA ALA I 434 45.74 33.22 46.62
C ALA I 434 46.31 33.35 48.05
N VAL I 435 45.41 33.27 49.03
CA VAL I 435 45.81 33.25 50.45
C VAL I 435 46.60 31.98 50.78
N SER I 436 46.00 30.84 50.43
CA SER I 436 46.57 29.51 50.65
C SER I 436 48.03 29.38 50.11
N MET I 437 48.31 29.98 48.95
CA MET I 437 49.62 29.89 48.32
C MET I 437 50.70 30.62 49.11
N MET I 438 50.28 31.63 49.87
CA MET I 438 51.19 32.47 50.59
C MET I 438 51.39 31.95 52.01
N ASP I 439 50.53 31.01 52.42
CA ASP I 439 50.52 30.46 53.77
C ASP I 439 51.69 29.50 54.00
N GLY I 440 52.51 29.79 55.01
CA GLY I 440 53.58 28.89 55.45
C GLY I 440 54.82 29.00 54.60
N ASN I 441 55.46 27.87 54.34
CA ASN I 441 56.75 27.92 53.63
C ASN I 441 56.59 28.42 52.20
N SER I 442 55.45 28.15 51.56
CA SER I 442 55.30 28.51 50.14
C SER I 442 55.43 30.01 49.84
N GLY I 443 55.01 30.88 50.76
CA GLY I 443 55.07 32.34 50.60
C GLY I 443 56.50 32.84 50.39
N LEU I 444 57.40 32.38 51.26
CA LEU I 444 58.84 32.67 51.14
C LEU I 444 59.41 32.10 49.85
N SER I 445 59.06 30.83 49.57
CA SER I 445 59.63 30.15 48.43
C SER I 445 59.23 30.84 47.14
N LEU I 446 57.95 31.22 47.04
CA LEU I 446 57.41 31.84 45.82
C LEU I 446 57.93 33.24 45.60
N THR I 447 57.96 34.04 46.65
CA THR I 447 58.45 35.42 46.55
C THR I 447 59.94 35.44 46.23
N GLN I 448 60.72 34.57 46.90
CA GLN I 448 62.18 34.48 46.64
C GLN I 448 62.52 34.11 45.20
N GLU I 449 61.70 33.23 44.62
CA GLU I 449 61.85 32.83 43.23
C GLU I 449 61.67 34.03 42.31
N VAL I 450 60.69 34.89 42.61
CA VAL I 450 60.50 36.10 41.77
C VAL I 450 61.71 37.01 41.86
N ILE I 451 62.21 37.23 43.08
CA ILE I 451 63.39 38.05 43.33
C ILE I 451 64.62 37.45 42.62
N ASP I 452 64.81 36.13 42.80
CA ASP I 452 65.92 35.42 42.12
C ASP I 452 65.92 35.64 40.63
N GLU I 453 64.75 35.46 40.01
CA GLU I 453 64.59 35.69 38.54
C GLU I 453 64.89 37.12 38.15
N ALA I 454 64.40 38.06 38.94
CA ALA I 454 64.57 39.48 38.61
C ALA I 454 66.03 39.88 38.81
N VAL I 455 66.68 39.40 39.88
CA VAL I 455 68.11 39.66 40.10
C VAL I 455 68.97 39.09 38.96
N ASP I 456 68.68 37.85 38.54
CA ASP I 456 69.42 37.26 37.44
C ASP I 456 69.34 38.14 36.20
N PHE I 457 68.14 38.65 35.89
CA PHE I 457 67.94 39.50 34.71
C PHE I 457 68.72 40.79 34.89
N ARG I 458 68.59 41.38 36.07
CA ARG I 458 69.29 42.62 36.37
C ARG I 458 70.81 42.42 36.20
N GLN I 459 71.36 41.35 36.79
CA GLN I 459 72.79 41.08 36.70
C GLN I 459 73.29 40.84 35.29
N ALA I 460 72.53 40.10 34.50
CA ALA I 460 72.93 39.79 33.14
C ALA I 460 73.02 41.06 32.28
N MET I 461 72.08 41.98 32.47
CA MET I 461 72.05 43.24 31.73
C MET I 461 73.17 44.11 32.26
N ALA I 462 73.40 44.07 33.59
CA ALA I 462 74.52 44.80 34.19
C ALA I 462 75.85 44.35 33.60
N ARG I 463 76.02 43.03 33.43
CA ARG I 463 77.24 42.46 32.84
C ARG I 463 77.43 42.88 31.39
N LEU I 464 76.34 42.78 30.63
CA LEU I 464 76.34 43.15 29.24
C LEU I 464 76.64 44.63 29.08
N TYR I 465 76.08 45.45 29.95
CA TYR I 465 76.34 46.88 29.84
C TYR I 465 77.84 47.20 29.97
N LYS I 466 78.44 46.65 31.03
CA LYS I 466 79.88 46.68 31.29
C LYS I 466 80.72 46.17 30.12
N GLU I 467 80.32 45.04 29.54
CA GLU I 467 81.06 44.51 28.39
C GLU I 467 80.98 45.42 27.16
N PHE I 468 79.77 45.89 26.83
CA PHE I 468 79.57 46.74 25.65
C PHE I 468 80.29 48.07 25.82
N THR I 469 80.24 48.58 27.04
CA THR I 469 80.88 49.85 27.37
C THR I 469 82.41 49.76 27.26
N ALA I 470 82.99 48.68 27.78
CA ALA I 470 84.43 48.40 27.63
C ALA I 470 84.86 48.29 26.18
N ASP I 471 83.91 47.99 25.31
CA ASP I 471 84.17 47.82 23.89
C ASP I 471 83.84 49.07 23.05
N GLY I 472 83.59 50.19 23.72
CA GLY I 472 83.25 51.44 23.02
C GLY I 472 81.88 51.47 22.37
N SER I 473 80.91 50.78 22.98
CA SER I 473 79.56 50.69 22.45
C SER I 473 78.53 50.95 23.53
N TRP I 474 77.33 51.39 23.13
CA TRP I 474 76.26 51.65 24.10
C TRP I 474 75.49 50.38 24.45
N PHE I 475 74.82 50.37 25.59
CA PHE I 475 73.82 49.35 25.88
C PHE I 475 72.81 49.84 26.93
N PHE I 476 71.75 49.08 27.15
CA PHE I 476 70.79 49.35 28.22
C PHE I 476 71.43 48.99 29.53
N LYS I 477 71.04 49.69 30.60
CA LYS I 477 71.49 49.33 31.96
C LYS I 477 70.28 49.21 32.89
N PRO I 478 70.35 48.28 33.85
CA PRO I 478 69.22 48.14 34.77
C PRO I 478 69.16 49.31 35.75
N TRP I 479 67.96 49.69 36.19
CA TRP I 479 67.87 50.73 37.20
C TRP I 479 67.90 50.15 38.62
N ASN I 480 69.08 50.19 39.23
CA ASN I 480 69.28 49.70 40.59
C ASN I 480 70.61 50.24 41.15
N LYS I 481 70.93 49.90 42.42
CA LYS I 481 72.19 50.30 43.01
C LYS I 481 73.39 49.87 42.15
N GLU I 482 74.40 50.74 42.08
CA GLU I 482 75.60 50.48 41.27
C GLU I 482 76.70 49.80 42.08
N VAL I 483 76.98 50.34 43.26
CA VAL I 483 77.92 49.75 44.20
C VAL I 483 77.21 49.30 45.49
N VAL I 484 77.31 48.01 45.71
CA VAL I 484 76.63 47.29 46.77
C VAL I 484 77.64 46.87 47.88
N THR I 485 77.16 46.58 49.08
CA THR I 485 78.04 46.28 50.22
C THR I 485 77.58 45.02 50.95
N ASP I 486 78.54 44.16 51.26
CA ASP I 486 78.25 42.99 52.05
C ASP I 486 78.29 43.43 53.49
N PRO I 487 77.14 43.37 54.20
CA PRO I 487 77.13 43.90 55.56
C PRO I 487 77.91 43.01 56.54
N GLN I 488 78.17 41.78 56.16
CA GLN I 488 78.87 40.86 57.05
C GLN I 488 80.35 41.18 57.08
N THR I 489 80.90 41.63 55.94
CA THR I 489 82.35 41.81 55.80
C THR I 489 82.82 43.25 55.51
N GLY I 490 81.92 44.07 55.00
CA GLY I 490 82.23 45.44 54.63
C GLY I 490 82.68 45.56 53.19
N LYS I 491 82.77 44.44 52.49
CA LYS I 491 83.19 44.43 51.10
C LYS I 491 82.19 45.02 50.13
N THR I 492 82.76 45.69 49.15
CA THR I 492 82.09 46.44 48.11
C THR I 492 82.14 45.66 46.78
N TYR I 493 80.99 45.51 46.12
CA TYR I 493 80.94 45.01 44.73
C TYR I 493 80.21 45.99 43.82
N ASP I 494 80.65 46.07 42.57
CA ASP I 494 79.76 46.49 41.52
C ASP I 494 78.57 45.53 41.50
N PHE I 495 77.40 46.03 41.07
CA PHE I 495 76.22 45.19 40.95
C PHE I 495 76.45 43.93 40.09
N ALA I 496 77.10 44.10 38.95
CA ALA I 496 77.44 43.00 38.03
C ALA I 496 78.33 41.91 38.66
N ASP I 497 79.11 42.26 39.70
CA ASP I 497 80.04 41.30 40.30
C ASP I 497 79.51 40.70 41.57
N ALA I 498 78.47 41.29 42.15
CA ALA I 498 77.99 40.84 43.46
C ALA I 498 77.55 39.37 43.50
N PRO I 499 77.83 38.66 44.61
CA PRO I 499 77.17 37.35 44.80
C PRO I 499 75.63 37.51 44.80
N THR I 500 74.95 36.70 44.01
CA THR I 500 73.53 36.87 43.81
C THR I 500 72.77 36.72 45.13
N LYS I 501 73.30 35.87 46.00
CA LYS I 501 72.79 35.68 47.36
C LYS I 501 72.79 36.98 48.20
N LEU I 502 73.78 37.83 47.96
CA LEU I 502 73.82 39.14 48.60
C LEU I 502 72.65 40.01 48.09
N LEU I 503 72.51 40.11 46.77
CA LEU I 503 71.45 40.91 46.17
C LEU I 503 70.04 40.37 46.43
N THR I 504 69.88 39.05 46.49
CA THR I 504 68.55 38.48 46.65
C THR I 504 68.05 38.42 48.10
N THR I 505 68.91 38.74 49.07
CA THR I 505 68.50 38.56 50.45
C THR I 505 68.81 39.73 51.34
N VAL I 506 69.64 40.66 50.89
CA VAL I 506 70.08 41.75 51.76
C VAL I 506 69.46 43.08 51.35
N GLN I 507 68.61 43.59 52.23
CA GLN I 507 67.78 44.76 51.95
C GLN I 507 68.62 45.97 51.61
N ASP I 508 69.70 46.15 52.36
CA ASP I 508 70.59 47.28 52.15
C ASP I 508 71.00 47.47 50.68
N CYS I 509 71.14 46.39 49.91
CA CYS I 509 71.43 46.51 48.47
C CYS I 509 70.37 47.28 47.67
N TRP I 510 69.16 47.40 48.23
CA TRP I 510 68.04 48.08 47.57
C TRP I 510 67.67 49.42 48.23
N VAL I 511 68.28 49.73 49.39
CA VAL I 511 67.90 50.95 50.08
C VAL I 511 68.47 52.18 49.37
N MET I 512 67.66 53.22 49.23
CA MET I 512 68.17 54.47 48.65
C MET I 512 68.81 55.36 49.72
N HIS I 513 70.15 55.38 49.73
CA HIS I 513 70.91 56.15 50.68
C HIS I 513 71.18 57.54 50.12
N PRO I 514 71.22 58.55 51.00
CA PRO I 514 71.64 59.87 50.52
C PRO I 514 73.05 59.75 49.94
N GLY I 515 73.33 60.47 48.86
CA GLY I 515 74.67 60.44 48.32
C GLY I 515 74.83 59.53 47.11
N GLU I 516 73.91 58.57 46.98
CA GLU I 516 74.01 57.64 45.87
C GLU I 516 73.29 58.20 44.66
N SER I 517 73.99 58.28 43.54
CA SER I 517 73.43 58.92 42.35
C SER I 517 72.43 58.06 41.55
N TRP I 518 72.46 56.74 41.74
CA TRP I 518 71.63 55.83 40.92
C TRP I 518 70.12 56.08 41.03
N HIS I 519 69.60 56.31 42.23
CA HIS I 519 68.15 56.46 42.39
C HIS I 519 67.62 57.79 41.85
N GLY I 520 68.44 58.83 41.95
CA GLY I 520 68.11 60.11 41.40
C GLY I 520 67.24 61.01 42.24
N PHE I 521 66.86 60.57 43.44
CA PHE I 521 66.02 61.40 44.31
C PHE I 521 66.85 62.30 45.24
N LYS I 522 67.08 63.52 44.76
CA LYS I 522 67.98 64.47 45.40
C LYS I 522 67.53 64.80 46.84
N ASP I 523 68.50 64.79 47.75
CA ASP I 523 68.28 65.15 49.16
C ASP I 523 67.36 64.21 49.95
N ILE I 524 67.11 63.01 49.42
CA ILE I 524 66.37 61.97 50.13
C ILE I 524 66.96 61.63 51.51
N PRO I 525 66.12 61.58 52.54
CA PRO I 525 66.65 61.10 53.82
C PRO I 525 66.97 59.60 53.81
N ASP I 526 67.87 59.19 54.71
CA ASP I 526 68.30 57.81 54.77
C ASP I 526 67.18 56.95 55.34
N ASN I 527 67.19 55.66 55.05
CA ASN I 527 66.32 54.67 55.73
C ASN I 527 64.80 54.96 55.52
N TRP I 528 64.50 55.49 54.33
CA TRP I 528 63.17 55.96 53.97
C TRP I 528 62.50 55.14 52.88
N SER I 529 63.24 54.81 51.84
CA SER I 529 62.67 54.00 50.80
C SER I 529 63.68 53.05 50.15
N MET I 530 63.16 52.03 49.47
CA MET I 530 63.97 51.05 48.76
C MET I 530 63.33 50.72 47.42
N LEU I 531 64.12 50.11 46.55
CA LEU I 531 63.61 49.60 45.29
C LEU I 531 63.30 48.13 45.43
N ASP I 532 62.09 47.78 44.96
CA ASP I 532 61.68 46.40 44.86
C ASP I 532 62.51 45.74 43.76
N PRO I 533 63.25 44.65 44.09
CA PRO I 533 63.99 43.84 43.09
C PRO I 533 63.16 43.42 41.87
N ILE I 534 61.88 43.09 42.08
CA ILE I 534 61.03 42.48 41.02
C ILE I 534 60.42 43.45 39.99
N LYS I 535 60.37 44.74 40.30
CA LYS I 535 59.88 45.73 39.32
C LYS I 535 61.08 46.23 38.54
N VAL I 536 61.41 45.59 37.44
CA VAL I 536 62.70 45.89 36.79
C VAL I 536 62.62 46.95 35.70
N SER I 537 63.20 48.11 35.99
CA SER I 537 63.37 49.15 34.96
C SER I 537 64.73 49.01 34.27
N ILE I 538 64.68 49.16 32.95
CA ILE I 538 65.85 49.14 32.09
C ILE I 538 65.98 50.55 31.51
N LEU I 539 67.18 51.11 31.53
CA LEU I 539 67.40 52.46 31.06
C LEU I 539 68.06 52.46 29.68
N ALA I 540 67.48 53.21 28.74
CA ALA I 540 68.10 53.45 27.44
C ALA I 540 69.10 54.56 27.66
N PRO I 541 70.22 54.55 26.90
CA PRO I 541 71.13 55.70 27.03
C PRO I 541 70.49 57.02 26.53
N GLY I 542 70.82 58.14 27.17
CA GLY I 542 70.44 59.46 26.69
C GLY I 542 70.34 60.53 27.78
N MET I 543 70.05 60.12 29.00
CA MET I 543 69.90 61.06 30.10
C MET I 543 71.18 61.09 30.95
N GLY I 544 71.84 62.24 31.02
CA GLY I 544 73.03 62.37 31.85
C GLY I 544 72.77 62.22 33.36
N GLU I 545 73.83 61.92 34.10
CA GLU I 545 73.81 61.83 35.56
C GLU I 545 73.49 63.16 36.24
N ASP I 546 73.71 64.26 35.52
CA ASP I 546 73.42 65.59 36.06
C ASP I 546 71.99 66.06 35.75
N GLY I 547 71.17 65.19 35.16
CA GLY I 547 69.79 65.54 34.83
C GLY I 547 69.59 66.23 33.48
N GLU I 548 70.68 66.42 32.73
CA GLU I 548 70.59 66.97 31.38
C GLU I 548 70.82 65.89 30.31
N LEU I 549 70.22 66.08 29.15
CA LEU I 549 70.37 65.11 28.06
C LEU I 549 71.78 65.12 27.50
N GLU I 550 72.25 63.96 27.09
CA GLU I 550 73.58 63.79 26.51
C GLU I 550 73.58 64.24 25.04
N GLU I 551 74.72 64.11 24.36
CA GLU I 551 74.81 64.50 22.93
C GLU I 551 74.03 63.56 22.01
N THR I 552 74.00 62.29 22.35
CA THR I 552 73.23 61.29 21.62
C THR I 552 72.48 60.46 22.66
N GLY I 553 71.62 59.57 22.17
CA GLY I 553 70.84 58.69 23.04
C GLY I 553 69.91 57.82 22.23
N VAL I 554 69.24 56.90 22.91
CA VAL I 554 68.32 55.95 22.29
C VAL I 554 66.94 56.00 22.99
N PRO I 555 65.96 56.61 22.31
CA PRO I 555 64.60 56.78 22.85
C PRO I 555 63.91 55.45 23.12
N ALA I 556 63.41 55.30 24.35
CA ALA I 556 62.67 54.12 24.77
C ALA I 556 61.44 53.81 23.91
N ALA I 557 60.76 54.85 23.42
CA ALA I 557 59.54 54.65 22.58
C ALA I 557 59.83 53.68 21.44
N LEU I 558 61.01 53.87 20.86
CA LEU I 558 61.43 53.09 19.72
C LEU I 558 61.73 51.64 20.14
N VAL I 559 62.30 51.50 21.34
CA VAL I 559 62.63 50.19 21.88
C VAL I 559 61.36 49.40 22.16
N THR I 560 60.42 50.00 22.87
CA THR I 560 59.11 49.37 23.13
C THR I 560 58.43 48.86 21.87
N ALA I 561 58.38 49.69 20.83
CA ALA I 561 57.79 49.32 19.55
C ALA I 561 58.48 48.05 19.03
N TRP I 562 59.80 48.01 19.17
CA TRP I 562 60.53 46.82 18.78
C TRP I 562 60.07 45.60 19.59
N LEU I 563 59.91 45.77 20.90
CA LEU I 563 59.52 44.68 21.77
C LEU I 563 58.12 44.15 21.38
N GLY I 564 57.15 45.07 21.30
CA GLY I 564 55.79 44.81 20.80
C GLY I 564 55.69 43.98 19.53
N ARG I 565 56.60 44.20 18.57
CA ARG I 565 56.66 43.34 17.37
C ARG I 565 57.07 41.88 17.62
N HIS I 566 57.66 41.60 18.79
CA HIS I 566 58.06 40.23 19.14
C HIS I 566 57.18 39.71 20.24
N GLY I 567 56.05 40.39 20.42
CA GLY I 567 55.07 40.03 21.43
C GLY I 567 55.72 40.09 22.78
N ILE I 568 56.26 41.27 23.12
CA ILE I 568 56.74 41.57 24.46
C ILE I 568 56.31 42.98 24.75
N VAL I 569 55.41 43.13 25.71
CA VAL I 569 54.92 44.43 26.06
C VAL I 569 55.36 44.73 27.49
N PRO I 570 56.14 45.82 27.67
CA PRO I 570 56.44 46.31 29.02
C PRO I 570 55.18 46.91 29.67
N THR I 571 55.23 47.16 30.97
CA THR I 571 54.13 47.77 31.71
C THR I 571 54.19 49.28 31.60
N ARG I 572 55.41 49.79 31.48
CA ARG I 572 55.72 51.22 31.48
C ARG I 572 56.94 51.52 30.62
N THR I 573 56.72 52.39 29.64
CA THR I 573 57.73 52.93 28.77
C THR I 573 57.67 54.45 28.90
N THR I 574 58.77 55.08 29.33
CA THR I 574 58.90 56.54 29.30
C THR I 574 59.96 57.04 28.29
N ASP I 575 60.64 58.16 28.59
CA ASP I 575 61.65 58.69 27.66
C ASP I 575 62.81 57.69 27.47
N PHE I 576 63.29 57.14 28.60
CA PHE I 576 64.43 56.22 28.61
C PHE I 576 64.20 54.99 29.48
N GLN I 577 63.11 54.98 30.22
CA GLN I 577 62.79 53.90 31.11
C GLN I 577 61.84 52.92 30.42
N ILE I 578 62.16 51.64 30.57
CA ILE I 578 61.24 50.56 30.25
C ILE I 578 61.17 49.59 31.45
N MET I 579 59.97 49.42 32.02
CA MET I 579 59.80 48.48 33.12
C MET I 579 59.14 47.12 32.76
N PHE I 580 59.74 46.05 33.25
CA PHE I 580 59.20 44.73 33.12
C PHE I 580 58.78 44.23 34.48
N LEU I 581 57.55 43.75 34.54
CA LEU I 581 57.01 43.21 35.76
C LEU I 581 57.43 41.74 35.86
N PHE I 582 58.02 41.38 36.99
CA PHE I 582 58.28 39.97 37.32
C PHE I 582 57.22 39.58 38.35
N SER I 583 56.68 38.38 38.23
CA SER I 583 55.67 37.91 39.17
C SER I 583 55.77 36.41 39.40
N MET I 584 55.02 35.91 40.37
CA MET I 584 54.94 34.47 40.65
C MET I 584 54.55 33.63 39.44
N GLY I 585 53.94 34.26 38.44
CA GLY I 585 53.53 33.56 37.21
C GLY I 585 54.61 33.44 36.15
N VAL I 586 55.76 34.11 36.34
CA VAL I 586 56.90 33.93 35.43
C VAL I 586 57.58 32.57 35.66
N THR I 587 58.04 31.98 34.57
CA THR I 587 58.75 30.71 34.65
C THR I 587 60.24 31.01 34.49
N ARG I 588 61.05 30.19 35.16
CA ARG I 588 62.48 30.41 35.30
C ARG I 588 63.18 30.51 33.95
N GLY I 589 64.13 31.44 33.84
CA GLY I 589 64.86 31.66 32.58
C GLY I 589 64.19 32.50 31.50
N LYS I 590 62.88 32.69 31.62
CA LYS I 590 62.08 33.47 30.68
C LYS I 590 62.65 34.84 30.32
N TRP I 591 63.28 35.52 31.28
CA TRP I 591 63.88 36.82 31.03
C TRP I 591 64.93 36.77 29.96
N GLY I 592 65.49 35.59 29.67
CA GLY I 592 66.47 35.44 28.60
C GLY I 592 65.89 35.93 27.29
N THR I 593 64.57 35.80 27.17
CA THR I 593 63.89 36.21 25.97
C THR I 593 63.97 37.75 25.81
N LEU I 594 63.96 38.46 26.93
CA LEU I 594 64.14 39.91 26.95
C LEU I 594 65.54 40.33 26.50
N VAL I 595 66.57 39.74 27.11
CA VAL I 595 67.94 40.02 26.69
C VAL I 595 68.10 39.78 25.19
N ASN I 596 67.62 38.64 24.71
CA ASN I 596 67.71 38.30 23.27
C ASN I 596 67.12 39.40 22.38
N THR I 597 65.95 39.89 22.79
CA THR I 597 65.21 40.92 22.05
C THR I 597 65.85 42.29 22.19
N LEU I 598 66.35 42.63 23.38
CA LEU I 598 67.14 43.89 23.51
C LEU I 598 68.39 43.93 22.63
N CYS I 599 69.08 42.80 22.52
CA CYS I 599 70.29 42.71 21.68
C CYS I 599 70.03 42.82 20.19
N SER I 600 68.95 42.20 19.71
CA SER I 600 68.64 42.30 18.29
C SER I 600 68.14 43.71 17.93
N PHE I 601 67.50 44.40 18.88
CA PHE I 601 67.27 45.82 18.69
C PHE I 601 68.60 46.55 18.45
N LYS I 602 69.53 46.45 19.39
CA LYS I 602 70.85 47.08 19.30
C LYS I 602 71.57 46.73 17.99
N ARG I 603 71.48 45.47 17.57
CA ARG I 603 72.01 45.03 16.29
C ARG I 603 71.42 45.81 15.11
N HIS I 604 70.10 45.90 15.06
CA HIS I 604 69.41 46.64 13.99
C HIS I 604 69.64 48.14 14.07
N TYR I 605 69.69 48.67 15.29
CA TYR I 605 69.99 50.07 15.55
C TYR I 605 71.39 50.44 15.03
N ASP I 606 72.42 49.70 15.47
CA ASP I 606 73.81 49.92 15.02
C ASP I 606 74.00 49.81 13.50
N ALA I 607 73.26 48.91 12.87
CA ALA I 607 73.31 48.73 11.41
C ALA I 607 72.35 49.69 10.67
N ASN I 608 71.56 50.46 11.41
CA ASN I 608 70.53 51.37 10.85
C ASN I 608 69.63 50.75 9.78
N THR I 609 69.04 49.60 10.12
CA THR I 609 68.22 48.85 9.20
C THR I 609 67.01 49.68 8.78
N PRO I 610 66.75 49.77 7.46
CA PRO I 610 65.56 50.46 6.96
C PRO I 610 64.31 50.03 7.73
N LEU I 611 63.48 51.00 8.10
CA LEU I 611 62.23 50.75 8.83
C LEU I 611 61.28 49.83 8.06
N ALA I 612 61.33 49.88 6.73
CA ALA I 612 60.56 48.96 5.87
C ALA I 612 60.82 47.47 6.19
N GLN I 613 62.05 47.17 6.61
CA GLN I 613 62.41 45.84 7.09
C GLN I 613 61.94 45.63 8.53
N VAL I 614 62.36 46.50 9.44
CA VAL I 614 62.15 46.26 10.88
C VAL I 614 60.81 46.69 11.46
N MET I 615 60.18 47.71 10.89
CA MET I 615 58.90 48.22 11.37
C MET I 615 57.99 48.48 10.18
N PRO I 616 57.54 47.39 9.53
CA PRO I 616 56.85 47.49 8.25
C PRO I 616 55.44 48.07 8.40
N GLU I 617 54.76 47.70 9.49
CA GLU I 617 53.43 48.18 9.78
C GLU I 617 53.42 49.70 9.98
N LEU I 618 54.45 50.22 10.67
CA LEU I 618 54.59 51.66 10.86
C LEU I 618 54.81 52.40 9.54
N VAL I 619 55.53 51.78 8.60
CA VAL I 619 55.84 52.41 7.32
C VAL I 619 54.64 52.35 6.37
N GLU I 620 53.94 51.22 6.39
CA GLU I 620 52.76 51.02 5.54
C GLU I 620 51.57 51.88 5.99
N GLN I 621 51.49 52.15 7.30
CA GLN I 621 50.51 53.06 7.90
C GLN I 621 50.83 54.55 7.69
N TYR I 622 52.07 54.96 7.92
CA TYR I 622 52.47 56.38 7.74
C TYR I 622 53.64 56.54 6.77
N PRO I 623 53.41 56.24 5.48
CA PRO I 623 54.51 56.23 4.52
C PRO I 623 55.21 57.57 4.35
N ASP I 624 54.49 58.68 4.49
CA ASP I 624 55.10 59.98 4.23
C ASP I 624 56.12 60.42 5.29
N THR I 625 55.95 59.97 6.53
CA THR I 625 56.85 60.31 7.63
C THR I 625 58.13 59.45 7.63
N TYR I 626 57.96 58.16 7.37
CA TYR I 626 58.95 57.15 7.70
C TYR I 626 59.55 56.44 6.47
N ALA I 627 59.34 57.01 5.29
CA ALA I 627 59.90 56.45 4.07
C ALA I 627 61.37 56.84 3.98
N ASN I 628 62.18 55.88 3.52
CA ASN I 628 63.60 56.09 3.27
C ASN I 628 64.40 56.40 4.53
N MET I 629 63.85 55.99 5.68
CA MET I 629 64.50 56.16 6.97
C MET I 629 64.90 54.80 7.52
N GLY I 630 66.07 54.75 8.15
CA GLY I 630 66.44 53.61 8.97
C GLY I 630 66.08 53.81 10.44
N ILE I 631 66.09 52.72 11.20
CA ILE I 631 65.74 52.75 12.60
C ILE I 631 66.64 53.67 13.45
N HIS I 632 67.92 53.80 13.05
CA HIS I 632 68.84 54.76 13.70
C HIS I 632 68.49 56.22 13.36
N ASP I 633 68.12 56.47 12.10
CA ASP I 633 67.64 57.80 11.67
C ASP I 633 66.49 58.26 12.56
N LEU I 634 65.49 57.40 12.73
CA LEU I 634 64.32 57.73 13.53
C LEU I 634 64.70 57.95 14.99
N GLY I 635 65.52 57.05 15.54
CA GLY I 635 66.05 57.22 16.88
C GLY I 635 66.70 58.59 17.05
N ASP I 636 67.50 58.97 16.06
CA ASP I 636 68.23 60.25 16.07
C ASP I 636 67.30 61.44 15.99
N THR I 637 66.30 61.35 15.12
CA THR I 637 65.25 62.36 14.97
C THR I 637 64.46 62.54 16.28
N MET I 638 64.08 61.42 16.90
CA MET I 638 63.38 61.48 18.18
C MET I 638 64.26 62.11 19.25
N PHE I 639 65.56 61.80 19.24
CA PHE I 639 66.43 62.34 20.27
C PHE I 639 66.65 63.85 20.02
N ALA I 640 66.73 64.23 18.74
CA ALA I 640 66.80 65.64 18.36
C ALA I 640 65.59 66.40 18.90
N TRP I 641 64.39 65.83 18.73
CA TRP I 641 63.15 66.39 19.27
C TRP I 641 63.25 66.64 20.78
N LEU I 642 63.81 65.69 21.53
CA LEU I 642 63.91 65.82 22.98
C LEU I 642 64.90 66.90 23.35
N LYS I 643 66.07 66.87 22.71
CA LYS I 643 67.07 67.95 22.81
C LYS I 643 66.46 69.32 22.58
N GLU I 644 65.65 69.41 21.52
CA GLU I 644 65.00 70.67 21.12
C GLU I 644 63.85 71.13 22.03
N ASN I 645 63.06 70.19 22.55
CA ASN I 645 61.85 70.53 23.31
C ASN I 645 61.95 70.32 24.81
N ASN I 646 62.98 69.60 25.25
CA ASN I 646 63.24 69.35 26.68
C ASN I 646 61.99 68.93 27.48
N PRO I 647 61.39 67.78 27.14
CA PRO I 647 60.16 67.40 27.85
C PRO I 647 60.34 67.14 29.34
N GLY I 648 61.53 66.70 29.75
CA GLY I 648 61.80 66.39 31.14
C GLY I 648 61.70 67.60 32.06
N ALA I 649 62.12 68.74 31.52
CA ALA I 649 62.00 70.03 32.20
C ALA I 649 60.54 70.46 32.31
N ARG I 650 59.76 70.20 31.27
CA ARG I 650 58.34 70.52 31.26
C ARG I 650 57.63 69.69 32.31
N LEU I 651 57.80 68.38 32.23
CA LEU I 651 57.35 67.47 33.25
C LEU I 651 57.64 68.06 34.63
N ASN I 652 58.90 68.38 34.92
CA ASN I 652 59.20 68.98 36.22
C ASN I 652 58.41 70.27 36.52
N GLU I 653 58.35 71.19 35.55
CA GLU I 653 57.54 72.43 35.66
C GLU I 653 56.11 72.13 36.14
N ALA I 654 55.46 71.19 35.46
CA ALA I 654 54.05 70.90 35.68
C ALA I 654 53.77 70.23 37.03
N TYR I 655 54.81 69.74 37.69
CA TYR I 655 54.61 68.96 38.91
C TYR I 655 55.21 69.55 40.18
N SER I 656 55.93 70.67 40.04
CA SER I 656 56.59 71.28 41.19
C SER I 656 55.58 71.92 42.16
N GLY I 657 54.88 72.96 41.70
CA GLY I 657 53.82 73.55 42.52
C GLY I 657 52.46 73.00 42.10
N LEU I 658 51.64 72.67 43.10
CA LEU I 658 50.30 72.11 42.87
C LEU I 658 49.42 73.13 42.15
N PRO I 659 48.53 72.67 41.23
CA PRO I 659 47.56 73.59 40.66
C PRO I 659 46.58 74.02 41.75
N VAL I 660 46.11 75.27 41.67
CA VAL I 660 45.09 75.79 42.59
C VAL I 660 43.72 75.08 42.52
N ALA I 661 43.31 74.52 43.66
CA ALA I 661 42.00 73.92 43.79
C ALA I 661 40.97 75.02 43.96
N GLU I 662 40.01 75.04 43.05
CA GLU I 662 39.00 76.08 43.09
C GLU I 662 37.77 75.55 43.82
N VAL I 663 37.33 74.35 43.43
CA VAL I 663 36.23 73.63 44.04
C VAL I 663 36.73 72.24 44.37
N THR I 664 36.00 71.50 45.22
CA THR I 664 36.35 70.11 45.49
C THR I 664 36.12 69.21 44.27
N PRO I 665 36.73 68.02 44.28
CA PRO I 665 36.47 67.08 43.19
C PRO I 665 34.98 66.71 43.05
N ARG I 666 34.27 66.57 44.19
CA ARG I 666 32.84 66.31 44.18
C ARG I 666 32.07 67.44 43.48
N GLU I 667 32.38 68.69 43.85
CA GLU I 667 31.73 69.87 43.29
C GLU I 667 31.97 69.96 41.80
N ALA I 668 33.21 69.72 41.38
CA ALA I 668 33.53 69.63 39.95
C ALA I 668 32.79 68.47 39.27
N TYR I 669 32.69 67.32 39.94
CA TYR I 669 31.96 66.18 39.33
C TYR I 669 30.50 66.58 39.07
N ASN I 670 29.88 67.21 40.07
CA ASN I 670 28.50 67.74 40.00
C ASN I 670 28.26 68.65 38.82
N ALA I 671 29.24 69.45 38.43
CA ALA I 671 29.08 70.27 37.22
C ALA I 671 28.79 69.41 35.97
N ILE I 672 29.32 68.19 35.91
CA ILE I 672 29.05 67.31 34.80
C ILE I 672 27.56 66.91 34.81
N VAL I 673 27.04 66.64 36.01
CA VAL I 673 25.67 66.21 36.23
C VAL I 673 24.70 67.34 35.89
N ASP I 674 25.03 68.56 36.31
CA ASP I 674 24.26 69.76 35.98
C ASP I 674 24.39 70.16 34.53
N ASN I 675 25.13 69.38 33.75
CA ASN I 675 25.38 69.71 32.35
C ASN I 675 26.07 71.07 32.19
N ASN I 676 26.91 71.41 33.16
CA ASN I 676 27.62 72.67 33.15
C ASN I 676 29.10 72.58 32.74
N VAL I 677 29.40 71.69 31.80
CA VAL I 677 30.80 71.41 31.38
C VAL I 677 30.96 71.46 29.85
N GLU I 678 32.19 71.61 29.37
CA GLU I 678 32.44 71.66 27.92
C GLU I 678 33.86 71.25 27.60
N LEU I 679 34.06 70.67 26.41
CA LEU I 679 35.39 70.39 25.89
C LEU I 679 36.12 71.66 25.50
N VAL I 680 37.17 71.98 26.23
CA VAL I 680 38.01 73.13 25.97
C VAL I 680 39.31 72.68 25.29
N SER I 681 39.55 73.23 24.10
CA SER I 681 40.78 73.02 23.33
C SER I 681 42.02 73.48 24.12
N ILE I 682 43.17 72.89 23.82
CA ILE I 682 44.42 73.17 24.56
C ILE I 682 44.74 74.67 24.82
N GLU I 683 44.77 75.49 23.77
CA GLU I 683 45.15 76.89 23.92
C GLU I 683 44.14 77.71 24.75
N ASN I 684 42.99 77.11 25.06
CA ASN I 684 41.95 77.80 25.86
C ASN I 684 41.92 77.34 27.31
N LEU I 685 42.72 76.35 27.65
CA LEU I 685 42.73 75.80 29.00
C LEU I 685 43.14 76.78 30.13
N PRO I 686 44.14 77.67 29.89
CA PRO I 686 44.44 78.65 30.95
C PRO I 686 43.17 79.31 31.51
N GLY I 687 43.07 79.42 32.83
CA GLY I 687 41.90 79.98 33.53
C GLY I 687 40.73 79.02 33.79
N ARG I 688 40.77 77.84 33.16
CA ARG I 688 39.66 76.91 33.28
C ARG I 688 39.80 75.87 34.40
N ILE I 689 38.66 75.49 34.98
CA ILE I 689 38.56 74.42 35.97
C ILE I 689 38.28 73.06 35.30
N ALA I 690 39.19 72.09 35.48
CA ALA I 690 39.02 70.71 34.98
C ALA I 690 37.82 70.01 35.64
N ALA I 691 36.96 69.44 34.81
CA ALA I 691 35.79 68.70 35.27
C ALA I 691 36.13 67.25 35.57
N ASN I 692 37.27 66.78 35.05
CA ASN I 692 37.78 65.47 35.38
C ASN I 692 39.30 65.58 35.62
N SER I 693 39.93 64.55 36.18
CA SER I 693 41.39 64.56 36.37
C SER I 693 42.16 64.32 35.08
N VAL I 694 43.38 64.83 35.01
CA VAL I 694 44.16 64.76 33.79
C VAL I 694 45.46 64.10 34.16
N ILE I 695 45.75 62.97 33.52
CA ILE I 695 46.90 62.10 33.92
C ILE I 695 47.76 61.74 32.73
N PRO I 696 48.86 62.49 32.53
CA PRO I 696 49.76 62.19 31.41
C PRO I 696 50.69 61.01 31.74
N TYR I 697 51.13 60.33 30.69
CA TYR I 697 52.15 59.30 30.79
C TYR I 697 53.33 59.68 29.89
N PRO I 698 54.48 60.00 30.51
CA PRO I 698 54.74 59.97 31.94
C PRO I 698 54.29 61.27 32.61
N PRO I 699 54.36 61.34 33.94
CA PRO I 699 54.79 60.35 34.91
C PRO I 699 53.67 59.43 35.41
N GLY I 700 52.47 59.52 34.84
CA GLY I 700 51.38 58.59 35.17
C GLY I 700 50.86 58.73 36.59
N ILE I 701 51.01 59.92 37.17
CA ILE I 701 50.22 60.34 38.35
C ILE I 701 49.44 61.61 37.98
N PRO I 702 48.33 61.90 38.70
CA PRO I 702 47.50 63.06 38.28
C PRO I 702 48.29 64.36 38.21
N MET I 703 48.17 65.05 37.07
CA MET I 703 48.66 66.41 36.94
C MET I 703 47.63 67.44 37.46
N LEU I 704 46.37 67.23 37.10
CA LEU I 704 45.24 67.92 37.71
C LEU I 704 44.26 66.88 38.20
N LEU I 705 43.70 67.12 39.37
CA LEU I 705 42.46 66.46 39.78
C LEU I 705 41.24 67.33 39.38
N SER I 706 40.04 66.73 39.41
CA SER I 706 38.80 67.46 39.22
C SER I 706 38.68 68.64 40.17
N GLY I 707 38.35 69.79 39.59
CA GLY I 707 38.10 70.97 40.39
C GLY I 707 39.27 71.91 40.50
N GLU I 708 40.40 71.55 39.86
CA GLU I 708 41.64 72.34 39.92
C GLU I 708 41.75 73.23 38.70
N ASN I 709 42.36 74.40 38.90
CA ASN I 709 42.49 75.41 37.84
C ASN I 709 43.77 75.16 37.09
N PHE I 710 43.73 75.30 35.76
CA PHE I 710 44.87 75.02 34.92
C PHE I 710 46.00 76.03 35.07
N GLY I 711 45.72 77.15 35.73
CA GLY I 711 46.71 78.20 35.95
C GLY I 711 46.59 79.31 34.94
N ASP I 712 47.58 80.21 34.90
CA ASP I 712 47.46 81.40 34.07
C ASP I 712 48.01 81.20 32.64
N LYS I 713 48.30 82.29 31.93
CA LYS I 713 48.76 82.21 30.53
C LYS I 713 50.06 81.40 30.39
N ASN I 714 50.84 81.37 31.46
CA ASN I 714 52.12 80.66 31.47
C ASN I 714 52.09 79.33 32.20
N SER I 715 50.87 78.83 32.44
CA SER I 715 50.66 77.54 33.09
C SER I 715 51.65 76.49 32.59
N PRO I 716 52.47 75.96 33.51
CA PRO I 716 53.36 74.85 33.16
C PRO I 716 52.61 73.53 32.90
N GLN I 717 51.43 73.38 33.48
CA GLN I 717 50.57 72.22 33.22
C GLN I 717 50.11 72.24 31.77
N VAL I 718 49.70 73.41 31.27
CA VAL I 718 49.37 73.55 29.85
C VAL I 718 50.61 73.37 28.95
N SER I 719 51.74 73.96 29.36
CA SER I 719 52.99 73.77 28.62
C SER I 719 53.33 72.28 28.40
N TYR I 720 53.11 71.46 29.43
CA TYR I 720 53.35 70.05 29.36
C TYR I 720 52.43 69.32 28.36
N LEU I 721 51.17 69.72 28.28
CA LEU I 721 50.27 69.12 27.28
C LEU I 721 50.70 69.45 25.86
N ARG I 722 51.20 70.68 25.68
CA ARG I 722 51.77 71.15 24.43
C ARG I 722 52.92 70.26 24.01
N SER I 723 53.79 69.92 24.97
CA SER I 723 54.96 69.13 24.63
C SER I 723 54.57 67.71 24.24
N LEU I 724 53.65 67.12 24.99
CA LEU I 724 53.07 65.82 24.59
C LEU I 724 52.40 65.88 23.22
N GLN I 725 51.62 66.92 22.96
CA GLN I 725 50.94 67.11 21.68
C GLN I 725 51.90 67.28 20.49
N SER I 726 53.01 67.97 20.72
CA SER I 726 54.01 68.13 19.67
C SER I 726 54.73 66.81 19.33
N TRP I 727 55.07 66.04 20.35
CA TRP I 727 55.64 64.69 20.15
C TRP I 727 54.70 63.87 19.26
N ASP I 728 53.40 63.96 19.56
CA ASP I 728 52.42 63.16 18.85
C ASP I 728 52.40 63.55 17.38
N HIS I 729 52.55 64.84 17.09
CA HIS I 729 52.40 65.33 15.71
C HIS I 729 53.65 64.99 14.91
N HIS I 730 54.80 65.09 15.56
CA HIS I 730 56.09 64.72 14.96
C HIS I 730 56.23 63.21 14.72
N PHE I 731 55.72 62.39 15.64
CA PHE I 731 55.95 60.94 15.58
C PHE I 731 54.66 60.12 15.66
N PRO I 732 53.89 60.11 14.55
CA PRO I 732 52.68 59.32 14.50
C PRO I 732 53.02 57.85 14.70
N GLY I 733 52.13 57.11 15.32
CA GLY I 733 52.38 55.72 15.67
C GLY I 733 53.02 55.59 17.05
N PHE I 734 53.49 56.72 17.60
CA PHE I 734 54.22 56.75 18.88
C PHE I 734 53.58 57.69 19.92
N GLU I 735 52.27 57.89 19.80
CA GLU I 735 51.53 58.89 20.57
C GLU I 735 51.46 58.57 22.07
N HIS I 736 51.51 59.63 22.89
CA HIS I 736 51.34 59.46 24.33
C HIS I 736 49.90 59.11 24.67
N GLU I 737 49.70 58.45 25.81
CA GLU I 737 48.39 58.38 26.46
C GLU I 737 48.32 59.42 27.55
N THR I 738 47.17 60.09 27.61
CA THR I 738 46.86 60.99 28.70
C THR I 738 45.43 60.77 29.12
N GLU I 739 45.20 60.15 30.28
CA GLU I 739 43.84 59.98 30.76
C GLU I 739 43.20 61.34 31.01
N GLY I 740 41.95 61.48 30.57
CA GLY I 740 41.19 62.65 30.91
C GLY I 740 41.13 63.66 29.79
N THR I 741 41.76 63.32 28.68
CA THR I 741 41.72 64.16 27.50
C THR I 741 40.93 63.51 26.38
N GLU I 742 40.39 64.33 25.50
CA GLU I 742 39.92 63.87 24.21
C GLU I 742 40.76 64.57 23.13
N ILE I 743 41.11 63.81 22.09
CA ILE I 743 41.99 64.31 21.05
C ILE I 743 41.26 64.44 19.72
N ILE I 744 41.16 65.69 19.25
CA ILE I 744 40.32 66.00 18.09
C ILE I 744 41.16 66.65 16.98
N ASP I 745 41.14 66.04 15.80
CA ASP I 745 42.03 66.43 14.66
C ASP I 745 43.47 66.59 15.15
N GLY I 746 43.82 65.79 16.14
CA GLY I 746 45.17 65.80 16.70
C GLY I 746 45.43 66.84 17.77
N ILE I 747 44.41 67.62 18.11
CA ILE I 747 44.52 68.64 19.17
C ILE I 747 43.87 68.12 20.46
N TYR I 748 44.58 68.28 21.58
CA TYR I 748 44.14 67.89 22.91
C TYR I 748 42.98 68.76 23.36
N HIS I 749 42.04 68.15 24.07
CA HIS I 749 40.96 68.88 24.70
C HIS I 749 40.76 68.27 26.08
N VAL I 750 40.30 69.09 27.03
CA VAL I 750 39.84 68.60 28.34
C VAL I 750 38.45 69.16 28.60
N MET I 751 37.60 68.32 29.20
CA MET I 751 36.30 68.75 29.66
C MET I 751 36.49 69.65 30.87
N CYS I 752 35.95 70.87 30.80
CA CYS I 752 36.05 71.86 31.90
C CYS I 752 34.70 72.39 32.35
N VAL I 753 34.65 72.87 33.59
CA VAL I 753 33.45 73.57 34.12
C VAL I 753 33.27 74.89 33.35
N LYS I 754 32.05 75.19 32.90
CA LYS I 754 31.78 76.44 32.19
C LYS I 754 32.02 77.67 33.06
N ALA I 755 32.45 78.75 32.41
CA ALA I 755 32.38 80.09 33.02
C ALA I 755 30.91 80.41 33.36
N MET J 1 55.90 20.23 13.80
CA MET J 1 57.03 20.90 14.49
C MET J 1 58.03 19.83 14.93
N LYS J 2 59.29 20.06 14.56
CA LYS J 2 60.37 19.11 14.82
C LYS J 2 61.40 19.74 15.75
N VAL J 3 61.71 19.04 16.84
CA VAL J 3 62.81 19.41 17.74
C VAL J 3 63.98 18.39 17.62
N LEU J 4 65.20 18.92 17.51
CA LEU J 4 66.39 18.11 17.80
C LEU J 4 66.92 18.41 19.20
N ILE J 5 66.95 17.37 20.05
CA ILE J 5 67.58 17.46 21.35
C ILE J 5 68.90 16.70 21.35
N VAL J 6 69.99 17.41 21.67
CA VAL J 6 71.31 16.79 21.76
C VAL J 6 71.78 16.66 23.22
N GLU J 7 71.86 15.42 23.70
CA GLU J 7 72.40 15.19 25.04
C GLU J 7 73.92 15.05 25.00
N SER J 8 74.60 15.98 25.65
CA SER J 8 76.06 16.03 25.68
C SER J 8 76.57 14.79 26.37
N GLU J 9 77.47 14.09 25.69
CA GLU J 9 78.13 12.90 26.22
C GLU J 9 78.88 13.20 27.51
N PHE J 10 79.26 14.46 27.72
CA PHE J 10 79.93 14.89 28.96
C PHE J 10 79.03 14.85 30.21
N LEU J 11 77.71 14.73 30.01
CA LEU J 11 76.79 14.58 31.13
C LEU J 11 76.19 13.18 31.25
N HIS J 12 76.65 12.21 30.46
CA HIS J 12 76.01 10.88 30.49
C HIS J 12 76.04 10.17 31.87
N GLN J 13 77.04 10.50 32.68
CA GLN J 13 77.22 9.91 34.01
C GLN J 13 76.24 10.48 35.05
N ASP J 14 75.89 11.76 34.92
CA ASP J 14 74.76 12.38 35.65
C ASP J 14 73.40 11.91 35.10
N THR J 15 72.97 10.72 35.49
CA THR J 15 71.80 10.06 34.87
C THR J 15 70.49 10.86 35.04
N TRP J 16 70.49 11.76 36.02
CA TRP J 16 69.31 12.55 36.33
C TRP J 16 69.08 13.67 35.31
N VAL J 17 70.14 14.07 34.61
CA VAL J 17 70.02 14.97 33.45
C VAL J 17 69.22 14.32 32.31
N GLY J 18 69.55 13.06 32.00
CA GLY J 18 68.79 12.24 31.05
C GLY J 18 67.34 12.07 31.45
N ASN J 19 67.08 11.80 32.74
CA ASN J 19 65.70 11.74 33.26
C ASN J 19 64.96 13.03 32.98
N ALA J 20 65.58 14.16 33.34
CA ALA J 20 64.99 15.47 33.10
C ALA J 20 64.70 15.69 31.62
N VAL J 21 65.66 15.37 30.77
CA VAL J 21 65.48 15.51 29.32
C VAL J 21 64.37 14.61 28.80
N GLU J 22 64.26 13.40 29.34
CA GLU J 22 63.20 12.49 28.91
C GLU J 22 61.81 13.01 29.32
N ARG J 23 61.69 13.55 30.53
CA ARG J 23 60.47 14.26 30.95
C ARG J 23 60.08 15.36 29.98
N LEU J 24 61.07 16.14 29.52
CA LEU J 24 60.84 17.21 28.53
C LEU J 24 60.44 16.71 27.12
N ALA J 25 61.13 15.70 26.63
CA ALA J 25 60.73 15.00 25.44
C ALA J 25 59.26 14.52 25.52
N ASP J 26 58.86 13.89 26.64
CA ASP J 26 57.45 13.51 26.86
C ASP J 26 56.48 14.70 26.73
N ALA J 27 56.82 15.80 27.38
CA ALA J 27 55.98 16.98 27.39
C ALA J 27 55.84 17.59 25.98
N LEU J 28 56.95 17.58 25.23
CA LEU J 28 56.96 18.01 23.83
C LEU J 28 56.03 17.16 22.95
N SER J 29 56.08 15.83 23.10
CA SER J 29 55.19 14.94 22.36
C SER J 29 53.69 15.16 22.65
N GLN J 30 53.38 15.50 23.89
CA GLN J 30 52.03 15.82 24.32
C GLN J 30 51.52 17.07 23.65
N GLN J 31 52.43 17.90 23.16
CA GLN J 31 52.04 19.07 22.39
C GLN J 31 52.21 18.82 20.89
N ASN J 32 52.26 17.54 20.51
CA ASN J 32 52.27 17.10 19.11
C ASN J 32 53.54 17.55 18.34
N VAL J 33 54.64 17.59 19.07
CA VAL J 33 55.95 17.93 18.52
C VAL J 33 56.71 16.65 18.19
N THR J 34 57.31 16.55 17.01
CA THR J 34 58.19 15.40 16.70
C THR J 34 59.56 15.67 17.36
N VAL J 35 60.01 14.69 18.15
CA VAL J 35 61.26 14.84 18.86
C VAL J 35 62.30 13.89 18.27
N ILE J 36 63.44 14.45 17.84
CA ILE J 36 64.59 13.64 17.45
C ILE J 36 65.59 13.69 18.58
N LYS J 37 65.89 12.54 19.15
CA LYS J 37 66.80 12.47 20.27
C LYS J 37 68.21 12.10 19.84
N SER J 38 69.19 12.82 20.38
CA SER J 38 70.57 12.57 20.04
C SER J 38 71.41 12.43 21.30
N THR J 39 72.25 11.41 21.36
CA THR J 39 73.04 11.20 22.59
C THR J 39 74.54 11.50 22.49
N SER J 40 74.94 12.32 21.53
CA SER J 40 76.30 12.86 21.43
C SER J 40 76.31 14.01 20.45
N PHE J 41 77.25 14.94 20.61
CA PHE J 41 77.43 16.01 19.64
C PHE J 41 77.73 15.45 18.23
N ASP J 42 78.48 14.36 18.16
CA ASP J 42 78.89 13.81 16.88
C ASP J 42 77.68 13.34 16.09
N ASP J 43 76.76 12.69 16.80
CA ASP J 43 75.45 12.31 16.24
C ASP J 43 74.65 13.56 15.82
N GLY J 44 74.59 14.55 16.69
CA GLY J 44 73.95 15.82 16.37
C GLY J 44 74.59 16.51 15.18
N PHE J 45 75.92 16.55 15.13
CA PHE J 45 76.62 17.08 13.96
C PHE J 45 76.12 16.37 12.68
N ALA J 46 76.12 15.04 12.69
CA ALA J 46 75.73 14.27 11.50
C ALA J 46 74.29 14.55 11.08
N ILE J 47 73.34 14.46 12.01
CA ILE J 47 71.95 14.88 11.72
C ILE J 47 71.86 16.27 11.05
N LEU J 48 72.57 17.24 11.62
CA LEU J 48 72.59 18.60 11.07
C LEU J 48 73.32 18.72 9.73
N SER J 49 74.05 17.68 9.33
CA SER J 49 74.66 17.68 8.01
C SER J 49 73.74 17.10 6.93
N SER J 50 72.72 16.37 7.34
CA SER J 50 71.67 15.93 6.42
C SER J 50 70.73 17.11 6.11
N ASN J 51 69.80 16.92 5.19
CA ASN J 51 68.81 17.98 4.93
C ASN J 51 67.59 17.92 5.88
N GLU J 52 67.80 17.43 7.10
CA GLU J 52 66.72 17.37 8.08
C GLU J 52 66.36 18.80 8.52
N ALA J 53 65.09 19.14 8.39
CA ALA J 53 64.63 20.47 8.77
C ALA J 53 64.10 20.40 10.20
N ILE J 54 64.66 21.21 11.09
CA ILE J 54 64.18 21.24 12.46
C ILE J 54 63.77 22.65 12.83
N ASP J 55 62.85 22.73 13.77
CA ASP J 55 62.27 23.99 14.17
C ASP J 55 62.88 24.55 15.43
N CYS J 56 63.60 23.69 16.15
CA CYS J 56 64.23 24.06 17.38
C CYS J 56 65.39 23.12 17.69
N LEU J 57 66.53 23.68 18.09
CA LEU J 57 67.66 22.87 18.60
C LEU J 57 67.76 23.05 20.13
N MET J 58 67.81 21.92 20.85
CA MET J 58 67.98 21.91 22.30
C MET J 58 69.18 21.03 22.68
N PHE J 59 70.02 21.50 23.58
CA PHE J 59 71.18 20.72 23.97
C PHE J 59 71.53 20.94 25.44
N SER J 60 71.96 19.86 26.09
CA SER J 60 72.46 19.91 27.44
C SER J 60 73.96 20.21 27.36
N TYR J 61 74.54 20.70 28.46
CA TYR J 61 75.85 21.38 28.42
C TYR J 61 76.53 21.42 29.80
N GLN J 62 77.61 20.66 29.96
CA GLN J 62 78.34 20.61 31.23
C GLN J 62 79.14 21.87 31.55
N MET J 63 79.75 22.47 30.53
CA MET J 63 80.53 23.71 30.63
C MET J 63 81.88 23.60 31.44
N GLU J 64 82.49 22.43 31.44
CA GLU J 64 83.77 22.25 32.11
C GLU J 64 84.95 22.02 31.15
N HIS J 65 84.84 21.02 30.28
CA HIS J 65 85.91 20.64 29.37
C HIS J 65 85.89 21.45 28.04
N PRO J 66 87.05 22.03 27.64
CA PRO J 66 87.19 22.75 26.37
C PRO J 66 86.77 22.00 25.11
N ASP J 67 86.82 20.68 25.12
CA ASP J 67 86.39 19.87 23.99
C ASP J 67 84.87 20.01 23.77
N GLU J 68 84.12 20.01 24.89
CA GLU J 68 82.70 20.31 24.87
C GLU J 68 82.40 21.74 24.42
N HIS J 69 83.13 22.74 24.94
CA HIS J 69 82.88 24.10 24.50
C HIS J 69 83.01 24.16 22.97
N GLN J 70 84.05 23.49 22.45
CA GLN J 70 84.26 23.44 21.01
C GLN J 70 83.08 22.76 20.33
N ASN J 71 82.63 21.63 20.87
CA ASN J 71 81.54 20.86 20.27
C ASN J 71 80.26 21.69 20.15
N VAL J 72 79.98 22.49 21.18
CA VAL J 72 78.83 23.38 21.21
C VAL J 72 78.93 24.39 20.09
N ARG J 73 80.06 25.09 20.00
CA ARG J 73 80.28 26.03 18.90
C ARG J 73 80.15 25.37 17.54
N GLN J 74 80.64 24.14 17.42
CA GLN J 74 80.58 23.42 16.17
C GLN J 74 79.12 23.06 15.79
N LEU J 75 78.36 22.55 16.76
CA LEU J 75 76.98 22.18 16.54
C LEU J 75 76.14 23.37 16.07
N ILE J 76 76.17 24.44 16.87
CA ILE J 76 75.38 25.62 16.54
C ILE J 76 75.87 26.31 15.26
N GLY J 77 77.18 26.37 15.06
CA GLY J 77 77.72 26.89 13.79
C GLY J 77 77.14 26.11 12.62
N LYS J 78 77.08 24.78 12.75
CA LYS J 78 76.52 23.91 11.71
C LYS J 78 75.03 24.16 11.43
N LEU J 79 74.22 24.07 12.47
CA LEU J 79 72.80 24.40 12.36
C LEU J 79 72.55 25.62 11.49
N HIS J 80 73.30 26.68 11.77
CA HIS J 80 73.03 27.98 11.18
C HIS J 80 73.65 28.20 9.82
N GLU J 81 74.36 27.19 9.31
CA GLU J 81 74.80 27.27 7.92
C GLU J 81 73.58 27.35 6.99
N ARG J 82 72.69 26.36 7.10
CA ARG J 82 71.48 26.28 6.26
C ARG J 82 70.15 26.44 7.00
N GLN J 83 70.22 26.54 8.32
CA GLN J 83 69.03 26.68 9.17
C GLN J 83 69.27 27.84 10.13
N GLN J 84 69.60 28.98 9.52
CA GLN J 84 70.09 30.19 10.20
C GLN J 84 69.22 30.75 11.32
N ASN J 85 67.90 30.66 11.20
CA ASN J 85 67.07 31.35 12.21
C ASN J 85 66.45 30.40 13.23
N VAL J 86 66.82 29.12 13.15
CA VAL J 86 66.33 28.13 14.08
C VAL J 86 66.70 28.55 15.52
N PRO J 87 65.68 28.67 16.41
CA PRO J 87 65.91 29.00 17.81
C PRO J 87 66.69 27.90 18.55
N VAL J 88 67.68 28.34 19.35
CA VAL J 88 68.52 27.44 20.15
C VAL J 88 68.23 27.59 21.64
N PHE J 89 67.89 26.46 22.26
CA PHE J 89 67.59 26.38 23.67
C PHE J 89 68.69 25.62 24.40
N LEU J 90 69.27 26.25 25.41
CA LEU J 90 70.25 25.63 26.27
C LEU J 90 69.49 24.98 27.42
N LEU J 91 69.58 23.65 27.49
CA LEU J 91 69.04 22.87 28.57
C LEU J 91 70.16 22.82 29.60
N GLY J 92 70.32 23.91 30.35
CA GLY J 92 71.52 24.12 31.13
C GLY J 92 71.42 24.13 32.64
N ASP J 93 72.58 24.36 33.25
CA ASP J 93 72.72 24.60 34.68
C ASP J 93 72.75 26.12 34.88
N ARG J 94 71.90 26.64 35.76
CA ARG J 94 71.73 28.08 35.95
C ARG J 94 73.04 28.74 36.38
N GLU J 95 73.64 28.25 37.46
CA GLU J 95 74.89 28.86 37.98
C GLU J 95 76.01 28.88 36.94
N LYS J 96 76.31 27.72 36.36
CA LYS J 96 77.37 27.67 35.36
C LYS J 96 77.06 28.54 34.15
N ALA J 97 75.84 28.50 33.64
CA ALA J 97 75.49 29.28 32.45
C ALA J 97 75.52 30.78 32.72
N LEU J 98 75.08 31.19 33.91
CA LEU J 98 75.03 32.61 34.25
C LEU J 98 76.41 33.25 34.49
N ALA J 99 77.31 32.49 35.10
CA ALA J 99 78.71 32.85 35.26
C ALA J 99 79.39 33.04 33.92
N ALA J 100 78.90 32.34 32.89
CA ALA J 100 79.51 32.32 31.56
C ALA J 100 78.86 33.34 30.63
N MET J 101 77.81 33.97 31.13
CA MET J 101 76.99 34.88 30.36
C MET J 101 77.82 36.04 29.81
N ASP J 102 77.80 36.20 28.49
CA ASP J 102 78.41 37.34 27.78
C ASP J 102 77.90 37.34 26.35
N ARG J 103 78.39 38.25 25.51
CA ARG J 103 78.00 38.30 24.10
C ARG J 103 78.13 37.00 23.30
N ASP J 104 79.24 36.29 23.48
CA ASP J 104 79.50 34.99 22.81
C ASP J 104 78.49 33.90 23.18
N LEU J 105 78.14 33.79 24.45
CA LEU J 105 77.11 32.83 24.85
C LEU J 105 75.76 33.21 24.21
N LEU J 106 75.45 34.50 24.15
CA LEU J 106 74.16 34.95 23.67
C LEU J 106 74.06 34.86 22.14
N GLU J 107 75.20 34.83 21.49
CA GLU J 107 75.26 34.68 20.04
C GLU J 107 74.98 33.23 19.67
N LEU J 108 75.23 32.32 20.60
CA LEU J 108 74.99 30.89 20.39
C LEU J 108 73.60 30.49 20.90
N VAL J 109 73.18 31.07 22.03
CA VAL J 109 71.98 30.60 22.71
C VAL J 109 70.87 31.63 22.66
N ASP J 110 69.72 31.22 22.13
CA ASP J 110 68.52 32.08 22.12
C ASP J 110 67.69 31.99 23.43
N GLU J 111 67.52 30.79 23.98
CA GLU J 111 66.63 30.65 25.12
C GLU J 111 67.27 29.77 26.16
N PHE J 112 67.07 30.13 27.42
CA PHE J 112 67.61 29.40 28.55
C PHE J 112 66.55 28.64 29.30
N ALA J 113 66.86 27.37 29.57
CA ALA J 113 66.00 26.46 30.29
C ALA J 113 66.82 25.74 31.36
N TRP J 114 66.42 25.91 32.63
CA TRP J 114 67.18 25.34 33.73
C TRP J 114 66.62 23.94 33.98
N ILE J 115 67.12 23.01 33.17
CA ILE J 115 66.55 21.66 33.02
C ILE J 115 66.28 20.91 34.33
N LEU J 116 67.11 21.16 35.32
CA LEU J 116 67.00 20.49 36.62
C LEU J 116 66.15 21.26 37.63
N GLU J 117 65.62 22.43 37.24
CA GLU J 117 64.85 23.28 38.15
C GLU J 117 63.49 23.73 37.64
N ASP J 118 63.11 23.35 36.42
CA ASP J 118 61.89 23.88 35.82
C ASP J 118 60.91 22.75 35.51
N THR J 119 59.68 23.12 35.19
CA THR J 119 58.63 22.19 34.80
C THR J 119 58.69 21.96 33.28
N ALA J 120 58.73 20.69 32.89
CA ALA J 120 58.94 20.29 31.51
C ALA J 120 57.91 20.97 30.61
N ASP J 121 56.65 20.99 31.04
CA ASP J 121 55.59 21.69 30.37
C ASP J 121 55.91 23.16 30.08
N PHE J 122 56.58 23.82 31.03
CA PHE J 122 56.88 25.24 30.88
C PHE J 122 57.89 25.43 29.74
N ILE J 123 58.90 24.58 29.74
CA ILE J 123 59.90 24.54 28.70
C ILE J 123 59.30 24.16 27.33
N ALA J 124 58.48 23.12 27.28
CA ALA J 124 57.76 22.74 26.06
C ALA J 124 56.96 23.92 25.44
N GLY J 125 56.20 24.61 26.28
CA GLY J 125 55.35 25.71 25.84
C GLY J 125 56.21 26.78 25.23
N ARG J 126 57.39 27.00 25.84
CA ARG J 126 58.29 28.03 25.35
C ARG J 126 58.90 27.62 24.02
N ALA J 127 59.21 26.34 23.88
CA ALA J 127 59.77 25.84 22.63
C ALA J 127 58.73 25.97 21.52
N VAL J 128 57.50 25.51 21.78
CA VAL J 128 56.42 25.58 20.80
C VAL J 128 56.22 27.01 20.27
N ALA J 129 56.41 28.00 21.13
CA ALA J 129 56.15 29.38 20.75
C ALA J 129 57.27 29.89 19.87
N ALA J 130 58.51 29.47 20.19
CA ALA J 130 59.69 29.84 19.40
C ALA J 130 59.61 29.21 18.01
N MET J 131 59.12 27.98 17.99
CA MET J 131 58.99 27.23 16.76
C MET J 131 57.91 27.89 15.90
N THR J 132 56.85 28.37 16.53
CA THR J 132 55.74 29.02 15.82
C THR J 132 56.24 30.30 15.18
N ARG J 133 56.96 31.09 15.97
CA ARG J 133 57.54 32.32 15.51
C ARG J 133 58.47 32.00 14.32
N TYR J 134 59.21 30.90 14.44
CA TYR J 134 60.22 30.56 13.44
C TYR J 134 59.60 30.18 12.12
N ARG J 135 58.57 29.33 12.17
CA ARG J 135 57.89 28.89 10.93
C ARG J 135 57.10 30.03 10.28
N GLN J 136 56.70 31.02 11.07
CA GLN J 136 56.01 32.21 10.54
C GLN J 136 56.91 33.15 9.76
N GLN J 137 58.23 33.09 9.94
CA GLN J 137 59.14 33.95 9.18
C GLN J 137 59.87 33.20 8.08
N LEU J 138 59.56 31.91 7.95
CA LEU J 138 60.36 30.97 7.13
C LEU J 138 60.31 31.17 5.62
N LEU J 139 59.09 31.23 5.07
CA LEU J 139 58.93 31.23 3.62
C LEU J 139 59.15 32.62 3.02
N PRO J 140 59.64 32.68 1.78
CA PRO J 140 59.77 33.99 1.14
C PRO J 140 58.36 34.53 0.81
N PRO J 141 58.24 35.86 0.56
CA PRO J 141 56.96 36.56 0.51
C PRO J 141 55.98 36.16 -0.60
N LEU J 142 56.45 35.79 -1.78
CA LEU J 142 55.49 35.40 -2.81
C LEU J 142 55.00 33.99 -2.57
N PHE J 143 55.90 33.05 -2.35
CA PHE J 143 55.43 31.69 -2.12
C PHE J 143 54.50 31.62 -0.88
N SER J 144 54.83 32.35 0.17
CA SER J 144 54.01 32.42 1.36
C SER J 144 52.60 32.92 0.97
N ALA J 145 52.56 34.05 0.26
CA ALA J 145 51.30 34.68 -0.13
C ALA J 145 50.44 33.75 -0.98
N LEU J 146 51.07 33.06 -1.93
CA LEU J 146 50.37 32.12 -2.82
C LEU J 146 49.73 31.00 -2.04
N MET J 147 50.50 30.44 -1.12
CA MET J 147 50.04 29.33 -0.33
C MET J 147 48.80 29.75 0.47
N LYS J 148 48.92 30.82 1.25
CA LYS J 148 47.84 31.34 2.05
C LYS J 148 46.58 31.62 1.22
N TYR J 149 46.78 32.30 0.08
CA TYR J 149 45.67 32.69 -0.74
C TYR J 149 44.94 31.53 -1.41
N SER J 150 45.67 30.46 -1.72
CA SER J 150 45.05 29.27 -2.31
C SER J 150 44.15 28.52 -1.31
N ASP J 151 44.33 28.79 -0.02
CA ASP J 151 43.50 28.17 1.02
C ASP J 151 42.09 28.75 1.09
N ILE J 152 41.97 30.06 0.89
CA ILE J 152 40.67 30.70 1.04
C ILE J 152 39.96 30.87 -0.31
N HIS J 153 40.75 30.83 -1.40
CA HIS J 153 40.35 31.26 -2.76
C HIS J 153 39.22 30.45 -3.49
N GLU J 154 38.26 31.21 -4.04
CA GLU J 154 37.22 30.63 -4.88
C GLU J 154 37.68 30.34 -6.33
N TYR J 155 37.89 29.06 -6.63
CA TYR J 155 38.40 28.66 -7.96
C TYR J 155 37.37 28.76 -9.10
N SER J 156 36.11 29.05 -8.78
CA SER J 156 35.06 29.16 -9.81
C SER J 156 34.82 30.61 -10.33
N TRP J 157 34.02 30.68 -11.41
CA TRP J 157 33.63 31.93 -12.08
C TRP J 157 34.79 32.71 -12.73
N ALA J 158 36.02 32.23 -12.50
CA ALA J 158 37.24 32.79 -13.10
C ALA J 158 38.18 31.74 -13.79
N ALA J 159 38.99 32.23 -14.74
CA ALA J 159 40.08 31.46 -15.36
C ALA J 159 41.28 31.36 -14.41
N PRO J 160 42.05 30.26 -14.47
CA PRO J 160 42.00 29.11 -15.41
C PRO J 160 40.79 28.20 -15.25
N GLY J 161 40.30 27.69 -16.39
CA GLY J 161 39.12 26.84 -16.46
C GLY J 161 39.14 25.52 -15.70
N HIS J 162 40.33 25.01 -15.38
CA HIS J 162 40.43 23.72 -14.69
C HIS J 162 40.04 23.85 -13.23
N GLN J 163 39.98 25.10 -12.74
CA GLN J 163 39.54 25.44 -11.36
C GLN J 163 40.26 24.68 -10.27
N GLY J 164 41.54 25.00 -10.06
CA GLY J 164 42.33 24.32 -9.04
C GLY J 164 42.46 22.82 -9.30
N GLY J 165 42.39 22.44 -10.59
CA GLY J 165 42.64 21.08 -11.04
C GLY J 165 41.44 20.15 -11.18
N VAL J 166 40.27 20.64 -10.77
CA VAL J 166 39.04 19.86 -10.82
C VAL J 166 38.75 19.41 -12.25
N GLY J 167 38.92 20.31 -13.22
CA GLY J 167 38.69 20.01 -14.63
C GLY J 167 39.31 18.69 -15.09
N PHE J 168 40.59 18.49 -14.74
CA PHE J 168 41.40 17.32 -15.16
C PHE J 168 40.79 16.00 -14.71
N THR J 169 40.24 15.99 -13.50
CA THR J 169 39.68 14.77 -12.89
C THR J 169 38.52 14.14 -13.66
N LYS J 170 37.99 14.85 -14.65
CA LYS J 170 36.75 14.40 -15.30
C LYS J 170 36.89 13.38 -16.45
N THR J 171 38.12 13.07 -16.86
CA THR J 171 38.37 11.85 -17.65
C THR J 171 39.46 11.02 -16.96
N PRO J 172 39.50 9.69 -17.19
CA PRO J 172 40.53 8.77 -16.63
C PRO J 172 41.96 9.24 -16.90
N ALA J 173 42.26 9.58 -18.16
CA ALA J 173 43.56 10.16 -18.48
C ALA J 173 43.80 11.43 -17.71
N GLY J 174 42.79 12.31 -17.64
CA GLY J 174 42.99 13.58 -16.96
C GLY J 174 43.22 13.43 -15.46
N ARG J 175 42.49 12.46 -14.85
CA ARG J 175 42.63 12.15 -13.44
C ARG J 175 43.99 11.55 -13.09
N PHE J 176 44.47 10.61 -13.92
CA PHE J 176 45.81 10.07 -13.76
C PHE J 176 46.82 11.21 -13.76
N TYR J 177 46.73 12.05 -14.78
CA TYR J 177 47.56 13.26 -14.88
C TYR J 177 47.51 14.11 -13.61
N HIS J 178 46.29 14.36 -13.13
CA HIS J 178 46.06 15.25 -11.98
C HIS J 178 46.74 14.67 -10.73
N ASP J 179 46.56 13.37 -10.52
CA ASP J 179 47.10 12.70 -9.33
C ASP J 179 48.60 12.56 -9.37
N TYR J 180 49.16 12.50 -10.57
CA TYR J 180 50.59 12.38 -10.77
C TYR J 180 51.32 13.64 -10.33
N TYR J 181 50.77 14.79 -10.70
CA TYR J 181 51.38 16.07 -10.28
C TYR J 181 50.91 16.54 -8.90
N GLY J 182 49.80 15.95 -8.39
CA GLY J 182 49.15 16.39 -7.16
C GLY J 182 48.47 17.75 -7.28
N GLU J 183 47.61 18.07 -6.32
CA GLU J 183 46.72 19.24 -6.46
C GLU J 183 47.33 20.63 -6.24
N ASN J 184 48.32 20.76 -5.37
CA ASN J 184 48.90 22.11 -5.11
C ASN J 184 49.47 22.82 -6.34
N LEU J 185 49.98 22.06 -7.30
CA LEU J 185 50.36 22.68 -8.58
C LEU J 185 49.18 23.43 -9.24
N PHE J 186 48.00 22.82 -9.22
CA PHE J 186 46.85 23.39 -9.89
C PHE J 186 46.14 24.40 -9.00
N ARG J 187 46.14 24.15 -7.69
CA ARG J 187 45.56 25.10 -6.75
C ARG J 187 46.32 26.43 -6.71
N THR J 188 47.62 26.43 -6.96
CA THR J 188 48.32 27.72 -7.04
C THR J 188 48.32 28.33 -8.47
N ASP J 189 47.81 27.60 -9.44
CA ASP J 189 47.60 28.11 -10.79
C ASP J 189 46.33 28.96 -10.77
N MET J 190 46.50 30.22 -10.36
CA MET J 190 45.39 31.14 -10.24
C MET J 190 45.52 32.26 -11.29
N GLY J 191 44.39 32.79 -11.73
CA GLY J 191 44.40 33.96 -12.61
C GLY J 191 44.76 35.22 -11.83
N ILE J 192 44.80 36.35 -12.52
CA ILE J 192 45.17 37.59 -11.87
C ILE J 192 44.18 37.99 -10.74
N GLU J 193 44.65 37.83 -9.48
CA GLU J 193 43.89 38.20 -8.27
C GLU J 193 44.38 39.52 -7.62
N ARG J 194 44.12 40.64 -8.30
CA ARG J 194 44.76 41.93 -8.01
C ARG J 194 44.92 42.31 -6.51
N THR J 195 43.81 42.38 -5.79
CA THR J 195 43.84 42.96 -4.43
C THR J 195 44.59 42.09 -3.43
N SER J 196 44.45 40.77 -3.58
CA SER J 196 45.09 39.86 -2.65
C SER J 196 46.59 39.83 -2.94
N LEU J 197 46.93 39.28 -4.09
CA LEU J 197 48.32 39.01 -4.43
C LEU J 197 49.07 40.16 -5.09
N GLY J 198 48.35 40.94 -5.89
CA GLY J 198 49.00 41.87 -6.82
C GLY J 198 49.23 41.15 -8.13
N SER J 199 50.03 41.78 -8.99
CA SER J 199 50.25 41.32 -10.36
C SER J 199 51.74 41.23 -10.68
N LEU J 200 52.16 40.13 -11.32
CA LEU J 200 53.51 40.04 -11.89
C LEU J 200 53.76 41.15 -12.92
N LEU J 201 52.86 41.29 -13.89
CA LEU J 201 53.02 42.30 -14.94
C LEU J 201 52.98 43.75 -14.45
N ASP J 202 52.28 44.02 -13.35
CA ASP J 202 52.31 45.38 -12.78
C ASP J 202 53.44 45.56 -11.76
N HIS J 203 53.99 44.43 -11.27
CA HIS J 203 55.06 44.40 -10.24
C HIS J 203 54.59 44.98 -8.92
N THR J 204 53.42 44.52 -8.49
CA THR J 204 52.72 45.02 -7.30
C THR J 204 52.46 43.88 -6.34
N GLY J 205 52.09 44.21 -5.10
CA GLY J 205 51.68 43.19 -4.13
C GLY J 205 52.83 42.29 -3.73
N ALA J 206 52.55 40.99 -3.60
CA ALA J 206 53.60 40.03 -3.23
C ALA J 206 54.63 39.83 -4.33
N PHE J 207 54.19 39.93 -5.59
CA PHE J 207 55.08 39.93 -6.76
C PHE J 207 56.15 41.01 -6.66
N GLY J 208 55.73 42.24 -6.37
CA GLY J 208 56.66 43.36 -6.23
C GLY J 208 57.52 43.25 -4.98
N GLU J 209 56.96 42.64 -3.94
CA GLU J 209 57.66 42.39 -2.67
C GLU J 209 58.76 41.32 -2.87
N SER J 210 58.51 40.36 -3.76
CA SER J 210 59.44 39.31 -4.11
C SER J 210 60.58 39.85 -5.00
N GLU J 211 60.24 40.75 -5.91
CA GLU J 211 61.26 41.48 -6.69
C GLU J 211 62.17 42.41 -5.85
N LYS J 212 61.65 43.01 -4.79
CA LYS J 212 62.48 43.81 -3.89
C LYS J 212 63.41 42.92 -3.04
N TYR J 213 62.89 41.75 -2.67
CA TYR J 213 63.64 40.79 -1.89
C TYR J 213 64.78 40.25 -2.75
N ALA J 214 64.47 39.89 -3.99
CA ALA J 214 65.48 39.44 -4.95
C ALA J 214 66.58 40.48 -5.13
N ALA J 215 66.20 41.74 -5.27
CA ALA J 215 67.16 42.82 -5.47
C ALA J 215 68.10 42.99 -4.25
N ARG J 216 67.55 42.86 -3.04
CA ARG J 216 68.35 42.95 -1.82
C ARG J 216 69.39 41.82 -1.82
N VAL J 217 68.91 40.61 -2.03
CA VAL J 217 69.74 39.43 -1.97
C VAL J 217 70.79 39.38 -3.09
N PHE J 218 70.38 39.73 -4.32
CA PHE J 218 71.26 39.62 -5.49
C PHE J 218 72.06 40.88 -5.79
N GLY J 219 71.89 41.91 -4.96
CA GLY J 219 72.67 43.15 -5.03
C GLY J 219 72.29 44.18 -6.10
N ALA J 220 71.03 44.19 -6.51
CA ALA J 220 70.61 45.11 -7.55
C ALA J 220 69.85 46.33 -7.01
N ASP J 221 69.75 47.37 -7.83
CA ASP J 221 68.86 48.48 -7.51
C ASP J 221 67.41 47.98 -7.67
N ARG J 222 67.22 47.17 -8.70
CA ARG J 222 65.91 46.65 -9.06
C ARG J 222 66.00 45.34 -9.80
N SER J 223 65.06 44.44 -9.48
CA SER J 223 64.99 43.12 -10.13
C SER J 223 63.62 42.90 -10.75
N TRP J 224 63.61 42.14 -11.84
CA TRP J 224 62.39 41.85 -12.62
C TRP J 224 62.25 40.35 -12.82
N SER J 225 61.22 39.76 -12.24
CA SER J 225 61.00 38.32 -12.32
C SER J 225 60.32 38.00 -13.64
N VAL J 226 60.77 36.92 -14.27
CA VAL J 226 60.44 36.61 -15.65
C VAL J 226 60.03 35.12 -15.74
N VAL J 227 58.99 34.83 -16.51
CA VAL J 227 58.52 33.44 -16.64
C VAL J 227 58.70 32.91 -18.06
N VAL J 228 59.58 33.56 -18.80
CA VAL J 228 59.88 33.14 -20.17
C VAL J 228 61.39 32.92 -20.31
N GLY J 229 62.03 32.58 -19.20
CA GLY J 229 63.45 32.29 -19.21
C GLY J 229 64.28 33.54 -19.47
N THR J 230 65.60 33.41 -19.34
CA THR J 230 66.53 34.47 -19.81
C THR J 230 66.35 34.82 -21.31
N SER J 231 65.79 33.89 -22.08
CA SER J 231 65.32 34.23 -23.43
C SER J 231 64.45 35.50 -23.39
N GLY J 232 63.41 35.47 -22.56
CA GLY J 232 62.49 36.61 -22.46
C GLY J 232 63.13 37.79 -21.78
N SER J 233 64.03 37.48 -20.84
CA SER J 233 64.80 38.50 -20.14
C SER J 233 65.66 39.27 -21.14
N ASN J 234 66.37 38.52 -21.98
CA ASN J 234 67.23 39.12 -22.99
C ASN J 234 66.48 40.00 -24.00
N ARG J 235 65.38 39.49 -24.53
CA ARG J 235 64.56 40.30 -25.43
C ARG J 235 64.07 41.60 -24.77
N THR J 236 63.69 41.51 -23.50
CA THR J 236 63.14 42.65 -22.78
C THR J 236 64.13 43.76 -22.74
N ILE J 237 65.35 43.44 -22.29
CA ILE J 237 66.43 44.42 -22.12
C ILE J 237 66.78 45.12 -23.44
N MET J 238 66.87 44.33 -24.51
CA MET J 238 67.25 44.81 -25.83
C MET J 238 66.16 45.70 -26.44
N GLN J 239 64.89 45.28 -26.30
CA GLN J 239 63.75 46.12 -26.66
C GLN J 239 63.78 47.48 -26.00
N ALA J 240 64.30 47.51 -24.78
CA ALA J 240 64.34 48.71 -23.98
C ALA J 240 65.60 49.54 -24.27
N CYS J 241 66.61 48.93 -24.88
CA CYS J 241 67.92 49.57 -25.00
C CYS J 241 68.26 50.10 -26.39
N MET J 242 67.60 49.56 -27.40
CA MET J 242 67.97 49.89 -28.77
C MET J 242 66.80 49.98 -29.74
N THR J 243 66.92 50.88 -30.73
CA THR J 243 66.03 50.89 -31.89
C THR J 243 66.85 50.62 -33.11
N ASP J 244 66.23 50.74 -34.28
CA ASP J 244 66.95 50.48 -35.52
C ASP J 244 67.76 51.70 -35.93
N ASN J 245 67.67 52.74 -35.12
CA ASN J 245 68.56 53.90 -35.21
C ASN J 245 69.89 53.68 -34.52
N ASP J 246 70.00 52.61 -33.72
CA ASP J 246 71.15 52.44 -32.84
C ASP J 246 72.27 51.54 -33.35
N VAL J 247 73.48 51.84 -32.87
CA VAL J 247 74.64 50.96 -32.99
C VAL J 247 74.83 50.19 -31.67
N VAL J 248 75.02 48.88 -31.77
CA VAL J 248 75.25 48.09 -30.58
C VAL J 248 76.48 47.16 -30.69
N VAL J 249 77.16 46.96 -29.56
CA VAL J 249 78.35 46.12 -29.48
C VAL J 249 78.02 44.77 -28.83
N VAL J 250 78.26 43.70 -29.58
CA VAL J 250 77.75 42.38 -29.22
C VAL J 250 78.86 41.34 -29.11
N ASP J 251 78.95 40.70 -27.95
CA ASP J 251 79.83 39.55 -27.78
C ASP J 251 79.48 38.54 -28.87
N ARG J 252 80.48 38.09 -29.61
CA ARG J 252 80.25 37.11 -30.67
C ARG J 252 79.77 35.81 -30.04
N ASN J 253 80.29 35.50 -28.84
CA ASN J 253 79.71 34.45 -28.01
C ASN J 253 78.41 34.97 -27.39
N CYS J 254 77.33 34.85 -28.17
CA CYS J 254 76.04 35.29 -27.73
C CYS J 254 75.00 34.19 -27.95
N HIS J 255 74.06 34.12 -27.02
CA HIS J 255 72.90 33.23 -27.10
C HIS J 255 71.93 33.63 -28.21
N LYS J 256 71.19 32.65 -28.76
CA LYS J 256 70.19 32.93 -29.80
C LYS J 256 69.30 34.13 -29.46
N SER J 257 69.00 34.28 -28.16
CA SER J 257 68.10 35.34 -27.69
C SER J 257 68.66 36.76 -27.91
N ILE J 258 69.98 36.92 -27.83
CA ILE J 258 70.64 38.19 -28.20
C ILE J 258 70.42 38.52 -29.69
N GLU J 259 70.67 37.55 -30.56
CA GLU J 259 70.37 37.71 -31.98
C GLU J 259 68.87 38.03 -32.11
N GLN J 260 68.03 37.26 -31.40
CA GLN J 260 66.58 37.50 -31.46
C GLN J 260 66.26 38.95 -31.20
N GLY J 261 66.91 39.53 -30.17
CA GLY J 261 66.78 40.95 -29.84
C GLY J 261 67.16 41.86 -31.01
N LEU J 262 68.30 41.55 -31.63
CA LEU J 262 68.77 42.28 -32.81
C LEU J 262 67.73 42.22 -33.91
N MET J 263 67.14 41.04 -34.13
CA MET J 263 66.06 40.93 -35.14
C MET J 263 64.77 41.68 -34.75
N LEU J 264 64.52 41.84 -33.46
CA LEU J 264 63.28 42.47 -33.00
C LEU J 264 63.37 43.99 -32.98
N THR J 265 64.59 44.51 -32.80
CA THR J 265 64.80 45.96 -32.73
C THR J 265 65.31 46.57 -34.04
N GLY J 266 66.04 45.77 -34.82
CA GLY J 266 66.66 46.22 -36.04
C GLY J 266 67.98 46.94 -35.83
N ALA J 267 68.55 46.79 -34.63
CA ALA J 267 69.77 47.50 -34.25
C ALA J 267 70.95 47.07 -35.11
N LYS J 268 71.95 47.96 -35.19
CA LYS J 268 73.14 47.71 -36.03
C LYS J 268 74.29 47.14 -35.18
N PRO J 269 74.57 45.84 -35.33
CA PRO J 269 75.53 45.19 -34.46
C PRO J 269 76.98 45.23 -34.96
N VAL J 270 77.88 45.44 -34.02
CA VAL J 270 79.31 45.18 -34.15
C VAL J 270 79.67 44.06 -33.13
N TYR J 271 80.59 43.17 -33.51
CA TYR J 271 80.98 42.04 -32.64
C TYR J 271 82.36 42.18 -32.04
N MET J 272 82.49 41.79 -30.78
CA MET J 272 83.78 41.56 -30.14
C MET J 272 84.12 40.08 -30.25
N VAL J 273 85.26 39.77 -30.86
CA VAL J 273 85.65 38.37 -31.10
C VAL J 273 86.34 37.76 -29.88
N PRO J 274 85.83 36.59 -29.42
CA PRO J 274 86.50 35.94 -28.28
C PRO J 274 87.74 35.14 -28.70
N SER J 275 88.65 34.96 -27.74
CA SER J 275 89.78 34.04 -27.90
C SER J 275 89.33 32.57 -27.90
N ARG J 276 90.22 31.66 -28.30
CA ARG J 276 89.98 30.22 -28.09
C ARG J 276 91.26 29.37 -27.84
N ASN J 277 91.09 28.08 -27.56
CA ASN J 277 92.27 27.25 -27.23
C ASN J 277 92.44 25.97 -28.03
N ARG J 278 93.54 25.27 -27.78
CA ARG J 278 93.90 24.01 -28.47
C ARG J 278 92.78 22.95 -28.43
N TYR J 279 91.85 23.10 -27.48
CA TYR J 279 90.83 22.09 -27.23
C TYR J 279 89.52 22.39 -27.92
N GLY J 280 89.41 23.55 -28.54
CA GLY J 280 88.19 23.93 -29.21
C GLY J 280 87.29 24.70 -28.27
N ILE J 281 87.84 25.07 -27.11
CA ILE J 281 87.14 25.80 -26.07
C ILE J 281 87.28 27.32 -26.24
N ILE J 282 86.15 28.01 -26.07
CA ILE J 282 86.06 29.46 -26.25
C ILE J 282 86.50 30.18 -24.97
N GLY J 283 87.34 31.19 -25.14
CA GLY J 283 87.90 31.91 -24.01
C GLY J 283 87.29 33.28 -23.92
N PRO J 284 87.86 34.15 -23.09
CA PRO J 284 87.25 35.45 -22.96
C PRO J 284 87.62 36.36 -24.14
N ILE J 285 86.81 37.38 -24.37
CA ILE J 285 87.22 38.51 -25.19
C ILE J 285 88.39 39.14 -24.45
N TYR J 286 89.46 39.48 -25.18
CA TYR J 286 90.58 40.20 -24.58
C TYR J 286 90.28 41.69 -24.40
N PRO J 287 90.90 42.34 -23.40
CA PRO J 287 90.69 43.76 -23.14
C PRO J 287 90.87 44.62 -24.39
N GLN J 288 91.74 44.17 -25.30
CA GLN J 288 92.04 44.88 -26.51
C GLN J 288 90.79 45.02 -27.36
N GLU J 289 89.98 43.95 -27.44
CA GLU J 289 88.70 43.97 -28.18
C GLU J 289 87.66 44.92 -27.58
N MET J 290 87.88 45.35 -26.34
CA MET J 290 86.91 46.18 -25.62
C MET J 290 87.34 47.65 -25.52
N GLN J 291 88.55 47.97 -25.99
CA GLN J 291 89.07 49.33 -25.94
C GLN J 291 88.21 50.23 -26.82
N PRO J 292 87.89 51.45 -26.33
CA PRO J 292 87.02 52.39 -27.06
C PRO J 292 87.46 52.57 -28.50
N GLU J 293 88.74 52.84 -28.72
CA GLU J 293 89.25 53.04 -30.07
C GLU J 293 89.16 51.78 -30.93
N THR J 294 89.29 50.60 -30.30
CA THR J 294 89.09 49.34 -31.03
C THR J 294 87.64 49.22 -31.53
N LEU J 295 86.71 49.65 -30.67
CA LEU J 295 85.28 49.58 -30.98
C LEU J 295 84.85 50.65 -32.00
N GLN J 296 85.27 51.89 -31.77
CA GLN J 296 85.04 53.02 -32.70
C GLN J 296 85.50 52.69 -34.11
N LYS J 297 86.53 51.84 -34.21
CA LYS J 297 87.10 51.42 -35.48
C LYS J 297 86.23 50.36 -36.13
N LYS J 298 85.81 49.37 -35.34
CA LYS J 298 84.85 48.35 -35.76
C LYS J 298 83.57 48.95 -36.37
N ILE J 299 83.04 49.95 -35.67
CA ILE J 299 81.87 50.73 -36.06
C ILE J 299 82.10 51.49 -37.38
N SER J 300 83.20 52.22 -37.46
CA SER J 300 83.62 52.92 -38.70
C SER J 300 83.70 51.98 -39.89
N GLU J 301 84.15 50.75 -39.65
CA GLU J 301 84.47 49.84 -40.75
C GLU J 301 83.37 48.84 -41.14
N SER J 302 82.43 48.58 -40.24
CA SER J 302 81.33 47.66 -40.57
C SER J 302 80.40 48.28 -41.61
N PRO J 303 80.05 47.49 -42.66
CA PRO J 303 79.07 47.91 -43.66
C PRO J 303 77.74 48.28 -43.01
N LEU J 304 77.39 47.54 -41.95
CA LEU J 304 76.14 47.73 -41.23
C LEU J 304 76.11 49.01 -40.40
N THR J 305 77.28 49.57 -40.09
CA THR J 305 77.37 50.73 -39.19
C THR J 305 78.21 51.90 -39.72
N LYS J 306 78.71 51.77 -40.96
CA LYS J 306 79.59 52.78 -41.58
C LYS J 306 79.01 54.17 -41.41
N ASP J 307 77.78 54.32 -41.91
CA ASP J 307 77.09 55.61 -41.94
C ASP J 307 76.71 56.15 -40.57
N LYS J 308 76.82 55.33 -39.53
CA LYS J 308 76.55 55.76 -38.16
C LYS J 308 77.81 56.04 -37.35
N ALA J 309 78.97 56.10 -38.02
CA ALA J 309 80.27 56.27 -37.35
C ALA J 309 80.27 57.44 -36.37
N GLY J 310 80.87 57.22 -35.19
CA GLY J 310 80.93 58.26 -34.14
C GLY J 310 79.65 58.39 -33.31
N GLN J 311 78.68 57.53 -33.58
CA GLN J 311 77.46 57.47 -32.76
C GLN J 311 77.81 56.65 -31.51
N LYS J 312 77.38 57.14 -30.35
CA LYS J 312 77.49 56.39 -29.10
C LYS J 312 76.59 55.16 -29.14
N PRO J 313 77.17 53.96 -28.97
CA PRO J 313 76.31 52.77 -28.84
C PRO J 313 75.41 52.86 -27.60
N SER J 314 74.19 52.38 -27.76
CA SER J 314 73.18 52.50 -26.71
C SER J 314 73.22 51.29 -25.76
N TYR J 315 74.04 50.29 -26.12
CA TYR J 315 73.99 48.98 -25.51
C TYR J 315 75.26 48.23 -25.82
N CYS J 316 75.71 47.41 -24.86
CA CYS J 316 76.80 46.43 -25.07
C CYS J 316 76.62 45.13 -24.25
N VAL J 317 76.91 43.99 -24.85
CA VAL J 317 76.68 42.74 -24.16
C VAL J 317 77.88 41.80 -24.12
N VAL J 318 78.16 41.28 -22.92
CA VAL J 318 79.15 40.21 -22.69
C VAL J 318 78.52 39.00 -21.99
N THR J 319 78.71 37.81 -22.55
CA THR J 319 78.33 36.57 -21.86
C THR J 319 79.38 36.19 -20.80
N ASN J 320 79.08 36.42 -19.53
CA ASN J 320 79.93 35.99 -18.43
C ASN J 320 79.08 35.19 -17.42
N CYS J 321 79.40 33.93 -17.15
CA CYS J 321 80.59 33.21 -17.60
C CYS J 321 80.29 32.47 -18.89
N THR J 322 81.31 31.85 -19.46
CA THR J 322 81.09 31.07 -20.66
C THR J 322 80.54 29.69 -20.31
N TYR J 323 80.08 28.96 -21.32
CA TYR J 323 79.49 27.65 -21.11
C TYR J 323 80.47 26.68 -20.45
N ASP J 324 81.77 26.91 -20.70
CA ASP J 324 82.82 26.04 -20.19
C ASP J 324 83.43 26.53 -18.86
N GLY J 325 82.93 27.66 -18.36
CA GLY J 325 83.33 28.16 -17.04
C GLY J 325 84.44 29.20 -17.02
N VAL J 326 84.61 29.88 -18.14
CA VAL J 326 85.53 31.01 -18.20
C VAL J 326 84.79 32.20 -17.64
N CYS J 327 85.33 32.80 -16.59
CA CYS J 327 84.72 33.94 -15.90
C CYS J 327 85.59 35.20 -16.01
N TYR J 328 85.01 36.28 -16.54
CA TYR J 328 85.71 37.56 -16.71
C TYR J 328 85.88 38.32 -15.42
N ASN J 329 86.98 39.07 -15.32
CA ASN J 329 87.05 40.07 -14.28
C ASN J 329 86.08 41.18 -14.70
N ALA J 330 84.87 41.14 -14.14
CA ALA J 330 83.80 42.05 -14.53
C ALA J 330 84.06 43.49 -14.11
N LYS J 331 84.76 43.64 -12.98
CA LYS J 331 85.17 44.96 -12.54
C LYS J 331 86.02 45.62 -13.64
N GLU J 332 87.01 44.88 -14.14
CA GLU J 332 87.92 45.35 -15.15
C GLU J 332 87.26 45.51 -16.53
N ALA J 333 86.41 44.56 -16.89
CA ALA J 333 85.67 44.65 -18.15
C ALA J 333 84.68 45.82 -18.19
N GLN J 334 84.00 46.08 -17.08
CA GLN J 334 83.08 47.21 -17.02
C GLN J 334 83.86 48.50 -17.32
N ASP J 335 84.98 48.64 -16.64
CA ASP J 335 85.87 49.81 -16.78
C ASP J 335 86.18 50.17 -18.21
N LEU J 336 86.57 49.17 -18.99
CA LEU J 336 86.81 49.36 -20.40
C LEU J 336 85.53 49.66 -21.18
N LEU J 337 84.51 48.84 -20.99
CA LEU J 337 83.28 48.95 -21.77
C LEU J 337 82.44 50.21 -21.51
N GLU J 338 82.47 50.72 -20.29
CA GLU J 338 81.67 51.90 -19.95
C GLU J 338 82.16 53.16 -20.66
N LYS J 339 83.37 53.08 -21.22
CA LYS J 339 83.93 54.16 -22.04
C LYS J 339 83.18 54.34 -23.35
N THR J 340 82.65 53.24 -23.90
CA THR J 340 81.87 53.25 -25.16
C THR J 340 80.36 53.44 -24.94
N SER J 341 79.80 52.62 -24.05
CA SER J 341 78.36 52.49 -23.86
C SER J 341 77.98 52.80 -22.41
N ASP J 342 76.80 53.35 -22.20
CA ASP J 342 76.31 53.65 -20.85
C ASP J 342 75.39 52.57 -20.29
N ARG J 343 74.97 51.65 -21.17
CA ARG J 343 74.21 50.46 -20.78
C ARG J 343 75.02 49.21 -20.99
N LEU J 344 75.37 48.53 -19.91
CA LEU J 344 76.15 47.31 -19.99
C LEU J 344 75.33 46.12 -19.56
N HIS J 345 75.28 45.11 -20.43
CA HIS J 345 74.54 43.90 -20.15
C HIS J 345 75.46 42.68 -20.08
N PHE J 346 75.57 42.13 -18.87
CA PHE J 346 76.29 40.88 -18.66
C PHE J 346 75.31 39.71 -18.63
N ASP J 347 75.41 38.84 -19.62
CA ASP J 347 74.53 37.69 -19.65
C ASP J 347 75.10 36.62 -18.73
N GLU J 348 74.56 36.59 -17.51
CA GLU J 348 75.06 35.69 -16.48
C GLU J 348 74.16 34.47 -16.30
N ALA J 349 73.52 34.05 -17.39
CA ALA J 349 72.47 33.01 -17.34
C ALA J 349 72.91 31.75 -16.61
N TRP J 350 74.13 31.29 -16.90
CA TRP J 350 74.67 30.05 -16.32
C TRP J 350 75.44 30.35 -15.04
N TYR J 351 75.18 31.52 -14.46
CA TYR J 351 76.12 32.08 -13.48
C TYR J 351 75.45 32.77 -12.30
N GLY J 352 74.21 32.38 -11.96
CA GLY J 352 73.41 33.10 -10.95
C GLY J 352 73.94 33.11 -9.52
N TYR J 353 74.77 32.12 -9.18
CA TYR J 353 75.25 31.86 -7.82
C TYR J 353 76.52 32.66 -7.46
N ALA J 354 77.21 33.19 -8.48
CA ALA J 354 78.53 33.80 -8.32
C ALA J 354 78.71 34.77 -7.12
N ARG J 355 77.70 35.61 -6.87
CA ARG J 355 77.76 36.61 -5.80
C ARG J 355 78.00 36.02 -4.40
N PHE J 356 77.53 34.79 -4.20
CA PHE J 356 77.38 34.17 -2.88
C PHE J 356 78.58 33.40 -2.41
N ASN J 357 79.59 33.27 -3.28
CA ASN J 357 80.88 32.69 -2.89
C ASN J 357 82.05 33.63 -3.15
N PRO J 358 82.92 33.80 -2.14
CA PRO J 358 84.08 34.71 -2.24
C PRO J 358 85.08 34.35 -3.35
N ILE J 359 85.15 33.09 -3.73
CA ILE J 359 86.09 32.66 -4.76
C ILE J 359 85.88 33.34 -6.13
N TYR J 360 84.75 34.01 -6.30
CA TYR J 360 84.35 34.58 -7.57
C TYR J 360 84.48 36.07 -7.51
N ALA J 361 84.90 36.57 -6.34
CA ALA J 361 85.10 38.02 -6.13
C ALA J 361 85.53 38.76 -7.40
N ASP J 362 84.78 39.80 -7.73
CA ASP J 362 85.04 40.69 -8.87
C ASP J 362 84.75 40.11 -10.25
N HIS J 363 84.34 38.85 -10.31
CA HIS J 363 84.05 38.21 -11.60
C HIS J 363 82.57 38.04 -11.96
N TYR J 364 81.74 38.98 -11.51
CA TYR J 364 80.29 39.01 -11.81
C TYR J 364 79.87 40.48 -11.69
N ALA J 365 78.66 40.84 -12.10
CA ALA J 365 78.26 42.25 -12.22
C ALA J 365 77.89 42.96 -10.90
N MET J 366 77.08 42.31 -10.07
CA MET J 366 76.51 42.94 -8.88
C MET J 366 77.43 42.71 -7.69
N ARG J 367 78.54 43.43 -7.67
CA ARG J 367 79.55 43.28 -6.63
C ARG J 367 79.22 44.19 -5.46
N GLY J 368 79.35 43.67 -4.24
CA GLY J 368 79.03 44.44 -3.05
C GLY J 368 77.62 44.99 -3.06
N GLU J 369 77.44 46.18 -2.48
CA GLU J 369 76.12 46.76 -2.32
C GLU J 369 75.80 47.74 -3.42
N PRO J 370 74.54 47.76 -3.89
CA PRO J 370 74.14 48.74 -4.93
C PRO J 370 73.97 50.11 -4.31
N GLY J 371 73.74 51.12 -5.14
CA GLY J 371 73.42 52.46 -4.63
C GLY J 371 74.25 53.55 -5.25
N ASP J 372 75.43 53.17 -5.72
CA ASP J 372 76.33 54.09 -6.42
C ASP J 372 75.86 54.22 -7.88
N HIS J 373 75.13 55.29 -8.16
CA HIS J 373 74.60 55.52 -9.51
C HIS J 373 75.56 56.33 -10.39
N ASN J 374 76.84 56.38 -10.00
CA ASN J 374 77.84 57.10 -10.77
C ASN J 374 78.75 56.18 -11.61
N GLY J 375 78.25 55.83 -12.79
CA GLY J 375 78.84 54.82 -13.66
C GLY J 375 77.77 54.35 -14.62
N PRO J 376 78.06 53.30 -15.41
CA PRO J 376 77.08 52.85 -16.40
C PRO J 376 75.86 52.20 -15.76
N THR J 377 74.82 51.99 -16.56
CA THR J 377 73.72 51.13 -16.11
C THR J 377 74.15 49.70 -16.43
N VAL J 378 73.98 48.79 -15.48
CA VAL J 378 74.36 47.41 -15.71
C VAL J 378 73.19 46.48 -15.50
N PHE J 379 72.99 45.61 -16.50
CA PHE J 379 71.99 44.54 -16.47
C PHE J 379 72.73 43.24 -16.31
N ALA J 380 72.13 42.35 -15.54
CA ALA J 380 72.64 41.04 -15.28
C ALA J 380 71.44 40.08 -15.34
N THR J 381 71.56 39.04 -16.14
CA THR J 381 70.45 38.13 -16.30
C THR J 381 70.83 36.75 -15.78
N HIS J 382 69.91 36.12 -15.06
CA HIS J 382 70.14 34.77 -14.57
C HIS J 382 69.01 33.89 -15.04
N SER J 383 69.35 32.74 -15.61
CA SER J 383 68.39 31.66 -15.73
C SER J 383 68.46 30.95 -14.40
N THR J 384 67.48 31.24 -13.55
CA THR J 384 67.54 30.77 -12.20
C THR J 384 67.33 29.23 -12.13
N HIS J 385 66.81 28.69 -13.23
CA HIS J 385 66.68 27.26 -13.35
C HIS J 385 67.98 26.56 -13.73
N LYS J 386 68.95 27.32 -14.22
CA LYS J 386 70.20 26.69 -14.68
C LYS J 386 71.09 26.29 -13.48
N LEU J 387 71.67 27.25 -12.78
CA LEU J 387 72.50 26.88 -11.64
C LEU J 387 72.11 27.54 -10.30
N LEU J 388 70.87 28.03 -10.22
CA LEU J 388 70.27 28.25 -8.92
C LEU J 388 69.24 27.13 -8.80
N ASN J 389 68.25 27.26 -7.90
CA ASN J 389 67.15 26.29 -7.80
C ASN J 389 65.79 26.86 -8.21
N ALA J 390 65.31 26.50 -9.39
CA ALA J 390 64.06 27.05 -9.86
C ALA J 390 63.59 26.18 -10.99
N LEU J 391 62.28 26.23 -11.28
CA LEU J 391 61.70 25.52 -12.40
C LEU J 391 62.14 26.18 -13.70
N SER J 392 62.29 25.42 -14.77
CA SER J 392 62.55 25.99 -16.09
C SER J 392 61.58 27.14 -16.40
N GLN J 393 62.10 28.12 -17.15
CA GLN J 393 61.43 29.36 -17.54
C GLN J 393 61.60 30.47 -16.51
N ALA J 394 62.06 30.14 -15.30
CA ALA J 394 62.32 31.16 -14.29
C ALA J 394 63.60 31.94 -14.62
N SER J 395 63.51 33.27 -14.51
CA SER J 395 64.63 34.13 -14.83
C SER J 395 64.51 35.46 -14.12
N TYR J 396 65.63 36.18 -14.04
CA TYR J 396 65.69 37.55 -13.48
C TYR J 396 66.50 38.49 -14.35
N ILE J 397 65.99 39.70 -14.51
CA ILE J 397 66.78 40.83 -14.98
C ILE J 397 67.13 41.58 -13.70
N HIS J 398 68.42 41.65 -13.39
CA HIS J 398 68.94 42.42 -12.25
C HIS J 398 69.55 43.71 -12.76
N VAL J 399 69.18 44.84 -12.17
CA VAL J 399 69.59 46.14 -12.70
C VAL J 399 70.34 47.03 -11.70
N ARG J 400 71.48 47.58 -12.14
CA ARG J 400 72.14 48.67 -11.40
C ARG J 400 72.08 49.95 -12.20
N GLU J 401 71.45 50.96 -11.61
CA GLU J 401 71.15 52.19 -12.33
C GLU J 401 72.35 53.14 -12.40
N GLY J 402 72.67 53.58 -13.60
CA GLY J 402 73.69 54.60 -13.76
C GLY J 402 73.30 55.56 -14.86
N ARG J 403 74.27 55.85 -15.72
CA ARG J 403 74.04 56.74 -16.85
C ARG J 403 73.15 56.06 -17.90
N GLY J 404 72.14 56.77 -18.34
CA GLY J 404 71.26 56.27 -19.37
C GLY J 404 70.29 55.25 -18.79
N ALA J 405 69.99 55.41 -17.50
CA ALA J 405 69.07 54.52 -16.81
C ALA J 405 67.68 54.60 -17.42
N ILE J 406 66.94 53.50 -17.42
CA ILE J 406 65.60 53.43 -17.99
C ILE J 406 64.59 53.23 -16.85
N ASN J 407 63.71 54.20 -16.64
CA ASN J 407 62.83 54.20 -15.47
C ASN J 407 61.71 53.15 -15.55
N PHE J 408 60.98 52.96 -14.45
CA PHE J 408 59.97 51.92 -14.37
C PHE J 408 58.90 51.95 -15.48
N SER J 409 58.33 53.13 -15.74
CA SER J 409 57.26 53.26 -16.72
C SER J 409 57.76 52.91 -18.11
N ARG J 410 59.00 53.31 -18.40
CA ARG J 410 59.61 53.03 -19.69
C ARG J 410 59.92 51.55 -19.82
N PHE J 411 60.59 51.00 -18.82
CA PHE J 411 61.08 49.64 -18.94
C PHE J 411 59.94 48.62 -18.94
N ASN J 412 58.88 48.90 -18.21
CA ASN J 412 57.78 47.93 -18.11
C ASN J 412 57.02 47.73 -19.44
N GLN J 413 57.15 48.67 -20.38
CA GLN J 413 56.56 48.48 -21.71
C GLN J 413 57.33 47.39 -22.46
N ALA J 414 58.66 47.45 -22.35
CA ALA J 414 59.53 46.38 -22.88
C ALA J 414 59.29 45.09 -22.11
N TYR J 415 59.09 45.19 -20.81
CA TYR J 415 58.75 44.00 -20.03
C TYR J 415 57.50 43.30 -20.55
N MET J 416 56.40 44.04 -20.68
CA MET J 416 55.13 43.46 -21.10
C MET J 416 55.13 43.02 -22.58
N MET J 417 55.97 43.67 -23.38
CA MET J 417 56.16 43.34 -24.77
C MET J 417 56.51 41.85 -24.93
N HIS J 418 57.29 41.32 -23.98
CA HIS J 418 57.74 39.92 -24.06
C HIS J 418 57.24 39.03 -22.95
N ALA J 419 56.10 39.39 -22.37
CA ALA J 419 55.51 38.62 -21.30
C ALA J 419 54.20 37.94 -21.75
N THR J 420 53.66 37.09 -20.89
CA THR J 420 52.34 36.52 -21.11
C THR J 420 51.44 37.13 -20.08
N THR J 421 50.22 37.45 -20.49
CA THR J 421 49.22 37.98 -19.57
C THR J 421 48.71 36.92 -18.59
N SER J 422 49.09 35.67 -18.79
CA SER J 422 48.67 34.61 -17.88
C SER J 422 49.85 33.77 -17.37
N PRO J 423 50.73 34.38 -16.53
CA PRO J 423 51.89 33.63 -16.06
C PRO J 423 51.47 32.45 -15.19
N LEU J 424 52.32 31.43 -15.10
CA LEU J 424 52.13 30.30 -14.21
C LEU J 424 52.75 30.64 -12.87
N TYR J 425 51.91 30.91 -11.88
CA TYR J 425 52.36 31.30 -10.56
C TYR J 425 53.28 30.28 -9.88
N ALA J 426 53.25 29.05 -10.36
CA ALA J 426 54.14 28.01 -9.87
C ALA J 426 55.59 28.37 -10.15
N ILE J 427 55.85 28.92 -11.35
CA ILE J 427 57.19 29.31 -11.75
C ILE J 427 57.63 30.48 -10.89
N CYS J 428 56.75 31.45 -10.66
CA CYS J 428 57.11 32.61 -9.83
C CYS J 428 57.42 32.23 -8.38
N ALA J 429 56.67 31.27 -7.84
CA ALA J 429 56.94 30.75 -6.50
C ALA J 429 58.35 30.13 -6.44
N SER J 430 58.72 29.33 -7.42
CA SER J 430 60.05 28.72 -7.42
C SER J 430 61.14 29.80 -7.52
N ASN J 431 60.86 30.84 -8.29
CA ASN J 431 61.74 32.00 -8.40
C ASN J 431 61.99 32.71 -7.07
N ASP J 432 60.99 32.71 -6.20
CA ASP J 432 61.03 33.44 -4.93
C ASP J 432 61.84 32.57 -3.96
N VAL J 433 61.59 31.28 -4.00
CA VAL J 433 62.33 30.29 -3.26
C VAL J 433 63.83 30.26 -3.64
N ALA J 434 64.13 30.47 -4.91
CA ALA J 434 65.51 30.49 -5.41
C ALA J 434 66.29 31.56 -4.67
N VAL J 435 65.65 32.72 -4.52
CA VAL J 435 66.21 33.86 -3.77
C VAL J 435 66.42 33.49 -2.31
N SER J 436 65.42 32.86 -1.73
CA SER J 436 65.45 32.45 -0.33
C SER J 436 66.67 31.58 -0.01
N MET J 437 66.98 30.66 -0.91
CA MET J 437 68.05 29.72 -0.68
C MET J 437 69.40 30.41 -0.63
N MET J 438 69.51 31.56 -1.30
CA MET J 438 70.79 32.25 -1.44
C MET J 438 70.95 33.31 -0.38
N ASP J 439 69.88 33.63 0.34
CA ASP J 439 69.87 34.67 1.36
C ASP J 439 70.56 34.22 2.64
N GLY J 440 71.55 34.98 3.08
CA GLY J 440 72.26 34.72 4.35
C GLY J 440 73.33 33.66 4.30
N ASN J 441 73.51 32.94 5.41
CA ASN J 441 74.52 31.88 5.49
C ASN J 441 74.38 30.81 4.41
N SER J 442 73.13 30.46 4.05
CA SER J 442 72.89 29.31 3.18
C SER J 442 73.51 29.55 1.81
N GLY J 443 73.45 30.78 1.31
CA GLY J 443 74.07 31.15 0.03
C GLY J 443 75.52 30.66 -0.08
N LEU J 444 76.33 31.08 0.89
CA LEU J 444 77.72 30.68 1.04
C LEU J 444 77.90 29.16 1.11
N SER J 445 77.05 28.51 1.89
CA SER J 445 77.26 27.13 2.25
C SER J 445 76.82 26.22 1.10
N LEU J 446 75.77 26.63 0.39
CA LEU J 446 75.33 25.89 -0.77
C LEU J 446 76.34 26.01 -1.92
N THR J 447 76.81 27.21 -2.21
CA THR J 447 77.80 27.39 -3.28
C THR J 447 79.10 26.69 -2.93
N GLN J 448 79.51 26.78 -1.66
CA GLN J 448 80.72 26.12 -1.21
C GLN J 448 80.67 24.62 -1.37
N GLU J 449 79.53 24.01 -1.07
CA GLU J 449 79.38 22.56 -1.24
C GLU J 449 79.64 22.13 -2.68
N VAL J 450 79.14 22.91 -3.64
CA VAL J 450 79.38 22.60 -5.06
C VAL J 450 80.86 22.68 -5.44
N ILE J 451 81.56 23.70 -4.94
CA ILE J 451 82.99 23.80 -5.17
C ILE J 451 83.74 22.62 -4.56
N ASP J 452 83.45 22.33 -3.30
CA ASP J 452 84.06 21.22 -2.59
C ASP J 452 83.88 19.91 -3.34
N GLU J 453 82.70 19.69 -3.93
CA GLU J 453 82.42 18.43 -4.66
C GLU J 453 83.18 18.36 -5.97
N ALA J 454 83.07 19.44 -6.77
CA ALA J 454 83.82 19.62 -8.00
C ALA J 454 85.32 19.41 -7.80
N VAL J 455 85.89 20.10 -6.82
CA VAL J 455 87.30 19.96 -6.47
C VAL J 455 87.71 18.54 -6.03
N ASP J 456 86.88 17.88 -5.24
CA ASP J 456 87.16 16.48 -4.89
C ASP J 456 87.26 15.63 -6.12
N PHE J 457 86.33 15.83 -7.07
CA PHE J 457 86.38 15.14 -8.35
C PHE J 457 87.65 15.48 -9.15
N ARG J 458 87.97 16.76 -9.23
CA ARG J 458 89.16 17.19 -9.97
C ARG J 458 90.45 16.58 -9.40
N GLN J 459 90.57 16.56 -8.06
CA GLN J 459 91.73 15.99 -7.37
C GLN J 459 91.84 14.47 -7.47
N ALA J 460 90.70 13.76 -7.43
CA ALA J 460 90.64 12.31 -7.74
C ALA J 460 91.15 11.98 -9.15
N MET J 461 90.76 12.81 -10.12
CA MET J 461 91.15 12.58 -11.51
C MET J 461 92.63 12.88 -11.72
N ALA J 462 93.09 13.99 -11.14
CA ALA J 462 94.49 14.37 -11.18
C ALA J 462 95.37 13.32 -10.48
N ARG J 463 94.86 12.73 -9.41
CA ARG J 463 95.63 11.70 -8.69
C ARG J 463 95.72 10.43 -9.51
N LEU J 464 94.59 10.05 -10.12
CA LEU J 464 94.53 8.87 -10.95
C LEU J 464 95.37 9.05 -12.20
N TYR J 465 95.30 10.25 -12.78
CA TYR J 465 96.11 10.57 -13.95
C TYR J 465 97.62 10.47 -13.66
N LYS J 466 98.03 10.89 -12.47
CA LYS J 466 99.42 10.83 -12.07
C LYS J 466 99.87 9.40 -11.92
N GLU J 467 99.03 8.60 -11.26
CA GLU J 467 99.34 7.21 -10.94
C GLU J 467 99.38 6.35 -12.20
N PHE J 468 98.45 6.59 -13.13
CA PHE J 468 98.47 5.90 -14.44
C PHE J 468 99.66 6.34 -15.30
N THR J 469 99.95 7.64 -15.34
CA THR J 469 101.11 8.16 -16.07
C THR J 469 102.42 7.53 -15.58
N ALA J 470 102.69 7.64 -14.28
CA ALA J 470 103.90 7.06 -13.69
C ALA J 470 104.07 5.65 -14.18
N ASP J 471 102.96 5.02 -14.56
CA ASP J 471 102.93 3.60 -14.88
C ASP J 471 102.91 3.33 -16.40
N GLY J 472 103.13 4.38 -17.20
CA GLY J 472 103.22 4.24 -18.65
C GLY J 472 101.91 3.84 -19.32
N SER J 473 100.81 4.34 -18.79
CA SER J 473 99.50 4.03 -19.32
C SER J 473 98.74 5.32 -19.24
N TRP J 474 97.93 5.60 -20.26
CA TRP J 474 97.20 6.87 -20.37
C TRP J 474 96.07 6.95 -19.36
N PHE J 475 95.56 8.15 -19.17
CA PHE J 475 94.28 8.38 -18.49
C PHE J 475 93.73 9.78 -18.81
N PHE J 476 92.49 10.02 -18.42
CA PHE J 476 91.87 11.33 -18.56
C PHE J 476 92.47 12.20 -17.49
N LYS J 477 92.41 13.50 -17.70
CA LYS J 477 92.87 14.45 -16.70
C LYS J 477 91.96 15.70 -16.66
N PRO J 478 91.87 16.34 -15.48
CA PRO J 478 91.02 17.51 -15.42
C PRO J 478 91.67 18.77 -16.01
N TRP J 479 90.84 19.60 -16.63
CA TRP J 479 91.28 20.89 -17.12
C TRP J 479 91.23 21.90 -15.98
N ASN J 480 92.39 22.15 -15.39
CA ASN J 480 92.57 23.22 -14.40
C ASN J 480 94.05 23.56 -14.27
N LYS J 481 94.39 24.50 -13.40
CA LYS J 481 95.78 24.80 -13.12
C LYS J 481 96.55 23.52 -12.73
N GLU J 482 97.79 23.41 -13.23
CA GLU J 482 98.66 22.28 -12.93
C GLU J 482 99.40 22.46 -11.60
N VAL J 483 99.87 23.68 -11.34
CA VAL J 483 100.73 23.95 -10.21
C VAL J 483 100.17 25.15 -9.47
N VAL J 484 99.97 25.00 -8.17
CA VAL J 484 99.20 25.94 -7.39
C VAL J 484 100.05 26.53 -6.26
N THR J 485 99.77 27.74 -5.82
CA THR J 485 100.59 28.38 -4.79
C THR J 485 99.79 28.86 -3.58
N ASP J 486 100.22 28.45 -2.40
CA ASP J 486 99.65 28.96 -1.15
C ASP J 486 100.15 30.40 -0.96
N PRO J 487 99.22 31.37 -0.93
CA PRO J 487 99.72 32.72 -0.83
C PRO J 487 100.10 33.13 0.61
N GLN J 488 99.89 32.25 1.59
CA GLN J 488 100.28 32.55 2.97
C GLN J 488 101.76 32.26 3.11
N THR J 489 102.11 30.98 3.07
CA THR J 489 103.48 30.55 2.80
C THR J 489 103.72 30.94 1.34
N GLY J 490 104.82 30.49 0.75
CA GLY J 490 105.00 30.67 -0.71
C GLY J 490 105.09 29.30 -1.36
N LYS J 491 104.60 28.31 -0.62
CA LYS J 491 104.74 26.90 -0.96
C LYS J 491 103.94 26.52 -2.21
N THR J 492 104.51 25.60 -2.97
CA THR J 492 104.01 25.26 -4.30
C THR J 492 103.54 23.81 -4.31
N TYR J 493 102.49 23.52 -5.07
CA TYR J 493 101.92 22.16 -5.12
C TYR J 493 101.41 21.80 -6.50
N ASP J 494 101.57 20.55 -6.88
CA ASP J 494 100.78 19.97 -7.96
C ASP J 494 99.34 19.97 -7.49
N PHE J 495 98.41 20.14 -8.42
CA PHE J 495 96.98 20.18 -8.10
C PHE J 495 96.55 18.95 -7.30
N ALA J 496 97.04 17.75 -7.68
CA ALA J 496 96.75 16.50 -6.96
C ALA J 496 97.19 16.50 -5.50
N ASP J 497 98.23 17.28 -5.19
CA ASP J 497 98.82 17.26 -3.85
C ASP J 497 98.44 18.45 -3.00
N ALA J 498 97.74 19.41 -3.62
CA ALA J 498 97.44 20.67 -2.95
C ALA J 498 96.47 20.43 -1.82
N PRO J 499 96.62 21.19 -0.71
CA PRO J 499 95.62 21.02 0.34
C PRO J 499 94.30 21.44 -0.26
N THR J 500 93.24 20.69 0.01
CA THR J 500 92.01 20.94 -0.69
C THR J 500 91.41 22.30 -0.31
N LYS J 501 91.55 22.71 0.94
CA LYS J 501 91.12 24.06 1.34
C LYS J 501 91.81 25.22 0.57
N LEU J 502 93.01 24.98 0.06
CA LEU J 502 93.69 25.97 -0.79
C LEU J 502 92.93 26.05 -2.12
N LEU J 503 92.59 24.91 -2.69
CA LEU J 503 91.90 24.85 -3.97
C LEU J 503 90.46 25.39 -3.89
N THR J 504 89.78 25.14 -2.78
CA THR J 504 88.36 25.48 -2.69
C THR J 504 88.09 26.93 -2.23
N THR J 505 89.10 27.64 -1.74
CA THR J 505 88.86 28.96 -1.17
C THR J 505 89.75 30.06 -1.73
N VAL J 506 90.80 29.68 -2.45
CA VAL J 506 91.72 30.70 -2.96
C VAL J 506 91.56 30.91 -4.47
N GLN J 507 91.22 32.14 -4.82
CA GLN J 507 90.84 32.49 -6.18
C GLN J 507 92.03 32.35 -7.10
N ASP J 508 93.24 32.60 -6.57
CA ASP J 508 94.45 32.57 -7.39
C ASP J 508 94.71 31.20 -8.03
N CYS J 509 94.28 30.13 -7.36
CA CYS J 509 94.33 28.79 -7.93
C CYS J 509 93.54 28.62 -9.25
N TRP J 510 92.71 29.61 -9.57
CA TRP J 510 91.75 29.52 -10.66
C TRP J 510 91.99 30.60 -11.74
N VAL J 511 92.76 31.61 -11.37
CA VAL J 511 93.12 32.69 -12.27
C VAL J 511 94.04 32.21 -13.39
N MET J 512 93.68 32.56 -14.62
CA MET J 512 94.49 32.21 -15.77
C MET J 512 95.63 33.22 -15.95
N HIS J 513 96.84 32.83 -15.54
CA HIS J 513 98.01 33.70 -15.67
C HIS J 513 98.73 33.53 -17.02
N PRO J 514 99.31 34.63 -17.53
CA PRO J 514 100.20 34.55 -18.69
C PRO J 514 101.38 33.61 -18.40
N GLY J 515 101.73 32.76 -19.36
CA GLY J 515 102.83 31.84 -19.11
C GLY J 515 102.31 30.45 -18.91
N GLU J 516 101.36 30.30 -17.97
CA GLU J 516 100.74 29.01 -17.65
C GLU J 516 100.10 28.45 -18.91
N SER J 517 100.40 27.19 -19.20
CA SER J 517 99.97 26.61 -20.45
C SER J 517 98.69 25.78 -20.34
N TRP J 518 98.18 25.57 -19.12
CA TRP J 518 96.98 24.73 -18.92
C TRP J 518 95.74 25.29 -19.60
N HIS J 519 95.52 26.60 -19.46
CA HIS J 519 94.33 27.24 -19.96
C HIS J 519 94.36 27.41 -21.46
N GLY J 520 95.57 27.52 -22.01
CA GLY J 520 95.78 27.52 -23.44
C GLY J 520 95.31 28.75 -24.19
N PHE J 521 95.23 29.89 -23.50
CA PHE J 521 94.79 31.15 -24.13
C PHE J 521 95.97 32.08 -24.36
N LYS J 522 96.48 32.05 -25.59
CA LYS J 522 97.71 32.73 -26.00
C LYS J 522 97.68 34.21 -25.65
N ASP J 523 98.71 34.71 -24.99
CA ASP J 523 98.89 36.16 -24.81
C ASP J 523 97.74 36.88 -24.11
N ILE J 524 96.94 36.10 -23.37
CA ILE J 524 95.94 36.62 -22.44
C ILE J 524 96.60 37.58 -21.43
N PRO J 525 95.98 38.74 -21.20
CA PRO J 525 96.48 39.61 -20.14
C PRO J 525 96.21 39.03 -18.75
N ASP J 526 97.04 39.41 -17.79
CA ASP J 526 96.91 38.92 -16.41
C ASP J 526 95.67 39.55 -15.73
N ASN J 527 95.19 38.87 -14.68
CA ASN J 527 94.01 39.28 -13.88
C ASN J 527 92.78 39.65 -14.72
N TRP J 528 92.52 38.82 -15.73
CA TRP J 528 91.45 39.08 -16.67
C TRP J 528 90.30 38.06 -16.57
N SER J 529 90.66 36.80 -16.32
CA SER J 529 89.69 35.73 -16.23
C SER J 529 90.17 34.57 -15.39
N MET J 530 89.22 33.81 -14.85
CA MET J 530 89.50 32.63 -14.02
C MET J 530 88.66 31.49 -14.52
N LEU J 531 89.00 30.28 -14.06
CA LEU J 531 88.16 29.11 -14.28
C LEU J 531 87.23 28.87 -13.09
N ASP J 532 85.94 28.76 -13.38
CA ASP J 532 84.93 28.35 -12.38
C ASP J 532 85.18 26.91 -11.95
N PRO J 533 85.48 26.69 -10.66
CA PRO J 533 85.75 25.33 -10.20
C PRO J 533 84.64 24.30 -10.53
N ILE J 534 83.38 24.73 -10.62
CA ILE J 534 82.24 23.79 -10.72
C ILE J 534 81.93 23.28 -12.14
N LYS J 535 82.51 23.93 -13.14
CA LYS J 535 82.36 23.46 -14.53
C LYS J 535 83.58 22.57 -14.84
N VAL J 536 83.41 21.28 -14.67
CA VAL J 536 84.56 20.38 -14.66
C VAL J 536 84.78 19.74 -16.03
N SER J 537 85.66 20.34 -16.84
CA SER J 537 86.13 19.70 -18.05
C SER J 537 87.18 18.64 -17.77
N ILE J 538 87.03 17.50 -18.44
CA ILE J 538 87.93 16.37 -18.37
C ILE J 538 88.54 16.23 -19.77
N LEU J 539 89.85 16.07 -19.82
CA LEU J 539 90.53 15.96 -21.12
C LEU J 539 91.04 14.54 -21.41
N ALA J 540 90.58 14.01 -22.54
CA ALA J 540 91.12 12.79 -23.14
C ALA J 540 92.39 13.13 -23.92
N PRO J 541 93.37 12.20 -23.94
CA PRO J 541 94.66 12.43 -24.62
C PRO J 541 94.51 12.47 -26.15
N GLY J 542 95.31 13.31 -26.80
CA GLY J 542 95.32 13.40 -28.26
C GLY J 542 95.89 14.71 -28.76
N MET J 543 95.68 15.76 -27.99
CA MET J 543 96.10 17.10 -28.36
C MET J 543 97.32 17.47 -27.54
N GLY J 544 98.40 17.77 -28.25
CA GLY J 544 99.66 18.14 -27.64
C GLY J 544 99.61 19.54 -27.09
N GLU J 545 100.46 19.81 -26.12
CA GLU J 545 100.63 21.14 -25.52
C GLU J 545 100.84 22.25 -26.55
N ASP J 546 101.57 21.93 -27.62
CA ASP J 546 101.91 22.89 -28.69
C ASP J 546 100.72 23.19 -29.61
N GLY J 547 99.59 22.53 -29.33
CA GLY J 547 98.39 22.72 -30.11
C GLY J 547 98.33 21.86 -31.34
N GLU J 548 99.18 20.83 -31.43
CA GLU J 548 99.13 19.87 -32.52
C GLU J 548 98.74 18.50 -31.99
N LEU J 549 98.09 17.71 -32.84
CA LEU J 549 97.69 16.37 -32.48
C LEU J 549 98.93 15.50 -32.22
N GLU J 550 98.75 14.43 -31.46
CA GLU J 550 99.84 13.52 -31.14
C GLU J 550 99.76 12.31 -32.04
N GLU J 551 100.60 11.30 -31.78
CA GLU J 551 100.71 10.13 -32.66
C GLU J 551 99.49 9.24 -32.47
N THR J 552 99.04 9.17 -31.22
CA THR J 552 97.78 8.51 -30.85
C THR J 552 96.99 9.42 -29.94
N GLY J 553 95.75 9.00 -29.67
CA GLY J 553 94.85 9.71 -28.81
C GLY J 553 93.57 8.94 -28.60
N VAL J 554 92.72 9.47 -27.72
CA VAL J 554 91.45 8.86 -27.33
C VAL J 554 90.38 9.92 -27.56
N PRO J 555 89.58 9.76 -28.62
CA PRO J 555 88.60 10.79 -28.99
C PRO J 555 87.43 10.84 -27.99
N ALA J 556 87.14 12.04 -27.49
CA ALA J 556 86.04 12.27 -26.54
C ALA J 556 84.72 11.67 -27.01
N ALA J 557 84.48 11.74 -28.32
CA ALA J 557 83.19 11.34 -28.89
C ALA J 557 82.85 9.91 -28.53
N LEU J 558 83.87 9.08 -28.37
CA LEU J 558 83.67 7.67 -28.08
C LEU J 558 83.42 7.43 -26.58
N VAL J 559 83.98 8.31 -25.76
CA VAL J 559 83.81 8.26 -24.32
C VAL J 559 82.39 8.70 -23.99
N THR J 560 81.96 9.81 -24.59
CA THR J 560 80.62 10.34 -24.44
C THR J 560 79.60 9.25 -24.68
N ALA J 561 79.71 8.57 -25.80
CA ALA J 561 78.81 7.50 -26.14
C ALA J 561 78.76 6.39 -25.08
N TRP J 562 79.89 6.15 -24.41
CA TRP J 562 80.00 5.12 -23.38
C TRP J 562 79.31 5.57 -22.08
N LEU J 563 79.58 6.81 -21.70
CA LEU J 563 78.83 7.47 -20.64
C LEU J 563 77.32 7.34 -20.94
N GLY J 564 76.88 7.88 -22.07
CA GLY J 564 75.50 7.79 -22.52
C GLY J 564 74.85 6.44 -22.24
N ARG J 565 75.55 5.35 -22.48
CA ARG J 565 75.05 4.00 -22.18
C ARG J 565 74.79 3.77 -20.69
N HIS J 566 75.50 4.49 -19.84
CA HIS J 566 75.39 4.33 -18.41
C HIS J 566 74.58 5.48 -17.85
N GLY J 567 73.73 6.05 -18.70
CA GLY J 567 72.96 7.23 -18.35
C GLY J 567 73.82 8.31 -17.72
N ILE J 568 74.82 8.79 -18.44
CA ILE J 568 75.61 9.96 -18.04
C ILE J 568 75.79 10.81 -19.30
N VAL J 569 75.28 12.03 -19.26
CA VAL J 569 75.26 12.87 -20.46
C VAL J 569 75.90 14.23 -20.21
N PRO J 570 77.21 14.34 -20.50
CA PRO J 570 77.97 15.58 -20.33
C PRO J 570 77.37 16.74 -21.11
N THR J 571 77.31 17.92 -20.47
CA THR J 571 76.68 19.05 -21.10
C THR J 571 77.38 19.42 -22.40
N ARG J 572 78.67 19.70 -22.33
CA ARG J 572 79.42 19.97 -23.56
C ARG J 572 80.55 18.97 -23.91
N THR J 573 80.82 18.89 -25.21
CA THR J 573 81.79 17.98 -25.79
C THR J 573 82.67 18.72 -26.81
N THR J 574 83.89 18.24 -26.99
CA THR J 574 84.73 18.64 -28.11
C THR J 574 85.37 17.36 -28.64
N ASP J 575 86.49 17.51 -29.34
CA ASP J 575 87.28 16.37 -29.81
C ASP J 575 87.93 15.60 -28.67
N PHE J 576 88.45 16.32 -27.68
CA PHE J 576 89.10 15.70 -26.53
C PHE J 576 88.60 16.16 -25.14
N GLN J 577 87.68 17.12 -25.10
CA GLN J 577 87.18 17.63 -23.82
C GLN J 577 85.73 17.27 -23.51
N ILE J 578 85.51 16.84 -22.27
CA ILE J 578 84.19 16.45 -21.78
C ILE J 578 83.92 17.23 -20.49
N MET J 579 82.81 17.96 -20.48
CA MET J 579 82.50 18.87 -19.38
C MET J 579 81.33 18.33 -18.57
N PHE J 580 81.52 18.19 -17.27
CA PHE J 580 80.48 17.75 -16.34
C PHE J 580 79.98 18.91 -15.48
N LEU J 581 78.66 19.08 -15.47
CA LEU J 581 78.04 20.16 -14.69
C LEU J 581 77.80 19.79 -13.21
N PHE J 582 78.45 20.52 -12.31
CA PHE J 582 78.18 20.38 -10.88
C PHE J 582 77.22 21.48 -10.46
N SER J 583 76.19 21.11 -9.70
CA SER J 583 75.29 22.14 -9.18
C SER J 583 74.87 21.88 -7.72
N MET J 584 74.07 22.80 -7.20
CA MET J 584 73.43 22.63 -5.90
C MET J 584 72.49 21.43 -5.79
N GLY J 585 72.12 20.83 -6.92
CA GLY J 585 71.29 19.66 -6.90
C GLY J 585 72.06 18.37 -6.74
N VAL J 586 73.39 18.44 -6.86
CA VAL J 586 74.17 17.20 -6.78
C VAL J 586 74.35 16.78 -5.31
N THR J 587 74.36 15.48 -5.09
CA THR J 587 74.56 14.97 -3.76
C THR J 587 76.01 14.52 -3.60
N ARG J 588 76.46 14.47 -2.36
CA ARG J 588 77.87 14.29 -2.07
C ARG J 588 78.36 12.93 -2.50
N GLY J 589 79.54 12.92 -3.15
CA GLY J 589 80.22 11.67 -3.48
C GLY J 589 79.71 11.06 -4.75
N LYS J 590 78.75 11.75 -5.38
CA LYS J 590 78.10 11.27 -6.59
C LYS J 590 79.10 11.15 -7.75
N TRP J 591 80.09 12.05 -7.76
CA TRP J 591 81.14 12.05 -8.77
C TRP J 591 81.92 10.72 -8.89
N GLY J 592 81.86 9.86 -7.86
CA GLY J 592 82.55 8.59 -7.90
C GLY J 592 82.01 7.69 -9.00
N THR J 593 80.73 7.89 -9.33
CA THR J 593 80.17 7.14 -10.43
C THR J 593 80.79 7.59 -11.78
N LEU J 594 81.12 8.87 -11.92
CA LEU J 594 81.90 9.36 -13.06
C LEU J 594 83.27 8.65 -13.14
N VAL J 595 84.04 8.73 -12.06
CA VAL J 595 85.32 8.02 -12.01
C VAL J 595 85.18 6.51 -12.37
N ASN J 596 84.15 5.85 -11.85
CA ASN J 596 83.92 4.42 -12.14
C ASN J 596 83.74 4.14 -13.62
N THR J 597 83.01 5.02 -14.30
CA THR J 597 82.63 4.82 -15.68
C THR J 597 83.79 5.18 -16.61
N LEU J 598 84.44 6.30 -16.32
CA LEU J 598 85.70 6.63 -16.96
C LEU J 598 86.70 5.46 -16.88
N CYS J 599 86.87 4.89 -15.68
CA CYS J 599 87.71 3.70 -15.47
C CYS J 599 87.35 2.47 -16.30
N SER J 600 86.06 2.10 -16.32
CA SER J 600 85.61 0.94 -17.09
C SER J 600 85.79 1.18 -18.60
N PHE J 601 85.61 2.43 -19.03
CA PHE J 601 85.92 2.77 -20.40
C PHE J 601 87.35 2.37 -20.73
N LYS J 602 88.30 2.88 -19.93
CA LYS J 602 89.73 2.60 -20.12
C LYS J 602 90.02 1.11 -20.14
N ARG J 603 89.46 0.39 -19.17
CA ARG J 603 89.61 -1.05 -19.06
C ARG J 603 89.17 -1.74 -20.36
N HIS J 604 88.03 -1.33 -20.91
CA HIS J 604 87.53 -1.91 -22.15
C HIS J 604 88.34 -1.48 -23.35
N TYR J 605 88.84 -0.25 -23.28
CA TYR J 605 89.65 0.33 -24.34
C TYR J 605 90.96 -0.44 -24.52
N ASP J 606 91.73 -0.55 -23.44
CA ASP J 606 92.99 -1.28 -23.44
C ASP J 606 92.82 -2.76 -23.87
N ALA J 607 91.71 -3.37 -23.47
CA ALA J 607 91.38 -4.73 -23.93
C ALA J 607 90.90 -4.79 -25.39
N ASN J 608 90.54 -3.62 -25.95
CA ASN J 608 89.91 -3.53 -27.27
C ASN J 608 88.65 -4.42 -27.40
N THR J 609 87.78 -4.35 -26.39
CA THR J 609 86.56 -5.16 -26.38
C THR J 609 85.73 -4.93 -27.64
N PRO J 610 85.19 -6.02 -28.23
CA PRO J 610 84.23 -5.93 -29.33
C PRO J 610 83.03 -4.99 -29.06
N LEU J 611 82.71 -4.19 -30.07
CA LEU J 611 81.55 -3.32 -30.04
C LEU J 611 80.25 -4.10 -29.85
N ALA J 612 80.14 -5.26 -30.51
CA ALA J 612 79.04 -6.18 -30.25
C ALA J 612 78.68 -6.29 -28.75
N GLN J 613 79.70 -6.29 -27.90
CA GLN J 613 79.52 -6.35 -26.44
C GLN J 613 79.30 -4.98 -25.78
N VAL J 614 80.19 -4.02 -26.03
CA VAL J 614 80.17 -2.74 -25.30
C VAL J 614 79.36 -1.63 -25.96
N MET J 615 78.95 -1.82 -27.21
CA MET J 615 78.06 -0.87 -27.87
C MET J 615 77.11 -1.59 -28.81
N PRO J 616 76.29 -2.51 -28.27
CA PRO J 616 75.47 -3.33 -29.17
C PRO J 616 74.45 -2.54 -30.02
N GLU J 617 73.95 -1.41 -29.48
CA GLU J 617 73.02 -0.55 -30.20
C GLU J 617 73.66 0.00 -31.46
N LEU J 618 74.91 0.43 -31.33
CA LEU J 618 75.64 0.94 -32.49
C LEU J 618 75.75 -0.11 -33.60
N VAL J 619 76.07 -1.34 -33.23
CA VAL J 619 76.34 -2.40 -34.19
C VAL J 619 75.07 -2.97 -34.82
N GLU J 620 73.99 -3.02 -34.04
CA GLU J 620 72.68 -3.44 -34.56
C GLU J 620 72.20 -2.44 -35.62
N GLN J 621 72.33 -1.15 -35.30
CA GLN J 621 71.85 -0.06 -36.16
C GLN J 621 72.69 0.14 -37.42
N TYR J 622 74.01 0.03 -37.31
CA TYR J 622 74.89 0.13 -38.47
C TYR J 622 75.84 -1.08 -38.52
N PRO J 623 75.34 -2.24 -38.96
CA PRO J 623 76.14 -3.45 -38.95
C PRO J 623 77.21 -3.46 -40.04
N ASP J 624 77.05 -2.61 -41.05
CA ASP J 624 78.02 -2.51 -42.12
C ASP J 624 79.34 -1.93 -41.64
N THR J 625 79.26 -0.87 -40.86
CA THR J 625 80.41 -0.03 -40.52
C THR J 625 81.21 -0.59 -39.35
N TYR J 626 80.52 -1.21 -38.39
CA TYR J 626 81.13 -1.55 -37.11
C TYR J 626 81.35 -3.04 -36.85
N ALA J 627 81.04 -3.87 -37.86
CA ALA J 627 81.32 -5.30 -37.87
C ALA J 627 82.79 -5.59 -37.51
N ASN J 628 82.99 -6.58 -36.64
CA ASN J 628 84.31 -7.09 -36.28
C ASN J 628 85.29 -5.96 -35.93
N MET J 629 84.80 -4.96 -35.23
CA MET J 629 85.67 -3.93 -34.64
C MET J 629 85.60 -3.99 -33.14
N GLY J 630 86.70 -3.60 -32.50
CA GLY J 630 86.73 -3.40 -31.05
C GLY J 630 86.71 -1.92 -30.77
N ILE J 631 86.38 -1.54 -29.54
CA ILE J 631 86.34 -0.13 -29.16
C ILE J 631 87.63 0.66 -29.46
N HIS J 632 88.78 0.02 -29.28
CA HIS J 632 90.09 0.61 -29.52
C HIS J 632 90.34 0.78 -31.03
N ASP J 633 89.81 -0.15 -31.82
CA ASP J 633 89.91 -0.04 -33.27
C ASP J 633 89.22 1.21 -33.75
N LEU J 634 88.01 1.43 -33.23
CA LEU J 634 87.16 2.56 -33.58
C LEU J 634 87.79 3.89 -33.17
N GLY J 635 88.38 3.90 -31.97
CA GLY J 635 89.08 5.07 -31.49
C GLY J 635 90.25 5.38 -32.41
N ASP J 636 90.89 4.33 -32.91
CA ASP J 636 92.03 4.45 -33.82
C ASP J 636 91.64 5.06 -35.16
N THR J 637 90.59 4.52 -35.76
CA THR J 637 89.97 5.12 -36.94
C THR J 637 89.58 6.58 -36.69
N MET J 638 88.91 6.86 -35.57
CA MET J 638 88.43 8.22 -35.31
C MET J 638 89.59 9.22 -35.21
N PHE J 639 90.66 8.80 -34.53
CA PHE J 639 91.86 9.64 -34.41
C PHE J 639 92.57 9.82 -35.74
N ALA J 640 92.72 8.73 -36.50
CA ALA J 640 93.23 8.78 -37.89
C ALA J 640 92.48 9.82 -38.73
N TRP J 641 91.14 9.76 -38.75
CA TRP J 641 90.33 10.85 -39.35
C TRP J 641 90.75 12.22 -38.81
N LEU J 642 90.89 12.33 -37.49
CA LEU J 642 91.33 13.61 -36.92
C LEU J 642 92.68 14.05 -37.49
N LYS J 643 93.61 13.09 -37.55
CA LYS J 643 94.98 13.30 -38.04
C LYS J 643 94.98 13.75 -39.50
N GLU J 644 94.15 13.11 -40.31
CA GLU J 644 94.12 13.37 -41.75
C GLU J 644 93.31 14.63 -42.11
N ASN J 645 92.35 15.03 -41.29
CA ASN J 645 91.48 16.15 -41.64
C ASN J 645 91.71 17.42 -40.86
N ASN J 646 92.45 17.34 -39.76
CA ASN J 646 92.71 18.49 -38.88
C ASN J 646 91.52 19.47 -38.72
N PRO J 647 90.44 19.03 -38.06
CA PRO J 647 89.27 19.87 -37.84
C PRO J 647 89.52 21.03 -36.88
N GLY J 648 90.51 20.88 -36.01
CA GLY J 648 90.95 21.96 -35.11
C GLY J 648 91.49 23.20 -35.79
N ALA J 649 92.27 23.02 -36.86
CA ALA J 649 92.73 24.16 -37.66
C ALA J 649 91.55 24.73 -38.46
N ARG J 650 90.75 23.84 -39.04
CA ARG J 650 89.52 24.19 -39.73
C ARG J 650 88.67 25.14 -38.87
N LEU J 651 88.50 24.76 -37.60
CA LEU J 651 87.71 25.52 -36.63
C LEU J 651 88.23 26.95 -36.43
N ASN J 652 89.53 27.07 -36.15
CA ASN J 652 90.16 28.37 -35.96
C ASN J 652 90.09 29.25 -37.20
N GLU J 653 90.20 28.62 -38.38
CA GLU J 653 90.10 29.34 -39.64
C GLU J 653 88.68 29.88 -39.83
N ALA J 654 87.68 29.11 -39.37
CA ALA J 654 86.28 29.51 -39.48
C ALA J 654 85.87 30.57 -38.44
N TYR J 655 86.70 30.81 -37.42
CA TYR J 655 86.37 31.78 -36.38
C TYR J 655 87.37 32.92 -36.20
N SER J 656 88.34 33.01 -37.12
CA SER J 656 89.37 34.05 -37.05
C SER J 656 88.85 35.42 -37.49
N GLY J 657 88.55 35.53 -38.78
CA GLY J 657 87.91 36.72 -39.34
C GLY J 657 86.40 36.56 -39.33
N LEU J 658 85.69 37.58 -38.88
CA LEU J 658 84.22 37.57 -38.95
C LEU J 658 83.75 37.53 -40.39
N PRO J 659 82.70 36.72 -40.68
CA PRO J 659 82.08 36.77 -42.00
C PRO J 659 81.62 38.17 -42.34
N VAL J 660 81.49 38.45 -43.63
CA VAL J 660 81.05 39.77 -44.06
C VAL J 660 79.55 39.97 -43.86
N ALA J 661 79.21 41.06 -43.19
CA ALA J 661 77.84 41.45 -42.99
C ALA J 661 77.27 42.15 -44.23
N GLU J 662 76.35 41.48 -44.91
CA GLU J 662 75.62 42.09 -46.03
C GLU J 662 74.43 42.91 -45.55
N VAL J 663 73.49 42.23 -44.86
CA VAL J 663 72.35 42.89 -44.22
C VAL J 663 72.35 42.62 -42.71
N THR J 664 71.59 43.43 -41.97
CA THR J 664 71.38 43.23 -40.54
C THR J 664 70.57 41.96 -40.32
N PRO J 665 70.61 41.38 -39.09
CA PRO J 665 69.82 40.16 -38.83
C PRO J 665 68.29 40.31 -39.03
N ARG J 666 67.75 41.47 -38.64
CA ARG J 666 66.35 41.77 -38.90
C ARG J 666 66.01 41.72 -40.37
N GLU J 667 66.82 42.44 -41.19
CA GLU J 667 66.61 42.50 -42.65
C GLU J 667 66.72 41.12 -43.27
N ALA J 668 67.65 40.33 -42.77
CA ALA J 668 67.76 38.93 -43.17
C ALA J 668 66.53 38.10 -42.78
N TYR J 669 65.99 38.35 -41.58
CA TYR J 669 64.76 37.69 -41.12
C TYR J 669 63.55 38.12 -41.98
N ASN J 670 63.48 39.41 -42.32
CA ASN J 670 62.42 39.90 -43.20
C ASN J 670 62.33 39.18 -44.53
N ALA J 671 63.48 38.65 -44.98
CA ALA J 671 63.49 37.87 -46.21
C ALA J 671 62.68 36.59 -46.05
N ILE J 672 62.63 36.05 -44.82
CA ILE J 672 61.83 34.83 -44.56
C ILE J 672 60.33 35.15 -44.67
N VAL J 673 59.95 36.29 -44.09
CA VAL J 673 58.57 36.75 -44.10
C VAL J 673 58.15 37.00 -45.56
N ASP J 674 59.04 37.62 -46.35
CA ASP J 674 58.79 37.86 -47.78
C ASP J 674 58.88 36.61 -48.65
N ASN J 675 59.11 35.43 -48.07
CA ASN J 675 59.18 34.20 -48.87
C ASN J 675 60.32 34.28 -49.92
N ASN J 676 61.38 34.99 -49.53
CA ASN J 676 62.54 35.22 -50.39
C ASN J 676 63.78 34.47 -49.92
N VAL J 677 63.61 33.16 -49.66
CA VAL J 677 64.66 32.31 -49.08
C VAL J 677 64.55 30.90 -49.67
N GLU J 678 65.61 30.12 -49.52
CA GLU J 678 65.62 28.74 -50.03
C GLU J 678 66.72 27.93 -49.36
N LEU J 679 66.53 26.61 -49.38
CA LEU J 679 67.52 25.70 -48.85
C LEU J 679 68.65 25.55 -49.84
N VAL J 680 69.85 25.91 -49.40
CA VAL J 680 71.01 25.88 -50.27
C VAL J 680 71.94 24.78 -49.78
N SER J 681 72.24 23.86 -50.69
CA SER J 681 73.17 22.75 -50.47
C SER J 681 74.54 23.29 -50.10
N ILE J 682 75.33 22.48 -49.41
CA ILE J 682 76.64 22.89 -48.88
C ILE J 682 77.62 23.47 -49.91
N GLU J 683 77.74 22.79 -51.06
CA GLU J 683 78.65 23.23 -52.12
C GLU J 683 78.24 24.54 -52.83
N ASN J 684 76.99 24.98 -52.65
CA ASN J 684 76.50 26.23 -53.27
C ASN J 684 76.36 27.39 -52.29
N LEU J 685 76.93 27.20 -51.09
CA LEU J 685 76.88 28.21 -50.04
C LEU J 685 77.80 29.44 -50.24
N PRO J 686 78.96 29.25 -50.90
CA PRO J 686 79.82 30.43 -51.13
C PRO J 686 79.07 31.55 -51.86
N GLY J 687 79.21 32.78 -51.36
CA GLY J 687 78.58 33.95 -51.94
C GLY J 687 77.11 34.15 -51.56
N ARG J 688 76.66 33.41 -50.55
CA ARG J 688 75.26 33.46 -50.11
C ARG J 688 75.08 34.02 -48.71
N ILE J 689 73.98 34.75 -48.54
CA ILE J 689 73.62 35.36 -47.26
C ILE J 689 72.78 34.39 -46.40
N ALA J 690 73.30 34.07 -45.22
CA ALA J 690 72.56 33.27 -44.22
C ALA J 690 71.19 33.88 -43.86
N ALA J 691 70.12 33.09 -44.00
CA ALA J 691 68.78 33.51 -43.58
C ALA J 691 68.54 33.28 -42.06
N ASN J 692 69.35 32.41 -41.46
CA ASN J 692 69.33 32.25 -40.01
C ASN J 692 70.76 32.08 -39.51
N SER J 693 70.93 31.92 -38.19
CA SER J 693 72.25 31.74 -37.62
C SER J 693 72.73 30.30 -37.77
N VAL J 694 74.05 30.12 -37.79
CA VAL J 694 74.67 28.80 -37.92
C VAL J 694 75.63 28.58 -36.75
N ILE J 695 75.28 27.64 -35.88
CA ILE J 695 76.05 27.37 -34.65
C ILE J 695 76.45 25.89 -34.65
N PRO J 696 77.73 25.61 -34.96
CA PRO J 696 78.28 24.25 -34.95
C PRO J 696 78.75 23.88 -33.57
N TYR J 697 78.62 22.61 -33.22
CA TYR J 697 79.16 22.12 -31.95
C TYR J 697 80.25 21.10 -32.25
N PRO J 698 81.52 21.41 -31.89
CA PRO J 698 82.02 22.64 -31.25
C PRO J 698 82.22 23.74 -32.29
N PRO J 699 82.51 24.98 -31.86
CA PRO J 699 82.63 25.48 -30.48
C PRO J 699 81.30 25.91 -29.84
N GLY J 700 80.17 25.70 -30.52
CA GLY J 700 78.88 26.05 -29.95
C GLY J 700 78.69 27.53 -29.65
N ILE J 701 79.40 28.38 -30.40
CA ILE J 701 79.02 29.79 -30.56
C ILE J 701 78.80 30.03 -32.06
N PRO J 702 78.04 31.08 -32.43
CA PRO J 702 77.64 31.23 -33.84
C PRO J 702 78.83 31.47 -34.79
N MET J 703 78.88 30.69 -35.88
CA MET J 703 79.84 30.90 -36.96
C MET J 703 79.30 32.01 -37.88
N LEU J 704 78.03 31.87 -38.29
CA LEU J 704 77.31 32.98 -38.94
C LEU J 704 76.09 33.40 -38.11
N LEU J 705 75.80 34.70 -38.13
CA LEU J 705 74.51 35.20 -37.73
C LEU J 705 73.70 35.49 -38.98
N SER J 706 72.40 35.78 -38.81
CA SER J 706 71.52 36.10 -39.95
C SER J 706 72.00 37.36 -40.65
N GLY J 707 72.02 37.32 -41.98
CA GLY J 707 72.44 38.46 -42.79
C GLY J 707 73.89 38.47 -43.25
N GLU J 708 74.66 37.49 -42.81
CA GLU J 708 76.09 37.45 -43.09
C GLU J 708 76.36 36.54 -44.28
N ASN J 709 77.38 36.92 -45.06
CA ASN J 709 77.76 36.21 -46.27
C ASN J 709 78.76 35.11 -45.93
N PHE J 710 78.54 33.91 -46.46
CA PHE J 710 79.45 32.79 -46.27
C PHE J 710 80.88 33.00 -46.83
N GLY J 711 81.04 33.91 -47.79
CA GLY J 711 82.36 34.25 -48.36
C GLY J 711 82.63 33.60 -49.70
N ASP J 712 83.87 33.71 -50.20
CA ASP J 712 84.20 33.18 -51.54
C ASP J 712 84.39 31.66 -51.56
N LYS J 713 84.96 31.15 -52.65
CA LYS J 713 85.16 29.71 -52.83
C LYS J 713 86.13 29.11 -51.81
N ASN J 714 87.03 29.93 -51.27
CA ASN J 714 88.00 29.49 -50.28
C ASN J 714 87.46 29.65 -48.86
N SER J 715 86.13 29.55 -48.72
CA SER J 715 85.46 29.89 -47.46
C SER J 715 85.85 28.99 -46.31
N PRO J 716 86.51 29.57 -45.29
CA PRO J 716 86.82 28.78 -44.10
C PRO J 716 85.52 28.31 -43.38
N GLN J 717 84.48 29.13 -43.37
CA GLN J 717 83.20 28.75 -42.75
C GLN J 717 82.62 27.53 -43.44
N VAL J 718 82.57 27.54 -44.77
CA VAL J 718 82.06 26.41 -45.55
C VAL J 718 82.97 25.17 -45.40
N SER J 719 84.30 25.38 -45.41
CA SER J 719 85.27 24.31 -45.19
C SER J 719 84.98 23.58 -43.89
N TYR J 720 84.76 24.36 -42.83
CA TYR J 720 84.45 23.80 -41.52
C TYR J 720 83.16 22.95 -41.59
N LEU J 721 82.13 23.47 -42.26
CA LEU J 721 80.91 22.68 -42.49
C LEU J 721 81.21 21.36 -43.20
N ARG J 722 82.03 21.43 -44.26
CA ARG J 722 82.50 20.22 -44.99
C ARG J 722 83.13 19.14 -44.09
N SER J 723 83.89 19.56 -43.08
CA SER J 723 84.55 18.59 -42.21
C SER J 723 83.59 17.99 -41.19
N LEU J 724 82.75 18.82 -40.61
CA LEU J 724 81.67 18.31 -39.76
C LEU J 724 80.89 17.26 -40.54
N GLN J 725 80.56 17.60 -41.79
CA GLN J 725 79.80 16.72 -42.68
C GLN J 725 80.55 15.43 -42.99
N SER J 726 81.87 15.56 -43.17
CA SER J 726 82.75 14.42 -43.43
C SER J 726 82.85 13.49 -42.22
N TRP J 727 83.04 14.07 -41.04
CA TRP J 727 83.00 13.32 -39.82
C TRP J 727 81.71 12.49 -39.74
N ASP J 728 80.56 13.14 -39.93
CA ASP J 728 79.26 12.46 -39.88
C ASP J 728 79.14 11.27 -40.82
N HIS J 729 79.62 11.45 -42.06
CA HIS J 729 79.58 10.41 -43.09
C HIS J 729 80.46 9.21 -42.73
N HIS J 730 81.61 9.53 -42.12
CA HIS J 730 82.55 8.50 -41.69
C HIS J 730 82.08 7.75 -40.46
N PHE J 731 81.45 8.47 -39.53
CA PHE J 731 81.06 7.90 -38.25
C PHE J 731 79.55 7.98 -37.95
N PRO J 732 78.76 7.07 -38.56
CA PRO J 732 77.33 7.03 -38.26
C PRO J 732 77.08 6.74 -36.77
N GLY J 733 76.16 7.47 -36.14
CA GLY J 733 75.92 7.36 -34.70
C GLY J 733 76.70 8.36 -33.84
N PHE J 734 77.58 9.14 -34.46
CA PHE J 734 78.45 10.07 -33.73
C PHE J 734 78.35 11.46 -34.36
N GLU J 735 77.27 11.65 -35.12
CA GLU J 735 77.01 12.89 -35.87
C GLU J 735 77.04 14.11 -34.99
N HIS J 736 77.55 15.21 -35.55
CA HIS J 736 77.57 16.51 -34.88
C HIS J 736 76.18 17.14 -34.86
N GLU J 737 76.01 18.13 -33.98
CA GLU J 737 74.81 18.96 -33.98
C GLU J 737 75.22 20.33 -34.51
N THR J 738 74.45 20.84 -35.45
CA THR J 738 74.65 22.22 -35.92
C THR J 738 73.30 22.92 -36.03
N GLU J 739 73.10 23.95 -35.23
CA GLU J 739 71.89 24.74 -35.36
C GLU J 739 71.87 25.61 -36.60
N GLY J 740 70.70 25.62 -37.25
CA GLY J 740 70.49 26.44 -38.44
C GLY J 740 70.72 25.66 -39.71
N THR J 741 71.10 24.39 -39.60
CA THR J 741 71.24 23.53 -40.76
C THR J 741 70.06 22.56 -40.89
N GLU J 742 69.85 22.07 -42.10
CA GLU J 742 68.96 20.96 -42.33
C GLU J 742 69.75 19.95 -43.10
N ILE J 743 69.64 18.69 -42.69
CA ILE J 743 70.42 17.63 -43.29
C ILE J 743 69.52 16.76 -44.15
N ILE J 744 69.83 16.71 -45.45
CA ILE J 744 69.01 16.02 -46.42
C ILE J 744 69.85 14.95 -47.12
N ASP J 745 69.45 13.69 -46.94
CA ASP J 745 70.15 12.51 -47.48
C ASP J 745 71.62 12.58 -47.12
N GLY J 746 71.92 12.92 -45.87
CA GLY J 746 73.29 13.06 -45.40
C GLY J 746 74.02 14.35 -45.74
N ILE J 747 73.42 15.23 -46.54
CA ILE J 747 74.09 16.49 -46.92
C ILE J 747 73.55 17.76 -46.21
N TYR J 748 74.48 18.59 -45.75
CA TYR J 748 74.17 19.84 -45.05
C TYR J 748 73.54 20.89 -45.97
N HIS J 749 72.48 21.55 -45.48
CA HIS J 749 71.86 22.69 -46.16
C HIS J 749 71.64 23.82 -45.15
N VAL J 750 71.65 25.04 -45.67
CA VAL J 750 71.34 26.23 -44.87
C VAL J 750 70.41 27.11 -45.67
N MET J 751 69.38 27.61 -45.00
CA MET J 751 68.40 28.51 -45.60
C MET J 751 69.09 29.84 -45.85
N CYS J 752 69.00 30.30 -47.10
CA CYS J 752 69.66 31.52 -47.52
C CYS J 752 68.70 32.44 -48.23
N VAL J 753 69.03 33.72 -48.21
CA VAL J 753 68.29 34.73 -48.97
C VAL J 753 68.48 34.42 -50.44
N LYS J 754 67.39 34.51 -51.21
CA LYS J 754 67.42 34.23 -52.64
C LYS J 754 68.33 35.21 -53.39
N ALA J 755 68.97 34.73 -54.45
CA ALA J 755 69.84 35.55 -55.28
C ALA J 755 69.02 36.28 -56.35
N1 PLP K . -59.57 68.10 -32.71
C2 PLP K . -60.64 67.45 -32.13
C2A PLP K . -62.03 67.79 -32.58
C3 PLP K . -60.43 66.51 -31.14
O3 PLP K . -61.40 65.96 -30.64
C4 PLP K . -59.13 66.19 -30.71
C4A PLP K . -58.85 65.15 -29.64
C5 PLP K . -58.06 66.87 -31.30
C6 PLP K . -58.28 67.81 -32.29
C5A PLP K . -56.65 66.56 -30.86
O4P PLP K . -56.17 65.22 -31.10
P PLP K . -55.08 64.45 -30.21
O1P PLP K . -54.91 63.22 -30.98
O2P PLP K . -55.64 64.33 -28.88
O3P PLP K . -53.90 65.33 -30.33
N1 PLP L . -79.74 32.68 28.54
C2 PLP L . -80.41 31.56 28.11
C2A PLP L . -81.90 31.56 28.12
C3 PLP L . -79.69 30.46 27.65
O3 PLP L . -80.29 29.45 27.26
C4 PLP L . -78.29 30.51 27.64
C4A PLP L . -77.51 29.32 27.15
C5 PLP L . -77.64 31.65 28.10
C6 PLP L . -78.37 32.74 28.54
C5A PLP L . -76.16 31.74 28.16
O4P PLP L . -75.46 31.84 26.93
P PLP L . -74.00 31.26 26.78
O1P PLP L . -73.83 31.72 25.40
O2P PLP L . -74.14 29.84 27.06
O3P PLP L . -73.19 32.01 27.76
N1 PLP M . -69.69 -39.12 17.38
C2 PLP M . -70.09 -39.29 16.07
C2A PLP M . -71.45 -39.84 15.77
C3 PLP M . -69.23 -38.95 15.02
O3 PLP M . -69.61 -39.10 13.86
C4 PLP M . -67.96 -38.43 15.31
C4A PLP M . -67.01 -38.05 14.20
C5 PLP M . -67.58 -38.26 16.63
C6 PLP M . -68.45 -38.61 17.67
C5A PLP M . -66.21 -37.74 16.97
O4P PLP M . -65.90 -36.41 16.59
P PLP M . -64.45 -35.87 16.25
O1P PLP M . -64.83 -34.47 16.14
O2P PLP M . -64.05 -36.58 15.04
O3P PLP M . -63.61 -36.22 17.41
N1 PLP N . -43.18 -48.05 -50.28
C2 PLP N . -43.93 -47.14 -50.99
C2A PLP N . -45.12 -47.63 -51.78
C3 PLP N . -43.60 -45.79 -51.00
O3 PLP N . -44.30 -45.00 -51.64
C4 PLP N . -42.50 -45.35 -50.26
C4A PLP N . -42.11 -43.88 -50.21
C5 PLP N . -41.74 -46.28 -49.56
C6 PLP N . -42.10 -47.63 -49.57
C5A PLP N . -40.54 -45.85 -48.76
O4P PLP N . -40.76 -45.10 -47.56
P PLP N . -39.73 -43.99 -46.99
O1P PLP N . -40.57 -43.57 -45.87
O2P PLP N . -39.49 -43.00 -48.03
O3P PLP N . -38.53 -44.73 -46.62
N1 PLP O . -37.19 18.21 -81.19
C2 PLP O . -38.34 18.81 -80.75
C2A PLP O . -39.51 18.88 -81.66
C3 PLP O . -38.40 19.34 -79.47
O3 PLP O . -39.43 19.88 -79.08
C4 PLP O . -37.28 19.27 -78.62
C4A PLP O . -37.32 19.82 -77.22
C5 PLP O . -36.13 18.67 -79.10
C6 PLP O . -36.09 18.15 -80.37
C5A PLP O . -34.92 18.58 -78.23
O4P PLP O . -34.88 17.60 -77.20
P PLP O . -34.13 17.91 -75.83
O1P PLP O . -34.63 16.80 -75.04
O2P PLP O . -34.54 19.26 -75.43
O3P PLP O . -32.71 17.86 -76.21
N1 PLP P . 79.07 -39.47 -24.71
C2 PLP P . 79.54 -39.80 -23.46
C2A PLP P . 81.00 -40.02 -23.26
C3 PLP P . 78.67 -39.91 -22.38
O3 PLP P . 79.18 -40.20 -21.30
C4 PLP P . 77.29 -39.69 -22.56
C4A PLP P . 76.28 -39.78 -21.45
C5 PLP P . 76.83 -39.37 -23.85
C6 PLP P . 77.72 -39.26 -24.91
C5A PLP P . 75.37 -39.15 -24.11
O4P PLP P . 74.77 -37.93 -23.65
P PLP P . 73.27 -37.83 -23.11
O1P PLP P . 73.34 -36.41 -22.75
O2P PLP P . 73.20 -38.82 -22.08
O3P PLP P . 72.44 -38.09 -24.29
N1 PLP Q . 57.03 -66.74 39.81
C2 PLP Q . 57.58 -65.84 40.69
C2A PLP Q . 58.85 -66.18 41.42
C3 PLP Q . 56.96 -64.61 40.90
O3 PLP Q . 57.47 -63.81 41.67
C4 PLP Q . 55.77 -64.31 40.22
C4A PLP Q . 55.05 -62.99 40.39
C5 PLP Q . 55.22 -65.24 39.34
C6 PLP Q . 55.85 -66.46 39.14
C5A PLP Q . 53.95 -64.95 38.62
O4P PLP Q . 53.92 -64.01 37.54
P PLP Q . 52.64 -63.13 37.17
O1P PLP Q . 53.33 -62.27 36.19
O2P PLP Q . 52.13 -62.56 38.41
O3P PLP Q . 51.64 -64.04 36.58
N1 PLP R . 36.21 -10.46 81.98
C2 PLP R . 37.16 -9.53 81.71
C2A PLP R . 38.31 -9.33 82.67
C3 PLP R . 37.07 -8.78 80.54
O3 PLP R . 37.94 -7.95 80.31
C4 PLP R . 36.00 -9.01 79.66
C4A PLP R . 35.88 -8.24 78.38
C5 PLP R . 35.04 -9.96 79.98
C6 PLP R . 35.15 -10.68 81.15
C5A PLP R . 33.86 -10.22 79.12
O4P PLP R . 33.94 -10.99 77.93
P PLP R . 33.29 -10.52 76.55
O1P PLP R . 34.08 -11.38 75.68
O2P PLP R . 33.48 -9.09 76.44
O3P PLP R . 31.89 -10.93 76.73
N1 PLP S . 45.14 51.40 43.57
C2 PLP S . 46.36 51.24 42.96
C2A PLP S . 47.57 51.87 43.57
C3 PLP S . 46.46 50.48 41.81
O3 PLP S . 47.56 50.34 41.27
C4 PLP S . 45.32 49.88 41.26
C4A PLP S . 45.38 49.03 40.02
C5 PLP S . 44.10 50.07 41.88
C6 PLP S . 44.01 50.82 43.03
C5A PLP S . 42.88 49.47 41.30
O4P PLP S . 42.46 48.14 41.65
P PLP S . 41.71 47.32 40.55
O1P PLP S . 41.94 45.98 41.11
O2P PLP S . 42.34 47.64 39.28
O3P PLP S . 40.33 47.81 40.64
N1 PLP T . 71.67 33.36 -22.45
C2 PLP T . 72.61 32.40 -22.12
C2A PLP T . 74.05 32.75 -22.02
C3 PLP T . 72.20 31.10 -21.87
O3 PLP T . 73.08 30.29 -21.57
C4 PLP T . 70.84 30.77 -21.94
C4A PLP T . 70.35 29.37 -21.66
C5 PLP T . 69.93 31.76 -22.28
C6 PLP T . 70.35 33.06 -22.53
C5A PLP T . 68.48 31.45 -22.37
O4P PLP T . 67.78 31.22 -21.14
P PLP T . 66.51 30.26 -21.12
O1P PLP T . 66.16 30.40 -19.70
O2P PLP T . 67.00 28.98 -21.60
O3P PLP T . 65.58 30.88 -22.07
#